data_3MG0
#
_entry.id   3MG0
#
_cell.length_a   136.124
_cell.length_b   300.532
_cell.length_c   145.834
_cell.angle_alpha   90.000
_cell.angle_beta   113.160
_cell.angle_gamma   90.000
#
_symmetry.space_group_name_H-M   'P 1 21 1'
#
loop_
_entity.id
_entity.type
_entity.pdbx_description
1 polymer 'Proteasome component Y7'
2 polymer 'Proteasome component Y13'
3 polymer 'Proteasome component PRE6'
4 polymer 'Proteasome component PUP2'
5 polymer 'Proteasome component PRE5'
6 polymer 'Proteasome component C1'
7 polymer 'Proteasome component C7-alpha'
8 polymer 'Proteasome component PUP1'
9 polymer 'Proteasome component PUP3'
10 polymer 'Proteasome component C11'
11 polymer 'Proteasome component PRE2'
12 polymer 'Proteasome component C5'
13 polymer 'Proteasome component PRE4'
14 polymer 'Proteasome component PRE3'
15 non-polymer N-[(1R)-1-(DIHYDROXYBORYL)-3-METHYLBUTYL]-N-(PYRAZIN-2-YLCARBONYL)-L-PHENYLALANINAMIDE
16 water water
#
loop_
_entity_poly.entity_id
_entity_poly.type
_entity_poly.pdbx_seq_one_letter_code
_entity_poly.pdbx_strand_id
1 'polypeptide(L)'
;MTDRYSFSLTTFSPSGKLGQIDYALTAVKQGVTSLGIKATNGVVIATEKKSSSPLAMSETLSKVSLLTPDIGAVYSGMGP
DYRVLVDKSRKVAHTSYKRIYGEYPPTKLLVSEVAKIMQEATQSGGVRPFGVSLLIAGHDEFNGFSLYQVDPSGSYFPWK
ATAIGKGSVAAKTFLEKRWNDELELEDAIHIALLTLKESVEGEFNGDTIELAIIGDENPDLLGYTGIPTDKGPRFRKLTS
QEINDRLEAL
;
A,O
2 'polypeptide(L)'
;GSRRYDSRTTIFSPEGRLYQVEYALESISHAGTAIGIMASDGIVLAAERKVTSTLLEQDTSTEKLYKLNDKIAVAVAGLT
ADAEILINTARIHAQNYLKTYNEDIPVEILVRRLSDIKQGYTQHGGLRPFGVSFIYAGYDDRYGYQLYTSNPSGNYTGWK
AISVGANTSAAQTLLQMDYKDDMKVDDAIELALKTLSKTTDSSALTYDRLEFATIRKGANDGEVYQKIFKPQEIKDILVK
TGIT
;
B,P
3 'polypeptide(L)'
;GYDRALSIFSPDGHIFQVEYALEAVKRGTCAVGVKGKNCVVLGCERRSTLKLQDTRITPSKVSKIDSHVVLSFSGLNADS
RILIEKARVEAQSHRLTLEDPVTVEYLTRYVAGVQQRYTQSGGVRPFGVSTLIAGFDPRDDEPKLYQTEPSGIYSSWSAQ
TIGRNSKTVREFLEKNYDRKEPPATVEECVKLTVRSLLEVVQTGAKNIEITVVKPDSDIVALSSEEINQYVTQIEQEKQE
Q
;
C,Q
4 'polypeptide(L)'
;DRGVSTFSPEGRLFQVEYSLEAIKLGSTAIGIATKEGVVLGVEKRATSPLLESDSIEKIVEIDRHIGCAMSGLTADARSM
IEHARTAAVTHNLYYDEDINVESLTQSVCDLALRFGEGASGEERLMSRPFGVALLIAGHDADDGYQLFHAEPSGTFYRYN
AKAIGSGSEGAQAELLNEWHSSLTLKEAELLVLKILKQVMEEKLDENNAQLSCITKQDGFKIYDNEKTAELIKELKEKEA
AE
;
D,R
5 'polypeptide(L)'
;FRNNYDGDTVTFSPTGRLFQVEYALEAIKQGSVTVGLRSNTHAVLVALKRNADELSSYQKKIIKCDEHMGLSLAGLAPDA
RVLSNYLRQQCNYSSLVFNRKLAVERAGHLLCDKAQKNTQSYGGRPYGVGLLIIGYDKSGAHLLEFQPSGNVTELYGTAI
GARSQGAKTYLERTLDTFIKIDGNPDELIKAGVEAISQSLRDESLTVDNLSIAIVGKDTPFTIYDGEAVAKYI
;
E,S
6 'polypeptide(L)'
;GTGYDLSNSVFSPDGRNFQVEYAVKAVENGTTSIGIKCNDGVVFAVEKLITSKLLVPQKNVKIQVVDRHIGCVYSGLIPD
GRHLVNRGREEAASFKKLYKTPIPIPAFADRLGQYVQAHTLYNSVRPFGVSTIFGGVDKNGAHLYMLEPSGSYWGYKGAA
TGKGRQSAKAELEKLVDHHPEGLSAREAVKQAAKIIYLAHEDNKEKDFELEISWCSLSETNGLHKFVKGDLLQEAIDFAQ
KEIN
;
F,T
7 'polypeptide(L)'
;AGYDRHITIFSPEGRLYQVEYAFKATNQTNINSLAVRGKDCTVVISQKKVPDKLLDPTTVSYIFCISRTIGMVVNGPIPD
ARNAALRAKAEAAEFRYKYGYDMPCDVLAKRMANLSQIYTQRAYMRPLGVILTFVSVDEELGPSIYKTDPAGYYVGYKAT
ATGPKQQEITTNLENHFKKSKIDHINEESWEKVVEFAITHMIDALGTEFSKNDLEVGVATKDKFFTLSAENIEERLVAIA
EQD
;
G,U
8 'polypeptide(L)'
;TTIVGVKFNNGVVIAADTRSTQGPIVADKNCAKLHRISPKIWCAGAGTAADTEAVTQLIGSNIELHSLYTSREPRVVSAL
QMLKQHLFKYQGHIGAYLIVAGVDPTGSHLFSIHAHGSTDVGYYLSLGSGSLAAMAVLESHWKQDLTKEEAIKLASDAIQ
AGIWNDLGSGSNVDVCVMEIGKDAEYLRNYLTPNVREEKQKSYKFPRGTTAVLKESIVNICD
;
H,V
9 'polypeptide(L)'
;SDPSSINGGIVVAMTGKDCVAIACDLRLGSQSLGVSNKFEKIFHYGHVFLGITGLATDVTTLNEMFRYKTNLYKLKEERA
IEPETFTQLVSSSLYERRFGPYFVGPVVAGINSKSGKPFIAGFDLIGCIDEAKDFIVSGTASDQLFGMCESLYEPNLEPE
DLFETISQALLNAADRDALSGWGAVVYIIKKDEVVKRYLKMRQD
;
I,W
10 'polypeptide(L)'
;MDIILGIRVQDSVILASSKAVTRGISVLKDSDDKTRQLSPHTLMSFAGEAGDTVQFAEYIQANIQLYSIREDYELSPQAV
SSFVRQELAKSIRSRRPYQVNVLIGGYDKKKNKPELYQIDYLGTKVELPYGAHGYSGFYTFSLLDHHYRPDMTTEEGLDL
LKLCVQELEKRMPMDFKGVIVKIVDKDGIRQVDDFQAQ
;
J,X
11 'polypeptide(L)'
;TTTLAFRFQGGIIVAVDSRATAGNWVASQTVKKVIEINPFLLGTMAGGAADCQFWETWLGSQCRLHELREKERISVAAAS
KILSNLVYQYKGAGLSMGTMICGYTRKEGPTIYYVDSDGTRLKGDIFCVGSGQTFAYGVLDSNYKWDLSVEDALYLGKRS
ILAAAHRDAYSGGSVNLYHVTEDGWIYHGNHDVGELFWKVKEEEGSFNNVIG
;
K,Y
12 'polypeptide(L)'
;QFNPYGDNGGTILGIAGEDFAVLAGDTRNITDYSINSRYEPKVFDCGDNIVMSANGFAADGDALVKRFKNSVKWYHFDHN
DKKLSINSAARNIQHLLYGKRFFPYYVHTIIAGLDEDGKGAVYSFDPVGSYEREQCRAGGAAASLIMPFLDNQVNFKNQY
EPGTNGKVKKPLKYLSVEEVIKLVRDSFTSATERHIQVGDGLEILIVTKDGVRKEFYELKRD
;
L,Z
13 'polypeptide(L)'
;TQQPIVTGTSVISMKYDNGVIIAADNLGSYGSLLRFNGVERLIPVGDNTVVGISGDISDMQHIERLLKDLVTENAYDNPL
ADAEEALEPSYIFEYLATVMYQRRSKMNPLWNAIIVAGVQSNGDQFLRYVNLLGVTYSSPTLATGFGAHMANPLLRKVVD
RESDIPKTTVQVAEEAIVNAMRVLYYRDARSSRNFSLAIIDKNTGLTFKKNLQVENMKWDFAKDIKGYGTQKI
;
M,1
14 'polypeptide(L)'
;TSIMAVTFKDGVILGADSRTTTGAYIANRVTDKLTRVHDKIWCCRSGSAADTQAIADIVQYHLELYTSQYGTPSTETAAS
VFKELCYENKDNLTAGIIVAGYDDKNKGEVYTIPLGGSVHKLPYAIAGSGSTFIYGYCDKNFRENMSKEETVDFIKHSLS
QAIKWDGSSGGVIRMVVLTAAGVERLIFYPDEYEQL
;
N,2
#
# COMPACT_ATOMS: atom_id res chain seq x y z
N MET A 1 4.81 -27.69 -48.09
CA MET A 1 6.03 -26.99 -47.55
C MET A 1 6.67 -27.86 -46.46
N THR A 2 7.54 -27.23 -45.66
CA THR A 2 8.22 -27.85 -44.52
C THR A 2 9.25 -28.87 -45.01
N ASP A 3 10.51 -28.66 -44.64
CA ASP A 3 11.57 -29.62 -44.94
C ASP A 3 11.21 -30.97 -44.34
N ARG A 4 10.82 -31.90 -45.21
CA ARG A 4 10.50 -33.25 -44.78
C ARG A 4 11.65 -34.21 -45.10
N TYR A 5 12.80 -33.64 -45.45
CA TYR A 5 14.04 -34.38 -45.62
C TYR A 5 14.80 -34.38 -44.29
N SER A 6 14.29 -35.16 -43.35
CA SER A 6 14.87 -35.25 -42.02
C SER A 6 15.81 -36.44 -41.89
N PHE A 7 16.15 -37.05 -43.02
CA PHE A 7 17.05 -38.21 -43.06
C PHE A 7 18.40 -37.88 -43.72
N SER A 8 19.43 -38.64 -43.39
CA SER A 8 20.75 -38.45 -44.01
C SER A 8 20.69 -38.63 -45.52
N LEU A 9 21.42 -37.80 -46.25
CA LEU A 9 21.57 -37.97 -47.69
C LEU A 9 22.93 -38.59 -48.00
N THR A 10 23.82 -38.58 -47.01
CA THR A 10 25.10 -39.29 -47.06
C THR A 10 25.00 -40.53 -46.18
N THR A 11 25.12 -41.69 -46.79
CA THR A 11 25.10 -42.95 -46.04
C THR A 11 26.26 -43.85 -46.47
N PHE A 12 26.53 -44.89 -45.69
CA PHE A 12 27.59 -45.83 -46.01
C PHE A 12 27.15 -46.82 -47.09
N SER A 13 28.02 -47.06 -48.07
CA SER A 13 27.79 -48.11 -49.07
C SER A 13 28.43 -49.40 -48.56
N PRO A 14 28.06 -50.56 -49.14
CA PRO A 14 28.59 -51.85 -48.65
C PRO A 14 30.13 -51.94 -48.47
N SER A 15 30.89 -51.25 -49.33
CA SER A 15 32.35 -51.22 -49.22
C SER A 15 32.81 -50.31 -48.07
N GLY A 16 31.89 -49.52 -47.54
CA GLY A 16 32.19 -48.62 -46.43
C GLY A 16 32.50 -47.18 -46.85
N LYS A 17 32.34 -46.87 -48.13
CA LYS A 17 32.57 -45.51 -48.62
C LYS A 17 31.39 -44.62 -48.23
N LEU A 18 31.66 -43.34 -48.03
CA LEU A 18 30.60 -42.36 -47.93
C LEU A 18 30.55 -41.62 -49.26
N GLY A 19 29.60 -42.02 -50.11
CA GLY A 19 29.52 -41.60 -51.52
C GLY A 19 29.61 -40.11 -51.77
N GLN A 20 28.77 -39.34 -51.08
CA GLN A 20 28.69 -37.90 -51.29
C GLN A 20 29.98 -37.17 -50.94
N ILE A 21 30.68 -37.64 -49.92
CA ILE A 21 31.98 -37.07 -49.53
C ILE A 21 33.02 -37.30 -50.62
N ASP A 22 33.05 -38.53 -51.15
CA ASP A 22 33.91 -38.84 -52.30
C ASP A 22 33.58 -37.92 -53.47
N TYR A 23 32.31 -37.82 -53.81
CA TYR A 23 31.88 -37.00 -54.94
C TYR A 23 32.21 -35.52 -54.74
N ALA A 24 32.07 -35.05 -53.51
CA ALA A 24 32.47 -33.69 -53.18
C ALA A 24 33.97 -33.49 -53.43
N LEU A 25 34.79 -34.42 -52.92
CA LEU A 25 36.25 -34.37 -53.15
C LEU A 25 36.59 -34.35 -54.64
N THR A 26 35.80 -35.10 -55.44
CA THR A 26 35.92 -35.08 -56.89
C THR A 26 35.66 -33.66 -57.43
N ALA A 27 34.61 -33.01 -56.93
CA ALA A 27 34.35 -31.60 -57.28
C ALA A 27 35.53 -30.72 -56.93
N VAL A 28 36.15 -30.97 -55.77
CA VAL A 28 37.33 -30.22 -55.35
C VAL A 28 38.47 -30.40 -56.35
N LYS A 29 38.63 -31.61 -56.88
CA LYS A 29 39.67 -31.92 -57.86
C LYS A 29 39.56 -31.09 -59.15
N GLN A 30 38.34 -30.82 -59.57
CA GLN A 30 38.10 -30.00 -60.76
C GLN A 30 38.40 -28.52 -60.53
N GLY A 31 38.44 -28.11 -59.26
CA GLY A 31 38.62 -26.71 -58.91
C GLY A 31 40.00 -26.18 -59.19
N VAL A 32 40.09 -24.87 -59.40
CA VAL A 32 41.36 -24.20 -59.63
C VAL A 32 42.33 -24.46 -58.48
N THR A 33 43.60 -24.68 -58.82
CA THR A 33 44.64 -24.89 -57.83
C THR A 33 44.70 -23.76 -56.80
N SER A 34 44.80 -24.12 -55.53
CA SER A 34 45.25 -23.19 -54.48
C SER A 34 46.31 -23.86 -53.62
N LEU A 35 47.10 -23.05 -52.92
CA LEU A 35 48.21 -23.58 -52.14
C LEU A 35 48.55 -22.73 -50.93
N GLY A 36 49.24 -23.32 -49.97
CA GLY A 36 49.72 -22.62 -48.79
C GLY A 36 51.12 -23.08 -48.46
N ILE A 37 51.95 -22.15 -47.99
CA ILE A 37 53.31 -22.46 -47.54
C ILE A 37 53.60 -21.71 -46.25
N LYS A 38 54.19 -22.43 -45.29
CA LYS A 38 54.47 -21.87 -43.98
C LYS A 38 55.97 -21.60 -43.79
N ALA A 39 56.31 -20.32 -43.63
CA ALA A 39 57.68 -19.87 -43.39
C ALA A 39 57.95 -19.79 -41.88
N THR A 40 59.14 -19.35 -41.48
CA THR A 40 59.46 -19.25 -40.05
C THR A 40 58.76 -18.05 -39.43
N ASN A 41 58.64 -16.98 -40.21
CA ASN A 41 58.04 -15.73 -39.75
C ASN A 41 56.79 -15.33 -40.53
N GLY A 42 56.04 -16.32 -41.00
CA GLY A 42 54.84 -16.05 -41.79
C GLY A 42 54.26 -17.25 -42.50
N VAL A 43 53.06 -17.07 -43.06
CA VAL A 43 52.43 -18.07 -43.90
C VAL A 43 51.90 -17.34 -45.13
N VAL A 44 51.95 -18.01 -46.28
CA VAL A 44 51.38 -17.48 -47.51
C VAL A 44 50.33 -18.45 -48.05
N ILE A 45 49.19 -17.91 -48.46
CA ILE A 45 48.20 -18.66 -49.22
C ILE A 45 48.01 -18.00 -50.58
N ALA A 46 47.89 -18.80 -51.63
CA ALA A 46 47.73 -18.27 -52.99
C ALA A 46 46.79 -19.12 -53.82
N THR A 47 46.19 -18.49 -54.83
CA THR A 47 45.35 -19.17 -55.81
C THR A 47 45.29 -18.34 -57.09
N GLU A 48 44.63 -18.89 -58.10
CA GLU A 48 44.50 -18.23 -59.40
C GLU A 48 43.09 -17.66 -59.59
N LYS A 49 43.00 -16.38 -59.95
CA LYS A 49 41.72 -15.76 -60.26
C LYS A 49 41.27 -16.18 -61.65
N LYS A 50 40.53 -17.28 -61.72
CA LYS A 50 40.07 -17.78 -62.99
C LYS A 50 38.77 -17.07 -63.36
N SER A 51 38.89 -15.86 -63.90
CA SER A 51 37.74 -15.04 -64.30
C SER A 51 36.85 -15.76 -65.34
N SER A 52 35.52 -15.58 -65.21
CA SER A 52 34.54 -16.27 -66.06
C SER A 52 34.09 -15.45 -67.25
N SER A 53 34.59 -14.22 -67.36
CA SER A 53 34.36 -13.33 -68.48
C SER A 53 35.40 -12.19 -68.45
N PRO A 54 35.89 -11.78 -69.64
CA PRO A 54 36.74 -10.58 -69.65
C PRO A 54 35.92 -9.31 -69.41
N LEU A 55 34.59 -9.45 -69.43
CA LEU A 55 33.67 -8.35 -69.07
C LEU A 55 33.47 -8.25 -67.56
N ALA A 56 33.83 -9.31 -66.84
CA ALA A 56 33.75 -9.32 -65.39
C ALA A 56 34.93 -8.58 -64.80
N MET A 57 34.69 -7.88 -63.69
CA MET A 57 35.75 -7.24 -62.95
C MET A 57 36.22 -8.20 -61.87
N SER A 58 37.41 -8.75 -62.06
CA SER A 58 37.92 -9.85 -61.23
C SER A 58 38.28 -9.45 -59.79
N GLU A 59 38.31 -8.14 -59.51
CA GLU A 59 38.55 -7.64 -58.16
C GLU A 59 37.30 -7.82 -57.30
N THR A 60 36.12 -7.80 -57.92
CA THR A 60 34.86 -7.96 -57.20
C THR A 60 34.62 -9.40 -56.72
N LEU A 61 35.55 -10.29 -57.03
CA LEU A 61 35.46 -11.67 -56.59
C LEU A 61 36.80 -12.07 -55.95
N SER A 62 36.88 -11.90 -54.63
CA SER A 62 38.04 -12.36 -53.89
C SER A 62 37.91 -13.82 -53.48
N LYS A 63 38.98 -14.57 -53.70
CA LYS A 63 39.04 -15.97 -53.34
C LYS A 63 39.75 -16.14 -52.00
N VAL A 64 40.62 -15.18 -51.70
CA VAL A 64 41.27 -15.14 -50.39
C VAL A 64 40.51 -14.21 -49.46
N SER A 65 39.99 -14.79 -48.37
CA SER A 65 39.17 -14.04 -47.40
C SER A 65 39.83 -13.93 -46.03
N LEU A 66 39.66 -12.77 -45.38
CA LEU A 66 40.06 -12.59 -44.00
C LEU A 66 38.97 -13.16 -43.09
N LEU A 67 39.38 -13.95 -42.10
CA LEU A 67 38.43 -14.55 -41.17
C LEU A 67 38.47 -13.83 -39.82
N THR A 68 39.69 -13.54 -39.35
CA THR A 68 39.94 -12.69 -38.19
C THR A 68 41.20 -11.89 -38.57
N PRO A 69 41.56 -10.84 -37.81
CA PRO A 69 42.77 -10.09 -38.18
C PRO A 69 44.05 -10.92 -38.37
N ASP A 70 44.07 -12.14 -37.84
CA ASP A 70 45.26 -13.00 -37.93
C ASP A 70 45.02 -14.29 -38.70
N ILE A 71 43.84 -14.45 -39.28
CA ILE A 71 43.51 -15.71 -39.95
C ILE A 71 42.90 -15.45 -41.31
N GLY A 72 43.40 -16.15 -42.32
CA GLY A 72 42.88 -16.04 -43.68
C GLY A 72 42.56 -17.40 -44.28
N ALA A 73 41.73 -17.38 -45.31
CA ALA A 73 41.31 -18.61 -45.98
C ALA A 73 41.34 -18.53 -47.51
N VAL A 74 41.49 -19.71 -48.11
CA VAL A 74 41.42 -19.87 -49.54
C VAL A 74 40.85 -21.25 -49.77
N TYR A 75 40.42 -21.56 -50.99
CA TYR A 75 39.75 -22.82 -51.27
C TYR A 75 39.98 -23.33 -52.70
N SER A 76 39.57 -24.57 -52.92
CA SER A 76 39.45 -25.14 -54.25
C SER A 76 38.15 -25.91 -54.27
N GLY A 77 37.36 -25.70 -55.31
CA GLY A 77 36.07 -26.37 -55.48
C GLY A 77 34.98 -25.39 -55.86
N MET A 78 33.85 -25.50 -55.17
CA MET A 78 32.68 -24.68 -55.48
C MET A 78 32.66 -23.33 -54.73
N GLY A 79 32.94 -22.26 -55.48
CA GLY A 79 32.94 -20.89 -54.98
C GLY A 79 31.82 -20.44 -54.05
N PRO A 80 30.54 -20.65 -54.44
CA PRO A 80 29.42 -20.24 -53.57
C PRO A 80 29.40 -20.98 -52.22
N ASP A 81 29.71 -22.28 -52.25
CA ASP A 81 29.87 -23.08 -51.02
C ASP A 81 30.91 -22.45 -50.10
N TYR A 82 32.03 -22.02 -50.68
CA TYR A 82 33.11 -21.35 -49.94
C TYR A 82 32.62 -20.05 -49.30
N ARG A 83 31.99 -19.20 -50.10
CA ARG A 83 31.48 -17.90 -49.64
C ARG A 83 30.64 -18.01 -48.36
N VAL A 84 29.69 -18.95 -48.33
CA VAL A 84 28.84 -19.10 -47.14
C VAL A 84 29.61 -19.66 -45.95
N LEU A 85 30.63 -20.47 -46.21
CA LEU A 85 31.47 -21.00 -45.15
C LEU A 85 32.30 -19.92 -44.52
N VAL A 86 32.63 -18.90 -45.31
CA VAL A 86 33.37 -17.73 -44.82
C VAL A 86 32.48 -16.89 -43.89
N ASP A 87 31.26 -16.61 -44.35
CA ASP A 87 30.26 -15.92 -43.55
C ASP A 87 30.11 -16.62 -42.18
N LYS A 88 29.92 -17.94 -42.22
CA LYS A 88 29.73 -18.74 -41.01
C LYS A 88 30.97 -18.79 -40.14
N SER A 89 32.14 -18.92 -40.77
CA SER A 89 33.40 -18.98 -40.05
C SER A 89 33.64 -17.68 -39.29
N ARG A 90 33.41 -16.57 -39.98
CA ARG A 90 33.54 -15.25 -39.38
C ARG A 90 32.61 -15.08 -38.19
N LYS A 91 31.37 -15.55 -38.32
CA LYS A 91 30.39 -15.41 -37.26
C LYS A 91 30.72 -16.28 -36.06
N VAL A 92 31.07 -17.54 -36.31
CA VAL A 92 31.34 -18.48 -35.22
C VAL A 92 32.59 -18.05 -34.42
N ALA A 93 33.47 -17.30 -35.07
CA ALA A 93 34.67 -16.78 -34.40
C ALA A 93 34.26 -15.77 -33.34
N HIS A 94 33.12 -15.13 -33.57
CA HIS A 94 32.58 -14.16 -32.62
C HIS A 94 31.71 -14.85 -31.57
N THR A 95 30.67 -15.55 -32.01
CA THR A 95 29.68 -16.16 -31.11
C THR A 95 30.28 -17.20 -30.15
N SER A 96 31.27 -17.95 -30.62
CA SER A 96 31.83 -19.02 -29.83
C SER A 96 33.16 -18.68 -29.18
N TYR A 97 33.71 -17.52 -29.50
CA TYR A 97 35.00 -17.18 -28.94
C TYR A 97 35.18 -15.75 -28.46
N LYS A 98 34.98 -14.78 -29.35
CA LYS A 98 35.28 -13.39 -29.00
C LYS A 98 34.31 -12.89 -27.93
N ARG A 99 33.03 -13.19 -28.10
CA ARG A 99 31.99 -12.78 -27.17
C ARG A 99 32.09 -13.47 -25.80
N ILE A 100 32.99 -14.43 -25.67
CA ILE A 100 33.11 -15.19 -24.42
C ILE A 100 34.40 -14.82 -23.69
N TYR A 101 35.95 -14.71 -24.77
CA TYR A 101 37.13 -14.53 -23.98
C TYR A 101 37.71 -13.17 -24.28
N GLY A 102 36.96 -12.38 -25.04
CA GLY A 102 37.37 -11.02 -25.39
C GLY A 102 38.56 -10.96 -26.34
N GLU A 103 38.89 -12.10 -26.94
CA GLU A 103 39.98 -12.17 -27.92
C GLU A 103 39.55 -13.09 -29.07
N TYR A 104 40.28 -13.04 -30.18
CA TYR A 104 39.96 -13.87 -31.34
C TYR A 104 40.50 -15.27 -31.13
N PRO A 105 39.84 -16.29 -31.70
CA PRO A 105 40.25 -17.68 -31.47
C PRO A 105 41.60 -17.99 -32.10
N PRO A 106 42.38 -18.87 -31.45
CA PRO A 106 43.57 -19.38 -32.12
C PRO A 106 43.17 -20.15 -33.38
N THR A 107 44.11 -20.26 -34.33
CA THR A 107 43.86 -20.88 -35.64
C THR A 107 43.23 -22.28 -35.56
N LYS A 108 43.84 -23.19 -34.81
CA LYS A 108 43.34 -24.57 -34.68
C LYS A 108 41.89 -24.63 -34.24
N LEU A 109 41.47 -23.76 -33.32
CA LEU A 109 40.11 -23.79 -32.81
C LEU A 109 39.09 -23.27 -33.80
N LEU A 110 39.41 -22.17 -34.48
CA LEU A 110 38.54 -21.68 -35.55
C LEU A 110 38.44 -22.73 -36.66
N VAL A 111 39.57 -23.34 -37.02
CA VAL A 111 39.57 -24.45 -37.98
C VAL A 111 38.62 -25.53 -37.46
N SER A 112 38.80 -25.91 -36.20
CA SER A 112 37.99 -26.91 -35.54
C SER A 112 36.50 -26.62 -35.63
N GLU A 113 36.13 -25.34 -35.57
CA GLU A 113 34.74 -24.90 -35.71
C GLU A 113 34.27 -25.07 -37.15
N VAL A 114 35.06 -24.58 -38.12
CA VAL A 114 34.74 -24.74 -39.55
C VAL A 114 34.51 -26.21 -39.88
N ALA A 115 35.47 -27.04 -39.45
CA ALA A 115 35.44 -28.48 -39.68
C ALA A 115 34.15 -29.13 -39.18
N LYS A 116 33.68 -28.69 -38.02
CA LYS A 116 32.43 -29.16 -37.44
C LYS A 116 31.23 -28.81 -38.33
N ILE A 117 31.19 -27.57 -38.82
CA ILE A 117 30.14 -27.11 -39.72
C ILE A 117 30.10 -27.98 -40.98
N MET A 118 31.27 -28.38 -41.45
CA MET A 118 31.37 -29.26 -42.60
C MET A 118 31.00 -30.71 -42.26
N GLN A 119 31.44 -31.20 -41.09
CA GLN A 119 31.04 -32.54 -40.64
C GLN A 119 29.53 -32.68 -40.59
N GLU A 120 28.86 -31.66 -40.08
CA GLU A 120 27.40 -31.68 -39.94
C GLU A 120 26.68 -31.82 -41.27
N ALA A 121 27.23 -31.22 -42.33
CA ALA A 121 26.65 -31.30 -43.67
C ALA A 121 26.77 -32.72 -44.25
N THR A 122 27.48 -33.56 -43.51
CA THR A 122 27.80 -34.93 -43.89
C THR A 122 26.83 -35.91 -43.21
N GLN A 123 26.15 -35.43 -42.18
CA GLN A 123 25.32 -36.29 -41.32
C GLN A 123 23.87 -35.83 -41.17
N SER A 124 23.64 -34.53 -41.01
CA SER A 124 22.29 -33.97 -40.84
C SER A 124 21.31 -34.37 -41.95
N GLY A 125 20.02 -34.28 -41.63
CA GLY A 125 18.99 -34.52 -42.61
C GLY A 125 18.98 -33.51 -43.73
N GLY A 126 18.76 -34.00 -44.95
CA GLY A 126 18.38 -33.17 -46.08
C GLY A 126 19.41 -32.23 -46.67
N VAL A 127 20.70 -32.46 -46.37
CA VAL A 127 21.77 -31.65 -46.94
C VAL A 127 22.79 -32.51 -47.68
N ARG A 128 23.61 -31.86 -48.52
CA ARG A 128 24.75 -32.49 -49.17
C ARG A 128 26.01 -31.91 -48.52
N PRO A 129 27.12 -32.69 -48.52
CA PRO A 129 28.38 -32.13 -48.03
C PRO A 129 28.76 -30.88 -48.80
N PHE A 130 29.62 -30.04 -48.23
CA PHE A 130 30.17 -28.90 -48.94
C PHE A 130 31.13 -29.40 -50.01
N GLY A 131 31.02 -28.82 -51.21
CA GLY A 131 31.91 -29.19 -52.31
C GLY A 131 33.20 -28.39 -52.33
N VAL A 132 33.85 -28.26 -51.17
CA VAL A 132 35.13 -27.50 -51.11
C VAL A 132 36.19 -28.12 -50.20
N SER A 133 37.45 -27.77 -50.47
CA SER A 133 38.51 -27.94 -49.50
C SER A 133 39.06 -26.56 -49.21
N LEU A 134 39.31 -26.28 -47.94
CA LEU A 134 39.83 -24.98 -47.55
C LEU A 134 41.27 -25.11 -47.10
N LEU A 135 42.02 -24.05 -47.31
CA LEU A 135 43.30 -23.88 -46.64
C LEU A 135 43.16 -22.67 -45.73
N ILE A 136 43.38 -22.89 -44.43
CA ILE A 136 43.29 -21.82 -43.45
C ILE A 136 44.67 -21.58 -42.84
N ALA A 137 45.12 -20.33 -42.94
CA ALA A 137 46.40 -19.93 -42.40
C ALA A 137 46.20 -18.81 -41.39
N GLY A 138 46.98 -18.85 -40.31
CA GLY A 138 46.85 -17.83 -39.29
C GLY A 138 47.98 -17.82 -38.28
N HIS A 139 47.84 -16.92 -37.30
CA HIS A 139 48.81 -16.78 -36.22
C HIS A 139 48.05 -16.60 -34.92
N ASP A 140 48.63 -17.10 -33.84
CA ASP A 140 48.18 -16.74 -32.50
C ASP A 140 49.37 -16.75 -31.54
N GLU A 141 49.24 -15.99 -30.45
CA GLU A 141 50.32 -15.79 -29.49
C GLU A 141 50.99 -17.09 -29.03
N PHE A 142 50.19 -18.11 -28.71
CA PHE A 142 50.72 -19.30 -28.05
C PHE A 142 51.07 -20.48 -28.97
N ASN A 143 50.51 -20.50 -30.17
CA ASN A 143 50.81 -21.56 -31.13
C ASN A 143 51.70 -21.09 -32.26
N GLY A 144 51.83 -19.77 -32.40
CA GLY A 144 52.64 -19.18 -33.48
C GLY A 144 51.95 -19.28 -34.81
N PHE A 145 52.75 -19.35 -35.88
CA PHE A 145 52.22 -19.47 -37.23
C PHE A 145 51.77 -20.89 -37.51
N SER A 146 50.60 -21.00 -38.13
CA SER A 146 50.03 -22.27 -38.51
C SER A 146 48.91 -22.00 -39.52
N LEU A 147 49.26 -23.71 -40.81
CA LEU A 147 48.50 -23.93 -42.03
C LEU A 147 47.69 -25.20 -41.88
N TYR A 148 46.42 -25.11 -42.25
CA TYR A 148 45.50 -26.20 -42.09
C TYR A 148 44.69 -26.43 -43.35
N GLN A 149 44.42 -27.70 -43.63
CA GLN A 149 43.54 -28.10 -44.71
C GLN A 149 42.26 -28.64 -44.12
N VAL A 150 41.12 -28.26 -44.68
CA VAL A 150 39.84 -28.83 -44.24
C VAL A 150 39.12 -29.42 -45.46
N ASP A 151 38.72 -30.67 -45.34
CA ASP A 151 38.10 -31.42 -46.43
C ASP A 151 36.60 -31.61 -46.22
N PRO A 152 35.86 -31.87 -47.31
CA PRO A 152 34.40 -32.03 -47.27
C PRO A 152 33.89 -32.93 -46.15
N SER A 153 34.69 -33.90 -45.72
CA SER A 153 34.30 -34.81 -44.63
C SER A 153 34.27 -34.09 -43.28
N GLY A 154 35.05 -33.01 -43.18
CA GLY A 154 35.20 -32.28 -41.92
C GLY A 154 36.53 -32.51 -41.25
N SER A 155 37.36 -33.35 -41.87
CA SER A 155 38.70 -33.65 -41.39
C SER A 155 39.62 -32.49 -41.68
N TYR A 156 40.59 -32.29 -40.80
CA TYR A 156 41.60 -31.25 -41.01
C TYR A 156 42.95 -31.75 -40.56
N PHE A 157 44.00 -31.21 -41.16
CA PHE A 157 45.36 -31.63 -40.85
C PHE A 157 46.29 -30.44 -40.99
N PRO A 158 47.31 -30.36 -40.11
CA PRO A 158 48.25 -29.25 -40.18
C PRO A 158 49.35 -29.53 -41.21
N TRP A 159 49.74 -28.50 -41.96
CA TRP A 159 50.74 -28.65 -43.01
C TRP A 159 51.91 -27.68 -42.87
N LYS A 160 53.10 -28.13 -43.25
CA LYS A 160 54.21 -27.22 -43.53
C LYS A 160 53.92 -26.50 -44.86
N ALA A 161 53.45 -27.26 -45.85
CA ALA A 161 53.05 -26.72 -47.14
C ALA A 161 52.17 -27.73 -47.85
N THR A 162 51.26 -27.25 -48.69
CA THR A 162 50.41 -28.13 -49.50
C THR A 162 49.65 -27.39 -50.60
N ALA A 163 49.04 -28.15 -51.50
CA ALA A 163 48.24 -27.60 -52.57
C ALA A 163 46.99 -28.45 -52.72
N ILE A 164 45.92 -27.83 -53.18
CA ILE A 164 44.67 -28.53 -53.41
C ILE A 164 44.11 -28.16 -54.77
N GLY A 165 43.17 -28.97 -55.26
CA GLY A 165 42.54 -28.74 -56.56
C GLY A 165 43.31 -29.31 -57.74
N LYS A 166 43.03 -28.75 -58.93
CA LYS A 166 43.52 -29.24 -60.23
C LYS A 166 44.91 -29.90 -60.27
N GLY A 167 45.96 -29.11 -60.04
CA GLY A 167 47.31 -29.63 -60.22
C GLY A 167 48.00 -29.94 -58.91
N SER A 168 47.23 -30.42 -57.93
CA SER A 168 47.73 -30.57 -56.58
C SER A 168 48.88 -31.58 -56.48
N VAL A 169 48.73 -32.73 -57.13
CA VAL A 169 49.75 -33.80 -57.07
C VAL A 169 51.11 -33.32 -57.58
N ALA A 170 51.14 -32.67 -58.74
CA ALA A 170 52.36 -32.04 -59.27
C ALA A 170 52.92 -30.95 -58.33
N ALA A 171 52.04 -30.03 -57.91
CA ALA A 171 52.41 -28.93 -57.02
C ALA A 171 52.91 -29.41 -55.65
N LYS A 172 52.23 -30.41 -55.07
CA LYS A 172 52.69 -30.99 -53.80
C LYS A 172 54.12 -31.52 -53.94
N THR A 173 54.40 -32.19 -55.07
CA THR A 173 55.73 -32.71 -55.35
C THR A 173 56.74 -31.57 -55.46
N PHE A 174 56.39 -30.52 -56.20
CA PHE A 174 57.28 -29.38 -56.37
C PHE A 174 57.60 -28.69 -55.03
N LEU A 175 56.67 -28.75 -54.08
CA LEU A 175 56.88 -28.17 -52.75
C LEU A 175 57.78 -29.03 -51.87
N GLU A 176 57.73 -30.35 -52.07
CA GLU A 176 58.59 -31.28 -51.31
C GLU A 176 60.08 -31.07 -51.61
N LYS A 177 60.39 -30.70 -52.86
CA LYS A 177 61.76 -30.38 -53.26
C LYS A 177 62.25 -29.07 -52.66
N ARG A 178 61.38 -28.06 -52.66
CA ARG A 178 61.79 -26.68 -52.33
C ARG A 178 61.68 -26.28 -50.85
N TRP A 179 60.91 -27.02 -50.05
CA TRP A 179 60.66 -26.62 -48.65
C TRP A 179 61.74 -27.04 -47.66
N ASN A 180 62.14 -26.07 -46.82
CA ASN A 180 62.98 -26.33 -45.66
C ASN A 180 62.45 -25.55 -44.43
N ASP A 181 62.87 -25.94 -43.23
CA ASP A 181 62.42 -25.29 -42.00
C ASP A 181 63.11 -23.96 -41.65
N GLU A 182 63.87 -23.41 -42.60
CA GLU A 182 64.57 -22.13 -42.40
C GLU A 182 64.08 -21.02 -43.34
N LEU A 183 62.94 -21.23 -43.98
CA LEU A 183 62.43 -20.30 -44.98
C LEU A 183 61.94 -19.00 -44.38
N GLU A 184 62.43 -17.89 -44.91
CA GLU A 184 61.94 -16.57 -44.55
C GLU A 184 60.69 -16.36 -45.39
N LEU A 185 59.81 -15.45 -44.96
CA LEU A 185 58.51 -15.26 -45.62
C LEU A 185 58.61 -14.90 -47.10
N GLU A 186 59.56 -14.03 -47.44
CA GLU A 186 59.81 -13.64 -48.84
C GLU A 186 60.18 -14.84 -49.72
N ASP A 187 61.03 -15.71 -49.18
CA ASP A 187 61.39 -16.97 -49.85
C ASP A 187 60.14 -17.81 -50.14
N ALA A 188 59.24 -17.91 -49.16
CA ALA A 188 58.01 -18.69 -49.30
C ALA A 188 57.06 -18.12 -50.36
N ILE A 189 56.96 -16.80 -50.42
CA ILE A 189 56.18 -16.12 -51.45
C ILE A 189 56.75 -16.44 -52.84
N HIS A 190 58.08 -16.54 -52.90
CA HIS A 190 58.78 -16.88 -54.13
C HIS A 190 58.43 -18.32 -54.55
N ILE A 191 58.53 -19.27 -53.62
CA ILE A 191 58.17 -20.67 -53.89
C ILE A 191 56.72 -20.77 -54.35
N ALA A 192 55.85 -20.02 -53.69
CA ALA A 192 54.42 -19.99 -54.02
C ALA A 192 54.17 -19.55 -55.44
N LEU A 193 54.88 -18.52 -55.88
CA LEU A 193 54.69 -17.97 -57.22
C LEU A 193 55.20 -18.93 -58.30
N LEU A 194 56.32 -19.58 -58.03
CA LEU A 194 56.87 -20.61 -58.91
C LEU A 194 55.90 -21.79 -59.07
N THR A 195 55.41 -22.29 -57.93
CA THR A 195 54.54 -23.46 -57.89
C THR A 195 53.23 -23.23 -58.65
N LEU A 196 52.72 -22.02 -58.53
CA LEU A 196 51.45 -21.67 -59.13
C LEU A 196 51.56 -21.46 -60.64
N LYS A 197 52.76 -21.12 -61.12
CA LYS A 197 52.98 -20.90 -62.56
C LYS A 197 52.82 -22.17 -63.41
N GLU A 198 53.04 -23.33 -62.80
CA GLU A 198 52.87 -24.62 -63.46
C GLU A 198 51.40 -24.96 -63.68
N SER A 199 50.56 -24.64 -62.69
CA SER A 199 49.13 -24.92 -62.74
C SER A 199 48.47 -24.18 -63.91
N VAL A 200 49.61 -21.93 -64.14
CA VAL A 200 48.55 -21.18 -64.77
C VAL A 200 48.70 -21.25 -66.28
N GLU A 201 47.59 -21.53 -66.98
CA GLU A 201 47.55 -21.62 -68.42
C GLU A 201 47.90 -20.28 -69.08
N GLY A 202 47.03 -19.29 -68.88
CA GLY A 202 47.12 -18.01 -69.58
C GLY A 202 48.07 -17.01 -68.96
N GLU A 203 47.61 -15.77 -68.86
CA GLU A 203 48.39 -14.69 -68.26
C GLU A 203 48.72 -14.98 -66.79
N PHE A 204 49.92 -14.60 -66.38
CA PHE A 204 50.37 -14.84 -65.01
C PHE A 204 50.89 -13.56 -64.39
N ASN A 205 49.98 -12.73 -63.91
CA ASN A 205 50.31 -11.41 -63.34
C ASN A 205 49.51 -11.09 -62.08
N GLY A 206 49.74 -9.90 -61.53
CA GLY A 206 49.04 -9.44 -60.32
C GLY A 206 47.54 -9.23 -60.47
N ASP A 207 47.00 -9.49 -61.65
CA ASP A 207 45.57 -9.34 -61.91
C ASP A 207 44.86 -10.68 -62.06
N THR A 208 45.61 -11.71 -62.41
CA THR A 208 45.04 -13.01 -62.74
C THR A 208 44.88 -13.89 -61.50
N ILE A 209 46.62 -13.55 -60.39
CA ILE A 209 47.08 -14.19 -59.17
C ILE A 209 46.52 -13.44 -57.96
N GLU A 210 45.98 -14.20 -57.01
CA GLU A 210 45.48 -13.67 -55.77
C GLU A 210 46.30 -14.30 -54.65
N LEU A 211 46.98 -13.46 -53.88
CA LEU A 211 47.93 -13.95 -52.89
C LEU A 211 47.78 -13.16 -51.58
N ALA A 212 47.79 -13.86 -50.46
CA ALA A 212 47.74 -13.21 -49.14
C ALA A 212 48.73 -13.82 -48.16
N ILE A 213 49.14 -13.02 -47.17
CA ILE A 213 50.04 -13.50 -46.12
C ILE A 213 49.50 -13.34 -44.70
N ILE A 214 50.09 -14.10 -43.78
CA ILE A 214 49.98 -13.87 -42.35
C ILE A 214 51.42 -13.65 -41.89
N GLY A 215 51.76 -12.41 -41.57
CA GLY A 215 53.13 -12.05 -41.20
C GLY A 215 53.20 -11.22 -39.95
N ASP A 216 53.86 -10.07 -40.06
CA ASP A 216 53.97 -9.12 -38.96
C ASP A 216 52.66 -8.38 -38.78
N GLU A 217 52.48 -7.82 -37.58
CA GLU A 217 51.36 -6.91 -37.31
C GLU A 217 51.50 -5.67 -38.20
N ASN A 218 50.37 -5.17 -38.71
CA ASN A 218 50.33 -3.97 -39.54
C ASN A 218 49.63 -2.81 -38.84
N PRO A 219 50.36 -2.02 -38.01
CA PRO A 219 49.73 -0.93 -37.27
C PRO A 219 49.12 0.12 -38.21
N ASP A 220 49.69 0.26 -39.40
CA ASP A 220 49.15 1.17 -40.42
C ASP A 220 47.79 0.72 -40.94
N LEU A 221 47.41 -0.53 -40.65
CA LEU A 221 46.14 -1.10 -41.10
C LEU A 221 45.07 -1.17 -40.01
N LEU A 222 45.42 -0.67 -38.82
CA LEU A 222 44.53 -0.74 -37.66
C LEU A 222 43.36 0.22 -37.72
N GLY A 223 43.62 1.46 -38.12
CA GLY A 223 42.57 2.47 -38.25
C GLY A 223 42.45 3.43 -37.07
N TYR A 224 43.24 3.18 -36.02
CA TYR A 224 43.24 4.01 -34.82
C TYR A 224 44.53 3.83 -34.02
N THR A 225 44.80 4.77 -33.13
CA THR A 225 45.99 4.75 -32.29
C THR A 225 45.60 5.04 -30.85
N GLY A 226 46.46 4.67 -29.91
CA GLY A 226 46.21 5.00 -28.51
C GLY A 226 46.12 3.82 -27.55
N ILE A 227 45.99 2.61 -28.08
CA ILE A 227 46.04 1.40 -27.27
C ILE A 227 47.28 0.57 -27.61
N PRO A 228 48.35 0.69 -26.79
CA PRO A 228 49.62 -0.01 -26.94
C PRO A 228 49.51 -1.50 -27.29
N THR A 229 48.57 -2.21 -26.68
CA THR A 229 48.46 -3.66 -26.88
C THR A 229 47.78 -4.07 -28.21
N ASP A 230 47.24 -3.10 -28.94
CA ASP A 230 46.68 -3.35 -30.26
C ASP A 230 47.73 -2.95 -31.30
N LYS A 231 48.62 -3.87 -31.65
CA LYS A 231 49.77 -3.56 -32.53
C LYS A 231 49.55 -3.94 -34.01
N GLY A 232 47.09 -4.02 -34.81
CA GLY A 232 47.22 -4.21 -36.26
C GLY A 232 47.16 -5.67 -36.63
N PRO A 233 46.41 -5.99 -37.72
CA PRO A 233 46.24 -7.37 -38.17
C PRO A 233 47.53 -7.95 -38.78
N ARG A 234 47.72 -9.26 -38.60
CA ARG A 234 48.84 -9.95 -39.25
C ARG A 234 48.45 -10.44 -40.65
N PHE A 235 47.15 -10.48 -40.94
CA PHE A 235 46.66 -10.87 -42.25
C PHE A 235 46.81 -9.72 -43.24
N ARG A 236 47.48 -9.96 -44.35
CA ARG A 236 47.57 -8.95 -45.40
C ARG A 236 47.43 -9.51 -46.82
N LYS A 237 46.45 -8.99 -47.55
CA LYS A 237 46.31 -9.27 -48.97
C LYS A 237 47.28 -8.40 -49.76
N LEU A 238 48.13 -9.05 -50.56
CA LEU A 238 49.07 -8.34 -51.41
C LEU A 238 48.36 -7.71 -52.57
N THR A 239 48.79 -6.50 -52.93
CA THR A 239 48.23 -5.76 -54.07
C THR A 239 48.75 -6.32 -55.38
N SER A 240 47.96 -6.13 -56.44
CA SER A 240 48.39 -6.39 -57.81
C SER A 240 49.85 -5.93 -58.04
N GLN A 241 50.16 -4.70 -57.64
CA GLN A 241 51.51 -4.12 -57.79
C GLN A 241 52.59 -4.87 -56.99
N GLU A 242 52.25 -5.26 -55.76
CA GLU A 242 53.18 -6.02 -54.92
C GLU A 242 53.52 -7.40 -55.50
N ILE A 243 52.59 -7.97 -56.26
CA ILE A 243 52.81 -9.27 -56.90
C ILE A 243 53.74 -9.11 -58.09
N ASN A 244 53.41 -8.19 -58.99
CA ASN A 244 54.22 -7.91 -60.19
C ASN A 244 55.69 -7.61 -59.89
N ASP A 245 55.93 -6.92 -58.77
CA ASP A 245 57.27 -6.61 -58.29
C ASP A 245 58.10 -7.87 -58.05
N ARG A 246 57.44 -8.91 -57.55
CA ARG A 246 58.11 -10.18 -57.23
C ARG A 246 58.14 -11.14 -58.42
N LEU A 247 57.41 -10.80 -59.47
CA LEU A 247 57.39 -11.60 -60.69
C LEU A 247 58.50 -11.22 -61.66
N GLU A 248 59.18 -10.11 -61.38
CA GLU A 248 60.34 -9.68 -62.16
C GLU A 248 61.64 -10.28 -61.62
N ALA A 249 61.66 -10.66 -60.34
CA ALA A 249 62.79 -11.37 -59.75
C ALA A 249 62.55 -12.89 -59.75
N LEU A 250 61.58 -13.31 -60.56
CA LEU A 250 61.10 -14.70 -60.62
C LEU A 250 62.11 -15.66 -61.28
N GLY B 1 6.80 -37.23 -52.82
CA GLY B 1 7.45 -36.56 -51.65
C GLY B 1 8.88 -37.03 -51.40
N SER B 2 9.31 -36.88 -50.15
CA SER B 2 10.69 -37.18 -49.72
C SER B 2 11.01 -38.67 -49.65
N ARG B 3 10.07 -39.46 -49.12
CA ARG B 3 10.17 -40.92 -48.95
C ARG B 3 10.98 -41.63 -50.02
N ARG B 4 10.84 -41.18 -51.26
CA ARG B 4 11.57 -41.69 -52.42
C ARG B 4 13.08 -41.80 -52.19
N TYR B 5 13.65 -40.79 -51.53
CA TYR B 5 15.10 -40.62 -51.43
C TYR B 5 15.68 -41.10 -50.10
N ASP B 6 14.81 -41.59 -49.22
CA ASP B 6 15.19 -42.12 -47.90
C ASP B 6 15.90 -43.48 -48.01
N SER B 7 17.16 -43.51 -47.58
CA SER B 7 17.95 -44.74 -47.54
C SER B 7 17.58 -45.66 -46.38
N ARG B 8 16.76 -45.14 -45.46
CA ARG B 8 16.32 -45.88 -44.28
C ARG B 8 17.50 -46.47 -43.50
N THR B 9 18.26 -45.59 -42.85
CA THR B 9 19.49 -45.97 -42.16
C THR B 9 19.32 -46.91 -40.97
N THR B 10 18.11 -46.98 -40.42
CA THR B 10 17.90 -47.77 -39.20
C THR B 10 16.93 -48.93 -39.35
N ILE B 11 17.04 -49.72 -40.41
CA ILE B 11 16.25 -50.95 -40.48
C ILE B 11 17.13 -52.20 -40.33
N PHE B 12 16.47 -53.32 -40.03
CA PHE B 12 17.11 -54.62 -39.95
C PHE B 12 17.18 -55.24 -41.35
N SER B 13 18.25 -55.99 -41.60
CA SER B 13 18.33 -56.87 -42.76
C SER B 13 17.45 -58.10 -42.47
N PRO B 14 17.09 -58.89 -43.51
CA PRO B 14 16.34 -60.12 -43.24
C PRO B 14 17.04 -61.06 -42.26
N GLU B 15 18.36 -60.97 -42.18
CA GLU B 15 19.16 -61.80 -41.28
C GLU B 15 19.28 -61.17 -39.88
N GLY B 16 18.64 -60.03 -39.67
CA GLY B 16 18.61 -59.36 -38.36
C GLY B 16 19.88 -58.60 -38.00
N ARG B 17 20.55 -58.07 -39.02
CA ARG B 17 21.71 -57.22 -38.82
C ARG B 17 21.35 -55.81 -39.24
N LEU B 18 22.12 -54.83 -38.76
CA LEU B 18 21.90 -53.43 -39.15
C LEU B 18 22.87 -53.01 -40.24
N TYR B 19 22.35 -52.91 -41.47
CA TYR B 19 23.12 -52.53 -42.65
C TYR B 19 24.17 -51.45 -42.38
N GLN B 20 23.71 -50.29 -41.93
CA GLN B 20 24.59 -49.12 -41.79
C GLN B 20 25.71 -49.32 -40.78
N VAL B 21 25.43 -50.06 -39.71
CA VAL B 21 26.44 -50.41 -38.71
C VAL B 21 27.51 -51.27 -39.37
N GLU B 22 27.08 -52.29 -40.11
CA GLU B 22 28.00 -53.21 -40.79
C GLU B 22 28.91 -52.50 -41.79
N TYR B 23 28.33 -51.58 -42.56
CA TYR B 23 29.12 -50.84 -43.56
C TYR B 23 30.08 -49.85 -42.90
N ALA B 24 29.62 -49.21 -41.82
CA ALA B 24 30.49 -48.39 -40.99
C ALA B 24 31.67 -49.22 -40.48
N LEU B 25 31.38 -50.42 -39.97
CA LEU B 25 32.42 -51.34 -39.49
C LEU B 25 33.43 -51.69 -40.60
N GLU B 26 32.91 -51.89 -41.81
CA GLU B 26 33.73 -52.11 -43.00
C GLU B 26 34.66 -50.92 -43.30
N SER B 27 34.16 -49.71 -43.10
CA SER B 27 34.97 -48.51 -43.26
C SER B 27 36.07 -48.43 -42.19
N ILE B 28 35.71 -48.77 -40.95
CA ILE B 28 36.66 -48.79 -39.83
C ILE B 28 37.85 -49.74 -40.10
N SER B 29 37.57 -50.87 -40.73
CA SER B 29 38.59 -51.89 -41.00
C SER B 29 39.72 -51.41 -41.92
N HIS B 30 39.52 -50.29 -42.62
CA HIS B 30 40.56 -49.71 -43.48
C HIS B 30 41.39 -48.64 -42.76
N ALA B 31 40.98 -48.30 -41.54
CA ALA B 31 41.62 -47.21 -40.80
C ALA B 31 42.87 -47.70 -40.08
N GLY B 32 43.86 -46.82 -39.95
CA GLY B 32 45.06 -47.08 -39.17
C GLY B 32 44.80 -47.82 -37.87
N THR B 33 45.54 -48.90 -37.64
CA THR B 33 45.37 -49.74 -36.47
C THR B 33 45.69 -48.96 -35.20
N ALA B 34 44.88 -49.16 -34.18
CA ALA B 34 45.15 -48.61 -32.86
C ALA B 34 45.13 -49.75 -31.85
N ILE B 35 46.09 -49.72 -30.93
CA ILE B 35 46.26 -50.78 -29.93
C ILE B 35 46.17 -50.22 -28.52
N GLY B 36 45.44 -50.93 -27.68
CA GLY B 36 45.42 -50.62 -26.25
C GLY B 36 45.83 -51.82 -25.42
N ILE B 37 46.79 -51.60 -24.53
CA ILE B 37 47.23 -52.65 -23.59
C ILE B 37 47.25 -52.15 -22.15
N MET B 38 46.50 -52.82 -21.30
CA MET B 38 46.53 -52.55 -19.87
C MET B 38 47.55 -53.44 -19.15
N ALA B 39 48.36 -52.81 -18.30
CA ALA B 39 49.28 -53.48 -17.39
C ALA B 39 48.80 -53.28 -15.95
N SER B 40 49.57 -53.78 -14.98
CA SER B 40 49.18 -53.63 -13.58
C SER B 40 49.45 -52.19 -13.06
N ASP B 41 50.53 -51.58 -13.55
CA ASP B 41 50.92 -50.24 -13.11
C ASP B 41 50.62 -49.15 -14.14
N GLY B 42 49.78 -49.45 -15.13
CA GLY B 42 49.43 -48.46 -16.16
C GLY B 42 48.82 -49.00 -17.43
N ILE B 43 48.57 -48.11 -18.40
CA ILE B 43 47.97 -48.46 -19.69
C ILE B 43 48.74 -47.83 -20.84
N VAL B 44 48.72 -48.50 -21.99
CA VAL B 44 49.36 -48.01 -23.20
C VAL B 44 48.35 -47.84 -24.33
N LEU B 45 48.44 -46.70 -25.03
CA LEU B 45 47.75 -46.49 -26.29
C LEU B 45 48.73 -46.18 -27.41
N ALA B 46 48.59 -46.89 -28.53
CA ALA B 46 49.44 -46.71 -29.69
C ALA B 46 48.58 -46.76 -30.94
N ALA B 47 48.95 -45.99 -31.96
CA ALA B 47 48.16 -45.96 -33.19
C ALA B 47 48.99 -45.59 -34.41
N GLU B 48 48.69 -46.23 -35.53
CA GLU B 48 49.37 -45.99 -36.79
C GLU B 48 48.65 -44.87 -37.54
N ARG B 49 49.40 -43.82 -37.89
CA ARG B 49 48.88 -42.72 -38.67
C ARG B 49 48.69 -43.16 -40.10
N LYS B 50 47.44 -43.14 -40.57
CA LYS B 50 47.13 -43.58 -41.92
C LYS B 50 47.43 -42.47 -42.92
N VAL B 51 48.24 -42.81 -43.94
CA VAL B 51 48.73 -41.89 -44.99
C VAL B 51 49.51 -40.68 -44.45
N THR B 52 50.76 -40.55 -44.91
CA THR B 52 51.62 -39.46 -44.46
C THR B 52 52.39 -38.82 -45.60
N SER B 53 52.97 -37.65 -45.32
CA SER B 53 53.78 -36.91 -46.29
C SER B 53 54.90 -36.15 -45.55
N THR B 54 55.96 -35.83 -46.28
CA THR B 54 57.06 -35.02 -45.77
C THR B 54 56.56 -33.70 -45.16
N LEU B 55 55.56 -33.10 -45.82
CA LEU B 55 55.05 -31.77 -45.44
C LEU B 55 54.02 -31.75 -44.31
N LEU B 56 53.52 -32.91 -43.91
CA LEU B 56 52.60 -32.98 -42.78
C LEU B 56 53.30 -32.62 -41.47
N GLU B 57 52.85 -31.55 -40.84
CA GLU B 57 53.40 -31.10 -39.57
C GLU B 57 52.94 -32.03 -38.46
N GLN B 58 53.85 -32.86 -37.96
CA GLN B 58 53.50 -33.85 -36.95
C GLN B 58 53.46 -33.26 -35.54
N ASP B 59 54.26 -32.23 -35.29
CA ASP B 59 54.31 -31.52 -34.00
C ASP B 59 52.96 -30.91 -33.61
N THR B 60 52.25 -30.40 -34.62
CA THR B 60 50.94 -29.78 -34.41
C THR B 60 49.81 -30.79 -34.62
N SER B 61 50.16 -32.03 -34.96
CA SER B 61 49.16 -33.01 -35.40
C SER B 61 48.59 -33.90 -34.30
N THR B 62 47.34 -34.29 -34.53
CA THR B 62 46.56 -35.15 -33.65
C THR B 62 45.42 -35.66 -34.51
N GLU B 63 45.32 -36.98 -34.66
CA GLU B 63 44.25 -37.57 -35.45
C GLU B 63 43.71 -38.85 -34.81
N LYS B 64 44.49 -39.39 -33.87
CA LYS B 64 44.15 -40.68 -33.31
C LYS B 64 44.02 -40.70 -31.78
N LEU B 65 44.83 -39.89 -31.10
CA LEU B 65 44.84 -39.86 -29.64
C LEU B 65 44.27 -38.58 -29.02
N TYR B 66 43.18 -38.72 -28.27
CA TYR B 66 42.52 -37.57 -27.66
C TYR B 66 42.34 -37.71 -26.15
N LYS B 67 42.64 -36.63 -25.46
CA LYS B 67 42.43 -36.51 -24.03
C LYS B 67 40.96 -36.16 -23.75
N LEU B 68 40.27 -36.98 -22.97
CA LEU B 68 38.88 -36.72 -22.61
C LEU B 68 38.76 -36.07 -21.25
N ASN B 69 39.69 -36.45 -20.38
CA ASN B 69 39.66 -36.14 -18.96
C ASN B 69 41.11 -36.00 -18.55
N ASP B 70 41.36 -35.78 -17.26
CA ASP B 70 42.71 -35.89 -16.76
C ASP B 70 43.07 -37.34 -16.48
N LYS B 71 42.07 -38.21 -16.55
CA LYS B 71 42.23 -39.61 -16.18
C LYS B 71 41.74 -40.60 -17.25
N ILE B 72 41.15 -40.07 -18.32
CA ILE B 72 40.58 -40.87 -19.40
C ILE B 72 41.06 -40.32 -20.74
N ALA B 73 41.40 -41.23 -21.66
CA ALA B 73 41.81 -40.87 -23.02
C ALA B 73 41.31 -41.91 -24.03
N VAL B 74 41.23 -41.52 -25.30
CA VAL B 74 40.77 -42.44 -26.33
C VAL B 74 41.69 -42.51 -27.56
N ALA B 75 41.72 -43.70 -28.17
CA ALA B 75 42.29 -43.87 -29.50
C ALA B 75 41.17 -44.07 -30.54
N VAL B 76 41.32 -43.39 -31.67
CA VAL B 76 40.30 -43.35 -32.70
C VAL B 76 40.65 -44.23 -33.90
N ALA B 77 39.68 -44.98 -34.39
CA ALA B 77 39.77 -45.60 -35.70
C ALA B 77 38.50 -45.29 -36.47
N GLY B 78 38.66 -44.54 -37.56
CA GLY B 78 37.54 -44.20 -38.44
C GLY B 78 37.59 -42.76 -38.92
N LEU B 79 36.43 -42.14 -39.09
CA LEU B 79 36.33 -40.74 -39.52
C LEU B 79 36.70 -39.79 -38.38
N THR B 80 37.78 -39.04 -38.56
CA THR B 80 38.24 -38.10 -37.52
C THR B 80 37.17 -37.08 -37.15
N ALA B 81 36.52 -36.48 -38.15
CA ALA B 81 35.47 -35.49 -37.93
C ALA B 81 34.29 -36.03 -37.11
N ASP B 82 33.87 -37.27 -37.42
CA ASP B 82 32.83 -37.95 -36.65
C ASP B 82 33.29 -38.14 -35.20
N ALA B 83 34.56 -38.52 -35.03
CA ALA B 83 35.13 -38.77 -33.71
C ALA B 83 35.13 -37.50 -32.88
N GLU B 84 35.53 -36.38 -33.48
CA GLU B 84 35.55 -35.11 -32.78
C GLU B 84 34.19 -34.69 -32.24
N ILE B 85 33.13 -34.86 -33.04
CA ILE B 85 31.77 -34.63 -32.53
C ILE B 85 31.58 -35.39 -31.22
N LEU B 86 31.88 -36.70 -31.24
CA LEU B 86 31.69 -37.57 -30.07
C LEU B 86 32.62 -37.23 -28.89
N ILE B 87 33.88 -36.95 -29.20
CA ILE B 87 34.88 -36.55 -28.21
C ILE B 87 34.44 -35.32 -27.43
N ASN B 88 33.95 -34.31 -28.14
CA ASN B 88 33.49 -33.10 -27.50
C ASN B 88 32.32 -33.35 -26.53
N THR B 89 31.34 -34.14 -26.93
CA THR B 89 30.22 -34.41 -26.01
C THR B 89 30.71 -35.20 -24.78
N ALA B 90 31.71 -36.05 -24.99
CA ALA B 90 32.28 -36.86 -23.93
C ALA B 90 32.99 -35.99 -22.89
N ARG B 91 33.68 -34.96 -23.34
CA ARG B 91 34.32 -34.01 -22.44
C ARG B 91 33.30 -33.27 -21.59
N ILE B 92 32.20 -32.85 -22.22
CA ILE B 92 31.09 -32.20 -21.52
C ILE B 92 30.53 -33.14 -20.45
N HIS B 93 30.19 -34.38 -20.83
CA HIS B 93 29.60 -35.34 -19.90
C HIS B 93 30.45 -35.51 -18.65
N ALA B 94 31.76 -35.58 -18.85
CA ALA B 94 32.72 -35.72 -17.76
C ALA B 94 32.62 -34.54 -16.78
N GLN B 95 32.64 -33.32 -17.34
CA GLN B 95 32.46 -32.10 -16.55
C GLN B 95 31.10 -31.97 -15.85
N ASN B 96 30.03 -32.41 -16.51
CA ASN B 96 28.70 -32.42 -15.88
C ASN B 96 28.68 -33.30 -14.65
N TYR B 97 29.32 -34.46 -14.78
CA TYR B 97 29.45 -35.41 -13.67
C TYR B 97 30.24 -34.77 -12.53
N LEU B 98 31.42 -34.25 -12.87
CA LEU B 98 32.30 -33.60 -11.90
C LEU B 98 31.62 -32.47 -11.13
N LYS B 99 30.79 -31.70 -11.82
CA LYS B 99 30.03 -30.62 -11.20
C LYS B 99 28.91 -31.14 -10.30
N THR B 100 28.29 -32.25 -10.68
CA THR B 100 27.18 -32.81 -9.92
C THR B 100 27.64 -33.45 -8.61
N TYR B 101 28.66 -34.30 -8.70
CA TYR B 101 29.05 -35.16 -7.58
C TYR B 101 30.37 -34.77 -6.92
N ASN B 102 31.09 -33.83 -7.53
CA ASN B 102 32.42 -33.44 -7.07
C ASN B 102 33.42 -34.59 -7.05
N GLU B 103 33.18 -35.56 -7.93
CA GLU B 103 34.07 -36.68 -8.17
C GLU B 103 34.31 -36.82 -9.66
N ASP B 104 35.52 -37.24 -10.05
CA ASP B 104 35.81 -37.52 -11.46
C ASP B 104 34.95 -38.67 -11.91
N ILE B 105 34.51 -38.65 -13.16
CA ILE B 105 33.58 -39.64 -13.66
C ILE B 105 34.22 -41.04 -13.76
N PRO B 106 33.61 -42.06 -13.11
CA PRO B 106 34.09 -43.42 -13.31
C PRO B 106 34.11 -43.76 -14.80
N VAL B 107 35.18 -44.46 -15.21
CA VAL B 107 35.45 -44.70 -16.63
C VAL B 107 34.27 -45.32 -17.38
N GLU B 108 33.67 -46.36 -16.82
CA GLU B 108 32.53 -47.02 -17.46
C GLU B 108 31.35 -46.08 -17.70
N ILE B 109 30.99 -45.27 -16.72
CA ILE B 109 29.87 -44.33 -16.85
C ILE B 109 30.00 -43.49 -18.13
N LEU B 110 31.19 -42.92 -18.34
CA LEU B 110 31.47 -42.14 -19.54
C LEU B 110 31.36 -42.98 -20.81
N VAL B 111 31.98 -44.17 -20.79
CA VAL B 111 31.94 -45.11 -21.91
C VAL B 111 30.50 -45.53 -22.26
N ARG B 112 29.72 -45.90 -21.25
CA ARG B 112 28.32 -46.28 -21.46
C ARG B 112 27.53 -45.17 -22.15
N ARG B 113 27.74 -43.94 -21.72
CA ARG B 113 27.07 -42.78 -22.26
C ARG B 113 27.38 -42.60 -23.74
N LEU B 114 28.67 -42.56 -24.07
CA LEU B 114 29.09 -42.44 -25.46
C LEU B 114 28.54 -43.58 -26.30
N SER B 115 28.56 -44.78 -25.75
CA SER B 115 28.00 -45.95 -26.42
C SER B 115 26.49 -45.82 -26.62
N ASP B 116 25.82 -45.19 -25.66
CA ASP B 116 24.38 -44.94 -25.78
C ASP B 116 24.04 -43.94 -26.87
N ILE B 117 24.87 -42.92 -27.03
CA ILE B 117 24.67 -41.93 -28.09
C ILE B 117 24.80 -42.59 -29.46
N LYS B 118 25.78 -43.49 -29.60
CA LYS B 118 25.96 -44.25 -30.84
C LYS B 118 24.79 -45.19 -31.09
N GLN B 119 24.30 -45.84 -30.04
CA GLN B 119 23.20 -46.77 -30.17
C GLN B 119 21.95 -46.06 -30.70
N GLY B 120 21.74 -44.81 -30.27
CA GLY B 120 20.57 -44.06 -30.67
C GLY B 120 20.48 -43.85 -32.17
N TYR B 121 21.65 -43.59 -32.78
CA TYR B 121 21.75 -43.35 -34.22
C TYR B 121 21.44 -44.62 -35.02
N THR B 122 21.25 -45.70 -34.28
CA THR B 122 21.01 -47.03 -34.80
C THR B 122 19.52 -47.38 -34.73
N GLN B 123 18.78 -46.66 -33.89
CA GLN B 123 17.37 -47.01 -33.63
C GLN B 123 16.35 -45.95 -34.05
N HIS B 124 16.76 -44.71 -34.20
CA HIS B 124 15.82 -43.64 -34.59
C HIS B 124 16.50 -42.45 -35.28
N GLY B 125 15.69 -41.58 -35.88
CA GLY B 125 16.18 -40.32 -36.45
C GLY B 125 16.66 -40.34 -37.89
N GLY B 126 16.73 -41.54 -38.48
CA GLY B 126 17.07 -41.71 -39.89
C GLY B 126 18.37 -41.07 -40.34
N LEU B 127 19.35 -40.99 -39.46
CA LEU B 127 20.66 -40.47 -39.83
C LEU B 127 21.67 -41.61 -39.93
N ARG B 128 22.76 -41.39 -40.66
CA ARG B 128 23.86 -42.35 -40.72
C ARG B 128 24.55 -42.44 -39.35
N PRO B 129 25.08 -43.62 -38.99
CA PRO B 129 25.85 -43.74 -37.74
C PRO B 129 27.20 -43.05 -37.86
N PHE B 130 27.86 -42.86 -36.72
CA PHE B 130 29.22 -42.32 -36.70
C PHE B 130 30.18 -43.43 -37.12
N GLY B 131 31.03 -43.14 -38.09
CA GLY B 131 31.99 -44.11 -38.59
C GLY B 131 33.22 -44.14 -37.73
N VAL B 132 33.03 -44.50 -36.46
CA VAL B 132 34.09 -44.46 -35.44
C VAL B 132 34.12 -45.69 -34.54
N SER B 133 35.32 -46.20 -34.28
CA SER B 133 35.55 -47.11 -33.17
C SER B 133 36.52 -46.47 -32.19
N PHE B 134 36.20 -46.56 -30.90
CA PHE B 134 37.03 -46.01 -29.83
C PHE B 134 37.71 -47.12 -29.02
N ILE B 135 38.96 -46.88 -28.66
CA ILE B 135 39.59 -47.56 -27.52
C ILE B 135 39.69 -46.55 -26.38
N TYR B 136 39.07 -46.86 -25.25
CA TYR B 136 39.16 -46.01 -24.06
C TYR B 136 40.20 -46.56 -23.10
N ALA B 137 41.11 -45.67 -22.68
CA ALA B 137 42.07 -45.97 -21.62
C ALA B 137 41.83 -45.02 -20.45
N GLY B 138 41.59 -45.57 -19.26
CA GLY B 138 41.37 -44.73 -18.09
C GLY B 138 41.66 -45.36 -16.74
N TYR B 139 41.74 -44.50 -15.73
CA TYR B 139 41.88 -44.92 -14.33
C TYR B 139 40.79 -44.31 -13.47
N ASP B 140 40.25 -45.10 -12.56
CA ASP B 140 39.42 -44.56 -11.48
C ASP B 140 39.62 -45.36 -10.20
N ASP B 141 39.10 -44.88 -9.08
CA ASP B 141 39.39 -45.51 -7.79
C ASP B 141 38.48 -46.69 -7.43
N ARG B 142 37.67 -47.14 -8.38
CA ARG B 142 36.85 -48.32 -8.15
C ARG B 142 37.41 -49.58 -8.82
N TYR B 143 37.81 -49.46 -10.09
CA TYR B 143 38.22 -50.62 -10.88
C TYR B 143 39.70 -50.57 -11.22
N GLY B 144 40.75 -48.84 -10.62
CA GLY B 144 42.06 -49.02 -11.22
C GLY B 144 42.00 -48.88 -12.72
N TYR B 145 43.07 -49.31 -13.38
CA TYR B 145 43.21 -49.17 -14.82
C TYR B 145 42.20 -50.01 -15.57
N GLN B 146 41.62 -49.40 -16.60
CA GLN B 146 40.58 -50.02 -17.38
C GLN B 146 40.80 -49.73 -18.85
N LEU B 147 40.35 -50.68 -19.68
CA LEU B 147 40.45 -50.55 -21.12
C LEU B 147 39.12 -50.99 -21.69
N TYR B 148 38.52 -50.13 -22.51
CA TYR B 148 37.23 -50.41 -23.14
C TYR B 148 37.27 -50.14 -24.62
N THR B 149 36.25 -50.66 -25.32
CA THR B 149 36.13 -50.48 -26.76
C THR B 149 34.66 -50.30 -27.10
N SER B 150 34.38 -49.33 -27.98
CA SER B 150 33.03 -49.14 -28.52
C SER B 150 33.06 -48.97 -30.03
N ASN B 151 31.99 -49.38 -30.70
CA ASN B 151 31.90 -49.27 -32.15
C ASN B 151 30.55 -48.70 -32.60
N PRO B 152 30.35 -48.47 -33.93
CA PRO B 152 29.13 -47.86 -34.44
C PRO B 152 27.80 -48.47 -33.97
N SER B 153 27.83 -49.71 -33.48
CA SER B 153 26.62 -50.35 -32.98
C SER B 153 26.21 -49.81 -31.63
N GLY B 154 27.18 -49.25 -30.90
CA GLY B 154 26.92 -48.76 -29.56
C GLY B 154 27.11 -49.86 -28.54
N ASN B 155 27.74 -50.94 -28.98
CA ASN B 155 28.16 -51.99 -28.08
C ASN B 155 29.54 -51.64 -27.53
N TYR B 156 29.80 -51.99 -26.28
CA TYR B 156 31.11 -51.76 -25.66
C TYR B 156 31.52 -52.94 -24.76
N THR B 157 32.83 -53.19 -24.68
CA THR B 157 33.36 -54.31 -23.91
C THR B 157 34.71 -53.94 -23.29
N GLY B 158 35.11 -54.67 -22.24
CA GLY B 158 36.37 -54.40 -21.53
C GLY B 158 37.45 -55.42 -21.86
N TRP B 159 38.70 -54.97 -21.94
CA TRP B 159 39.80 -55.81 -22.41
C TRP B 159 41.07 -55.61 -21.60
N LYS B 160 41.93 -56.65 -21.59
CA LYS B 160 43.29 -56.53 -21.03
C LYS B 160 44.19 -55.96 -22.12
N ALA B 161 43.95 -56.39 -23.36
CA ALA B 161 44.58 -55.83 -24.55
C ALA B 161 43.63 -55.90 -25.73
N ILE B 162 43.63 -54.87 -26.57
CA ILE B 162 42.83 -54.89 -27.78
C ILE B 162 43.33 -53.96 -28.89
N SER B 163 42.84 -54.20 -30.11
CA SER B 163 43.12 -53.40 -31.29
C SER B 163 41.83 -53.02 -31.99
N VAL B 164 41.85 -51.87 -32.68
CA VAL B 164 40.77 -51.50 -33.59
C VAL B 164 41.34 -51.04 -34.93
N GLY B 165 40.49 -51.03 -35.95
CA GLY B 165 40.90 -50.60 -37.29
C GLY B 165 41.36 -51.77 -38.14
N ALA B 166 42.38 -51.50 -38.97
CA ALA B 166 42.92 -52.51 -39.90
C ALA B 166 43.65 -53.63 -39.16
N ASN B 167 43.59 -54.83 -39.75
CA ASN B 167 44.36 -55.99 -39.28
C ASN B 167 44.19 -56.34 -37.80
N THR B 168 42.99 -56.16 -37.27
CA THR B 168 42.73 -56.47 -35.86
C THR B 168 42.93 -57.95 -35.56
N SER B 169 42.45 -58.81 -36.45
CA SER B 169 42.51 -60.26 -36.26
C SER B 169 43.94 -60.77 -36.07
N ALA B 170 44.83 -60.32 -36.95
CA ALA B 170 46.25 -60.66 -36.85
C ALA B 170 46.85 -60.09 -35.57
N ALA B 171 46.51 -58.84 -35.28
CA ALA B 171 46.98 -58.13 -34.08
C ALA B 171 46.45 -58.73 -32.79
N GLN B 172 45.19 -59.18 -32.83
CA GLN B 172 44.57 -59.79 -31.66
C GLN B 172 45.22 -61.12 -31.36
N THR B 173 45.50 -61.89 -32.42
CA THR B 173 46.20 -63.16 -32.30
C THR B 173 47.59 -62.95 -31.67
N LEU B 174 48.32 -61.95 -32.14
CA LEU B 174 49.65 -61.63 -31.63
C LEU B 174 49.64 -61.19 -30.16
N LEU B 175 48.62 -60.45 -29.76
CA LEU B 175 48.50 -59.97 -28.38
C LEU B 175 48.10 -61.12 -27.46
N GLN B 176 47.21 -61.97 -27.94
CA GLN B 176 46.79 -63.17 -27.20
C GLN B 176 47.96 -64.08 -26.86
N MET B 177 48.91 -64.17 -27.80
CA MET B 177 50.09 -65.01 -27.64
C MET B 177 51.06 -64.48 -26.59
N ASP B 178 51.42 -63.19 -26.69
CA ASP B 178 52.51 -62.63 -25.88
C ASP B 178 52.09 -61.93 -24.58
N TYR B 179 50.81 -61.62 -24.43
CA TYR B 179 50.32 -60.90 -23.25
C TYR B 179 50.34 -61.79 -22.02
N LYS B 180 50.72 -61.21 -20.88
CA LYS B 180 50.68 -61.89 -19.58
C LYS B 180 50.17 -60.94 -18.49
N ASP B 181 49.33 -61.45 -17.60
CA ASP B 181 48.65 -60.64 -16.57
C ASP B 181 49.59 -59.83 -15.67
N ASP B 182 50.75 -60.40 -15.38
CA ASP B 182 51.72 -59.75 -14.49
C ASP B 182 52.59 -58.69 -15.20
N MET B 183 52.19 -58.31 -16.41
CA MET B 183 52.94 -57.33 -17.21
C MET B 183 53.12 -55.99 -16.52
N LYS B 184 54.22 -55.33 -16.86
CA LYS B 184 54.48 -53.97 -16.44
C LYS B 184 54.14 -53.06 -17.63
N VAL B 185 54.00 -51.76 -17.40
CA VAL B 185 53.79 -50.78 -18.45
C VAL B 185 54.88 -50.85 -19.52
N ASP B 186 56.14 -50.90 -19.08
CA ASP B 186 57.30 -50.91 -19.98
C ASP B 186 57.30 -52.11 -20.92
N ASP B 187 56.83 -53.26 -20.42
CA ASP B 187 56.66 -54.45 -21.24
C ASP B 187 55.48 -54.28 -22.21
N ALA B 188 54.42 -53.63 -21.73
CA ALA B 188 53.24 -53.33 -22.54
C ALA B 188 53.57 -52.40 -23.69
N ILE B 189 54.42 -51.40 -23.42
CA ILE B 189 54.87 -50.48 -24.46
C ILE B 189 55.51 -51.28 -25.60
N GLU B 190 56.42 -52.18 -25.24
CA GLU B 190 57.11 -53.03 -26.20
C GLU B 190 56.17 -53.94 -26.98
N LEU B 191 55.15 -54.48 -26.32
CA LEU B 191 54.21 -55.38 -26.98
C LEU B 191 53.41 -54.64 -28.06
N ALA B 192 52.99 -53.41 -27.74
CA ALA B 192 52.18 -52.61 -28.64
C ALA B 192 52.94 -52.25 -29.90
N LEU B 193 54.21 -51.87 -29.71
CA LEU B 193 55.06 -51.52 -30.84
C LEU B 193 55.45 -52.71 -31.70
N LYS B 194 55.68 -53.87 -31.07
CA LYS B 194 55.95 -55.11 -31.82
C LYS B 194 54.75 -55.44 -32.70
N THR B 195 53.57 -55.40 -32.10
CA THR B 195 52.34 -55.82 -32.77
C THR B 195 51.99 -54.96 -33.98
N LEU B 196 52.09 -53.64 -33.82
CA LEU B 196 51.88 -52.71 -34.93
C LEU B 196 52.94 -52.93 -36.00
N SER B 197 54.19 -53.08 -35.56
CA SER B 197 55.31 -53.34 -36.46
C SER B 197 55.14 -54.62 -37.28
N LYS B 198 54.33 -55.55 -36.79
CA LYS B 198 54.16 -56.85 -37.44
C LYS B 198 52.89 -56.97 -38.26
N THR B 199 51.98 -56.01 -38.16
CA THR B 199 50.69 -56.12 -38.85
C THR B 199 50.57 -55.10 -39.98
N THR B 200 52.07 -53.34 -39.83
CA THR B 200 51.97 -52.27 -40.80
C THR B 200 51.75 -52.83 -42.21
N ASP B 201 51.00 -52.08 -43.02
CA ASP B 201 50.91 -52.35 -44.45
C ASP B 201 51.91 -51.44 -45.19
N SER B 202 52.80 -50.81 -44.42
CA SER B 202 53.88 -49.99 -44.97
C SER B 202 55.18 -50.76 -44.90
N SER B 203 56.18 -50.32 -45.67
CA SER B 203 57.51 -50.94 -45.73
C SER B 203 58.08 -51.08 -44.31
N ALA B 204 58.53 -49.95 -43.77
CA ALA B 204 58.90 -49.86 -42.37
C ALA B 204 58.08 -48.71 -41.78
N LEU B 205 58.64 -49.46 -39.21
CA LEU B 205 57.59 -48.62 -38.66
C LEU B 205 58.27 -47.43 -38.03
N THR B 206 58.22 -46.29 -38.73
CA THR B 206 58.95 -45.08 -38.30
C THR B 206 58.14 -44.23 -37.32
N TYR B 207 58.84 -43.35 -36.61
CA TYR B 207 58.24 -42.46 -35.60
C TYR B 207 57.15 -41.56 -36.17
N ASP B 208 57.36 -41.08 -37.40
CA ASP B 208 56.46 -40.10 -38.01
C ASP B 208 55.10 -40.70 -38.38
N ARG B 209 54.97 -42.00 -38.19
CA ARG B 209 53.75 -42.71 -38.54
C ARG B 209 53.04 -43.26 -37.30
N LEU B 210 53.35 -42.68 -36.14
CA LEU B 210 52.79 -43.13 -34.87
C LEU B 210 52.31 -42.03 -33.94
N GLU B 211 51.34 -42.39 -33.10
CA GLU B 211 50.97 -41.60 -31.93
C GLU B 211 51.02 -42.53 -30.74
N PHE B 212 51.55 -42.04 -29.62
CA PHE B 212 51.77 -42.88 -28.46
C PHE B 212 51.37 -42.21 -27.15
N ALA B 213 50.77 -42.97 -26.24
CA ALA B 213 50.34 -42.45 -24.93
C ALA B 213 50.33 -43.50 -23.82
N THR B 214 50.60 -43.05 -22.59
CA THR B 214 50.59 -43.90 -21.40
C THR B 214 49.81 -43.26 -20.26
N ILE B 215 49.09 -44.08 -19.51
CA ILE B 215 48.45 -43.64 -18.28
C ILE B 215 49.17 -44.35 -17.15
N ARG B 216 49.95 -43.59 -16.38
CA ARG B 216 50.75 -44.16 -15.29
C ARG B 216 50.44 -43.53 -13.94
N LYS B 217 50.61 -44.31 -12.88
CA LYS B 217 50.57 -43.79 -11.51
C LYS B 217 51.98 -43.33 -11.12
N GLY B 218 52.51 -42.40 -11.92
CA GLY B 218 53.91 -41.95 -11.85
C GLY B 218 54.43 -41.50 -10.49
N ALA B 219 55.45 -44.42 -9.09
CA ALA B 219 54.97 -44.60 -7.73
C ALA B 219 55.09 -43.32 -6.90
N ASN B 220 55.97 -42.42 -7.33
CA ASN B 220 56.34 -41.20 -6.58
C ASN B 220 55.31 -40.05 -6.68
N ASP B 221 54.16 -40.24 -6.02
CA ASP B 221 53.11 -39.24 -5.92
C ASP B 221 52.03 -39.70 -4.94
N GLY B 222 51.60 -40.96 -5.07
CA GLY B 222 50.65 -41.58 -4.15
C GLY B 222 49.21 -41.09 -4.30
N GLU B 223 49.21 -40.41 -7.22
CA GLU B 223 48.15 -39.92 -8.08
C GLU B 223 48.47 -40.21 -9.54
N VAL B 224 47.41 -40.42 -10.32
CA VAL B 224 47.55 -40.69 -11.76
C VAL B 224 47.70 -39.38 -12.53
N TYR B 225 49.10 -39.84 -14.43
CA TYR B 225 49.65 -38.88 -15.37
C TYR B 225 49.46 -39.39 -16.79
N GLN B 226 48.85 -38.56 -17.64
CA GLN B 226 48.68 -38.89 -19.05
C GLN B 226 49.83 -38.31 -19.84
N LYS B 227 50.61 -39.19 -20.46
CA LYS B 227 51.73 -38.76 -21.28
C LYS B 227 51.40 -38.98 -22.75
N ILE B 228 51.17 -37.89 -23.47
CA ILE B 228 51.07 -37.94 -24.92
C ILE B 228 52.49 -37.76 -25.42
N PHE B 229 53.02 -38.81 -26.05
CA PHE B 229 54.40 -38.82 -26.54
C PHE B 229 54.59 -37.83 -27.69
N LYS B 230 55.58 -36.96 -27.53
CA LYS B 230 56.00 -36.03 -28.57
C LYS B 230 56.80 -36.81 -29.63
N PRO B 231 56.86 -36.31 -30.88
CA PRO B 231 57.49 -37.07 -31.96
C PRO B 231 58.89 -37.60 -31.62
N GLN B 232 59.71 -36.77 -30.97
CA GLN B 232 61.06 -37.16 -30.58
C GLN B 232 61.03 -38.32 -29.58
N GLU B 233 60.06 -38.30 -28.68
CA GLU B 233 59.93 -39.33 -27.65
C GLU B 233 59.61 -40.69 -28.27
N ILE B 234 58.81 -40.69 -29.34
CA ILE B 234 58.49 -41.91 -30.09
C ILE B 234 59.74 -42.45 -30.80
N LYS B 235 60.49 -41.54 -31.43
CA LYS B 235 61.75 -41.88 -32.10
C LYS B 235 62.76 -42.54 -31.15
N ASP B 236 62.79 -42.07 -29.90
CA ASP B 236 63.66 -42.63 -28.86
C ASP B 236 63.23 -44.04 -28.49
N ILE B 237 61.97 -44.15 -28.07
CA ILE B 237 61.41 -45.41 -27.57
C ILE B 237 61.31 -46.50 -28.66
N LEU B 238 61.29 -46.07 -29.92
CA LEU B 238 61.32 -46.98 -31.06
C LEU B 238 62.71 -47.62 -31.20
N VAL B 239 63.75 -46.86 -30.85
CA VAL B 239 65.14 -47.37 -30.84
C VAL B 239 65.36 -48.36 -29.70
N LYS B 240 64.87 -48.01 -28.49
CA LYS B 240 65.06 -48.84 -27.29
C LYS B 240 64.49 -50.24 -27.47
N THR B 241 63.27 -50.31 -28.00
CA THR B 241 62.58 -51.57 -28.23
C THR B 241 63.22 -52.41 -29.34
N GLY B 242 64.05 -51.78 -30.17
CA GLY B 242 64.83 -52.48 -31.18
C GLY B 242 64.17 -52.58 -32.55
N ILE B 243 63.55 -51.48 -32.99
CA ILE B 243 63.00 -51.38 -34.34
C ILE B 243 63.80 -50.32 -35.12
N THR B 244 64.56 -49.51 -34.38
CA THR B 244 65.17 -48.26 -34.87
C THR B 244 64.09 -47.39 -35.55
N GLY C 1 11.16 -34.58 -36.41
CA GLY C 1 11.14 -34.56 -37.89
C GLY C 1 10.95 -35.95 -38.50
N TYR C 2 11.84 -36.88 -38.17
CA TYR C 2 11.87 -38.19 -38.83
C TYR C 2 10.85 -39.19 -38.29
N ASP C 3 9.76 -39.39 -39.03
CA ASP C 3 8.66 -40.23 -38.59
C ASP C 3 8.25 -41.32 -39.59
N ARG C 4 9.20 -41.78 -40.41
CA ARG C 4 8.89 -42.81 -41.41
C ARG C 4 8.43 -44.08 -40.75
N ALA C 5 7.31 -44.61 -41.25
CA ALA C 5 6.78 -45.88 -40.78
C ALA C 5 7.70 -46.99 -41.27
N LEU C 6 8.52 -47.50 -40.36
CA LEU C 6 9.48 -48.55 -40.69
C LEU C 6 8.88 -49.96 -40.45
N SER C 7 8.05 -50.08 -39.43
CA SER C 7 7.31 -51.33 -39.14
C SER C 7 5.93 -51.28 -39.77
N ILE C 8 5.79 -51.83 -40.96
CA ILE C 8 4.48 -51.88 -41.61
C ILE C 8 4.06 -53.32 -41.92
N PHE C 9 2.79 -53.51 -42.26
CA PHE C 9 2.31 -54.81 -42.71
C PHE C 9 2.68 -55.02 -44.17
N SER C 10 3.17 -56.22 -44.49
CA SER C 10 3.33 -56.65 -45.87
C SER C 10 2.10 -57.50 -46.25
N PRO C 11 1.91 -57.77 -47.57
CA PRO C 11 0.69 -58.41 -48.10
C PRO C 11 0.16 -59.66 -47.38
N ASP C 12 1.04 -60.53 -46.90
CA ASP C 12 0.62 -61.75 -46.18
C ASP C 12 0.26 -61.49 -44.71
N GLY C 13 0.39 -60.23 -44.28
CA GLY C 13 0.01 -59.82 -42.93
C GLY C 13 1.13 -59.89 -41.91
N HIS C 14 2.37 -59.89 -42.37
CA HIS C 14 3.52 -59.90 -41.47
C HIS C 14 4.10 -58.50 -41.31
N ILE C 15 4.78 -58.28 -40.19
CA ILE C 15 5.59 -57.07 -40.01
C ILE C 15 7.06 -57.48 -40.04
N PHE C 16 7.69 -57.33 -41.20
CA PHE C 16 9.04 -57.86 -41.40
C PHE C 16 10.08 -57.31 -40.43
N GLN C 17 10.04 -56.02 -40.14
CA GLN C 17 10.99 -55.42 -39.21
C GLN C 17 10.98 -56.07 -37.82
N VAL C 18 9.81 -56.53 -37.39
CA VAL C 18 9.66 -57.26 -36.14
C VAL C 18 10.22 -58.67 -36.32
N GLU C 19 9.84 -59.29 -37.43
CA GLU C 19 10.29 -60.64 -37.75
C GLU C 19 11.82 -60.70 -37.83
N TYR C 20 12.41 -59.66 -38.42
CA TYR C 20 13.86 -59.58 -38.55
C TYR C 20 14.51 -59.26 -37.21
N ALA C 21 13.79 -58.54 -36.35
CA ALA C 21 14.29 -58.26 -35.00
C ALA C 21 14.48 -59.58 -34.25
N LEU C 22 13.55 -60.53 -34.48
CA LEU C 22 13.65 -61.88 -33.95
C LEU C 22 14.89 -62.62 -34.44
N GLU C 23 15.27 -62.39 -35.69
CA GLU C 23 16.49 -62.97 -36.25
C GLU C 23 17.72 -62.49 -35.49
N ALA C 24 17.68 -61.23 -35.03
CA ALA C 24 18.74 -60.68 -34.20
C ALA C 24 18.84 -61.38 -32.86
N VAL C 25 17.69 -61.72 -32.28
CA VAL C 25 17.64 -62.53 -31.06
C VAL C 25 18.28 -63.90 -31.28
N LYS C 26 17.90 -64.56 -32.38
CA LYS C 26 18.42 -65.87 -32.78
C LYS C 26 19.94 -65.90 -32.87
N ARG C 27 20.55 -64.76 -33.19
CA ARG C 27 22.01 -64.65 -33.30
C ARG C 27 22.68 -64.36 -31.95
N GLY C 28 21.92 -63.85 -31.00
CA GLY C 28 22.48 -63.54 -29.70
C GLY C 28 22.95 -64.80 -29.00
N THR C 29 23.84 -64.65 -28.04
CA THR C 29 24.26 -65.76 -27.20
C THR C 29 23.05 -66.28 -26.41
N CYS C 30 23.02 -67.59 -26.21
CA CYS C 30 21.91 -68.27 -25.53
C CYS C 30 21.65 -67.78 -24.11
N ALA C 31 20.39 -67.85 -23.68
CA ALA C 31 20.00 -67.48 -22.32
C ALA C 31 18.88 -68.38 -21.84
N VAL C 32 18.97 -68.82 -20.60
CA VAL C 32 18.03 -69.79 -20.06
C VAL C 32 17.59 -69.41 -18.63
N GLY C 33 16.35 -69.77 -18.29
CA GLY C 33 15.85 -69.61 -16.93
C GLY C 33 14.99 -70.79 -16.52
N VAL C 34 15.26 -71.33 -15.33
CA VAL C 34 14.44 -72.40 -14.75
C VAL C 34 14.02 -71.98 -13.35
N LYS C 35 12.76 -72.19 -13.01
CA LYS C 35 12.36 -71.92 -11.64
C LYS C 35 12.33 -73.17 -10.78
N GLY C 36 12.99 -73.08 -9.63
CA GLY C 36 12.93 -74.10 -8.59
C GLY C 36 11.63 -73.95 -7.81
N LYS C 37 11.53 -74.73 -6.73
CA LYS C 37 10.39 -74.64 -5.83
C LYS C 37 10.45 -73.30 -5.10
N ASN C 38 11.67 -72.88 -4.81
CA ASN C 38 11.93 -71.79 -3.88
C ASN C 38 13.01 -70.84 -4.41
N CYS C 39 13.21 -70.85 -5.73
CA CYS C 39 14.21 -70.00 -6.38
C CYS C 39 14.00 -69.92 -7.89
N VAL C 40 14.74 -69.02 -8.54
CA VAL C 40 14.85 -68.98 -10.01
C VAL C 40 16.33 -68.87 -10.36
N VAL C 41 16.75 -69.65 -11.36
CA VAL C 41 18.13 -69.61 -11.83
C VAL C 41 18.17 -69.06 -13.25
N LEU C 42 19.10 -68.15 -13.49
CA LEU C 42 19.34 -67.59 -14.82
C LEU C 42 20.72 -67.96 -15.32
N GLY C 43 20.77 -68.60 -16.49
CA GLY C 43 22.02 -69.00 -17.11
C GLY C 43 22.24 -68.37 -18.46
N CYS C 44 23.48 -68.00 -18.74
CA CYS C 44 23.86 -67.35 -19.99
C CYS C 44 25.18 -67.90 -20.51
N GLU C 45 25.30 -68.02 -21.84
CA GLU C 45 26.58 -68.41 -22.44
C GLU C 45 27.46 -67.20 -22.79
N ARG C 46 28.77 -67.38 -22.65
CA ARG C 46 29.75 -66.39 -23.12
C ARG C 46 30.36 -66.86 -24.43
N ARG C 47 30.39 -65.95 -25.41
CA ARG C 47 30.90 -66.24 -26.75
C ARG C 47 32.42 -66.48 -26.73
N SER C 48 32.94 -67.06 -27.82
CA SER C 48 34.38 -67.32 -27.95
C SER C 48 34.99 -66.86 -29.28
N THR C 49 34.30 -65.95 -29.97
CA THR C 49 34.85 -65.30 -31.17
C THR C 49 36.19 -64.62 -30.84
N LEU C 50 36.17 -63.84 -29.76
CA LEU C 50 37.37 -63.19 -29.20
C LEU C 50 37.52 -63.54 -27.73
N LYS C 51 38.77 -63.63 -27.28
CA LYS C 51 39.07 -63.79 -25.86
C LYS C 51 40.39 -63.09 -25.52
N LEU C 52 40.34 -62.35 -24.42
CA LEU C 52 41.45 -61.56 -23.86
C LEU C 52 40.77 -60.42 -23.10
N GLN C 53 39.50 -60.66 -22.78
CA GLN C 53 38.62 -59.70 -22.14
C GLN C 53 38.99 -59.43 -20.69
N ASP C 54 38.50 -58.31 -20.18
CA ASP C 54 38.60 -58.00 -18.76
C ASP C 54 37.23 -58.25 -18.15
N THR C 55 37.09 -59.40 -17.49
CA THR C 55 35.80 -59.85 -16.94
C THR C 55 35.30 -59.00 -15.76
N ARG C 56 36.23 -58.30 -15.09
CA ARG C 56 35.90 -57.40 -13.98
C ARG C 56 34.96 -56.28 -14.43
N ILE C 57 35.25 -55.72 -15.59
CA ILE C 57 34.63 -54.47 -16.03
C ILE C 57 33.67 -54.63 -17.22
N THR C 58 33.79 -55.75 -17.94
CA THR C 58 32.89 -56.03 -19.06
C THR C 58 31.47 -56.23 -18.52
N PRO C 59 30.48 -55.49 -19.09
CA PRO C 59 29.07 -55.64 -18.72
C PRO C 59 28.66 -57.11 -18.68
N SER C 60 28.20 -57.57 -17.52
CA SER C 60 27.71 -58.93 -17.35
C SER C 60 26.33 -59.08 -17.98
N LYS C 61 25.91 -60.32 -18.21
CA LYS C 61 24.70 -60.59 -18.99
C LYS C 61 23.40 -60.46 -18.17
N VAL C 62 23.50 -60.70 -16.86
CA VAL C 62 22.33 -60.60 -15.97
C VAL C 62 22.30 -59.22 -15.31
N SER C 63 21.19 -58.52 -15.42
CA SER C 63 21.04 -57.18 -14.85
C SER C 63 20.03 -57.12 -13.73
N LYS C 64 20.40 -56.46 -12.63
CA LYS C 64 19.45 -56.10 -11.58
C LYS C 64 18.60 -54.91 -12.01
N ILE C 65 17.28 -55.08 -11.96
CA ILE C 65 16.35 -54.01 -12.26
C ILE C 65 16.02 -53.31 -10.93
N ASP C 66 15.83 -54.12 -9.90
CA ASP C 66 15.69 -53.67 -8.53
C ASP C 66 16.33 -54.76 -7.67
N SER C 67 16.26 -54.63 -6.35
CA SER C 67 16.94 -55.56 -5.45
C SER C 67 16.35 -56.97 -5.49
N HIS C 68 15.13 -57.09 -6.00
CA HIS C 68 14.42 -58.36 -6.04
C HIS C 68 14.12 -58.87 -7.45
N VAL C 69 14.50 -58.11 -8.48
CA VAL C 69 14.22 -58.53 -9.87
C VAL C 69 15.43 -58.42 -10.79
N VAL C 70 15.68 -59.49 -11.55
CA VAL C 70 16.78 -59.50 -12.50
C VAL C 70 16.31 -59.64 -13.94
N LEU C 71 17.15 -59.20 -14.87
CA LEU C 71 16.85 -59.27 -16.29
C LEU C 71 18.04 -59.81 -17.08
N SER C 72 17.79 -60.77 -17.96
CA SER C 72 18.77 -61.21 -18.95
C SER C 72 18.12 -61.17 -20.33
N PHE C 73 18.91 -61.39 -21.37
CA PHE C 73 18.45 -61.16 -22.74
C PHE C 73 19.30 -61.85 -23.80
N SER C 74 18.72 -61.98 -24.98
CA SER C 74 19.48 -62.31 -26.17
C SER C 74 19.11 -61.35 -27.29
N GLY C 75 20.10 -61.01 -28.09
CA GLY C 75 19.95 -60.09 -29.20
C GLY C 75 21.00 -59.00 -29.14
N LEU C 76 20.65 -57.81 -29.60
CA LEU C 76 21.58 -56.70 -29.64
C LEU C 76 21.88 -56.18 -28.24
N ASN C 77 23.14 -56.23 -27.85
CA ASN C 77 23.57 -55.76 -26.54
C ASN C 77 23.20 -54.31 -26.31
N ALA C 78 23.54 -53.46 -27.28
CA ALA C 78 23.29 -52.03 -27.19
C ALA C 78 21.80 -51.75 -26.95
N ASP C 79 20.94 -52.43 -27.71
CA ASP C 79 19.50 -52.27 -27.58
C ASP C 79 19.03 -52.62 -26.17
N SER C 80 19.68 -53.59 -25.54
CA SER C 80 19.24 -54.09 -24.24
C SER C 80 19.47 -53.05 -23.14
N ARG C 81 20.50 -52.25 -23.29
CA ARG C 81 20.81 -51.20 -22.30
C ARG C 81 19.66 -50.21 -22.21
N ILE C 82 19.08 -49.88 -23.36
CA ILE C 82 17.95 -48.95 -23.44
C ILE C 82 16.79 -49.50 -22.64
N LEU C 83 16.53 -50.80 -22.76
CA LEU C 83 15.46 -51.44 -21.99
C LEU C 83 15.75 -51.49 -20.49
N ILE C 84 16.96 -51.91 -20.13
CA ILE C 84 17.33 -52.05 -18.73
C ILE C 84 17.13 -50.71 -18.01
N GLU C 85 17.58 -49.63 -18.64
CA GLU C 85 17.53 -48.28 -18.04
C GLU C 85 16.08 -47.83 -17.80
N LYS C 86 15.23 -47.97 -18.81
CA LYS C 86 13.82 -47.61 -18.67
C LYS C 86 13.17 -48.43 -17.57
N ALA C 87 13.56 -49.69 -17.46
CA ALA C 87 13.02 -50.60 -16.46
C ALA C 87 13.47 -50.23 -15.03
N ARG C 88 14.72 -49.84 -14.90
CA ARG C 88 15.27 -49.42 -13.60
C ARG C 88 14.62 -48.13 -13.14
N VAL C 89 14.43 -47.20 -14.08
CA VAL C 89 13.75 -45.93 -13.83
C VAL C 89 12.30 -46.19 -13.38
N GLU C 90 11.60 -47.05 -14.10
CA GLU C 90 10.22 -47.37 -13.76
C GLU C 90 10.09 -48.00 -12.37
N ALA C 91 11.11 -48.77 -11.99
CA ALA C 91 11.11 -49.49 -10.73
C ALA C 91 11.14 -48.51 -9.55
N GLN C 92 11.94 -47.45 -9.69
CA GLN C 92 12.04 -46.41 -8.67
C GLN C 92 10.79 -45.55 -8.67
N SER C 93 10.28 -45.26 -9.85
CA SER C 93 9.02 -44.54 -9.99
C SER C 93 7.87 -45.27 -9.26
N HIS C 94 7.80 -46.58 -9.43
CA HIS C 94 6.76 -47.41 -8.80
C HIS C 94 6.88 -47.37 -7.28
N ARG C 95 8.11 -47.48 -6.77
CA ARG C 95 8.36 -47.41 -5.33
C ARG C 95 8.00 -46.04 -4.77
N LEU C 96 8.22 -45.00 -5.57
CA LEU C 96 7.91 -43.63 -5.19
C LEU C 96 6.42 -43.38 -5.08
N THR C 97 5.63 -43.86 -6.03
CA THR C 97 4.20 -43.54 -6.05
C THR C 97 3.34 -44.56 -5.33
N LEU C 98 3.60 -45.84 -5.55
CA LEU C 98 2.80 -46.90 -4.93
C LEU C 98 3.26 -47.28 -3.52
N GLU C 99 4.49 -46.91 -3.17
CA GLU C 99 5.11 -47.27 -1.87
C GLU C 99 5.26 -48.78 -1.69
N ASP C 100 5.68 -49.42 -2.76
CA ASP C 100 5.87 -50.86 -2.84
C ASP C 100 6.70 -51.15 -4.07
N PRO C 101 7.69 -52.06 -3.95
CA PRO C 101 8.41 -52.44 -5.17
C PRO C 101 7.51 -53.15 -6.19
N VAL C 102 7.92 -53.13 -7.45
CA VAL C 102 7.18 -53.76 -8.54
C VAL C 102 7.05 -55.28 -8.34
N THR C 103 5.94 -55.84 -8.83
CA THR C 103 5.83 -57.28 -9.03
C THR C 103 6.63 -57.64 -10.29
N VAL C 104 7.02 -58.91 -10.43
CA VAL C 104 7.76 -59.34 -11.62
C VAL C 104 6.87 -59.23 -12.87
N GLU C 105 5.58 -59.50 -12.72
CA GLU C 105 4.60 -59.34 -13.80
C GLU C 105 4.41 -57.87 -14.19
N TYR C 106 4.41 -56.98 -13.20
CA TYR C 106 4.29 -55.55 -13.50
C TYR C 106 5.46 -55.08 -14.34
N LEU C 107 6.67 -55.40 -13.88
CA LEU C 107 7.89 -54.97 -14.54
C LEU C 107 7.96 -55.54 -15.96
N THR C 108 7.55 -56.79 -16.11
CA THR C 108 7.56 -57.48 -17.40
C THR C 108 6.59 -56.82 -18.37
N ARG C 109 5.40 -56.48 -17.88
CA ARG C 109 4.40 -55.77 -18.68
C ARG C 109 4.89 -54.39 -19.16
N TYR C 110 5.65 -53.72 -18.31
CA TYR C 110 6.23 -52.44 -18.68
C TYR C 110 7.23 -52.57 -19.83
N VAL C 111 8.20 -53.46 -19.66
CA VAL C 111 9.25 -53.70 -20.66
C VAL C 111 8.64 -54.12 -22.00
N ALA C 112 7.64 -55.00 -21.93
CA ALA C 112 6.94 -55.46 -23.11
C ALA C 112 6.18 -54.35 -23.80
N GLY C 113 5.57 -53.46 -23.02
CA GLY C 113 4.84 -52.31 -23.56
C GLY C 113 5.76 -51.37 -24.33
N VAL C 114 6.97 -51.15 -23.79
CA VAL C 114 8.00 -50.35 -24.46
C VAL C 114 8.38 -51.03 -25.77
N GLN C 115 8.60 -52.34 -25.72
CA GLN C 115 8.91 -53.10 -26.94
C GLN C 115 7.82 -52.94 -27.99
N GLN C 116 6.56 -53.13 -27.60
CA GLN C 116 5.45 -52.98 -28.53
C GLN C 116 5.40 -51.58 -29.16
N ARG C 117 5.55 -50.55 -28.33
CA ARG C 117 5.48 -49.16 -28.79
C ARG C 117 6.43 -48.89 -29.95
N TYR C 118 7.63 -49.48 -29.88
CA TYR C 118 8.63 -49.38 -30.93
C TYR C 118 8.30 -50.16 -32.21
N THR C 119 7.18 -50.88 -32.22
CA THR C 119 6.71 -51.55 -33.43
C THR C 119 5.55 -50.82 -34.12
N GLN C 120 5.02 -49.77 -33.47
CA GLN C 120 4.03 -48.92 -34.17
C GLN C 120 4.19 -47.42 -34.03
N SER C 121 5.45 -46.98 -33.94
CA SER C 121 5.77 -45.56 -33.87
C SER C 121 6.66 -45.13 -35.04
N GLY C 122 6.39 -43.94 -35.56
CA GLY C 122 7.16 -43.39 -36.67
C GLY C 122 8.63 -43.19 -36.37
N GLY C 123 9.47 -43.58 -37.32
CA GLY C 123 10.89 -43.23 -37.30
C GLY C 123 11.81 -44.06 -36.43
N VAL C 124 11.29 -45.18 -35.91
CA VAL C 124 12.08 -46.07 -35.05
C VAL C 124 11.97 -47.53 -35.51
N ARG C 125 13.00 -48.32 -35.22
CA ARG C 125 12.94 -49.76 -35.46
C ARG C 125 12.72 -50.53 -34.15
N PRO C 126 12.16 -51.75 -34.24
CA PRO C 126 11.96 -52.59 -33.06
C PRO C 126 13.27 -52.90 -32.36
N PHE C 127 13.16 -53.24 -31.09
CA PHE C 127 14.29 -53.70 -30.30
C PHE C 127 14.69 -55.09 -30.79
N GLY C 128 15.97 -55.28 -31.09
CA GLY C 128 16.46 -56.58 -31.50
C GLY C 128 16.79 -57.42 -30.29
N VAL C 129 15.82 -57.54 -29.38
CA VAL C 129 16.06 -58.13 -28.05
C VAL C 129 14.86 -58.92 -27.57
N SER C 130 15.14 -60.09 -27.00
CA SER C 130 14.19 -60.86 -26.19
C SER C 130 14.72 -60.96 -24.78
N THR C 131 13.84 -60.92 -23.79
CA THR C 131 14.27 -60.88 -22.40
C THR C 131 13.72 -62.01 -21.54
N LEU C 132 14.49 -62.36 -20.52
CA LEU C 132 14.00 -63.16 -19.41
C LEU C 132 14.03 -62.30 -18.16
N ILE C 133 12.89 -62.17 -17.52
CA ILE C 133 12.77 -61.40 -16.28
C ILE C 133 12.34 -62.36 -15.18
N ALA C 134 13.07 -62.31 -14.06
CA ALA C 134 12.92 -63.27 -12.97
C ALA C 134 13.07 -62.64 -11.60
N GLY C 135 12.33 -63.15 -10.62
CA GLY C 135 12.43 -62.69 -9.24
C GLY C 135 11.21 -63.02 -8.40
N PHE C 136 11.10 -62.34 -7.26
CA PHE C 136 9.98 -62.56 -6.33
C PHE C 136 9.27 -61.26 -6.00
N ASP C 137 7.94 -61.28 -6.12
CA ASP C 137 7.10 -60.18 -5.66
C ASP C 137 7.38 -59.87 -4.19
N PRO C 138 7.19 -58.59 -3.78
CA PRO C 138 7.41 -58.22 -2.39
C PRO C 138 6.62 -59.10 -1.40
N ARG C 139 7.27 -59.49 -0.31
CA ARG C 139 6.62 -60.24 0.79
C ARG C 139 6.19 -61.64 0.35
N ASP C 140 6.30 -62.33 -1.67
CA ASP C 140 6.00 -63.67 -2.09
C ASP C 140 7.24 -64.55 -1.93
N ASP C 141 7.03 -65.82 -1.60
CA ASP C 141 8.14 -66.77 -1.42
C ASP C 141 8.19 -67.78 -2.57
N GLU C 142 6.67 -67.45 -4.01
CA GLU C 142 6.40 -68.14 -5.25
C GLU C 142 7.25 -67.51 -6.35
N PRO C 143 8.26 -68.25 -6.83
CA PRO C 143 9.18 -67.73 -7.86
C PRO C 143 8.50 -67.38 -9.17
N LYS C 144 8.97 -66.31 -9.81
CA LYS C 144 8.39 -65.80 -11.05
C LYS C 144 9.40 -65.74 -12.16
N LEU C 145 8.99 -66.17 -13.36
CA LEU C 145 9.84 -66.11 -14.55
C LEU C 145 9.03 -65.75 -15.77
N TYR C 146 9.43 -64.69 -16.45
CA TYR C 146 8.73 -64.21 -17.63
C TYR C 146 9.66 -64.02 -18.82
N GLN C 147 9.08 -64.02 -20.01
CA GLN C 147 9.83 -63.80 -21.25
C GLN C 147 9.14 -62.76 -22.13
N THR C 148 9.91 -61.84 -22.69
CA THR C 148 9.37 -60.86 -23.64
C THR C 148 10.04 -61.02 -25.01
N GLU C 149 9.42 -60.45 -26.04
CA GLU C 149 10.01 -60.45 -27.39
C GLU C 149 9.72 -59.15 -28.17
N PRO C 150 10.50 -58.88 -29.25
CA PRO C 150 10.42 -57.62 -30.00
C PRO C 150 9.01 -57.14 -30.32
N SER C 151 8.08 -58.07 -30.51
CA SER C 151 6.70 -57.72 -30.82
C SER C 151 6.03 -57.01 -29.64
N GLY C 152 6.46 -57.36 -28.44
CA GLY C 152 5.85 -56.84 -27.23
C GLY C 152 5.05 -57.88 -26.47
N ILE C 153 5.03 -59.10 -27.00
CA ILE C 153 4.34 -60.21 -26.33
C ILE C 153 5.16 -60.74 -25.15
N TYR C 154 4.46 -61.10 -24.08
CA TYR C 154 5.10 -61.63 -22.90
C TYR C 154 4.23 -62.72 -22.26
N SER C 155 4.86 -63.60 -21.47
CA SER C 155 4.18 -64.69 -20.78
C SER C 155 5.12 -65.36 -19.77
N SER C 156 4.56 -66.10 -18.81
CA SER C 156 5.41 -66.79 -17.83
C SER C 156 5.68 -68.26 -18.16
N TRP C 157 6.88 -68.69 -17.79
CA TRP C 157 7.40 -70.00 -18.11
C TRP C 157 7.95 -70.65 -16.85
N SER C 158 7.76 -71.97 -16.73
CA SER C 158 8.40 -72.76 -15.67
C SER C 158 9.90 -72.73 -15.96
N ALA C 159 10.21 -72.86 -17.26
CA ALA C 159 11.58 -72.85 -17.75
C ALA C 159 11.55 -72.42 -19.21
N GLN C 160 12.52 -71.59 -19.59
CA GLN C 160 12.58 -71.06 -20.93
C GLN C 160 14.01 -70.73 -21.32
N THR C 161 14.25 -70.68 -22.62
CA THR C 161 15.55 -70.32 -23.15
C THR C 161 15.33 -69.48 -24.42
N ILE C 162 16.34 -68.70 -24.78
CA ILE C 162 16.27 -67.80 -25.94
C ILE C 162 17.67 -67.63 -26.53
N GLY C 163 17.73 -67.21 -27.79
CA GLY C 163 19.01 -66.99 -28.46
C GLY C 163 19.42 -68.15 -29.35
N ARG C 164 20.69 -68.17 -29.75
CA ARG C 164 21.20 -69.22 -30.63
C ARG C 164 21.15 -70.60 -29.97
N ASN C 165 20.67 -71.57 -30.75
CA ASN C 165 20.50 -72.94 -30.30
C ASN C 165 19.55 -73.09 -29.11
N SER C 166 18.67 -72.11 -28.93
CA SER C 166 17.62 -72.21 -27.90
C SER C 166 16.69 -73.37 -28.20
N LYS C 167 16.49 -73.64 -29.49
CA LYS C 167 15.73 -74.79 -29.97
C LYS C 167 16.22 -76.09 -29.30
N THR C 168 17.53 -76.30 -29.32
CA THR C 168 18.17 -77.45 -28.69
C THR C 168 17.91 -77.50 -27.18
N VAL C 169 18.29 -76.44 -26.47
CA VAL C 169 18.16 -76.41 -25.01
C VAL C 169 16.70 -76.47 -24.54
N ARG C 170 15.77 -75.94 -25.33
CA ARG C 170 14.36 -76.08 -25.00
C ARG C 170 13.95 -77.55 -24.95
N GLU C 171 14.33 -78.30 -25.99
CA GLU C 171 14.14 -79.75 -26.07
C GLU C 171 14.58 -80.43 -24.79
N PHE C 172 15.82 -80.19 -24.39
CA PHE C 172 16.35 -80.71 -23.15
C PHE C 172 15.42 -80.41 -21.97
N LEU C 173 15.11 -79.13 -21.76
CA LEU C 173 14.24 -78.72 -20.66
C LEU C 173 12.85 -79.35 -20.71
N GLU C 174 12.30 -79.51 -21.91
CA GLU C 174 10.96 -80.08 -22.07
C GLU C 174 10.87 -81.51 -21.57
N LYS C 175 11.84 -82.33 -21.96
CA LYS C 175 11.87 -83.73 -21.53
C LYS C 175 12.75 -83.93 -20.28
N ASN C 176 12.99 -82.85 -19.53
CA ASN C 176 13.80 -82.91 -18.31
C ASN C 176 13.21 -82.12 -17.15
N TYR C 177 12.20 -81.31 -17.42
CA TYR C 177 11.56 -80.51 -16.38
C TYR C 177 10.20 -81.10 -16.06
N ASP C 178 10.01 -81.45 -14.79
CA ASP C 178 8.73 -81.95 -14.32
C ASP C 178 8.08 -80.89 -13.44
N ARG C 179 6.85 -80.53 -13.79
CA ARG C 179 6.09 -79.54 -13.02
C ARG C 179 5.64 -80.08 -11.67
N LYS C 180 5.37 -81.38 -11.60
CA LYS C 180 4.95 -82.06 -10.36
C LYS C 180 6.02 -81.93 -9.27
N GLU C 181 7.28 -82.22 -9.63
CA GLU C 181 8.37 -82.21 -8.64
C GLU C 181 9.61 -81.46 -9.16
N PRO C 182 9.00 -79.05 -9.45
CA PRO C 182 10.18 -78.20 -9.64
C PRO C 182 11.38 -78.69 -8.82
N PRO C 183 12.61 -78.43 -9.33
CA PRO C 183 13.84 -78.68 -8.56
C PRO C 183 13.71 -78.18 -7.12
N ALA C 184 13.66 -79.12 -6.18
CA ALA C 184 13.37 -78.83 -4.76
C ALA C 184 14.35 -77.85 -4.09
N THR C 185 15.55 -77.74 -4.66
CA THR C 185 16.64 -76.98 -4.04
C THR C 185 17.30 -76.04 -5.04
N VAL C 186 17.96 -75.02 -4.51
CA VAL C 186 18.83 -74.14 -5.29
C VAL C 186 19.84 -74.97 -6.07
N GLU C 187 20.47 -75.93 -5.38
CA GLU C 187 21.54 -76.76 -5.96
C GLU C 187 21.08 -77.58 -7.16
N GLU C 188 20.00 -78.34 -7.01
CA GLU C 188 19.52 -79.16 -8.12
C GLU C 188 18.82 -78.34 -9.22
N CYS C 189 18.52 -77.08 -8.90
CA CYS C 189 18.02 -76.14 -9.89
C CYS C 189 19.17 -75.62 -10.76
N VAL C 190 20.24 -75.17 -10.11
CA VAL C 190 21.45 -74.71 -10.80
C VAL C 190 22.02 -75.81 -11.70
N LYS C 191 22.01 -77.05 -11.20
CA LYS C 191 22.56 -78.19 -11.92
C LYS C 191 21.79 -78.45 -13.20
N LEU C 192 20.46 -78.35 -13.13
CA LEU C 192 19.61 -78.50 -14.31
C LEU C 192 19.86 -77.39 -15.33
N THR C 193 20.18 -76.20 -14.83
CA THR C 193 20.44 -75.04 -15.67
C THR C 193 21.77 -75.18 -16.43
N VAL C 194 22.80 -75.66 -15.74
CA VAL C 194 24.09 -75.88 -16.37
C VAL C 194 23.98 -77.00 -17.41
N ARG C 195 23.30 -78.08 -17.04
CA ARG C 195 23.10 -79.22 -17.93
C ARG C 195 22.54 -78.80 -19.29
N SER C 196 21.53 -77.93 -19.26
CA SER C 196 20.87 -77.43 -20.46
C SER C 196 21.81 -76.60 -21.34
N LEU C 197 22.71 -75.85 -20.70
CA LEU C 197 23.71 -75.06 -21.42
C LEU C 197 24.84 -75.93 -21.98
N LEU C 198 25.11 -77.06 -21.32
CA LEU C 198 26.13 -77.98 -21.78
C LEU C 198 25.76 -78.69 -23.09
N GLU C 199 24.47 -78.68 -23.43
CA GLU C 199 24.00 -79.19 -24.72
C GLU C 199 24.44 -78.31 -25.90
N VAL C 200 24.68 -77.04 -25.61
CA VAL C 200 24.88 -76.02 -26.63
C VAL C 200 26.29 -75.40 -26.60
N VAL C 201 26.79 -75.16 -25.39
CA VAL C 201 28.05 -74.43 -25.21
C VAL C 201 29.29 -75.21 -25.65
N GLN C 202 29.28 -76.52 -25.43
CA GLN C 202 30.36 -77.43 -25.86
C GLN C 202 31.71 -77.06 -25.22
N THR C 203 31.83 -77.31 -23.91
CA THR C 203 33.05 -77.07 -23.11
C THR C 203 33.54 -75.61 -23.09
N GLY C 204 31.75 -75.69 -20.41
CA GLY C 204 32.31 -74.35 -20.57
C GLY C 204 32.47 -73.63 -19.24
N ALA C 205 33.49 -74.02 -18.49
CA ALA C 205 33.82 -73.38 -17.21
C ALA C 205 33.70 -71.85 -17.26
N LYS C 206 34.55 -71.21 -18.07
CA LYS C 206 34.51 -69.75 -18.22
C LYS C 206 33.47 -69.31 -19.28
N ASN C 207 32.83 -70.29 -19.92
CA ASN C 207 31.81 -70.02 -20.95
C ASN C 207 30.38 -70.04 -20.42
N ILE C 208 30.23 -70.26 -19.11
CA ILE C 208 28.91 -70.31 -18.47
C ILE C 208 28.89 -69.41 -17.24
N GLU C 209 27.91 -68.51 -17.18
CA GLU C 209 27.65 -67.76 -15.95
C GLU C 209 26.25 -68.03 -15.42
N ILE C 210 26.12 -68.05 -14.10
CA ILE C 210 24.89 -68.39 -13.41
C ILE C 210 24.59 -67.35 -12.33
N THR C 211 23.35 -66.87 -12.33
CA THR C 211 22.85 -66.02 -11.24
C THR C 211 21.71 -66.76 -10.54
N VAL C 212 21.69 -66.68 -9.20
CA VAL C 212 20.63 -67.30 -8.41
C VAL C 212 19.81 -66.24 -7.70
N VAL C 213 18.51 -66.23 -7.94
CA VAL C 213 17.61 -65.34 -7.22
C VAL C 213 16.71 -66.09 -6.24
N LYS C 214 16.88 -65.77 -4.96
CA LYS C 214 16.09 -66.34 -3.86
C LYS C 214 15.13 -65.26 -3.36
N PRO C 215 14.10 -65.65 -2.58
CA PRO C 215 13.13 -64.70 -2.03
C PRO C 215 13.76 -63.57 -1.22
N ASP C 216 13.01 -62.47 -1.06
CA ASP C 216 13.42 -61.27 -0.31
C ASP C 216 14.79 -60.71 -0.71
N SER C 217 14.95 -60.39 -2.00
CA SER C 217 16.12 -59.66 -2.51
C SER C 217 17.48 -60.32 -2.30
N ASP C 218 17.51 -61.64 -2.24
CA ASP C 218 18.75 -62.37 -2.11
C ASP C 218 19.24 -62.81 -3.50
N ILE C 219 20.12 -62.01 -4.09
CA ILE C 219 20.63 -62.27 -5.44
C ILE C 219 22.15 -62.39 -5.43
N VAL C 220 22.65 -63.52 -5.90
CA VAL C 220 24.09 -63.76 -5.98
C VAL C 220 24.48 -64.34 -7.35
N ALA C 221 25.62 -63.89 -7.87
CA ALA C 221 26.22 -64.49 -9.04
C ALA C 221 27.28 -65.49 -8.59
N LEU C 222 27.34 -66.65 -9.26
CA LEU C 222 28.33 -67.68 -8.93
C LEU C 222 29.69 -67.35 -9.56
N SER C 223 30.77 -67.76 -8.90
CA SER C 223 32.11 -67.62 -9.47
C SER C 223 32.38 -68.78 -10.43
N SER C 224 33.51 -68.70 -11.15
CA SER C 224 33.90 -69.74 -12.10
C SER C 224 34.06 -71.12 -11.45
N GLU C 225 34.68 -71.15 -10.27
CA GLU C 225 34.97 -72.40 -9.56
C GLU C 225 33.69 -73.09 -9.11
N GLU C 226 32.79 -72.31 -8.51
CA GLU C 226 31.49 -72.83 -8.07
C GLU C 226 30.72 -73.43 -9.26
N ILE C 227 30.74 -72.72 -10.39
CA ILE C 227 30.15 -73.20 -11.63
C ILE C 227 30.88 -74.44 -12.18
N ASN C 228 32.21 -74.39 -12.16
CA ASN C 228 33.04 -75.49 -12.66
C ASN C 228 32.88 -76.78 -11.87
N GLN C 229 32.58 -76.65 -10.57
CA GLN C 229 32.28 -77.80 -9.72
C GLN C 229 31.00 -78.51 -10.17
N TYR C 230 30.09 -77.75 -10.77
CA TYR C 230 28.88 -78.31 -11.37
C TYR C 230 29.19 -79.02 -12.68
N VAL C 231 30.04 -78.41 -13.50
CA VAL C 231 30.44 -78.98 -14.80
C VAL C 231 31.19 -80.30 -14.60
N THR C 232 32.09 -80.32 -13.61
CA THR C 232 32.88 -81.51 -13.29
C THR C 232 31.97 -82.68 -12.89
N GLN C 233 31.07 -82.43 -11.94
CA GLN C 233 30.16 -83.46 -11.45
C GLN C 233 29.23 -84.01 -12.54
N ILE C 234 28.74 -83.12 -13.39
CA ILE C 234 27.78 -83.49 -14.46
C ILE C 234 28.41 -84.42 -15.50
N GLU C 235 29.69 -84.22 -15.79
CA GLU C 235 30.40 -85.04 -16.77
C GLU C 235 30.82 -86.41 -16.21
N GLN C 236 30.89 -86.51 -14.89
CA GLN C 236 31.14 -87.79 -14.21
C GLN C 236 29.95 -88.74 -14.30
N GLU C 237 28.74 -88.17 -14.33
CA GLU C 237 27.51 -88.95 -14.47
C GLU C 237 27.46 -89.66 -15.83
N LYS C 238 27.95 -88.97 -16.87
CA LYS C 238 27.98 -89.50 -18.25
C LYS C 238 28.93 -90.70 -18.43
N GLN C 239 30.10 -90.62 -17.80
CA GLN C 239 31.10 -91.69 -17.90
C GLN C 239 30.78 -92.89 -17.01
N GLU C 240 30.06 -92.64 -15.91
CA GLU C 240 29.58 -93.71 -15.05
C GLU C 240 28.42 -94.50 -15.67
N GLN C 241 28.42 -94.58 -17.01
CA GLN C 241 27.39 -95.31 -17.75
C GLN C 241 27.90 -95.69 -19.14
N ASP D 1 9.14 -45.74 -51.70
CA ASP D 1 8.18 -46.85 -51.38
C ASP D 1 6.72 -46.42 -51.65
N ARG D 2 5.83 -46.63 -50.69
CA ARG D 2 4.40 -46.39 -50.85
C ARG D 2 3.81 -45.91 -49.53
N GLY D 3 3.05 -44.81 -49.59
CA GLY D 3 2.43 -44.22 -48.40
C GLY D 3 1.63 -45.24 -47.60
N VAL D 4 1.61 -45.10 -46.29
CA VAL D 4 0.93 -46.07 -45.42
C VAL D 4 -0.59 -45.95 -45.48
N SER D 5 -1.08 -44.86 -46.04
CA SER D 5 -2.52 -44.69 -46.27
C SER D 5 -2.80 -44.44 -47.75
N THR D 6 -2.39 -45.41 -48.56
CA THR D 6 -2.64 -45.43 -49.99
C THR D 6 -3.87 -46.30 -50.28
N PHE D 7 -4.68 -45.87 -51.24
CA PHE D 7 -5.78 -46.71 -51.72
C PHE D 7 -5.29 -47.67 -52.81
N SER D 8 -5.90 -48.86 -52.84
CA SER D 8 -5.72 -49.79 -53.96
C SER D 8 -6.68 -49.36 -55.08
N PRO D 9 -6.42 -49.80 -56.32
CA PRO D 9 -7.35 -49.47 -57.41
C PRO D 9 -8.79 -49.93 -57.17
N GLU D 10 -8.98 -50.90 -56.28
CA GLU D 10 -10.32 -51.37 -55.93
C GLU D 10 -10.97 -50.51 -54.85
N GLY D 11 -10.21 -49.56 -54.30
CA GLY D 11 -10.73 -48.59 -53.33
C GLY D 11 -10.66 -49.06 -51.90
N ARG D 12 -9.55 -49.71 -51.54
CA ARG D 12 -9.34 -50.21 -50.20
C ARG D 12 -7.99 -49.74 -49.72
N LEU D 13 -7.83 -49.63 -48.40
CA LEU D 13 -6.57 -49.20 -47.84
C LEU D 13 -5.65 -50.39 -47.66
N PHE D 14 -4.56 -50.39 -48.42
CA PHE D 14 -3.59 -51.47 -48.41
C PHE D 14 -3.28 -51.96 -46.99
N GLN D 15 -2.90 -51.03 -46.11
CA GLN D 15 -2.46 -51.41 -44.77
C GLN D 15 -3.54 -52.08 -43.92
N VAL D 16 -4.78 -51.60 -44.06
CA VAL D 16 -5.91 -52.18 -43.35
C VAL D 16 -6.15 -53.61 -43.82
N GLU D 17 -6.16 -53.81 -45.14
CA GLU D 17 -6.38 -55.13 -45.72
C GLU D 17 -5.32 -56.13 -45.31
N TYR D 18 -4.06 -55.69 -45.27
CA TYR D 18 -2.96 -56.55 -44.86
C TYR D 18 -3.07 -56.87 -43.37
N SER D 19 -3.47 -55.87 -42.59
CA SER D 19 -3.73 -56.01 -41.17
C SER D 19 -4.73 -57.14 -40.94
N LEU D 20 -5.77 -57.19 -41.78
CA LEU D 20 -6.79 -58.22 -41.70
C LEU D 20 -6.21 -59.62 -41.90
N GLU D 21 -5.14 -59.73 -42.67
CA GLU D 21 -4.47 -61.02 -42.89
C GLU D 21 -3.74 -61.49 -41.63
N ALA D 22 -3.19 -60.53 -40.87
CA ALA D 22 -2.52 -60.81 -39.60
C ALA D 22 -3.49 -61.41 -38.58
N ILE D 23 -4.74 -60.98 -38.66
CA ILE D 23 -5.78 -61.41 -37.73
C ILE D 23 -6.21 -62.85 -38.00
N LYS D 24 -6.26 -63.22 -39.29
CA LYS D 24 -6.59 -64.58 -39.70
C LYS D 24 -5.61 -65.62 -39.15
N LEU D 25 -4.40 -65.16 -38.81
CA LEU D 25 -3.35 -66.02 -38.24
C LEU D 25 -3.45 -66.16 -36.73
N GLY D 26 -4.35 -65.40 -36.11
CA GLY D 26 -4.49 -65.39 -34.66
C GLY D 26 -5.34 -66.52 -34.12
N SER D 27 -5.18 -66.77 -32.82
CA SER D 27 -6.00 -67.71 -32.06
C SER D 27 -7.48 -67.39 -32.15
N THR D 28 -8.28 -68.44 -32.15
CA THR D 28 -9.72 -68.31 -32.31
C THR D 28 -10.37 -67.68 -31.07
N ALA D 29 -11.31 -66.77 -31.31
CA ALA D 29 -12.14 -66.20 -30.26
C ALA D 29 -13.59 -66.24 -30.71
N ILE D 30 -14.48 -66.53 -29.77
CA ILE D 30 -15.91 -66.68 -30.08
C ILE D 30 -16.77 -65.99 -29.02
N GLY D 31 -17.75 -65.22 -29.48
CA GLY D 31 -18.73 -64.59 -28.60
C GLY D 31 -20.15 -64.93 -29.00
N ILE D 32 -20.99 -65.26 -28.00
CA ILE D 32 -22.42 -65.53 -28.21
C ILE D 32 -23.27 -64.68 -27.26
N ALA D 33 -24.21 -63.94 -27.81
CA ALA D 33 -25.12 -63.09 -27.04
C ALA D 33 -26.50 -63.74 -26.84
N THR D 34 -26.92 -63.86 -25.57
CA THR D 34 -28.25 -64.35 -25.23
C THR D 34 -28.99 -63.33 -24.37
N LYS D 35 -30.23 -63.63 -24.00
CA LYS D 35 -31.02 -62.74 -23.13
C LYS D 35 -30.66 -62.93 -21.65
N GLU D 36 -29.76 -63.87 -21.37
CA GLU D 36 -29.26 -64.13 -20.03
C GLU D 36 -27.80 -63.73 -19.88
N GLY D 37 -27.20 -63.21 -20.94
CA GLY D 37 -25.80 -62.84 -20.92
C GLY D 37 -25.07 -63.02 -22.22
N VAL D 38 -23.82 -62.57 -22.26
CA VAL D 38 -22.95 -62.78 -23.40
C VAL D 38 -21.78 -63.64 -22.94
N VAL D 39 -21.51 -64.72 -23.67
CA VAL D 39 -20.37 -65.60 -23.39
C VAL D 39 -19.21 -65.27 -24.33
N LEU D 40 -18.02 -65.19 -23.77
CA LEU D 40 -16.81 -64.97 -24.55
C LEU D 40 -15.79 -66.08 -24.28
N GLY D 41 -15.39 -66.77 -25.34
CA GLY D 41 -14.38 -67.83 -25.25
C GLY D 41 -13.21 -67.65 -26.19
N VAL D 42 -12.04 -68.13 -25.77
CA VAL D 42 -10.83 -68.08 -26.62
C VAL D 42 -9.99 -69.34 -26.55
N GLU D 43 -9.19 -69.53 -27.60
CA GLU D 43 -8.17 -70.55 -27.65
C GLU D 43 -6.89 -69.95 -27.07
N LYS D 44 -6.43 -70.48 -25.94
CA LYS D 44 -5.16 -70.06 -25.35
C LYS D 44 -3.97 -70.23 -26.33
N ARG D 45 -3.83 -71.43 -26.89
CA ARG D 45 -2.74 -71.78 -27.82
C ARG D 45 -1.34 -71.48 -27.30
N ALA D 46 -0.92 -72.20 -26.27
CA ALA D 46 0.46 -72.10 -25.80
C ALA D 46 1.40 -72.62 -26.89
N THR D 47 2.57 -72.01 -27.03
CA THR D 47 3.54 -72.43 -28.04
C THR D 47 4.47 -73.54 -27.53
N SER D 48 4.32 -73.91 -26.26
CA SER D 48 5.16 -74.93 -25.63
C SER D 48 4.52 -75.40 -24.32
N PRO D 49 4.76 -76.67 -23.94
CA PRO D 49 4.22 -77.16 -22.66
C PRO D 49 4.90 -76.55 -21.44
N LEU D 50 5.98 -75.80 -21.66
CA LEU D 50 6.69 -75.13 -20.56
C LEU D 50 6.09 -73.77 -20.23
N LEU D 51 5.28 -73.25 -21.15
CA LEU D 51 4.59 -71.99 -20.99
C LEU D 51 3.46 -72.18 -19.99
N GLU D 52 3.44 -71.35 -18.95
CA GLU D 52 2.37 -71.41 -17.95
C GLU D 52 1.09 -70.79 -18.51
N SER D 53 0.23 -71.65 -19.06
CA SER D 53 -0.90 -71.24 -19.88
C SER D 53 -1.84 -70.20 -19.28
N ASP D 54 -1.95 -70.16 -17.96
CA ASP D 54 -2.90 -69.23 -17.32
C ASP D 54 -2.41 -67.77 -17.35
N SER D 55 -1.14 -67.57 -17.69
CA SER D 55 -0.61 -66.25 -17.94
C SER D 55 -0.95 -65.75 -19.36
N ILE D 56 -1.68 -66.56 -20.12
CA ILE D 56 -2.19 -66.13 -21.42
C ILE D 56 -3.50 -65.40 -21.18
N GLU D 57 -3.48 -64.10 -21.45
CA GLU D 57 -4.59 -63.20 -21.14
C GLU D 57 -5.16 -62.62 -22.43
N LYS D 58 -6.20 -63.27 -22.95
CA LYS D 58 -6.82 -62.87 -24.20
C LYS D 58 -8.28 -62.49 -23.99
N ILE D 59 -8.76 -62.68 -22.76
CA ILE D 59 -10.04 -62.13 -22.35
C ILE D 59 -9.78 -61.15 -21.21
N VAL D 60 -10.21 -59.90 -21.39
CA VAL D 60 -9.92 -58.83 -20.42
C VAL D 60 -11.17 -58.06 -20.02
N GLU D 61 -11.20 -57.57 -18.78
CA GLU D 61 -12.25 -56.67 -18.31
C GLU D 61 -11.99 -55.22 -18.74
N ILE D 62 -13.00 -54.58 -19.31
CA ILE D 62 -12.97 -53.14 -19.57
C ILE D 62 -13.60 -52.39 -18.38
N ASP D 63 -14.79 -52.81 -17.99
CA ASP D 63 -15.49 -52.29 -16.81
C ASP D 63 -16.36 -53.43 -16.26
N ARG D 64 -17.05 -53.21 -15.13
CA ARG D 64 -17.90 -54.27 -14.58
C ARG D 64 -18.92 -54.81 -15.59
N HIS D 65 -19.32 -53.97 -16.54
CA HIS D 65 -20.37 -54.33 -17.50
C HIS D 65 -19.85 -54.56 -18.93
N ILE D 66 -18.54 -54.44 -19.13
CA ILE D 66 -17.94 -54.64 -20.44
C ILE D 66 -16.65 -55.44 -20.32
N GLY D 67 -16.57 -56.53 -21.08
CA GLY D 67 -15.34 -57.30 -21.21
C GLY D 67 -15.06 -57.49 -22.68
N CYS D 68 -13.85 -57.92 -23.01
CA CYS D 68 -13.53 -58.19 -24.41
C CYS D 68 -12.53 -59.33 -24.65
N ALA D 69 -12.57 -59.86 -25.86
CA ALA D 69 -11.68 -60.93 -26.28
C ALA D 69 -10.92 -60.46 -27.52
N MET D 70 -9.70 -60.96 -27.69
CA MET D 70 -8.86 -60.49 -28.78
C MET D 70 -8.40 -61.62 -29.68
N SER D 71 -8.06 -61.26 -30.91
CA SER D 71 -7.47 -62.18 -31.88
C SER D 71 -6.52 -61.46 -32.84
N GLY D 72 -5.31 -61.99 -32.96
CA GLY D 72 -4.32 -61.45 -33.87
C GLY D 72 -3.06 -61.09 -33.12
N LEU D 73 -2.44 -59.97 -33.52
CA LEU D 73 -1.28 -59.46 -32.81
C LEU D 73 -1.73 -58.88 -31.48
N THR D 74 -1.70 -59.73 -30.45
CA THR D 74 -2.29 -59.43 -29.16
C THR D 74 -1.60 -58.33 -28.36
N ALA D 75 -0.30 -58.13 -28.62
CA ALA D 75 0.44 -57.05 -27.95
C ALA D 75 -0.14 -55.69 -28.36
N ASP D 76 -0.57 -55.59 -29.62
CA ASP D 76 -1.28 -54.44 -30.17
C ASP D 76 -2.56 -54.10 -29.41
N ALA D 77 -3.08 -55.05 -28.63
CA ALA D 77 -4.35 -54.82 -27.95
C ALA D 77 -4.21 -54.08 -26.61
N ARG D 78 -3.00 -54.04 -26.05
CA ARG D 78 -2.83 -53.45 -24.71
C ARG D 78 -3.28 -52.00 -24.65
N SER D 79 -2.79 -51.17 -25.59
CA SER D 79 -3.13 -49.75 -25.59
C SER D 79 -4.59 -49.48 -25.98
N MET D 80 -5.19 -50.42 -26.72
CA MET D 80 -6.63 -50.39 -27.03
C MET D 80 -7.48 -50.63 -25.78
N ILE D 81 -7.03 -51.56 -24.93
CA ILE D 81 -7.73 -51.87 -23.69
C ILE D 81 -7.58 -50.69 -22.71
N GLU D 82 -6.37 -50.15 -22.64
CA GLU D 82 -6.07 -49.02 -21.79
C GLU D 82 -6.98 -47.85 -22.13
N HIS D 83 -7.14 -47.60 -23.43
CA HIS D 83 -8.03 -46.54 -23.91
C HIS D 83 -9.48 -46.82 -23.54
N ALA D 84 -9.90 -48.07 -23.74
CA ALA D 84 -11.26 -48.51 -23.42
C ALA D 84 -11.59 -48.34 -21.93
N ARG D 85 -10.67 -48.76 -21.08
CA ARG D 85 -10.88 -48.66 -19.64
C ARG D 85 -11.03 -47.21 -19.22
N THR D 86 -10.05 -46.40 -19.61
CA THR D 86 -10.09 -44.94 -19.41
C THR D 86 -11.39 -44.30 -19.93
N ALA D 87 -11.84 -44.67 -21.12
CA ALA D 87 -13.09 -44.13 -21.65
C ALA D 87 -14.27 -44.46 -20.74
N ALA D 88 -14.27 -45.67 -20.20
CA ALA D 88 -15.37 -46.15 -19.36
C ALA D 88 -15.38 -45.46 -18.01
N VAL D 89 -14.22 -45.47 -17.36
CA VAL D 89 -14.06 -44.81 -16.06
C VAL D 89 -14.31 -43.31 -16.22
N THR D 90 -13.66 -42.68 -17.20
CA THR D 90 -13.86 -41.27 -17.52
C THR D 90 -15.35 -40.93 -17.71
N HIS D 91 -16.07 -41.73 -18.51
CA HIS D 91 -17.47 -41.45 -18.75
C HIS D 91 -18.21 -41.41 -17.42
N ASN D 92 -17.89 -42.38 -16.56
CA ASN D 92 -18.49 -42.46 -15.26
C ASN D 92 -18.15 -41.27 -14.36
N LEU D 93 -16.93 -40.75 -14.52
CA LEU D 93 -16.52 -39.57 -13.76
C LEU D 93 -17.30 -38.34 -14.20
N TYR D 94 -17.53 -38.20 -15.49
CA TYR D 94 -18.26 -37.04 -16.04
C TYR D 94 -19.77 -37.15 -15.91
N TYR D 95 -20.32 -38.37 -15.90
CA TYR D 95 -21.77 -38.54 -16.01
C TYR D 95 -22.43 -39.36 -14.90
N ASP D 96 -21.64 -39.81 -13.93
CA ASP D 96 -22.17 -40.55 -12.78
C ASP D 96 -23.10 -41.70 -13.26
N GLU D 97 -22.60 -42.49 -14.20
CA GLU D 97 -23.36 -43.55 -14.87
C GLU D 97 -22.42 -44.47 -15.65
N ASP D 98 -22.94 -45.61 -16.10
CA ASP D 98 -22.17 -46.54 -16.94
C ASP D 98 -22.19 -46.08 -18.39
N ILE D 99 -21.02 -46.19 -19.03
CA ILE D 99 -20.94 -45.98 -20.47
C ILE D 99 -21.74 -47.09 -21.19
N ASN D 100 -22.45 -46.71 -22.24
CA ASN D 100 -23.08 -47.67 -23.14
C ASN D 100 -22.02 -48.48 -23.88
N VAL D 101 -22.29 -49.78 -24.07
CA VAL D 101 -21.39 -50.71 -24.80
C VAL D 101 -21.06 -50.19 -26.21
N GLU D 102 -22.06 -49.66 -26.91
CA GLU D 102 -21.91 -49.11 -28.26
C GLU D 102 -20.99 -47.88 -28.29
N SER D 103 -21.20 -46.97 -27.33
CA SER D 103 -20.36 -45.77 -27.19
C SER D 103 -18.92 -46.13 -26.88
N LEU D 104 -18.72 -47.14 -26.04
CA LEU D 104 -17.39 -47.64 -25.73
C LEU D 104 -16.70 -48.20 -26.98
N THR D 105 -17.45 -48.95 -27.78
CA THR D 105 -16.90 -49.60 -28.97
C THR D 105 -16.50 -48.53 -29.99
N GLN D 106 -17.40 -47.58 -30.20
CA GLN D 106 -17.16 -46.43 -31.06
C GLN D 106 -15.90 -45.65 -30.65
N SER D 107 -15.71 -45.46 -29.35
CA SER D 107 -14.51 -44.79 -28.87
C SER D 107 -13.26 -45.54 -29.29
N VAL D 108 -13.23 -46.85 -29.03
CA VAL D 108 -12.12 -47.72 -29.42
C VAL D 108 -11.88 -47.69 -30.92
N CYS D 109 -12.95 -47.71 -31.70
CA CYS D 109 -12.83 -47.67 -33.15
C CYS D 109 -12.30 -46.34 -33.68
N ASP D 110 -12.49 -45.28 -32.90
CA ASP D 110 -11.96 -43.96 -33.24
C ASP D 110 -10.44 -44.00 -33.28
N LEU D 111 -9.82 -44.75 -32.36
CA LEU D 111 -8.36 -44.94 -32.34
C LEU D 111 -7.83 -45.57 -33.62
N ALA D 112 -8.63 -46.49 -34.16
CA ALA D 112 -8.18 -47.37 -35.24
C ALA D 112 -7.63 -46.63 -36.45
N LEU D 113 -8.33 -45.61 -36.94
CA LEU D 113 -7.87 -44.91 -38.14
C LEU D 113 -6.84 -43.80 -37.88
N ARG D 114 -6.42 -43.64 -36.63
CA ARG D 114 -5.38 -42.66 -36.26
C ARG D 114 -3.96 -43.16 -36.54
N PHE D 115 -3.73 -43.71 -37.73
CA PHE D 115 -2.39 -44.09 -38.15
C PHE D 115 -1.98 -43.27 -39.37
N GLY D 116 -0.69 -43.27 -39.68
CA GLY D 116 -0.15 -42.53 -40.82
C GLY D 116 1.16 -41.83 -40.54
N GLU D 117 1.66 -41.10 -41.54
CA GLU D 117 2.91 -40.34 -41.43
C GLU D 117 2.68 -38.81 -41.42
N GLY D 118 1.49 -38.41 -40.96
CA GLY D 118 1.06 -37.00 -40.96
C GLY D 118 -0.04 -36.71 -41.98
N ALA D 119 -1.28 -37.08 -41.64
CA ALA D 119 -2.44 -36.91 -42.54
C ALA D 119 -3.26 -35.65 -42.23
N SER D 120 -3.46 -34.82 -43.25
CA SER D 120 -4.16 -33.53 -43.14
C SER D 120 -5.64 -33.67 -42.76
N GLY D 121 -5.95 -33.42 -41.49
CA GLY D 121 -7.33 -33.54 -40.98
C GLY D 121 -7.43 -33.18 -39.50
N GLU D 122 -6.39 -33.56 -38.75
CA GLU D 122 -6.28 -33.22 -37.33
C GLU D 122 -4.81 -33.05 -36.89
N GLU D 123 -4.07 -35.30 -35.07
CA GLU D 123 -2.65 -35.63 -35.18
C GLU D 123 -2.46 -37.14 -35.11
N ARG D 124 -2.60 -37.80 -36.26
CA ARG D 124 -2.45 -39.27 -36.34
C ARG D 124 -1.00 -39.74 -36.26
N LEU D 125 -0.51 -39.87 -35.03
CA LEU D 125 0.82 -40.43 -34.78
C LEU D 125 0.73 -41.89 -34.30
N MET D 126 0.64 -42.78 -35.29
CA MET D 126 0.74 -44.21 -35.10
C MET D 126 1.18 -44.68 -36.48
N SER D 127 2.25 -45.47 -36.55
CA SER D 127 2.88 -45.76 -37.83
C SER D 127 2.13 -46.75 -38.71
N ARG D 128 1.25 -47.55 -38.10
CA ARG D 128 0.51 -48.62 -38.80
C ARG D 128 -0.82 -48.88 -38.08
N PRO D 129 -1.79 -49.50 -38.78
CA PRO D 129 -3.02 -49.93 -38.11
C PRO D 129 -2.74 -51.00 -37.05
N PHE D 130 -3.68 -51.23 -36.16
CA PHE D 130 -3.56 -52.32 -35.18
C PHE D 130 -3.69 -53.65 -35.90
N GLY D 131 -2.95 -54.66 -35.42
CA GLY D 131 -3.00 -55.99 -36.03
C GLY D 131 -3.83 -56.96 -35.22
N VAL D 132 -4.91 -56.47 -34.63
CA VAL D 132 -5.75 -57.27 -33.74
C VAL D 132 -7.23 -56.91 -33.91
N ALA D 133 -8.10 -57.91 -33.90
CA ALA D 133 -9.53 -57.65 -33.86
C ALA D 133 -10.03 -57.91 -32.44
N LEU D 134 -11.14 -57.27 -32.09
CA LEU D 134 -11.67 -57.39 -30.75
C LEU D 134 -13.14 -57.75 -30.77
N LEU D 135 -13.53 -58.59 -29.81
CA LEU D 135 -14.93 -58.85 -29.54
C LEU D 135 -15.26 -58.16 -28.23
N ILE D 136 -16.07 -57.12 -28.30
CA ILE D 136 -16.47 -56.36 -27.12
C ILE D 136 -17.87 -56.76 -26.72
N ALA D 137 -18.00 -57.29 -25.50
CA ALA D 137 -19.28 -57.76 -24.98
C ALA D 137 -19.67 -57.03 -23.69
N GLY D 138 -20.97 -56.73 -23.55
CA GLY D 138 -21.46 -56.16 -22.31
C GLY D 138 -22.95 -55.97 -22.16
N HIS D 139 -23.33 -55.24 -21.11
CA HIS D 139 -24.72 -54.91 -20.83
C HIS D 139 -24.91 -53.44 -20.49
N ASP D 140 -26.01 -52.87 -20.93
CA ASP D 140 -26.43 -51.54 -20.48
C ASP D 140 -27.95 -51.46 -20.46
N ALA D 141 -28.50 -50.43 -19.81
CA ALA D 141 -29.94 -50.33 -19.58
C ALA D 141 -30.76 -50.23 -20.86
N ASP D 142 -30.22 -49.55 -21.88
CA ASP D 142 -30.98 -49.14 -23.06
C ASP D 142 -31.13 -50.22 -24.14
N ASP D 143 -30.00 -50.76 -24.61
CA ASP D 143 -29.98 -51.75 -25.67
C ASP D 143 -29.41 -53.06 -25.16
N GLY D 144 -29.53 -53.64 -23.16
CA GLY D 144 -29.36 -55.09 -23.03
C GLY D 144 -27.99 -55.61 -23.43
N TYR D 145 -27.94 -56.93 -23.60
CA TYR D 145 -26.71 -57.64 -23.90
C TYR D 145 -26.30 -57.46 -25.35
N GLN D 146 -25.03 -57.11 -25.55
CA GLN D 146 -24.54 -56.72 -26.86
C GLN D 146 -23.18 -57.33 -27.14
N LEU D 147 -22.96 -57.69 -28.39
CA LEU D 147 -21.67 -58.19 -28.84
C LEU D 147 -21.24 -57.38 -30.06
N PHE D 148 -20.02 -56.85 -30.01
CA PHE D 148 -19.50 -56.07 -31.12
C PHE D 148 -18.18 -56.62 -31.62
N HIS D 149 -18.00 -56.54 -32.93
CA HIS D 149 -16.75 -56.92 -33.54
C HIS D 149 -16.07 -55.64 -34.04
N ALA D 150 -14.97 -55.30 -33.37
CA ALA D 150 -14.22 -54.09 -33.66
C ALA D 150 -12.99 -54.42 -34.50
N GLU D 151 -12.95 -53.90 -35.73
CA GLU D 151 -11.85 -54.15 -36.66
C GLU D 151 -10.90 -52.96 -36.78
N PRO D 152 -9.66 -53.22 -37.20
CA PRO D 152 -8.66 -52.17 -37.40
C PRO D 152 -9.00 -51.19 -38.53
N SER D 153 -10.15 -51.39 -39.18
CA SER D 153 -10.63 -50.49 -40.22
C SER D 153 -11.42 -49.33 -39.63
N GLY D 154 -11.66 -49.40 -38.32
CA GLY D 154 -12.50 -48.43 -37.64
C GLY D 154 -13.97 -48.81 -37.67
N THR D 155 -14.33 -49.82 -38.44
CA THR D 155 -15.73 -50.25 -38.47
C THR D 155 -16.01 -51.31 -37.40
N PHE D 156 -17.24 -51.33 -36.93
CA PHE D 156 -17.65 -52.29 -35.93
C PHE D 156 -19.06 -52.72 -36.25
N TYR D 157 -19.31 -54.01 -36.08
CA TYR D 157 -20.60 -54.59 -36.36
C TYR D 157 -21.12 -55.21 -35.08
N ARG D 158 -22.43 -55.20 -34.92
CA ARG D 158 -23.05 -55.89 -33.81
C ARG D 158 -23.45 -57.32 -34.24
N TYR D 159 -23.15 -58.31 -33.41
CA TYR D 159 -23.42 -59.70 -33.74
C TYR D 159 -24.21 -60.41 -32.66
N ASN D 160 -25.08 -61.32 -33.09
CA ASN D 160 -25.69 -62.30 -32.19
C ASN D 160 -24.67 -63.35 -31.75
N ALA D 161 -23.78 -63.71 -32.67
CA ALA D 161 -22.63 -64.57 -32.41
C ALA D 161 -21.56 -64.28 -33.45
N LYS D 162 -20.30 -64.37 -33.06
CA LYS D 162 -19.19 -64.03 -33.95
C LYS D 162 -17.91 -64.75 -33.57
N ALA D 163 -17.20 -65.23 -34.58
CA ALA D 163 -15.89 -65.84 -34.38
C ALA D 163 -14.83 -65.07 -35.16
N ILE D 164 -13.67 -64.90 -34.53
CA ILE D 164 -12.54 -64.22 -35.15
C ILE D 164 -11.29 -65.07 -34.97
N GLY D 165 -10.34 -64.94 -35.89
CA GLY D 165 -9.10 -65.71 -35.85
C GLY D 165 -9.03 -66.86 -36.86
N SER D 166 -8.10 -67.77 -36.62
CA SER D 166 -7.76 -68.80 -37.59
C SER D 166 -8.95 -69.65 -38.06
N GLY D 167 -9.77 -70.12 -37.12
CA GLY D 167 -10.87 -71.00 -37.49
C GLY D 167 -12.19 -70.30 -37.73
N SER D 168 -12.14 -69.00 -38.04
CA SER D 168 -13.33 -68.13 -37.98
C SER D 168 -14.39 -68.41 -39.04
N GLU D 169 -13.98 -68.60 -40.29
CA GLU D 169 -14.92 -68.89 -41.38
C GLU D 169 -15.66 -70.21 -41.16
N GLY D 170 -14.95 -71.20 -40.61
CA GLY D 170 -15.53 -72.48 -40.25
C GLY D 170 -16.48 -72.32 -39.08
N ALA D 171 -15.98 -71.74 -38.01
CA ALA D 171 -16.78 -71.49 -36.80
C ALA D 171 -18.03 -70.67 -37.07
N GLN D 172 -17.95 -69.74 -38.02
CA GLN D 172 -19.05 -68.82 -38.32
C GLN D 172 -20.23 -69.55 -38.95
N ALA D 173 -19.92 -70.48 -39.85
CA ALA D 173 -20.96 -71.31 -40.48
C ALA D 173 -21.68 -72.16 -39.43
N GLU D 174 -20.91 -72.64 -38.46
CA GLU D 174 -21.44 -73.43 -37.35
C GLU D 174 -22.32 -72.58 -36.45
N LEU D 175 -21.91 -71.34 -36.22
CA LEU D 175 -22.71 -70.39 -35.43
C LEU D 175 -23.98 -70.01 -36.17
N LEU D 176 -23.88 -69.84 -37.48
CA LEU D 176 -25.03 -69.57 -38.33
C LEU D 176 -26.17 -70.56 -38.06
N ASN D 177 -25.82 -71.83 -37.87
CA ASN D 177 -26.81 -72.91 -37.72
C ASN D 177 -27.34 -73.04 -36.30
N GLU D 178 -26.48 -72.83 -35.31
CA GLU D 178 -26.76 -73.17 -33.92
C GLU D 178 -27.49 -72.09 -33.12
N TRP D 179 -27.35 -70.84 -33.54
CA TRP D 179 -27.87 -69.72 -32.77
C TRP D 179 -29.36 -69.48 -33.00
N HIS D 180 -30.09 -69.28 -31.90
CA HIS D 180 -31.50 -68.87 -31.92
C HIS D 180 -31.80 -67.93 -30.74
N SER D 181 -32.82 -67.08 -30.91
CA SER D 181 -33.11 -66.01 -29.95
C SER D 181 -33.57 -66.48 -28.55
N SER D 182 -33.94 -67.76 -28.44
CA SER D 182 -34.43 -68.31 -27.18
C SER D 182 -33.27 -68.85 -26.38
N LEU D 183 -31.10 -69.13 -27.16
CA LEU D 183 -30.24 -69.90 -26.27
C LEU D 183 -30.35 -69.42 -24.82
N THR D 184 -30.07 -70.32 -23.88
CA THR D 184 -29.84 -69.93 -22.50
C THR D 184 -28.35 -69.66 -22.36
N LEU D 185 -27.93 -69.13 -21.20
CA LEU D 185 -26.51 -68.91 -20.95
C LEU D 185 -25.74 -70.23 -20.98
N LYS D 186 -26.25 -71.23 -20.26
CA LYS D 186 -25.65 -72.57 -20.23
C LYS D 186 -25.49 -73.19 -21.61
N GLU D 187 -26.51 -73.03 -22.45
CA GLU D 187 -26.47 -73.53 -23.82
C GLU D 187 -25.42 -72.79 -24.63
N ALA D 188 -25.24 -71.50 -24.34
CA ALA D 188 -24.25 -70.68 -25.04
C ALA D 188 -22.81 -71.02 -24.63
N GLU D 189 -22.58 -71.26 -23.35
CA GLU D 189 -21.29 -71.71 -22.86
C GLU D 189 -20.87 -73.00 -23.59
N LEU D 190 -21.75 -74.00 -23.53
CA LEU D 190 -21.57 -75.28 -24.20
C LEU D 190 -21.30 -75.13 -25.69
N LEU D 191 -22.00 -74.19 -26.30
CA LEU D 191 -21.92 -73.97 -27.74
C LEU D 191 -20.60 -73.32 -28.15
N VAL D 192 -20.05 -72.46 -27.30
CA VAL D 192 -18.74 -71.86 -27.59
C VAL D 192 -17.67 -72.95 -27.47
N LEU D 193 -17.80 -73.72 -26.39
CA LEU D 193 -16.86 -74.79 -26.06
C LEU D 193 -16.82 -75.84 -27.19
N LYS D 194 -17.99 -76.16 -27.74
CA LYS D 194 -18.12 -77.12 -28.82
C LYS D 194 -17.48 -76.62 -30.12
N ILE D 195 -17.82 -75.38 -30.51
CA ILE D 195 -17.29 -74.80 -31.75
C ILE D 195 -15.76 -74.64 -31.67
N LEU D 196 -15.26 -74.20 -30.50
CA LEU D 196 -13.83 -74.08 -30.26
C LEU D 196 -13.14 -75.43 -30.35
N LYS D 197 -13.83 -76.48 -29.90
CA LYS D 197 -13.32 -77.85 -29.94
C LYS D 197 -13.16 -78.36 -31.36
N GLN D 198 -14.12 -78.05 -32.24
CA GLN D 198 -14.03 -78.42 -33.65
C GLN D 198 -12.80 -77.80 -34.34
N VAL D 199 -12.64 -76.48 -34.24
CA VAL D 199 -11.61 -75.76 -35.00
C VAL D 199 -10.19 -75.87 -34.44
N MET D 200 -10.05 -76.09 -33.14
CA MET D 200 -8.73 -76.19 -32.52
C MET D 200 -7.90 -77.35 -33.07
N GLU D 201 -6.62 -77.09 -33.32
CA GLU D 201 -5.68 -78.12 -33.76
C GLU D 201 -5.63 -79.22 -32.71
N GLU D 202 -5.13 -78.32 -30.76
CA GLU D 202 -4.94 -79.41 -29.81
C GLU D 202 -6.29 -79.98 -29.37
N LYS D 203 -6.24 -80.97 -28.49
CA LYS D 203 -7.42 -81.44 -27.79
C LYS D 203 -7.83 -80.38 -26.78
N LEU D 204 -8.98 -79.74 -27.00
CA LEU D 204 -9.48 -78.72 -26.09
C LEU D 204 -9.68 -79.26 -24.68
N ASP D 205 -9.02 -78.63 -23.71
CA ASP D 205 -9.25 -78.90 -22.29
C ASP D 205 -9.42 -77.58 -21.54
N GLU D 206 -9.43 -77.63 -20.21
CA GLU D 206 -9.60 -76.42 -19.43
C GLU D 206 -8.35 -75.54 -19.38
N ASN D 207 -7.28 -75.99 -20.04
CA ASN D 207 -6.00 -75.27 -20.00
C ASN D 207 -5.62 -74.54 -21.28
N ASN D 208 -5.89 -75.15 -22.43
CA ASN D 208 -5.46 -74.57 -23.70
C ASN D 208 -6.51 -73.67 -24.33
N ALA D 209 -8.28 -73.66 -23.19
CA ALA D 209 -9.21 -72.64 -23.62
C ALA D 209 -9.85 -72.00 -22.42
N GLN D 210 -10.43 -70.82 -22.62
CA GLN D 210 -10.94 -70.04 -21.51
C GLN D 210 -12.30 -69.46 -21.83
N LEU D 211 -13.19 -69.55 -20.84
CA LEU D 211 -14.56 -69.05 -20.96
C LEU D 211 -14.83 -67.90 -19.99
N SER D 212 -15.81 -67.09 -20.34
CA SER D 212 -16.18 -65.92 -19.57
C SER D 212 -17.55 -65.48 -20.03
N CYS D 213 -18.24 -64.74 -19.17
CA CYS D 213 -19.49 -64.12 -19.56
C CYS D 213 -19.62 -62.74 -18.96
N ILE D 214 -20.63 -62.03 -19.43
CA ILE D 214 -21.05 -60.82 -18.76
C ILE D 214 -22.57 -60.91 -18.59
N THR D 215 -23.00 -60.87 -17.34
CA THR D 215 -24.42 -60.79 -17.01
C THR D 215 -24.70 -59.45 -16.31
N LYS D 216 -25.95 -59.00 -16.39
CA LYS D 216 -26.39 -57.80 -15.67
C LYS D 216 -26.14 -57.91 -14.16
N GLN D 217 -26.46 -59.07 -13.58
CA GLN D 217 -26.41 -59.25 -12.12
C GLN D 217 -24.99 -59.24 -11.54
N ASP D 218 -24.08 -60.02 -12.13
CA ASP D 218 -22.75 -60.22 -11.53
C ASP D 218 -21.60 -59.55 -12.31
N GLY D 219 -21.94 -58.93 -13.43
CA GLY D 219 -20.94 -58.24 -14.23
C GLY D 219 -20.12 -59.20 -15.08
N PHE D 220 -18.91 -58.76 -15.45
CA PHE D 220 -18.02 -59.54 -16.27
C PHE D 220 -17.19 -60.50 -15.42
N LYS D 221 -17.26 -61.79 -15.74
CA LYS D 221 -16.51 -62.81 -15.01
C LYS D 221 -15.67 -63.65 -15.97
N ILE D 222 -14.45 -63.95 -15.56
CA ILE D 222 -13.63 -64.94 -16.26
C ILE D 222 -13.72 -66.22 -15.46
N TYR D 223 -14.30 -67.26 -16.08
CA TYR D 223 -14.46 -68.55 -15.42
C TYR D 223 -13.08 -69.12 -15.09
N ASP D 224 -12.89 -69.54 -13.85
CA ASP D 224 -11.67 -70.26 -13.47
C ASP D 224 -11.67 -71.68 -14.09
N ASN D 225 -10.50 -72.30 -14.11
CA ASN D 225 -10.30 -73.55 -14.83
C ASN D 225 -11.19 -74.72 -14.38
N GLU D 226 -11.35 -74.88 -13.06
CA GLU D 226 -12.24 -75.88 -12.47
C GLU D 226 -13.69 -75.78 -12.94
N LYS D 227 -14.19 -74.55 -13.12
CA LYS D 227 -15.56 -74.35 -13.59
C LYS D 227 -15.72 -74.74 -15.05
N THR D 228 -14.74 -74.38 -15.87
CA THR D 228 -14.79 -74.67 -17.30
C THR D 228 -14.63 -76.18 -17.55
N ALA D 229 -13.74 -76.81 -16.77
CA ALA D 229 -13.50 -78.25 -16.89
C ALA D 229 -14.79 -79.06 -16.74
N GLU D 230 -15.63 -78.69 -15.77
CA GLU D 230 -16.92 -79.32 -15.56
C GLU D 230 -17.89 -79.12 -16.72
N LEU D 231 -17.79 -77.98 -17.39
CA LEU D 231 -18.59 -77.69 -18.57
C LEU D 231 -18.11 -78.48 -19.79
N ILE D 232 -16.81 -78.82 -19.81
CA ILE D 232 -16.21 -79.54 -20.93
C ILE D 232 -16.71 -80.98 -20.99
N LYS D 233 -16.43 -82.00 -19.00
CA LYS D 233 -17.26 -83.15 -18.66
C LYS D 233 -18.65 -83.07 -19.33
N GLU D 234 -19.37 -81.97 -19.11
CA GLU D 234 -20.79 -81.87 -19.47
C GLU D 234 -21.12 -81.84 -20.96
N LEU D 235 -20.26 -81.24 -21.77
CA LEU D 235 -20.47 -81.18 -23.21
C LEU D 235 -20.25 -82.56 -23.86
N LYS D 236 -19.29 -83.29 -23.32
CA LYS D 236 -18.94 -84.63 -23.80
C LYS D 236 -20.09 -85.62 -23.52
N GLU D 237 -20.69 -85.51 -22.34
CA GLU D 237 -21.81 -86.38 -21.93
C GLU D 237 -23.08 -86.16 -22.76
N LYS D 238 -23.29 -84.95 -23.29
CA LYS D 238 -24.45 -84.67 -24.13
C LYS D 238 -24.25 -85.08 -25.58
N GLU D 239 -23.01 -84.98 -26.06
CA GLU D 239 -22.66 -85.45 -27.41
C GLU D 239 -22.66 -86.98 -27.47
N ALA D 240 -22.30 -87.62 -26.36
CA ALA D 240 -22.37 -89.08 -26.24
C ALA D 240 -23.81 -89.58 -26.15
N ALA D 241 -24.69 -88.76 -25.57
CA ALA D 241 -26.10 -89.08 -25.41
C ALA D 241 -26.89 -89.09 -26.73
N GLU D 242 -26.29 -88.54 -27.78
CA GLU D 242 -26.74 -88.67 -29.19
C GLU D 242 -25.84 -87.84 -30.09
N PHE E 1 2.64 -46.75 -67.35
CA PHE E 1 1.66 -45.64 -67.12
C PHE E 1 1.15 -45.67 -65.67
N ARG E 2 -0.16 -45.89 -65.51
CA ARG E 2 -0.92 -45.70 -64.25
C ARG E 2 -0.15 -46.00 -62.98
N ASN E 3 0.52 -47.17 -62.96
CA ASN E 3 1.27 -47.64 -61.80
C ASN E 3 2.30 -46.63 -61.27
N ASN E 4 2.87 -45.85 -62.18
CA ASN E 4 3.89 -44.86 -61.83
C ASN E 4 3.37 -43.54 -61.26
N TYR E 5 2.06 -43.33 -61.36
CA TYR E 5 1.45 -42.05 -61.00
C TYR E 5 0.33 -42.15 -59.95
N ASP E 6 0.15 -43.34 -59.36
CA ASP E 6 -0.93 -43.54 -58.39
C ASP E 6 -0.44 -43.77 -56.96
N GLY E 7 0.84 -43.45 -56.72
CA GLY E 7 1.47 -43.66 -55.42
C GLY E 7 0.93 -42.82 -54.28
N ASP E 8 0.54 -41.58 -54.58
CA ASP E 8 -0.02 -40.64 -53.60
C ASP E 8 -0.82 -39.53 -54.26
N THR E 9 -1.52 -38.73 -53.45
CA THR E 9 -2.41 -37.67 -53.95
C THR E 9 -1.66 -36.46 -54.49
N VAL E 10 -0.36 -36.42 -54.26
CA VAL E 10 0.45 -35.26 -54.64
C VAL E 10 0.97 -35.35 -56.09
N THR E 11 0.60 -36.43 -56.79
CA THR E 11 1.16 -36.72 -58.11
C THR E 11 0.10 -36.62 -59.21
N PHE E 12 0.38 -35.78 -60.22
CA PHE E 12 -0.42 -35.73 -61.43
C PHE E 12 0.01 -36.80 -62.42
N SER E 13 -0.95 -37.40 -63.10
CA SER E 13 -0.65 -38.25 -64.25
C SER E 13 -0.39 -37.39 -65.48
N PRO E 14 0.25 -37.96 -66.53
CA PRO E 14 0.49 -37.22 -67.76
C PRO E 14 -0.76 -36.66 -68.44
N THR E 15 -1.93 -37.22 -68.15
CA THR E 15 -3.19 -36.71 -68.69
C THR E 15 -3.91 -35.75 -67.74
N GLY E 16 -3.27 -35.48 -66.59
CA GLY E 16 -3.82 -34.56 -65.58
C GLY E 16 -4.78 -35.19 -64.59
N ARG E 17 -4.72 -36.51 -64.47
CA ARG E 17 -5.58 -37.23 -63.54
C ARG E 17 -4.90 -37.42 -62.20
N LEU E 18 -5.72 -37.57 -61.16
CA LEU E 18 -5.21 -37.85 -59.82
C LEU E 18 -5.77 -39.17 -59.38
N PHE E 19 -4.96 -40.22 -59.52
CA PHE E 19 -5.45 -41.60 -59.38
C PHE E 19 -5.87 -41.97 -57.96
N GLN E 20 -5.16 -41.46 -56.96
CA GLN E 20 -5.53 -41.73 -55.59
C GLN E 20 -6.94 -41.25 -55.30
N VAL E 21 -7.29 -40.09 -55.85
CA VAL E 21 -8.65 -39.56 -55.73
C VAL E 21 -9.63 -40.47 -56.46
N GLU E 22 -9.24 -40.93 -57.66
CA GLU E 22 -10.07 -41.85 -58.44
C GLU E 22 -10.25 -43.19 -57.77
N TYR E 23 -9.23 -43.63 -57.04
CA TYR E 23 -9.30 -44.85 -56.24
C TYR E 23 -10.23 -44.67 -55.04
N ALA E 24 -10.22 -43.49 -54.43
CA ALA E 24 -11.15 -43.18 -53.35
C ALA E 24 -12.59 -43.27 -53.87
N LEU E 25 -12.81 -42.70 -55.06
CA LEU E 25 -14.10 -42.75 -55.75
C LEU E 25 -14.63 -44.17 -55.94
N GLU E 26 -13.72 -45.13 -56.03
CA GLU E 26 -14.08 -46.53 -56.26
C GLU E 26 -14.68 -47.18 -55.02
N ALA E 27 -14.26 -46.70 -53.84
CA ALA E 27 -14.85 -47.12 -52.57
C ALA E 27 -16.32 -46.74 -52.44
N ILE E 28 -16.71 -45.63 -53.09
CA ILE E 28 -18.10 -45.19 -53.13
C ILE E 28 -18.94 -46.20 -53.91
N LYS E 29 -18.53 -46.48 -55.15
CA LYS E 29 -19.21 -47.47 -56.02
C LYS E 29 -19.40 -48.84 -55.36
N GLN E 30 -18.44 -49.24 -54.55
CA GLN E 30 -18.50 -50.51 -53.83
C GLN E 30 -19.41 -50.43 -52.59
N GLY E 31 -19.82 -49.21 -52.23
CA GLY E 31 -20.71 -49.01 -51.10
C GLY E 31 -22.16 -49.32 -51.44
N SER E 32 -22.96 -49.56 -50.41
CA SER E 32 -24.39 -49.83 -50.60
C SER E 32 -25.15 -48.58 -51.05
N VAL E 33 -26.20 -48.78 -51.84
CA VAL E 33 -26.92 -47.67 -52.46
C VAL E 33 -27.71 -46.82 -51.46
N THR E 34 -27.71 -45.51 -51.70
CA THR E 34 -28.50 -44.57 -50.93
C THR E 34 -29.06 -43.51 -51.86
N VAL E 35 -30.25 -43.03 -51.56
CA VAL E 35 -30.98 -42.08 -52.41
C VAL E 35 -31.38 -40.83 -51.63
N GLY E 36 -31.39 -39.69 -52.31
CA GLY E 36 -31.91 -38.45 -51.78
C GLY E 36 -32.75 -37.73 -52.81
N LEU E 37 -33.81 -37.07 -52.35
CA LEU E 37 -34.73 -36.30 -53.19
C LEU E 37 -35.55 -35.31 -52.36
N ARG E 38 -36.02 -34.25 -52.99
CA ARG E 38 -36.72 -33.17 -52.28
C ARG E 38 -37.87 -32.55 -53.07
N SER E 39 -38.87 -32.03 -52.33
CA SER E 39 -39.86 -31.14 -52.91
C SER E 39 -39.48 -29.69 -52.55
N ASN E 40 -40.45 -28.78 -52.48
CA ASN E 40 -40.17 -27.42 -52.00
C ASN E 40 -40.41 -27.31 -50.51
N THR E 41 -40.97 -28.37 -49.93
CA THR E 41 -41.32 -28.37 -48.52
C THR E 41 -40.52 -29.37 -47.69
N HIS E 42 -40.15 -30.51 -48.28
CA HIS E 42 -39.39 -31.54 -47.59
C HIS E 42 -38.20 -32.06 -48.41
N ALA E 43 -37.29 -32.75 -47.73
CA ALA E 43 -36.21 -33.47 -48.39
C ALA E 43 -36.10 -34.83 -47.74
N VAL E 44 -35.85 -35.85 -48.55
CA VAL E 44 -35.84 -37.24 -48.05
C VAL E 44 -34.55 -37.95 -48.40
N LEU E 45 -34.06 -38.74 -47.45
CA LEU E 45 -32.98 -39.69 -47.69
C LEU E 45 -33.49 -41.09 -47.49
N VAL E 46 -33.19 -41.97 -48.44
CA VAL E 46 -33.46 -43.39 -48.32
C VAL E 46 -32.16 -44.14 -48.53
N ALA E 47 -31.86 -45.08 -47.63
CA ALA E 47 -30.62 -45.87 -47.74
C ALA E 47 -30.87 -47.36 -47.58
N LEU E 48 -30.19 -48.15 -48.41
CA LEU E 48 -30.17 -49.60 -48.26
C LEU E 48 -29.01 -49.98 -47.35
N LYS E 49 -29.33 -50.46 -46.15
CA LYS E 49 -28.29 -50.82 -45.18
C LYS E 49 -27.73 -52.22 -45.49
N ARG E 50 -26.43 -52.39 -45.29
CA ARG E 50 -25.78 -53.66 -45.55
C ARG E 50 -25.39 -54.36 -44.24
N ASN E 51 -25.50 -55.69 -44.23
CA ASN E 51 -25.05 -56.51 -43.12
C ASN E 51 -23.85 -57.36 -43.55
N ALA E 52 -23.10 -57.87 -42.58
CA ALA E 52 -21.98 -58.76 -42.87
C ALA E 52 -22.40 -60.23 -42.92
N ASP E 53 -23.08 -60.69 -41.86
CA ASP E 53 -23.70 -62.02 -41.80
C ASP E 53 -25.18 -61.83 -41.54
N GLU E 54 -25.92 -62.94 -41.53
CA GLU E 54 -27.30 -62.93 -41.03
C GLU E 54 -27.32 -62.90 -39.51
N LEU E 55 -26.13 -62.97 -38.90
CA LEU E 55 -25.98 -62.82 -37.46
C LEU E 55 -25.52 -61.42 -37.07
N SER E 56 -25.17 -60.62 -38.08
CA SER E 56 -24.69 -59.26 -37.88
C SER E 56 -25.81 -58.23 -37.91
N SER E 57 -25.54 -57.07 -37.33
CA SER E 57 -26.39 -55.89 -37.49
C SER E 57 -26.38 -55.46 -38.94
N TYR E 58 -27.97 -54.10 -39.37
CA TYR E 58 -27.44 -53.63 -40.64
C TYR E 58 -26.78 -52.27 -40.39
N GLN E 59 -25.50 -52.16 -40.75
CA GLN E 59 -24.69 -50.94 -40.50
C GLN E 59 -25.42 -49.65 -40.90
N LYS E 60 -25.44 -48.68 -39.97
CA LYS E 60 -26.18 -47.44 -40.16
C LYS E 60 -25.56 -46.57 -41.27
N LYS E 61 -26.43 -45.90 -42.02
CA LYS E 61 -26.01 -45.12 -43.20
C LYS E 61 -26.36 -43.64 -43.08
N ILE E 62 -27.27 -43.31 -42.15
CA ILE E 62 -27.78 -41.95 -41.97
C ILE E 62 -27.26 -41.30 -40.66
N ILE E 63 -26.61 -40.15 -40.79
CA ILE E 63 -26.17 -39.37 -39.61
C ILE E 63 -26.86 -37.99 -39.60
N LYS E 64 -27.29 -37.58 -38.41
CA LYS E 64 -27.85 -36.26 -38.15
C LYS E 64 -26.73 -35.28 -37.82
N CYS E 65 -26.80 -34.08 -38.39
CA CYS E 65 -25.75 -33.06 -38.18
C CYS E 65 -26.24 -31.89 -37.33
N ASP E 66 -27.48 -31.48 -37.56
CA ASP E 66 -28.17 -30.51 -36.72
C ASP E 66 -29.68 -30.81 -36.78
N GLU E 67 -30.48 -29.95 -36.17
CA GLU E 67 -31.94 -30.14 -36.17
C GLU E 67 -32.55 -29.94 -37.56
N HIS E 68 -31.78 -29.30 -38.44
CA HIS E 68 -32.25 -28.92 -39.77
C HIS E 68 -31.39 -29.57 -40.87
N MET E 69 -30.46 -30.44 -40.48
CA MET E 69 -29.48 -30.97 -41.42
C MET E 69 -28.96 -32.37 -41.05
N GLY E 70 -28.81 -33.20 -42.06
CA GLY E 70 -28.26 -34.54 -41.91
C GLY E 70 -27.82 -35.14 -43.24
N LEU E 71 -27.24 -36.33 -43.18
CA LEU E 71 -26.65 -36.93 -44.36
C LEU E 71 -26.71 -38.46 -44.38
N SER E 72 -26.62 -39.02 -45.58
CA SER E 72 -26.44 -40.47 -45.77
C SER E 72 -25.09 -40.73 -46.41
N LEU E 73 -24.54 -41.92 -46.15
CA LEU E 73 -23.16 -42.25 -46.55
C LEU E 73 -23.06 -43.46 -47.48
N ALA E 74 -22.08 -43.42 -48.38
CA ALA E 74 -21.72 -44.58 -49.20
C ALA E 74 -20.20 -44.67 -49.38
N GLY E 75 -19.60 -45.70 -48.77
CA GLY E 75 -18.14 -45.88 -48.82
C GLY E 75 -17.57 -46.23 -47.46
N LEU E 76 -16.38 -45.70 -47.16
CA LEU E 76 -15.75 -45.90 -45.86
C LEU E 76 -16.52 -45.19 -44.75
N ALA E 77 -17.17 -45.97 -43.88
CA ALA E 77 -18.00 -45.42 -42.80
C ALA E 77 -17.24 -44.49 -41.84
N PRO E 78 -16.03 -44.90 -41.37
CA PRO E 78 -15.25 -44.00 -40.53
C PRO E 78 -15.02 -42.61 -41.14
N ASP E 79 -14.79 -42.53 -42.44
CA ASP E 79 -14.59 -41.23 -43.09
C ASP E 79 -15.85 -40.37 -43.01
N ALA E 80 -17.01 -41.02 -43.04
CA ALA E 80 -18.27 -40.32 -42.91
C ALA E 80 -18.45 -39.84 -41.47
N ARG E 81 -17.94 -40.62 -40.52
CA ARG E 81 -17.99 -40.23 -39.13
C ARG E 81 -17.13 -38.97 -38.89
N VAL E 82 -15.94 -38.94 -39.48
CA VAL E 82 -15.06 -37.78 -39.40
C VAL E 82 -15.69 -36.53 -40.05
N LEU E 83 -16.26 -36.71 -41.23
CA LEU E 83 -16.85 -35.58 -41.98
C LEU E 83 -18.18 -35.09 -41.42
N SER E 84 -19.04 -36.00 -40.96
CA SER E 84 -20.29 -35.59 -40.34
C SER E 84 -20.00 -34.84 -39.05
N ASN E 85 -19.00 -35.32 -38.32
CA ASN E 85 -18.56 -34.68 -37.09
C ASN E 85 -18.08 -33.24 -37.31
N TYR E 86 -17.32 -33.04 -38.36
CA TYR E 86 -16.84 -31.70 -38.72
C TYR E 86 -18.03 -30.80 -39.03
N LEU E 87 -18.97 -31.34 -39.80
CA LEU E 87 -20.19 -30.65 -40.18
C LEU E 87 -21.04 -30.32 -38.94
N ARG E 88 -21.12 -31.27 -38.01
CA ARG E 88 -21.79 -31.05 -36.74
C ARG E 88 -21.22 -29.84 -35.99
N GLN E 89 -19.90 -29.70 -36.00
CA GLN E 89 -19.20 -28.59 -35.35
C GLN E 89 -19.45 -27.27 -36.05
N GLN E 90 -19.46 -27.28 -37.38
CA GLN E 90 -19.74 -26.08 -38.17
C GLN E 90 -21.17 -25.64 -37.97
N CYS E 91 -22.10 -26.60 -37.96
CA CYS E 91 -23.51 -26.32 -37.67
C CYS E 91 -23.63 -25.68 -36.28
N ASN E 92 -22.86 -26.24 -35.35
CA ASN E 92 -22.82 -25.80 -33.97
C ASN E 92 -22.20 -24.41 -33.78
N TYR E 93 -21.11 -24.14 -34.48
CA TYR E 93 -20.40 -22.86 -34.41
C TYR E 93 -21.31 -21.74 -34.90
N SER E 94 -21.98 -21.97 -36.02
CA SER E 94 -22.94 -21.00 -36.58
C SER E 94 -24.00 -20.60 -35.56
N SER E 95 -24.53 -21.57 -34.82
CA SER E 95 -25.55 -21.30 -33.80
C SER E 95 -25.03 -20.51 -32.60
N LEU E 96 -23.87 -20.92 -32.06
CA LEU E 96 -23.35 -20.30 -30.85
C LEU E 96 -22.87 -18.88 -31.10
N VAL E 97 -22.13 -18.68 -32.19
CA VAL E 97 -21.50 -17.39 -32.46
C VAL E 97 -22.46 -16.41 -33.10
N PHE E 98 -23.30 -16.92 -34.01
CA PHE E 98 -24.13 -16.04 -34.82
C PHE E 98 -25.61 -16.23 -34.59
N ASN E 99 -25.96 -17.19 -33.75
CA ASN E 99 -27.37 -17.53 -33.51
C ASN E 99 -28.07 -17.74 -34.86
N ARG E 100 -27.42 -18.53 -35.71
CA ARG E 100 -27.81 -18.69 -37.10
C ARG E 100 -27.73 -20.16 -37.49
N LYS E 101 -28.80 -20.68 -38.07
CA LYS E 101 -28.76 -22.03 -38.64
C LYS E 101 -27.94 -21.97 -39.92
N LEU E 102 -26.94 -22.84 -40.02
CA LEU E 102 -26.02 -22.85 -41.16
C LEU E 102 -26.74 -23.19 -42.45
N ALA E 103 -26.52 -22.38 -43.48
CA ALA E 103 -27.08 -22.62 -44.81
C ALA E 103 -26.54 -23.95 -45.35
N VAL E 104 -27.42 -24.75 -45.96
CA VAL E 104 -27.02 -26.06 -46.50
C VAL E 104 -25.99 -25.85 -47.58
N GLU E 105 -26.20 -24.83 -48.40
CA GLU E 105 -25.22 -24.44 -49.42
C GLU E 105 -23.85 -24.17 -48.79
N ARG E 106 -23.86 -23.48 -47.65
CA ARG E 106 -22.63 -23.12 -46.98
C ARG E 106 -21.92 -24.36 -46.39
N ALA E 107 -22.70 -25.28 -45.85
CA ALA E 107 -22.20 -26.60 -45.41
C ALA E 107 -21.56 -27.35 -46.59
N GLY E 108 -22.17 -27.23 -47.76
CA GLY E 108 -21.64 -27.79 -48.98
C GLY E 108 -20.23 -27.27 -49.24
N HIS E 109 -20.06 -25.96 -49.20
CA HIS E 109 -18.76 -25.35 -49.48
C HIS E 109 -17.72 -25.72 -48.45
N LEU E 110 -18.13 -25.88 -47.20
CA LEU E 110 -17.22 -26.26 -46.12
C LEU E 110 -16.67 -27.68 -46.33
N LEU E 111 -17.56 -28.61 -46.65
CA LEU E 111 -17.16 -29.99 -46.90
C LEU E 111 -16.24 -30.12 -48.11
N CYS E 112 -16.51 -29.32 -49.14
CA CYS E 112 -15.67 -29.27 -50.31
C CYS E 112 -14.24 -28.88 -49.94
N ASP E 113 -14.13 -27.80 -49.17
CA ASP E 113 -12.83 -27.24 -48.81
C ASP E 113 -12.04 -28.17 -47.89
N LYS E 114 -12.74 -28.92 -47.05
CA LYS E 114 -12.09 -29.85 -46.12
C LYS E 114 -11.54 -31.06 -46.86
N ALA E 115 -12.32 -31.60 -47.79
CA ALA E 115 -11.89 -32.72 -48.60
C ALA E 115 -10.70 -32.35 -49.48
N GLN E 116 -10.73 -31.13 -50.02
CA GLN E 116 -9.73 -30.67 -50.97
C GLN E 116 -8.33 -30.70 -50.37
N LYS E 117 -8.20 -30.25 -49.12
CA LYS E 117 -6.89 -30.15 -48.44
C LYS E 117 -6.12 -31.47 -48.44
N ASN E 118 -6.87 -32.57 -48.50
CA ASN E 118 -6.32 -33.92 -48.52
C ASN E 118 -6.02 -34.44 -49.93
N THR E 119 -6.22 -33.61 -50.95
CA THR E 119 -5.95 -33.99 -52.35
C THR E 119 -4.72 -33.28 -52.95
N GLN E 120 -4.00 -32.53 -52.12
CA GLN E 120 -2.91 -31.68 -52.60
C GLN E 120 -1.66 -31.77 -51.71
N SER E 121 -1.81 -32.43 -50.55
CA SER E 121 -0.72 -32.54 -49.58
C SER E 121 -0.19 -33.97 -49.38
N TYR E 122 1.09 -34.04 -49.00
CA TYR E 122 1.82 -35.30 -48.85
C TYR E 122 1.49 -35.99 -47.53
N GLY E 123 1.46 -37.32 -47.55
CA GLY E 123 1.17 -38.10 -46.35
C GLY E 123 -0.31 -38.18 -45.98
N GLY E 124 -1.11 -37.29 -46.56
CA GLY E 124 -2.57 -37.34 -46.40
C GLY E 124 -3.16 -38.31 -47.40
N ARG E 125 -4.47 -38.54 -47.29
CA ARG E 125 -5.17 -39.35 -48.26
C ARG E 125 -6.53 -38.72 -48.55
N PRO E 126 -7.10 -38.99 -49.73
CA PRO E 126 -8.45 -38.52 -49.98
C PRO E 126 -9.42 -39.19 -49.02
N TYR E 127 -10.60 -38.63 -48.86
CA TYR E 127 -11.64 -39.32 -48.11
C TYR E 127 -12.23 -40.38 -49.03
N GLY E 128 -12.59 -41.52 -48.47
CA GLY E 128 -13.13 -42.61 -49.27
C GLY E 128 -14.62 -42.80 -49.06
N VAL E 129 -15.38 -41.72 -49.16
CA VAL E 129 -16.82 -41.78 -48.92
C VAL E 129 -17.57 -40.70 -49.70
N GLY E 130 -18.77 -41.06 -50.17
CA GLY E 130 -19.70 -40.11 -50.76
C GLY E 130 -20.80 -39.80 -49.78
N LEU E 131 -21.29 -38.56 -49.81
CA LEU E 131 -22.29 -38.11 -48.87
C LEU E 131 -23.45 -37.42 -49.58
N LEU E 132 -24.66 -37.71 -49.11
CA LEU E 132 -25.86 -37.01 -49.57
C LEU E 132 -26.43 -36.19 -48.42
N ILE E 133 -26.43 -34.87 -48.59
CA ILE E 133 -26.83 -33.97 -47.52
C ILE E 133 -28.17 -33.31 -47.83
N ILE E 134 -29.13 -33.50 -46.92
CA ILE E 134 -30.42 -32.80 -47.00
C ILE E 134 -30.60 -31.85 -45.80
N GLY E 135 -31.32 -30.76 -46.05
CA GLY E 135 -31.61 -29.82 -44.99
C GLY E 135 -32.73 -28.88 -45.36
N TYR E 136 -33.24 -28.19 -44.34
CA TYR E 136 -34.21 -27.12 -44.54
C TYR E 136 -33.68 -25.86 -43.89
N ASP E 137 -33.38 -24.86 -44.72
CA ASP E 137 -32.85 -23.61 -44.21
C ASP E 137 -33.75 -22.42 -44.57
N LYS E 138 -33.18 -21.21 -44.58
CA LYS E 138 -33.94 -19.99 -44.86
C LYS E 138 -34.39 -19.83 -46.31
N SER E 139 -33.86 -20.67 -47.20
CA SER E 139 -34.30 -20.73 -48.59
C SER E 139 -34.94 -22.07 -48.96
N GLY E 140 -35.39 -22.81 -47.96
CA GLY E 140 -36.24 -23.99 -48.19
C GLY E 140 -35.54 -25.34 -48.15
N ALA E 141 -36.07 -26.29 -48.92
CA ALA E 141 -35.54 -27.65 -48.96
C ALA E 141 -34.32 -27.73 -49.86
N HIS E 142 -33.38 -28.61 -49.51
CA HIS E 142 -32.11 -28.74 -50.22
C HIS E 142 -31.60 -30.17 -50.22
N LEU E 143 -30.97 -30.57 -51.34
CA LEU E 143 -30.22 -31.82 -51.41
C LEU E 143 -28.86 -31.57 -52.05
N LEU E 144 -27.83 -32.17 -51.45
CA LEU E 144 -26.45 -32.02 -51.92
C LEU E 144 -25.78 -33.37 -52.14
N GLU E 145 -24.92 -33.42 -53.16
CA GLU E 145 -24.06 -34.59 -53.39
C GLU E 145 -22.60 -34.20 -53.17
N PHE E 146 -21.94 -34.93 -52.27
CA PHE E 146 -20.52 -34.72 -51.98
C PHE E 146 -19.67 -35.86 -52.52
N GLN E 147 -18.67 -35.51 -53.31
CA GLN E 147 -17.69 -36.48 -53.79
C GLN E 147 -16.31 -36.20 -53.16
N PRO E 148 -15.58 -37.27 -52.79
CA PRO E 148 -14.27 -37.13 -52.14
C PRO E 148 -13.25 -36.31 -52.93
N SER E 149 -13.54 -36.04 -54.20
CA SER E 149 -12.71 -35.14 -55.00
C SER E 149 -12.85 -33.70 -54.51
N GLY E 150 -13.91 -33.45 -53.75
CA GLY E 150 -14.26 -32.12 -53.28
C GLY E 150 -15.48 -31.53 -53.97
N ASN E 151 -15.96 -32.21 -55.01
CA ASN E 151 -17.08 -31.70 -55.80
C ASN E 151 -18.41 -31.87 -55.08
N VAL E 152 -19.06 -30.72 -54.83
CA VAL E 152 -20.36 -30.70 -54.18
C VAL E 152 -21.37 -30.07 -55.13
N THR E 153 -22.50 -30.75 -55.31
CA THR E 153 -23.52 -30.33 -56.26
C THR E 153 -24.88 -30.29 -55.60
N GLU E 154 -25.62 -29.22 -55.87
CA GLU E 154 -27.01 -29.13 -55.44
C GLU E 154 -27.93 -29.73 -56.51
N LEU E 155 -28.87 -30.55 -56.05
CA LEU E 155 -29.73 -31.32 -56.93
C LEU E 155 -31.14 -31.40 -56.37
N TYR E 156 -32.09 -31.81 -57.21
CA TYR E 156 -33.42 -32.17 -56.74
C TYR E 156 -33.40 -33.60 -56.25
N GLY E 157 -32.56 -34.42 -56.89
CA GLY E 157 -32.48 -35.84 -56.55
C GLY E 157 -31.20 -36.47 -57.06
N THR E 158 -30.84 -37.60 -56.46
CA THR E 158 -29.67 -38.37 -56.86
C THR E 158 -29.52 -39.64 -56.03
N ALA E 159 -28.58 -40.50 -56.45
CA ALA E 159 -28.22 -41.70 -55.73
C ALA E 159 -26.74 -42.00 -55.93
N ILE E 160 -26.13 -42.59 -54.91
CA ILE E 160 -24.73 -43.00 -54.96
C ILE E 160 -24.59 -44.42 -54.41
N GLY E 161 -23.50 -45.10 -54.80
CA GLY E 161 -23.26 -46.49 -54.41
C GLY E 161 -23.42 -47.51 -55.54
N ALA E 162 -23.33 -48.79 -55.19
CA ALA E 162 -23.48 -49.87 -56.16
C ALA E 162 -24.85 -49.82 -56.83
N ARG E 163 -24.86 -50.00 -58.14
CA ARG E 163 -26.09 -50.07 -58.95
C ARG E 163 -26.95 -48.82 -58.82
N SER E 164 -26.33 -47.72 -58.41
CA SER E 164 -27.04 -46.47 -58.15
C SER E 164 -27.65 -45.85 -59.42
N GLN E 165 -27.11 -46.25 -60.57
CA GLN E 165 -27.52 -45.74 -61.86
C GLN E 165 -29.01 -45.98 -62.13
N GLY E 166 -29.55 -47.08 -61.59
CA GLY E 166 -30.96 -47.39 -61.68
C GLY E 166 -31.84 -46.25 -61.17
N ALA E 167 -31.74 -45.99 -59.87
CA ALA E 167 -32.51 -44.93 -59.21
C ALA E 167 -32.33 -43.56 -59.84
N LYS E 168 -31.10 -43.26 -60.25
CA LYS E 168 -30.76 -41.98 -60.88
C LYS E 168 -31.56 -41.72 -62.16
N THR E 169 -31.74 -42.77 -62.96
CA THR E 169 -32.55 -42.69 -64.19
C THR E 169 -34.04 -42.59 -63.83
N TYR E 170 -34.45 -43.27 -62.75
CA TYR E 170 -35.82 -43.17 -62.27
C TYR E 170 -36.13 -41.74 -61.82
N LEU E 171 -35.26 -41.17 -61.00
CA LEU E 171 -35.46 -39.81 -60.50
C LEU E 171 -35.48 -38.80 -61.64
N GLU E 172 -34.56 -38.99 -62.60
CA GLU E 172 -34.47 -38.15 -63.79
C GLU E 172 -35.78 -38.20 -64.61
N ARG E 173 -36.45 -39.35 -64.56
CA ARG E 173 -37.71 -39.57 -65.25
C ARG E 173 -38.88 -38.99 -64.46
N THR E 174 -38.84 -39.17 -63.14
CA THR E 174 -39.90 -38.75 -62.23
C THR E 174 -39.86 -37.25 -61.92
N LEU E 175 -38.73 -36.60 -62.19
CA LEU E 175 -38.48 -35.21 -61.78
C LEU E 175 -39.73 -34.34 -61.58
N ASP E 176 -40.50 -34.15 -62.64
CA ASP E 176 -41.64 -33.22 -62.63
C ASP E 176 -42.75 -33.57 -61.62
N THR E 177 -42.83 -34.85 -61.26
CA THR E 177 -43.85 -35.34 -60.33
C THR E 177 -43.47 -35.12 -58.87
N PHE E 178 -42.26 -35.52 -58.49
CA PHE E 178 -41.85 -35.49 -57.07
C PHE E 178 -41.52 -34.09 -56.55
N ILE E 179 -41.01 -33.22 -57.42
CA ILE E 179 -40.71 -31.83 -57.08
C ILE E 179 -41.96 -31.13 -56.52
N LYS E 180 -43.13 -31.70 -56.80
CA LYS E 180 -44.42 -31.15 -56.40
C LYS E 180 -45.08 -31.89 -55.23
N ILE E 181 -44.48 -32.99 -54.78
CA ILE E 181 -45.07 -33.85 -53.74
C ILE E 181 -44.97 -33.24 -52.34
N ASP E 182 -45.56 -31.07 -52.41
CA ASP E 182 -45.43 -30.24 -51.23
C ASP E 182 -46.43 -30.65 -50.17
N GLY E 183 -46.04 -30.50 -48.91
CA GLY E 183 -46.93 -30.73 -47.77
C GLY E 183 -47.43 -32.15 -47.57
N ASN E 184 -46.77 -33.11 -48.21
CA ASN E 184 -47.11 -34.51 -48.01
C ASN E 184 -45.86 -35.39 -47.87
N PRO E 185 -45.41 -35.59 -46.63
CA PRO E 185 -44.20 -36.36 -46.33
C PRO E 185 -44.24 -37.82 -46.81
N ASP E 186 -45.33 -38.54 -46.50
CA ASP E 186 -45.44 -39.96 -46.83
C ASP E 186 -45.34 -40.27 -48.33
N GLU E 187 -45.77 -39.32 -49.17
CA GLU E 187 -45.72 -39.51 -50.62
C GLU E 187 -44.33 -39.27 -51.19
N LEU E 188 -43.57 -38.36 -50.58
CA LEU E 188 -42.19 -38.08 -50.97
C LEU E 188 -41.29 -39.27 -50.61
N ILE E 189 -41.53 -39.84 -49.43
CA ILE E 189 -40.81 -41.03 -49.00
C ILE E 189 -41.13 -42.19 -49.95
N LYS E 190 -42.42 -42.37 -50.28
CA LYS E 190 -42.85 -43.41 -51.22
C LYS E 190 -42.12 -43.32 -52.55
N ALA E 191 -41.95 -42.10 -53.06
CA ALA E 191 -41.19 -41.84 -54.28
C ALA E 191 -39.71 -42.17 -54.11
N GLY E 192 -39.21 -42.01 -52.88
CA GLY E 192 -37.82 -42.32 -52.54
C GLY E 192 -37.59 -43.81 -52.45
N VAL E 193 -38.51 -44.51 -51.81
CA VAL E 193 -38.46 -45.98 -51.70
C VAL E 193 -38.63 -46.62 -53.09
N GLU E 194 -39.44 -45.99 -53.93
CA GLU E 194 -39.60 -46.43 -55.33
C GLU E 194 -38.32 -46.17 -56.13
N ALA E 195 -37.64 -45.08 -55.83
CA ALA E 195 -36.36 -44.78 -56.45
C ALA E 195 -35.31 -45.80 -56.05
N ILE E 196 -35.21 -46.09 -54.76
CA ILE E 196 -34.18 -47.00 -54.25
C ILE E 196 -34.39 -48.45 -54.71
N SER E 197 -35.63 -48.82 -54.97
CA SER E 197 -35.95 -50.18 -55.42
C SER E 197 -35.59 -50.41 -56.89
N GLN E 198 -35.30 -49.33 -57.60
CA GLN E 198 -34.80 -49.39 -58.97
C GLN E 198 -33.29 -49.73 -59.00
N SER E 199 -32.71 -49.94 -57.82
CA SER E 199 -31.29 -50.26 -57.67
C SER E 199 -31.09 -51.58 -56.92
N LEU E 200 -32.19 -52.29 -56.71
CA LEU E 200 -32.16 -53.62 -56.11
C LEU E 200 -31.82 -54.68 -57.17
N ARG E 201 -31.18 -55.75 -56.73
CA ARG E 201 -30.78 -56.84 -57.63
C ARG E 201 -30.58 -58.11 -56.81
N ASP E 202 -29.61 -58.06 -55.90
CA ASP E 202 -29.26 -59.13 -54.98
C ASP E 202 -30.51 -59.77 -54.35
N GLU E 203 -31.14 -59.05 -53.41
CA GLU E 203 -32.36 -59.54 -52.76
C GLU E 203 -33.60 -58.81 -53.30
N SER E 204 -35.32 -58.45 -51.44
CA SER E 204 -36.17 -57.28 -51.38
C SER E 204 -35.83 -56.44 -50.14
N LEU E 205 -36.17 -55.15 -50.18
CA LEU E 205 -35.91 -54.26 -49.04
C LEU E 205 -36.83 -54.58 -47.87
N THR E 206 -36.22 -55.08 -46.78
CA THR E 206 -36.98 -55.57 -45.64
C THR E 206 -37.05 -54.54 -44.51
N VAL E 207 -37.66 -54.95 -43.40
CA VAL E 207 -37.94 -54.07 -42.27
C VAL E 207 -36.67 -53.59 -41.54
N ASP E 208 -35.74 -54.50 -41.26
CA ASP E 208 -34.49 -54.12 -40.61
C ASP E 208 -33.35 -53.94 -41.63
N ASN E 209 -33.68 -54.13 -42.90
CA ASN E 209 -32.76 -53.93 -44.02
C ASN E 209 -32.76 -52.48 -44.47
N LEU E 210 -34.51 -51.32 -43.81
CA LEU E 210 -34.59 -50.05 -44.52
C LEU E 210 -34.22 -48.92 -43.58
N SER E 211 -33.69 -47.84 -44.14
CA SER E 211 -33.35 -46.64 -43.40
C SER E 211 -33.83 -45.43 -44.20
N ILE E 212 -34.66 -44.61 -43.56
CA ILE E 212 -35.18 -43.38 -44.17
C ILE E 212 -35.03 -42.18 -43.23
N ALA E 213 -34.74 -41.02 -43.83
CA ALA E 213 -34.64 -39.77 -43.09
C ALA E 213 -35.42 -38.67 -43.79
N ILE E 214 -35.94 -37.74 -42.99
CA ILE E 214 -36.79 -36.65 -43.48
C ILE E 214 -36.49 -35.34 -42.73
N VAL E 215 -36.54 -34.23 -43.46
CA VAL E 215 -36.44 -32.88 -42.89
C VAL E 215 -37.31 -31.92 -43.71
N GLY E 216 -37.83 -30.87 -43.09
CA GLY E 216 -38.60 -29.87 -43.82
C GLY E 216 -39.34 -28.85 -42.99
N LYS E 217 -40.09 -27.99 -43.67
CA LYS E 217 -40.87 -26.86 -43.12
C LYS E 217 -41.07 -26.86 -41.61
N ASP E 218 -41.79 -27.86 -41.10
CA ASP E 218 -42.00 -27.96 -39.66
C ASP E 218 -41.66 -29.35 -39.15
N THR E 219 -40.60 -29.93 -39.72
CA THR E 219 -40.16 -31.26 -39.35
C THR E 219 -38.65 -31.27 -39.13
N PRO E 220 -38.22 -31.39 -37.87
CA PRO E 220 -36.79 -31.55 -37.59
C PRO E 220 -36.28 -32.90 -38.12
N PHE E 221 -35.06 -32.89 -38.65
CA PHE E 221 -34.42 -34.08 -39.20
C PHE E 221 -34.59 -35.31 -38.29
N THR E 222 -35.31 -36.31 -38.76
CA THR E 222 -35.57 -37.53 -37.98
C THR E 222 -35.27 -38.84 -38.73
N ILE E 223 -34.70 -39.80 -38.01
CA ILE E 223 -34.25 -41.09 -38.55
C ILE E 223 -35.30 -42.18 -38.35
N TYR E 224 -35.67 -42.87 -39.42
CA TYR E 224 -36.57 -44.01 -39.31
C TYR E 224 -35.87 -45.34 -39.64
N ASP E 225 -36.03 -46.32 -38.76
CA ASP E 225 -35.49 -47.68 -38.94
C ASP E 225 -36.45 -48.73 -38.38
N GLY E 226 -36.34 -49.95 -38.90
CA GLY E 226 -37.14 -51.09 -38.44
C GLY E 226 -38.64 -50.90 -38.55
N GLU E 227 -39.37 -51.40 -37.55
CA GLU E 227 -40.83 -51.26 -37.41
C GLU E 227 -41.36 -49.93 -37.93
N ALA E 228 -40.62 -48.85 -37.70
CA ALA E 228 -41.03 -47.51 -38.07
C ALA E 228 -40.97 -47.23 -39.59
N VAL E 229 -40.29 -48.10 -40.34
CA VAL E 229 -40.30 -48.02 -41.81
C VAL E 229 -41.24 -49.05 -42.45
N ALA E 230 -41.91 -49.85 -41.62
CA ALA E 230 -42.77 -50.95 -42.09
C ALA E 230 -43.86 -50.51 -43.08
N LYS E 231 -44.47 -49.35 -42.82
CA LYS E 231 -45.56 -48.85 -43.67
C LYS E 231 -45.11 -48.36 -45.05
N TYR E 232 -43.86 -48.64 -45.41
CA TYR E 232 -43.33 -48.23 -46.70
C TYR E 232 -42.88 -49.40 -47.57
N ILE E 233 -42.79 -50.58 -46.97
CA ILE E 233 -42.39 -51.81 -47.66
C ILE E 233 -43.48 -52.27 -48.63
N GLY F 1 18.71 -40.43 -67.68
CA GLY F 1 17.61 -41.37 -67.35
C GLY F 1 16.22 -40.77 -67.50
N THR F 2 15.29 -41.23 -66.67
CA THR F 2 13.91 -40.72 -66.62
C THR F 2 13.40 -40.57 -65.18
N GLY F 3 12.09 -40.44 -65.01
CA GLY F 3 11.48 -40.21 -63.71
C GLY F 3 11.39 -38.73 -63.37
N TYR F 4 11.76 -37.88 -64.34
CA TYR F 4 11.74 -36.42 -64.19
C TYR F 4 10.33 -35.85 -64.03
N ASP F 5 9.32 -36.66 -64.37
CA ASP F 5 7.94 -36.23 -64.31
C ASP F 5 7.14 -36.82 -63.13
N LEU F 6 7.83 -37.45 -62.16
CA LEU F 6 7.17 -38.11 -61.02
C LEU F 6 7.12 -37.24 -59.75
N SER F 7 7.97 -36.22 -59.71
CA SER F 7 8.15 -35.37 -58.54
C SER F 7 7.96 -33.89 -58.95
N ASN F 8 7.28 -33.12 -58.10
CA ASN F 8 6.86 -31.75 -58.42
C ASN F 8 7.98 -30.71 -58.66
N SER F 9 8.93 -30.54 -57.74
CA SER F 9 9.86 -29.43 -57.94
C SER F 9 11.04 -29.72 -58.87
N VAL F 10 11.01 -30.86 -59.57
CA VAL F 10 12.17 -31.36 -60.32
C VAL F 10 12.28 -30.77 -61.72
N PHE F 11 13.46 -30.26 -62.05
CA PHE F 11 13.79 -29.82 -63.40
C PHE F 11 14.17 -31.01 -64.28
N SER F 12 13.55 -31.11 -65.46
CA SER F 12 13.96 -32.06 -66.49
C SER F 12 15.27 -31.55 -67.13
N PRO F 13 15.96 -32.38 -67.91
CA PRO F 13 17.18 -31.88 -68.56
C PRO F 13 16.98 -30.66 -69.45
N ASP F 14 15.78 -30.48 -69.99
CA ASP F 14 15.50 -29.30 -70.83
C ASP F 14 14.94 -28.12 -70.03
N GLY F 15 14.99 -28.22 -68.70
CA GLY F 15 14.58 -27.13 -67.80
C GLY F 15 13.08 -26.98 -67.61
N ARG F 16 12.34 -28.06 -67.80
CA ARG F 16 10.89 -28.04 -67.63
C ARG F 16 10.48 -28.69 -66.31
N ASN F 17 9.26 -28.40 -65.88
CA ASN F 17 8.66 -29.00 -64.71
C ASN F 17 7.40 -29.73 -65.15
N PHE F 18 7.57 -31.01 -65.47
CA PHE F 18 6.52 -31.83 -66.09
C PHE F 18 5.21 -31.89 -65.29
N GLN F 19 5.32 -31.86 -63.97
CA GLN F 19 4.14 -31.94 -63.09
C GLN F 19 3.22 -30.73 -63.28
N VAL F 20 3.81 -29.57 -63.50
CA VAL F 20 3.04 -28.39 -63.82
C VAL F 20 2.37 -28.60 -65.19
N GLU F 21 3.17 -29.00 -66.18
CA GLU F 21 2.64 -29.30 -67.51
C GLU F 21 1.48 -30.30 -67.46
N TYR F 22 1.54 -31.21 -66.48
CA TYR F 22 0.48 -32.20 -66.28
C TYR F 22 -0.75 -31.56 -65.66
N ALA F 23 -0.54 -30.58 -64.78
CA ALA F 23 -1.65 -29.82 -64.22
C ALA F 23 -2.41 -29.10 -65.32
N VAL F 24 -1.67 -28.45 -66.24
CA VAL F 24 -2.25 -27.79 -67.41
C VAL F 24 -3.21 -28.72 -68.19
N LYS F 25 -2.88 -30.01 -68.25
CA LYS F 25 -3.72 -30.99 -68.92
C LYS F 25 -5.08 -31.08 -68.25
N ALA F 26 -5.12 -31.04 -66.93
CA ALA F 26 -6.38 -31.08 -66.19
C ALA F 26 -7.21 -29.81 -66.46
N VAL F 27 -6.51 -28.68 -66.63
CA VAL F 27 -7.14 -27.41 -66.98
C VAL F 27 -7.79 -27.47 -68.37
N GLU F 28 -7.04 -27.96 -69.34
CA GLU F 28 -7.52 -28.10 -70.72
C GLU F 28 -8.73 -29.03 -70.80
N ASN F 29 -8.82 -29.92 -69.83
CA ASN F 29 -9.90 -30.90 -69.77
C ASN F 29 -11.18 -30.28 -69.19
N GLY F 30 -11.08 -29.06 -68.69
CA GLY F 30 -12.20 -28.44 -67.99
C GLY F 30 -13.14 -27.66 -68.87
N THR F 31 -14.25 -27.24 -68.27
CA THR F 31 -15.18 -26.28 -68.83
C THR F 31 -14.45 -25.02 -69.31
N THR F 32 -14.98 -24.38 -70.35
CA THR F 32 -14.39 -23.13 -70.82
C THR F 32 -14.96 -21.90 -70.10
N SER F 33 -14.07 -21.03 -69.67
CA SER F 33 -14.42 -19.77 -69.04
C SER F 33 -13.63 -18.63 -69.66
N ILE F 34 -14.14 -17.41 -69.54
CA ILE F 34 -13.55 -16.25 -70.23
C ILE F 34 -13.69 -14.95 -69.43
N GLY F 35 -12.89 -13.97 -69.82
CA GLY F 35 -12.99 -12.63 -69.29
C GLY F 35 -12.80 -11.64 -70.41
N ILE F 36 -13.64 -10.59 -70.42
CA ILE F 36 -13.46 -9.47 -71.34
C ILE F 36 -13.30 -8.19 -70.54
N LYS F 37 -12.21 -7.48 -70.80
CA LYS F 37 -12.02 -6.13 -70.28
C LYS F 37 -12.77 -5.13 -71.17
N CYS F 38 -13.50 -4.21 -70.55
CA CYS F 38 -14.18 -3.15 -71.30
C CYS F 38 -13.66 -1.75 -70.95
N ASN F 39 -14.35 -0.71 -71.44
CA ASN F 39 -13.88 0.67 -71.27
C ASN F 39 -13.79 1.20 -69.83
N ASP F 40 -14.49 0.54 -68.90
CA ASP F 40 -14.51 0.95 -67.49
C ASP F 40 -14.74 -0.21 -66.53
N GLY F 41 -14.43 -1.42 -66.98
CA GLY F 41 -14.67 -2.60 -66.16
C GLY F 41 -14.31 -3.92 -66.80
N VAL F 42 -14.87 -4.98 -66.25
CA VAL F 42 -14.53 -6.35 -66.65
C VAL F 42 -15.73 -7.27 -66.56
N VAL F 43 -15.78 -8.24 -67.47
CA VAL F 43 -16.90 -9.15 -67.58
C VAL F 43 -16.35 -10.57 -67.57
N PHE F 44 -16.95 -11.42 -66.74
CA PHE F 44 -16.56 -12.81 -66.62
C PHE F 44 -17.74 -13.67 -67.00
N ALA F 45 -17.46 -14.75 -67.71
CA ALA F 45 -18.49 -15.71 -68.11
C ALA F 45 -17.90 -17.10 -68.17
N VAL F 46 -18.78 -18.09 -68.04
CA VAL F 46 -18.37 -19.48 -67.91
C VAL F 46 -19.49 -20.43 -68.38
N GLU F 47 -19.06 -21.61 -68.84
CA GLU F 47 -19.95 -22.68 -69.29
C GLU F 47 -20.18 -23.67 -68.14
N LYS F 48 -21.44 -23.90 -67.80
CA LYS F 48 -21.76 -24.91 -66.77
C LYS F 48 -22.43 -26.09 -67.42
N LEU F 49 -21.72 -27.21 -67.53
CA LEU F 49 -22.26 -28.40 -68.17
C LEU F 49 -23.39 -29.01 -67.35
N ILE F 50 -24.58 -29.08 -67.94
CA ILE F 50 -25.72 -29.72 -67.31
C ILE F 50 -25.56 -31.24 -67.45
N THR F 51 -25.01 -31.85 -66.41
CA THR F 51 -24.81 -33.30 -66.35
C THR F 51 -26.14 -34.04 -66.34
N SER F 52 -27.15 -33.41 -65.76
CA SER F 52 -28.44 -34.04 -65.57
C SER F 52 -29.55 -33.01 -65.36
N LYS F 53 -30.79 -33.40 -65.66
CA LYS F 53 -31.97 -32.59 -65.32
C LYS F 53 -32.04 -32.30 -63.81
N LEU F 54 -31.43 -33.18 -63.03
CA LEU F 54 -31.52 -33.14 -61.58
C LEU F 54 -30.72 -32.01 -60.91
N LEU F 55 -29.69 -31.51 -61.59
CA LEU F 55 -28.98 -30.32 -61.15
C LEU F 55 -29.94 -29.13 -61.12
N VAL F 56 -30.22 -28.59 -59.93
CA VAL F 56 -31.09 -27.43 -59.81
C VAL F 56 -30.50 -26.26 -60.62
N PRO F 57 -31.30 -25.68 -61.53
CA PRO F 57 -30.80 -24.58 -62.36
C PRO F 57 -30.49 -23.33 -61.55
N GLN F 58 -29.52 -22.56 -62.01
CA GLN F 58 -29.08 -21.30 -61.39
C GLN F 58 -28.40 -21.47 -60.03
N LYS F 59 -28.41 -22.69 -59.50
CA LYS F 59 -27.92 -22.95 -58.13
C LYS F 59 -26.41 -23.11 -57.93
N ASN F 60 -25.77 -23.97 -58.72
CA ASN F 60 -24.36 -24.29 -58.48
C ASN F 60 -23.40 -23.23 -59.01
N VAL F 61 -23.40 -22.07 -58.35
CA VAL F 61 -22.65 -20.90 -58.78
C VAL F 61 -21.16 -21.17 -58.91
N LYS F 62 -20.57 -20.76 -60.04
CA LYS F 62 -19.15 -20.99 -60.30
C LYS F 62 -18.27 -19.76 -60.16
N ILE F 63 -18.76 -18.59 -60.60
CA ILE F 63 -18.02 -17.32 -60.44
C ILE F 63 -17.95 -16.98 -58.95
N GLN F 64 -16.79 -16.48 -58.52
CA GLN F 64 -16.57 -16.16 -57.11
C GLN F 64 -16.08 -14.74 -56.90
N VAL F 65 -16.66 -14.06 -55.91
CA VAL F 65 -16.23 -12.72 -55.53
C VAL F 65 -15.11 -12.77 -54.46
N VAL F 66 -14.15 -11.87 -54.60
CA VAL F 66 -13.12 -11.66 -53.59
C VAL F 66 -13.20 -10.20 -53.19
N ASP F 67 -13.16 -9.93 -51.88
CA ASP F 67 -13.39 -8.59 -51.35
C ASP F 67 -14.78 -8.14 -51.84
N ARG F 68 -14.91 -6.88 -52.26
CA ARG F 68 -16.17 -6.43 -52.82
C ARG F 68 -16.06 -6.13 -54.33
N HIS F 69 -14.84 -5.96 -54.82
CA HIS F 69 -14.60 -5.44 -56.17
C HIS F 69 -13.93 -6.42 -57.15
N ILE F 70 -13.62 -7.64 -56.71
CA ILE F 70 -12.90 -8.59 -57.58
C ILE F 70 -13.70 -9.84 -57.94
N GLY F 71 -13.81 -10.14 -59.24
CA GLY F 71 -14.38 -11.41 -59.68
C GLY F 71 -13.33 -12.43 -60.06
N CYS F 72 -13.59 -13.70 -59.74
CA CYS F 72 -12.73 -14.81 -60.14
C CYS F 72 -13.51 -15.94 -60.81
N VAL F 73 -12.99 -16.40 -61.95
CA VAL F 73 -13.50 -17.59 -62.60
C VAL F 73 -12.33 -18.51 -63.00
N TYR F 74 -12.57 -19.82 -63.03
CA TYR F 74 -11.50 -20.81 -63.30
C TYR F 74 -11.98 -22.07 -64.01
N SER F 75 -11.04 -22.70 -64.73
CA SER F 75 -11.29 -23.95 -65.44
C SER F 75 -10.30 -24.99 -64.96
N GLY F 76 -10.80 -26.20 -64.72
CA GLY F 76 -9.96 -27.30 -64.28
C GLY F 76 -10.58 -27.95 -63.07
N LEU F 77 -9.75 -28.32 -62.10
CA LEU F 77 -10.26 -28.87 -60.84
C LEU F 77 -10.97 -27.78 -60.01
N ILE F 78 -12.29 -27.84 -59.96
CA ILE F 78 -13.11 -26.84 -59.26
C ILE F 78 -12.66 -26.63 -57.79
N PRO F 79 -12.50 -27.72 -56.99
CA PRO F 79 -12.00 -27.54 -55.62
C PRO F 79 -10.68 -26.77 -55.55
N ASP F 80 -9.75 -27.04 -56.46
CA ASP F 80 -8.47 -26.32 -56.50
C ASP F 80 -8.68 -24.81 -56.64
N GLY F 81 -9.69 -24.42 -57.42
CA GLY F 81 -10.07 -23.03 -57.60
C GLY F 81 -10.61 -22.41 -56.32
N ARG F 82 -11.53 -23.09 -55.66
CA ARG F 82 -12.04 -22.65 -54.37
C ARG F 82 -10.90 -22.42 -53.37
N HIS F 83 -9.93 -23.33 -53.35
CA HIS F 83 -8.76 -23.19 -52.49
C HIS F 83 -8.00 -21.90 -52.77
N LEU F 84 -7.79 -21.62 -54.05
CA LEU F 84 -7.12 -20.41 -54.49
C LEU F 84 -7.89 -19.14 -54.10
N VAL F 85 -9.20 -19.17 -54.31
CA VAL F 85 -10.07 -18.05 -53.93
C VAL F 85 -10.08 -17.82 -52.41
N ASN F 86 -10.22 -18.91 -51.64
CA ASN F 86 -10.06 -18.83 -50.19
C ASN F 86 -8.80 -18.08 -49.80
N ARG F 87 -7.69 -18.45 -50.40
CA ARG F 87 -6.43 -17.77 -50.15
C ARG F 87 -6.49 -16.30 -50.59
N GLY F 88 -7.05 -16.05 -51.78
CA GLY F 88 -7.21 -14.69 -52.29
C GLY F 88 -7.98 -13.80 -51.33
N ARG F 89 -9.06 -14.35 -50.79
CA ARG F 89 -9.87 -13.65 -49.80
C ARG F 89 -9.08 -13.31 -48.52
N GLU F 90 -8.24 -14.24 -48.05
CA GLU F 90 -7.39 -13.98 -46.90
C GLU F 90 -6.37 -12.92 -47.26
N GLU F 91 -5.79 -13.10 -48.43
CA GLU F 91 -4.76 -12.23 -48.99
C GLU F 91 -5.24 -10.77 -49.06
N ALA F 92 -6.51 -10.59 -49.46
CA ALA F 92 -7.12 -9.26 -49.61
C ALA F 92 -7.52 -8.64 -48.26
N ALA F 93 -8.09 -9.45 -47.38
CA ALA F 93 -8.44 -9.03 -46.02
C ALA F 93 -7.22 -8.46 -45.28
N SER F 94 -6.11 -9.19 -45.38
CA SER F 94 -4.86 -8.79 -44.75
C SER F 94 -4.40 -7.43 -45.26
N PHE F 95 -4.45 -7.25 -46.58
CA PHE F 95 -4.10 -5.97 -47.23
C PHE F 95 -4.98 -4.82 -46.76
N LYS F 96 -6.31 -5.01 -46.82
CA LYS F 96 -7.26 -3.99 -46.37
C LYS F 96 -7.07 -3.63 -44.88
N LYS F 97 -6.84 -4.65 -44.06
CA LYS F 97 -6.62 -4.49 -42.63
C LYS F 97 -5.48 -3.53 -42.33
N LEU F 98 -4.33 -3.72 -43.01
CA LEU F 98 -3.15 -2.89 -42.72
C LEU F 98 -3.16 -1.53 -43.44
N TYR F 99 -3.74 -1.48 -44.64
CA TYR F 99 -3.58 -0.34 -45.52
C TYR F 99 -4.86 0.45 -45.75
N LYS F 100 -5.97 -0.10 -45.26
CA LYS F 100 -7.27 0.57 -45.24
C LYS F 100 -7.97 0.61 -46.60
N THR F 101 -7.21 0.89 -47.66
CA THR F 101 -7.77 0.84 -49.02
C THR F 101 -7.98 -0.61 -49.49
N PRO F 102 -9.01 -0.86 -50.33
CA PRO F 102 -9.18 -2.20 -50.91
C PRO F 102 -8.03 -2.54 -51.86
N ILE F 103 -7.70 -3.82 -51.97
CA ILE F 103 -6.51 -4.25 -52.70
C ILE F 103 -6.60 -3.94 -54.20
N PRO F 104 -5.60 -3.21 -54.73
CA PRO F 104 -5.49 -3.01 -56.18
C PRO F 104 -5.39 -4.34 -56.92
N ILE F 105 -5.94 -4.41 -58.12
CA ILE F 105 -6.01 -5.66 -58.86
C ILE F 105 -4.61 -6.20 -59.23
N PRO F 106 -3.71 -5.33 -59.72
CA PRO F 106 -2.32 -5.80 -59.92
C PRO F 106 -1.68 -6.37 -58.65
N ALA F 107 -1.87 -5.68 -57.51
CA ALA F 107 -1.42 -6.16 -56.21
C ALA F 107 -2.00 -7.54 -55.89
N PHE F 108 -3.31 -7.69 -56.08
CA PHE F 108 -4.00 -8.95 -55.85
C PHE F 108 -3.53 -10.06 -56.79
N ALA F 109 -3.23 -9.69 -58.03
CA ALA F 109 -2.74 -10.65 -59.02
C ALA F 109 -1.47 -11.34 -58.51
N ASP F 110 -0.52 -10.54 -58.02
CA ASP F 110 0.75 -11.07 -57.54
C ASP F 110 0.56 -11.93 -56.27
N ARG F 111 -0.42 -11.57 -55.46
CA ARG F 111 -0.73 -12.36 -54.28
C ARG F 111 -1.05 -13.79 -54.68
N LEU F 112 -1.97 -13.95 -55.63
CA LEU F 112 -2.32 -15.24 -56.20
C LEU F 112 -1.11 -15.89 -56.89
N GLY F 113 -0.42 -15.09 -57.70
CA GLY F 113 0.76 -15.55 -58.41
C GLY F 113 1.80 -16.21 -57.52
N GLN F 114 2.22 -15.49 -56.48
CA GLN F 114 3.26 -15.96 -55.56
C GLN F 114 2.84 -17.24 -54.87
N TYR F 115 1.56 -17.34 -54.55
CA TYR F 115 1.00 -18.50 -53.88
C TYR F 115 1.06 -19.72 -54.80
N VAL F 116 0.60 -19.53 -56.04
CA VAL F 116 0.59 -20.60 -57.05
C VAL F 116 2.01 -21.05 -57.37
N GLN F 117 2.93 -20.10 -57.48
CA GLN F 117 4.35 -20.39 -57.74
C GLN F 117 4.96 -21.16 -56.58
N ALA F 118 4.53 -20.85 -55.37
CA ALA F 118 4.98 -21.58 -54.18
C ALA F 118 4.70 -23.09 -54.31
N HIS F 119 3.59 -23.45 -54.96
CA HIS F 119 3.20 -24.86 -55.15
C HIS F 119 3.90 -25.52 -56.34
N THR F 120 5.03 -24.93 -56.76
CA THR F 120 5.90 -25.52 -57.75
C THR F 120 7.32 -25.56 -57.22
N LEU F 121 7.48 -25.35 -55.92
CA LEU F 121 8.80 -25.25 -55.29
C LEU F 121 9.18 -26.49 -54.47
N TYR F 122 8.20 -27.34 -54.17
CA TYR F 122 8.39 -28.49 -53.29
C TYR F 122 7.72 -29.74 -53.83
N ASN F 123 8.36 -30.89 -53.63
CA ASN F 123 7.75 -32.17 -54.02
C ASN F 123 6.73 -32.67 -53.01
N SER F 124 6.57 -31.95 -51.91
CA SER F 124 5.63 -32.32 -50.87
C SER F 124 4.25 -31.71 -51.13
N VAL F 125 4.17 -30.86 -52.15
CA VAL F 125 2.89 -30.33 -52.63
C VAL F 125 2.69 -30.64 -54.11
N ARG F 126 1.45 -30.50 -54.55
CA ARG F 126 1.06 -30.69 -55.94
C ARG F 126 0.76 -29.32 -56.54
N PRO F 127 1.10 -29.10 -57.83
CA PRO F 127 0.73 -27.82 -58.48
C PRO F 127 -0.78 -27.66 -58.58
N PHE F 128 -1.24 -26.42 -58.72
CA PHE F 128 -2.67 -26.15 -58.86
C PHE F 128 -3.25 -26.61 -60.20
N GLY F 129 -4.39 -27.30 -60.12
CA GLY F 129 -5.03 -27.82 -61.33
C GLY F 129 -6.10 -26.92 -61.91
N VAL F 130 -5.83 -25.62 -61.94
CA VAL F 130 -6.72 -24.66 -62.59
C VAL F 130 -5.94 -23.50 -63.22
N SER F 131 -6.53 -22.92 -64.27
CA SER F 131 -6.15 -21.59 -64.71
C SER F 131 -7.28 -20.66 -64.29
N THR F 132 -6.93 -19.50 -63.74
CA THR F 132 -7.91 -18.58 -63.16
C THR F 132 -7.92 -17.25 -63.90
N ILE F 133 -9.14 -16.84 -64.25
CA ILE F 133 -9.41 -15.54 -64.87
C ILE F 133 -10.07 -14.65 -63.81
N PHE F 134 -9.44 -13.51 -63.53
CA PHE F 134 -9.90 -12.63 -62.47
C PHE F 134 -9.55 -11.17 -62.76
N GLY F 135 -10.25 -10.26 -62.09
CA GLY F 135 -10.01 -8.84 -62.24
C GLY F 135 -11.09 -7.99 -61.59
N GLY F 136 -10.94 -6.68 -61.71
CA GLY F 136 -11.91 -5.74 -61.18
C GLY F 136 -11.50 -4.31 -61.46
N VAL F 137 -12.13 -3.38 -60.74
CA VAL F 137 -11.89 -1.96 -60.90
C VAL F 137 -11.17 -1.43 -59.67
N ASP F 138 -10.10 -0.67 -59.88
CA ASP F 138 -9.46 0.02 -58.77
C ASP F 138 -9.25 1.53 -59.00
N LYS F 139 -8.34 2.10 -58.23
CA LYS F 139 -8.00 3.52 -58.26
C LYS F 139 -7.67 4.00 -59.67
N ASN F 140 -7.05 3.14 -60.48
CA ASN F 140 -6.74 3.52 -61.87
C ASN F 140 -7.30 2.61 -62.97
N GLY F 141 -8.57 2.23 -62.83
CA GLY F 141 -9.31 1.62 -63.91
C GLY F 141 -9.62 0.15 -63.75
N ALA F 142 -9.89 -0.49 -64.90
CA ALA F 142 -10.22 -1.91 -64.94
C ALA F 142 -8.99 -2.74 -65.26
N HIS F 143 -8.90 -3.92 -64.64
CA HIS F 143 -7.81 -4.86 -64.90
C HIS F 143 -8.35 -6.27 -65.05
N LEU F 144 -7.81 -6.98 -66.04
CA LEU F 144 -8.15 -8.38 -66.27
C LEU F 144 -6.88 -9.21 -66.33
N TYR F 145 -6.93 -10.36 -65.65
CA TYR F 145 -5.78 -11.24 -65.55
C TYR F 145 -6.16 -12.69 -65.78
N MET F 146 -5.19 -13.47 -66.26
CA MET F 146 -5.27 -14.92 -66.26
C MET F 146 -3.98 -15.51 -65.67
N LEU F 147 -4.16 -16.50 -64.79
CA LEU F 147 -3.07 -17.11 -64.04
C LEU F 147 -3.00 -18.62 -64.30
N GLU F 148 -1.81 -19.09 -64.69
CA GLU F 148 -1.58 -20.52 -65.05
C GLU F 148 -1.02 -21.34 -63.87
N PRO F 149 -1.14 -22.68 -63.92
CA PRO F 149 -0.60 -23.58 -62.90
C PRO F 149 0.87 -23.38 -62.54
N SER F 150 1.65 -22.77 -63.43
CA SER F 150 3.05 -22.43 -63.12
C SER F 150 3.16 -21.20 -62.20
N GLY F 151 2.08 -20.42 -62.10
CA GLY F 151 2.09 -19.17 -61.37
C GLY F 151 2.29 -17.98 -62.29
N SER F 152 2.44 -18.27 -63.58
CA SER F 152 2.53 -17.24 -64.60
C SER F 152 1.17 -16.53 -64.73
N TYR F 153 1.24 -15.21 -64.87
CA TYR F 153 0.06 -14.39 -65.10
C TYR F 153 0.50 -13.12 -65.83
N TRP F 154 -0.40 -12.59 -66.66
CA TRP F 154 -0.20 -11.31 -67.31
C TRP F 154 -1.56 -10.61 -67.35
N GLY F 155 -1.55 -9.31 -67.65
CA GLY F 155 -2.78 -8.58 -67.94
C GLY F 155 -3.32 -8.95 -69.31
N TYR F 156 -4.63 -8.89 -69.46
CA TYR F 156 -5.29 -9.30 -70.70
C TYR F 156 -6.34 -8.31 -71.19
N LYS F 157 -6.40 -8.10 -72.50
CA LYS F 157 -7.51 -7.40 -73.14
C LYS F 157 -8.73 -8.30 -73.10
N GLY F 158 -8.48 -9.59 -73.32
CA GLY F 158 -9.49 -10.63 -73.24
C GLY F 158 -8.76 -11.93 -73.01
N ALA F 159 -9.44 -12.87 -72.35
CA ALA F 159 -8.81 -14.11 -71.92
C ALA F 159 -9.80 -15.26 -71.90
N ALA F 160 -9.27 -16.46 -72.16
CA ALA F 160 -10.06 -17.68 -72.17
C ALA F 160 -9.24 -18.88 -71.72
N THR F 161 -9.92 -19.87 -71.16
CA THR F 161 -9.28 -21.10 -70.70
C THR F 161 -10.27 -22.26 -70.71
N GLY F 162 -9.75 -23.48 -70.80
CA GLY F 162 -10.61 -24.67 -70.85
C GLY F 162 -10.77 -25.28 -72.23
N LYS F 163 -11.71 -26.21 -72.35
CA LYS F 163 -11.96 -26.97 -73.58
C LYS F 163 -12.00 -26.10 -74.83
N GLY F 164 -12.81 -25.04 -74.79
CA GLY F 164 -13.03 -24.21 -75.96
C GLY F 164 -12.17 -22.97 -76.06
N ARG F 165 -10.98 -23.03 -75.50
CA ARG F 165 -10.12 -21.85 -75.41
C ARG F 165 -9.74 -21.28 -76.78
N GLN F 166 -9.62 -22.14 -77.80
CA GLN F 166 -9.23 -21.70 -79.14
C GLN F 166 -10.33 -20.92 -79.86
N SER F 167 -11.57 -21.44 -79.81
CA SER F 167 -12.73 -20.74 -80.37
C SER F 167 -12.84 -19.36 -79.73
N ALA F 168 -12.80 -19.36 -78.40
CA ALA F 168 -12.90 -18.16 -77.60
C ALA F 168 -11.78 -17.18 -77.92
N LYS F 169 -10.53 -17.65 -77.94
CA LYS F 169 -9.41 -16.77 -78.25
C LYS F 169 -9.53 -16.12 -79.62
N ALA F 170 -10.05 -16.89 -80.59
CA ALA F 170 -10.28 -16.40 -81.94
C ALA F 170 -11.37 -15.34 -81.95
N GLU F 171 -12.44 -15.59 -81.22
CA GLU F 171 -13.54 -14.63 -81.07
C GLU F 171 -13.10 -13.36 -80.34
N LEU F 172 -12.28 -13.53 -79.31
CA LEU F 172 -11.71 -12.41 -78.57
C LEU F 172 -10.82 -11.52 -79.45
N GLU F 173 -9.99 -12.14 -80.28
CA GLU F 173 -9.07 -11.40 -81.16
C GLU F 173 -9.78 -10.49 -82.15
N LYS F 174 -10.94 -10.94 -82.65
CA LYS F 174 -11.73 -10.15 -83.60
C LYS F 174 -12.24 -8.86 -82.97
N LEU F 175 -12.75 -8.99 -81.74
CA LEU F 175 -13.24 -7.86 -80.97
C LEU F 175 -12.17 -6.81 -80.78
N VAL F 176 -10.96 -7.25 -80.45
CA VAL F 176 -9.81 -6.36 -80.29
C VAL F 176 -9.53 -5.56 -81.57
N ASP F 177 -9.74 -6.18 -82.73
CA ASP F 177 -9.50 -5.54 -84.02
C ASP F 177 -10.64 -4.64 -84.50
N HIS F 178 -11.88 -5.07 -84.28
CA HIS F 178 -13.05 -4.29 -84.71
C HIS F 178 -13.46 -3.20 -83.72
N HIS F 179 -12.78 -3.14 -82.58
CA HIS F 179 -13.03 -2.11 -81.55
C HIS F 179 -11.73 -1.65 -80.88
N PRO F 180 -10.89 -0.88 -81.61
CA PRO F 180 -9.65 -0.42 -80.98
C PRO F 180 -9.89 0.74 -79.99
N GLU F 181 -10.99 1.47 -80.21
CA GLU F 181 -11.37 2.62 -79.40
C GLU F 181 -11.83 2.26 -77.97
N GLY F 182 -11.68 1.00 -77.60
CA GLY F 182 -12.10 0.53 -76.29
C GLY F 182 -13.46 -0.14 -76.38
N LEU F 183 -14.81 -1.89 -76.20
CA LEU F 183 -16.15 -2.34 -75.87
C LEU F 183 -16.71 -1.59 -74.66
N SER F 184 -18.03 -1.61 -74.48
CA SER F 184 -18.66 -1.03 -73.31
C SER F 184 -19.18 -2.16 -72.43
N ALA F 185 -19.46 -1.85 -71.17
CA ALA F 185 -19.93 -2.85 -70.21
C ALA F 185 -21.09 -3.70 -70.75
N ARG F 186 -22.17 -3.05 -71.17
CA ARG F 186 -23.37 -3.73 -71.73
C ARG F 186 -23.07 -4.60 -72.96
N GLU F 187 -22.20 -4.10 -73.84
CA GLU F 187 -21.81 -4.82 -75.05
C GLU F 187 -20.98 -6.06 -74.74
N ALA F 188 -19.95 -5.88 -73.89
CA ALA F 188 -19.07 -6.96 -73.44
C ALA F 188 -19.81 -8.14 -72.78
N VAL F 189 -20.94 -7.85 -72.14
CA VAL F 189 -21.83 -8.87 -71.57
C VAL F 189 -22.50 -9.70 -72.67
N LYS F 190 -23.11 -9.02 -73.65
CA LYS F 190 -23.72 -9.70 -74.81
C LYS F 190 -22.67 -10.52 -75.53
N GLN F 191 -21.52 -9.90 -75.74
CA GLN F 191 -20.39 -10.53 -76.40
C GLN F 191 -19.93 -11.75 -75.61
N ALA F 192 -19.81 -11.61 -74.30
CA ALA F 192 -19.45 -12.73 -73.41
C ALA F 192 -20.35 -13.94 -73.62
N ALA F 193 -21.67 -13.70 -73.57
CA ALA F 193 -22.68 -14.72 -73.82
C ALA F 193 -22.49 -15.41 -75.18
N LYS F 194 -22.16 -14.63 -76.20
CA LYS F 194 -21.90 -15.16 -77.53
C LYS F 194 -20.69 -16.09 -77.54
N ILE F 195 -19.56 -15.60 -77.02
CA ILE F 195 -18.30 -16.35 -77.02
C ILE F 195 -18.43 -17.72 -76.35
N ILE F 196 -19.17 -17.82 -75.25
CA ILE F 196 -19.36 -19.11 -74.58
C ILE F 196 -20.20 -20.04 -75.42
N TYR F 197 -21.28 -19.52 -76.01
CA TYR F 197 -22.13 -20.31 -76.91
C TYR F 197 -21.38 -20.88 -78.12
N LEU F 198 -20.52 -20.06 -78.74
CA LEU F 198 -19.74 -20.42 -79.93
C LEU F 198 -18.68 -21.48 -79.62
N ALA F 199 -17.81 -21.17 -77.29
CA ALA F 199 -16.88 -22.29 -77.37
C ALA F 199 -17.58 -23.61 -77.06
N HIS F 200 -18.90 -23.56 -76.86
CA HIS F 200 -19.65 -24.73 -76.44
C HIS F 200 -19.69 -25.87 -77.48
N GLU F 201 -19.40 -25.54 -78.74
CA GLU F 201 -19.37 -26.53 -79.83
C GLU F 201 -18.35 -27.66 -79.66
N ASP F 202 -17.28 -27.39 -78.92
CA ASP F 202 -16.23 -28.37 -78.62
C ASP F 202 -16.67 -29.39 -77.56
N ASN F 203 -17.96 -29.36 -77.23
CA ASN F 203 -18.55 -30.21 -76.20
C ASN F 203 -20.07 -30.29 -76.40
N LYS F 204 -20.51 -30.08 -77.65
CA LYS F 204 -21.93 -29.89 -78.00
C LYS F 204 -22.87 -31.06 -77.65
N GLU F 205 -22.29 -32.17 -77.19
CA GLU F 205 -23.05 -33.37 -76.82
C GLU F 205 -23.86 -33.20 -75.53
N LYS F 206 -23.19 -32.84 -74.44
CA LYS F 206 -23.86 -32.54 -73.18
C LYS F 206 -24.51 -31.17 -73.25
N ASP F 207 -26.62 -30.59 -72.62
CA ASP F 207 -26.93 -29.17 -72.57
C ASP F 207 -25.97 -28.46 -71.59
N PHE F 208 -26.03 -27.12 -71.56
CA PHE F 208 -25.22 -26.32 -70.64
C PHE F 208 -25.98 -25.10 -70.12
N GLU F 209 -25.41 -24.45 -69.10
CA GLU F 209 -26.00 -23.29 -68.47
C GLU F 209 -25.00 -22.14 -68.53
N LEU F 210 -25.51 -20.93 -68.74
CA LEU F 210 -24.65 -19.77 -68.87
C LEU F 210 -24.60 -19.00 -67.55
N GLU F 211 -23.40 -18.56 -67.19
CA GLU F 211 -23.21 -17.71 -66.02
C GLU F 211 -22.34 -16.51 -66.39
N ILE F 212 -22.82 -15.31 -66.07
CA ILE F 212 -22.09 -14.08 -66.32
C ILE F 212 -22.07 -13.20 -65.06
N SER F 213 -20.93 -12.54 -64.85
CA SER F 213 -20.81 -11.53 -63.81
C SER F 213 -20.04 -10.36 -64.41
N TRP F 214 -20.11 -9.20 -63.76
CA TRP F 214 -19.40 -8.02 -64.21
C TRP F 214 -19.07 -7.04 -63.09
N CYS F 215 -18.05 -6.23 -63.34
CA CYS F 215 -17.63 -5.18 -62.45
C CYS F 215 -17.32 -3.97 -63.33
N SER F 216 -18.24 -2.98 -63.31
CA SER F 216 -18.10 -1.78 -64.14
C SER F 216 -18.24 -0.50 -63.30
N LEU F 217 -17.44 0.50 -63.63
CA LEU F 217 -17.44 1.76 -62.91
C LEU F 217 -18.80 2.45 -62.98
N SER F 218 -19.38 2.49 -64.17
CA SER F 218 -20.67 3.15 -64.39
C SER F 218 -21.87 2.25 -64.10
N GLU F 219 -21.73 0.95 -64.37
CA GLU F 219 -22.85 0.01 -64.28
C GLU F 219 -23.05 -0.67 -62.92
N THR F 220 -21.96 -0.85 -62.16
CA THR F 220 -22.04 -1.50 -60.85
C THR F 220 -21.39 -0.67 -59.75
N ASN F 221 -21.11 0.60 -60.05
CA ASN F 221 -20.49 1.54 -59.11
C ASN F 221 -19.04 1.20 -58.80
N GLY F 222 -17.81 -0.49 -59.99
CA GLY F 222 -16.72 -0.69 -59.06
C GLY F 222 -16.93 -1.92 -58.21
N LEU F 223 -18.18 -2.31 -58.00
CA LEU F 223 -18.48 -3.54 -57.27
C LEU F 223 -18.72 -4.70 -58.22
N HIS F 224 -18.31 -5.89 -57.80
CA HIS F 224 -18.57 -7.10 -58.56
C HIS F 224 -19.99 -7.59 -58.27
N LYS F 225 -20.78 -7.72 -59.33
CA LYS F 225 -22.17 -8.18 -59.23
C LYS F 225 -22.46 -9.26 -60.27
N PHE F 226 -23.48 -10.08 -60.01
CA PHE F 226 -23.92 -11.10 -60.94
C PHE F 226 -24.97 -10.57 -61.92
N VAL F 227 -24.95 -11.12 -63.13
CA VAL F 227 -25.90 -10.75 -64.18
C VAL F 227 -27.13 -11.66 -64.09
N LYS F 228 -28.29 -11.06 -63.82
CA LYS F 228 -29.51 -11.81 -63.49
C LYS F 228 -30.71 -11.40 -64.36
N GLY F 229 -31.73 -12.27 -64.38
CA GLY F 229 -33.03 -12.02 -65.01
C GLY F 229 -33.01 -11.42 -66.41
N ASP F 230 -33.51 -10.19 -66.52
CA ASP F 230 -33.66 -9.50 -67.81
C ASP F 230 -32.37 -9.31 -68.59
N LEU F 231 -31.32 -8.88 -67.89
CA LEU F 231 -30.02 -8.63 -68.53
C LEU F 231 -29.32 -9.92 -68.93
N LEU F 232 -29.58 -11.00 -68.18
CA LEU F 232 -29.07 -12.32 -68.50
C LEU F 232 -29.81 -12.89 -69.71
N GLN F 233 -31.14 -12.81 -69.67
CA GLN F 233 -31.99 -13.30 -70.76
C GLN F 233 -31.72 -12.56 -72.08
N GLU F 234 -31.52 -11.24 -71.98
CA GLU F 234 -31.17 -10.42 -73.13
C GLU F 234 -29.82 -10.83 -73.72
N ALA F 235 -28.87 -11.19 -72.85
CA ALA F 235 -27.57 -11.69 -73.28
C ALA F 235 -27.70 -13.08 -73.94
N ILE F 236 -28.53 -13.93 -73.36
CA ILE F 236 -28.77 -15.27 -73.89
C ILE F 236 -29.33 -15.19 -75.31
N ASP F 237 -30.34 -14.33 -75.51
CA ASP F 237 -30.97 -14.12 -76.81
C ASP F 237 -29.96 -13.71 -77.88
N PHE F 238 -29.17 -12.67 -77.59
CA PHE F 238 -28.15 -12.17 -78.51
C PHE F 238 -27.23 -13.28 -79.00
N ALA F 239 -26.87 -14.18 -78.09
CA ALA F 239 -26.02 -15.31 -78.41
C ALA F 239 -26.78 -16.40 -79.17
N GLN F 240 -28.00 -16.70 -78.72
CA GLN F 240 -28.87 -17.68 -79.35
C GLN F 240 -29.22 -17.30 -80.79
N LYS F 241 -29.31 -15.99 -81.05
CA LYS F 241 -29.59 -15.46 -82.39
C LYS F 241 -28.34 -15.45 -83.26
N GLU F 242 -27.19 -15.17 -82.66
CA GLU F 242 -25.92 -15.14 -83.42
C GLU F 242 -25.26 -16.51 -83.57
N ILE F 243 -25.91 -17.55 -83.06
CA ILE F 243 -25.49 -18.93 -83.31
C ILE F 243 -26.02 -19.42 -84.67
N ASN F 244 -27.06 -18.73 -85.17
CA ASN F 244 -27.67 -19.04 -86.47
C ASN F 244 -27.34 -17.95 -87.49
N ALA G 1 20.66 -44.62 -56.78
CA ALA G 1 21.69 -44.28 -57.81
C ALA G 1 21.23 -43.15 -58.72
N GLY G 2 20.16 -43.40 -59.51
CA GLY G 2 19.64 -42.43 -60.51
C GLY G 2 18.94 -41.19 -59.98
N TYR G 3 18.82 -41.09 -58.65
CA TYR G 3 18.20 -39.94 -58.00
C TYR G 3 19.16 -38.76 -57.84
N ASP G 4 20.43 -38.98 -58.18
CA ASP G 4 21.42 -37.89 -58.18
C ASP G 4 21.10 -36.84 -59.25
N ARG G 5 19.99 -37.05 -59.97
CA ARG G 5 19.58 -36.15 -61.03
C ARG G 5 18.23 -35.47 -60.75
N HIS G 6 17.67 -35.73 -59.58
CA HIS G 6 16.34 -35.23 -59.20
C HIS G 6 16.39 -34.21 -58.06
N ILE G 7 17.20 -34.47 -57.04
CA ILE G 7 17.46 -33.48 -55.99
C ILE G 7 18.93 -33.08 -56.02
N THR G 8 19.26 -32.01 -55.29
CA THR G 8 20.58 -31.45 -55.38
C THR G 8 21.62 -32.15 -54.51
N ILE G 9 21.88 -33.43 -54.78
CA ILE G 9 23.06 -34.09 -54.24
C ILE G 9 24.06 -34.39 -55.36
N PHE G 10 25.34 -34.57 -55.01
CA PHE G 10 26.41 -34.76 -55.99
C PHE G 10 26.21 -36.01 -56.85
N SER G 11 26.60 -35.92 -58.12
CA SER G 11 26.73 -37.07 -58.99
C SER G 11 28.15 -37.62 -58.82
N PRO G 12 28.40 -38.88 -59.26
CA PRO G 12 29.77 -39.39 -59.15
C PRO G 12 30.85 -38.47 -59.74
N GLU G 13 30.47 -37.62 -60.70
CA GLU G 13 31.40 -36.66 -61.31
C GLU G 13 31.57 -35.39 -60.47
N GLY G 14 30.85 -35.30 -59.36
CA GLY G 14 30.92 -34.12 -58.48
C GLY G 14 30.11 -32.95 -58.97
N ARG G 15 29.05 -33.25 -59.71
CA ARG G 15 28.23 -32.24 -60.37
C ARG G 15 26.83 -32.20 -59.78
N LEU G 16 26.13 -31.10 -59.99
CA LEU G 16 24.77 -30.95 -59.53
C LEU G 16 23.80 -30.71 -60.69
N TYR G 17 23.25 -31.79 -61.21
CA TYR G 17 22.41 -31.71 -62.42
C TYR G 17 21.23 -30.76 -62.32
N GLN G 18 20.59 -30.73 -61.17
CA GLN G 18 19.44 -29.87 -60.96
C GLN G 18 19.81 -28.41 -61.10
N VAL G 19 21.01 -28.05 -60.65
CA VAL G 19 21.53 -26.70 -60.88
C VAL G 19 21.72 -26.46 -62.37
N GLU G 20 22.33 -27.43 -63.06
CA GLU G 20 22.59 -27.33 -64.49
C GLU G 20 21.30 -27.20 -65.30
N TYR G 21 20.26 -27.92 -64.88
CA TYR G 21 18.98 -27.87 -65.58
C TYR G 21 18.23 -26.58 -65.27
N ALA G 22 18.52 -25.99 -64.12
CA ALA G 22 17.95 -24.70 -63.76
C ALA G 22 18.50 -23.60 -64.68
N PHE G 23 19.82 -23.65 -64.93
CA PHE G 23 20.46 -22.79 -65.93
C PHE G 23 19.80 -22.89 -67.29
N LYS G 24 19.31 -24.09 -67.61
CA LYS G 24 18.65 -24.36 -68.87
C LYS G 24 17.32 -23.62 -68.94
N ALA G 25 16.61 -23.62 -67.81
CA ALA G 25 15.30 -22.98 -67.72
C ALA G 25 15.36 -21.47 -67.95
N THR G 26 16.52 -20.87 -67.67
CA THR G 26 16.68 -19.42 -67.78
C THR G 26 16.43 -18.89 -69.19
N ASN G 27 16.60 -19.76 -70.20
CA ASN G 27 16.49 -19.38 -71.59
C ASN G 27 15.10 -19.64 -72.16
N GLN G 28 14.24 -20.24 -71.35
CA GLN G 28 12.90 -20.61 -71.78
C GLN G 28 12.14 -19.48 -72.47
N THR G 29 12.42 -18.23 -72.10
CA THR G 29 11.64 -17.09 -72.55
C THR G 29 12.17 -16.46 -73.82
N ASN G 30 13.34 -16.91 -74.27
CA ASN G 30 13.93 -16.48 -75.54
C ASN G 30 14.08 -14.94 -75.62
N ILE G 31 14.56 -14.36 -74.53
CA ILE G 31 14.73 -12.91 -74.43
C ILE G 31 16.18 -12.62 -74.10
N ASN G 32 16.74 -11.59 -74.73
CA ASN G 32 18.10 -11.20 -74.44
C ASN G 32 18.13 -9.86 -73.75
N SER G 33 19.15 -9.66 -72.91
CA SER G 33 19.30 -8.44 -72.15
C SER G 33 20.77 -8.10 -72.01
N LEU G 34 21.07 -6.81 -71.86
CA LEU G 34 22.45 -6.37 -71.67
C LEU G 34 22.49 -5.19 -70.72
N ALA G 35 23.63 -5.00 -70.07
CA ALA G 35 23.80 -3.87 -69.17
C ALA G 35 25.15 -3.19 -69.39
N VAL G 36 25.12 -1.87 -69.46
CA VAL G 36 26.35 -1.07 -69.55
C VAL G 36 26.40 0.01 -68.49
N ARG G 37 27.62 0.43 -68.17
CA ARG G 37 27.86 1.49 -67.22
C ARG G 37 28.28 2.77 -67.94
N GLY G 38 27.60 3.87 -67.59
CA GLY G 38 28.02 5.20 -68.00
C GLY G 38 29.02 5.82 -67.03
N LYS G 39 29.20 7.13 -67.17
CA LYS G 39 30.06 7.93 -66.31
C LYS G 39 29.42 7.99 -64.92
N ASP G 40 28.10 8.18 -64.89
CA ASP G 40 27.36 8.28 -63.66
C ASP G 40 25.95 7.68 -63.79
N CYS G 41 25.83 6.68 -64.66
CA CYS G 41 24.57 5.96 -64.79
C CYS G 41 24.82 4.50 -65.14
N THR G 42 23.77 3.69 -65.05
CA THR G 42 23.82 2.31 -65.47
C THR G 42 22.54 2.05 -66.23
N VAL G 43 22.68 1.39 -67.38
CA VAL G 43 21.56 1.12 -68.27
C VAL G 43 21.36 -0.38 -68.44
N VAL G 44 20.11 -0.81 -68.41
CA VAL G 44 19.76 -2.16 -68.82
C VAL G 44 18.78 -2.12 -69.96
N ILE G 45 19.09 -2.88 -71.00
CA ILE G 45 18.19 -3.08 -72.12
C ILE G 45 17.77 -4.55 -72.14
N SER G 46 16.49 -4.77 -72.39
CA SER G 46 15.98 -6.11 -72.57
C SER G 46 14.93 -6.13 -73.66
N GLN G 47 14.96 -7.18 -74.47
CA GLN G 47 13.98 -7.37 -75.52
C GLN G 47 12.61 -7.53 -74.90
N LYS G 48 11.60 -7.03 -75.60
CA LYS G 48 10.23 -7.15 -75.16
C LYS G 48 9.45 -7.84 -76.28
N LYS G 49 8.97 -9.05 -76.00
CA LYS G 49 8.27 -9.82 -77.01
C LYS G 49 6.84 -10.11 -76.58
N VAL G 50 5.88 -9.54 -77.30
CA VAL G 50 4.48 -9.75 -76.99
C VAL G 50 3.80 -10.49 -78.16
N PRO G 51 3.87 -11.83 -78.14
CA PRO G 51 3.30 -12.64 -79.23
C PRO G 51 1.78 -12.50 -79.33
N ASP G 52 1.07 -12.87 -78.27
CA ASP G 52 -0.39 -12.83 -78.25
C ASP G 52 -0.94 -11.40 -78.32
N LYS G 53 -1.91 -11.19 -79.22
CA LYS G 53 -2.58 -9.90 -79.37
C LYS G 53 -3.53 -9.61 -78.20
N LEU G 54 -3.92 -10.67 -77.49
CA LEU G 54 -4.87 -10.57 -76.37
C LEU G 54 -4.24 -10.03 -75.08
N LEU G 55 -2.91 -10.00 -75.03
CA LEU G 55 -2.17 -9.50 -73.88
C LEU G 55 -2.25 -7.99 -73.73
N ASP G 56 -2.12 -7.54 -72.49
CA ASP G 56 -1.98 -6.13 -72.18
C ASP G 56 -0.49 -5.84 -72.12
N PRO G 57 0.08 -5.31 -73.22
CA PRO G 57 1.52 -5.10 -73.38
C PRO G 57 2.18 -4.43 -72.19
N THR G 58 1.42 -3.58 -71.49
CA THR G 58 1.94 -2.77 -70.37
C THR G 58 2.26 -3.59 -69.12
N THR G 59 1.70 -4.79 -69.05
CA THR G 59 1.93 -5.70 -67.94
C THR G 59 3.02 -6.73 -68.21
N VAL G 60 3.55 -6.77 -69.44
CA VAL G 60 4.60 -7.73 -69.81
C VAL G 60 5.99 -7.12 -69.60
N SER G 61 6.63 -7.50 -68.51
CA SER G 61 7.91 -6.90 -68.12
C SER G 61 8.78 -7.89 -67.37
N TYR G 62 10.09 -7.82 -67.62
CA TYR G 62 11.08 -8.62 -66.87
C TYR G 62 12.05 -7.71 -66.13
N ILE G 63 11.68 -6.44 -66.05
CA ILE G 63 12.46 -5.46 -65.29
C ILE G 63 11.68 -5.09 -64.03
N PHE G 64 12.40 -4.97 -62.92
CA PHE G 64 11.77 -4.71 -61.63
C PHE G 64 12.48 -3.59 -60.91
N CYS G 65 11.67 -2.74 -60.27
CA CYS G 65 12.20 -1.72 -59.37
C CYS G 65 12.26 -2.31 -57.95
N ILE G 66 13.46 -2.70 -57.54
CA ILE G 66 13.66 -3.39 -56.26
C ILE G 66 13.55 -2.38 -55.13
N SER G 67 14.28 -1.27 -55.29
CA SER G 67 14.23 -0.17 -54.35
C SER G 67 14.41 1.15 -55.10
N ARG G 68 14.25 2.27 -54.41
CA ARG G 68 14.48 3.60 -54.98
C ARG G 68 15.77 3.67 -55.82
N THR G 69 16.79 2.90 -55.46
CA THR G 69 18.09 2.94 -56.17
C THR G 69 18.47 1.69 -56.97
N ILE G 70 17.90 0.53 -56.63
CA ILE G 70 18.26 -0.73 -57.28
C ILE G 70 17.21 -1.13 -58.31
N GLY G 71 17.69 -1.47 -59.50
CA GLY G 71 16.87 -2.14 -60.50
C GLY G 71 17.40 -3.53 -60.78
N MET G 72 16.49 -4.42 -61.17
CA MET G 72 16.86 -5.79 -61.48
C MET G 72 16.15 -6.29 -62.73
N VAL G 73 16.93 -6.77 -63.70
CA VAL G 73 16.38 -7.49 -64.85
C VAL G 73 16.59 -8.99 -64.67
N VAL G 74 15.61 -9.78 -65.09
CA VAL G 74 15.64 -11.23 -64.97
C VAL G 74 15.59 -11.93 -66.33
N ASN G 75 16.49 -12.87 -66.56
CA ASN G 75 16.31 -13.86 -67.62
C ASN G 75 15.82 -15.19 -67.05
N GLY G 76 14.57 -15.54 -67.34
CA GLY G 76 13.97 -16.79 -66.87
C GLY G 76 12.45 -16.69 -66.80
N PRO G 77 11.77 -17.80 -66.46
CA PRO G 77 10.30 -17.79 -66.41
C PRO G 77 9.77 -16.77 -65.41
N ILE G 78 8.65 -16.12 -65.75
CA ILE G 78 8.12 -15.03 -64.94
C ILE G 78 7.80 -15.42 -63.49
N PRO G 79 7.21 -16.62 -63.26
CA PRO G 79 6.80 -16.86 -61.86
C PRO G 79 7.99 -16.93 -60.92
N ASP G 80 9.08 -17.55 -61.37
CA ASP G 80 10.32 -17.57 -60.60
C ASP G 80 10.93 -16.17 -60.51
N ALA G 81 10.85 -15.41 -61.60
CA ALA G 81 11.34 -14.03 -61.64
C ALA G 81 10.66 -13.18 -60.58
N ARG G 82 9.34 -13.26 -60.51
CA ARG G 82 8.58 -12.47 -59.56
C ARG G 82 8.86 -12.88 -58.10
N ASN G 83 9.00 -14.19 -57.89
CA ASN G 83 9.44 -14.74 -56.61
C ASN G 83 10.74 -14.07 -56.17
N ALA G 84 11.70 -13.98 -57.08
CA ALA G 84 12.98 -13.36 -56.76
C ALA G 84 12.86 -11.85 -56.56
N ALA G 85 11.96 -11.23 -57.31
CA ALA G 85 11.71 -9.80 -57.21
C ALA G 85 11.15 -9.44 -55.83
N LEU G 86 10.12 -10.19 -55.41
CA LEU G 86 9.46 -10.00 -54.12
C LEU G 86 10.46 -10.13 -52.98
N ARG G 87 11.32 -11.15 -53.07
CA ARG G 87 12.31 -11.39 -52.03
C ARG G 87 13.28 -10.24 -51.94
N ALA G 88 13.76 -9.79 -53.10
CA ALA G 88 14.75 -8.72 -53.17
C ALA G 88 14.22 -7.41 -52.59
N LYS G 89 12.97 -7.12 -52.90
CA LYS G 89 12.32 -5.93 -52.36
C LYS G 89 12.28 -6.02 -50.84
N ALA G 90 11.75 -7.13 -50.33
CA ALA G 90 11.66 -7.37 -48.90
C ALA G 90 13.02 -7.27 -48.22
N GLU G 91 14.04 -7.87 -48.84
CA GLU G 91 15.39 -7.87 -48.28
C GLU G 91 15.97 -6.47 -48.31
N ALA G 92 15.63 -5.69 -49.34
CA ALA G 92 16.14 -4.31 -49.47
C ALA G 92 15.52 -3.38 -48.44
N ALA G 93 14.22 -3.54 -48.21
CA ALA G 93 13.49 -2.73 -47.25
C ALA G 93 13.99 -3.03 -45.83
N GLU G 94 14.18 -4.32 -45.54
CA GLU G 94 14.66 -4.74 -44.23
C GLU G 94 16.09 -4.25 -43.93
N PHE G 95 16.97 -4.30 -44.91
CA PHE G 95 18.34 -3.83 -44.74
C PHE G 95 18.36 -2.36 -44.32
N ARG G 96 17.54 -1.55 -44.97
CA ARG G 96 17.49 -0.11 -44.69
C ARG G 96 16.98 0.16 -43.28
N TYR G 97 15.96 -0.59 -42.87
CA TYR G 97 15.42 -0.49 -41.51
C TYR G 97 16.47 -0.83 -40.44
N LYS G 98 17.17 -1.93 -40.63
CA LYS G 98 18.08 -2.45 -39.61
C LYS G 98 19.40 -1.68 -39.56
N TYR G 99 19.91 -1.26 -40.71
CA TYR G 99 21.26 -0.69 -40.78
C TYR G 99 21.31 0.79 -41.12
N GLY G 100 20.16 1.37 -41.44
CA GLY G 100 20.03 2.82 -41.55
C GLY G 100 20.62 3.47 -42.79
N TYR G 101 21.02 2.63 -43.75
CA TYR G 101 21.36 3.11 -45.08
C TYR G 101 20.84 2.19 -46.16
N ASP G 102 20.80 2.69 -47.39
CA ASP G 102 20.26 1.96 -48.51
C ASP G 102 21.14 0.77 -48.86
N MET G 103 20.51 -0.37 -49.13
CA MET G 103 21.26 -1.60 -49.44
C MET G 103 21.97 -1.42 -50.75
N PRO G 104 23.30 -1.59 -50.74
CA PRO G 104 24.08 -1.54 -51.97
C PRO G 104 23.71 -2.69 -52.91
N CYS G 105 23.74 -2.37 -54.19
CA CYS G 105 23.58 -3.32 -55.29
C CYS G 105 24.32 -4.65 -55.11
N ASP G 106 25.64 -4.58 -54.88
CA ASP G 106 26.49 -5.76 -54.71
C ASP G 106 26.13 -6.58 -53.45
N VAL G 107 25.74 -5.89 -52.39
CA VAL G 107 25.35 -6.55 -51.13
C VAL G 107 24.05 -7.32 -51.32
N LEU G 108 23.06 -6.70 -51.95
CA LEU G 108 21.83 -7.41 -52.27
C LEU G 108 22.15 -8.61 -53.16
N ALA G 109 23.01 -8.39 -54.15
CA ALA G 109 23.46 -9.45 -55.05
C ALA G 109 24.01 -10.64 -54.26
N LYS G 110 24.98 -10.38 -53.38
CA LYS G 110 25.54 -11.41 -52.49
C LYS G 110 24.45 -12.15 -51.71
N ARG G 111 23.51 -11.38 -51.15
CA ARG G 111 22.41 -11.93 -50.39
C ARG G 111 21.54 -12.88 -51.21
N MET G 112 21.24 -12.52 -52.45
CA MET G 112 20.41 -13.37 -53.31
C MET G 112 21.18 -14.60 -53.80
N ALA G 113 22.46 -14.43 -54.08
CA ALA G 113 23.36 -15.53 -54.41
C ALA G 113 23.45 -16.52 -53.25
N ASN G 114 23.42 -16.01 -52.02
CA ASN G 114 23.42 -16.85 -50.82
C ASN G 114 22.15 -17.70 -50.69
N LEU G 115 21.01 -17.08 -50.91
CA LEU G 115 19.76 -17.81 -50.91
C LEU G 115 19.80 -18.91 -51.98
N SER G 116 20.36 -18.57 -53.15
CA SER G 116 20.46 -19.52 -54.25
C SER G 116 21.39 -20.69 -53.95
N GLN G 117 22.53 -20.37 -53.32
CA GLN G 117 23.44 -21.38 -52.80
C GLN G 117 22.71 -22.38 -51.89
N ILE G 118 21.80 -21.88 -51.05
CA ILE G 118 21.08 -22.74 -50.11
C ILE G 118 20.22 -23.78 -50.84
N TYR G 119 19.57 -23.38 -51.93
CA TYR G 119 18.75 -24.32 -52.70
C TYR G 119 19.62 -25.40 -53.37
N THR G 120 20.89 -25.05 -53.49
CA THR G 120 21.94 -25.89 -54.04
C THR G 120 22.40 -26.97 -53.05
N GLN G 121 22.13 -26.74 -51.76
CA GLN G 121 22.62 -27.63 -50.71
C GLN G 121 21.52 -28.40 -49.99
N ARG G 122 20.38 -27.74 -49.78
CA ARG G 122 19.23 -28.36 -49.11
C ARG G 122 18.33 -29.02 -50.14
N ALA G 123 17.95 -30.26 -49.86
CA ALA G 123 17.18 -31.07 -50.81
C ALA G 123 15.75 -30.57 -51.08
N TYR G 124 15.08 -30.09 -50.04
CA TYR G 124 13.66 -29.78 -50.14
C TYR G 124 13.35 -28.54 -51.01
N MET G 125 14.36 -27.68 -51.20
CA MET G 125 14.23 -26.49 -52.06
C MET G 125 14.77 -26.77 -53.46
N ARG G 126 14.00 -26.37 -54.48
CA ARG G 126 14.52 -26.34 -55.86
C ARG G 126 15.18 -25.00 -56.14
N PRO G 127 16.20 -24.99 -57.04
CA PRO G 127 16.73 -23.73 -57.54
C PRO G 127 15.67 -22.96 -58.32
N LEU G 128 15.83 -21.64 -58.42
CA LEU G 128 14.96 -20.85 -59.28
C LEU G 128 15.64 -20.81 -60.63
N GLY G 129 14.88 -21.10 -61.69
CA GLY G 129 15.44 -21.12 -63.04
C GLY G 129 15.63 -19.72 -63.60
N VAL G 130 16.41 -18.89 -62.91
CA VAL G 130 16.57 -17.50 -63.34
C VAL G 130 17.99 -16.96 -63.16
N ILE G 131 18.30 -15.93 -63.94
CA ILE G 131 19.52 -15.17 -63.77
C ILE G 131 19.15 -13.72 -63.48
N LEU G 132 19.77 -13.13 -62.48
CA LEU G 132 19.36 -11.83 -61.97
C LEU G 132 20.46 -10.82 -62.20
N THR G 133 20.14 -9.75 -62.93
CA THR G 133 21.10 -8.69 -63.15
C THR G 133 20.68 -7.46 -62.36
N PHE G 134 21.52 -7.07 -61.39
CA PHE G 134 21.23 -5.96 -60.50
C PHE G 134 22.04 -4.76 -60.89
N VAL G 135 21.39 -3.60 -60.89
CA VAL G 135 22.01 -2.36 -61.37
C VAL G 135 21.64 -1.17 -60.49
N SER G 136 22.59 -0.27 -60.32
CA SER G 136 22.41 0.95 -59.55
C SER G 136 23.59 1.88 -59.77
N VAL G 137 23.50 3.11 -59.25
CA VAL G 137 24.68 3.94 -59.06
C VAL G 137 24.95 3.97 -57.56
N ASP G 138 25.87 3.12 -57.12
CA ASP G 138 26.17 2.96 -55.72
C ASP G 138 26.82 4.22 -55.20
N GLU G 139 26.40 4.66 -54.02
CA GLU G 139 26.91 5.89 -53.40
C GLU G 139 28.39 5.81 -53.02
N GLU G 140 28.90 4.60 -52.84
CA GLU G 140 30.32 4.45 -52.59
C GLU G 140 31.04 4.18 -53.90
N LEU G 141 30.22 2.67 -55.02
CA LEU G 141 31.13 2.14 -56.02
C LEU G 141 30.86 2.77 -57.40
N GLY G 142 29.91 3.69 -57.44
CA GLY G 142 29.49 4.30 -58.69
C GLY G 142 28.61 3.34 -59.46
N PRO G 143 28.46 3.58 -60.78
CA PRO G 143 27.63 2.71 -61.63
C PRO G 143 28.01 1.24 -61.40
N SER G 144 26.99 0.37 -61.31
CA SER G 144 27.21 -0.99 -60.83
C SER G 144 26.34 -2.02 -61.52
N ILE G 145 26.96 -3.13 -61.90
CA ILE G 145 26.25 -4.31 -62.41
C ILE G 145 26.74 -5.56 -61.70
N TYR G 146 25.80 -6.28 -61.08
CA TYR G 146 26.08 -7.53 -60.39
C TYR G 146 25.03 -8.56 -60.81
N LYS G 147 25.51 -9.74 -61.16
CA LYS G 147 24.63 -10.76 -61.70
C LYS G 147 24.80 -12.09 -60.97
N THR G 148 23.67 -12.75 -60.75
CA THR G 148 23.61 -13.96 -59.94
C THR G 148 22.87 -15.03 -60.72
N ASP G 149 23.32 -16.29 -60.57
CA ASP G 149 22.76 -17.42 -61.31
C ASP G 149 22.19 -18.51 -60.39
N PRO G 150 21.59 -19.58 -60.94
CA PRO G 150 21.08 -20.62 -60.04
C PRO G 150 22.16 -21.43 -59.31
N ALA G 151 23.43 -21.19 -59.61
CA ALA G 151 24.52 -21.88 -58.90
C ALA G 151 24.88 -21.17 -57.59
N GLY G 152 24.36 -19.95 -57.44
CA GLY G 152 24.65 -19.12 -56.28
C GLY G 152 25.93 -18.34 -56.50
N TYR G 153 26.37 -18.33 -57.75
CA TYR G 153 27.55 -17.56 -58.15
C TYR G 153 27.13 -16.11 -58.45
N TYR G 154 28.02 -15.17 -58.14
CA TYR G 154 27.79 -13.77 -58.49
C TYR G 154 29.13 -13.04 -58.66
N VAL G 155 29.13 -12.01 -59.51
CA VAL G 155 30.32 -11.19 -59.74
C VAL G 155 29.90 -9.81 -60.26
N GLY G 156 30.83 -8.86 -60.24
CA GLY G 156 30.62 -7.55 -60.84
C GLY G 156 31.11 -7.46 -62.28
N TYR G 157 30.39 -6.68 -63.08
CA TYR G 157 30.67 -6.56 -64.50
C TYR G 157 30.92 -5.11 -64.94
N LYS G 158 31.80 -4.94 -65.94
CA LYS G 158 31.96 -3.69 -66.67
C LYS G 158 30.71 -3.51 -67.50
N ALA G 159 30.30 -4.62 -68.11
CA ALA G 159 29.07 -4.73 -68.86
C ALA G 159 28.78 -6.22 -68.94
N THR G 160 27.54 -6.56 -69.22
CA THR G 160 27.18 -7.97 -69.30
C THR G 160 25.97 -8.14 -70.19
N ALA G 161 25.68 -9.39 -70.55
CA ALA G 161 24.55 -9.74 -71.39
C ALA G 161 24.08 -11.11 -70.99
N THR G 162 22.79 -11.37 -71.15
CA THR G 162 22.21 -12.64 -70.73
C THR G 162 21.09 -13.04 -71.68
N GLY G 163 21.03 -14.35 -71.97
CA GLY G 163 19.96 -14.95 -72.78
C GLY G 163 20.48 -15.90 -73.86
N PRO G 164 19.59 -16.49 -74.66
CA PRO G 164 20.00 -17.42 -75.73
C PRO G 164 21.14 -16.87 -76.59
N LYS G 165 21.01 -15.61 -77.01
CA LYS G 165 22.04 -14.98 -77.82
C LYS G 165 23.04 -14.13 -77.01
N GLN G 166 23.33 -14.60 -75.81
CA GLN G 166 24.27 -13.96 -74.88
C GLN G 166 25.64 -13.70 -75.51
N GLN G 167 26.18 -14.72 -76.20
CA GLN G 167 27.55 -14.66 -76.74
C GLN G 167 27.75 -13.57 -77.80
N GLU G 168 26.79 -13.44 -78.73
CA GLU G 168 26.81 -12.40 -79.75
C GLU G 168 27.09 -11.05 -79.12
N ILE G 169 26.30 -10.72 -78.09
CA ILE G 169 26.39 -9.43 -77.41
C ILE G 169 27.70 -9.31 -76.65
N THR G 170 28.11 -10.39 -75.99
CA THR G 170 29.30 -10.40 -75.14
C THR G 170 30.55 -10.05 -75.93
N THR G 171 30.78 -10.78 -77.01
CA THR G 171 31.92 -10.56 -77.90
C THR G 171 31.91 -9.16 -78.52
N ASN G 172 30.73 -8.72 -78.98
CA ASN G 172 30.54 -7.35 -79.43
C ASN G 172 31.12 -6.35 -78.41
N LEU G 173 30.63 -6.44 -77.18
CA LEU G 173 31.04 -5.57 -76.07
C LEU G 173 32.52 -5.70 -75.71
N GLU G 174 33.01 -6.94 -75.70
CA GLU G 174 34.43 -7.22 -75.44
C GLU G 174 35.34 -6.49 -76.41
N ASN G 175 34.90 -6.43 -77.67
CA ASN G 175 35.64 -5.77 -78.72
C ASN G 175 35.70 -4.26 -78.54
N HIS G 176 34.57 -3.65 -78.19
CA HIS G 176 34.52 -2.23 -77.86
C HIS G 176 35.51 -1.85 -76.75
N PHE G 177 35.55 -2.65 -75.68
CA PHE G 177 36.41 -2.34 -74.52
C PHE G 177 37.91 -2.52 -74.77
N LYS G 178 38.28 -3.40 -75.69
CA LYS G 178 39.67 -3.52 -76.17
C LYS G 178 40.06 -2.25 -76.92
N LYS G 179 39.10 -1.74 -77.69
CA LYS G 179 39.23 -0.53 -78.49
C LYS G 179 39.32 0.71 -77.61
N SER G 180 38.28 0.93 -76.78
CA SER G 180 38.15 2.12 -75.94
C SER G 180 39.13 2.14 -74.75
N LYS G 181 39.60 0.95 -74.36
CA LYS G 181 40.62 0.79 -73.30
C LYS G 181 40.17 1.12 -71.87
N ILE G 182 38.98 1.72 -71.74
CA ILE G 182 38.41 2.07 -70.43
C ILE G 182 37.33 1.07 -70.02
N ASP G 183 36.85 1.20 -68.80
CA ASP G 183 35.91 0.22 -68.23
C ASP G 183 34.45 0.70 -68.11
N HIS G 184 34.07 1.66 -68.95
CA HIS G 184 32.69 2.15 -69.01
C HIS G 184 32.41 2.92 -70.29
N ILE G 185 31.16 3.30 -70.50
CA ILE G 185 30.77 4.13 -71.64
C ILE G 185 30.87 5.60 -71.27
N ASN G 186 32.67 6.68 -72.59
CA ASN G 186 32.83 7.99 -71.98
C ASN G 186 31.67 8.90 -72.35
N GLU G 187 30.60 8.86 -71.56
CA GLU G 187 29.40 9.63 -71.85
C GLU G 187 28.75 10.23 -70.60
N GLU G 188 28.44 11.53 -70.68
CA GLU G 188 27.96 12.29 -69.53
C GLU G 188 26.46 12.12 -69.35
N SER G 189 25.70 12.19 -70.45
CA SER G 189 24.26 11.96 -70.38
C SER G 189 23.97 10.50 -70.69
N TRP G 190 22.31 10.07 -69.28
CA TRP G 190 21.96 8.66 -69.45
C TRP G 190 21.35 8.38 -70.82
N GLU G 191 20.91 9.44 -71.50
CA GLU G 191 20.21 9.32 -72.79
C GLU G 191 21.10 8.76 -73.90
N LYS G 192 22.36 9.20 -73.94
CA LYS G 192 23.31 8.69 -74.92
C LYS G 192 23.78 7.27 -74.59
N VAL G 193 23.91 6.97 -73.29
CA VAL G 193 24.31 5.63 -72.83
C VAL G 193 23.22 4.60 -73.13
N VAL G 194 21.95 5.00 -72.98
CA VAL G 194 20.84 4.17 -73.44
C VAL G 194 20.99 3.92 -74.94
N GLU G 195 21.32 4.98 -75.67
CA GLU G 195 21.46 4.90 -77.12
C GLU G 195 22.59 3.96 -77.54
N PHE G 196 23.75 4.07 -76.89
CA PHE G 196 24.88 3.17 -77.11
C PHE G 196 24.49 1.71 -76.92
N ALA G 197 23.74 1.44 -75.85
CA ALA G 197 23.32 0.08 -75.53
C ALA G 197 22.36 -0.47 -76.57
N ILE G 198 21.44 0.36 -77.06
CA ILE G 198 20.51 -0.07 -78.09
C ILE G 198 21.24 -0.30 -79.42
N THR G 199 22.17 0.60 -79.74
CA THR G 199 22.97 0.50 -80.95
C THR G 199 23.71 -0.83 -80.99
N HIS G 200 24.44 -1.15 -79.91
CA HIS G 200 25.19 -2.39 -79.82
C HIS G 200 24.31 -3.63 -79.69
N MET G 201 23.08 -3.44 -79.22
CA MET G 201 22.10 -4.52 -79.24
C MET G 201 21.71 -4.81 -80.69
N ILE G 202 21.60 -3.75 -81.49
CA ILE G 202 21.26 -3.87 -82.92
C ILE G 202 22.39 -4.53 -83.74
N ASP G 203 23.62 -4.07 -83.55
CA ASP G 203 24.79 -4.62 -84.27
C ASP G 203 25.02 -6.11 -83.97
N ALA G 204 25.09 -6.44 -82.67
CA ALA G 204 25.35 -7.81 -82.23
C ALA G 204 24.24 -8.81 -82.59
N LEU G 205 22.99 -8.36 -82.54
CA LEU G 205 21.87 -9.24 -82.86
C LEU G 205 21.51 -9.19 -84.33
N GLY G 206 21.94 -8.13 -85.01
CA GLY G 206 21.57 -7.88 -86.40
C GLY G 206 20.08 -7.68 -86.62
N THR G 207 19.41 -7.01 -85.68
CA THR G 207 17.96 -6.76 -85.77
C THR G 207 17.62 -5.32 -85.40
N GLU G 208 16.65 -4.77 -86.12
CA GLU G 208 16.13 -3.43 -85.86
C GLU G 208 15.00 -3.51 -84.83
N PHE G 209 14.84 -2.46 -84.02
CA PHE G 209 13.80 -2.42 -82.99
C PHE G 209 12.84 -1.25 -83.14
N SER G 210 11.55 -1.54 -82.96
CA SER G 210 10.54 -0.51 -82.78
C SER G 210 10.42 -0.17 -81.29
N LYS G 211 9.61 0.84 -80.96
CA LYS G 211 9.39 1.29 -79.58
C LYS G 211 8.77 0.21 -78.67
N ASN G 212 8.16 -0.81 -79.27
CA ASN G 212 7.48 -1.87 -78.51
C ASN G 212 8.26 -3.18 -78.45
N ASP G 213 9.48 -3.16 -78.96
CA ASP G 213 10.36 -4.35 -78.99
C ASP G 213 11.37 -4.29 -77.88
N LEU G 214 11.51 -3.12 -77.28
CA LEU G 214 12.47 -2.90 -76.23
C LEU G 214 11.85 -2.53 -74.89
N GLU G 215 12.70 -2.55 -73.87
CA GLU G 215 12.33 -2.28 -72.50
C GLU G 215 13.64 -1.82 -71.86
N VAL G 216 13.61 -0.67 -71.23
CA VAL G 216 14.84 -0.03 -70.76
C VAL G 216 14.73 0.38 -69.30
N GLY G 217 15.82 0.20 -68.56
CA GLY G 217 15.89 0.64 -67.19
C GLY G 217 17.14 1.46 -67.01
N VAL G 218 17.00 2.58 -66.31
CA VAL G 218 18.13 3.48 -66.08
C VAL G 218 18.28 3.70 -64.59
N ALA G 219 19.53 3.64 -64.13
CA ALA G 219 19.88 3.91 -62.74
C ALA G 219 20.80 5.12 -62.65
N THR G 220 20.36 6.16 -61.94
CA THR G 220 21.20 7.32 -61.64
C THR G 220 21.33 7.47 -60.12
N LYS G 221 22.25 8.33 -59.70
CA LYS G 221 22.39 8.75 -58.30
C LYS G 221 21.02 8.93 -57.62
N ASP G 222 20.84 8.29 -56.47
CA ASP G 222 19.61 8.38 -55.65
C ASP G 222 18.34 8.11 -56.46
N LYS G 223 18.26 7.59 -58.47
CA LYS G 223 17.01 6.90 -58.72
C LYS G 223 17.21 5.85 -59.79
N PHE G 224 16.42 4.78 -59.72
CA PHE G 224 16.31 3.84 -60.82
C PHE G 224 14.91 3.93 -61.36
N PHE G 225 14.80 4.04 -62.68
CA PHE G 225 13.51 4.16 -63.36
C PHE G 225 13.51 3.43 -64.70
N THR G 226 12.32 3.19 -65.22
CA THR G 226 12.16 2.54 -66.51
C THR G 226 11.55 3.51 -67.54
N LEU G 227 12.00 3.42 -68.79
CA LEU G 227 11.52 4.31 -69.86
C LEU G 227 10.19 3.84 -70.45
N SER G 228 9.35 4.80 -70.82
CA SER G 228 8.07 4.51 -71.48
C SER G 228 8.30 4.24 -72.97
N ALA G 229 7.32 3.62 -73.63
CA ALA G 229 7.37 3.40 -75.08
C ALA G 229 7.82 4.68 -75.82
N GLU G 230 7.25 5.82 -75.43
CA GLU G 230 7.57 7.10 -76.05
C GLU G 230 8.97 7.63 -75.70
N ASN G 231 9.45 7.31 -74.50
CA ASN G 231 10.84 7.63 -74.13
C ASN G 231 11.83 6.81 -74.98
N ILE G 232 11.43 5.57 -75.30
CA ILE G 232 12.22 4.68 -76.16
C ILE G 232 12.28 5.24 -77.59
N GLU G 233 11.10 5.58 -78.13
CA GLU G 233 10.98 6.15 -79.48
C GLU G 233 11.91 7.34 -79.68
N GLU G 234 11.94 8.24 -78.70
CA GLU G 234 12.82 9.39 -78.68
C GLU G 234 14.29 8.96 -78.79
N ARG G 235 14.63 7.82 -78.19
CA ARG G 235 15.97 7.22 -78.27
C ARG G 235 16.23 6.56 -79.62
N LEU G 236 15.19 5.96 -80.19
CA LEU G 236 15.25 5.31 -81.50
C LEU G 236 15.36 6.31 -82.65
N VAL G 237 14.66 7.43 -82.52
CA VAL G 237 14.73 8.53 -83.48
C VAL G 237 16.15 9.07 -83.53
N ALA G 238 16.73 9.33 -82.37
CA ALA G 238 18.07 9.92 -82.25
C ALA G 238 19.19 9.08 -82.86
N ILE G 239 19.10 7.75 -82.77
CA ILE G 239 20.12 6.88 -83.37
C ILE G 239 20.04 6.84 -84.90
N ALA G 240 18.82 6.98 -85.43
CA ALA G 240 18.55 6.94 -86.87
C ALA G 240 19.15 8.14 -87.60
N GLU G 241 19.22 9.28 -86.93
CA GLU G 241 19.85 10.49 -87.47
C GLU G 241 21.38 10.38 -87.32
N GLN G 242 21.94 9.38 -88.00
CA GLN G 242 23.36 9.03 -87.91
C GLN G 242 23.66 7.82 -88.81
N ASP G 243 22.72 6.87 -88.85
CA ASP G 243 22.79 5.69 -89.72
C ASP G 243 22.25 5.98 -91.14
N THR H 1 28.92 10.61 -13.61
CA THR H 1 29.61 10.55 -14.94
C THR H 1 29.36 11.77 -15.77
N THR H 2 30.41 12.19 -16.47
CA THR H 2 30.30 13.26 -17.45
C THR H 2 30.86 12.78 -18.79
N ILE H 3 30.00 12.66 -19.79
CA ILE H 3 30.45 12.37 -21.15
C ILE H 3 29.97 13.48 -22.08
N VAL H 4 30.85 13.91 -23.00
CA VAL H 4 30.49 14.93 -23.99
C VAL H 4 30.88 14.52 -25.41
N GLY H 5 30.28 15.19 -26.38
CA GLY H 5 30.63 15.04 -27.77
C GLY H 5 30.56 16.39 -28.46
N VAL H 6 31.55 16.69 -29.29
CA VAL H 6 31.65 17.98 -29.97
C VAL H 6 32.15 17.81 -31.40
N LYS H 7 31.35 18.26 -32.37
CA LYS H 7 31.74 18.31 -33.77
C LYS H 7 32.70 19.47 -33.99
N PHE H 8 33.69 19.25 -34.85
CA PHE H 8 34.49 20.35 -35.40
C PHE H 8 34.45 20.37 -36.94
N ASN H 9 35.14 21.32 -37.56
CA ASN H 9 35.01 21.54 -39.00
C ASN H 9 35.28 20.29 -39.86
N ASN H 10 36.17 19.43 -39.39
CA ASN H 10 36.60 18.27 -40.16
C ASN H 10 36.47 16.93 -39.40
N GLY H 11 35.55 16.88 -38.46
CA GLY H 11 35.38 15.65 -37.69
C GLY H 11 34.59 15.79 -36.41
N VAL H 12 34.88 14.92 -35.46
CA VAL H 12 34.13 14.85 -34.22
C VAL H 12 35.02 14.39 -33.06
N VAL H 13 34.75 14.91 -31.87
CA VAL H 13 35.53 14.60 -30.68
C VAL H 13 34.61 14.19 -29.53
N ILE H 14 35.00 13.16 -28.78
CA ILE H 14 34.26 12.76 -27.59
C ILE H 14 35.18 12.66 -26.40
N ALA H 15 34.62 12.81 -25.21
CA ALA H 15 35.42 12.76 -23.99
C ALA H 15 34.58 12.36 -22.78
N ALA H 16 35.26 11.90 -21.74
CA ALA H 16 34.59 11.35 -20.57
C ALA H 16 35.49 11.45 -19.36
N ASP H 17 34.88 11.44 -18.17
CA ASP H 17 35.66 11.35 -16.94
C ASP H 17 35.97 9.87 -16.69
N THR H 18 36.59 9.57 -15.55
CA THR H 18 37.06 8.23 -15.26
C THR H 18 36.64 7.74 -13.87
N ARG H 19 35.49 8.24 -13.39
CA ARG H 19 34.99 7.82 -12.08
C ARG H 19 33.82 6.85 -12.18
N SER H 20 33.88 5.80 -11.37
CA SER H 20 32.74 4.89 -11.20
C SER H 20 32.32 4.86 -9.73
N THR H 21 31.02 4.87 -9.48
CA THR H 21 30.50 4.91 -8.11
C THR H 21 29.39 3.89 -7.81
N GLN H 22 29.40 3.38 -6.58
CA GLN H 22 28.27 2.66 -6.00
C GLN H 22 27.89 3.41 -4.73
N GLY H 23 26.70 4.00 -4.73
CA GLY H 23 26.27 4.87 -3.66
C GLY H 23 27.25 6.04 -3.54
N PRO H 24 27.72 6.33 -2.31
CA PRO H 24 28.69 7.39 -2.13
C PRO H 24 30.14 6.97 -2.39
N ILE H 25 30.35 5.71 -2.72
CA ILE H 25 31.71 5.15 -2.79
C ILE H 25 32.30 5.13 -4.22
N VAL H 26 33.50 5.66 -4.37
CA VAL H 26 34.23 5.54 -5.64
C VAL H 26 34.78 4.13 -5.81
N ALA H 27 34.13 3.34 -6.66
CA ALA H 27 34.56 1.98 -6.96
C ALA H 27 35.83 1.98 -7.82
N ASP H 28 35.91 2.89 -8.78
CA ASP H 28 37.02 2.95 -9.73
C ASP H 28 37.42 4.39 -9.99
N LYS H 29 38.70 4.67 -9.75
CA LYS H 29 39.26 6.01 -9.91
C LYS H 29 39.71 6.25 -11.35
N ASN H 30 39.76 5.18 -12.14
CA ASN H 30 40.25 5.27 -13.51
C ASN H 30 39.67 4.21 -14.46
N CYS H 31 38.35 4.12 -14.55
CA CYS H 31 37.76 3.25 -15.56
C CYS H 31 37.72 3.98 -16.90
N ALA H 32 37.47 3.23 -17.97
CA ALA H 32 37.47 3.79 -19.32
C ALA H 32 36.05 3.80 -19.88
N LYS H 33 35.49 4.99 -20.00
CA LYS H 33 34.11 5.15 -20.47
C LYS H 33 34.05 5.33 -21.98
N LEU H 34 35.21 5.39 -22.62
CA LEU H 34 35.30 5.46 -24.08
C LEU H 34 35.48 4.08 -24.71
N HIS H 35 34.57 3.73 -25.61
CA HIS H 35 34.54 2.39 -26.20
C HIS H 35 34.66 2.45 -27.71
N ARG H 36 35.36 1.48 -28.26
CA ARG H 36 35.53 1.37 -29.70
C ARG H 36 34.46 0.42 -30.27
N ILE H 37 33.56 0.95 -31.10
CA ILE H 37 32.61 0.11 -31.82
C ILE H 37 33.29 -0.48 -33.06
N SER H 38 33.98 0.37 -33.80
CA SER H 38 34.86 -0.03 -34.90
C SER H 38 36.02 0.97 -34.87
N PRO H 39 37.07 0.75 -35.69
CA PRO H 39 38.27 1.62 -35.63
C PRO H 39 38.01 3.14 -35.71
N LYS H 40 36.91 3.55 -36.35
CA LYS H 40 36.60 4.98 -36.48
C LYS H 40 35.20 5.35 -35.98
N ILE H 41 34.52 4.42 -35.34
CA ILE H 41 33.28 4.74 -34.62
C ILE H 41 33.53 4.47 -33.14
N TRP H 42 33.56 5.54 -32.34
CA TRP H 42 33.73 5.37 -30.89
C TRP H 42 32.52 5.85 -30.11
N CYS H 43 32.41 5.36 -28.87
CA CYS H 43 31.22 5.55 -28.06
C CYS H 43 31.55 5.91 -26.61
N ALA H 44 30.91 6.97 -26.12
CA ALA H 44 30.99 7.34 -24.70
C ALA H 44 29.75 6.84 -23.98
N GLY H 45 29.95 6.20 -22.84
CA GLY H 45 28.84 5.55 -22.14
C GLY H 45 28.64 6.02 -20.71
N ALA H 46 27.38 6.17 -20.33
CA ALA H 46 26.99 6.54 -18.98
C ALA H 46 25.83 5.66 -18.56
N GLY H 47 25.67 5.47 -17.25
CA GLY H 47 24.61 4.63 -16.70
C GLY H 47 25.20 3.43 -15.98
N THR H 48 24.67 2.25 -16.29
CA THR H 48 25.13 1.00 -15.70
C THR H 48 26.36 0.51 -16.48
N ALA H 49 27.48 0.39 -15.76
CA ALA H 49 28.77 0.11 -16.40
C ALA H 49 28.80 -1.18 -17.21
N ALA H 50 28.36 -2.28 -16.61
CA ALA H 50 28.27 -3.53 -17.34
C ALA H 50 27.43 -3.35 -18.62
N ASP H 51 26.32 -2.62 -18.50
CA ASP H 51 25.41 -2.41 -19.61
C ASP H 51 26.01 -1.65 -20.81
N THR H 52 26.76 -0.60 -20.54
CA THR H 52 27.39 0.15 -21.63
C THR H 52 28.52 -0.64 -22.29
N GLU H 53 29.23 -1.43 -21.50
CA GLU H 53 30.28 -2.30 -22.02
C GLU H 53 29.69 -3.38 -22.90
N ALA H 54 28.62 -4.01 -22.43
CA ALA H 54 27.97 -5.10 -23.16
C ALA H 54 27.31 -4.64 -24.46
N VAL H 55 26.51 -3.59 -24.38
CA VAL H 55 25.73 -3.13 -25.54
C VAL H 55 26.69 -2.62 -26.60
N THR H 56 27.78 -2.03 -26.15
CA THR H 56 28.82 -1.49 -27.01
C THR H 56 29.58 -2.62 -27.71
N GLN H 57 29.95 -3.67 -26.97
CA GLN H 57 30.67 -4.80 -27.53
C GLN H 57 29.82 -5.65 -28.48
N LEU H 58 28.56 -5.88 -28.11
CA LEU H 58 27.64 -6.66 -28.94
C LEU H 58 27.51 -6.03 -30.32
N ILE H 59 27.14 -4.75 -30.35
CA ILE H 59 26.94 -4.03 -31.61
C ILE H 59 28.27 -3.88 -32.37
N GLY H 60 29.37 -3.75 -31.62
CA GLY H 60 30.70 -3.71 -32.21
C GLY H 60 30.97 -4.98 -33.01
N SER H 61 30.86 -6.11 -32.32
CA SER H 61 30.91 -7.43 -32.94
C SER H 61 30.03 -7.50 -34.21
N ASN H 62 28.74 -7.18 -34.09
CA ASN H 62 27.83 -7.27 -35.23
C ASN H 62 28.15 -6.28 -36.35
N ILE H 63 28.64 -5.10 -35.98
CA ILE H 63 29.11 -4.12 -36.95
C ILE H 63 30.31 -4.69 -37.71
N GLU H 64 31.20 -5.37 -36.99
CA GLU H 64 32.39 -5.98 -37.61
C GLU H 64 32.00 -7.01 -38.66
N LEU H 65 31.06 -7.88 -38.29
CA LEU H 65 30.54 -8.90 -39.20
C LEU H 65 29.85 -8.30 -40.42
N HIS H 66 29.13 -7.19 -40.23
CA HIS H 66 28.44 -6.47 -41.31
C HIS H 66 29.49 -5.92 -42.30
N SER H 67 30.54 -5.32 -41.76
CA SER H 67 31.61 -4.73 -42.54
C SER H 67 32.27 -5.76 -43.46
N LEU H 68 32.69 -6.88 -42.88
CA LEU H 68 33.21 -8.03 -43.60
C LEU H 68 32.23 -8.56 -44.67
N TYR H 69 30.96 -8.63 -44.32
CA TYR H 69 29.91 -9.13 -45.22
C TYR H 69 29.67 -8.22 -46.43
N THR H 70 29.81 -6.91 -46.22
CA THR H 70 29.48 -5.90 -47.25
C THR H 70 30.70 -5.28 -47.94
N SER H 71 31.89 -5.62 -47.46
CA SER H 71 33.14 -5.04 -47.96
C SER H 71 33.15 -3.53 -47.84
N ARG H 72 32.48 -3.01 -46.82
CA ARG H 72 32.40 -1.57 -46.62
C ARG H 72 32.85 -1.19 -45.23
N GLU H 73 33.37 0.04 -45.10
CA GLU H 73 33.58 0.66 -43.79
C GLU H 73 32.21 0.82 -43.10
N PRO H 74 32.18 0.59 -41.77
CA PRO H 74 30.95 0.76 -40.99
C PRO H 74 30.55 2.23 -40.92
N ARG H 75 29.25 2.49 -40.97
CA ARG H 75 28.73 3.84 -40.85
C ARG H 75 28.18 4.10 -39.45
N VAL H 76 28.30 5.35 -38.97
CA VAL H 76 27.80 5.70 -37.64
C VAL H 76 26.29 5.42 -37.53
N VAL H 77 25.55 5.76 -38.58
CA VAL H 77 24.10 5.53 -38.60
C VAL H 77 23.72 4.06 -38.43
N SER H 78 24.65 3.15 -38.75
CA SER H 78 24.39 1.72 -38.56
C SER H 78 24.50 1.34 -37.09
N ALA H 79 25.60 1.75 -36.45
CA ALA H 79 25.76 1.54 -35.03
C ALA H 79 24.62 2.21 -34.26
N LEU H 80 24.24 3.41 -34.71
CA LEU H 80 23.13 4.15 -34.13
C LEU H 80 21.82 3.37 -34.17
N GLN H 81 21.49 2.86 -35.36
CA GLN H 81 20.27 2.09 -35.56
C GLN H 81 20.24 0.79 -34.74
N MET H 82 21.36 0.07 -34.71
CA MET H 82 21.40 -1.22 -34.04
C MET H 82 21.32 -1.10 -32.52
N LEU H 83 22.06 -0.12 -31.97
CA LEU H 83 22.01 0.20 -30.55
C LEU H 83 20.62 0.64 -30.10
N LYS H 84 20.00 1.58 -30.84
CA LYS H 84 18.69 2.10 -30.44
C LYS H 84 17.60 1.04 -30.49
N GLN H 85 17.66 0.15 -31.49
CA GLN H 85 16.65 -0.89 -31.63
C GLN H 85 16.79 -1.96 -30.54
N HIS H 86 18.03 -2.16 -30.11
CA HIS H 86 18.35 -3.10 -29.04
C HIS H 86 17.86 -2.55 -27.69
N LEU H 87 18.26 -1.32 -27.38
CA LEU H 87 17.83 -0.65 -26.15
C LEU H 87 16.32 -0.51 -26.09
N PHE H 88 15.70 -0.13 -27.20
CA PHE H 88 14.25 -0.05 -27.26
C PHE H 88 13.59 -1.39 -26.86
N LYS H 89 14.12 -2.49 -27.37
CA LYS H 89 13.57 -3.82 -27.13
C LYS H 89 13.51 -4.13 -25.63
N TYR H 90 14.49 -3.62 -24.90
CA TYR H 90 14.60 -3.85 -23.46
C TYR H 90 14.01 -2.74 -22.60
N GLN H 91 13.03 -2.02 -23.15
CA GLN H 91 12.22 -1.05 -22.41
C GLN H 91 12.98 -0.44 -21.25
N GLY H 92 14.94 0.37 -21.76
CA GLY H 92 15.14 1.06 -20.50
C GLY H 92 15.83 0.20 -19.45
N HIS H 93 15.54 -1.10 -19.45
CA HIS H 93 16.16 -2.00 -18.47
C HIS H 93 17.66 -2.18 -18.68
N ILE H 94 18.12 -2.00 -19.91
CA ILE H 94 19.55 -1.91 -20.15
C ILE H 94 19.95 -0.44 -20.01
N GLY H 95 20.59 -0.13 -18.88
CA GLY H 95 20.87 1.26 -18.50
C GLY H 95 22.06 1.88 -19.21
N ALA H 96 22.01 1.89 -20.54
CA ALA H 96 23.07 2.48 -21.34
C ALA H 96 22.62 3.84 -21.86
N TYR H 97 23.46 4.86 -21.64
CA TYR H 97 23.23 6.20 -22.16
C TYR H 97 24.50 6.60 -22.90
N LEU H 98 24.37 6.85 -24.19
CA LEU H 98 25.55 6.85 -25.06
C LEU H 98 25.70 8.09 -25.91
N ILE H 99 26.92 8.59 -26.01
CA ILE H 99 27.25 9.55 -27.06
C ILE H 99 28.04 8.77 -28.11
N VAL H 100 27.46 8.60 -29.30
CA VAL H 100 28.14 7.85 -30.35
C VAL H 100 28.60 8.75 -31.48
N ALA H 101 29.88 8.60 -31.85
CA ALA H 101 30.52 9.48 -32.80
C ALA H 101 31.48 8.73 -33.73
N GLY H 102 31.68 9.27 -34.92
CA GLY H 102 32.68 8.70 -35.83
C GLY H 102 32.74 9.30 -37.22
N VAL H 103 33.70 8.81 -37.99
CA VAL H 103 33.82 9.16 -39.40
C VAL H 103 33.65 7.92 -40.27
N ASP H 104 33.03 8.12 -41.43
CA ASP H 104 32.77 7.04 -42.38
C ASP H 104 32.69 7.60 -43.81
N PRO H 105 32.60 6.72 -44.82
CA PRO H 105 32.57 7.13 -46.23
C PRO H 105 31.56 8.23 -46.51
N THR H 106 30.14 8.68 -45.29
CA THR H 106 29.23 9.78 -45.59
C THR H 106 29.65 11.08 -44.86
N GLY H 107 30.79 11.05 -44.19
CA GLY H 107 31.30 12.22 -43.45
C GLY H 107 31.52 11.97 -41.97
N SER H 108 31.36 13.03 -41.15
CA SER H 108 31.52 12.92 -39.69
C SER H 108 30.17 13.01 -38.96
N HIS H 109 30.05 12.29 -37.84
CA HIS H 109 28.75 12.15 -37.16
C HIS H 109 28.82 12.22 -35.65
N LEU H 110 27.74 12.72 -35.05
CA LEU H 110 27.60 12.84 -33.60
C LEU H 110 26.15 12.63 -33.20
N PHE H 111 25.91 11.63 -32.37
CA PHE H 111 24.57 11.30 -31.90
C PHE H 111 24.57 10.96 -30.43
N SER H 112 23.37 11.01 -29.84
CA SER H 112 23.13 10.49 -28.49
C SER H 112 22.03 9.44 -28.49
N ILE H 113 22.13 8.51 -27.55
CA ILE H 113 21.13 7.46 -27.36
C ILE H 113 20.79 7.34 -25.87
N HIS H 114 19.50 7.35 -25.57
CA HIS H 114 19.01 7.15 -24.21
C HIS H 114 18.53 5.71 -24.01
N ALA H 115 18.51 5.26 -22.76
CA ALA H 115 18.25 3.86 -22.41
C ALA H 115 16.96 3.29 -22.99
N HIS H 116 15.94 4.11 -23.14
CA HIS H 116 14.68 3.64 -23.70
C HIS H 116 14.70 3.52 -25.22
N GLY H 117 15.72 4.10 -25.85
CA GLY H 117 15.95 3.89 -27.29
C GLY H 117 15.70 5.09 -28.19
N SER H 118 15.66 6.29 -27.62
CA SER H 118 15.52 7.51 -28.42
C SER H 118 16.88 8.10 -28.77
N THR H 119 16.98 8.61 -30.00
CA THR H 119 18.23 9.19 -30.47
C THR H 119 18.09 10.68 -30.76
N ASP H 120 19.19 11.40 -30.62
CA ASP H 120 19.24 12.83 -30.90
C ASP H 120 20.48 13.12 -31.74
N VAL H 121 20.40 14.16 -32.57
CA VAL H 121 21.55 14.67 -33.30
C VAL H 121 21.86 16.09 -32.85
N GLY H 122 23.14 16.40 -32.71
CA GLY H 122 23.59 17.75 -32.34
C GLY H 122 25.04 18.00 -32.70
N TYR H 123 25.47 19.26 -32.63
CA TYR H 123 26.88 19.62 -32.82
C TYR H 123 27.63 19.46 -31.52
N TYR H 124 26.90 19.51 -30.42
CA TYR H 124 27.47 19.36 -29.08
C TYR H 124 26.46 18.69 -28.15
N LEU H 125 26.92 17.71 -27.38
CA LEU H 125 26.04 16.95 -26.48
C LEU H 125 26.76 16.56 -25.19
N SER H 126 25.98 16.32 -24.14
CA SER H 126 26.51 15.74 -22.90
C SER H 126 25.47 14.87 -22.20
N LEU H 127 25.95 13.84 -21.50
CA LEU H 127 25.10 12.97 -20.71
C LEU H 127 25.79 12.60 -19.39
N GLY H 128 25.01 12.03 -18.47
CA GLY H 128 25.51 11.61 -17.18
C GLY H 128 25.09 12.56 -16.09
N SER H 129 25.50 12.26 -14.86
CA SER H 129 25.15 13.11 -13.72
C SER H 129 25.84 14.46 -13.84
N GLY H 130 26.97 14.49 -14.56
CA GLY H 130 27.73 15.72 -14.82
C GLY H 130 27.20 16.50 -16.00
N SER H 131 26.14 15.96 -16.61
CA SER H 131 25.50 16.50 -17.80
C SER H 131 25.22 18.02 -17.78
N LEU H 132 24.86 18.55 -16.61
CA LEU H 132 24.43 19.94 -16.51
C LEU H 132 25.59 20.90 -16.32
N ALA H 133 26.59 20.48 -15.54
CA ALA H 133 27.82 21.21 -15.44
C ALA H 133 28.45 21.37 -16.84
N ALA H 134 28.61 20.25 -17.55
CA ALA H 134 29.23 20.24 -18.87
C ALA H 134 28.43 21.01 -19.93
N MET H 135 27.10 20.84 -19.93
CA MET H 135 26.26 21.56 -20.88
C MET H 135 26.32 23.06 -20.66
N ALA H 136 26.44 23.47 -19.40
CA ALA H 136 26.57 24.89 -19.06
C ALA H 136 27.80 25.48 -19.75
N VAL H 137 28.90 24.73 -19.74
CA VAL H 137 30.12 25.13 -20.42
C VAL H 137 29.94 25.16 -21.95
N LEU H 138 29.41 24.06 -22.51
CA LEU H 138 29.15 23.98 -23.94
C LEU H 138 28.24 25.11 -24.42
N GLU H 139 27.14 25.35 -23.72
CA GLU H 139 26.20 26.42 -24.08
C GLU H 139 26.87 27.80 -24.02
N SER H 140 27.98 27.88 -23.29
CA SER H 140 28.70 29.14 -23.09
C SER H 140 29.80 29.39 -24.11
N HIS H 141 30.52 28.34 -24.51
CA HIS H 141 31.71 28.51 -25.35
C HIS H 141 31.63 27.93 -26.76
N TRP H 142 30.63 27.12 -27.06
CA TRP H 142 30.54 26.53 -28.40
C TRP H 142 30.27 27.59 -29.45
N LYS H 143 30.89 27.43 -30.61
CA LYS H 143 30.55 28.18 -31.81
C LYS H 143 30.58 27.20 -32.98
N GLN H 144 29.94 27.55 -34.08
CA GLN H 144 30.12 26.77 -35.31
C GLN H 144 31.51 27.06 -35.90
N ASP H 145 32.08 26.07 -36.58
CA ASP H 145 33.42 26.17 -37.19
C ASP H 145 34.53 26.20 -36.15
N LEU H 146 34.62 25.14 -35.37
CA LEU H 146 35.71 24.99 -34.40
C LEU H 146 36.85 24.25 -35.08
N THR H 147 38.08 24.64 -34.76
CA THR H 147 39.23 23.84 -35.21
C THR H 147 39.30 22.59 -34.34
N LYS H 148 40.09 21.62 -34.79
CA LYS H 148 40.32 20.42 -34.00
C LYS H 148 40.76 20.78 -32.58
N GLU H 149 41.66 21.75 -32.47
CA GLU H 149 42.25 22.15 -31.18
C GLU H 149 41.24 22.86 -30.27
N GLU H 150 40.39 23.69 -30.88
CA GLU H 150 39.34 24.39 -30.14
C GLU H 150 38.32 23.37 -29.61
N ALA H 151 38.05 22.34 -30.41
CA ALA H 151 37.13 21.27 -30.02
C ALA H 151 37.66 20.46 -28.84
N ILE H 152 38.92 20.04 -28.90
CA ILE H 152 39.52 19.31 -27.78
C ILE H 152 39.45 20.13 -26.49
N LYS H 153 39.74 21.43 -26.59
CA LYS H 153 39.64 22.35 -25.45
C LYS H 153 38.23 22.41 -24.90
N LEU H 154 37.26 22.66 -25.79
CA LEU H 154 35.86 22.74 -25.41
C LEU H 154 35.39 21.45 -24.74
N ALA H 155 35.63 20.31 -25.39
CA ALA H 155 35.27 19.01 -24.82
C ALA H 155 35.94 18.81 -23.47
N SER H 156 37.25 18.96 -23.42
CA SER H 156 38.00 18.75 -22.20
C SER H 156 37.55 19.64 -21.05
N ASP H 157 37.20 20.89 -21.38
CA ASP H 157 36.69 21.83 -20.38
C ASP H 157 35.33 21.36 -19.83
N ALA H 158 34.51 20.79 -20.71
CA ALA H 158 33.18 20.35 -20.32
C ALA H 158 33.25 19.26 -19.25
N ILE H 159 34.18 18.32 -19.42
CA ILE H 159 34.37 17.23 -18.47
C ILE H 159 34.92 17.76 -17.16
N GLN H 160 35.82 18.74 -17.24
CA GLN H 160 36.35 19.38 -16.05
C GLN H 160 35.23 20.01 -15.22
N ALA H 161 34.29 20.68 -15.88
CA ALA H 161 33.10 21.18 -15.22
C ALA H 161 32.46 20.06 -14.41
N GLY H 162 32.38 18.88 -15.03
CA GLY H 162 31.76 17.72 -14.41
C GLY H 162 32.58 17.20 -13.25
N ILE H 163 33.89 17.13 -13.46
CA ILE H 163 34.81 16.61 -12.46
C ILE H 163 34.79 17.42 -11.16
N TRP H 164 34.79 18.74 -11.31
CA TRP H 164 34.87 19.66 -10.16
C TRP H 164 33.54 19.87 -9.46
N ASN H 165 32.46 19.93 -10.24
CA ASN H 165 31.14 20.29 -9.69
C ASN H 165 30.14 19.15 -9.45
N ASP H 166 30.41 17.98 -10.03
CA ASP H 166 29.55 16.81 -9.86
C ASP H 166 30.29 15.76 -9.05
N LEU H 167 29.64 15.32 -7.96
CA LEU H 167 30.18 14.26 -7.12
C LEU H 167 30.09 12.90 -7.82
N GLY H 168 29.20 12.82 -8.81
CA GLY H 168 29.08 11.63 -9.66
C GLY H 168 30.24 11.46 -10.63
N SER H 169 31.06 12.51 -10.77
CA SER H 169 32.21 12.49 -11.70
C SER H 169 33.51 12.84 -10.99
N GLY H 170 34.65 12.49 -11.61
CA GLY H 170 35.95 12.80 -11.04
C GLY H 170 37.19 12.26 -11.75
N SER H 171 38.32 12.39 -11.09
CA SER H 171 39.64 11.91 -11.53
C SER H 171 40.12 12.51 -12.86
N ASN H 172 40.10 11.72 -13.93
CA ASN H 172 40.79 12.08 -15.17
C ASN H 172 39.90 12.39 -16.36
N VAL H 173 40.54 12.79 -17.46
CA VAL H 173 39.84 13.10 -18.72
C VAL H 173 40.38 12.22 -19.84
N ASP H 174 39.50 11.41 -20.41
CA ASP H 174 39.82 10.63 -21.62
C ASP H 174 39.17 11.29 -22.81
N VAL H 175 39.89 11.30 -23.94
CA VAL H 175 39.41 11.93 -25.17
C VAL H 175 39.58 10.95 -26.34
N CYS H 176 38.68 11.02 -27.31
CA CYS H 176 38.92 10.41 -28.60
C CYS H 176 38.58 11.36 -29.73
N VAL H 177 39.53 11.51 -30.65
CA VAL H 177 39.42 12.42 -31.80
C VAL H 177 39.28 11.62 -33.09
N MET H 178 38.20 11.87 -33.81
CA MET H 178 37.94 11.20 -35.07
C MET H 178 37.88 12.24 -36.20
N GLU H 179 38.95 12.33 -36.98
CA GLU H 179 39.05 13.29 -38.08
C GLU H 179 38.82 12.60 -39.42
N ILE H 180 38.03 13.26 -40.30
CA ILE H 180 37.59 12.68 -41.58
C ILE H 180 38.68 11.96 -42.40
N GLY H 181 39.85 12.55 -42.52
CA GLY H 181 40.89 11.91 -43.34
C GLY H 181 41.83 10.97 -42.62
N LYS H 182 41.74 10.89 -41.29
CA LYS H 182 42.82 10.28 -40.52
C LYS H 182 42.41 9.07 -39.68
N ASP H 183 43.39 8.47 -39.00
CA ASP H 183 43.11 7.42 -38.02
C ASP H 183 42.56 8.09 -36.78
N ALA H 184 41.62 7.43 -36.12
CA ALA H 184 41.07 7.90 -34.86
C ALA H 184 42.20 7.92 -33.84
N GLU H 185 42.31 9.01 -33.07
CA GLU H 185 43.26 9.00 -31.96
C GLU H 185 42.59 9.00 -30.59
N TYR H 186 42.87 7.95 -29.84
CA TYR H 186 42.36 7.75 -28.51
C TYR H 186 43.41 8.29 -27.52
N LEU H 187 42.98 9.23 -26.69
CA LEU H 187 43.90 10.03 -25.89
C LEU H 187 43.64 9.94 -24.40
N ARG H 188 43.71 7.98 -23.80
CA ARG H 188 43.58 7.54 -22.42
C ARG H 188 44.33 8.51 -21.51
N ASN H 189 43.61 9.00 -20.50
CA ASN H 189 44.15 9.96 -19.53
C ASN H 189 44.84 11.17 -20.16
N TYR H 190 44.10 11.83 -21.06
CA TYR H 190 44.52 13.09 -21.68
C TYR H 190 44.86 14.17 -20.65
N LEU H 191 44.05 14.26 -19.59
CA LEU H 191 44.36 15.11 -18.43
C LEU H 191 44.32 14.28 -17.16
N THR H 192 45.27 14.52 -16.27
CA THR H 192 45.25 13.90 -14.95
C THR H 192 45.44 15.00 -13.89
N PRO H 193 44.40 15.80 -13.62
CA PRO H 193 44.54 16.92 -12.70
C PRO H 193 44.26 16.53 -11.25
N ASN H 194 44.11 15.23 -10.99
CA ASN H 194 43.75 14.76 -9.67
C ASN H 194 44.74 13.74 -9.09
N VAL H 195 46.03 14.03 -9.26
CA VAL H 195 47.09 13.19 -8.70
C VAL H 195 47.07 13.32 -7.17
N ARG H 196 46.96 12.19 -6.48
CA ARG H 196 47.01 12.17 -5.02
C ARG H 196 48.35 12.71 -4.53
N GLU H 197 48.29 13.62 -3.56
CA GLU H 197 49.48 14.18 -2.91
C GLU H 197 50.23 13.07 -2.19
N GLU H 198 51.53 13.25 -2.02
CA GLU H 198 52.34 12.26 -1.31
C GLU H 198 51.80 12.13 0.12
N LYS H 199 51.65 10.88 0.56
CA LYS H 199 51.24 10.58 1.92
C LYS H 199 52.25 11.12 2.95
N GLN H 200 51.75 11.34 4.16
CA GLN H 200 52.53 11.95 5.23
C GLN H 200 53.50 10.97 5.88
N LYS H 201 53.25 9.68 5.68
CA LYS H 201 53.94 8.61 6.41
C LYS H 201 53.90 7.33 5.56
N SER H 202 54.83 6.41 5.80
CA SER H 202 54.77 5.08 5.19
C SER H 202 54.23 4.08 6.21
N TYR H 203 53.30 3.24 5.77
CA TYR H 203 52.65 2.29 6.67
C TYR H 203 53.16 0.87 6.58
N LYS H 204 54.19 0.69 5.74
CA LYS H 204 55.00 -0.51 5.68
C LYS H 204 55.28 -1.05 7.10
N PHE H 205 54.83 -2.27 7.37
CA PHE H 205 54.95 -2.87 8.71
C PHE H 205 56.28 -3.61 8.90
N PRO H 206 56.87 -3.51 10.11
CA PRO H 206 57.96 -4.42 10.45
C PRO H 206 57.48 -5.86 10.28
N ARG H 207 58.30 -6.67 9.62
CA ARG H 207 57.95 -8.07 9.33
C ARG H 207 57.75 -8.88 10.62
N GLY H 208 56.71 -9.70 10.64
CA GLY H 208 56.36 -10.49 11.81
C GLY H 208 55.22 -9.88 12.62
N THR H 209 54.82 -8.66 12.26
CA THR H 209 53.69 -7.94 12.88
C THR H 209 52.41 -8.76 12.97
N THR H 210 52.10 -9.49 11.89
CA THR H 210 50.88 -10.26 11.77
C THR H 210 51.05 -11.68 12.29
N ALA H 211 50.14 -12.10 13.18
CA ALA H 211 50.17 -13.43 13.75
C ALA H 211 49.70 -14.46 12.74
N VAL H 212 50.51 -15.50 12.54
CA VAL H 212 50.20 -16.58 11.62
C VAL H 212 49.95 -17.85 12.41
N LEU H 213 48.92 -18.60 12.04
CA LEU H 213 48.55 -19.83 12.74
C LEU H 213 49.16 -21.08 12.10
N LYS H 214 49.24 -21.08 10.78
CA LYS H 214 49.55 -22.28 9.99
C LYS H 214 49.96 -21.84 8.60
N GLU H 215 50.81 -22.63 7.95
CA GLU H 215 51.37 -22.30 6.65
C GLU H 215 51.48 -23.56 5.79
N SER H 216 51.39 -23.39 4.47
CA SER H 216 51.54 -24.51 3.53
C SER H 216 51.81 -24.02 2.10
N ILE H 217 52.49 -24.85 1.32
CA ILE H 217 52.78 -24.55 -0.09
C ILE H 217 51.62 -25.04 -0.94
N VAL H 218 51.21 -24.22 -1.91
CA VAL H 218 50.09 -24.55 -2.78
C VAL H 218 50.59 -25.12 -4.11
N ASN H 219 49.97 -26.23 -4.54
CA ASN H 219 50.26 -26.83 -5.83
C ASN H 219 49.54 -26.13 -6.99
N ILE H 220 50.33 -25.52 -7.87
CA ILE H 220 49.85 -24.84 -9.08
C ILE H 220 49.94 -25.78 -10.29
N CYS H 221 51.02 -26.54 -10.35
CA CYS H 221 51.28 -27.50 -11.41
C CYS H 221 50.31 -28.70 -11.38
N ASP H 222 50.35 -29.49 -12.47
CA ASP H 222 49.50 -30.68 -12.61
C ASP H 222 50.31 -31.98 -12.71
N SER I 1 16.79 -10.19 3.25
CA SER I 1 16.31 -9.33 2.13
C SER I 1 17.40 -9.15 1.08
N ASP I 2 18.55 -8.65 1.54
CA ASP I 2 19.70 -8.38 0.69
C ASP I 2 20.56 -9.64 0.59
N PRO I 3 20.48 -10.37 -0.55
CA PRO I 3 21.24 -11.61 -0.69
C PRO I 3 22.75 -11.43 -0.49
N SER I 4 23.23 -10.21 -0.64
CA SER I 4 24.64 -9.91 -0.41
C SER I 4 25.01 -9.73 1.06
N SER I 5 24.04 -9.82 1.97
CA SER I 5 24.28 -9.60 3.40
C SER I 5 23.77 -10.71 4.30
N ILE I 6 23.52 -11.89 3.73
CA ILE I 6 22.96 -13.01 4.49
C ILE I 6 24.07 -13.83 5.12
N ASN I 7 25.01 -14.25 4.31
CA ASN I 7 26.08 -15.14 4.75
C ASN I 7 27.27 -14.38 5.27
N GLY I 8 27.40 -13.13 4.81
CA GLY I 8 28.50 -12.27 5.19
C GLY I 8 29.77 -12.61 4.44
N GLY I 9 31.52 -11.73 4.87
CA GLY I 9 32.54 -12.32 4.02
C GLY I 9 33.22 -11.22 3.26
N ILE I 10 34.55 -11.30 3.19
CA ILE I 10 35.33 -10.31 2.47
C ILE I 10 36.48 -10.94 1.71
N VAL I 11 36.85 -10.31 0.61
CA VAL I 11 37.98 -10.72 -0.20
C VAL I 11 38.69 -9.45 -0.62
N VAL I 12 40.01 -9.48 -0.62
CA VAL I 12 40.84 -8.34 -1.03
C VAL I 12 42.08 -8.86 -1.78
N ALA I 13 42.48 -8.12 -2.82
CA ALA I 13 43.65 -8.46 -3.62
C ALA I 13 44.54 -7.26 -3.82
N MET I 14 45.84 -7.49 -3.86
CA MET I 14 46.84 -6.44 -4.05
C MET I 14 47.95 -6.88 -4.99
N THR I 15 48.54 -5.93 -5.71
CA THR I 15 49.74 -6.17 -6.50
C THR I 15 51.00 -5.68 -5.77
N GLY I 16 52.10 -6.41 -5.96
CA GLY I 16 53.40 -6.02 -5.42
C GLY I 16 54.49 -6.05 -6.47
N LYS I 17 55.73 -6.26 -6.02
CA LYS I 17 56.86 -6.39 -6.92
C LYS I 17 56.97 -7.82 -7.40
N ASP I 18 56.69 -8.01 -8.68
CA ASP I 18 56.72 -9.34 -9.31
C ASP I 18 55.92 -10.37 -8.51
N CYS I 19 54.85 -9.92 -7.86
CA CYS I 19 53.97 -10.79 -7.07
C CYS I 19 52.55 -10.22 -6.99
N VAL I 20 51.60 -11.08 -6.59
CA VAL I 20 50.25 -10.64 -6.19
C VAL I 20 49.82 -11.37 -4.93
N ALA I 21 48.88 -10.77 -4.20
CA ALA I 21 48.32 -11.39 -3.00
C ALA I 21 46.81 -11.31 -3.01
N ILE I 22 46.16 -12.37 -2.54
CA ILE I 22 44.71 -12.39 -2.40
C ILE I 22 44.32 -13.03 -1.06
N ALA I 23 43.37 -12.38 -0.37
CA ALA I 23 42.99 -12.79 0.97
C ALA I 23 41.48 -12.84 1.14
N CYS I 24 41.03 -13.70 2.05
CA CYS I 24 39.64 -13.73 2.45
C CYS I 24 39.48 -14.01 3.95
N ASP I 25 38.27 -13.79 4.47
CA ASP I 25 37.92 -14.22 5.81
C ASP I 25 37.35 -15.63 5.71
N LEU I 26 37.00 -16.24 6.84
CA LEU I 26 36.57 -17.63 6.80
C LEU I 26 35.13 -17.88 7.24
N ARG I 27 34.46 -16.81 7.65
CA ARG I 27 33.11 -16.91 8.19
C ARG I 27 32.06 -17.30 7.16
N LEU I 28 31.15 -18.17 7.57
CA LEU I 28 29.91 -18.41 6.85
C LEU I 28 28.82 -18.28 7.89
N GLY I 29 27.94 -17.29 7.70
CA GLY I 29 26.89 -17.02 8.67
C GLY I 29 25.51 -17.11 8.09
N SER I 30 24.52 -17.02 8.96
CA SER I 30 23.14 -16.92 8.54
C SER I 30 22.51 -15.83 9.39
N GLN I 31 22.59 -14.60 8.89
CA GLN I 31 22.35 -13.36 9.67
C GLN I 31 23.31 -13.31 10.86
N SER I 32 22.78 -13.13 12.07
CA SER I 32 23.58 -13.04 13.30
C SER I 32 24.32 -14.34 13.67
N LEU I 33 23.73 -15.48 13.33
CA LEU I 33 24.30 -16.79 13.66
C LEU I 33 25.50 -17.15 12.80
N GLY I 34 26.65 -17.35 13.44
CA GLY I 34 27.81 -17.91 12.77
C GLY I 34 27.59 -19.40 12.60
N VAL I 35 27.87 -19.91 11.40
CA VAL I 35 27.60 -21.31 11.07
C VAL I 35 28.90 -22.10 10.87
N SER I 36 29.82 -21.52 10.11
CA SER I 36 31.09 -22.18 9.81
C SER I 36 32.24 -21.19 9.81
N ASN I 37 33.38 -21.64 10.32
CA ASN I 37 34.60 -20.82 10.35
C ASN I 37 35.68 -21.42 9.47
N LYS I 38 35.25 -22.22 8.51
CA LYS I 38 36.18 -22.87 7.59
C LYS I 38 35.80 -22.63 6.14
N PHE I 39 34.96 -21.61 5.90
CA PHE I 39 34.42 -21.36 4.56
C PHE I 39 35.34 -20.48 3.73
N GLU I 40 36.17 -21.13 2.93
CA GLU I 40 37.17 -20.44 2.12
C GLU I 40 36.54 -19.86 0.87
N LYS I 41 36.92 -18.64 0.53
CA LYS I 41 36.32 -17.90 -0.58
C LYS I 41 37.30 -17.67 -1.73
N ILE I 42 38.49 -18.26 -1.62
CA ILE I 42 39.48 -18.23 -2.69
C ILE I 42 39.55 -19.59 -3.36
N PHE I 43 39.52 -19.59 -4.68
CA PHE I 43 39.72 -20.80 -5.45
C PHE I 43 40.74 -20.53 -6.52
N HIS I 44 41.35 -21.59 -7.03
CA HIS I 44 42.26 -21.46 -8.16
C HIS I 44 42.08 -22.65 -9.09
N TYR I 45 42.21 -21.93 -10.84
CA TYR I 45 42.19 -22.79 -11.98
C TYR I 45 43.55 -22.60 -12.62
N GLY I 46 44.38 -23.63 -12.47
CA GLY I 46 45.78 -23.54 -12.82
C GLY I 46 46.46 -22.53 -11.91
N HIS I 47 47.04 -21.51 -12.53
CA HIS I 47 47.74 -20.44 -11.82
C HIS I 47 46.87 -19.17 -11.64
N VAL I 48 45.60 -19.27 -12.01
CA VAL I 48 44.67 -18.14 -11.90
C VAL I 48 43.79 -18.30 -10.66
N PHE I 49 43.78 -17.27 -9.81
CA PHE I 49 43.07 -17.33 -8.54
C PHE I 49 41.80 -16.50 -8.56
N LEU I 50 40.74 -17.03 -7.98
CA LEU I 50 39.47 -16.33 -7.90
C LEU I 50 38.90 -16.38 -6.50
N GLY I 51 38.62 -15.20 -5.93
CA GLY I 51 37.88 -15.09 -4.68
C GLY I 51 36.48 -14.59 -4.98
N ILE I 52 35.47 -15.16 -4.30
CA ILE I 52 34.09 -14.69 -4.46
C ILE I 52 33.48 -14.36 -3.10
N THR I 53 32.93 -13.16 -2.97
CA THR I 53 32.11 -12.80 -1.81
C THR I 53 30.64 -12.78 -2.20
N GLY I 54 29.75 -12.80 -1.21
CA GLY I 54 28.33 -12.70 -1.47
C GLY I 54 27.58 -13.90 -0.95
N LEU I 55 26.46 -14.20 -1.60
CA LEU I 55 25.60 -15.32 -1.25
C LEU I 55 26.34 -16.65 -1.47
N ALA I 56 26.55 -17.38 -0.36
CA ALA I 56 27.37 -18.60 -0.34
C ALA I 56 26.99 -19.64 -1.38
N THR I 57 25.69 -19.85 -1.60
CA THR I 57 25.23 -20.79 -2.61
C THR I 57 25.71 -20.43 -4.02
N ASP I 58 25.74 -19.12 -4.33
CA ASP I 58 26.26 -18.63 -5.60
C ASP I 58 27.78 -18.67 -5.63
N VAL I 59 28.40 -18.50 -4.47
CA VAL I 59 29.86 -18.62 -4.36
C VAL I 59 30.27 -20.02 -4.78
N THR I 60 29.59 -21.03 -4.22
CA THR I 60 29.89 -22.42 -4.53
C THR I 60 29.59 -22.72 -6.00
N THR I 61 28.38 -22.37 -6.45
CA THR I 61 27.96 -22.61 -7.83
C THR I 61 28.96 -22.05 -8.83
N LEU I 62 29.39 -20.81 -8.63
CA LEU I 62 30.28 -20.15 -9.60
C LEU I 62 31.65 -20.79 -9.65
N ASN I 63 32.12 -21.28 -8.51
CA ASN I 63 33.36 -22.03 -8.47
C ASN I 63 33.26 -23.28 -9.34
N GLU I 64 32.20 -24.05 -9.13
CA GLU I 64 31.99 -25.26 -9.89
C GLU I 64 31.86 -24.93 -11.37
N MET I 65 31.20 -23.82 -11.69
CA MET I 65 31.06 -23.37 -13.09
C MET I 65 32.40 -22.98 -13.74
N PHE I 66 33.24 -22.26 -13.01
CA PHE I 66 34.51 -21.87 -13.59
C PHE I 66 35.49 -23.04 -13.71
N ARG I 67 35.42 -23.97 -12.76
CA ARG I 67 36.21 -25.21 -12.85
C ARG I 67 35.87 -25.94 -14.14
N TYR I 68 34.57 -26.13 -14.37
CA TYR I 68 34.00 -26.73 -15.57
C TYR I 68 34.50 -26.05 -16.86
N LYS I 69 34.43 -24.72 -16.91
CA LYS I 69 34.78 -23.99 -18.14
C LYS I 69 36.27 -23.96 -18.37
N THR I 70 37.05 -23.78 -17.30
CA THR I 70 38.52 -23.80 -17.41
C THR I 70 39.07 -25.19 -17.75
N ASN I 71 38.43 -26.25 -17.26
CA ASN I 71 38.78 -27.60 -17.68
C ASN I 71 38.59 -27.78 -19.20
N LEU I 72 37.41 -27.46 -19.70
CA LEU I 72 37.15 -27.53 -21.13
C LEU I 72 38.10 -26.66 -21.94
N TYR I 73 38.35 -25.45 -21.47
CA TYR I 73 39.28 -24.53 -22.11
C TYR I 73 40.64 -25.20 -22.30
N LYS I 74 41.18 -25.72 -21.21
CA LYS I 74 42.50 -26.35 -21.19
C LYS I 74 42.60 -27.56 -22.15
N LEU I 75 41.51 -28.30 -22.28
CA LEU I 75 41.46 -29.45 -23.18
C LEU I 75 41.54 -29.03 -24.64
N LYS I 76 40.86 -27.94 -24.98
CA LYS I 76 40.79 -27.47 -26.37
C LYS I 76 42.03 -26.66 -26.71
N GLU I 77 42.43 -25.79 -25.79
CA GLU I 77 43.52 -24.84 -26.01
C GLU I 77 44.88 -25.48 -25.77
N GLU I 78 44.88 -26.56 -24.99
CA GLU I 78 46.12 -27.27 -24.62
C GLU I 78 47.08 -26.33 -23.89
N ARG I 79 46.50 -25.40 -23.14
CA ARG I 79 47.24 -24.51 -22.25
C ARG I 79 46.33 -24.06 -21.12
N ALA I 80 46.94 -23.65 -20.01
CA ALA I 80 46.20 -23.11 -18.87
C ALA I 80 45.69 -21.71 -19.22
N ILE I 81 44.45 -21.43 -18.83
CA ILE I 81 43.85 -20.10 -19.01
C ILE I 81 44.68 -19.03 -18.28
N GLU I 82 44.78 -17.85 -18.87
CA GLU I 82 45.52 -16.74 -18.30
C GLU I 82 44.59 -15.75 -17.57
N PRO I 83 45.14 -14.96 -16.61
CA PRO I 83 44.34 -14.05 -15.78
C PRO I 83 43.50 -13.07 -16.60
N GLU I 84 44.11 -12.47 -17.63
CA GLU I 84 43.42 -11.57 -18.56
C GLU I 84 42.21 -12.22 -19.19
N THR I 85 42.42 -13.44 -19.70
CA THR I 85 41.42 -14.18 -20.43
C THR I 85 40.30 -14.63 -19.51
N PHE I 86 40.67 -15.11 -18.33
CA PHE I 86 39.72 -15.61 -17.35
C PHE I 86 38.79 -14.48 -16.89
N THR I 87 39.37 -13.30 -16.67
CA THR I 87 38.62 -12.10 -16.31
C THR I 87 37.50 -11.86 -17.31
N GLN I 88 37.81 -12.04 -18.58
CA GLN I 88 36.82 -11.90 -19.64
C GLN I 88 35.77 -13.00 -19.55
N LEU I 89 36.21 -14.21 -19.21
CA LEU I 89 35.28 -15.33 -19.10
C LEU I 89 34.33 -15.15 -17.91
N VAL I 90 34.82 -14.52 -16.84
CA VAL I 90 33.99 -14.24 -15.68
C VAL I 90 32.91 -13.21 -16.06
N SER I 91 33.37 -12.09 -16.61
CA SER I 91 32.51 -11.00 -17.06
C SER I 91 31.37 -11.47 -17.97
N SER I 92 31.71 -12.14 -19.07
CA SER I 92 30.67 -12.59 -20.00
C SER I 92 29.75 -13.63 -19.36
N SER I 93 30.29 -14.44 -18.43
CA SER I 93 29.48 -15.41 -17.69
C SER I 93 28.50 -14.77 -16.72
N LEU I 94 28.94 -13.70 -16.05
CA LEU I 94 28.03 -12.95 -15.16
C LEU I 94 26.98 -12.16 -15.94
N TYR I 95 27.40 -11.46 -17.00
CA TYR I 95 26.45 -10.66 -17.79
C TYR I 95 25.40 -11.52 -18.46
N GLU I 96 25.73 -12.78 -18.69
CA GLU I 96 24.81 -13.73 -19.28
C GLU I 96 23.54 -13.89 -18.43
N ARG I 97 23.66 -13.58 -17.14
CA ARG I 97 22.55 -13.67 -16.21
C ARG I 97 22.08 -12.28 -15.78
N ARG I 98 22.22 -11.32 -16.68
CA ARG I 98 21.93 -9.91 -16.44
C ARG I 98 20.69 -9.63 -15.57
N PHE I 99 19.56 -10.25 -15.90
CA PHE I 99 18.29 -9.95 -15.23
C PHE I 99 17.89 -11.01 -14.21
N GLY I 100 18.81 -11.92 -13.93
CA GLY I 100 18.64 -12.89 -12.85
C GLY I 100 20.00 -13.24 -12.30
N PRO I 101 20.74 -12.22 -11.82
CA PRO I 101 22.18 -12.36 -11.59
C PRO I 101 22.56 -13.22 -10.39
N TYR I 102 23.80 -13.68 -10.39
CA TYR I 102 24.42 -14.31 -9.23
C TYR I 102 24.77 -13.20 -8.25
N PHE I 103 24.45 -13.40 -6.97
CA PHE I 103 24.68 -12.37 -5.95
C PHE I 103 26.06 -12.50 -5.32
N VAL I 104 27.06 -12.08 -6.09
CA VAL I 104 28.47 -12.32 -5.78
C VAL I 104 29.34 -11.10 -6.09
N GLY I 105 30.50 -11.04 -5.47
CA GLY I 105 31.50 -10.05 -5.82
C GLY I 105 32.82 -10.74 -6.10
N PRO I 106 33.05 -11.13 -7.36
CA PRO I 106 34.27 -11.89 -7.73
C PRO I 106 35.53 -11.04 -7.76
N VAL I 107 36.67 -11.69 -7.58
CA VAL I 107 37.98 -11.03 -7.58
C VAL I 107 39.00 -11.96 -8.20
N VAL I 108 39.72 -11.48 -9.21
CA VAL I 108 40.70 -12.30 -9.93
C VAL I 108 42.11 -11.84 -9.61
N ALA I 109 42.99 -12.79 -9.29
CA ALA I 109 44.39 -12.49 -9.04
C ALA I 109 45.27 -13.52 -9.73
N GLY I 110 46.42 -13.07 -10.22
CA GLY I 110 47.35 -13.96 -10.87
C GLY I 110 48.47 -13.25 -11.59
N ILE I 111 49.48 -14.02 -11.99
CA ILE I 111 50.57 -13.51 -12.78
C ILE I 111 50.53 -14.19 -14.14
N ASN I 112 50.56 -13.39 -15.20
CA ASN I 112 50.60 -13.92 -16.56
C ASN I 112 51.85 -14.77 -16.73
N SER I 113 51.66 -16.01 -17.14
CA SER I 113 52.78 -16.97 -17.26
C SER I 113 53.72 -16.63 -18.42
N LYS I 114 53.23 -15.88 -19.40
CA LYS I 114 54.06 -15.50 -20.54
C LYS I 114 54.71 -14.14 -20.36
N SER I 115 53.93 -13.10 -20.07
CA SER I 115 54.45 -11.75 -19.93
C SER I 115 55.16 -11.59 -18.60
N GLY I 116 54.85 -12.70 -16.71
CA GLY I 116 55.48 -12.18 -15.50
C GLY I 116 54.78 -10.97 -14.92
N LYS I 117 53.87 -10.36 -15.69
CA LYS I 117 53.15 -9.18 -15.21
C LYS I 117 52.04 -9.53 -14.20
N PRO I 118 52.09 -8.91 -13.01
CA PRO I 118 51.07 -9.11 -11.97
C PRO I 118 49.71 -8.54 -12.41
N PHE I 119 48.65 -9.27 -12.11
CA PHE I 119 47.31 -8.90 -12.54
C PHE I 119 46.26 -9.16 -11.45
N ILE I 120 45.44 -8.14 -11.19
CA ILE I 120 44.23 -8.28 -10.38
C ILE I 120 43.05 -7.61 -11.10
N ALA I 121 41.83 -8.05 -10.79
CA ALA I 121 40.60 -7.39 -11.24
C ALA I 121 39.43 -7.68 -10.30
N GLY I 122 38.43 -6.80 -10.32
CA GLY I 122 37.18 -6.99 -9.57
C GLY I 122 35.96 -6.79 -10.45
N PHE I 123 34.82 -7.34 -10.02
CA PHE I 123 33.60 -7.33 -10.83
C PHE I 123 32.40 -6.95 -9.99
N ASP I 124 31.38 -6.38 -10.63
CA ASP I 124 30.10 -6.28 -9.96
C ASP I 124 29.32 -7.57 -10.25
N LEU I 125 28.13 -7.70 -9.69
CA LEU I 125 27.37 -8.94 -9.81
C LEU I 125 26.93 -9.24 -11.25
N ILE I 126 26.99 -8.24 -12.13
CA ILE I 126 26.57 -8.42 -13.51
C ILE I 126 27.74 -8.33 -14.52
N GLY I 127 28.96 -8.35 -14.00
CA GLY I 127 30.13 -8.59 -14.84
C GLY I 127 30.97 -7.40 -15.23
N CYS I 128 30.66 -6.21 -14.72
CA CYS I 128 31.49 -5.06 -15.03
C CYS I 128 32.91 -5.24 -14.48
N ILE I 129 33.92 -5.12 -15.35
CA ILE I 129 35.32 -5.33 -14.95
C ILE I 129 35.98 -4.05 -14.42
N ASP I 130 36.51 -4.13 -13.20
CA ASP I 130 37.40 -3.11 -12.65
C ASP I 130 38.81 -3.68 -12.56
N GLU I 131 39.70 -3.17 -13.39
CA GLU I 131 41.06 -3.69 -13.47
C GLU I 131 42.03 -2.66 -12.90
N ALA I 132 42.19 -2.70 -11.58
CA ALA I 132 43.08 -1.76 -10.89
C ALA I 132 44.52 -2.23 -11.02
N LYS I 133 45.45 -1.28 -11.06
CA LYS I 133 46.88 -1.58 -11.10
C LYS I 133 47.30 -2.13 -9.74
N ASP I 134 46.26 -1.31 -8.14
CA ASP I 134 46.82 -1.32 -6.80
C ASP I 134 46.15 -2.42 -5.99
N PHE I 135 44.84 -2.32 -5.81
CA PHE I 135 44.09 -3.27 -5.00
C PHE I 135 42.63 -3.37 -5.43
N ILE I 136 42.02 -4.52 -5.15
CA ILE I 136 40.59 -4.72 -5.32
C ILE I 136 40.02 -5.19 -3.99
N VAL I 137 38.83 -4.71 -3.66
CA VAL I 137 38.14 -5.07 -2.44
C VAL I 137 36.71 -5.54 -2.74
N SER I 138 36.18 -6.39 -1.88
CA SER I 138 34.87 -7.00 -2.11
C SER I 138 34.32 -7.53 -0.80
N GLY I 139 33.00 -7.40 -0.63
CA GLY I 139 32.30 -8.00 0.51
C GLY I 139 31.56 -7.02 1.42
N THR I 140 31.03 -7.55 2.52
CA THR I 140 30.25 -6.76 3.46
C THR I 140 31.08 -5.72 4.25
N ALA I 141 32.41 -5.83 4.19
CA ALA I 141 33.30 -4.83 4.78
C ALA I 141 34.11 -4.10 3.71
N SER I 142 33.52 -3.87 2.54
CA SER I 142 34.25 -3.25 1.45
C SER I 142 34.59 -1.78 1.72
N ASP I 143 33.68 -1.06 2.37
CA ASP I 143 33.94 0.31 2.85
C ASP I 143 35.17 0.35 3.75
N GLN I 144 35.23 -0.55 4.72
CA GLN I 144 36.37 -0.66 5.63
C GLN I 144 37.62 -1.04 4.87
N LEU I 145 37.50 -1.97 3.92
CA LEU I 145 38.65 -2.39 3.13
C LEU I 145 39.22 -1.25 2.28
N PHE I 146 38.33 -0.48 1.64
CA PHE I 146 38.73 0.69 0.86
C PHE I 146 39.53 1.67 1.73
N GLY I 147 39.09 1.86 2.98
CA GLY I 147 39.76 2.75 3.91
C GLY I 147 41.14 2.25 4.31
N MET I 148 41.21 0.99 4.72
CA MET I 148 42.49 0.35 5.05
C MET I 148 43.45 0.39 3.87
N CYS I 149 42.99 -0.02 2.69
CA CYS I 149 43.83 -0.10 1.49
C CYS I 149 44.31 1.27 1.04
N GLU I 150 43.40 2.24 1.01
CA GLU I 150 43.72 3.57 0.52
C GLU I 150 44.81 4.26 1.36
N SER I 151 44.98 3.81 2.59
CA SER I 151 46.04 4.31 3.47
C SER I 151 47.27 3.40 3.55
N LEU I 152 47.05 2.11 3.81
CA LEU I 152 48.14 1.16 4.05
C LEU I 152 48.98 0.84 2.82
N TYR I 153 48.38 0.99 1.64
CA TYR I 153 49.00 0.51 0.42
C TYR I 153 50.10 1.44 -0.09
N GLU I 154 51.15 0.82 -0.64
CA GLU I 154 52.13 1.51 -1.46
C GLU I 154 52.61 0.56 -2.55
N PRO I 155 53.01 1.11 -3.71
CA PRO I 155 53.45 0.31 -4.86
C PRO I 155 54.68 -0.58 -4.61
N ASN I 156 54.88 -1.56 -5.50
CA ASN I 156 56.12 -2.35 -5.57
C ASN I 156 56.62 -2.96 -4.26
N LEU I 157 55.69 -3.41 -3.42
CA LEU I 157 56.05 -4.10 -2.19
C LEU I 157 56.61 -5.49 -2.47
N GLU I 158 57.59 -5.91 -1.68
CA GLU I 158 58.15 -7.26 -1.77
C GLU I 158 57.19 -8.26 -1.14
N PRO I 159 57.10 -9.49 -1.70
CA PRO I 159 56.16 -10.51 -1.21
C PRO I 159 55.99 -10.56 0.32
N GLU I 160 57.09 -10.47 1.06
CA GLU I 160 57.07 -10.54 2.53
C GLU I 160 56.46 -9.29 3.15
N ASP I 161 56.69 -8.14 2.53
CA ASP I 161 56.08 -6.87 2.95
C ASP I 161 54.60 -6.81 2.53
N LEU I 162 54.32 -7.07 1.25
CA LEU I 162 52.95 -7.15 0.76
C LEU I 162 52.08 -8.05 1.62
N PHE I 163 52.64 -9.15 2.10
CA PHE I 163 51.93 -10.03 3.02
C PHE I 163 51.48 -9.29 4.28
N GLU I 164 52.38 -8.53 4.89
CA GLU I 164 52.08 -7.82 6.13
C GLU I 164 50.97 -6.81 5.88
N THR I 165 51.10 -6.07 4.79
CA THR I 165 50.12 -5.07 4.38
C THR I 165 48.71 -5.64 4.21
N ILE I 166 48.57 -6.56 3.25
CA ILE I 166 47.26 -7.13 2.93
C ILE I 166 46.61 -7.79 4.15
N SER I 167 47.42 -8.40 5.01
CA SER I 167 46.90 -9.03 6.22
C SER I 167 46.34 -8.01 7.21
N GLN I 168 47.02 -6.87 7.37
CA GLN I 168 46.51 -5.82 8.24
C GLN I 168 45.25 -5.20 7.64
N ALA I 169 45.28 -4.95 6.33
CA ALA I 169 44.13 -4.40 5.61
C ALA I 169 42.88 -5.23 5.87
N LEU I 170 42.99 -6.55 5.70
CA LEU I 170 41.88 -7.46 5.91
C LEU I 170 41.45 -7.54 7.37
N LEU I 171 42.41 -7.82 8.25
CA LEU I 171 42.13 -8.02 9.68
C LEU I 171 41.37 -6.85 10.28
N ASN I 172 41.83 -5.65 10.01
CA ASN I 172 41.26 -4.47 10.65
C ASN I 172 39.94 -4.03 10.04
N ALA I 173 39.74 -4.35 8.76
CA ALA I 173 38.45 -4.16 8.13
C ALA I 173 37.42 -5.15 8.67
N ALA I 174 37.84 -6.40 8.82
CA ALA I 174 36.96 -7.47 9.31
C ALA I 174 36.45 -7.20 10.72
N ASP I 175 37.30 -6.62 11.55
CA ASP I 175 36.96 -6.40 12.96
C ASP I 175 36.00 -5.25 13.17
N ARG I 176 35.71 -4.51 12.10
CA ARG I 176 34.68 -3.47 12.13
C ARG I 176 33.40 -3.91 11.42
N ASP I 177 33.36 -5.19 11.02
CA ASP I 177 32.22 -5.77 10.34
C ASP I 177 31.71 -6.96 11.15
N ALA I 178 30.43 -6.90 11.50
CA ALA I 178 29.82 -7.97 12.29
C ALA I 178 29.76 -9.28 11.51
N LEU I 179 29.70 -9.16 10.19
CA LEU I 179 29.46 -10.32 9.33
C LEU I 179 30.72 -10.90 8.69
N SER I 180 31.88 -10.32 9.02
CA SER I 180 33.17 -10.81 8.52
C SER I 180 34.09 -11.23 9.65
N GLY I 181 34.99 -12.16 9.34
CA GLY I 181 36.00 -12.60 10.29
C GLY I 181 35.99 -14.10 10.49
N TRP I 182 36.14 -14.52 11.75
CA TRP I 182 36.13 -15.94 12.16
C TRP I 182 37.28 -16.74 11.58
N GLY I 183 38.40 -16.07 11.34
CA GLY I 183 39.52 -16.69 10.65
C GLY I 183 39.78 -15.95 9.36
N ALA I 184 40.97 -16.17 8.80
CA ALA I 184 41.40 -15.47 7.61
C ALA I 184 42.53 -16.22 6.94
N VAL I 185 42.54 -16.21 5.62
CA VAL I 185 43.59 -16.88 4.84
C VAL I 185 44.15 -15.95 3.75
N VAL I 186 45.47 -15.98 3.58
CA VAL I 186 46.17 -15.10 2.64
C VAL I 186 47.04 -15.92 1.68
N TYR I 187 46.90 -15.65 0.39
CA TYR I 187 47.75 -16.26 -0.64
C TYR I 187 48.76 -15.26 -1.16
N ILE I 188 50.04 -15.62 -1.09
CA ILE I 188 51.10 -14.83 -1.72
C ILE I 188 51.53 -15.54 -3.00
N ILE I 189 51.16 -14.95 -4.13
CA ILE I 189 51.43 -15.55 -5.43
C ILE I 189 52.64 -14.91 -6.10
N LYS I 190 53.68 -15.70 -6.28
CA LYS I 190 54.84 -15.32 -7.10
C LYS I 190 54.84 -16.13 -8.38
N LYS I 191 55.71 -15.85 -10.41
CA LYS I 191 55.88 -16.89 -11.42
C LYS I 191 55.91 -18.30 -10.82
N ASP I 192 56.75 -18.47 -9.80
CA ASP I 192 57.25 -19.80 -9.42
C ASP I 192 56.50 -20.54 -8.30
N GLU I 193 56.17 -19.84 -7.23
CA GLU I 193 55.51 -20.47 -6.08
C GLU I 193 54.34 -19.67 -5.50
N VAL I 194 53.47 -20.39 -4.78
CA VAL I 194 52.32 -19.79 -4.12
C VAL I 194 52.26 -20.27 -2.67
N VAL I 195 52.36 -19.31 -1.75
CA VAL I 195 52.37 -19.59 -0.32
C VAL I 195 51.01 -19.23 0.27
N LYS I 196 50.52 -20.09 1.17
CA LYS I 196 49.20 -19.92 1.77
C LYS I 196 49.33 -19.91 3.31
N ARG I 197 48.85 -18.83 3.94
CA ARG I 197 48.95 -18.65 5.39
C ARG I 197 47.60 -18.34 6.05
N TYR I 198 47.28 -19.07 7.11
CA TYR I 198 46.10 -18.78 7.93
C TYR I 198 46.51 -17.84 9.08
N LEU I 199 45.75 -16.75 9.24
CA LEU I 199 46.07 -15.72 10.23
C LEU I 199 45.38 -15.99 11.55
N LYS I 200 45.98 -15.48 12.63
CA LYS I 200 45.35 -15.49 13.94
C LYS I 200 44.57 -14.20 14.10
N MET I 201 43.29 -14.32 14.45
CA MET I 201 42.44 -13.15 14.65
C MET I 201 41.34 -13.41 15.68
N ARG I 202 40.65 -12.33 16.08
CA ARG I 202 39.53 -12.41 17.03
C ARG I 202 38.48 -13.41 16.55
N GLN I 203 37.95 -14.20 17.47
CA GLN I 203 36.92 -15.16 17.11
C GLN I 203 35.51 -14.78 17.58
N ASP I 204 35.17 -13.49 17.46
CA ASP I 204 33.86 -12.99 17.88
C ASP I 204 33.12 -12.17 16.81
N MET J 1 9.77 -23.06 13.13
CA MET J 1 10.66 -24.27 13.01
C MET J 1 11.37 -24.56 14.36
N ASP J 2 10.72 -27.35 13.27
CA ASP J 2 11.13 -28.66 13.75
C ASP J 2 12.61 -28.65 14.12
N ILE J 3 12.97 -29.40 15.18
CA ILE J 3 14.35 -29.56 15.60
C ILE J 3 15.05 -30.54 14.67
N ILE J 4 16.22 -30.13 14.17
CA ILE J 4 17.04 -30.96 13.30
C ILE J 4 18.50 -30.77 13.74
N LEU J 5 19.05 -31.78 14.41
CA LEU J 5 20.44 -31.73 14.89
C LEU J 5 21.25 -32.87 14.35
N GLY J 6 22.57 -32.65 14.29
CA GLY J 6 23.50 -33.68 13.86
C GLY J 6 24.83 -33.50 14.53
N ILE J 7 25.50 -34.62 14.83
CA ILE J 7 26.84 -34.57 15.42
C ILE J 7 27.73 -35.71 14.90
N ARG J 8 28.92 -35.32 14.44
CA ARG J 8 29.90 -36.27 13.98
C ARG J 8 30.90 -36.58 15.08
N VAL J 9 30.89 -37.82 15.56
CA VAL J 9 31.87 -38.25 16.56
C VAL J 9 33.05 -38.97 15.90
N GLN J 10 33.69 -39.88 16.63
CA GLN J 10 34.90 -40.57 16.16
C GLN J 10 34.60 -41.46 14.96
N ASP J 11 33.60 -42.32 15.09
CA ASP J 11 33.34 -43.37 14.12
C ASP J 11 31.91 -43.40 13.60
N SER J 12 31.14 -42.35 13.92
CA SER J 12 29.76 -42.29 13.48
C SER J 12 29.21 -40.88 13.37
N VAL J 13 28.04 -40.75 12.73
CA VAL J 13 27.30 -39.49 12.66
C VAL J 13 25.97 -39.75 13.32
N ILE J 14 25.60 -38.90 14.27
CA ILE J 14 24.34 -39.06 14.98
C ILE J 14 23.37 -37.98 14.54
N LEU J 15 22.16 -38.38 14.16
CA LEU J 15 21.10 -37.45 13.79
C LEU J 15 19.92 -37.53 14.75
N ALA J 16 19.51 -36.38 15.26
CA ALA J 16 18.33 -36.29 16.09
C ALA J 16 17.34 -35.31 15.49
N SER J 17 16.09 -35.73 15.36
CA SER J 17 15.05 -34.97 14.70
C SER J 17 13.78 -35.03 15.54
N SER J 18 13.13 -33.88 15.70
CA SER J 18 11.92 -33.77 16.52
C SER J 18 10.76 -34.55 15.94
N LYS J 19 9.86 -35.00 16.81
CA LYS J 19 8.79 -35.93 16.47
C LYS J 19 7.44 -35.28 16.16
N ALA J 20 7.31 -34.00 16.48
CA ALA J 20 6.04 -33.30 16.39
C ALA J 20 5.70 -32.88 14.97
N VAL J 21 4.42 -32.98 14.61
CA VAL J 21 3.88 -32.31 13.42
C VAL J 21 2.67 -31.50 13.86
N THR J 22 2.85 -30.19 13.81
CA THR J 22 1.86 -29.24 14.30
C THR J 22 1.30 -28.50 13.11
N ARG J 23 -0.02 -28.49 12.99
CA ARG J 23 -0.67 -27.69 11.96
C ARG J 23 -1.60 -26.66 12.59
N GLY J 24 -1.11 -25.42 12.62
CA GLY J 24 -1.85 -24.29 13.14
C GLY J 24 -1.98 -24.36 14.65
N ILE J 25 -3.11 -24.87 15.09
CA ILE J 25 -3.45 -24.89 16.51
C ILE J 25 -3.17 -26.25 17.19
N SER J 26 -3.17 -27.33 16.42
CA SER J 26 -3.08 -28.68 16.98
C SER J 26 -1.77 -29.38 16.68
N VAL J 27 -1.36 -30.27 17.59
CA VAL J 27 -0.29 -31.22 17.31
C VAL J 27 -0.93 -32.48 16.73
N LEU J 28 -0.76 -32.67 15.43
CA LEU J 28 -1.39 -33.78 14.73
C LEU J 28 -0.74 -35.14 14.97
N LYS J 29 0.56 -35.15 15.28
CA LYS J 29 1.31 -36.39 15.41
C LYS J 29 2.53 -36.16 16.29
N ASP J 30 2.90 -37.17 17.08
CA ASP J 30 4.05 -37.06 17.97
C ASP J 30 5.09 -38.19 17.77
N SER J 31 5.13 -38.76 16.57
CA SER J 31 6.01 -39.90 16.27
C SER J 31 6.48 -39.84 14.81
N ASP J 32 6.69 -38.62 14.34
CA ASP J 32 7.05 -38.38 12.96
C ASP J 32 8.55 -38.55 12.76
N ASP J 33 8.90 -39.39 11.78
CA ASP J 33 10.28 -39.66 11.46
C ASP J 33 10.73 -38.76 10.31
N LYS J 34 11.44 -37.68 10.65
CA LYS J 34 11.83 -36.67 9.68
C LYS J 34 13.12 -37.05 8.99
N THR J 35 13.15 -38.26 8.45
CA THR J 35 14.38 -38.81 7.88
C THR J 35 14.10 -39.77 6.70
N ARG J 36 15.05 -39.83 5.76
CA ARG J 36 15.03 -40.85 4.70
C ARG J 36 16.41 -41.47 4.56
N GLN J 37 16.45 -42.78 4.50
CA GLN J 37 17.68 -43.48 4.15
C GLN J 37 17.93 -43.36 2.64
N LEU J 38 19.02 -42.69 2.27
CA LEU J 38 19.34 -42.50 0.86
C LEU J 38 20.09 -43.71 0.30
N SER J 39 20.95 -44.29 1.12
CA SER J 39 21.65 -45.55 0.82
C SER J 39 22.04 -46.22 2.15
N PRO J 40 22.46 -47.50 2.13
CA PRO J 40 22.71 -48.21 3.39
C PRO J 40 23.62 -47.45 4.40
N HIS J 41 24.48 -46.58 3.90
CA HIS J 41 25.43 -45.83 4.74
C HIS J 41 25.26 -44.30 4.63
N THR J 42 24.10 -43.84 4.15
CA THR J 42 23.84 -42.40 4.06
C THR J 42 22.42 -42.02 4.49
N LEU J 43 22.33 -41.15 5.48
CA LEU J 43 21.03 -40.74 6.03
C LEU J 43 20.79 -39.24 5.89
N MET J 44 19.55 -38.88 5.57
CA MET J 44 19.15 -37.48 5.44
C MET J 44 17.96 -37.12 6.31
N SER J 45 18.14 -36.08 7.12
CA SER J 45 17.05 -35.47 7.88
C SER J 45 16.67 -34.12 7.23
N PHE J 46 15.45 -33.67 7.48
CA PHE J 46 14.92 -32.50 6.79
C PHE J 46 13.87 -31.72 7.58
N ALA J 47 13.77 -30.41 7.29
CA ALA J 47 12.77 -29.55 7.91
C ALA J 47 12.46 -28.37 7.02
N GLY J 48 11.19 -27.94 7.02
CA GLY J 48 10.78 -26.73 6.30
C GLY J 48 9.31 -26.66 6.01
N GLU J 49 8.96 -26.10 4.84
CA GLU J 49 7.58 -26.00 4.39
C GLU J 49 6.87 -27.36 4.35
N ALA J 50 5.61 -27.36 4.75
CA ALA J 50 4.78 -28.56 4.89
C ALA J 50 4.94 -29.67 3.84
N GLY J 51 4.62 -29.41 2.58
CA GLY J 51 4.61 -30.50 1.59
C GLY J 51 6.00 -30.78 1.04
N ASP J 52 6.68 -29.70 0.65
CA ASP J 52 8.01 -29.73 0.06
C ASP J 52 8.99 -30.67 0.76
N THR J 53 8.83 -30.79 2.07
CA THR J 53 9.77 -31.46 2.95
C THR J 53 9.92 -32.95 2.55
N VAL J 54 8.81 -33.68 2.57
CA VAL J 54 8.82 -35.11 2.26
C VAL J 54 9.01 -35.31 0.74
N GLN J 55 8.27 -34.53 -0.05
CA GLN J 55 8.38 -34.53 -1.49
C GLN J 55 9.83 -34.42 -1.98
N PHE J 56 10.60 -33.53 -1.36
CA PHE J 56 12.01 -33.38 -1.73
C PHE J 56 12.85 -34.57 -1.28
N ALA J 57 12.62 -35.01 -0.04
CA ALA J 57 13.38 -36.11 0.56
C ALA J 57 13.22 -37.41 -0.22
N GLU J 58 11.98 -37.71 -0.59
CA GLU J 58 11.67 -38.92 -1.32
C GLU J 58 12.22 -38.89 -2.76
N TYR J 59 12.19 -37.70 -3.36
CA TYR J 59 12.74 -37.50 -4.70
C TYR J 59 14.24 -37.70 -4.71
N ILE J 60 14.93 -37.20 -3.68
CA ILE J 60 16.37 -37.44 -3.57
C ILE J 60 16.62 -38.94 -3.36
N GLN J 61 15.87 -39.54 -2.44
CA GLN J 61 15.95 -40.97 -2.19
C GLN J 61 15.79 -41.80 -3.46
N ALA J 62 14.74 -41.54 -4.23
CA ALA J 62 14.55 -42.26 -5.51
C ALA J 62 15.78 -42.17 -6.43
N ASN J 63 16.36 -40.98 -6.55
CA ASN J 63 17.53 -40.78 -7.41
C ASN J 63 18.78 -41.53 -6.94
N ILE J 64 19.08 -41.48 -5.65
CA ILE J 64 20.25 -42.19 -5.13
C ILE J 64 20.07 -43.71 -5.30
N GLN J 65 18.86 -44.21 -5.05
CA GLN J 65 18.56 -45.63 -5.24
C GLN J 65 18.71 -46.03 -6.70
N LEU J 66 18.27 -45.16 -7.61
CA LEU J 66 18.46 -45.40 -9.05
C LEU J 66 19.94 -45.50 -9.39
N TYR J 67 20.72 -44.56 -8.87
CA TYR J 67 22.17 -44.60 -9.08
C TYR J 67 22.74 -45.94 -8.60
N SER J 68 22.36 -46.35 -7.39
CA SER J 68 22.87 -47.58 -6.78
C SER J 68 22.63 -48.82 -7.65
N ILE J 69 21.45 -48.90 -8.24
CA ILE J 69 21.09 -50.02 -9.10
C ILE J 69 21.88 -49.98 -10.43
N ARG J 70 21.97 -48.81 -11.05
CA ARG J 70 22.62 -48.68 -12.34
C ARG J 70 24.11 -49.01 -12.27
N GLU J 71 24.73 -48.65 -11.14
CA GLU J 71 26.18 -48.76 -10.99
C GLU J 71 26.62 -49.94 -10.12
N ASP J 72 25.64 -50.54 -9.43
CA ASP J 72 25.91 -51.55 -8.39
C ASP J 72 27.02 -51.08 -7.45
N TYR J 73 26.80 -49.91 -6.86
CA TYR J 73 27.82 -49.21 -6.08
C TYR J 73 27.13 -48.14 -5.24
N GLU J 74 27.74 -47.77 -4.12
CA GLU J 74 27.19 -46.76 -3.23
C GLU J 74 28.03 -45.51 -3.32
N LEU J 75 27.42 -44.40 -3.74
CA LEU J 75 28.12 -43.11 -3.81
C LEU J 75 28.60 -42.70 -2.44
N SER J 76 29.76 -42.07 -2.41
CA SER J 76 30.29 -41.49 -1.17
C SER J 76 29.32 -40.43 -0.61
N PRO J 77 29.31 -40.24 0.72
CA PRO J 77 28.53 -39.15 1.30
C PRO J 77 28.87 -37.79 0.66
N GLN J 78 30.11 -37.57 0.28
CA GLN J 78 30.48 -36.31 -0.36
C GLN J 78 29.80 -36.15 -1.71
N ALA J 79 29.65 -37.25 -2.44
CA ALA J 79 28.99 -37.21 -3.73
C ALA J 79 27.49 -36.97 -3.56
N VAL J 80 26.90 -37.60 -2.56
CA VAL J 80 25.46 -37.51 -2.34
C VAL J 80 25.09 -36.09 -1.91
N SER J 81 25.93 -35.50 -1.07
CA SER J 81 25.70 -34.15 -0.59
C SER J 81 25.85 -33.13 -1.72
N SER J 82 26.82 -33.36 -2.61
CA SER J 82 27.02 -32.49 -3.76
C SER J 82 25.82 -32.56 -4.70
N PHE J 83 25.28 -33.76 -4.86
CA PHE J 83 24.09 -33.95 -5.69
C PHE J 83 22.90 -33.22 -5.12
N VAL J 84 22.70 -33.35 -3.81
CA VAL J 84 21.61 -32.69 -3.11
C VAL J 84 21.73 -31.17 -3.20
N ARG J 85 22.92 -30.63 -2.94
CA ARG J 85 23.14 -29.17 -3.01
C ARG J 85 22.76 -28.62 -4.38
N GLN J 86 23.19 -29.30 -5.44
CA GLN J 86 22.87 -28.88 -6.80
C GLN J 86 21.37 -28.85 -7.04
N GLU J 87 20.65 -29.86 -6.53
CA GLU J 87 19.21 -29.88 -6.69
C GLU J 87 18.55 -28.69 -6.00
N LEU J 88 19.04 -28.33 -4.81
CA LEU J 88 18.52 -27.19 -4.09
C LEU J 88 18.94 -25.88 -4.76
N ALA J 89 20.17 -25.86 -5.28
CA ALA J 89 20.66 -24.70 -6.01
C ALA J 89 19.82 -24.35 -7.27
N LYS J 90 19.40 -25.37 -8.02
CA LYS J 90 18.46 -25.17 -9.14
C LYS J 90 17.12 -24.68 -8.59
N SER J 91 16.65 -25.36 -7.55
CA SER J 91 15.34 -25.15 -6.97
C SER J 91 15.08 -23.69 -6.61
N ILE J 92 16.09 -23.02 -6.08
CA ILE J 92 15.91 -21.67 -5.56
C ILE J 92 15.60 -20.63 -6.63
N ARG J 93 16.05 -20.87 -7.86
CA ARG J 93 15.81 -19.94 -8.97
C ARG J 93 14.69 -20.39 -9.91
N SER J 94 13.94 -21.40 -9.49
CA SER J 94 12.82 -21.90 -10.27
C SER J 94 11.52 -21.19 -9.86
N ARG J 95 10.39 -21.63 -10.42
CA ARG J 95 9.11 -20.96 -10.21
C ARG J 95 8.65 -21.08 -8.75
N ARG J 96 8.78 -22.28 -8.20
CA ARG J 96 8.43 -22.51 -6.81
C ARG J 96 9.53 -23.33 -6.14
N PRO J 97 10.47 -22.65 -5.46
CA PRO J 97 11.57 -23.32 -4.78
C PRO J 97 11.13 -24.30 -3.69
N TYR J 98 11.87 -25.39 -3.54
CA TYR J 98 11.73 -26.27 -2.38
C TYR J 98 12.20 -25.54 -1.14
N GLN J 99 11.32 -25.37 -0.17
CA GLN J 99 11.70 -24.76 1.09
C GLN J 99 12.04 -25.84 2.12
N VAL J 100 13.21 -26.44 1.95
CA VAL J 100 13.64 -27.57 2.74
C VAL J 100 15.09 -27.41 3.16
N ASN J 101 15.35 -27.65 4.43
CA ASN J 101 16.70 -27.66 4.96
C ASN J 101 17.06 -29.09 5.33
N VAL J 102 18.29 -29.49 5.07
CA VAL J 102 18.68 -30.88 5.30
C VAL J 102 20.01 -31.07 6.04
N LEU J 103 20.10 -32.18 6.75
CA LEU J 103 21.38 -32.66 7.26
C LEU J 103 21.66 -34.02 6.61
N ILE J 104 22.85 -34.17 6.06
CA ILE J 104 23.27 -35.45 5.54
C ILE J 104 24.38 -36.03 6.41
N GLY J 105 24.10 -37.19 6.98
CA GLY J 105 25.10 -37.95 7.73
C GLY J 105 25.43 -39.22 6.99
N GLY J 106 26.71 -39.42 6.73
CA GLY J 106 27.16 -40.61 6.04
C GLY J 106 28.40 -41.22 6.65
N TYR J 107 28.53 -42.55 6.50
CA TYR J 107 29.78 -43.21 6.79
C TYR J 107 30.46 -43.59 5.48
N ASP J 108 31.57 -42.94 5.17
CA ASP J 108 32.34 -43.21 3.97
C ASP J 108 33.18 -44.49 4.15
N LYS J 109 32.70 -45.59 3.56
CA LYS J 109 33.37 -46.89 3.66
C LYS J 109 34.73 -46.94 2.96
N LYS J 110 35.04 -45.95 2.13
CA LYS J 110 36.32 -45.92 1.43
C LYS J 110 37.45 -45.28 2.24
N LYS J 111 37.15 -44.13 2.85
CA LYS J 111 38.16 -43.35 3.59
C LYS J 111 38.54 -44.02 4.91
N ASN J 112 36.57 -44.92 5.79
CA ASN J 112 36.39 -45.23 7.20
C ASN J 112 36.36 -43.99 8.06
N LYS J 113 35.61 -42.99 7.61
CA LYS J 113 35.37 -41.77 8.38
C LYS J 113 33.91 -41.33 8.31
N PRO J 114 33.36 -40.86 9.44
CA PRO J 114 32.00 -40.34 9.42
C PRO J 114 32.01 -38.92 8.86
N GLU J 115 30.90 -38.53 8.24
CA GLU J 115 30.78 -37.20 7.64
C GLU J 115 29.39 -36.61 7.83
N LEU J 116 29.35 -35.33 8.21
CA LEU J 116 28.10 -34.59 8.40
C LEU J 116 28.05 -33.34 7.53
N TYR J 117 26.99 -33.25 6.73
CA TYR J 117 26.80 -32.13 5.81
C TYR J 117 25.53 -31.36 6.11
N GLN J 118 25.67 -30.05 6.26
CA GLN J 118 24.53 -29.17 6.46
C GLN J 118 24.26 -28.41 5.17
N ILE J 119 23.04 -28.53 4.66
CA ILE J 119 22.63 -27.81 3.45
C ILE J 119 21.26 -27.17 3.67
N ASP J 120 21.19 -25.85 3.44
CA ASP J 120 19.91 -25.13 3.56
C ASP J 120 19.20 -25.02 2.20
N TYR J 121 17.98 -24.51 2.21
CA TYR J 121 17.14 -24.46 1.03
C TYR J 121 17.70 -23.65 -0.14
N LEU J 122 18.68 -22.78 0.12
CA LEU J 122 19.35 -22.02 -0.94
C LEU J 122 20.37 -22.86 -1.68
N GLY J 123 20.72 -24.01 -1.11
CA GLY J 123 21.79 -24.85 -1.64
C GLY J 123 23.12 -24.41 -1.07
N THR J 124 23.09 -23.89 0.16
CA THR J 124 24.30 -23.55 0.90
C THR J 124 24.79 -24.78 1.62
N LYS J 125 25.98 -25.27 1.25
CA LYS J 125 26.52 -26.47 1.87
C LYS J 125 27.76 -26.18 2.68
N VAL J 126 27.87 -26.83 3.82
CA VAL J 126 29.11 -26.84 4.57
C VAL J 126 29.27 -28.18 5.31
N GLU J 127 30.51 -28.67 5.41
CA GLU J 127 30.79 -29.86 6.21
C GLU J 127 31.16 -29.47 7.64
N LEU J 128 30.61 -30.20 8.62
CA LEU J 128 30.72 -29.80 10.03
C LEU J 128 30.87 -30.96 11.00
N PRO J 129 31.52 -30.72 12.16
CA PRO J 129 31.52 -31.68 13.27
C PRO J 129 30.14 -31.79 13.90
N TYR J 130 29.38 -30.70 13.86
CA TYR J 130 27.99 -30.69 14.31
C TYR J 130 27.24 -29.55 13.65
N GLY J 131 25.93 -29.73 13.46
CA GLY J 131 25.09 -28.71 12.86
C GLY J 131 23.62 -28.81 13.24
N ALA J 132 22.86 -27.79 12.84
CA ALA J 132 21.43 -27.66 13.16
C ALA J 132 20.76 -26.78 12.12
N HIS J 133 19.45 -26.88 12.00
CA HIS J 133 18.67 -25.97 11.16
C HIS J 133 17.59 -25.27 11.94
N GLY J 134 17.32 -24.02 11.59
CA GLY J 134 16.30 -23.23 12.27
C GLY J 134 16.82 -22.63 13.57
N TYR J 135 15.96 -22.64 14.58
CA TYR J 135 16.28 -22.01 15.86
C TYR J 135 17.06 -22.93 16.80
N SER J 136 17.11 -24.21 16.45
CA SER J 136 17.83 -25.20 17.24
C SER J 136 19.24 -24.74 17.55
N GLY J 137 19.96 -24.31 16.52
CA GLY J 137 21.36 -23.90 16.67
C GLY J 137 21.60 -22.79 17.68
N PHE J 138 20.61 -21.90 17.83
CA PHE J 138 20.69 -20.80 18.76
C PHE J 138 20.93 -21.25 20.20
N TYR J 139 20.40 -22.42 20.56
CA TYR J 139 20.62 -22.95 21.89
C TYR J 139 21.76 -23.96 21.90
N THR J 140 21.87 -24.75 20.83
CA THR J 140 22.74 -25.92 20.85
C THR J 140 24.20 -25.66 20.51
N PHE J 141 24.48 -24.75 19.56
CA PHE J 141 25.86 -24.50 19.13
C PHE J 141 26.84 -24.14 20.24
N SER J 142 26.36 -23.47 21.29
CA SER J 142 27.22 -23.09 22.40
C SER J 142 27.52 -24.30 23.30
N LEU J 143 26.50 -25.11 23.59
CA LEU J 143 26.74 -26.37 24.32
C LEU J 143 27.83 -27.18 23.64
N LEU J 144 27.65 -27.38 22.33
CA LEU J 144 28.55 -28.17 21.52
C LEU J 144 29.93 -27.52 21.36
N ASP J 145 29.97 -26.20 21.21
CA ASP J 145 31.24 -25.48 21.22
C ASP J 145 32.02 -25.77 22.50
N HIS J 146 31.29 -25.97 23.59
CA HIS J 146 31.88 -26.23 24.89
C HIS J 146 32.23 -27.72 25.08
N HIS J 147 31.26 -28.60 24.89
CA HIS J 147 31.44 -30.02 25.21
C HIS J 147 31.98 -30.94 24.12
N TYR J 148 32.17 -30.43 22.90
CA TYR J 148 32.53 -31.32 21.80
C TYR J 148 34.02 -31.65 21.72
N ARG J 149 34.33 -32.94 21.56
CA ARG J 149 35.67 -33.43 21.24
C ARG J 149 35.60 -34.34 20.00
N PRO J 150 36.61 -34.26 19.11
CA PRO J 150 36.59 -35.03 17.84
C PRO J 150 36.81 -36.54 18.01
N ASP J 151 37.33 -36.94 19.18
CA ASP J 151 37.61 -38.34 19.48
C ASP J 151 36.52 -38.99 20.35
N MET J 152 35.42 -38.27 20.58
CA MET J 152 34.30 -38.79 21.35
C MET J 152 33.73 -40.08 20.79
N THR J 153 33.28 -40.96 21.69
CA THR J 153 32.66 -42.21 21.29
C THR J 153 31.22 -41.95 20.88
N THR J 154 30.60 -42.94 20.26
CA THR J 154 29.17 -42.89 19.95
C THR J 154 28.34 -42.70 21.23
N GLU J 155 28.77 -43.35 22.31
CA GLU J 155 28.07 -43.22 23.60
C GLU J 155 28.23 -41.82 24.21
N GLU J 156 29.42 -41.23 24.04
CA GLU J 156 29.67 -39.87 24.49
C GLU J 156 28.85 -38.89 23.67
N GLY J 157 28.78 -39.13 22.35
CA GLY J 157 27.99 -38.33 21.43
C GLY J 157 26.50 -38.34 21.75
N LEU J 158 26.01 -39.48 22.21
CA LEU J 158 24.61 -39.59 22.63
C LEU J 158 24.33 -38.79 23.91
N ASP J 159 25.29 -38.77 24.83
CA ASP J 159 25.17 -38.02 26.08
C ASP J 159 25.13 -36.51 25.79
N LEU J 160 25.99 -36.10 24.86
CA LEU J 160 26.07 -34.71 24.42
C LEU J 160 24.78 -34.25 23.69
N LEU J 161 24.17 -35.15 22.92
CA LEU J 161 22.84 -34.90 22.37
C LEU J 161 21.80 -34.75 23.47
N LYS J 162 21.85 -35.65 24.44
CA LYS J 162 20.90 -35.62 25.56
C LYS J 162 20.96 -34.27 26.26
N LEU J 163 22.17 -33.74 26.37
CA LEU J 163 22.39 -32.41 26.93
C LEU J 163 21.70 -31.33 26.08
N CYS J 164 21.93 -31.37 24.77
CA CYS J 164 21.30 -30.46 23.81
C CYS J 164 19.78 -30.49 23.87
N VAL J 165 19.20 -31.69 23.85
CA VAL J 165 17.75 -31.86 23.90
C VAL J 165 17.17 -31.36 25.24
N GLN J 166 17.93 -31.52 26.32
CA GLN J 166 17.51 -31.02 27.63
C GLN J 166 17.41 -29.50 27.62
N GLU J 167 18.42 -28.85 27.01
CA GLU J 167 18.45 -27.40 26.89
C GLU J 167 17.30 -26.86 26.03
N LEU J 168 17.03 -27.55 24.92
CA LEU J 168 15.92 -27.23 24.05
C LEU J 168 14.58 -27.38 24.77
N GLU J 169 14.42 -28.47 25.51
CA GLU J 169 13.20 -28.69 26.28
C GLU J 169 12.97 -27.65 27.38
N LYS J 170 14.04 -27.05 27.88
CA LYS J 170 13.92 -26.04 28.92
C LYS J 170 13.61 -24.63 28.38
N ARG J 171 14.24 -24.29 27.26
CA ARG J 171 14.30 -22.90 26.78
C ARG J 171 13.54 -22.60 25.50
N MET J 172 13.30 -23.61 24.68
CA MET J 172 12.47 -23.42 23.48
C MET J 172 10.99 -23.31 23.82
N PRO J 173 10.27 -22.40 23.15
CA PRO J 173 8.87 -22.15 23.49
C PRO J 173 7.92 -23.25 23.02
N MET J 174 8.31 -23.98 22.00
CA MET J 174 7.45 -25.00 21.40
C MET J 174 7.66 -26.37 22.06
N ASP J 175 6.58 -27.16 22.12
CA ASP J 175 6.68 -28.56 22.51
C ASP J 175 6.91 -29.37 21.23
N PHE J 176 8.13 -29.85 21.06
CA PHE J 176 8.50 -30.58 19.86
C PHE J 176 8.43 -32.10 20.03
N LYS J 177 7.88 -32.54 21.18
CA LYS J 177 7.57 -33.95 21.45
C LYS J 177 8.75 -34.92 21.38
N GLY J 178 9.93 -34.47 21.82
CA GLY J 178 11.11 -35.31 21.82
C GLY J 178 11.70 -35.56 20.43
N VAL J 179 12.77 -36.34 20.40
CA VAL J 179 13.44 -36.66 19.14
C VAL J 179 13.52 -38.17 18.86
N ILE J 180 13.71 -38.49 17.58
CA ILE J 180 14.07 -39.82 17.15
C ILE J 180 15.54 -39.72 16.80
N VAL J 181 16.34 -40.64 17.31
CA VAL J 181 17.79 -40.57 17.14
C VAL J 181 18.28 -41.73 16.30
N LYS J 182 19.17 -41.44 15.35
CA LYS J 182 19.70 -42.47 14.47
C LYS J 182 21.20 -42.36 14.36
N ILE J 183 21.89 -43.51 14.40
CA ILE J 183 23.35 -43.56 14.25
C ILE J 183 23.72 -44.14 12.89
N VAL J 184 24.67 -43.49 12.23
CA VAL J 184 25.22 -43.94 10.95
C VAL J 184 26.69 -44.27 11.16
N ASP J 185 27.04 -45.55 11.01
CA ASP J 185 28.43 -46.01 11.17
C ASP J 185 28.82 -47.04 10.11
N LYS J 186 29.98 -47.67 10.30
CA LYS J 186 30.49 -48.71 9.39
C LYS J 186 29.51 -49.84 9.10
N ASP J 187 28.62 -50.13 10.06
CA ASP J 187 27.71 -51.27 9.98
C ASP J 187 26.31 -50.84 9.60
N GLY J 188 26.22 -49.06 8.59
CA GLY J 188 24.78 -49.03 8.39
C GLY J 188 24.12 -48.04 9.32
N ILE J 189 22.79 -48.07 9.31
CA ILE J 189 21.97 -47.11 10.03
C ILE J 189 21.07 -47.83 11.04
N ARG J 190 21.13 -47.40 12.29
CA ARG J 190 20.24 -47.95 13.31
C ARG J 190 19.58 -46.86 14.14
N GLN J 191 18.44 -47.20 14.73
CA GLN J 191 17.66 -46.27 15.52
C GLN J 191 17.77 -46.62 17.01
N VAL J 192 18.13 -45.63 17.82
CA VAL J 192 18.04 -45.75 19.28
C VAL J 192 16.57 -45.69 19.68
N ASP J 193 16.01 -46.83 20.07
CA ASP J 193 14.61 -46.88 20.50
C ASP J 193 14.44 -46.35 21.93
N ASP J 194 15.57 -46.26 22.64
CA ASP J 194 15.60 -45.81 24.04
C ASP J 194 16.26 -44.43 24.23
N PHE J 195 15.58 -43.38 23.76
CA PHE J 195 16.02 -42.00 24.03
C PHE J 195 14.98 -41.21 24.84
N GLN J 196 13.77 -41.75 24.88
CA GLN J 196 12.67 -41.23 25.70
C GLN J 196 13.08 -41.14 27.19
N ALA J 197 13.86 -42.12 27.62
CA ALA J 197 14.48 -42.17 28.95
C ALA J 197 15.77 -43.00 28.88
N GLN J 198 16.91 -42.32 28.69
CA GLN J 198 18.23 -42.99 28.62
C GLN J 198 19.14 -42.59 29.79
N THR K 1 -16.66 -27.11 10.18
CA THR K 1 -16.52 -28.58 9.94
C THR K 1 -15.69 -29.27 10.99
N THR K 2 -16.13 -30.49 11.31
CA THR K 2 -15.38 -31.40 12.14
C THR K 2 -15.51 -32.79 11.53
N THR K 3 -14.36 -33.45 11.40
CA THR K 3 -14.32 -34.80 10.87
C THR K 3 -13.31 -35.53 11.73
N LEU K 4 -13.57 -36.81 11.98
CA LEU K 4 -12.59 -37.64 12.69
C LEU K 4 -12.50 -39.07 12.17
N ALA K 5 -11.36 -39.68 12.42
CA ALA K 5 -11.15 -41.08 12.13
C ALA K 5 -10.17 -41.58 13.17
N PHE K 6 -10.52 -42.70 13.79
CA PHE K 6 -9.61 -43.35 14.69
C PHE K 6 -9.59 -44.87 14.51
N ARG K 7 -8.42 -45.44 14.79
CA ARG K 7 -8.14 -46.85 14.64
C ARG K 7 -8.25 -47.49 16.01
N PHE K 8 -8.91 -48.64 16.09
CA PHE K 8 -9.04 -49.38 17.34
C PHE K 8 -9.07 -50.89 17.10
N GLN K 9 -9.19 -51.66 18.18
CA GLN K 9 -9.35 -53.12 18.11
C GLN K 9 -10.25 -53.58 16.97
N GLY K 10 -11.39 -52.91 16.79
CA GLY K 10 -12.42 -53.38 15.86
C GLY K 10 -12.30 -52.85 14.46
N GLY K 11 -11.28 -52.01 14.21
CA GLY K 11 -11.06 -51.41 12.90
C GLY K 11 -10.99 -49.90 12.90
N ILE K 12 -11.80 -49.27 12.06
CA ILE K 12 -11.82 -47.81 11.90
C ILE K 12 -13.21 -47.24 12.19
N ILE K 13 -13.26 -46.23 13.05
CA ILE K 13 -14.45 -45.39 13.18
C ILE K 13 -14.23 -44.07 12.42
N VAL K 14 -15.19 -43.74 11.55
CA VAL K 14 -15.19 -42.46 10.84
C VAL K 14 -16.47 -41.68 11.17
N ALA K 15 -16.31 -40.45 11.65
CA ALA K 15 -17.45 -39.60 11.99
C ALA K 15 -17.25 -38.15 11.52
N VAL K 16 -18.28 -37.60 10.87
CA VAL K 16 -18.23 -36.25 10.32
C VAL K 16 -19.51 -35.47 10.64
N ASP K 17 -19.44 -34.14 10.57
CA ASP K 17 -20.63 -33.29 10.65
C ASP K 17 -21.15 -33.04 9.24
N SER K 18 -22.12 -32.15 9.10
CA SER K 18 -22.73 -31.92 7.79
C SER K 18 -23.06 -30.46 7.48
N ARG K 19 -22.34 -29.53 8.10
CA ARG K 19 -22.56 -28.08 7.88
C ARG K 19 -21.63 -27.47 6.84
N ALA K 20 -22.21 -26.64 5.97
CA ALA K 20 -21.43 -25.75 5.11
C ALA K 20 -21.83 -24.31 5.40
N THR K 21 -20.83 -23.44 5.46
CA THR K 21 -21.06 -22.00 5.67
C THR K 21 -20.44 -21.15 4.56
N ALA K 22 -21.04 -19.98 4.34
CA ALA K 22 -20.42 -18.91 3.54
C ALA K 22 -20.39 -17.65 4.41
N GLY K 23 -19.27 -17.46 5.11
CA GLY K 23 -19.18 -16.45 6.15
C GLY K 23 -20.02 -16.91 7.32
N ASN K 24 -21.07 -16.16 7.63
CA ASN K 24 -21.93 -16.47 8.76
C ASN K 24 -23.22 -17.11 8.30
N TRP K 25 -23.37 -17.13 6.98
CA TRP K 25 -24.50 -17.78 6.35
C TRP K 25 -24.32 -19.30 6.38
N VAL K 26 -25.33 -20.00 6.90
CA VAL K 26 -25.38 -21.45 6.85
C VAL K 26 -25.92 -21.83 5.48
N ALA K 27 -25.04 -22.37 4.63
CA ALA K 27 -25.40 -22.71 3.26
C ALA K 27 -26.15 -24.03 3.22
N SER K 28 -25.69 -24.99 4.03
CA SER K 28 -26.32 -26.30 4.15
C SER K 28 -26.06 -26.97 5.49
N GLN K 29 -27.06 -27.71 5.97
CA GLN K 29 -26.94 -28.56 7.17
C GLN K 29 -26.93 -30.03 6.77
N THR K 30 -26.98 -30.29 5.46
CA THR K 30 -27.10 -31.66 4.94
C THR K 30 -26.00 -32.06 3.96
N VAL K 31 -24.77 -31.61 4.22
CA VAL K 31 -23.65 -31.94 3.33
C VAL K 31 -23.17 -33.34 3.65
N LYS K 32 -22.89 -34.12 2.61
CA LYS K 32 -22.32 -35.45 2.78
C LYS K 32 -20.79 -35.38 2.75
N LYS K 33 -20.18 -35.32 3.93
CA LYS K 33 -18.73 -35.10 4.02
C LYS K 33 -17.89 -36.37 3.99
N VAL K 34 -18.55 -37.51 3.87
CA VAL K 34 -17.87 -38.79 3.64
C VAL K 34 -18.11 -39.21 2.20
N ILE K 35 -17.01 -39.52 1.51
CA ILE K 35 -17.08 -40.03 0.15
C ILE K 35 -16.71 -41.49 0.16
N GLU K 36 -17.60 -42.31 -0.38
CA GLU K 36 -17.38 -43.75 -0.47
C GLU K 36 -16.55 -44.03 -1.74
N ILE K 37 -15.23 -44.10 -1.57
CA ILE K 37 -14.29 -44.29 -2.69
C ILE K 37 -14.56 -45.64 -3.34
N ASN K 38 -14.59 -46.69 -2.51
CA ASN K 38 -15.03 -48.02 -2.91
C ASN K 38 -15.56 -48.77 -1.67
N PRO K 39 -16.12 -49.99 -1.84
CA PRO K 39 -16.59 -50.81 -0.71
C PRO K 39 -15.65 -50.93 0.51
N PHE K 40 -14.37 -50.62 0.35
CA PHE K 40 -13.38 -50.74 1.43
C PHE K 40 -12.63 -49.42 1.70
N LEU K 41 -12.98 -48.37 0.98
CA LEU K 41 -12.29 -47.08 1.05
C LEU K 41 -13.21 -45.88 1.28
N LEU K 42 -12.86 -45.09 2.29
CA LEU K 42 -13.59 -43.86 2.59
C LEU K 42 -12.66 -42.65 2.55
N GLY K 43 -13.22 -41.52 2.12
CA GLY K 43 -12.55 -40.23 2.20
C GLY K 43 -13.44 -39.23 2.94
N THR K 44 -12.82 -38.38 3.75
CA THR K 44 -13.55 -37.30 4.44
C THR K 44 -13.24 -35.94 3.81
N MET K 45 -14.16 -34.99 4.00
CA MET K 45 -14.00 -33.64 3.41
C MET K 45 -13.95 -32.52 4.45
N ALA K 46 -12.91 -31.70 4.41
CA ALA K 46 -12.83 -30.45 5.17
C ALA K 46 -12.16 -29.35 4.35
N GLY K 47 -12.68 -28.13 4.49
CA GLY K 47 -12.21 -26.96 3.75
C GLY K 47 -13.14 -26.61 2.60
N GLY K 48 -12.58 -26.49 1.40
CA GLY K 48 -13.37 -26.13 0.23
C GLY K 48 -14.24 -27.28 -0.25
N ALA K 49 -15.55 -27.05 -0.27
CA ALA K 49 -16.49 -28.08 -0.68
C ALA K 49 -16.12 -28.62 -2.06
N ALA K 50 -16.16 -27.74 -3.06
CA ALA K 50 -15.82 -28.10 -4.44
C ALA K 50 -14.49 -28.87 -4.53
N ASP K 51 -13.41 -28.30 -3.99
CA ASP K 51 -12.08 -28.93 -4.02
C ASP K 51 -12.11 -30.39 -3.53
N CYS K 52 -12.69 -30.62 -2.35
CA CYS K 52 -12.78 -31.96 -1.76
C CYS K 52 -13.65 -32.90 -2.58
N GLN K 53 -14.88 -32.46 -2.86
CA GLN K 53 -15.86 -33.27 -3.60
C GLN K 53 -15.32 -33.66 -4.97
N PHE K 54 -14.80 -32.68 -5.71
CA PHE K 54 -14.23 -32.95 -7.03
C PHE K 54 -13.04 -33.92 -6.99
N TRP K 55 -12.02 -33.62 -6.18
CA TRP K 55 -10.78 -34.40 -6.22
C TRP K 55 -10.88 -35.76 -5.52
N GLU K 56 -11.88 -35.93 -4.66
CA GLU K 56 -12.09 -37.23 -4.04
C GLU K 56 -12.95 -38.13 -4.93
N THR K 57 -13.89 -37.54 -5.66
CA THR K 57 -14.63 -38.28 -6.68
C THR K 57 -13.67 -38.72 -7.78
N TRP K 58 -12.74 -37.85 -8.13
CA TRP K 58 -11.67 -38.15 -9.07
C TRP K 58 -10.79 -39.30 -8.55
N LEU K 59 -10.49 -39.27 -7.26
CA LEU K 59 -9.67 -40.33 -6.66
C LEU K 59 -10.31 -41.69 -6.90
N GLY K 60 -11.63 -41.77 -6.70
CA GLY K 60 -12.39 -42.98 -6.94
C GLY K 60 -12.09 -43.57 -8.30
N SER K 61 -12.17 -42.72 -9.32
CA SER K 61 -11.87 -43.10 -10.68
C SER K 61 -10.43 -43.62 -10.82
N GLN K 62 -9.48 -42.97 -10.14
CA GLN K 62 -8.07 -43.39 -10.23
C GLN K 62 -7.82 -44.73 -9.53
N CYS K 63 -8.58 -44.98 -8.45
CA CYS K 63 -8.53 -46.26 -7.75
C CYS K 63 -9.16 -47.39 -8.56
N ARG K 64 -10.36 -47.16 -9.10
CA ARG K 64 -11.01 -48.12 -9.98
C ARG K 64 -10.11 -48.49 -11.18
N LEU K 65 -9.44 -47.49 -11.74
CA LEU K 65 -8.47 -47.70 -12.80
C LEU K 65 -7.35 -48.62 -12.38
N HIS K 66 -6.87 -48.46 -11.14
CA HIS K 66 -5.79 -49.27 -10.61
C HIS K 66 -6.19 -50.76 -10.60
N GLU K 67 -7.41 -51.05 -10.16
CA GLU K 67 -7.91 -52.41 -10.02
C GLU K 67 -8.14 -53.14 -11.34
N LEU K 68 -8.52 -52.40 -12.37
CA LEU K 68 -8.64 -52.95 -13.72
C LEU K 68 -7.26 -53.25 -14.30
N ARG K 69 -6.26 -52.49 -13.84
CA ARG K 69 -4.92 -52.54 -14.40
C ARG K 69 -4.09 -53.60 -13.69
N GLU K 70 -4.19 -53.67 -12.37
CA GLU K 70 -3.38 -54.59 -11.57
C GLU K 70 -4.14 -55.81 -11.03
N LYS K 71 -5.44 -55.88 -11.34
CA LYS K 71 -6.31 -57.00 -10.94
C LYS K 71 -6.26 -57.29 -9.43
N GLU K 72 -6.48 -56.24 -8.64
CA GLU K 72 -6.28 -56.24 -7.18
C GLU K 72 -6.71 -54.89 -6.59
N ARG K 73 -7.24 -54.92 -5.37
CA ARG K 73 -7.58 -53.70 -4.63
C ARG K 73 -6.38 -52.77 -4.39
N ILE K 74 -6.63 -51.47 -4.57
CA ILE K 74 -5.64 -50.43 -4.29
C ILE K 74 -5.32 -50.42 -2.79
N SER K 75 -4.07 -50.18 -2.45
CA SER K 75 -3.70 -50.03 -1.05
C SER K 75 -4.11 -48.65 -0.53
N VAL K 76 -4.32 -48.55 0.78
CA VAL K 76 -4.65 -47.29 1.43
C VAL K 76 -3.49 -46.30 1.23
N ALA K 77 -2.28 -46.82 1.31
CA ALA K 77 -1.09 -46.00 1.12
C ALA K 77 -1.04 -45.43 -0.30
N ALA K 78 -1.31 -46.29 -1.28
CA ALA K 78 -1.27 -45.88 -2.69
C ALA K 78 -2.41 -44.93 -3.05
N ALA K 79 -3.61 -45.22 -2.55
CA ALA K 79 -4.74 -44.35 -2.79
C ALA K 79 -4.43 -42.94 -2.28
N SER K 80 -3.98 -42.85 -1.02
CA SER K 80 -3.72 -41.56 -0.40
C SER K 80 -2.62 -40.79 -1.11
N LYS K 81 -1.60 -41.51 -1.59
CA LYS K 81 -0.48 -40.86 -2.28
C LYS K 81 -0.89 -40.29 -3.65
N ILE K 82 -1.85 -40.93 -4.31
CA ILE K 82 -2.43 -40.37 -5.53
C ILE K 82 -2.97 -38.96 -5.27
N LEU K 83 -3.90 -38.86 -4.31
CA LEU K 83 -4.55 -37.58 -3.96
C LEU K 83 -3.52 -36.57 -3.47
N SER K 84 -2.63 -37.03 -2.59
CA SER K 84 -1.51 -36.25 -2.11
C SER K 84 -0.67 -35.66 -3.24
N ASN K 85 -0.19 -36.52 -4.13
CA ASN K 85 0.67 -36.08 -5.23
C ASN K 85 -0.03 -35.13 -6.20
N LEU K 86 -1.33 -35.35 -6.42
CA LEU K 86 -2.13 -34.48 -7.29
C LEU K 86 -2.19 -33.08 -6.66
N VAL K 87 -2.61 -33.05 -5.41
CA VAL K 87 -2.74 -31.84 -4.63
C VAL K 87 -1.41 -31.06 -4.58
N TYR K 88 -0.30 -31.80 -4.52
CA TYR K 88 1.02 -31.17 -4.48
C TYR K 88 1.38 -30.49 -5.80
N GLN K 89 0.88 -31.01 -6.91
CA GLN K 89 1.08 -30.37 -8.21
C GLN K 89 0.51 -28.94 -8.16
N TYR K 90 -0.60 -28.78 -7.45
CA TYR K 90 -1.33 -27.51 -7.40
C TYR K 90 -0.87 -26.58 -6.27
N LYS K 91 0.16 -26.96 -5.53
CA LYS K 91 0.58 -26.16 -4.36
C LYS K 91 0.73 -24.67 -4.68
N GLY K 92 0.05 -23.83 -3.92
CA GLY K 92 0.09 -22.38 -4.10
C GLY K 92 -1.02 -21.81 -4.98
N ALA K 93 -1.76 -22.67 -5.68
CA ALA K 93 -2.85 -22.23 -6.54
C ALA K 93 -4.09 -21.87 -5.73
N GLY K 94 -4.12 -22.29 -4.47
CA GLY K 94 -5.21 -21.95 -3.57
C GLY K 94 -6.23 -23.06 -3.32
N LEU K 95 -5.87 -24.30 -3.62
CA LEU K 95 -6.73 -25.41 -3.21
C LEU K 95 -6.81 -25.43 -1.68
N SER K 96 -8.00 -25.77 -1.18
CA SER K 96 -8.24 -25.76 0.25
C SER K 96 -8.91 -27.06 0.68
N MET K 97 -8.09 -28.00 1.14
CA MET K 97 -8.60 -29.30 1.61
C MET K 97 -7.84 -29.90 2.78
N GLY K 98 -8.63 -30.36 3.77
CA GLY K 98 -8.15 -31.19 4.86
C GLY K 98 -8.91 -32.51 4.78
N THR K 99 -8.18 -33.59 4.57
CA THR K 99 -8.79 -34.81 4.08
C THR K 99 -8.24 -36.03 4.80
N MET K 100 -9.09 -37.04 4.91
CA MET K 100 -8.72 -38.28 5.59
C MET K 100 -9.07 -39.46 4.68
N ILE K 101 -8.07 -40.29 4.38
CA ILE K 101 -8.30 -41.49 3.56
C ILE K 101 -8.14 -42.76 4.38
N CYS K 102 -9.26 -43.46 4.54
CA CYS K 102 -9.38 -44.57 5.49
C CYS K 102 -9.85 -45.84 4.80
N GLY K 103 -9.14 -46.92 5.08
CA GLY K 103 -9.43 -48.21 4.46
C GLY K 103 -8.83 -49.38 5.18
N TYR K 104 -9.21 -50.58 4.76
CA TYR K 104 -8.77 -51.81 5.41
C TYR K 104 -8.36 -52.83 4.36
N THR K 105 -7.10 -52.78 3.94
CA THR K 105 -6.54 -53.85 3.10
C THR K 105 -5.91 -54.95 3.96
N ARG K 106 -5.84 -56.15 3.40
CA ARG K 106 -5.25 -57.32 4.07
C ARG K 106 -3.76 -57.12 4.36
N LYS K 107 -3.01 -56.73 3.34
CA LYS K 107 -1.55 -56.56 3.37
C LYS K 107 -1.09 -55.79 4.62
N GLU K 108 -2.60 -53.99 4.89
CA GLU K 108 -1.92 -53.03 5.74
C GLU K 108 -2.57 -53.04 7.12
N GLY K 109 -3.69 -53.76 7.23
CA GLY K 109 -4.56 -53.67 8.39
C GLY K 109 -5.39 -52.40 8.25
N PRO K 110 -6.17 -52.06 9.31
CA PRO K 110 -6.92 -50.80 9.24
C PRO K 110 -5.92 -49.64 9.14
N THR K 111 -6.17 -48.72 8.23
CA THR K 111 -5.19 -47.66 7.95
C THR K 111 -5.84 -46.29 7.69
N ILE K 112 -5.33 -45.28 8.38
CA ILE K 112 -5.77 -43.89 8.17
C ILE K 112 -4.64 -43.02 7.65
N TYR K 113 -4.89 -42.30 6.57
CA TYR K 113 -3.97 -41.26 6.10
C TYR K 113 -4.59 -39.87 6.16
N TYR K 114 -3.82 -38.93 6.72
CA TYR K 114 -4.18 -37.52 6.63
C TYR K 114 -3.50 -36.91 5.40
N VAL K 115 -4.29 -36.29 4.52
CA VAL K 115 -3.78 -35.58 3.33
C VAL K 115 -4.39 -34.16 3.27
N ASP K 116 -3.55 -33.13 3.19
CA ASP K 116 -4.06 -31.74 3.03
C ASP K 116 -3.48 -31.03 1.80
N SER K 117 -4.04 -29.87 1.47
CA SER K 117 -3.64 -29.14 0.27
C SER K 117 -2.27 -28.47 0.33
N ASP K 118 -1.66 -28.46 1.52
CA ASP K 118 -0.25 -28.06 1.65
C ASP K 118 0.66 -29.15 1.09
N GLY K 119 0.10 -30.34 0.93
CA GLY K 119 0.84 -31.50 0.45
C GLY K 119 1.30 -32.44 1.55
N THR K 120 0.86 -32.17 2.78
CA THR K 120 1.18 -32.99 3.94
C THR K 120 0.43 -34.32 3.84
N ARG K 121 1.16 -35.41 4.04
CA ARG K 121 0.58 -36.76 4.07
C ARG K 121 1.12 -37.50 5.29
N LEU K 122 0.22 -37.88 6.20
CA LEU K 122 0.62 -38.58 7.43
C LEU K 122 -0.20 -39.82 7.72
N LYS K 123 0.47 -40.89 8.14
CA LYS K 123 -0.20 -42.09 8.62
C LYS K 123 -0.32 -42.02 10.15
N GLY K 124 -1.49 -42.41 10.67
CA GLY K 124 -1.73 -42.42 12.11
C GLY K 124 -3.00 -43.12 12.56
N ASP K 125 -3.18 -43.19 13.88
CA ASP K 125 -4.33 -43.89 14.47
C ASP K 125 -5.48 -42.95 14.77
N ILE K 126 -5.19 -41.74 15.22
CA ILE K 126 -6.21 -40.73 15.50
C ILE K 126 -5.99 -39.43 14.71
N PHE K 127 -7.02 -38.98 14.00
CA PHE K 127 -7.04 -37.65 13.39
C PHE K 127 -8.39 -36.96 13.54
N CYS K 128 -8.33 -35.67 13.86
CA CYS K 128 -9.49 -34.76 13.74
C CYS K 128 -9.11 -33.59 12.83
N VAL K 129 -10.01 -33.26 11.91
CA VAL K 129 -9.74 -32.24 10.91
C VAL K 129 -10.96 -31.33 10.76
N GLY K 130 -10.70 -30.05 10.55
CA GLY K 130 -11.75 -29.03 10.41
C GLY K 130 -11.69 -27.96 11.49
N SER K 131 -12.53 -26.93 11.32
CA SER K 131 -12.58 -25.81 12.25
C SER K 131 -12.96 -26.23 13.67
N GLY K 132 -13.66 -27.35 13.80
CA GLY K 132 -14.06 -27.84 15.11
C GLY K 132 -13.17 -28.94 15.65
N GLN K 133 -12.03 -29.16 15.01
CA GLN K 133 -11.17 -30.29 15.37
C GLN K 133 -10.78 -30.33 16.84
N THR K 134 -10.36 -29.19 17.38
CA THR K 134 -9.84 -29.13 18.75
C THR K 134 -10.87 -29.59 19.77
N PHE K 135 -12.15 -29.28 19.51
CA PHE K 135 -13.26 -29.75 20.34
C PHE K 135 -13.41 -31.27 20.31
N ALA K 136 -13.36 -31.84 19.11
CA ALA K 136 -13.41 -33.28 18.96
C ALA K 136 -12.24 -33.97 19.68
N TYR K 137 -11.05 -33.38 19.58
CA TYR K 137 -9.85 -33.94 20.22
C TYR K 137 -9.97 -34.10 21.74
N GLY K 138 -10.51 -33.08 22.40
CA GLY K 138 -10.71 -33.13 23.86
C GLY K 138 -11.50 -34.34 24.33
N VAL K 139 -12.64 -34.58 23.68
CA VAL K 139 -13.49 -35.73 23.99
C VAL K 139 -12.82 -37.04 23.59
N LEU K 140 -12.36 -37.10 22.34
CA LEU K 140 -11.72 -38.30 21.81
C LEU K 140 -10.49 -38.72 22.61
N ASP K 141 -9.58 -37.77 22.86
CA ASP K 141 -8.31 -38.06 23.55
C ASP K 141 -8.49 -38.61 24.95
N SER K 142 -9.55 -38.14 25.62
CA SER K 142 -9.80 -38.49 27.02
C SER K 142 -10.57 -39.81 27.21
N ASN K 143 -11.16 -40.34 26.14
CA ASN K 143 -11.93 -41.58 26.23
C ASN K 143 -11.44 -42.69 25.31
N TYR K 144 -10.34 -42.43 24.58
CA TYR K 144 -9.81 -43.42 23.65
C TYR K 144 -9.00 -44.51 24.34
N LYS K 145 -9.30 -45.75 23.96
CA LYS K 145 -8.49 -46.93 24.27
C LYS K 145 -8.52 -47.78 23.02
N TRP K 146 -7.43 -48.50 22.75
CA TRP K 146 -7.44 -49.47 21.66
C TRP K 146 -8.59 -50.47 21.84
N ASP K 147 -8.89 -50.81 23.09
CA ASP K 147 -9.78 -51.93 23.43
C ASP K 147 -11.26 -51.57 23.56
N LEU K 148 -11.68 -50.51 22.88
CA LEU K 148 -13.09 -50.12 22.84
C LEU K 148 -13.90 -51.10 22.01
N SER K 149 -15.11 -51.38 22.46
CA SER K 149 -16.03 -52.20 21.67
C SER K 149 -16.50 -51.42 20.45
N VAL K 150 -16.90 -52.12 19.40
CA VAL K 150 -17.45 -51.49 18.21
C VAL K 150 -18.58 -50.52 18.57
N GLU K 151 -19.35 -50.87 19.60
CA GLU K 151 -20.48 -50.05 20.06
C GLU K 151 -19.99 -48.75 20.74
N ASP K 152 -19.04 -48.90 21.65
CA ASP K 152 -18.47 -47.76 22.38
C ASP K 152 -17.69 -46.82 21.46
N ALA K 153 -16.96 -47.42 20.51
CA ALA K 153 -16.19 -46.67 19.51
C ALA K 153 -17.12 -45.83 18.65
N LEU K 154 -18.17 -46.45 18.13
CA LEU K 154 -19.16 -45.75 17.33
C LEU K 154 -19.75 -44.58 18.11
N TYR K 155 -20.02 -44.79 19.40
CA TYR K 155 -20.57 -43.77 20.27
C TYR K 155 -19.58 -42.64 20.55
N LEU K 156 -18.33 -42.98 20.86
CA LEU K 156 -17.29 -41.98 21.14
C LEU K 156 -17.06 -41.05 19.94
N GLY K 157 -17.04 -41.65 18.75
CA GLY K 157 -17.01 -40.91 17.50
C GLY K 157 -18.18 -39.95 17.41
N LYS K 158 -19.39 -40.49 17.50
CA LYS K 158 -20.64 -39.72 17.43
C LYS K 158 -20.70 -38.60 18.48
N ARG K 159 -20.20 -38.91 19.67
CA ARG K 159 -20.20 -37.97 20.79
C ARG K 159 -19.16 -36.88 20.59
N SER K 160 -18.04 -37.23 19.97
CA SER K 160 -16.98 -36.25 19.67
C SER K 160 -17.44 -35.20 18.65
N ILE K 161 -18.16 -35.62 17.62
CA ILE K 161 -18.72 -34.69 16.64
C ILE K 161 -19.78 -33.81 17.29
N LEU K 162 -20.54 -34.39 18.21
CA LEU K 162 -21.56 -33.64 18.96
C LEU K 162 -20.92 -32.51 19.75
N ALA K 163 -19.79 -32.79 20.38
CA ALA K 163 -19.06 -31.81 21.15
C ALA K 163 -18.66 -30.62 20.28
N ALA K 164 -18.15 -30.91 19.09
CA ALA K 164 -17.68 -29.91 18.14
C ALA K 164 -18.82 -29.14 17.49
N ALA K 165 -19.92 -29.84 17.22
CA ALA K 165 -21.09 -29.23 16.62
C ALA K 165 -21.67 -28.18 17.57
N HIS K 166 -21.52 -28.44 18.87
CA HIS K 166 -22.07 -27.57 19.91
C HIS K 166 -21.27 -26.27 20.06
N ARG K 167 -19.95 -26.38 20.21
CA ARG K 167 -19.09 -25.21 20.47
C ARG K 167 -18.66 -24.44 19.22
N ASP K 168 -18.41 -25.15 18.11
CA ASP K 168 -17.93 -24.53 16.87
C ASP K 168 -19.12 -24.07 16.04
N ALA K 169 -19.11 -22.77 15.75
CA ALA K 169 -20.18 -22.14 15.00
C ALA K 169 -20.30 -22.70 13.59
N TYR K 170 -19.17 -23.16 13.05
CA TYR K 170 -19.10 -23.62 11.66
C TYR K 170 -19.27 -25.13 11.51
N SER K 171 -19.46 -25.83 12.63
CA SER K 171 -19.85 -27.25 12.64
C SER K 171 -21.29 -27.44 13.11
N GLY K 172 -21.92 -28.51 12.64
CA GLY K 172 -23.28 -28.84 13.04
C GLY K 172 -24.12 -29.52 11.97
N GLY K 173 -25.44 -29.51 12.20
CA GLY K 173 -26.38 -30.21 11.34
C GLY K 173 -26.64 -31.60 11.86
N SER K 174 -25.84 -32.56 11.38
CA SER K 174 -26.05 -33.96 11.72
C SER K 174 -24.72 -34.68 11.76
N VAL K 175 -24.72 -35.88 12.33
CA VAL K 175 -23.53 -36.72 12.34
C VAL K 175 -23.73 -37.88 11.37
N ASN K 176 -22.71 -38.16 10.57
CA ASN K 176 -22.68 -39.37 9.74
C ASN K 176 -21.59 -40.29 10.26
N LEU K 177 -21.97 -41.56 10.45
CA LEU K 177 -21.11 -42.54 11.10
C LEU K 177 -20.76 -43.71 10.19
N TYR K 178 -19.50 -44.13 10.25
CA TYR K 178 -19.03 -45.28 9.50
C TYR K 178 -18.16 -46.16 10.37
N HIS K 179 -18.28 -47.47 10.15
CA HIS K 179 -17.37 -48.45 10.72
C HIS K 179 -16.69 -49.19 9.57
N VAL K 180 -15.39 -49.39 9.69
CA VAL K 180 -14.63 -50.09 8.65
C VAL K 180 -13.93 -51.35 9.17
N THR K 181 -14.27 -52.48 8.54
CA THR K 181 -13.63 -53.78 8.73
C THR K 181 -13.10 -54.26 7.37
N GLU K 182 -12.44 -55.42 7.35
CA GLU K 182 -11.85 -55.95 6.10
C GLU K 182 -12.93 -56.38 5.09
N ASP K 183 -14.12 -56.72 5.61
CA ASP K 183 -15.26 -57.14 4.80
C ASP K 183 -15.86 -55.99 3.97
N GLY K 184 -14.70 -53.91 4.35
CA GLY K 184 -15.72 -53.01 3.82
C GLY K 184 -16.25 -52.13 4.92
N TRP K 185 -16.80 -51.00 4.52
CA TRP K 185 -17.36 -50.06 5.47
C TRP K 185 -18.82 -50.37 5.68
N ILE K 186 -19.32 -50.00 6.85
CA ILE K 186 -20.73 -50.13 7.15
C ILE K 186 -21.21 -48.76 7.60
N TYR K 187 -22.29 -48.30 6.97
CA TYR K 187 -22.92 -47.05 7.35
C TYR K 187 -23.68 -47.24 8.64
N HIS K 188 -23.52 -46.31 9.58
CA HIS K 188 -24.24 -46.39 10.85
C HIS K 188 -25.16 -45.19 11.11
N GLY K 189 -25.71 -44.62 10.04
CA GLY K 189 -26.80 -43.66 10.13
C GLY K 189 -26.46 -42.17 10.11
N ASN K 190 -27.52 -41.38 9.95
CA ASN K 190 -27.45 -39.93 9.98
C ASN K 190 -28.17 -39.42 11.23
N HIS K 191 -27.41 -38.85 12.15
CA HIS K 191 -27.96 -38.40 13.43
C HIS K 191 -28.02 -36.88 13.55
N ASP K 192 -29.22 -36.32 13.38
CA ASP K 192 -29.45 -34.88 13.50
C ASP K 192 -29.07 -34.37 14.88
N VAL K 193 -28.27 -33.31 14.93
CA VAL K 193 -27.80 -32.74 16.20
C VAL K 193 -28.97 -32.17 17.03
N GLY K 194 -29.97 -31.63 16.34
CA GLY K 194 -31.20 -31.15 16.97
C GLY K 194 -31.91 -32.15 17.87
N GLU K 195 -31.78 -33.44 17.59
CA GLU K 195 -32.41 -34.45 18.43
C GLU K 195 -31.37 -35.20 19.23
N LEU K 196 -30.18 -35.37 18.65
CA LEU K 196 -29.08 -36.05 19.32
C LEU K 196 -28.63 -35.33 20.59
N PHE K 197 -28.63 -33.99 20.53
CA PHE K 197 -28.17 -33.19 21.66
C PHE K 197 -28.96 -33.47 22.94
N TRP K 198 -30.29 -33.37 22.82
CA TRP K 198 -31.17 -33.57 23.97
C TRP K 198 -31.14 -35.02 24.47
N LYS K 199 -31.24 -35.97 23.55
CA LYS K 199 -31.06 -37.38 23.86
C LYS K 199 -29.80 -37.60 24.72
N VAL K 200 -28.65 -37.14 24.22
CA VAL K 200 -27.36 -37.36 24.88
C VAL K 200 -27.29 -36.68 26.26
N LYS K 201 -27.73 -35.44 26.34
CA LYS K 201 -27.76 -34.72 27.62
C LYS K 201 -28.52 -35.51 28.69
N GLU K 202 -29.75 -35.90 28.37
CA GLU K 202 -30.62 -36.61 29.30
C GLU K 202 -30.05 -37.95 29.74
N GLU K 203 -29.51 -38.72 28.79
CA GLU K 203 -29.03 -40.08 29.08
C GLU K 203 -27.66 -40.09 29.74
N GLU K 204 -26.90 -39.02 29.55
CA GLU K 204 -25.49 -38.98 29.93
C GLU K 204 -25.23 -38.06 31.12
N GLY K 205 -26.08 -37.05 31.30
CA GLY K 205 -25.91 -36.05 32.37
C GLY K 205 -24.95 -34.93 32.01
N SER K 206 -24.37 -35.03 30.81
CA SER K 206 -23.45 -34.05 30.25
C SER K 206 -24.19 -32.81 29.75
N PHE K 207 -23.42 -31.81 29.30
CA PHE K 207 -23.96 -30.53 28.84
C PHE K 207 -24.82 -29.91 29.93
N ASN K 208 -24.39 -30.12 31.18
CA ASN K 208 -25.14 -29.68 32.33
C ASN K 208 -25.41 -28.18 32.28
N ASN K 209 -24.45 -27.45 31.74
CA ASN K 209 -24.56 -26.00 31.56
C ASN K 209 -25.87 -25.57 30.85
N VAL K 210 -26.04 -26.01 29.59
CA VAL K 210 -27.22 -25.67 28.78
C VAL K 210 -28.53 -25.91 29.52
N ILE K 211 -29.41 -24.91 29.54
CA ILE K 211 -30.74 -25.05 30.15
C ILE K 211 -31.69 -25.84 29.22
N GLY K 212 -32.22 -26.94 29.74
CA GLY K 212 -33.06 -27.84 28.94
C GLY K 212 -34.13 -28.59 29.72
N GLN L 1 -8.22 -0.37 -12.23
CA GLN L 1 -7.99 -1.65 -12.95
C GLN L 1 -9.32 -2.24 -13.47
N PHE L 2 -9.23 -3.16 -14.43
CA PHE L 2 -10.42 -3.84 -14.98
C PHE L 2 -10.94 -4.95 -14.07
N ASN L 3 -12.24 -4.88 -13.79
CA ASN L 3 -12.93 -5.92 -13.04
C ASN L 3 -13.77 -6.77 -13.99
N PRO L 4 -13.36 -8.05 -14.18
CA PRO L 4 -14.07 -8.94 -15.11
C PRO L 4 -15.42 -9.40 -14.59
N TYR L 5 -15.74 -9.08 -13.34
CA TYR L 5 -17.02 -9.44 -12.75
C TYR L 5 -17.96 -8.27 -12.51
N GLY L 6 -19.26 -8.55 -12.58
CA GLY L 6 -20.30 -7.63 -12.16
C GLY L 6 -21.37 -8.41 -11.41
N ASP L 7 -22.41 -7.71 -10.97
CA ASP L 7 -23.54 -8.33 -10.25
C ASP L 7 -24.86 -7.86 -10.82
N ASN L 8 -25.63 -8.79 -11.37
CA ASN L 8 -26.92 -8.46 -11.98
C ASN L 8 -28.10 -8.67 -11.04
N GLY L 9 -27.78 -9.00 -9.79
CA GLY L 9 -28.80 -9.21 -8.78
C GLY L 9 -29.74 -10.34 -9.15
N GLY L 10 -31.93 -10.19 -8.59
CA GLY L 10 -32.15 -11.54 -9.12
C GLY L 10 -32.05 -12.59 -8.03
N THR L 11 -33.08 -13.44 -7.98
CA THR L 11 -33.15 -14.51 -7.01
C THR L 11 -33.87 -15.70 -7.65
N ILE L 12 -33.33 -16.91 -7.44
CA ILE L 12 -33.99 -18.11 -7.95
C ILE L 12 -34.35 -19.11 -6.83
N LEU L 13 -35.34 -19.95 -7.12
CA LEU L 13 -35.92 -20.83 -6.12
C LEU L 13 -36.40 -22.13 -6.74
N GLY L 14 -35.93 -23.26 -6.21
CA GLY L 14 -36.30 -24.57 -6.71
C GLY L 14 -36.95 -25.42 -5.64
N ILE L 15 -38.14 -25.94 -5.92
CA ILE L 15 -38.83 -26.84 -4.99
C ILE L 15 -39.20 -28.15 -5.69
N ALA L 16 -38.91 -29.27 -5.02
CA ALA L 16 -39.18 -30.60 -5.56
C ALA L 16 -40.42 -31.24 -4.95
N GLY L 17 -41.39 -31.58 -5.80
CA GLY L 17 -42.56 -32.32 -5.37
C GLY L 17 -42.34 -33.83 -5.47
N GLU L 18 -43.42 -34.60 -5.35
CA GLU L 18 -43.32 -36.05 -5.49
C GLU L 18 -43.19 -36.44 -6.97
N ASP L 19 -44.05 -35.90 -7.81
CA ASP L 19 -44.02 -36.24 -9.22
C ASP L 19 -43.88 -35.00 -10.11
N PHE L 20 -43.26 -33.97 -9.54
CA PHE L 20 -42.98 -32.72 -10.25
C PHE L 20 -41.81 -32.00 -9.61
N ALA L 21 -41.34 -30.96 -10.28
CA ALA L 21 -40.38 -30.02 -9.73
C ALA L 21 -40.66 -28.63 -10.31
N VAL L 22 -40.34 -27.59 -9.55
CA VAL L 22 -40.43 -26.22 -10.05
C VAL L 22 -39.12 -25.49 -9.89
N LEU L 23 -38.82 -24.62 -10.86
CA LEU L 23 -37.71 -23.68 -10.75
C LEU L 23 -38.23 -22.30 -11.09
N ALA L 24 -38.09 -21.37 -10.15
CA ALA L 24 -38.62 -20.02 -10.31
C ALA L 24 -37.53 -18.96 -10.19
N GLY L 25 -37.76 -17.83 -10.83
CA GLY L 25 -36.81 -16.72 -10.79
C GLY L 25 -37.46 -15.41 -11.19
N ASP L 26 -37.10 -14.33 -10.50
CA ASP L 26 -37.60 -13.01 -10.88
C ASP L 26 -37.01 -12.61 -12.21
N THR L 27 -37.66 -11.65 -12.87
CA THR L 27 -37.29 -11.29 -14.22
C THR L 27 -36.52 -9.97 -14.30
N ARG L 28 -36.25 -9.38 -13.15
CA ARG L 28 -35.47 -8.15 -13.04
C ARG L 28 -33.96 -8.39 -13.22
N ASN L 29 -33.32 -7.47 -13.93
CA ASN L 29 -31.88 -7.50 -14.14
C ASN L 29 -31.33 -6.12 -13.78
N ILE L 30 -30.35 -6.09 -12.87
CA ILE L 30 -29.87 -4.80 -12.35
C ILE L 30 -28.38 -4.53 -12.55
N THR L 31 -27.98 -3.27 -12.41
CA THR L 31 -26.57 -2.87 -12.31
C THR L 31 -26.47 -1.71 -11.34
N ASP L 32 -25.83 -1.97 -10.20
CA ASP L 32 -25.77 -1.01 -9.11
C ASP L 32 -27.20 -0.58 -8.72
N TYR L 33 -27.54 0.69 -8.87
CA TYR L 33 -28.87 1.18 -8.48
C TYR L 33 -29.83 1.34 -9.66
N SER L 34 -29.40 0.86 -10.82
CA SER L 34 -30.16 0.99 -12.06
C SER L 34 -30.82 -0.32 -12.46
N ILE L 35 -31.90 -0.20 -13.20
CA ILE L 35 -32.58 -1.34 -13.79
C ILE L 35 -32.20 -1.43 -15.26
N ASN L 36 -31.72 -2.62 -15.65
CA ASN L 36 -31.41 -2.93 -17.04
C ASN L 36 -32.65 -3.43 -17.76
N SER L 37 -33.33 -4.41 -17.17
CA SER L 37 -34.57 -4.92 -17.72
C SER L 37 -35.52 -5.41 -16.63
N ARG L 38 -36.82 -5.21 -16.87
CA ARG L 38 -37.88 -5.67 -15.98
C ARG L 38 -38.31 -7.09 -16.37
N TYR L 39 -38.00 -7.48 -17.60
CA TYR L 39 -38.28 -8.83 -18.05
C TYR L 39 -37.13 -9.40 -18.88
N GLU L 40 -36.20 -10.06 -18.20
CA GLU L 40 -35.07 -10.75 -18.83
C GLU L 40 -35.02 -12.16 -18.26
N PRO L 41 -35.52 -13.15 -19.02
CA PRO L 41 -35.64 -14.53 -18.54
C PRO L 41 -34.32 -15.08 -18.01
N LYS L 42 -34.41 -15.85 -16.94
CA LYS L 42 -33.24 -16.29 -16.20
C LYS L 42 -33.32 -17.79 -15.92
N VAL L 43 -34.45 -18.40 -16.24
CA VAL L 43 -34.63 -19.83 -16.09
C VAL L 43 -34.93 -20.42 -17.46
N PHE L 44 -34.24 -21.50 -17.81
CA PHE L 44 -34.30 -22.03 -19.17
C PHE L 44 -34.65 -23.51 -19.24
N ASP L 45 -35.49 -23.85 -20.20
CA ASP L 45 -35.76 -25.23 -20.57
C ASP L 45 -34.55 -25.69 -21.39
N CYS L 46 -33.79 -26.66 -20.86
CA CYS L 46 -32.55 -27.08 -21.50
C CYS L 46 -32.64 -28.36 -22.33
N GLY L 47 -33.86 -28.90 -22.46
CA GLY L 47 -34.04 -30.20 -23.11
C GLY L 47 -33.98 -31.34 -22.12
N ASP L 48 -34.47 -32.51 -22.54
CA ASP L 48 -34.48 -33.74 -21.72
C ASP L 48 -35.17 -33.58 -20.36
N ASN L 49 -36.11 -32.65 -20.31
CA ASN L 49 -36.93 -32.40 -19.13
C ASN L 49 -36.12 -31.83 -17.96
N ILE L 50 -35.14 -31.00 -18.29
CA ILE L 50 -34.28 -30.36 -17.32
C ILE L 50 -34.39 -28.85 -17.45
N VAL L 51 -34.68 -28.20 -16.33
CA VAL L 51 -34.66 -26.73 -16.29
C VAL L 51 -33.45 -26.24 -15.50
N MET L 52 -32.96 -25.05 -15.87
CA MET L 52 -31.72 -24.55 -15.32
C MET L 52 -31.70 -23.05 -15.13
N SER L 53 -31.11 -22.63 -14.02
CA SER L 53 -30.81 -21.23 -13.79
C SER L 53 -29.41 -21.09 -13.22
N ALA L 54 -28.67 -20.10 -13.69
CA ALA L 54 -27.38 -19.73 -13.13
C ALA L 54 -27.41 -18.24 -12.80
N ASN L 55 -27.66 -17.95 -11.52
CA ASN L 55 -27.90 -16.57 -11.09
C ASN L 55 -26.69 -15.90 -10.45
N GLY L 56 -26.46 -14.65 -10.81
CA GLY L 56 -25.39 -13.86 -10.24
C GLY L 56 -24.87 -12.89 -11.28
N PHE L 57 -23.73 -13.22 -11.87
CA PHE L 57 -23.18 -12.44 -12.96
C PHE L 57 -23.74 -12.99 -14.28
N ALA L 58 -24.73 -12.29 -14.83
CA ALA L 58 -25.47 -12.74 -16.03
C ALA L 58 -24.62 -13.21 -17.21
N ALA L 59 -23.49 -12.54 -17.47
CA ALA L 59 -22.62 -12.93 -18.57
C ALA L 59 -22.01 -14.33 -18.33
N ASP L 60 -21.62 -14.60 -17.09
CA ASP L 60 -21.19 -15.94 -16.67
C ASP L 60 -22.36 -16.93 -16.66
N GLY L 61 -23.54 -16.45 -16.27
CA GLY L 61 -24.74 -17.29 -16.22
C GLY L 61 -25.18 -17.76 -17.60
N ASP L 62 -25.22 -16.84 -18.56
CA ASP L 62 -25.54 -17.18 -19.93
C ASP L 62 -24.52 -18.14 -20.53
N ALA L 63 -23.23 -17.84 -20.35
CA ALA L 63 -22.14 -18.71 -20.81
C ALA L 63 -22.29 -20.16 -20.33
N LEU L 64 -22.53 -20.33 -19.02
CA LEU L 64 -22.75 -21.66 -18.46
C LEU L 64 -23.98 -22.37 -19.07
N VAL L 65 -25.12 -21.69 -19.08
CA VAL L 65 -26.36 -22.26 -19.60
C VAL L 65 -26.16 -22.67 -21.06
N LYS L 66 -25.64 -21.73 -21.84
CA LYS L 66 -25.29 -22.00 -23.25
C LYS L 66 -24.45 -23.28 -23.37
N ARG L 67 -23.40 -23.36 -22.57
CA ARG L 67 -22.45 -24.45 -22.63
C ARG L 67 -23.05 -25.78 -22.17
N PHE L 68 -24.02 -25.74 -21.26
CA PHE L 68 -24.71 -26.95 -20.85
C PHE L 68 -25.74 -27.41 -21.89
N LYS L 69 -26.44 -26.45 -22.50
CA LYS L 69 -27.36 -26.76 -23.58
C LYS L 69 -26.61 -27.49 -24.68
N ASN L 70 -25.38 -27.07 -24.92
CA ASN L 70 -24.54 -27.67 -25.95
C ASN L 70 -24.02 -29.03 -25.52
N SER L 71 -23.89 -29.20 -24.22
CA SER L 71 -23.50 -30.46 -23.62
C SER L 71 -24.58 -31.53 -23.82
N VAL L 72 -25.85 -31.13 -23.72
CA VAL L 72 -27.00 -32.01 -23.91
C VAL L 72 -27.08 -32.46 -25.36
N LYS L 73 -26.93 -31.50 -26.27
CA LYS L 73 -26.91 -31.74 -27.70
C LYS L 73 -25.88 -32.80 -28.05
N TRP L 74 -24.64 -32.62 -27.59
CA TRP L 74 -23.56 -33.56 -27.89
C TRP L 74 -23.70 -34.90 -27.19
N TYR L 75 -24.41 -34.93 -26.07
CA TYR L 75 -24.71 -36.18 -25.38
C TYR L 75 -25.58 -37.07 -26.25
N HIS L 76 -26.59 -36.47 -26.88
CA HIS L 76 -27.43 -37.16 -27.85
C HIS L 76 -26.62 -37.71 -29.03
N PHE L 77 -25.78 -36.84 -29.61
CA PHE L 77 -24.92 -37.23 -30.73
C PHE L 77 -23.97 -38.37 -30.38
N ASP L 78 -23.37 -38.32 -29.19
CA ASP L 78 -22.31 -39.27 -28.85
C ASP L 78 -22.82 -40.57 -28.24
N HIS L 79 -24.09 -40.63 -27.83
CA HIS L 79 -24.59 -41.79 -27.11
C HIS L 79 -25.97 -42.25 -27.60
N ASN L 80 -26.17 -42.19 -28.92
CA ASN L 80 -27.38 -42.71 -29.54
C ASN L 80 -28.67 -42.17 -28.90
N ASP L 81 -28.85 -40.85 -28.97
CA ASP L 81 -30.07 -40.18 -28.50
C ASP L 81 -30.53 -40.55 -27.08
N LYS L 82 -29.61 -40.98 -26.24
CA LYS L 82 -29.95 -41.30 -24.85
C LYS L 82 -30.38 -40.05 -24.09
N LYS L 83 -31.42 -40.20 -23.27
CA LYS L 83 -31.88 -39.12 -22.41
C LYS L 83 -30.88 -38.88 -21.28
N LEU L 84 -30.54 -37.62 -21.08
CA LEU L 84 -29.65 -37.22 -20.00
C LEU L 84 -30.45 -37.10 -18.71
N SER L 85 -30.26 -38.07 -17.82
CA SER L 85 -30.93 -38.07 -16.51
C SER L 85 -30.44 -36.92 -15.65
N ILE L 86 -31.30 -36.45 -14.75
CA ILE L 86 -31.00 -35.29 -13.89
C ILE L 86 -29.68 -35.44 -13.13
N ASN L 87 -29.40 -36.64 -12.63
CA ASN L 87 -28.17 -36.93 -11.89
C ASN L 87 -26.93 -36.80 -12.78
N SER L 88 -27.05 -37.25 -14.02
CA SER L 88 -25.95 -37.15 -14.96
C SER L 88 -25.68 -35.70 -15.33
N ALA L 89 -26.77 -34.95 -15.57
CA ALA L 89 -26.69 -33.50 -15.79
C ALA L 89 -25.90 -32.82 -14.66
N ALA L 90 -26.29 -33.11 -13.43
CA ALA L 90 -25.67 -32.49 -12.26
C ALA L 90 -24.17 -32.71 -12.25
N ARG L 91 -23.75 -33.96 -12.46
CA ARG L 91 -22.35 -34.31 -12.48
C ARG L 91 -21.62 -33.61 -13.61
N ASN L 92 -22.28 -33.54 -14.77
CA ASN L 92 -21.72 -32.85 -15.92
C ASN L 92 -21.49 -31.36 -15.60
N ILE L 93 -22.51 -30.73 -15.01
CA ILE L 93 -22.39 -29.34 -14.55
C ILE L 93 -21.22 -29.15 -13.59
N GLN L 94 -20.99 -30.10 -12.68
CA GLN L 94 -19.88 -29.98 -11.75
C GLN L 94 -18.58 -29.77 -12.53
N HIS L 95 -18.41 -30.56 -13.58
CA HIS L 95 -17.19 -30.49 -14.38
C HIS L 95 -17.06 -29.19 -15.18
N LEU L 96 -18.20 -28.64 -15.61
CA LEU L 96 -18.20 -27.37 -16.33
C LEU L 96 -17.72 -26.26 -15.41
N LEU L 97 -18.29 -26.25 -14.20
CA LEU L 97 -17.95 -25.27 -13.20
C LEU L 97 -16.53 -25.44 -12.70
N TYR L 98 -16.15 -26.66 -12.32
CA TYR L 98 -14.82 -26.87 -11.74
C TYR L 98 -13.73 -26.61 -12.76
N GLY L 99 -14.04 -26.85 -14.03
CA GLY L 99 -13.13 -26.55 -15.13
C GLY L 99 -12.62 -25.14 -15.09
N LYS L 100 -13.42 -24.22 -14.54
CA LYS L 100 -12.98 -22.85 -14.32
C LYS L 100 -12.71 -22.54 -12.85
N ARG L 101 -12.03 -23.46 -12.17
CA ARG L 101 -11.75 -23.32 -10.73
C ARG L 101 -10.96 -22.06 -10.39
N PHE L 102 -10.07 -21.66 -11.28
CA PHE L 102 -9.16 -20.55 -10.99
C PHE L 102 -9.52 -19.27 -11.73
N PHE L 103 -10.72 -19.26 -12.30
CA PHE L 103 -11.36 -18.08 -12.88
C PHE L 103 -12.83 -18.43 -12.99
N PRO L 104 -13.54 -18.46 -11.84
CA PRO L 104 -14.87 -19.05 -11.76
C PRO L 104 -15.93 -18.34 -12.56
N TYR L 105 -16.97 -19.08 -12.94
CA TYR L 105 -18.26 -18.50 -13.26
C TYR L 105 -18.86 -18.05 -11.93
N TYR L 106 -19.06 -16.75 -11.80
CA TYR L 106 -19.56 -16.18 -10.55
C TYR L 106 -21.09 -16.30 -10.55
N VAL L 107 -21.57 -17.54 -10.41
CA VAL L 107 -23.00 -17.86 -10.38
C VAL L 107 -23.35 -18.92 -9.34
N HIS L 108 -24.53 -18.78 -8.73
CA HIS L 108 -25.14 -19.84 -7.95
C HIS L 108 -26.13 -20.49 -8.90
N THR L 109 -25.95 -21.78 -9.15
CA THR L 109 -26.76 -22.45 -10.14
C THR L 109 -27.67 -23.52 -9.55
N ILE L 110 -28.90 -23.58 -10.05
CA ILE L 110 -29.87 -24.59 -9.66
C ILE L 110 -30.44 -25.28 -10.91
N ILE L 111 -30.50 -26.61 -10.87
CA ILE L 111 -31.23 -27.37 -11.90
C ILE L 111 -32.37 -28.16 -11.27
N ALA L 112 -33.43 -28.37 -12.04
CA ALA L 112 -34.60 -29.09 -11.57
C ALA L 112 -35.17 -30.01 -12.65
N GLY L 113 -35.70 -31.14 -12.20
CA GLY L 113 -36.37 -32.10 -13.07
C GLY L 113 -36.90 -33.30 -12.31
N LEU L 114 -36.97 -34.44 -13.00
CA LEU L 114 -37.37 -35.69 -12.36
C LEU L 114 -36.23 -36.66 -12.38
N ASP L 115 -36.06 -37.40 -11.29
CA ASP L 115 -35.08 -38.47 -11.27
C ASP L 115 -35.58 -39.67 -12.09
N GLU L 116 -34.81 -40.75 -12.06
CA GLU L 116 -35.11 -41.91 -12.88
C GLU L 116 -36.31 -42.75 -12.39
N ASP L 117 -36.79 -42.46 -11.19
CA ASP L 117 -38.05 -43.03 -10.67
C ASP L 117 -39.25 -42.10 -10.88
N GLY L 118 -39.08 -41.10 -11.74
CA GLY L 118 -40.16 -40.18 -12.10
C GLY L 118 -40.29 -39.10 -11.04
N LYS L 119 -39.39 -39.38 -9.10
CA LYS L 119 -39.62 -38.34 -8.11
C LYS L 119 -39.03 -37.02 -8.57
N GLY L 120 -39.66 -35.91 -8.16
CA GLY L 120 -39.12 -34.58 -8.41
C GLY L 120 -37.75 -34.41 -7.79
N ALA L 121 -36.88 -33.70 -8.51
CA ALA L 121 -35.49 -33.54 -8.09
C ALA L 121 -35.02 -32.09 -8.24
N VAL L 122 -34.20 -31.65 -7.29
CA VAL L 122 -33.58 -30.35 -7.33
C VAL L 122 -32.12 -30.51 -6.91
N TYR L 123 -31.24 -29.91 -7.70
CA TYR L 123 -29.81 -29.91 -7.43
C TYR L 123 -29.38 -28.47 -7.44
N SER L 124 -28.47 -28.14 -6.54
CA SER L 124 -27.94 -26.78 -6.49
C SER L 124 -26.41 -26.78 -6.43
N PHE L 125 -25.81 -25.76 -7.02
CA PHE L 125 -24.37 -25.69 -7.20
C PHE L 125 -23.68 -24.47 -6.58
N ASP L 126 -22.43 -24.71 -6.22
CA ASP L 126 -21.44 -23.72 -5.86
C ASP L 126 -21.06 -22.90 -7.10
N PRO L 127 -20.33 -21.79 -6.91
CA PRO L 127 -19.68 -21.21 -8.10
C PRO L 127 -18.61 -22.13 -8.69
N VAL L 128 -17.93 -22.90 -7.83
CA VAL L 128 -16.82 -23.72 -8.29
C VAL L 128 -17.11 -25.22 -8.42
N GLY L 129 -18.38 -25.61 -8.29
CA GLY L 129 -18.78 -26.94 -8.71
C GLY L 129 -19.21 -27.94 -7.65
N SER L 130 -19.20 -27.51 -6.39
CA SER L 130 -19.80 -28.27 -5.30
C SER L 130 -21.30 -28.46 -5.61
N TYR L 131 -21.85 -29.65 -5.34
CA TYR L 131 -23.29 -29.88 -5.52
C TYR L 131 -23.92 -30.95 -4.62
N GLU L 132 -25.24 -30.87 -4.50
CA GLU L 132 -26.03 -31.76 -3.65
C GLU L 132 -27.47 -31.74 -4.14
N ARG L 133 -28.16 -32.88 -4.05
CA ARG L 133 -29.59 -32.94 -4.33
C ARG L 133 -30.34 -32.47 -3.09
N GLU L 134 -31.38 -31.68 -3.30
CA GLU L 134 -32.14 -31.06 -2.21
C GLU L 134 -33.64 -31.06 -2.46
N GLN L 135 -34.42 -30.98 -1.39
CA GLN L 135 -35.87 -30.89 -1.49
C GLN L 135 -36.28 -29.51 -1.98
N CYS L 136 -35.51 -28.50 -1.57
CA CYS L 136 -35.70 -27.11 -2.02
C CYS L 136 -34.43 -26.28 -1.81
N ARG L 137 -34.33 -25.16 -2.53
CA ARG L 137 -33.17 -24.27 -2.44
C ARG L 137 -33.46 -22.90 -3.07
N ALA L 138 -33.12 -21.85 -2.33
CA ALA L 138 -33.12 -20.49 -2.87
C ALA L 138 -31.70 -20.12 -3.22
N GLY L 139 -31.54 -19.36 -4.29
CA GLY L 139 -30.23 -18.92 -4.74
C GLY L 139 -30.23 -17.45 -5.13
N GLY L 140 -29.07 -16.82 -5.00
CA GLY L 140 -28.90 -15.45 -5.44
C GLY L 140 -29.07 -14.43 -4.32
N ALA L 141 -29.33 -13.19 -4.74
CA ALA L 141 -29.29 -12.03 -3.86
C ALA L 141 -30.17 -12.12 -2.61
N ALA L 142 -31.39 -12.66 -2.76
CA ALA L 142 -32.35 -12.73 -1.64
C ALA L 142 -32.48 -14.13 -1.04
N ALA L 143 -31.51 -15.00 -1.30
CA ALA L 143 -31.56 -16.37 -0.79
C ALA L 143 -31.62 -16.42 0.73
N SER L 144 -30.96 -15.45 1.36
CA SER L 144 -30.92 -15.39 2.82
C SER L 144 -32.25 -14.95 3.41
N LEU L 145 -33.13 -14.43 2.56
CA LEU L 145 -34.48 -14.09 2.97
C LEU L 145 -35.46 -15.23 2.75
N ILE L 146 -35.23 -16.02 1.70
CA ILE L 146 -36.14 -17.10 1.32
C ILE L 146 -35.83 -18.43 2.00
N MET L 147 -34.57 -18.85 2.03
CA MET L 147 -34.22 -20.18 2.56
C MET L 147 -34.85 -20.52 3.91
N PRO L 148 -34.78 -19.60 4.90
CA PRO L 148 -35.28 -19.96 6.23
C PRO L 148 -36.79 -20.22 6.21
N PHE L 149 -37.50 -19.48 5.37
CA PHE L 149 -38.93 -19.66 5.16
C PHE L 149 -39.19 -21.06 4.62
N LEU L 150 -38.42 -21.44 3.62
CA LEU L 150 -38.50 -22.76 3.02
C LEU L 150 -38.13 -23.88 4.01
N ASP L 151 -37.15 -23.65 4.86
CA ASP L 151 -36.82 -24.63 5.91
C ASP L 151 -38.06 -24.87 6.76
N ASN L 152 -38.79 -23.80 7.02
CA ASN L 152 -39.92 -23.84 7.91
C ASN L 152 -41.18 -24.38 7.23
N GLN L 153 -41.42 -23.97 5.99
CA GLN L 153 -42.68 -24.27 5.32
C GLN L 153 -42.63 -25.45 4.34
N VAL L 154 -41.43 -25.85 3.93
CA VAL L 154 -41.25 -27.01 3.03
C VAL L 154 -40.79 -28.24 3.82
N ASN L 155 -39.86 -28.05 4.75
CA ASN L 155 -39.34 -29.16 5.56
C ASN L 155 -39.82 -29.14 7.02
N PHE L 156 -40.81 -28.30 7.29
CA PHE L 156 -41.42 -28.16 8.62
C PHE L 156 -40.42 -28.11 9.79
N LYS L 157 -39.35 -27.33 9.64
CA LYS L 157 -38.34 -27.18 10.70
C LYS L 157 -38.87 -26.35 11.87
N ASN L 158 -38.48 -26.73 13.08
CA ASN L 158 -38.93 -26.06 14.32
C ASN L 158 -40.45 -26.10 14.58
N GLN L 159 -41.15 -26.90 13.79
CA GLN L 159 -42.57 -27.15 14.01
C GLN L 159 -42.79 -28.51 14.65
N TYR L 160 -43.61 -28.53 15.69
CA TYR L 160 -43.91 -29.77 16.42
C TYR L 160 -45.41 -30.06 16.45
N GLU L 161 -45.75 -31.29 16.83
CA GLU L 161 -47.13 -31.66 17.08
C GLU L 161 -47.64 -30.97 18.34
N PRO L 162 -48.77 -30.23 18.23
CA PRO L 162 -49.37 -29.60 19.39
C PRO L 162 -49.72 -30.64 20.46
N GLY L 163 -49.45 -30.33 21.72
CA GLY L 163 -49.77 -31.23 22.81
C GLY L 163 -48.69 -32.23 23.16
N THR L 164 -47.73 -32.44 22.25
CA THR L 164 -46.67 -33.43 22.45
C THR L 164 -45.49 -32.94 23.32
N ASN L 165 -45.65 -31.76 23.92
CA ASN L 165 -44.68 -31.22 24.89
C ASN L 165 -43.29 -30.87 24.33
N GLY L 166 -43.40 -30.86 21.62
CA GLY L 166 -41.96 -30.73 21.43
C GLY L 166 -41.20 -32.05 21.43
N LYS L 167 -41.93 -33.15 21.61
CA LYS L 167 -41.33 -34.49 21.59
C LYS L 167 -41.55 -35.19 20.25
N VAL L 168 -42.67 -34.88 19.61
CA VAL L 168 -43.02 -35.45 18.31
C VAL L 168 -43.04 -34.34 17.26
N LYS L 169 -42.17 -34.47 16.27
CA LYS L 169 -42.06 -33.49 15.17
C LYS L 169 -43.23 -33.60 14.22
N LYS L 170 -43.57 -32.47 13.59
CA LYS L 170 -44.56 -32.46 12.51
C LYS L 170 -44.04 -33.31 11.36
N PRO L 171 -44.79 -34.36 10.97
CA PRO L 171 -44.29 -35.32 9.98
C PRO L 171 -44.14 -34.69 8.60
N LEU L 172 -43.17 -35.19 7.83
CA LEU L 172 -42.81 -34.61 6.54
C LEU L 172 -43.80 -34.93 5.41
N LYS L 173 -45.08 -34.67 5.62
CA LYS L 173 -46.10 -34.83 4.57
C LYS L 173 -45.96 -33.72 3.53
N TYR L 174 -46.71 -35.29 0.77
CA TYR L 174 -45.90 -34.12 0.50
C TYR L 174 -46.65 -33.07 -0.33
N LEU L 175 -46.10 -31.86 -0.41
CA LEU L 175 -46.77 -30.71 -1.04
C LEU L 175 -47.16 -30.92 -2.50
N SER L 176 -48.37 -30.49 -2.83
CA SER L 176 -48.86 -30.52 -4.21
C SER L 176 -48.31 -29.34 -5.01
N VAL L 177 -48.50 -29.39 -6.33
CA VAL L 177 -48.09 -28.29 -7.21
C VAL L 177 -48.74 -26.95 -6.82
N GLU L 178 -50.03 -26.99 -6.49
CA GLU L 178 -50.79 -25.79 -6.09
C GLU L 178 -50.25 -25.22 -4.79
N GLU L 179 -49.92 -26.11 -3.86
CA GLU L 179 -49.36 -25.71 -2.56
C GLU L 179 -47.94 -25.14 -2.73
N VAL L 180 -47.17 -25.73 -3.64
CA VAL L 180 -45.83 -25.25 -3.94
C VAL L 180 -45.90 -23.87 -4.60
N ILE L 181 -46.78 -23.71 -5.60
CA ILE L 181 -46.87 -22.43 -6.29
C ILE L 181 -47.13 -21.27 -5.32
N LYS L 182 -48.00 -21.51 -4.35
CA LYS L 182 -48.33 -20.50 -3.34
C LYS L 182 -47.08 -20.07 -2.57
N LEU L 183 -46.35 -21.06 -2.04
CA LEU L 183 -45.09 -20.82 -1.32
C LEU L 183 -44.09 -20.00 -2.15
N VAL L 184 -43.97 -20.32 -3.43
CA VAL L 184 -43.08 -19.60 -4.34
C VAL L 184 -43.48 -18.12 -4.47
N ARG L 185 -44.74 -17.89 -4.80
CA ARG L 185 -45.28 -16.54 -4.96
C ARG L 185 -45.14 -15.73 -3.68
N ASP L 186 -45.45 -16.36 -2.55
CA ASP L 186 -45.28 -15.70 -1.27
C ASP L 186 -43.81 -15.38 -0.99
N SER L 187 -42.94 -16.37 -1.18
CA SER L 187 -41.49 -16.18 -1.01
C SER L 187 -41.00 -14.95 -1.78
N PHE L 188 -41.40 -14.85 -3.04
CA PHE L 188 -40.96 -13.76 -3.92
C PHE L 188 -41.58 -12.41 -3.59
N THR L 189 -42.84 -12.39 -3.15
CA THR L 189 -43.46 -11.12 -2.74
C THR L 189 -42.85 -10.60 -1.45
N SER L 190 -42.50 -11.53 -0.55
CA SER L 190 -41.77 -11.17 0.67
C SER L 190 -40.37 -10.65 0.34
N ALA L 191 -39.70 -11.29 -0.61
CA ALA L 191 -38.37 -10.87 -1.00
C ALA L 191 -38.43 -9.52 -1.69
N THR L 192 -39.47 -9.29 -2.48
CA THR L 192 -39.61 -8.03 -3.21
C THR L 192 -39.81 -6.85 -2.24
N GLU L 193 -40.45 -7.12 -1.10
CA GLU L 193 -40.72 -6.12 -0.09
C GLU L 193 -39.44 -5.59 0.53
N ARG L 194 -38.45 -6.47 0.70
CA ARG L 194 -37.27 -6.13 1.49
C ARG L 194 -35.93 -6.18 0.75
N HIS L 195 -35.92 -6.58 -0.52
CA HIS L 195 -34.68 -6.58 -1.29
C HIS L 195 -34.82 -5.72 -2.53
N ILE L 196 -33.87 -4.82 -2.76
CA ILE L 196 -33.98 -3.83 -3.83
C ILE L 196 -33.72 -4.41 -5.21
N GLN L 197 -32.98 -5.51 -5.25
CA GLN L 197 -32.62 -6.17 -6.51
C GLN L 197 -33.67 -7.18 -6.95
N VAL L 198 -34.77 -7.28 -6.19
CA VAL L 198 -35.83 -8.24 -6.47
C VAL L 198 -37.16 -7.54 -6.73
N GLY L 199 -37.77 -7.83 -7.88
CA GLY L 199 -39.10 -7.32 -8.21
C GLY L 199 -39.53 -7.54 -9.65
N ASP L 200 -40.38 -6.64 -10.15
CA ASP L 200 -40.80 -6.59 -11.57
C ASP L 200 -41.66 -7.74 -12.10
N GLY L 201 -41.21 -8.96 -11.90
CA GLY L 201 -41.94 -10.13 -12.40
C GLY L 201 -41.33 -11.43 -11.90
N LEU L 202 -42.17 -12.47 -11.87
CA LEU L 202 -41.78 -13.80 -11.46
C LEU L 202 -42.21 -14.83 -12.50
N GLU L 203 -41.25 -15.57 -13.03
CA GLU L 203 -41.52 -16.64 -14.00
C GLU L 203 -41.20 -17.99 -13.33
N ILE L 204 -42.18 -18.90 -13.34
CA ILE L 204 -41.98 -20.24 -12.81
C ILE L 204 -42.01 -21.25 -13.95
N LEU L 205 -41.05 -22.16 -13.94
CA LEU L 205 -41.08 -23.30 -14.85
C LEU L 205 -41.41 -24.59 -14.08
N ILE L 206 -42.46 -25.27 -14.50
CA ILE L 206 -42.92 -26.52 -13.85
C ILE L 206 -42.62 -27.76 -14.71
N VAL L 207 -42.02 -28.76 -14.08
CA VAL L 207 -41.55 -29.97 -14.76
C VAL L 207 -42.30 -31.20 -14.25
N THR L 208 -42.96 -31.91 -15.17
CA THR L 208 -43.66 -33.18 -14.88
C THR L 208 -43.35 -34.21 -15.97
N LYS L 209 -43.75 -35.46 -15.74
CA LYS L 209 -43.53 -36.56 -16.70
C LYS L 209 -44.17 -36.27 -18.04
N ASP L 210 -45.12 -34.41 -18.38
CA ASP L 210 -45.57 -34.21 -19.75
C ASP L 210 -44.78 -33.07 -20.38
N GLY L 211 -43.64 -32.75 -19.77
CA GLY L 211 -42.79 -31.65 -20.20
C GLY L 211 -42.68 -30.48 -19.24
N VAL L 212 -42.49 -29.29 -19.81
CA VAL L 212 -42.18 -28.07 -19.07
C VAL L 212 -43.25 -26.99 -19.31
N ARG L 213 -44.01 -26.68 -18.26
CA ARG L 213 -45.03 -25.64 -18.31
C ARG L 213 -44.51 -24.35 -17.66
N LYS L 214 -44.98 -23.19 -18.14
CA LYS L 214 -44.53 -21.88 -17.62
C LYS L 214 -45.68 -21.06 -17.04
N GLU L 215 -45.42 -20.36 -15.95
CA GLU L 215 -46.37 -19.40 -15.36
C GLU L 215 -45.65 -18.08 -15.02
N PHE L 216 -46.34 -16.96 -15.20
CA PHE L 216 -45.76 -15.64 -14.95
C PHE L 216 -46.64 -14.74 -14.08
N TYR L 217 -46.04 -14.09 -13.09
CA TYR L 217 -46.78 -13.16 -12.22
C TYR L 217 -46.04 -11.85 -12.06
N GLU L 218 -46.78 -10.75 -12.02
CA GLU L 218 -46.16 -9.43 -11.83
C GLU L 218 -45.68 -9.29 -10.39
N LEU L 219 -44.54 -8.63 -10.23
CA LEU L 219 -44.06 -8.23 -8.91
C LEU L 219 -43.97 -6.71 -8.85
N LYS L 220 -43.89 -6.17 -7.64
CA LYS L 220 -43.82 -4.72 -7.43
C LYS L 220 -42.62 -4.13 -8.16
N ARG L 221 -42.83 -2.96 -8.74
CA ARG L 221 -41.87 -2.40 -9.68
C ARG L 221 -41.00 -1.31 -9.08
N ASP L 222 -41.14 -1.08 -7.77
CA ASP L 222 -40.38 -0.02 -7.08
C ASP L 222 -38.92 -0.39 -6.73
N THR M 1 -5.85 -5.67 -20.14
CA THR M 1 -6.40 -4.63 -19.24
C THR M 1 -5.88 -3.27 -19.69
N GLN M 2 -6.83 -2.34 -19.83
CA GLN M 2 -6.57 -1.04 -20.37
C GLN M 2 -7.34 0.03 -19.60
N GLN M 3 -7.34 1.23 -20.16
CA GLN M 3 -8.11 2.35 -19.66
C GLN M 3 -8.57 3.17 -20.86
N PRO M 4 -9.85 3.57 -20.88
CA PRO M 4 -10.44 4.24 -22.04
C PRO M 4 -9.87 5.65 -22.20
N ILE M 5 -9.70 6.09 -23.44
CA ILE M 5 -9.01 7.36 -23.66
C ILE M 5 -9.90 8.39 -24.33
N VAL M 6 -10.13 8.24 -25.64
CA VAL M 6 -11.13 9.06 -26.31
C VAL M 6 -12.44 8.31 -26.11
N THR M 7 -13.43 8.96 -25.50
CA THR M 7 -14.69 8.27 -25.21
C THR M 7 -15.93 8.94 -25.78
N GLY M 8 -16.95 8.13 -25.96
CA GLY M 8 -18.23 8.60 -26.42
C GLY M 8 -19.27 8.24 -25.37
N THR M 9 -20.34 9.59 -25.00
CA THR M 9 -21.22 9.32 -23.87
C THR M 9 -22.42 8.43 -24.28
N SER M 10 -23.62 8.76 -23.81
CA SER M 10 -24.80 7.90 -23.94
C SER M 10 -25.14 7.44 -25.36
N VAL M 11 -25.80 6.28 -25.42
CA VAL M 11 -26.49 5.80 -26.60
C VAL M 11 -27.88 5.41 -26.13
N ILE M 12 -28.89 6.09 -26.65
CA ILE M 12 -30.27 5.85 -26.20
C ILE M 12 -31.12 5.26 -27.32
N SER M 13 -32.14 4.50 -26.95
CA SER M 13 -32.95 3.75 -27.91
C SER M 13 -34.25 3.24 -27.32
N MET M 14 -35.22 2.98 -28.18
CA MET M 14 -36.48 2.36 -27.78
C MET M 14 -37.16 1.74 -28.98
N LYS M 15 -38.15 0.89 -28.73
CA LYS M 15 -38.96 0.35 -29.82
C LYS M 15 -40.38 0.92 -29.83
N TYR M 16 -40.90 1.15 -31.05
CA TYR M 16 -42.29 1.56 -31.23
C TYR M 16 -43.07 0.46 -31.98
N ASP M 17 -44.26 0.78 -32.47
CA ASP M 17 -45.15 -0.24 -33.07
C ASP M 17 -44.59 -0.97 -34.30
N ASN M 18 -43.79 -0.29 -35.12
CA ASN M 18 -43.32 -0.84 -36.40
C ASN M 18 -41.82 -0.94 -36.54
N GLY M 19 -41.08 -0.60 -35.48
CA GLY M 19 -39.63 -0.68 -35.53
C GLY M 19 -38.92 -0.20 -34.30
N VAL M 20 -37.75 0.40 -34.50
CA VAL M 20 -36.90 0.86 -33.40
C VAL M 20 -36.25 2.20 -33.73
N ILE M 21 -35.97 2.98 -32.70
CA ILE M 21 -35.24 4.25 -32.84
C ILE M 21 -34.02 4.23 -31.92
N ILE M 22 -32.92 4.79 -32.39
CA ILE M 22 -31.68 4.83 -31.64
C ILE M 22 -30.97 6.16 -31.95
N ALA M 23 -30.30 6.73 -30.94
CA ALA M 23 -29.58 7.98 -31.11
C ALA M 23 -28.33 8.08 -30.23
N ALA M 24 -27.40 8.93 -30.67
CA ALA M 24 -26.13 9.15 -30.01
C ALA M 24 -25.54 10.45 -30.49
N ASP M 25 -24.99 11.24 -29.58
CA ASP M 25 -24.41 12.52 -29.97
C ASP M 25 -23.07 12.34 -30.70
N ASN M 26 -22.50 13.42 -31.20
CA ASN M 26 -21.36 13.31 -32.11
C ASN M 26 -20.03 13.67 -31.47
N LEU M 27 -19.93 13.42 -30.16
CA LEU M 27 -18.74 13.84 -29.42
C LEU M 27 -17.80 12.68 -29.10
N GLY M 28 -16.50 12.97 -29.16
CA GLY M 28 -15.47 12.09 -28.65
C GLY M 28 -14.67 12.88 -27.65
N SER M 29 -14.97 12.68 -26.36
CA SER M 29 -14.29 13.39 -25.27
C SER M 29 -12.93 12.78 -24.99
N TYR M 30 -12.07 13.58 -24.40
CA TYR M 30 -10.75 13.15 -23.97
C TYR M 30 -10.68 13.63 -22.52
N GLY M 31 -11.27 12.83 -21.63
CA GLY M 31 -11.48 13.23 -20.24
C GLY M 31 -12.48 14.37 -20.18
N SER M 32 -12.04 15.52 -19.69
CA SER M 32 -12.92 16.68 -19.56
C SER M 32 -12.79 17.62 -20.76
N LEU M 33 -11.83 17.34 -21.63
CA LEU M 33 -11.68 18.07 -22.87
C LEU M 33 -12.61 17.49 -23.93
N LEU M 34 -13.54 18.31 -24.42
CA LEU M 34 -14.48 17.88 -25.47
C LEU M 34 -13.77 17.97 -26.83
N ARG M 35 -12.96 16.96 -27.12
CA ARG M 35 -11.95 17.05 -28.18
C ARG M 35 -12.44 16.96 -29.62
N PHE M 36 -13.25 15.95 -29.94
CA PHE M 36 -13.63 15.68 -31.33
C PHE M 36 -15.13 15.78 -31.57
N ASN M 37 -15.51 16.56 -32.57
CA ASN M 37 -16.93 16.84 -32.83
C ASN M 37 -17.62 16.21 -34.03
N GLY M 38 -16.87 15.59 -34.92
CA GLY M 38 -17.50 14.97 -36.08
C GLY M 38 -17.55 13.46 -35.96
N VAL M 39 -17.87 12.97 -34.77
CA VAL M 39 -17.79 11.54 -34.50
C VAL M 39 -19.16 10.88 -34.64
N GLU M 40 -19.29 10.04 -35.65
CA GLU M 40 -20.51 9.25 -35.82
C GLU M 40 -20.39 7.99 -34.97
N ARG M 41 -21.32 7.83 -34.04
CA ARG M 41 -21.33 6.67 -33.14
C ARG M 41 -22.52 5.78 -33.42
N LEU M 42 -23.17 5.99 -34.57
CA LEU M 42 -24.19 5.08 -35.07
C LEU M 42 -23.67 4.37 -36.32
N ILE M 43 -23.62 3.04 -36.25
CA ILE M 43 -23.10 2.21 -37.33
C ILE M 43 -24.21 1.38 -37.97
N PRO M 44 -24.68 1.82 -39.16
CA PRO M 44 -25.65 1.03 -39.91
C PRO M 44 -24.97 -0.20 -40.52
N VAL M 45 -25.60 -1.36 -40.37
CA VAL M 45 -25.11 -2.60 -40.97
C VAL M 45 -26.20 -3.16 -41.90
N GLY M 46 -25.96 -3.04 -43.21
CA GLY M 46 -26.98 -3.38 -44.19
C GLY M 46 -28.03 -2.29 -44.14
N ASP M 47 -29.29 -2.67 -44.20
CA ASP M 47 -30.37 -1.69 -44.06
C ASP M 47 -31.48 -2.18 -43.14
N ASN M 48 -31.12 -3.03 -42.19
CA ASN M 48 -32.06 -3.47 -41.18
C ASN M 48 -31.47 -3.43 -39.78
N THR M 49 -30.29 -2.83 -39.66
CA THR M 49 -29.55 -2.81 -38.41
C THR M 49 -28.75 -1.52 -38.26
N VAL M 50 -28.79 -0.97 -37.05
CA VAL M 50 -27.87 0.08 -36.63
C VAL M 50 -27.27 -0.34 -35.30
N VAL M 51 -25.95 -0.26 -35.21
CA VAL M 51 -25.22 -0.54 -33.99
C VAL M 51 -24.73 0.78 -33.39
N GLY M 52 -25.27 1.13 -32.22
CA GLY M 52 -24.86 2.32 -31.48
C GLY M 52 -23.86 1.94 -30.40
N ILE M 53 -22.74 2.66 -30.38
CA ILE M 53 -21.61 2.32 -29.50
C ILE M 53 -21.20 3.50 -28.62
N SER M 54 -20.95 3.21 -27.34
CA SER M 54 -20.38 4.18 -26.40
C SER M 54 -19.10 3.61 -25.81
N GLY M 55 -18.31 4.48 -25.17
CA GLY M 55 -17.05 4.04 -24.54
C GLY M 55 -15.85 4.46 -25.36
N ASP M 56 -14.77 3.69 -25.25
CA ASP M 56 -13.52 3.96 -25.97
C ASP M 56 -13.69 3.97 -27.50
N ILE M 57 -13.32 5.09 -28.12
CA ILE M 57 -13.52 5.34 -29.55
C ILE M 57 -12.56 4.53 -30.43
N SER M 58 -11.33 4.34 -29.97
CA SER M 58 -10.40 3.49 -30.71
C SER M 58 -10.97 2.07 -30.82
N ASP M 59 -11.56 1.58 -29.72
CA ASP M 59 -12.22 0.28 -29.75
C ASP M 59 -13.49 0.30 -30.60
N MET M 60 -14.14 1.47 -30.70
CA MET M 60 -15.32 1.60 -31.55
C MET M 60 -14.96 1.44 -33.03
N GLN M 61 -13.90 2.14 -33.44
CA GLN M 61 -13.41 2.11 -34.81
C GLN M 61 -12.97 0.71 -35.20
N HIS M 62 -12.47 -0.04 -34.21
CA HIS M 62 -12.16 -1.45 -34.38
C HIS M 62 -13.41 -2.30 -34.68
N ILE M 63 -14.47 -2.09 -33.89
CA ILE M 63 -15.72 -2.82 -34.06
C ILE M 63 -16.36 -2.48 -35.40
N GLU M 64 -16.21 -1.23 -35.84
CA GLU M 64 -16.63 -0.83 -37.17
C GLU M 64 -16.02 -1.74 -38.24
N ARG M 65 -14.70 -1.89 -38.18
CA ARG M 65 -13.95 -2.71 -39.13
C ARG M 65 -14.41 -4.17 -39.11
N LEU M 66 -14.68 -4.70 -37.92
CA LEU M 66 -15.24 -6.03 -37.77
C LEU M 66 -16.59 -6.15 -38.46
N LEU M 67 -17.39 -5.09 -38.36
CA LEU M 67 -18.75 -5.10 -38.90
C LEU M 67 -18.74 -5.09 -40.43
N LYS M 68 -17.92 -4.22 -41.01
CA LYS M 68 -17.77 -4.17 -42.48
C LYS M 68 -17.28 -5.51 -43.03
N ASP M 69 -16.30 -6.11 -42.36
CA ASP M 69 -15.80 -7.44 -42.72
C ASP M 69 -16.88 -8.51 -42.61
N LEU M 70 -17.73 -8.42 -41.60
CA LEU M 70 -18.84 -9.35 -41.47
C LEU M 70 -19.74 -9.29 -42.70
N VAL M 71 -19.93 -8.09 -43.25
CA VAL M 71 -20.72 -7.87 -44.47
C VAL M 71 -20.00 -8.51 -45.69
N THR M 72 -18.74 -8.12 -45.90
CA THR M 72 -17.89 -8.68 -46.95
C THR M 72 -17.93 -10.21 -46.97
N GLU M 73 -17.77 -10.80 -45.79
CA GLU M 73 -17.69 -12.26 -45.62
C GLU M 73 -19.02 -12.98 -45.87
N ASN M 74 -20.12 -12.39 -45.42
CA ASN M 74 -21.43 -12.98 -45.60
C ASN M 74 -21.82 -12.96 -47.07
N ALA M 75 -21.22 -12.04 -47.82
CA ALA M 75 -21.48 -11.92 -49.24
C ALA M 75 -20.82 -13.05 -50.03
N TYR M 76 -19.66 -13.52 -49.53
CA TYR M 76 -18.87 -14.59 -50.19
C TYR M 76 -19.68 -15.84 -50.46
N ASP M 77 -19.61 -16.33 -51.70
CA ASP M 77 -20.30 -17.58 -52.12
C ASP M 77 -21.73 -17.63 -51.60
N ASN M 78 -22.43 -16.50 -51.73
CA ASN M 78 -23.77 -16.35 -51.17
C ASN M 78 -24.66 -15.60 -52.16
N PRO M 79 -25.40 -16.35 -52.98
CA PRO M 79 -26.28 -15.74 -53.97
C PRO M 79 -27.49 -15.06 -53.33
N LEU M 80 -27.76 -15.38 -52.06
CA LEU M 80 -28.86 -14.77 -51.35
C LEU M 80 -28.40 -13.73 -50.31
N ALA M 81 -27.24 -13.13 -50.54
CA ALA M 81 -26.62 -12.13 -49.66
C ALA M 81 -27.41 -10.82 -49.51
N ASP M 82 -28.32 -10.55 -50.44
CA ASP M 82 -29.21 -9.40 -50.31
C ASP M 82 -30.67 -9.84 -50.21
N ALA M 83 -30.90 -11.07 -49.75
CA ALA M 83 -32.25 -11.62 -49.61
C ALA M 83 -32.42 -12.48 -48.34
N GLU M 84 -32.68 -13.79 -48.50
CA GLU M 84 -32.92 -14.67 -47.35
C GLU M 84 -31.67 -14.88 -46.48
N GLU M 85 -30.49 -14.68 -47.09
CA GLU M 85 -29.22 -14.83 -46.38
C GLU M 85 -28.56 -13.48 -46.16
N ALA M 86 -29.38 -12.45 -46.07
CA ALA M 86 -28.95 -11.14 -45.62
C ALA M 86 -29.17 -11.05 -44.11
N LEU M 87 -27.17 -10.27 -43.47
CA LEU M 87 -27.03 -10.24 -42.02
C LEU M 87 -28.30 -9.75 -41.33
N GLU M 88 -28.80 -10.56 -40.40
CA GLU M 88 -29.88 -10.20 -39.49
C GLU M 88 -29.34 -9.46 -38.27
N PRO M 89 -30.14 -8.53 -37.69
CA PRO M 89 -29.74 -7.85 -36.44
C PRO M 89 -29.31 -8.81 -35.32
N SER M 90 -30.03 -9.91 -35.16
CA SER M 90 -29.68 -10.92 -34.17
C SER M 90 -28.33 -11.59 -34.44
N TYR M 91 -28.00 -11.78 -35.72
CA TYR M 91 -26.70 -12.35 -36.10
C TYR M 91 -25.58 -11.39 -35.72
N ILE M 92 -25.74 -10.12 -36.13
CA ILE M 92 -24.83 -9.05 -35.80
C ILE M 92 -24.59 -9.01 -34.29
N PHE M 93 -25.69 -9.06 -33.53
CA PHE M 93 -25.61 -8.94 -32.09
C PHE M 93 -24.82 -10.09 -31.48
N GLU M 94 -25.32 -11.31 -31.67
CA GLU M 94 -24.67 -12.49 -31.09
C GLU M 94 -23.17 -12.50 -31.38
N TYR M 95 -22.79 -12.15 -32.61
CA TYR M 95 -21.38 -12.04 -33.00
C TYR M 95 -20.63 -11.07 -32.08
N LEU M 96 -21.16 -9.85 -31.96
CA LEU M 96 -20.55 -8.87 -31.06
C LEU M 96 -20.54 -9.35 -29.60
N ALA M 97 -21.69 -9.84 -29.12
CA ALA M 97 -21.76 -10.40 -27.77
C ALA M 97 -20.69 -11.47 -27.52
N THR M 98 -20.49 -12.33 -28.51
CA THR M 98 -19.46 -13.37 -28.44
C THR M 98 -18.08 -12.73 -28.27
N VAL M 99 -17.75 -11.80 -29.17
CA VAL M 99 -16.48 -11.07 -29.13
C VAL M 99 -16.27 -10.39 -27.77
N MET M 100 -17.28 -9.65 -27.31
CA MET M 100 -17.20 -8.92 -26.04
C MET M 100 -16.82 -9.82 -24.86
N TYR M 101 -17.51 -10.97 -24.75
CA TYR M 101 -17.31 -11.87 -23.62
C TYR M 101 -15.94 -12.57 -23.67
N GLN M 102 -15.51 -12.94 -24.87
CA GLN M 102 -14.20 -13.55 -25.07
C GLN M 102 -13.07 -12.61 -24.69
N ARG M 103 -13.23 -11.34 -25.08
CA ARG M 103 -12.27 -10.30 -24.76
C ARG M 103 -12.20 -10.00 -23.25
N ARG M 104 -13.34 -9.98 -22.57
CA ARG M 104 -13.32 -9.80 -21.12
C ARG M 104 -12.69 -11.03 -20.47
N SER M 105 -12.94 -12.19 -21.08
CA SER M 105 -12.43 -13.45 -20.53
C SER M 105 -10.92 -13.56 -20.64
N LYS M 106 -10.34 -12.85 -21.60
CA LYS M 106 -8.88 -12.80 -21.73
C LYS M 106 -8.29 -11.60 -21.02
N MET M 107 -9.12 -10.94 -20.21
CA MET M 107 -8.67 -9.81 -19.38
C MET M 107 -8.18 -8.63 -20.21
N ASN M 108 -8.73 -8.50 -21.41
CA ASN M 108 -8.35 -7.44 -22.34
C ASN M 108 -9.60 -6.96 -23.11
N PRO M 109 -10.46 -6.18 -22.44
CA PRO M 109 -11.80 -5.90 -22.93
C PRO M 109 -11.86 -4.86 -24.05
N LEU M 110 -12.96 -4.90 -24.80
CA LEU M 110 -13.29 -3.82 -25.70
C LEU M 110 -14.15 -2.86 -24.88
N TRP M 111 -13.55 -1.73 -24.51
CA TRP M 111 -14.11 -0.87 -23.46
C TRP M 111 -15.30 -0.07 -23.95
N ASN M 112 -16.39 -0.78 -24.20
CA ASN M 112 -17.57 -0.20 -24.80
C ASN M 112 -18.83 -0.71 -24.16
N ALA M 113 -19.90 0.04 -24.33
CA ALA M 113 -21.24 -0.47 -24.14
C ALA M 113 -21.94 -0.27 -25.49
N ILE M 114 -22.62 -1.31 -25.96
CA ILE M 114 -23.18 -1.34 -27.31
C ILE M 114 -24.67 -1.67 -27.30
N ILE M 115 -25.43 -1.02 -28.18
CA ILE M 115 -26.82 -1.38 -28.40
C ILE M 115 -27.01 -1.70 -29.87
N VAL M 116 -27.64 -2.84 -30.13
CA VAL M 116 -27.98 -3.26 -31.48
C VAL M 116 -29.46 -3.07 -31.68
N ALA M 117 -29.79 -2.25 -32.68
CA ALA M 117 -31.18 -1.89 -32.99
C ALA M 117 -31.51 -2.28 -34.42
N GLY M 118 -32.62 -3.00 -34.60
CA GLY M 118 -33.07 -3.28 -35.94
C GLY M 118 -34.39 -4.02 -36.03
N VAL M 119 -34.75 -4.38 -37.26
CA VAL M 119 -35.95 -5.14 -37.53
C VAL M 119 -35.54 -6.46 -38.17
N GLN M 120 -36.03 -7.56 -37.60
CA GLN M 120 -35.76 -8.90 -38.11
C GLN M 120 -36.48 -9.12 -39.44
N SER M 121 -36.17 -10.22 -40.12
CA SER M 121 -36.78 -10.49 -41.42
C SER M 121 -38.27 -10.85 -41.30
N ASN M 122 -38.66 -11.52 -40.21
CA ASN M 122 -40.05 -11.91 -40.01
C ASN M 122 -40.95 -10.68 -39.74
N GLY M 123 -40.10 -8.69 -39.49
CA GLY M 123 -41.00 -7.71 -38.88
C GLY M 123 -40.72 -7.42 -37.42
N ASP M 124 -40.23 -8.42 -36.69
CA ASP M 124 -39.96 -8.28 -35.25
C ASP M 124 -38.89 -7.24 -34.95
N GLN M 125 -39.16 -6.45 -33.90
CA GLN M 125 -38.20 -5.45 -33.45
C GLN M 125 -37.08 -6.14 -32.69
N PHE M 126 -35.84 -5.77 -32.98
CA PHE M 126 -34.72 -6.27 -32.21
C PHE M 126 -34.04 -5.13 -31.46
N LEU M 127 -33.92 -5.32 -30.15
CA LEU M 127 -33.24 -4.34 -29.31
C LEU M 127 -32.51 -5.05 -28.17
N ARG M 128 -31.19 -5.05 -28.23
CA ARG M 128 -30.40 -5.73 -27.20
C ARG M 128 -29.09 -5.00 -26.92
N TYR M 129 -28.60 -5.16 -25.70
CA TYR M 129 -27.44 -4.44 -25.18
C TYR M 129 -26.33 -5.44 -24.86
N VAL M 130 -25.08 -5.06 -25.13
CA VAL M 130 -23.92 -5.82 -24.67
C VAL M 130 -22.81 -4.85 -24.28
N ASN M 131 -22.01 -5.22 -23.28
CA ASN M 131 -20.96 -4.33 -22.79
C ASN M 131 -19.62 -5.02 -22.60
N LEU M 132 -18.65 -4.25 -22.09
CA LEU M 132 -17.27 -4.71 -21.95
C LEU M 132 -17.14 -6.00 -21.12
N LEU M 133 -18.15 -6.32 -20.32
CA LEU M 133 -18.14 -7.53 -19.49
C LEU M 133 -18.80 -8.73 -20.16
N GLY M 134 -19.47 -8.48 -21.29
CA GLY M 134 -20.22 -9.52 -21.98
C GLY M 134 -21.64 -9.64 -21.48
N VAL M 135 -22.03 -8.79 -20.53
CA VAL M 135 -23.40 -8.73 -20.01
C VAL M 135 -24.39 -8.30 -21.10
N THR M 136 -25.49 -9.03 -21.24
CA THR M 136 -26.48 -8.73 -22.26
C THR M 136 -27.88 -8.67 -21.65
N TYR M 137 -28.73 -7.81 -22.22
CA TYR M 137 -30.15 -7.75 -21.86
C TYR M 137 -31.00 -7.03 -22.88
N SER M 138 -32.30 -7.33 -22.85
CA SER M 138 -33.29 -6.68 -23.69
C SER M 138 -34.36 -6.01 -22.87
N SER M 139 -34.86 -4.89 -23.39
CA SER M 139 -35.94 -4.13 -22.76
C SER M 139 -36.60 -3.29 -23.85
N PRO M 140 -37.88 -2.90 -23.64
CA PRO M 140 -38.52 -1.94 -24.54
C PRO M 140 -37.73 -0.65 -24.76
N THR M 141 -36.96 -0.23 -23.75
CA THR M 141 -36.05 0.93 -23.89
C THR M 141 -34.66 0.51 -23.46
N LEU M 142 -33.63 1.10 -24.07
CA LEU M 142 -32.25 0.81 -23.72
C LEU M 142 -31.38 2.05 -23.82
N ALA M 143 -30.50 2.23 -22.83
CA ALA M 143 -29.57 3.34 -22.82
C ALA M 143 -28.29 2.95 -22.11
N THR M 144 -27.18 3.59 -22.47
CA THR M 144 -25.88 3.35 -21.86
C THR M 144 -25.46 4.59 -21.07
N GLY M 145 -24.51 4.41 -20.15
CA GLY M 145 -23.97 5.52 -19.35
C GLY M 145 -25.03 6.42 -18.73
N PHE M 146 -24.89 7.73 -18.88
CA PHE M 146 -25.88 8.66 -18.34
C PHE M 146 -27.30 8.42 -18.78
N GLY M 147 -27.47 7.99 -20.03
CA GLY M 147 -28.77 7.75 -20.61
C GLY M 147 -29.55 6.73 -19.81
N ALA M 148 -28.84 5.82 -19.16
CA ALA M 148 -29.48 4.81 -18.33
C ALA M 148 -30.19 5.45 -17.15
N HIS M 149 -29.59 6.50 -16.62
CA HIS M 149 -30.11 7.18 -15.44
C HIS M 149 -31.17 8.22 -15.78
N MET M 150 -31.06 8.87 -16.94
CA MET M 150 -31.97 9.97 -17.32
C MET M 150 -32.91 9.70 -18.49
N ALA M 151 -32.42 9.01 -19.52
CA ALA M 151 -33.23 8.72 -20.69
C ALA M 151 -34.23 7.60 -20.42
N ASN M 152 -33.78 6.51 -19.80
CA ASN M 152 -34.69 5.41 -19.47
C ASN M 152 -35.95 5.84 -18.71
N PRO M 153 -35.81 6.63 -17.62
CA PRO M 153 -37.01 7.07 -16.89
C PRO M 153 -38.01 7.82 -17.78
N LEU M 154 -37.49 8.64 -18.68
CA LEU M 154 -38.35 9.37 -19.62
C LEU M 154 -39.03 8.45 -20.64
N LEU M 155 -38.23 7.59 -21.27
CA LEU M 155 -38.71 6.69 -22.32
C LEU M 155 -39.65 5.61 -21.79
N ARG M 156 -39.46 5.21 -20.54
CA ARG M 156 -40.33 4.21 -19.91
C ARG M 156 -41.71 4.76 -19.59
N LYS M 157 -41.86 6.08 -19.60
CA LYS M 157 -43.19 6.72 -19.44
C LYS M 157 -44.05 6.52 -20.69
N VAL M 158 -43.39 6.24 -21.82
CA VAL M 158 -44.05 5.99 -23.10
C VAL M 158 -44.26 4.50 -23.31
N VAL M 159 -43.19 3.73 -23.13
CA VAL M 159 -43.26 2.27 -23.21
C VAL M 159 -42.79 1.62 -21.91
N ASP M 160 -43.74 1.40 -21.01
CA ASP M 160 -43.44 0.91 -19.67
C ASP M 160 -43.34 -0.61 -19.63
N ARG M 161 -44.15 -1.28 -20.45
CA ARG M 161 -44.07 -2.73 -20.61
C ARG M 161 -44.26 -3.15 -22.07
N GLU M 162 -44.38 -4.45 -22.32
CA GLU M 162 -44.45 -4.97 -23.70
C GLU M 162 -45.71 -4.49 -24.41
N SER M 163 -46.85 -4.55 -23.72
CA SER M 163 -48.13 -4.16 -24.30
C SER M 163 -48.22 -2.71 -24.78
N ASP M 164 -47.22 -1.89 -24.42
CA ASP M 164 -47.21 -0.48 -24.83
C ASP M 164 -46.56 -0.25 -26.20
N ILE M 165 -45.83 -1.26 -26.69
CA ILE M 165 -45.07 -1.15 -27.93
C ILE M 165 -46.00 -0.80 -29.09
N PRO M 166 -47.64 -2.03 -29.35
CA PRO M 166 -48.53 -1.69 -30.45
C PRO M 166 -49.06 -0.24 -30.37
N LYS M 167 -49.08 0.33 -29.18
CA LYS M 167 -49.70 1.65 -28.96
C LYS M 167 -48.79 2.85 -29.27
N THR M 168 -47.53 2.61 -29.62
CA THR M 168 -46.58 3.70 -29.78
C THR M 168 -46.24 3.96 -31.24
N THR M 169 -46.50 5.18 -31.69
CA THR M 169 -46.19 5.56 -33.07
C THR M 169 -44.77 6.12 -33.19
N VAL M 170 -44.25 6.11 -34.41
CA VAL M 170 -42.95 6.73 -34.72
C VAL M 170 -42.87 8.17 -34.26
N GLN M 171 -43.95 8.94 -34.50
CA GLN M 171 -44.01 10.35 -34.11
C GLN M 171 -43.74 10.48 -32.61
N VAL M 172 -44.52 9.75 -31.81
CA VAL M 172 -44.41 9.76 -30.35
C VAL M 172 -43.04 9.26 -29.86
N ALA M 173 -42.57 8.16 -30.45
CA ALA M 173 -41.28 7.58 -30.10
C ALA M 173 -40.11 8.53 -30.40
N GLU M 174 -40.10 9.15 -31.58
CA GLU M 174 -39.02 10.08 -31.94
C GLU M 174 -39.06 11.34 -31.08
N GLU M 175 -40.26 11.81 -30.77
CA GLU M 175 -40.47 12.91 -29.86
C GLU M 175 -39.74 12.63 -28.53
N ALA M 176 -40.05 11.48 -27.94
CA ALA M 176 -39.43 11.02 -26.69
C ALA M 176 -37.90 10.98 -26.77
N ILE M 177 -37.38 10.36 -27.82
CA ILE M 177 -35.94 10.28 -28.04
C ILE M 177 -35.33 11.69 -28.09
N VAL M 178 -35.94 12.57 -28.89
CA VAL M 178 -35.38 13.90 -29.11
C VAL M 178 -35.36 14.74 -27.82
N ASN M 179 -36.42 14.63 -27.03
CA ASN M 179 -36.49 15.29 -25.73
C ASN M 179 -35.46 14.74 -24.76
N ALA M 180 -35.29 13.41 -24.77
CA ALA M 180 -34.30 12.76 -23.93
C ALA M 180 -32.90 13.24 -24.26
N MET M 181 -32.63 13.49 -25.54
CA MET M 181 -31.35 14.02 -25.98
C MET M 181 -31.09 15.42 -25.42
N ARG M 182 -32.15 16.23 -25.36
CA ARG M 182 -32.06 17.58 -24.77
C ARG M 182 -31.68 17.49 -23.28
N VAL M 183 -32.41 16.66 -22.53
CA VAL M 183 -32.15 16.46 -21.10
C VAL M 183 -30.69 16.05 -20.86
N LEU M 184 -30.19 15.12 -21.66
CA LEU M 184 -28.79 14.72 -21.57
C LEU M 184 -27.87 15.90 -21.84
N TYR M 185 -28.28 16.80 -22.73
CA TYR M 185 -27.46 17.97 -22.99
C TYR M 185 -27.52 18.99 -21.86
N TYR M 186 -28.64 19.01 -21.13
CA TYR M 186 -28.75 19.83 -19.92
C TYR M 186 -27.81 19.37 -18.82
N ARG M 187 -27.78 18.05 -18.56
CA ARG M 187 -27.19 17.51 -17.35
C ARG M 187 -25.92 16.66 -17.47
N ASP M 188 -25.55 16.25 -18.69
CA ASP M 188 -24.35 15.42 -18.89
C ASP M 188 -23.22 16.31 -19.34
N ALA M 189 -22.17 16.38 -18.53
CA ALA M 189 -21.07 17.31 -18.79
C ALA M 189 -20.19 16.82 -19.93
N ARG M 190 -20.51 15.65 -20.47
CA ARG M 190 -19.73 15.06 -21.55
C ARG M 190 -20.56 14.92 -22.82
N SER M 191 -21.69 15.63 -22.89
CA SER M 191 -22.56 15.55 -24.05
C SER M 191 -22.34 16.68 -25.06
N SER M 192 -22.91 16.49 -26.24
CA SER M 192 -22.84 17.47 -27.31
C SER M 192 -24.26 17.86 -27.72
N ARG M 193 -24.39 19.06 -28.26
CA ARG M 193 -25.67 19.52 -28.78
C ARG M 193 -26.02 18.79 -30.08
N ASN M 194 -24.98 18.45 -30.85
CA ASN M 194 -25.13 17.78 -32.14
C ASN M 194 -25.22 16.27 -32.01
N PHE M 195 -26.22 15.68 -32.65
CA PHE M 195 -26.37 14.23 -32.62
C PHE M 195 -26.90 13.62 -33.90
N SER M 196 -26.81 12.29 -33.99
CA SER M 196 -27.40 11.53 -35.08
C SER M 196 -28.51 10.66 -34.55
N LEU M 197 -29.51 10.41 -35.38
CA LEU M 197 -30.63 9.57 -35.00
C LEU M 197 -30.90 8.62 -36.15
N ALA M 198 -31.28 7.40 -35.84
CA ALA M 198 -31.67 6.45 -36.87
C ALA M 198 -32.94 5.71 -36.51
N ILE M 199 -33.80 5.53 -37.51
CA ILE M 199 -35.05 4.79 -37.39
C ILE M 199 -34.95 3.54 -38.26
N ILE M 200 -35.35 2.40 -37.70
CA ILE M 200 -35.44 1.18 -38.48
C ILE M 200 -36.90 0.78 -38.44
N ASP M 201 -37.56 0.93 -39.59
CA ASP M 201 -39.00 0.67 -39.68
C ASP M 201 -39.21 -0.57 -40.53
N LYS M 202 -40.23 -1.35 -40.20
CA LYS M 202 -40.51 -2.56 -40.96
C LYS M 202 -41.14 -2.25 -42.33
N ASN M 203 -41.52 -0.99 -42.53
CA ASN M 203 -42.15 -0.55 -43.78
C ASN M 203 -41.34 0.51 -44.54
N THR M 204 -41.10 1.65 -43.90
CA THR M 204 -40.37 2.74 -44.55
C THR M 204 -38.87 2.47 -44.54
N GLY M 205 -38.00 0.55 -43.71
CA GLY M 205 -36.55 0.46 -43.81
C GLY M 205 -35.83 1.44 -42.90
N LEU M 206 -34.61 1.78 -43.31
CA LEU M 206 -33.68 2.56 -42.51
C LEU M 206 -33.69 4.03 -42.89
N THR M 207 -33.97 4.89 -41.91
CA THR M 207 -33.79 6.34 -42.06
C THR M 207 -32.68 6.78 -41.11
N PHE M 208 -31.64 7.42 -41.67
CA PHE M 208 -30.49 7.86 -40.90
C PHE M 208 -30.40 9.37 -40.97
N LYS M 209 -30.69 10.04 -39.86
CA LYS M 209 -30.64 11.50 -39.82
C LYS M 209 -29.35 11.95 -39.13
N LYS M 210 -28.56 12.74 -39.85
CA LYS M 210 -27.32 13.31 -39.32
C LYS M 210 -27.46 14.80 -39.02
N ASN M 211 -26.50 15.34 -38.26
CA ASN M 211 -26.39 16.77 -37.95
C ASN M 211 -27.59 17.40 -37.24
N LEU M 212 -28.27 16.61 -36.41
CA LEU M 212 -29.37 17.13 -35.60
C LEU M 212 -28.84 17.98 -34.45
N GLN M 213 -29.70 18.86 -33.94
CA GLN M 213 -29.35 19.75 -32.85
C GLN M 213 -30.43 19.74 -31.78
N VAL M 214 -30.00 19.94 -30.54
CA VAL M 214 -30.94 20.21 -29.46
C VAL M 214 -31.51 21.60 -29.70
N GLU M 215 -32.83 21.67 -29.77
CA GLU M 215 -33.57 22.92 -29.93
C GLU M 215 -34.62 23.04 -28.81
N ASN M 216 -35.24 24.21 -28.71
CA ASN M 216 -36.30 24.49 -27.71
C ASN M 216 -35.82 24.34 -26.27
N MET M 217 -34.65 24.91 -25.98
CA MET M 217 -34.08 24.86 -24.63
C MET M 217 -34.60 25.97 -23.72
N LYS M 218 -34.84 25.62 -22.46
CA LYS M 218 -35.25 26.58 -21.46
C LYS M 218 -34.03 27.08 -20.69
N TRP M 219 -33.74 28.37 -20.85
CA TRP M 219 -32.61 28.99 -20.17
C TRP M 219 -32.95 30.34 -19.54
N ASP M 220 -34.11 30.89 -19.90
CA ASP M 220 -34.48 32.25 -19.52
C ASP M 220 -34.49 32.51 -18.02
N PHE M 221 -35.00 31.55 -17.26
CA PHE M 221 -35.06 31.63 -15.80
C PHE M 221 -33.70 31.86 -15.10
N ALA M 222 -32.62 31.58 -15.80
CA ALA M 222 -31.27 31.84 -15.29
C ALA M 222 -31.09 33.29 -14.83
N LYS M 223 -31.72 34.23 -15.54
CA LYS M 223 -31.58 35.66 -15.24
C LYS M 223 -32.13 36.04 -13.86
N ASP M 224 -33.13 35.30 -13.38
CA ASP M 224 -33.75 35.55 -12.07
C ASP M 224 -32.94 34.98 -10.93
N ILE M 225 -31.98 34.10 -11.25
CA ILE M 225 -31.14 33.46 -10.26
C ILE M 225 -29.86 34.25 -10.03
N LYS M 226 -29.71 34.75 -8.82
CA LYS M 226 -28.48 35.41 -8.40
C LYS M 226 -28.07 34.94 -7.01
N GLY M 227 -26.75 34.91 -6.78
CA GLY M 227 -26.16 34.43 -5.53
C GLY M 227 -26.42 32.96 -5.26
N TYR M 228 -26.25 32.57 -4.01
CA TYR M 228 -26.45 31.17 -3.60
C TYR M 228 -27.19 31.08 -2.28
N GLY M 229 -28.00 32.10 -1.97
CA GLY M 229 -28.77 32.13 -0.73
C GLY M 229 -29.31 33.48 -0.35
N THR M 230 -28.43 34.38 0.09
CA THR M 230 -28.86 35.64 0.70
C THR M 230 -28.69 36.89 -0.18
N GLN M 231 -27.79 36.81 -1.16
CA GLN M 231 -27.51 37.92 -2.08
C GLN M 231 -28.72 38.28 -2.95
N LYS M 232 -29.10 39.56 -2.97
CA LYS M 232 -30.31 40.01 -3.67
C LYS M 232 -30.09 40.57 -5.07
N ILE M 233 -28.84 40.85 -5.43
CA ILE M 233 -28.52 41.53 -6.69
C ILE M 233 -27.56 40.74 -7.58
N THR N 1 5.66 19.85 -25.52
CA THR N 1 5.56 19.75 -27.00
C THR N 1 4.32 20.41 -27.54
N SER N 2 4.51 21.19 -28.59
CA SER N 2 3.41 21.76 -29.36
C SER N 2 3.59 21.42 -30.83
N ILE N 3 2.62 20.70 -31.38
CA ILE N 3 2.66 20.26 -32.77
C ILE N 3 1.30 20.49 -33.41
N MET N 4 1.31 20.80 -34.71
CA MET N 4 0.10 20.94 -35.49
C MET N 4 0.32 20.67 -36.97
N ALA N 5 -0.77 20.35 -37.67
CA ALA N 5 -0.77 20.28 -39.12
C ALA N 5 -2.04 20.92 -39.71
N VAL N 6 -1.84 21.76 -40.73
CA VAL N 6 -2.94 22.52 -41.32
C VAL N 6 -3.06 22.34 -42.84
N THR N 7 -4.23 21.88 -43.31
CA THR N 7 -4.52 21.84 -44.74
C THR N 7 -4.90 23.22 -45.25
N PHE N 8 -4.37 23.59 -46.40
CA PHE N 8 -4.77 24.83 -47.08
C PHE N 8 -4.95 24.62 -48.59
N LYS N 9 -5.21 25.71 -49.30
CA LYS N 9 -5.44 25.73 -50.76
C LYS N 9 -4.49 24.85 -51.58
N ASP N 10 -3.18 25.00 -51.36
CA ASP N 10 -2.19 24.30 -52.18
C ASP N 10 -1.73 22.95 -51.64
N GLY N 11 -1.97 22.69 -50.34
CA GLY N 11 -1.51 21.44 -49.74
C GLY N 11 -1.69 21.33 -48.24
N VAL N 12 -0.58 21.16 -47.52
CA VAL N 12 -0.60 21.01 -46.07
C VAL N 12 0.74 21.43 -45.45
N ILE N 13 0.69 22.07 -44.28
CA ILE N 13 1.90 22.43 -43.55
C ILE N 13 1.95 21.74 -42.19
N LEU N 14 3.15 21.32 -41.79
CA LEU N 14 3.37 20.71 -40.47
C LEU N 14 4.21 21.65 -39.64
N GLY N 15 3.82 21.83 -38.38
CA GLY N 15 4.57 22.67 -37.45
C GLY N 15 4.88 22.00 -36.13
N ALA N 16 6.00 22.40 -35.52
CA ALA N 16 6.43 21.86 -34.23
C ALA N 16 7.39 22.80 -33.50
N ASP N 17 7.43 22.70 -32.17
CA ASP N 17 8.49 23.29 -31.36
C ASP N 17 9.68 22.33 -31.35
N SER N 18 10.77 22.69 -30.68
CA SER N 18 11.98 21.88 -30.73
C SER N 18 12.49 21.41 -29.37
N ARG N 19 11.61 21.35 -28.37
CA ARG N 19 12.00 21.03 -27.00
C ARG N 19 11.73 19.58 -26.57
N THR N 20 12.77 18.90 -26.10
CA THR N 20 12.58 17.65 -25.38
C THR N 20 13.06 17.79 -23.94
N THR N 21 12.25 17.30 -23.02
CA THR N 21 12.51 17.48 -21.60
C THR N 21 12.60 16.17 -20.83
N THR N 22 13.45 16.17 -19.80
CA THR N 22 13.45 15.18 -18.74
C THR N 22 13.13 15.95 -17.47
N GLY N 23 11.85 15.95 -17.11
CA GLY N 23 11.38 16.75 -16.00
C GLY N 23 11.40 18.19 -16.42
N ALA N 24 12.17 19.01 -15.71
CA ALA N 24 12.28 20.41 -16.03
C ALA N 24 13.57 20.72 -16.78
N TYR N 25 14.35 19.68 -17.08
CA TYR N 25 15.60 19.85 -17.82
C TYR N 25 15.34 19.67 -19.30
N ILE N 26 15.85 20.61 -20.10
CA ILE N 26 15.74 20.55 -21.54
C ILE N 26 16.87 19.68 -22.10
N ALA N 27 16.53 18.43 -22.40
CA ALA N 27 17.51 17.45 -22.88
C ALA N 27 17.96 17.76 -24.31
N ASN N 28 17.06 18.33 -25.10
CA ASN N 28 17.35 18.82 -26.43
C ASN N 28 16.49 20.06 -26.73
N ARG N 29 17.14 21.15 -27.14
CA ARG N 29 16.45 22.38 -27.49
C ARG N 29 16.29 22.64 -29.00
N VAL N 30 16.91 21.78 -29.82
CA VAL N 30 16.83 21.94 -31.28
C VAL N 30 16.28 20.66 -31.95
N THR N 31 15.38 19.97 -31.24
CA THR N 31 14.81 18.71 -31.71
C THR N 31 14.05 18.92 -33.01
N ASP N 32 14.13 17.95 -33.91
CA ASP N 32 13.29 17.94 -35.09
C ASP N 32 12.17 16.93 -34.89
N LYS N 33 10.96 17.44 -34.64
CA LYS N 33 9.79 16.62 -34.37
C LYS N 33 9.00 16.38 -35.64
N LEU N 34 9.50 16.91 -36.74
CA LEU N 34 8.83 16.76 -38.03
C LEU N 34 9.57 15.69 -38.80
N THR N 35 8.94 14.52 -38.91
CA THR N 35 9.60 13.31 -39.40
C THR N 35 8.95 12.78 -40.67
N ARG N 36 9.80 12.46 -41.64
CA ARG N 36 9.39 11.98 -42.96
C ARG N 36 9.19 10.47 -43.01
N VAL N 37 8.01 10.01 -43.37
CA VAL N 37 7.80 8.58 -43.59
C VAL N 37 7.65 8.22 -45.06
N HIS N 38 7.66 9.24 -45.92
CA HIS N 38 7.66 9.10 -47.37
C HIS N 38 7.84 10.47 -47.98
N ASP N 39 8.18 10.54 -49.27
CA ASP N 39 8.53 11.80 -49.94
C ASP N 39 7.57 12.93 -49.57
N LYS N 40 6.27 12.66 -49.69
CA LYS N 40 5.29 13.68 -49.36
C LYS N 40 4.30 13.24 -48.28
N ILE N 41 4.74 12.34 -47.40
CA ILE N 41 3.97 12.01 -46.20
C ILE N 41 4.86 12.20 -44.99
N TRP N 42 4.49 13.14 -44.13
CA TRP N 42 5.25 13.42 -42.92
C TRP N 42 4.38 13.25 -41.68
N CYS N 43 5.00 13.28 -40.51
CA CYS N 43 4.26 13.22 -39.26
C CYS N 43 4.82 14.16 -38.20
N CYS N 44 3.95 14.59 -37.30
CA CYS N 44 4.38 15.30 -36.09
C CYS N 44 4.38 14.34 -34.93
N ARG N 45 5.48 14.32 -34.19
CA ARG N 45 5.66 13.45 -33.03
C ARG N 45 5.47 14.19 -31.70
N SER N 46 4.67 13.59 -30.83
CA SER N 46 4.54 13.99 -29.42
C SER N 46 4.44 12.77 -28.51
N GLY N 47 4.90 12.92 -27.27
CA GLY N 47 4.87 11.85 -26.29
C GLY N 47 6.28 11.40 -25.98
N SER N 48 6.45 10.08 -25.94
CA SER N 48 7.76 9.47 -25.72
C SER N 48 8.63 9.61 -26.97
N ALA N 49 9.82 10.18 -26.81
CA ALA N 49 10.78 10.28 -27.90
C ALA N 49 11.12 8.89 -28.44
N ALA N 50 11.41 7.95 -27.54
CA ALA N 50 11.74 6.57 -27.94
C ALA N 50 10.60 5.86 -28.67
N ASP N 51 9.39 5.98 -28.13
CA ASP N 51 8.22 5.36 -28.73
C ASP N 51 7.93 5.90 -30.12
N THR N 52 7.86 7.23 -30.26
CA THR N 52 7.52 7.83 -31.56
C THR N 52 8.56 7.54 -32.66
N GLN N 53 9.85 7.62 -32.32
CA GLN N 53 10.94 7.23 -33.23
C GLN N 53 10.80 5.79 -33.71
N ALA N 54 10.63 4.87 -32.76
CA ALA N 54 10.49 3.45 -33.08
C ALA N 54 9.28 3.20 -33.95
N ILE N 55 8.19 3.94 -33.68
CA ILE N 55 6.99 3.85 -34.50
C ILE N 55 7.24 4.41 -35.90
N ALA N 56 7.86 5.59 -35.95
CA ALA N 56 8.12 6.25 -37.21
C ALA N 56 9.03 5.43 -38.09
N ASP N 57 10.08 4.86 -37.50
CA ASP N 57 10.99 3.95 -38.22
C ASP N 57 10.25 2.74 -38.81
N ILE N 58 9.38 2.09 -38.01
CA ILE N 58 8.55 0.99 -38.52
C ILE N 58 7.67 1.41 -39.70
N VAL N 59 7.01 2.56 -39.59
CA VAL N 59 6.13 3.04 -40.66
C VAL N 59 6.90 3.32 -41.96
N GLN N 60 8.02 4.03 -41.84
CA GLN N 60 8.87 4.33 -42.99
C GLN N 60 9.25 3.02 -43.70
N TYR N 61 9.65 2.02 -42.92
CA TYR N 61 9.94 0.68 -43.45
C TYR N 61 8.77 0.10 -44.23
N HIS N 62 7.59 0.11 -43.64
CA HIS N 62 6.39 -0.41 -44.29
C HIS N 62 6.05 0.31 -45.58
N LEU N 63 6.15 1.64 -45.58
CA LEU N 63 5.80 2.43 -46.75
C LEU N 63 6.79 2.26 -47.89
N GLU N 64 8.07 2.12 -47.55
CA GLU N 64 9.11 1.81 -48.53
C GLU N 64 8.82 0.46 -49.20
N LEU N 65 8.49 -0.55 -48.39
CA LEU N 65 8.07 -1.84 -48.91
C LEU N 65 6.77 -1.76 -49.71
N TYR N 66 5.84 -0.89 -49.29
CA TYR N 66 4.59 -0.65 -50.02
C TYR N 66 4.87 -0.08 -51.42
N THR N 67 5.80 0.87 -51.48
CA THR N 67 6.16 1.57 -52.71
C THR N 67 6.83 0.63 -53.73
N SER N 68 7.68 -0.27 -53.24
CA SER N 68 8.33 -1.25 -54.08
C SER N 68 7.35 -2.18 -54.77
N GLN N 69 6.23 -2.48 -54.12
CA GLN N 69 5.28 -3.44 -54.67
C GLN N 69 4.05 -2.83 -55.34
N TYR N 70 3.57 -1.70 -54.83
CA TYR N 70 2.24 -1.24 -55.21
C TYR N 70 2.27 0.16 -55.76
N GLY N 71 4.18 1.27 -55.55
CA GLY N 71 3.70 2.57 -55.97
C GLY N 71 3.35 3.41 -54.77
N THR N 72 3.27 4.72 -54.99
CA THR N 72 3.04 5.70 -53.93
C THR N 72 1.80 5.39 -53.07
N PRO N 73 2.00 5.27 -51.75
CA PRO N 73 0.89 5.08 -50.81
C PRO N 73 0.15 6.38 -50.54
N SER N 74 -1.15 6.28 -50.32
CA SER N 74 -1.97 7.42 -49.94
C SER N 74 -1.68 7.81 -48.50
N THR N 75 -1.91 9.08 -48.16
CA THR N 75 -1.78 9.56 -46.79
C THR N 75 -2.65 8.72 -45.85
N GLU N 76 -3.84 8.37 -46.31
CA GLU N 76 -4.76 7.52 -45.54
C GLU N 76 -4.14 6.15 -45.19
N THR N 77 -3.44 5.55 -46.15
CA THR N 77 -2.71 4.31 -45.94
C THR N 77 -1.61 4.50 -44.89
N ALA N 78 -0.86 5.59 -44.99
CA ALA N 78 0.17 5.91 -44.00
C ALA N 78 -0.44 6.02 -42.59
N ALA N 79 -1.58 6.69 -42.49
CA ALA N 79 -2.25 6.89 -41.21
C ALA N 79 -2.70 5.55 -40.63
N SER N 80 -3.09 4.64 -41.52
CA SER N 80 -3.59 3.32 -41.15
C SER N 80 -2.48 2.48 -40.49
N VAL N 81 -1.30 2.52 -41.09
CA VAL N 81 -0.14 1.80 -40.56
C VAL N 81 0.22 2.32 -39.15
N PHE N 82 0.35 3.65 -39.03
CA PHE N 82 0.52 4.32 -37.74
C PHE N 82 -0.49 3.86 -36.71
N LYS N 83 -1.76 3.87 -37.11
CA LYS N 83 -2.86 3.54 -36.22
C LYS N 83 -2.71 2.12 -35.70
N GLU N 84 -2.47 1.19 -36.62
CA GLU N 84 -2.37 -0.23 -36.31
C GLU N 84 -1.32 -0.48 -35.24
N LEU N 85 -0.17 0.18 -35.36
CA LEU N 85 0.90 0.09 -34.38
C LEU N 85 0.51 0.71 -33.04
N CYS N 86 -0.09 1.89 -33.08
CA CYS N 86 -0.51 2.61 -31.87
C CYS N 86 -1.66 1.94 -31.13
N TYR N 87 -2.56 1.31 -31.88
CA TYR N 87 -3.74 0.68 -31.31
C TYR N 87 -3.40 -0.69 -30.74
N GLU N 88 -2.67 -1.48 -31.52
CA GLU N 88 -2.37 -2.84 -31.13
C GLU N 88 -1.38 -2.87 -29.95
N ASN N 89 -0.60 -1.80 -29.79
CA ASN N 89 0.34 -1.67 -28.68
C ASN N 89 0.00 -0.53 -27.72
N LYS N 90 -1.29 -0.25 -27.55
CA LYS N 90 -1.74 0.85 -26.68
C LYS N 90 -1.33 0.75 -25.21
N ASP N 91 -1.21 -0.47 -24.69
CA ASP N 91 -0.87 -0.66 -23.27
C ASP N 91 0.51 -0.12 -22.99
N ASN N 92 1.83 -0.03 -24.35
CA ASN N 92 3.22 0.12 -23.98
C ASN N 92 3.78 1.33 -24.68
N LEU N 93 2.88 2.13 -25.23
CA LEU N 93 3.24 3.29 -26.05
C LEU N 93 2.63 4.55 -25.50
N THR N 94 3.43 5.62 -25.53
CA THR N 94 2.96 6.96 -25.25
C THR N 94 3.30 7.81 -26.47
N ALA N 95 2.50 7.65 -27.52
CA ALA N 95 2.74 8.34 -28.78
C ALA N 95 1.51 9.10 -29.24
N GLY N 96 1.63 10.42 -29.31
CA GLY N 96 0.58 11.26 -29.90
C GLY N 96 1.10 11.76 -31.24
N ILE N 97 0.48 11.29 -32.31
CA ILE N 97 1.04 11.49 -33.65
C ILE N 97 0.07 12.15 -34.63
N ILE N 98 0.57 13.16 -35.34
CA ILE N 98 -0.19 13.77 -36.44
C ILE N 98 0.41 13.38 -37.78
N VAL N 99 -0.43 12.81 -38.64
CA VAL N 99 -0.03 12.41 -39.99
C VAL N 99 -0.59 13.39 -41.01
N ALA N 100 0.31 13.95 -41.82
CA ALA N 100 -0.07 14.86 -42.88
C ALA N 100 0.67 14.52 -44.17
N GLY N 101 -0.06 14.55 -45.27
CA GLY N 101 0.53 14.20 -46.56
C GLY N 101 -0.06 14.95 -47.72
N TYR N 102 0.77 15.13 -48.75
CA TYR N 102 0.29 15.70 -50.01
C TYR N 102 0.16 14.65 -51.08
N ASP N 103 -1.00 14.67 -51.72
CA ASP N 103 -1.37 13.72 -52.76
C ASP N 103 -1.95 14.56 -53.89
N ASP N 104 -1.73 14.14 -55.14
CA ASP N 104 -2.17 14.93 -56.28
C ASP N 104 -3.67 14.84 -56.59
N LYS N 105 -4.23 13.64 -56.42
CA LYS N 105 -5.66 13.41 -56.63
C LYS N 105 -6.46 14.15 -55.56
N ASN N 106 -5.52 14.04 -53.43
CA ASN N 106 -6.46 14.54 -52.45
C ASN N 106 -5.97 15.84 -51.89
N LYS N 107 -5.03 16.46 -52.62
CA LYS N 107 -4.38 17.69 -52.21
C LYS N 107 -3.69 17.46 -50.85
N GLY N 108 -4.06 18.23 -49.83
CA GLY N 108 -3.50 18.06 -48.48
C GLY N 108 -4.47 17.35 -47.56
N GLU N 109 -3.97 16.40 -46.78
CA GLU N 109 -4.78 15.69 -45.79
C GLU N 109 -4.10 15.60 -44.42
N VAL N 110 -4.92 15.67 -43.35
CA VAL N 110 -4.42 15.55 -41.97
C VAL N 110 -5.18 14.50 -41.16
N TYR N 111 -4.42 13.57 -40.57
CA TYR N 111 -4.98 12.55 -39.69
C TYR N 111 -4.30 12.66 -38.34
N THR N 112 -5.12 12.75 -37.28
CA THR N 112 -4.57 12.77 -35.92
C THR N 112 -4.79 11.44 -35.22
N ILE N 113 -3.74 10.96 -34.58
CA ILE N 113 -3.78 9.72 -33.80
C ILE N 113 -3.40 10.03 -32.34
N PRO N 114 -4.39 10.17 -31.47
CA PRO N 114 -4.17 10.35 -30.03
C PRO N 114 -3.87 9.04 -29.30
N LEU N 115 -3.65 9.13 -27.99
CA LEU N 115 -3.18 8.01 -27.16
C LEU N 115 -3.79 6.61 -27.42
N GLY N 116 -5.09 6.45 -27.26
CA GLY N 116 -5.66 5.10 -27.45
C GLY N 116 -5.46 4.45 -28.82
N GLY N 117 -5.01 5.23 -29.81
CA GLY N 117 -4.81 4.73 -31.17
C GLY N 117 -6.01 4.84 -32.12
N SER N 118 -6.96 5.72 -31.80
CA SER N 118 -8.05 6.07 -32.72
C SER N 118 -7.53 6.98 -33.84
N VAL N 119 -8.23 7.00 -34.99
CA VAL N 119 -7.87 7.90 -36.09
C VAL N 119 -8.92 8.97 -36.34
N HIS N 120 -8.46 10.20 -36.58
CA HIS N 120 -9.39 11.28 -36.87
C HIS N 120 -8.87 12.15 -38.02
N LYS N 121 -9.65 12.20 -39.09
CA LYS N 121 -9.33 13.01 -40.27
C LYS N 121 -9.94 14.40 -40.13
N LEU N 122 -9.09 15.41 -40.14
CA LEU N 122 -9.54 16.78 -39.88
C LEU N 122 -8.92 17.78 -40.84
N PRO N 123 -9.54 18.98 -40.99
CA PRO N 123 -8.95 20.05 -41.80
C PRO N 123 -7.63 20.49 -41.21
N TYR N 124 -7.55 20.56 -39.88
CA TYR N 124 -6.30 20.83 -39.16
C TYR N 124 -6.33 20.13 -37.79
N ALA N 125 -5.16 19.93 -37.20
CA ALA N 125 -5.08 19.28 -35.90
C ALA N 125 -3.95 19.83 -35.10
N ILE N 126 -4.18 19.93 -33.80
CA ILE N 126 -3.15 20.33 -32.82
C ILE N 126 -2.99 19.22 -31.78
N ALA N 127 -1.79 19.08 -31.25
CA ALA N 127 -1.50 18.09 -30.21
C ALA N 127 -0.22 18.45 -29.47
N GLY N 128 0.07 17.69 -28.42
CA GLY N 128 1.17 17.99 -27.49
C GLY N 128 0.68 18.71 -26.24
N SER N 129 1.46 18.62 -25.17
CA SER N 129 1.15 19.32 -23.92
C SER N 129 0.74 20.78 -24.14
N GLY N 130 1.51 21.49 -24.96
CA GLY N 130 1.24 22.88 -25.32
C GLY N 130 -0.06 23.17 -26.06
N SER N 131 -0.63 22.15 -26.71
CA SER N 131 -1.82 22.40 -27.53
C SER N 131 -3.01 22.89 -26.73
N THR N 132 -3.14 22.42 -25.48
CA THR N 132 -4.29 22.81 -24.63
C THR N 132 -4.55 24.32 -24.63
N PHE N 133 -3.46 25.08 -24.64
CA PHE N 133 -3.51 26.52 -24.50
C PHE N 133 -3.98 27.26 -25.75
N ILE N 134 -4.00 26.59 -26.89
CA ILE N 134 -4.44 27.24 -28.13
C ILE N 134 -5.71 26.67 -28.76
N TYR N 135 -6.45 25.85 -28.03
CA TYR N 135 -7.71 25.38 -28.56
C TYR N 135 -8.63 26.53 -28.91
N GLY N 136 -8.67 27.55 -28.05
CA GLY N 136 -9.48 28.75 -28.28
C GLY N 136 -9.00 29.55 -29.47
N TYR N 137 -7.70 29.86 -29.49
CA TYR N 137 -7.11 30.65 -30.54
C TYR N 137 -7.28 30.02 -31.92
N CYS N 138 -6.98 28.72 -32.01
CA CYS N 138 -7.07 27.97 -33.28
C CYS N 138 -8.49 27.83 -33.78
N ASP N 139 -9.42 27.53 -32.88
CA ASP N 139 -10.82 27.43 -33.27
C ASP N 139 -11.34 28.75 -33.85
N LYS N 140 -10.84 29.87 -33.35
CA LYS N 140 -11.32 31.19 -33.76
C LYS N 140 -10.62 31.71 -35.01
N ASN N 141 -9.42 31.22 -35.27
CA ASN N 141 -8.61 31.77 -36.37
C ASN N 141 -8.48 30.92 -37.62
N PHE N 142 -8.83 29.65 -37.55
CA PHE N 142 -8.68 28.78 -38.71
C PHE N 142 -9.81 28.97 -39.73
N ARG N 143 -9.41 29.12 -40.98
CA ARG N 143 -10.33 29.10 -42.12
C ARG N 143 -9.85 28.03 -43.10
N GLU N 144 -10.77 27.41 -43.83
CA GLU N 144 -10.38 26.53 -44.93
C GLU N 144 -9.86 27.33 -46.14
N ASN N 145 -9.05 26.68 -46.97
CA ASN N 145 -8.54 27.27 -48.22
C ASN N 145 -7.73 28.54 -48.07
N MET N 146 -6.92 28.60 -47.01
CA MET N 146 -6.00 29.72 -46.81
C MET N 146 -4.84 29.63 -47.81
N SER N 147 -4.09 30.72 -47.95
CA SER N 147 -2.88 30.72 -48.78
C SER N 147 -1.69 30.24 -47.96
N LYS N 148 -0.61 29.90 -48.64
CA LYS N 148 0.64 29.50 -47.99
C LYS N 148 1.09 30.50 -46.92
N GLU N 149 1.19 31.77 -47.29
CA GLU N 149 1.65 32.83 -46.38
C GLU N 149 0.71 32.94 -45.15
N GLU N 150 -0.59 32.95 -45.42
CA GLU N 150 -1.61 32.95 -44.37
C GLU N 150 -1.41 31.78 -43.39
N THR N 151 -1.22 30.58 -43.95
CA THR N 151 -1.05 29.34 -43.17
C THR N 151 0.23 29.34 -42.36
N VAL N 152 1.33 29.76 -42.96
CA VAL N 152 2.57 29.91 -42.21
C VAL N 152 2.32 30.81 -41.00
N ASP N 153 1.60 31.91 -41.20
CA ASP N 153 1.29 32.85 -40.13
C ASP N 153 0.40 32.27 -39.02
N PHE N 154 -0.59 31.47 -39.40
CA PHE N 154 -1.47 30.79 -38.45
C PHE N 154 -0.69 29.84 -37.52
N ILE N 155 0.10 28.95 -38.12
CA ILE N 155 0.96 28.05 -37.35
C ILE N 155 1.94 28.84 -36.49
N LYS N 156 2.55 29.86 -37.05
CA LYS N 156 3.57 30.63 -36.36
C LYS N 156 3.01 31.27 -35.07
N HIS N 157 1.83 31.88 -35.19
CA HIS N 157 1.18 32.57 -34.09
C HIS N 157 0.69 31.57 -33.06
N SER N 158 0.05 30.50 -33.54
CA SER N 158 -0.51 29.43 -32.72
C SER N 158 0.56 28.77 -31.86
N LEU N 159 1.66 28.38 -32.49
CA LEU N 159 2.71 27.70 -31.75
C LEU N 159 3.44 28.63 -30.80
N SER N 160 3.56 29.90 -31.17
CA SER N 160 4.24 30.87 -30.30
C SER N 160 3.45 31.08 -29.00
N GLN N 161 2.13 31.05 -29.11
CA GLN N 161 1.26 31.09 -27.94
C GLN N 161 1.42 29.83 -27.07
N ALA N 162 1.40 28.68 -27.74
CA ALA N 162 1.63 27.40 -27.07
C ALA N 162 3.00 27.36 -26.39
N ILE N 163 4.05 27.80 -27.10
CA ILE N 163 5.41 27.89 -26.52
C ILE N 163 5.43 28.79 -25.28
N LYS N 164 4.69 29.90 -25.36
CA LYS N 164 4.63 30.91 -24.30
C LYS N 164 4.10 30.35 -22.96
N TRP N 165 3.04 29.56 -23.04
CA TRP N 165 2.37 29.07 -21.84
C TRP N 165 2.88 27.72 -21.34
N ASP N 166 3.26 26.84 -22.26
CA ASP N 166 3.73 25.49 -21.93
C ASP N 166 5.24 25.43 -21.71
N GLY N 167 5.62 24.98 -20.52
CA GLY N 167 7.03 24.76 -20.19
C GLY N 167 7.68 23.63 -20.97
N SER N 168 6.87 22.72 -21.50
CA SER N 168 7.40 21.56 -22.23
C SER N 168 7.63 21.88 -23.70
N SER N 169 7.25 23.09 -24.10
CA SER N 169 7.41 23.56 -25.47
C SER N 169 8.40 24.72 -25.51
N GLY N 170 9.04 24.90 -26.66
CA GLY N 170 10.04 25.94 -26.79
C GLY N 170 11.10 25.70 -27.83
N GLY N 171 12.08 26.59 -27.86
CA GLY N 171 13.15 26.52 -28.86
C GLY N 171 12.75 27.25 -30.13
N VAL N 172 12.86 26.55 -31.27
CA VAL N 172 12.52 27.12 -32.56
C VAL N 172 11.22 26.54 -33.09
N ILE N 173 10.53 27.28 -33.95
CA ILE N 173 9.36 26.73 -34.61
C ILE N 173 9.85 26.18 -35.92
N ARG N 174 9.58 24.89 -36.17
CA ARG N 174 9.90 24.26 -37.43
C ARG N 174 8.62 24.04 -38.20
N MET N 175 8.71 24.17 -39.52
CA MET N 175 7.59 23.84 -40.38
C MET N 175 8.08 23.02 -41.58
N VAL N 176 7.16 22.27 -42.17
CA VAL N 176 7.43 21.54 -43.38
C VAL N 176 6.25 21.78 -44.31
N VAL N 177 6.54 22.31 -45.51
CA VAL N 177 5.49 22.64 -46.48
C VAL N 177 5.36 21.54 -47.54
N LEU N 178 4.16 20.97 -47.63
CA LEU N 178 3.88 19.88 -48.55
C LEU N 178 2.85 20.26 -49.62
N THR N 179 3.33 20.40 -50.86
CA THR N 179 2.49 20.73 -52.04
C THR N 179 2.98 19.99 -53.29
N ALA N 180 2.27 20.20 -54.41
CA ALA N 180 2.72 19.72 -55.72
C ALA N 180 4.12 20.26 -56.05
N ALA N 181 4.41 21.49 -55.61
CA ALA N 181 5.69 22.15 -55.93
C ALA N 181 6.87 21.27 -55.55
N GLY N 182 6.44 19.72 -54.03
CA GLY N 182 7.75 19.96 -53.42
C GLY N 182 7.68 19.94 -51.91
N VAL N 183 8.86 19.97 -51.31
CA VAL N 183 9.01 19.93 -49.87
C VAL N 183 9.88 21.10 -49.45
N GLU N 184 9.35 21.92 -48.56
CA GLU N 184 10.06 23.10 -48.10
C GLU N 184 10.19 23.08 -46.58
N ARG N 185 11.41 23.28 -46.12
CA ARG N 185 11.73 23.39 -44.69
C ARG N 185 11.73 24.85 -44.24
N LEU N 186 10.94 25.15 -43.22
CA LEU N 186 10.93 26.48 -42.62
C LEU N 186 11.37 26.43 -41.16
N ILE N 187 12.04 27.49 -40.71
CA ILE N 187 12.46 27.61 -39.32
C ILE N 187 12.28 29.04 -38.84
N PHE N 188 11.73 29.21 -37.64
CA PHE N 188 11.55 30.55 -37.08
C PHE N 188 12.10 30.62 -35.67
N TYR N 189 13.01 31.56 -35.45
CA TYR N 189 13.74 31.70 -34.19
C TYR N 189 12.98 32.55 -33.16
N PRO N 190 13.25 32.34 -31.85
CA PRO N 190 12.55 33.04 -30.77
C PRO N 190 12.41 34.55 -31.00
N ASP N 191 13.51 35.23 -31.34
CA ASP N 191 13.50 36.68 -31.54
C ASP N 191 12.41 37.18 -32.50
N GLU N 192 11.98 36.32 -33.42
CA GLU N 192 10.88 36.67 -34.31
C GLU N 192 9.51 36.37 -33.70
N TYR N 193 9.30 35.12 -33.27
CA TYR N 193 7.97 34.65 -32.87
C TYR N 193 7.50 35.08 -31.47
N GLU N 194 8.44 35.34 -30.57
CA GLU N 194 8.11 35.74 -29.20
C GLU N 194 7.36 37.06 -29.15
N GLN N 195 7.70 37.97 -30.06
CA GLN N 195 7.15 39.32 -30.06
C GLN N 195 5.89 39.47 -30.93
N LEU N 196 5.40 38.36 -31.46
CA LEU N 196 4.13 38.37 -32.19
C LEU N 196 2.98 38.71 -31.23
N MET O 1 -7.75 42.83 33.93
CA MET O 1 -9.10 42.27 33.64
C MET O 1 -9.31 40.96 34.41
N THR O 2 -10.12 40.07 33.81
CA THR O 2 -10.56 38.80 34.41
C THR O 2 -11.48 39.05 35.60
N ASP O 3 -12.66 38.42 35.57
CA ASP O 3 -13.53 38.38 36.72
C ASP O 3 -12.74 37.74 37.87
N ARG O 4 -12.42 38.53 38.88
CA ARG O 4 -11.66 38.03 40.03
C ARG O 4 -12.56 37.92 41.27
N TYR O 5 -13.85 38.20 41.07
CA TYR O 5 -14.86 38.03 42.10
C TYR O 5 -15.32 36.57 42.12
N SER O 6 -14.50 35.68 42.65
CA SER O 6 -14.85 34.26 42.70
C SER O 6 -15.44 33.85 44.05
N PHE O 7 -15.66 34.83 44.92
CA PHE O 7 -16.29 34.62 46.21
C PHE O 7 -17.77 34.99 46.16
N SER O 8 -18.56 34.45 47.09
CA SER O 8 -19.98 34.75 47.18
C SER O 8 -20.20 36.19 47.63
N LEU O 9 -21.29 36.79 47.13
CA LEU O 9 -21.69 38.14 47.53
C LEU O 9 -22.94 38.07 48.40
N THR O 10 -23.50 36.86 48.50
CA THR O 10 -24.59 36.59 49.42
C THR O 10 -24.06 35.67 50.50
N THR O 11 -24.06 36.13 51.74
CA THR O 11 -23.53 35.33 52.85
C THR O 11 -24.50 35.32 54.03
N PHE O 12 -24.27 34.42 54.98
CA PHE O 12 -25.10 34.37 56.18
C PHE O 12 -24.68 35.45 57.17
N SER O 13 -25.66 36.18 57.67
CA SER O 13 -25.42 37.12 58.77
C SER O 13 -25.59 36.36 60.10
N PRO O 14 -25.06 36.93 61.22
CA PRO O 14 -25.17 36.21 62.50
C PRO O 14 -26.59 35.77 62.87
N SER O 15 -27.60 36.48 62.40
CA SER O 15 -29.00 36.09 62.65
C SER O 15 -29.47 34.97 61.72
N GLY O 16 -28.63 34.61 60.76
CA GLY O 16 -28.92 33.50 59.84
C GLY O 16 -29.66 33.92 58.60
N LYS O 17 -29.90 35.22 58.45
CA LYS O 17 -30.52 35.79 57.26
C LYS O 17 -29.52 35.76 56.10
N LEU O 18 -30.02 35.64 54.89
CA LEU O 18 -29.22 35.91 53.70
C LEU O 18 -29.65 37.25 53.12
N GLY O 19 -28.89 38.29 53.48
CA GLY O 19 -29.23 39.68 53.20
C GLY O 19 -29.70 39.95 51.78
N GLN O 20 -28.84 39.63 50.82
CA GLN O 20 -29.12 39.87 49.41
C GLN O 20 -30.43 39.24 48.92
N ILE O 21 -30.78 38.06 49.44
CA ILE O 21 -32.07 37.44 49.11
C ILE O 21 -33.23 38.29 49.66
N ASP O 22 -33.13 38.69 50.92
CA ASP O 22 -34.11 39.60 51.54
C ASP O 22 -34.27 40.86 50.69
N TYR O 23 -33.13 41.45 50.32
CA TYR O 23 -33.14 42.70 49.59
C TYR O 23 -33.75 42.54 48.21
N ALA O 24 -33.46 41.41 47.56
CA ALA O 24 -34.10 41.04 46.30
C ALA O 24 -35.62 40.97 46.46
N LEU O 25 -36.07 40.28 47.50
CA LEU O 25 -37.51 40.22 47.83
C LEU O 25 -38.13 41.60 48.05
N THR O 26 -37.35 42.53 48.64
CA THR O 26 -37.81 43.91 48.84
C THR O 26 -38.00 44.59 47.48
N ALA O 27 -37.06 44.37 46.57
CA ALA O 27 -37.20 44.88 45.21
C ALA O 27 -38.44 44.30 44.54
N VAL O 28 -38.76 43.04 44.83
CA VAL O 28 -39.95 42.39 44.28
C VAL O 28 -41.24 43.05 44.80
N LYS O 29 -41.23 43.41 46.09
CA LYS O 29 -42.34 44.15 46.70
C LYS O 29 -42.63 45.50 45.99
N GLN O 30 -41.59 46.20 45.56
CA GLN O 30 -41.74 47.47 44.83
C GLN O 30 -42.40 47.27 43.47
N GLY O 31 -42.26 46.06 42.92
CA GLY O 31 -42.77 45.76 41.60
C GLY O 31 -44.27 45.85 41.47
N VAL O 32 -44.73 46.12 40.26
CA VAL O 32 -46.14 46.13 39.91
C VAL O 32 -46.79 44.77 40.15
N THR O 33 -48.00 44.78 40.69
CA THR O 33 -48.74 43.55 41.01
C THR O 33 -48.93 42.66 39.78
N SER O 34 -48.70 41.36 39.97
CA SER O 34 -49.06 40.34 38.99
C SER O 34 -49.65 39.14 39.70
N LEU O 35 -50.46 38.36 38.99
CA LEU O 35 -51.20 37.28 39.64
C LEU O 35 -51.43 36.08 38.74
N GLY O 36 -51.74 34.94 39.36
CA GLY O 36 -52.17 33.74 38.65
C GLY O 36 -53.33 33.05 39.34
N ILE O 37 -54.27 32.55 38.53
CA ILE O 37 -55.36 31.71 39.04
C ILE O 37 -55.49 30.43 38.21
N LYS O 38 -55.62 29.31 38.91
CA LYS O 38 -55.85 28.03 38.27
C LYS O 38 -57.35 27.66 38.23
N ALA O 39 -57.84 27.33 37.03
CA ALA O 39 -59.21 26.83 36.83
C ALA O 39 -59.16 25.33 36.57
N THR O 40 -60.31 24.69 36.34
CA THR O 40 -60.36 23.24 36.09
C THR O 40 -59.95 22.87 34.66
N ASN O 41 -60.08 23.83 33.76
CA ASN O 41 -59.73 23.63 32.36
C ASN O 41 -58.82 24.76 31.86
N GLY O 42 -58.00 25.29 32.75
CA GLY O 42 -57.07 26.35 32.35
C GLY O 42 -56.35 27.04 33.48
N VAL O 43 -55.38 27.88 33.13
CA VAL O 43 -54.74 28.76 34.09
C VAL O 43 -54.71 30.15 33.46
N VAL O 44 -54.73 31.17 34.28
CA VAL O 44 -54.65 32.55 33.81
C VAL O 44 -53.57 33.30 34.58
N ILE O 45 -52.71 33.99 33.85
CA ILE O 45 -51.73 34.91 34.44
C ILE O 45 -51.96 36.31 33.89
N ALA O 46 -51.79 37.30 34.77
CA ALA O 46 -52.05 38.69 34.42
C ALA O 46 -51.16 39.68 35.19
N THR O 47 -50.94 40.84 34.59
CA THR O 47 -50.19 41.92 35.21
C THR O 47 -50.60 43.26 34.59
N GLU O 48 -50.00 44.34 35.10
CA GLU O 48 -50.28 45.68 34.61
C GLU O 48 -49.09 46.20 33.78
N LYS O 49 -49.38 46.71 32.59
CA LYS O 49 -48.34 47.31 31.76
C LYS O 49 -48.12 48.77 32.17
N LYS O 50 -47.36 48.93 33.25
CA LYS O 50 -47.01 50.26 33.76
C LYS O 50 -46.15 51.03 32.74
N SER O 51 -46.83 51.77 31.85
CA SER O 51 -46.14 52.54 30.82
C SER O 51 -45.36 53.71 31.45
N SER O 52 -44.05 53.73 31.22
CA SER O 52 -43.15 54.73 31.81
C SER O 52 -43.25 56.14 31.18
N SER O 53 -43.95 56.20 30.04
CA SER O 53 -44.26 57.45 29.31
C SER O 53 -45.40 57.14 28.31
N PRO O 54 -46.29 58.10 28.03
CA PRO O 54 -47.30 57.82 27.00
C PRO O 54 -46.75 57.83 25.58
N LEU O 55 -45.49 58.28 25.43
CA LEU O 55 -44.77 58.20 24.15
C LEU O 55 -44.28 56.79 23.89
N ALA O 56 -44.02 56.04 24.97
CA ALA O 56 -43.61 54.65 24.88
C ALA O 56 -44.75 53.78 24.33
N MET O 57 -44.37 52.78 23.53
CA MET O 57 -45.33 51.83 23.02
C MET O 57 -45.37 50.65 23.98
N SER O 58 -46.47 50.53 24.69
CA SER O 58 -46.61 49.50 25.73
C SER O 58 -46.68 48.08 25.17
N GLU O 59 -47.21 47.94 23.96
CA GLU O 59 -47.32 46.63 23.29
C GLU O 59 -45.95 45.99 23.04
N THR O 60 -44.95 46.82 22.69
CA THR O 60 -43.59 46.32 22.42
C THR O 60 -42.92 45.73 23.65
N LEU O 61 -43.42 46.06 24.83
CA LEU O 61 -42.92 45.46 26.05
C LEU O 61 -43.93 44.41 26.53
N SER O 62 -43.52 43.15 26.43
CA SER O 62 -44.33 42.06 26.95
C SER O 62 -43.83 41.61 28.31
N LYS O 63 -44.72 41.66 29.29
CA LYS O 63 -44.44 41.17 30.63
C LYS O 63 -44.84 39.71 30.76
N VAL O 64 -45.82 39.30 29.96
CA VAL O 64 -46.21 37.90 29.85
C VAL O 64 -45.49 37.28 28.64
N SER O 65 -44.74 36.20 28.89
CA SER O 65 -43.94 35.57 27.85
C SER O 65 -44.23 34.08 27.72
N LEU O 66 -44.33 33.62 26.47
CA LEU O 66 -44.37 32.19 26.15
C LEU O 66 -42.99 31.59 26.45
N LEU O 67 -42.98 30.44 27.12
CA LEU O 67 -41.75 29.69 27.34
C LEU O 67 -41.71 28.45 26.48
N THR O 68 -42.83 27.72 26.45
CA THR O 68 -43.08 26.62 25.51
C THR O 68 -44.55 26.74 25.04
N PRO O 69 -44.96 26.00 24.01
CA PRO O 69 -46.37 26.11 23.58
C PRO O 69 -47.41 25.84 24.68
N ASP O 70 -46.99 25.26 25.80
CA ASP O 70 -47.93 24.99 26.89
C ASP O 70 -47.55 25.69 28.20
N ILE O 71 -46.54 26.55 28.19
CA ILE O 71 -46.11 27.23 29.40
C ILE O 71 -45.86 28.72 29.17
N GLY O 72 -46.42 29.55 30.05
CA GLY O 72 -46.18 31.00 30.05
C GLY O 72 -45.66 31.50 31.39
N ALA O 73 -45.05 32.69 31.38
CA ALA O 73 -44.55 33.28 32.61
C ALA O 73 -44.90 34.76 32.73
N VAL O 74 -45.03 35.21 33.98
CA VAL O 74 -45.22 36.61 34.30
C VAL O 74 -44.39 36.88 35.57
N TYR O 75 -44.17 38.14 35.91
CA TYR O 75 -43.23 38.51 36.98
C TYR O 75 -43.60 39.79 37.77
N SER O 76 -42.87 40.01 38.87
CA SER O 76 -42.87 41.29 39.57
C SER O 76 -41.45 41.54 40.09
N GLY O 77 -41.01 42.78 39.95
CA GLY O 77 -39.67 43.18 40.35
C GLY O 77 -38.93 43.85 39.20
N MET O 78 -37.69 43.43 38.96
CA MET O 78 -36.85 44.07 37.95
C MET O 78 -37.03 43.48 36.55
N GLY O 79 -37.76 44.20 35.69
CA GLY O 79 -38.00 43.80 34.30
C GLY O 79 -36.81 43.27 33.51
N PRO O 80 -35.66 43.99 33.53
CA PRO O 80 -34.47 43.49 32.83
C PRO O 80 -34.01 42.12 33.31
N ASP O 81 -34.05 41.88 34.62
CA ASP O 81 -33.71 40.57 35.20
C ASP O 81 -34.64 39.50 34.65
N TYR O 82 -35.93 39.80 34.60
CA TYR O 82 -36.93 38.87 34.08
C TYR O 82 -36.58 38.47 32.65
N ARG O 83 -36.35 39.49 31.81
CA ARG O 83 -36.12 39.31 30.39
C ARG O 83 -34.99 38.32 30.12
N VAL O 84 -33.88 38.43 30.86
CA VAL O 84 -32.79 37.46 30.67
C VAL O 84 -33.17 36.05 31.14
N LEU O 85 -33.94 35.96 32.23
CA LEU O 85 -34.37 34.65 32.75
C LEU O 85 -35.28 33.96 31.75
N VAL O 86 -36.07 34.73 31.02
CA VAL O 86 -36.97 34.17 30.01
C VAL O 86 -36.16 33.61 28.85
N ASP O 87 -35.06 34.28 28.52
CA ASP O 87 -34.16 33.82 27.48
C ASP O 87 -33.53 32.48 27.88
N LYS O 88 -33.00 32.40 29.09
CA LYS O 88 -32.36 31.17 29.58
C LYS O 88 -33.39 30.06 29.81
N SER O 89 -34.61 30.43 30.18
CA SER O 89 -35.68 29.46 30.41
C SER O 89 -36.11 28.77 29.13
N ARG O 90 -36.23 29.55 28.05
CA ARG O 90 -36.55 29.00 26.75
C ARG O 90 -35.43 28.06 26.28
N LYS O 91 -34.20 28.47 26.52
CA LYS O 91 -33.05 27.71 26.04
C LYS O 91 -32.87 26.40 26.79
N VAL O 92 -33.01 26.46 28.11
CA VAL O 92 -32.88 25.29 28.99
C VAL O 92 -33.98 24.25 28.71
N ALA O 93 -35.16 24.74 28.35
CA ALA O 93 -36.29 23.90 27.95
C ALA O 93 -35.92 23.04 26.75
N HIS O 94 -35.01 23.56 25.93
CA HIS O 94 -34.51 22.84 24.76
C HIS O 94 -33.30 21.96 25.11
N THR O 95 -32.20 22.59 25.51
CA THR O 95 -30.94 21.89 25.76
C THR O 95 -31.03 20.75 26.79
N SER O 96 -31.88 20.92 27.79
CA SER O 96 -32.00 19.94 28.88
C SER O 96 -33.22 19.02 28.75
N TYR O 97 -34.06 19.25 27.75
CA TYR O 97 -35.27 18.46 27.64
C TYR O 97 -35.71 18.07 26.23
N LYS O 98 -36.02 19.06 25.39
CA LYS O 98 -36.51 18.76 24.03
C LYS O 98 -35.47 18.06 23.16
N ARG O 99 -34.20 18.44 23.32
CA ARG O 99 -33.11 17.84 22.58
C ARG O 99 -32.72 16.46 23.09
N ILE O 100 -33.12 16.14 24.32
CA ILE O 100 -32.84 14.82 24.90
C ILE O 100 -34.00 13.88 24.59
N TYR O 101 -35.78 14.43 24.93
CA TYR O 101 -36.79 13.39 24.89
C TYR O 101 -37.76 13.70 23.75
N GLY O 102 -37.40 14.67 22.93
CA GLY O 102 -38.16 15.00 21.72
C GLY O 102 -39.55 15.53 22.03
N GLU O 103 -39.71 16.06 23.24
CA GLU O 103 -40.96 16.69 23.68
C GLU O 103 -40.63 17.85 24.63
N TYR O 104 -41.57 18.78 24.79
CA TYR O 104 -41.35 19.89 25.71
C TYR O 104 -41.46 19.42 27.15
N PRO O 105 -40.72 20.06 28.07
CA PRO O 105 -40.72 19.64 29.48
C PRO O 105 -42.06 19.87 30.18
N PRO O 106 -42.38 19.03 31.18
CA PRO O 106 -43.54 19.32 32.02
C PRO O 106 -43.26 20.55 32.90
N THR O 107 -44.32 21.29 33.21
CA THR O 107 -44.23 22.55 33.97
C THR O 107 -43.31 22.48 35.20
N LYS O 108 -43.55 21.51 36.09
CA LYS O 108 -42.74 21.35 37.30
C LYS O 108 -41.23 21.23 37.05
N LEU O 109 -40.88 20.67 35.91
CA LEU O 109 -39.46 20.46 35.57
C LEU O 109 -38.82 21.70 34.93
N LEU O 110 -39.57 22.38 34.06
CA LEU O 110 -39.09 23.66 33.54
C LEU O 110 -38.93 24.65 34.69
N VAL O 111 -39.88 24.64 35.61
CA VAL O 111 -39.84 25.48 36.81
C VAL O 111 -38.60 25.15 37.63
N SER O 112 -38.37 23.86 37.83
CA SER O 112 -37.23 23.34 38.57
C SER O 112 -35.91 23.89 38.02
N GLU O 113 -35.82 23.98 36.69
CA GLU O 113 -34.62 24.46 35.99
C GLU O 113 -34.40 25.96 36.21
N VAL O 114 -35.48 26.73 36.09
CA VAL O 114 -35.42 28.16 36.35
C VAL O 114 -34.98 28.40 37.80
N ALA O 115 -35.63 27.70 38.72
CA ALA O 115 -35.32 27.78 40.14
C ALA O 115 -33.83 27.53 40.40
N LYS O 116 -33.26 26.58 39.66
CA LYS O 116 -31.84 26.29 39.71
C LYS O 116 -30.99 27.51 39.31
N ILE O 117 -31.36 28.18 38.21
CA ILE O 117 -30.64 29.37 37.74
C ILE O 117 -30.62 30.47 38.81
N MET O 118 -31.77 30.68 39.42
CA MET O 118 -31.90 31.67 40.49
C MET O 118 -31.15 31.29 41.77
N GLN O 119 -31.18 30.00 42.13
CA GLN O 119 -30.42 29.54 43.28
C GLN O 119 -28.93 29.79 43.08
N GLU O 120 -28.44 29.53 41.87
CA GLU O 120 -27.02 29.70 41.58
C GLU O 120 -26.57 31.14 41.75
N ALA O 121 -27.44 32.07 41.37
CA ALA O 121 -27.18 33.50 41.54
C ALA O 121 -27.27 33.92 43.02
N THR O 122 -27.56 32.95 43.87
CA THR O 122 -27.63 33.13 45.32
C THR O 122 -26.33 32.68 45.96
N GLN O 123 -25.50 31.96 45.21
CA GLN O 123 -24.34 31.27 45.79
C GLN O 123 -23.04 31.44 45.01
N SER O 124 -23.14 31.40 43.68
CA SER O 124 -21.99 31.56 42.79
C SER O 124 -21.18 32.82 43.09
N GLY O 125 -19.90 32.78 42.72
CA GLY O 125 -19.02 33.92 42.92
C GLY O 125 -19.38 35.09 42.02
N GLY O 126 -19.28 36.30 42.57
CA GLY O 126 -19.36 37.54 41.79
C GLY O 126 -20.71 37.97 41.25
N VAL O 127 -21.81 37.44 41.79
CA VAL O 127 -23.14 37.87 41.36
C VAL O 127 -24.10 38.20 42.51
N ARG O 128 -25.20 38.85 42.16
CA ARG O 128 -26.31 39.16 43.06
C ARG O 128 -27.53 38.34 42.66
N PRO O 129 -28.39 37.96 43.63
CA PRO O 129 -29.62 37.26 43.28
C PRO O 129 -30.43 38.04 42.25
N PHE O 130 -31.29 37.33 41.52
CA PHE O 130 -32.22 37.98 40.60
C PHE O 130 -33.25 38.74 41.41
N GLY O 131 -33.56 39.96 40.98
CA GLY O 131 -34.58 40.77 41.64
C GLY O 131 -35.99 40.54 41.11
N VAL O 132 -36.39 39.28 40.97
CA VAL O 132 -37.75 38.97 40.48
C VAL O 132 -38.39 37.79 41.19
N SER O 133 -39.72 37.79 41.19
CA SER O 133 -40.50 36.59 41.47
C SER O 133 -41.26 36.23 40.21
N LEU O 134 -41.24 34.95 39.85
CA LEU O 134 -41.92 34.51 38.65
C LEU O 134 -43.22 33.81 38.99
N LEU O 135 -44.20 33.94 38.10
CA LEU O 135 -45.38 33.11 38.16
C LEU O 135 -45.47 32.33 36.85
N ILE O 136 -45.31 31.01 36.94
CA ILE O 136 -45.27 30.17 35.75
C ILE O 136 -46.48 29.24 35.72
N ALA O 137 -47.26 29.39 34.65
CA ALA O 137 -48.45 28.60 34.43
C ALA O 137 -48.28 27.73 33.20
N GLY O 138 -48.74 26.48 33.29
CA GLY O 138 -48.64 25.55 32.18
C GLY O 138 -49.46 24.28 32.29
N HIS O 139 -49.40 23.48 31.23
CA HIS O 139 -50.06 22.19 31.15
C HIS O 139 -49.10 21.14 30.59
N ASP O 140 -49.25 19.91 31.06
CA ASP O 140 -48.62 18.76 30.43
C ASP O 140 -49.48 17.53 30.65
N GLU O 141 -49.36 16.56 29.75
CA GLU O 141 -50.26 15.41 29.69
C GLU O 141 -50.49 14.74 31.05
N PHE O 142 -49.42 14.47 31.78
CA PHE O 142 -49.51 13.63 32.98
C PHE O 142 -49.80 14.38 34.28
N ASN O 143 -49.63 15.70 34.26
CA ASN O 143 -49.87 16.52 35.44
C ASN O 143 -51.07 17.43 35.32
N GLY O 144 -51.50 17.68 34.08
CA GLY O 144 -52.61 18.58 33.82
C GLY O 144 -52.20 20.04 33.97
N PHE O 145 -53.11 20.86 34.50
CA PHE O 145 -52.83 22.27 34.67
C PHE O 145 -52.09 22.54 35.97
N SER O 146 -51.10 23.43 35.87
CA SER O 146 -50.30 23.83 37.01
C SER O 146 -49.54 25.10 36.63
N LEU O 147 -49.66 26.01 38.46
CA LEU O 147 -49.23 27.37 38.66
C LEU O 147 -48.16 27.33 39.72
N TYR O 148 -47.03 27.95 39.43
CA TYR O 148 -45.90 27.93 40.35
C TYR O 148 -45.38 29.33 40.59
N GLN O 149 -44.86 29.55 41.79
CA GLN O 149 -44.19 30.80 42.10
C GLN O 149 -42.73 30.51 42.33
N VAL O 150 -41.85 31.25 41.67
CA VAL O 150 -40.41 31.15 41.92
C VAL O 150 -39.91 32.46 42.51
N ASP O 151 -39.08 32.37 43.54
CA ASP O 151 -38.59 33.55 44.24
C ASP O 151 -37.09 33.64 44.07
N PRO O 152 -36.52 34.83 44.40
CA PRO O 152 -35.07 35.09 44.35
C PRO O 152 -34.18 34.03 45.00
N SER O 153 -34.70 33.28 45.97
CA SER O 153 -33.92 32.23 46.61
C SER O 153 -33.81 31.00 45.72
N GLY O 154 -34.69 30.91 44.73
CA GLY O 154 -34.82 29.73 43.89
C GLY O 154 -35.84 28.74 44.43
N SER O 155 -36.57 29.13 45.46
CA SER O 155 -37.63 28.29 45.99
C SER O 155 -38.86 28.45 45.10
N TYR O 156 -39.60 27.37 44.95
CA TYR O 156 -40.84 27.42 44.20
C TYR O 156 -41.93 26.64 44.91
N PHE O 157 -43.18 27.05 44.71
CA PHE O 157 -44.33 26.37 45.28
C PHE O 157 -45.51 26.40 44.35
N PRO O 158 -46.31 25.32 44.34
CA PRO O 158 -47.54 25.26 43.57
C PRO O 158 -48.68 26.00 44.25
N TRP O 159 -49.42 26.76 43.46
CA TRP O 159 -50.55 27.55 43.95
C TRP O 159 -51.82 27.20 43.22
N LYS O 160 -52.94 27.27 43.94
CA LYS O 160 -54.25 27.23 43.32
C LYS O 160 -54.51 28.60 42.70
N ALA O 161 -54.06 29.64 43.41
CA ALA O 161 -54.11 31.03 42.98
C ALA O 161 -53.18 31.84 43.88
N THR O 162 -52.55 32.88 43.32
CA THR O 162 -51.68 33.76 44.11
C THR O 162 -51.35 35.08 43.41
N ALA O 163 -50.70 35.97 44.15
CA ALA O 163 -50.28 37.27 43.62
C ALA O 163 -48.96 37.70 44.23
N ILE O 164 -48.20 38.47 43.46
CA ILE O 164 -46.91 38.99 43.92
C ILE O 164 -46.80 40.46 43.57
N GLY O 165 -45.95 41.18 44.31
CA GLY O 165 -45.72 42.60 44.08
C GLY O 165 -46.42 43.57 45.02
N LYS O 166 -46.48 44.83 44.57
CA LYS O 166 -47.10 45.96 45.29
C LYS O 166 -48.29 45.57 46.18
N GLY O 167 -49.39 45.16 45.55
CA GLY O 167 -50.62 44.86 46.26
C GLY O 167 -50.90 43.38 46.44
N SER O 168 -49.85 42.60 46.71
CA SER O 168 -49.97 41.15 46.86
C SER O 168 -50.85 40.75 48.05
N VAL O 169 -50.52 41.24 49.25
CA VAL O 169 -51.29 40.91 50.46
C VAL O 169 -52.79 41.13 50.26
N ALA O 170 -53.16 42.33 49.81
CA ALA O 170 -54.56 42.69 49.55
C ALA O 170 -55.21 41.76 48.52
N ALA O 171 -54.52 41.52 47.41
CA ALA O 171 -55.02 40.68 46.32
C ALA O 171 -55.08 39.19 46.69
N LYS O 172 -54.08 38.71 47.43
CA LYS O 172 -54.11 37.34 47.93
C LYS O 172 -55.40 37.09 48.71
N THR O 173 -55.79 38.06 49.54
CA THR O 173 -57.00 37.97 50.35
C THR O 173 -58.24 37.84 49.48
N PHE O 174 -58.37 38.72 48.49
CA PHE O 174 -59.53 38.73 47.58
C PHE O 174 -59.66 37.41 46.81
N LEU O 175 -58.53 36.80 46.48
CA LEU O 175 -58.54 35.50 45.80
C LEU O 175 -59.05 34.37 46.71
N GLU O 176 -58.68 34.41 47.99
CA GLU O 176 -59.16 33.44 48.98
C GLU O 176 -60.68 33.40 49.06
N LYS O 177 -61.31 34.57 48.98
CA LYS O 177 -62.77 34.69 49.04
C LYS O 177 -63.48 34.15 47.80
N ARG O 178 -62.82 34.25 46.64
CA ARG O 178 -63.48 33.97 45.36
C ARG O 178 -63.07 32.65 44.69
N TRP O 179 -62.04 31.98 45.21
CA TRP O 179 -61.56 30.74 44.61
C TRP O 179 -62.27 29.49 45.12
N ASN O 180 -62.68 28.64 44.19
CA ASN O 180 -63.19 27.30 44.49
C ASN O 180 -62.66 26.30 43.44
N ASP O 181 -62.78 25.00 43.72
CA ASP O 181 -62.19 23.99 42.84
C ASP O 181 -63.08 23.61 41.65
N GLU O 182 -64.06 24.46 41.34
CA GLU O 182 -65.02 24.17 40.28
C GLU O 182 -65.06 25.25 39.21
N LEU O 183 -64.23 26.27 39.37
CA LEU O 183 -64.17 27.38 38.43
C LEU O 183 -63.90 26.94 37.00
N GLU O 184 -64.68 27.46 36.05
CA GLU O 184 -64.38 27.31 34.63
C GLU O 184 -63.27 28.33 34.32
N LEU O 185 -62.71 28.29 33.13
CA LEU O 185 -61.64 29.22 32.75
C LEU O 185 -62.11 30.68 32.71
N GLU O 186 -63.28 30.92 32.12
CA GLU O 186 -63.87 32.27 32.05
C GLU O 186 -64.09 32.85 33.45
N ASP O 187 -64.60 32.01 34.35
CA ASP O 187 -64.78 32.37 35.75
C ASP O 187 -63.49 32.94 36.33
N ALA O 188 -62.38 32.27 36.04
CA ALA O 188 -61.05 32.69 36.53
C ALA O 188 -60.54 33.98 35.87
N ILE O 189 -60.74 34.14 34.56
CA ILE O 189 -60.35 35.37 33.86
C ILE O 189 -61.06 36.56 34.51
N HIS O 190 -62.38 36.42 34.65
CA HIS O 190 -63.21 37.39 35.35
C HIS O 190 -62.66 37.74 36.75
N ILE O 191 -62.42 36.72 37.59
CA ILE O 191 -61.88 36.92 38.92
C ILE O 191 -60.51 37.63 38.89
N ALA O 192 -59.71 37.31 37.87
CA ALA O 192 -58.41 37.94 37.68
C ALA O 192 -58.57 39.42 37.35
N LEU O 193 -59.50 39.71 36.45
CA LEU O 193 -59.75 41.08 36.03
C LEU O 193 -60.29 41.94 37.17
N LEU O 194 -61.05 41.31 38.08
CA LEU O 194 -61.53 41.98 39.28
C LEU O 194 -60.40 42.25 40.26
N THR O 195 -59.55 41.24 40.48
CA THR O 195 -58.42 41.33 41.41
C THR O 195 -57.43 42.42 41.00
N LEU O 196 -57.28 42.60 39.69
CA LEU O 196 -56.29 43.51 39.17
C LEU O 196 -56.76 44.98 39.22
N LYS O 197 -58.08 45.18 39.24
CA LYS O 197 -58.66 46.52 39.33
C LYS O 197 -58.33 47.23 40.65
N GLU O 198 -58.23 46.47 41.74
CA GLU O 198 -57.93 47.03 43.06
C GLU O 198 -56.48 47.49 43.19
N SER O 199 -55.57 46.82 42.49
CA SER O 199 -54.11 47.04 42.60
C SER O 199 -53.68 48.49 42.27
N VAL O 200 -54.96 48.75 39.89
CA VAL O 200 -54.32 49.83 39.15
C VAL O 200 -54.87 51.18 39.63
N GLU O 201 -54.03 52.21 39.60
CA GLU O 201 -54.46 53.57 39.98
C GLU O 201 -55.17 54.27 38.83
N GLY O 202 -54.47 54.43 37.71
CA GLY O 202 -54.98 55.20 36.57
C GLY O 202 -55.93 54.43 35.67
N GLU O 203 -55.67 54.52 34.36
CA GLU O 203 -56.49 53.86 33.37
C GLU O 203 -56.47 52.33 33.54
N PHE O 204 -57.61 51.70 33.30
CA PHE O 204 -57.76 50.27 33.47
C PHE O 204 -58.49 49.69 32.26
N ASN O 205 -57.70 49.26 31.26
CA ASN O 205 -58.23 48.78 29.98
C ASN O 205 -57.30 47.77 29.30
N GLY O 206 -57.65 47.34 28.10
CA GLY O 206 -56.90 46.32 27.37
C GLY O 206 -55.55 46.74 26.83
N ASP O 207 -55.14 47.98 27.10
CA ASP O 207 -53.85 48.52 26.63
C ASP O 207 -52.86 48.76 27.77
N THR O 208 -53.35 48.82 29.00
CA THR O 208 -52.50 49.13 30.16
C THR O 208 -51.88 47.88 30.78
N ILE O 209 -53.73 46.32 30.56
CA ILE O 209 -53.66 45.01 31.16
C ILE O 209 -53.01 44.06 30.16
N GLU O 210 -52.06 43.28 30.64
CA GLU O 210 -51.50 42.18 29.88
C GLU O 210 -51.97 40.91 30.57
N LEU O 211 -52.64 40.05 29.80
CA LEU O 211 -53.24 38.84 30.37
C LEU O 211 -53.21 37.69 29.35
N ALA O 212 -52.72 36.54 29.81
CA ALA O 212 -52.64 35.33 28.99
C ALA O 212 -53.20 34.11 29.72
N ILE O 213 -53.60 33.11 28.93
CA ILE O 213 -54.13 31.86 29.46
C ILE O 213 -53.34 30.63 28.98
N ILE O 214 -53.37 29.58 29.79
CA ILE O 214 -53.02 28.24 29.35
C ILE O 214 -54.34 27.51 29.33
N GLY O 215 -54.84 27.17 28.15
CA GLY O 215 -56.12 26.49 28.03
C GLY O 215 -56.15 25.34 27.05
N ASP O 216 -57.16 25.34 26.17
CA ASP O 216 -57.28 24.33 25.13
C ASP O 216 -56.24 24.53 24.05
N GLU O 217 -56.03 23.49 23.24
CA GLU O 217 -55.14 23.55 22.09
C GLU O 217 -55.70 24.49 21.04
N ASN O 218 -54.79 25.20 20.37
CA ASN O 218 -55.13 26.18 19.33
C ASN O 218 -54.60 25.75 17.96
N PRO O 219 -55.34 24.89 17.25
CA PRO O 219 -54.87 24.40 15.93
C PRO O 219 -54.66 25.52 14.92
N ASP O 220 -55.41 26.61 15.10
CA ASP O 220 -55.32 27.79 14.24
C ASP O 220 -54.01 28.56 14.48
N LEU O 221 -53.37 28.31 15.62
CA LEU O 221 -52.11 29.00 15.96
C LEU O 221 -50.90 28.09 15.79
N LEU O 222 -51.06 27.02 15.03
CA LEU O 222 -50.00 26.05 14.79
C LEU O 222 -49.13 26.46 13.61
N GLY O 223 -49.78 26.81 12.49
CA GLY O 223 -49.05 27.27 11.31
C GLY O 223 -48.92 26.22 10.21
N TYR O 224 -49.32 25.00 10.51
CA TYR O 224 -49.27 23.89 9.58
C TYR O 224 -50.31 22.83 9.92
N THR O 225 -50.71 22.05 8.92
CA THR O 225 -51.59 20.88 9.12
C THR O 225 -50.91 19.61 8.63
N GLY O 226 -51.37 18.46 9.13
CA GLY O 226 -50.93 17.17 8.60
C GLY O 226 -50.38 16.15 9.59
N ILE O 227 -49.96 16.61 10.77
CA ILE O 227 -49.63 15.69 11.85
C ILE O 227 -50.77 15.70 12.85
N PRO O 228 -51.64 14.67 12.82
CA PRO O 228 -52.80 14.57 13.72
C PRO O 228 -52.47 14.70 15.21
N THR O 229 -51.28 14.28 15.62
CA THR O 229 -50.85 14.32 17.03
C THR O 229 -50.45 15.74 17.54
N ASP O 230 -50.23 16.68 16.61
CA ASP O 230 -49.99 18.09 16.97
C ASP O 230 -51.29 18.88 16.73
N LYS O 231 -52.04 19.14 17.81
CA LYS O 231 -53.37 19.77 17.71
C LYS O 231 -53.38 21.21 18.19
N GLY O 232 -51.05 22.39 18.18
CA GLY O 232 -51.53 23.69 18.63
C GLY O 232 -51.12 23.99 20.06
N PRO O 233 -50.59 25.20 20.28
CA PRO O 233 -50.18 25.64 21.62
C PRO O 233 -51.37 25.79 22.57
N ARG O 234 -51.14 25.54 23.85
CA ARG O 234 -52.17 25.79 24.85
C ARG O 234 -52.04 27.22 25.43
N PHE O 235 -50.86 27.81 25.27
CA PHE O 235 -50.61 29.20 25.65
C PHE O 235 -51.25 30.14 24.65
N ARG O 236 -51.91 31.17 25.16
CA ARG O 236 -52.48 32.21 24.32
C ARG O 236 -52.55 33.54 25.04
N LYS O 237 -52.03 34.58 24.40
CA LYS O 237 -52.17 35.92 24.91
C LYS O 237 -53.52 36.48 24.44
N LEU O 238 -54.28 37.07 25.36
CA LEU O 238 -55.54 37.72 24.98
C LEU O 238 -55.23 39.09 24.40
N THR O 239 -55.92 39.42 23.31
CA THR O 239 -55.70 40.68 22.60
C THR O 239 -56.25 41.85 23.41
N SER O 240 -55.81 43.06 23.07
CA SER O 240 -56.38 44.29 23.62
C SER O 240 -57.92 44.30 23.51
N GLN O 241 -58.42 43.98 22.33
CA GLN O 241 -59.86 43.85 22.07
C GLN O 241 -60.53 42.79 22.95
N GLU O 242 -59.89 41.64 23.13
CA GLU O 242 -60.44 40.56 23.94
C GLU O 242 -60.63 40.94 25.41
N ILE O 243 -59.72 41.76 25.93
CA ILE O 243 -59.79 42.22 27.33
C ILE O 243 -61.03 43.11 27.53
N ASN O 244 -61.18 44.11 26.66
CA ASN O 244 -62.25 45.10 26.78
C ASN O 244 -63.65 44.52 26.66
N ASP O 245 -63.79 43.50 25.81
CA ASP O 245 -65.06 42.79 25.64
C ASP O 245 -65.57 42.21 26.96
N ARG O 246 -64.64 41.84 27.84
CA ARG O 246 -64.97 41.26 29.14
C ARG O 246 -65.10 42.33 30.24
N LEU O 247 -64.38 43.44 30.07
CA LEU O 247 -64.44 44.54 31.03
C LEU O 247 -65.77 45.29 31.01
N GLU O 248 -66.54 45.13 29.94
CA GLU O 248 -67.87 45.73 29.80
C GLU O 248 -68.91 45.00 30.67
N ALA O 249 -68.77 43.68 30.76
CA ALA O 249 -69.63 42.86 31.61
C ALA O 249 -69.00 42.69 33.01
N LEU O 250 -68.36 43.74 33.50
CA LEU O 250 -67.60 43.72 34.75
C LEU O 250 -68.42 44.25 35.94
N GLY P 1 -8.75 46.53 44.28
CA GLY P 1 -9.35 45.34 43.56
C GLY P 1 -10.52 44.73 44.29
N SER P 2 -10.72 43.42 44.10
CA SER P 2 -11.86 42.68 44.64
C SER P 2 -11.79 42.46 46.15
N ARG P 3 -10.60 42.14 46.65
CA ARG P 3 -10.36 41.82 48.06
C ARG P 3 -11.24 42.59 49.05
N ARG P 4 -11.45 43.87 48.77
CA ARG P 4 -12.26 44.77 49.59
C ARG P 4 -13.66 44.23 49.89
N TYR P 5 -14.24 43.53 48.91
CA TYR P 5 -15.63 43.08 48.97
C TYR P 5 -15.79 41.60 49.32
N ASP P 6 -14.67 40.96 49.69
CA ASP P 6 -14.64 39.54 50.04
C ASP P 6 -15.01 39.33 51.52
N SER P 7 -16.19 38.74 51.76
CA SER P 7 -16.66 38.42 53.12
C SER P 7 -15.79 37.39 53.83
N ARG P 8 -15.05 36.59 53.05
CA ARG P 8 -14.17 35.52 53.54
C ARG P 8 -14.95 34.39 54.24
N THR P 9 -15.78 33.70 53.47
CA THR P 9 -16.74 32.72 54.01
C THR P 9 -16.14 31.49 54.69
N THR P 10 -14.86 31.22 54.46
CA THR P 10 -14.24 30.01 55.02
C THR P 10 -13.09 30.28 56.02
N ILE P 11 -13.29 31.19 56.97
CA ILE P 11 -12.26 31.40 58.00
C ILE P 11 -12.69 30.99 59.40
N PHE P 12 -11.70 30.79 60.27
CA PHE P 12 -11.90 30.52 61.68
C PHE P 12 -12.07 31.82 62.47
N SER P 13 -12.95 31.79 63.47
CA SER P 13 -13.05 32.86 64.46
C SER P 13 -11.87 32.71 65.42
N PRO P 14 -11.57 33.75 66.22
CA PRO P 14 -10.54 33.60 67.26
C PRO P 14 -10.75 32.39 68.20
N GLU P 15 -11.99 31.89 68.25
CA GLU P 15 -12.34 30.77 69.14
C GLU P 15 -12.30 29.41 68.42
N GLY P 16 -12.03 29.42 67.12
CA GLY P 16 -11.88 28.20 66.34
C GLY P 16 -13.19 27.64 65.81
N ARG P 17 -14.17 28.50 65.62
CA ARG P 17 -15.43 28.10 65.01
C ARG P 17 -15.52 28.69 63.61
N LEU P 18 -16.44 28.17 62.80
CA LEU P 18 -16.58 28.61 61.42
C LEU P 18 -17.82 29.47 61.28
N TYR P 19 -17.60 30.77 61.16
CA TYR P 19 -18.67 31.77 61.13
C TYR P 19 -19.87 31.33 60.32
N GLN P 20 -19.65 31.10 59.02
CA GLN P 20 -20.73 30.84 58.08
C GLN P 20 -21.51 29.57 58.41
N VAL P 21 -20.82 28.56 58.96
CA VAL P 21 -21.48 27.34 59.42
C VAL P 21 -22.44 27.67 60.57
N GLU P 22 -21.92 28.35 61.60
CA GLU P 22 -22.72 28.71 62.77
C GLU P 22 -23.95 29.52 62.38
N TYR P 23 -23.78 30.44 61.44
CA TYR P 23 -24.88 31.29 61.00
C TYR P 23 -25.85 30.53 60.10
N ALA P 24 -25.34 29.55 59.37
CA ALA P 24 -26.18 28.67 58.57
C ALA P 24 -27.08 27.81 59.48
N LEU P 25 -26.47 27.22 60.52
CA LEU P 25 -27.20 26.46 61.53
C LEU P 25 -28.31 27.31 62.17
N GLU P 26 -27.99 28.58 62.42
CA GLU P 26 -28.94 29.56 62.93
C GLU P 26 -30.14 29.72 61.98
N SER P 27 -29.86 29.76 60.68
CA SER P 27 -30.92 29.85 59.68
C SER P 27 -31.82 28.61 59.72
N ILE P 28 -31.22 27.44 59.81
CA ILE P 28 -31.93 26.16 59.81
C ILE P 28 -32.88 26.05 61.02
N SER P 29 -32.43 26.58 62.15
CA SER P 29 -33.20 26.54 63.39
C SER P 29 -34.54 27.27 63.30
N HIS P 30 -34.80 27.95 62.18
CA HIS P 30 -36.09 28.60 61.96
C HIS P 30 -36.93 27.86 60.95
N ALA P 31 -36.42 26.73 60.45
CA ALA P 31 -37.15 25.93 59.46
C ALA P 31 -38.12 24.98 60.12
N GLY P 32 -39.24 24.70 59.44
CA GLY P 32 -40.17 23.68 59.88
C GLY P 32 -39.42 22.46 60.41
N THR P 33 -39.88 21.93 61.54
CA THR P 33 -39.24 20.79 62.17
C THR P 33 -39.37 19.53 61.31
N ALA P 34 -38.32 18.71 61.30
CA ALA P 34 -38.37 17.39 60.71
C ALA P 34 -37.90 16.35 61.73
N ILE P 35 -38.61 15.22 61.79
CA ILE P 35 -38.28 14.15 62.74
C ILE P 35 -38.12 12.81 62.04
N GLY P 36 -37.08 12.07 62.43
CA GLY P 36 -36.93 10.70 62.01
C GLY P 36 -36.90 9.73 63.18
N ILE P 37 -37.75 8.72 63.13
CA ILE P 37 -37.73 7.65 64.14
C ILE P 37 -37.41 6.32 63.48
N MET P 38 -36.47 5.59 64.06
CA MET P 38 -36.16 4.24 63.61
C MET P 38 -36.75 3.15 64.50
N ALA P 39 -37.50 2.24 63.89
CA ALA P 39 -38.05 1.08 64.58
C ALA P 39 -37.21 -0.18 64.30
N SER P 40 -37.80 -1.36 64.59
CA SER P 40 -37.17 -2.64 64.26
C SER P 40 -37.60 -3.11 62.87
N ASP P 41 -38.80 -2.69 62.48
CA ASP P 41 -39.38 -3.08 61.20
C ASP P 41 -39.59 -1.88 60.26
N GLY P 42 -38.78 -0.83 60.42
CA GLY P 42 -38.88 0.31 59.51
C GLY P 42 -38.51 1.68 60.05
N ILE P 43 -38.68 2.70 59.22
CA ILE P 43 -38.32 4.08 59.60
C ILE P 43 -39.45 5.04 59.28
N VAL P 44 -39.62 6.03 60.15
CA VAL P 44 -40.64 7.07 60.00
C VAL P 44 -39.98 8.41 59.75
N LEU P 45 -40.49 9.13 58.75
CA LEU P 45 -40.10 10.52 58.51
C LEU P 45 -41.31 11.42 58.61
N ALA P 46 -41.20 12.43 59.47
CA ALA P 46 -42.27 13.40 59.67
C ALA P 46 -41.69 14.81 59.63
N ALA P 47 -42.36 15.70 58.90
CA ALA P 47 -41.87 17.07 58.78
C ALA P 47 -43.01 18.09 58.73
N GLU P 48 -42.78 19.24 59.32
CA GLU P 48 -43.79 20.26 59.43
C GLU P 48 -43.58 21.29 58.33
N ARG P 49 -44.63 21.58 57.58
CA ARG P 49 -44.57 22.61 56.55
C ARG P 49 -44.50 23.99 57.19
N LYS P 50 -43.43 24.71 56.87
CA LYS P 50 -43.27 26.07 57.37
C LYS P 50 -44.11 26.97 56.47
N VAL P 51 -45.01 27.73 57.11
CA VAL P 51 -45.96 28.63 56.44
C VAL P 51 -46.89 27.92 55.44
N THR P 52 -48.19 28.20 55.58
CA THR P 52 -49.17 27.69 54.63
C THR P 52 -50.24 28.73 54.29
N SER P 53 -51.08 28.40 53.32
CA SER P 53 -52.17 29.25 52.88
C SER P 53 -53.27 28.33 52.37
N THR P 54 -54.50 28.84 52.31
CA THR P 54 -55.61 28.06 51.76
C THR P 54 -55.34 27.69 50.30
N LEU P 55 -54.62 28.55 49.59
CA LEU P 55 -54.39 28.40 48.15
C LEU P 55 -53.13 27.61 47.78
N LEU P 56 -52.37 27.15 48.77
CA LEU P 56 -51.23 26.30 48.49
C LEU P 56 -51.74 24.94 48.04
N GLU P 57 -51.36 24.54 46.83
CA GLU P 57 -51.73 23.25 46.27
C GLU P 57 -50.89 22.16 46.92
N GLN P 58 -51.41 21.55 47.98
CA GLN P 58 -50.66 20.53 48.73
C GLN P 58 -50.59 19.19 47.98
N ASP P 59 -51.56 18.96 47.09
CA ASP P 59 -51.56 17.80 46.19
C ASP P 59 -50.20 17.63 45.51
N THR P 60 -49.80 18.69 44.79
CA THR P 60 -48.60 18.65 43.97
C THR P 60 -47.36 19.11 44.74
N SER P 61 -47.56 19.51 46.00
CA SER P 61 -46.48 20.12 46.78
C SER P 61 -45.52 19.12 47.43
N THR P 62 -44.24 19.50 47.41
CA THR P 62 -43.16 18.75 48.05
C THR P 62 -42.14 19.81 48.44
N GLU P 63 -41.77 19.83 49.72
CA GLU P 63 -40.80 20.81 50.19
C GLU P 63 -39.87 20.25 51.26
N LYS P 64 -40.23 19.11 51.83
CA LYS P 64 -39.44 18.57 52.93
C LYS P 64 -38.97 17.13 52.75
N LEU P 65 -39.79 16.32 52.07
CA LEU P 65 -39.49 14.90 51.90
C LEU P 65 -39.18 14.53 50.45
N TYR P 66 -37.94 14.09 50.22
CA TYR P 66 -37.50 13.74 48.87
C TYR P 66 -36.97 12.33 48.78
N LYS P 67 -37.36 11.66 47.71
CA LYS P 67 -36.88 10.34 47.37
C LYS P 67 -35.50 10.47 46.69
N LEU P 68 -34.49 9.83 47.28
CA LEU P 68 -33.12 9.85 46.74
C LEU P 68 -32.84 8.63 45.88
N ASN P 69 -33.39 7.51 46.33
CA ASN P 69 -33.13 6.18 45.84
C ASN P 69 -34.44 5.46 45.99
N ASP P 70 -34.47 4.16 45.75
CA ASP P 70 -35.64 3.38 46.11
C ASP P 70 -35.54 2.92 47.55
N LYS P 71 -34.32 2.96 48.09
CA LYS P 71 -34.06 2.48 49.43
C LYS P 71 -33.72 3.60 50.43
N ILE P 72 -33.60 4.83 49.92
CA ILE P 72 -33.14 5.97 50.71
C ILE P 72 -33.97 7.21 50.40
N ALA P 73 -34.44 7.88 51.46
CA ALA P 73 -35.14 9.16 51.33
C ALA P 73 -34.55 10.17 52.33
N VAL P 74 -34.83 11.45 52.11
CA VAL P 74 -34.40 12.51 53.03
C VAL P 74 -35.52 13.43 53.47
N ALA P 75 -35.32 14.02 54.65
CA ALA P 75 -36.13 15.13 55.15
C ALA P 75 -35.25 16.37 55.20
N VAL P 76 -35.77 17.49 54.74
CA VAL P 76 -35.02 18.74 54.62
C VAL P 76 -35.38 19.74 55.71
N ALA P 77 -34.38 20.36 56.30
CA ALA P 77 -34.58 21.54 57.13
C ALA P 77 -33.67 22.65 56.63
N GLY P 78 -34.27 23.71 56.09
CA GLY P 78 -33.52 24.90 55.67
C GLY P 78 -33.96 25.44 54.32
N LEU P 79 -32.99 25.92 53.53
CA LEU P 79 -33.27 26.46 52.21
C LEU P 79 -33.66 25.37 51.21
N THR P 80 -34.91 25.40 50.77
CA THR P 80 -35.39 24.38 49.83
C THR P 80 -34.52 24.28 48.58
N ALA P 81 -34.29 25.41 47.92
CA ALA P 81 -33.51 25.46 46.69
C ALA P 81 -32.07 24.93 46.88
N ASP P 82 -31.43 25.32 47.98
CA ASP P 82 -30.10 24.80 48.32
C ASP P 82 -30.11 23.29 48.46
N ALA P 83 -31.23 22.78 48.98
CA ALA P 83 -31.40 21.35 49.19
C ALA P 83 -31.55 20.61 47.88
N GLU P 84 -32.26 21.20 46.93
CA GLU P 84 -32.45 20.58 45.62
C GLU P 84 -31.15 20.40 44.85
N ILE P 85 -30.25 21.37 44.94
CA ILE P 85 -28.91 21.20 44.37
C ILE P 85 -28.29 19.93 44.92
N LEU P 86 -28.24 19.81 46.24
CA LEU P 86 -27.67 18.64 46.90
C LEU P 86 -28.39 17.31 46.60
N ILE P 87 -29.73 17.36 46.56
CA ILE P 87 -30.56 16.20 46.24
C ILE P 87 -30.18 15.61 44.88
N ASN P 88 -30.14 16.47 43.86
CA ASN P 88 -29.80 16.06 42.51
C ASN P 88 -28.42 15.41 42.42
N THR P 89 -27.40 15.97 43.07
CA THR P 89 -26.07 15.34 43.02
C THR P 89 -26.06 14.03 43.81
N ALA P 90 -26.88 13.95 44.85
CA ALA P 90 -27.01 12.74 45.64
C ALA P 90 -27.65 11.62 44.82
N ARG P 91 -28.69 11.97 44.06
CA ARG P 91 -29.33 11.04 43.15
C ARG P 91 -28.37 10.49 42.08
N ILE P 92 -27.52 11.36 41.53
CA ILE P 92 -26.53 10.97 40.54
C ILE P 92 -25.50 10.03 41.17
N HIS P 93 -25.02 10.37 42.38
CA HIS P 93 -24.00 9.54 43.04
C HIS P 93 -24.50 8.11 43.24
N ALA P 94 -25.78 7.98 43.58
CA ALA P 94 -26.44 6.69 43.76
C ALA P 94 -26.45 5.89 42.46
N GLN P 95 -26.77 6.54 41.35
CA GLN P 95 -26.77 5.89 40.06
C GLN P 95 -25.37 5.54 39.58
N ASN P 96 -24.39 6.38 39.92
CA ASN P 96 -22.99 6.09 39.59
C ASN P 96 -22.53 4.86 40.31
N TYR P 97 -22.92 4.74 41.58
CA TYR P 97 -22.56 3.58 42.39
C TYR P 97 -23.16 2.30 41.81
N LEU P 98 -24.45 2.37 41.46
CA LEU P 98 -25.21 1.24 40.94
C LEU P 98 -24.65 0.78 39.58
N LYS P 99 -24.37 1.73 38.70
CA LYS P 99 -23.71 1.45 37.42
C LYS P 99 -22.36 0.77 37.58
N THR P 100 -21.53 1.27 38.51
CA THR P 100 -20.18 0.74 38.75
C THR P 100 -20.18 -0.69 39.32
N TYR P 101 -21.12 -0.97 40.23
CA TYR P 101 -21.06 -2.16 41.05
C TYR P 101 -22.23 -3.13 40.87
N ASN P 102 -23.26 -2.71 40.14
CA ASN P 102 -24.51 -3.47 40.04
C ASN P 102 -25.20 -3.78 41.37
N GLU P 103 -24.94 -2.94 42.37
CA GLU P 103 -25.58 -3.05 43.67
C GLU P 103 -26.00 -1.65 44.09
N ASP P 104 -27.15 -1.55 44.74
CA ASP P 104 -27.62 -0.28 45.31
C ASP P 104 -26.62 0.23 46.33
N ILE P 105 -26.47 1.55 46.41
CA ILE P 105 -25.46 2.18 47.27
C ILE P 105 -25.77 1.97 48.75
N PRO P 106 -24.79 1.50 49.54
CA PRO P 106 -25.02 1.47 50.98
C PRO P 106 -25.32 2.89 51.47
N VAL P 107 -26.26 2.98 52.42
CA VAL P 107 -26.73 4.25 52.96
C VAL P 107 -25.58 5.17 53.43
N GLU P 108 -24.65 4.66 54.24
CA GLU P 108 -23.59 5.50 54.77
C GLU P 108 -22.72 6.13 53.68
N ILE P 109 -22.42 5.34 52.64
CA ILE P 109 -21.57 5.80 51.55
C ILE P 109 -22.15 7.06 50.90
N LEU P 110 -23.45 7.03 50.61
CA LEU P 110 -24.15 8.20 50.06
C LEU P 110 -24.17 9.38 51.04
N VAL P 111 -24.40 9.10 52.32
CA VAL P 111 -24.41 10.13 53.36
C VAL P 111 -23.02 10.78 53.49
N ARG P 112 -21.98 9.95 53.54
CA ARG P 112 -20.60 10.43 53.65
C ARG P 112 -20.23 11.37 52.50
N ARG P 113 -20.67 11.02 51.29
CA ARG P 113 -20.34 11.77 50.10
C ARG P 113 -21.00 13.15 50.09
N LEU P 114 -22.30 13.20 50.42
CA LEU P 114 -22.99 14.48 50.58
C LEU P 114 -22.38 15.33 51.68
N SER P 115 -21.99 14.69 52.77
CA SER P 115 -21.34 15.40 53.86
C SER P 115 -20.00 15.98 53.41
N ASP P 116 -19.32 15.27 52.51
CA ASP P 116 -18.04 15.72 51.95
C ASP P 116 -18.22 16.94 51.04
N ILE P 117 -19.27 16.94 50.22
CA ILE P 117 -19.59 18.10 49.38
C ILE P 117 -19.76 19.31 50.31
N LYS P 118 -20.64 19.16 51.30
CA LYS P 118 -20.89 20.18 52.32
C LYS P 118 -19.60 20.66 52.96
N GLN P 119 -18.72 19.72 53.31
CA GLN P 119 -17.47 20.05 53.99
C GLN P 119 -16.60 20.95 53.13
N GLY P 120 -16.60 20.72 51.81
CA GLY P 120 -15.73 21.48 50.92
C GLY P 120 -16.03 22.96 50.95
N TYR P 121 -17.32 23.30 50.94
CA TYR P 121 -17.79 24.67 50.97
C TYR P 121 -17.37 25.39 52.25
N THR P 122 -16.78 24.61 53.14
CA THR P 122 -16.36 25.04 54.45
C THR P 122 -14.87 25.38 54.48
N GLN P 123 -14.11 24.86 53.52
CA GLN P 123 -12.65 24.94 53.60
C GLN P 123 -11.96 25.62 52.41
N HIS P 124 -12.63 25.65 51.26
CA HIS P 124 -12.04 26.26 50.08
C HIS P 124 -13.12 26.79 49.17
N GLY P 125 -12.72 27.64 48.23
CA GLY P 125 -13.63 28.11 47.19
C GLY P 125 -14.28 29.47 47.42
N GLY P 126 -14.27 29.94 48.67
CA GLY P 126 -14.80 31.27 49.01
C GLY P 126 -16.30 31.50 48.83
N LEU P 127 -17.06 30.42 48.83
CA LEU P 127 -18.50 30.47 48.63
C LEU P 127 -19.25 30.23 49.93
N ARG P 128 -20.50 30.69 49.99
CA ARG P 128 -21.33 30.45 51.17
C ARG P 128 -21.70 28.97 51.22
N PRO P 129 -21.86 28.41 52.44
CA PRO P 129 -22.28 27.01 52.57
C PRO P 129 -23.76 26.86 52.23
N PHE P 130 -24.20 25.63 52.02
CA PHE P 130 -25.62 25.38 51.81
C PHE P 130 -26.33 25.49 53.16
N GLY P 131 -27.48 26.15 53.16
CA GLY P 131 -28.25 26.34 54.39
C GLY P 131 -29.22 25.20 54.56
N VAL P 132 -28.69 24.01 54.74
CA VAL P 132 -29.50 22.79 54.73
C VAL P 132 -29.02 21.79 55.77
N SER P 133 -29.99 21.16 56.44
CA SER P 133 -29.73 19.99 57.25
C SER P 133 -30.62 18.83 56.78
N PHE P 134 -30.03 17.65 56.67
CA PHE P 134 -30.76 16.48 56.19
C PHE P 134 -30.97 15.44 57.28
N ILE P 135 -32.15 14.85 57.31
CA ILE P 135 -32.35 13.55 57.94
C ILE P 135 -32.42 12.51 56.82
N TYR P 136 -31.51 11.54 56.83
CA TYR P 136 -31.54 10.44 55.87
C TYR P 136 -32.21 9.21 56.49
N ALA P 137 -33.17 8.63 55.79
CA ALA P 137 -33.79 7.37 56.18
C ALA P 137 -33.55 6.35 55.08
N GLY P 138 -32.83 5.29 55.41
CA GLY P 138 -32.55 4.27 54.39
C GLY P 138 -32.41 2.85 54.88
N TYR P 139 -32.30 1.95 53.91
CA TYR P 139 -32.07 0.53 54.16
C TYR P 139 -30.97 0.00 53.24
N ASP P 140 -30.04 -0.75 53.82
CA ASP P 140 -29.16 -1.59 53.01
C ASP P 140 -29.01 -2.97 53.64
N ASP P 141 -28.36 -3.89 52.93
CA ASP P 141 -28.24 -5.25 53.43
C ASP P 141 -27.06 -5.46 54.39
N ARG P 142 -26.37 -4.38 54.76
CA ARG P 142 -25.26 -4.47 55.70
C ARG P 142 -25.65 -4.10 57.11
N TYR P 143 -26.40 -3.01 57.25
CA TYR P 143 -26.70 -2.45 58.56
C TYR P 143 -28.19 -2.43 58.79
N GLY P 144 -29.46 -3.09 57.18
CA GLY P 144 -30.78 -2.78 57.71
C GLY P 144 -31.08 -1.30 57.75
N TYR P 145 -32.08 -0.95 58.56
CA TYR P 145 -32.58 0.41 58.65
C TYR P 145 -31.58 1.30 59.34
N GLN P 146 -31.41 2.49 58.77
CA GLN P 146 -30.44 3.46 59.27
C GLN P 146 -31.00 4.86 59.25
N LEU P 147 -30.58 5.66 60.22
CA LEU P 147 -30.99 7.04 60.29
C LEU P 147 -29.76 7.89 60.48
N TYR P 148 -29.56 8.85 59.59
CA TYR P 148 -28.42 9.75 59.67
C TYR P 148 -28.87 11.19 59.62
N THR P 149 -27.96 12.07 60.04
CA THR P 149 -28.17 13.49 59.98
C THR P 149 -26.89 14.16 59.46
N SER P 150 -27.05 15.18 58.61
CA SER P 150 -25.92 16.02 58.21
C SER P 150 -26.32 17.48 58.21
N ASN P 151 -25.36 18.34 58.55
CA ASN P 151 -25.58 19.78 58.61
C ASN P 151 -24.48 20.52 57.83
N PRO P 152 -24.60 21.86 57.69
CA PRO P 152 -23.67 22.69 56.91
C PRO P 152 -22.18 22.50 57.21
N SER P 153 -21.84 22.06 58.42
CA SER P 153 -20.44 21.74 58.76
C SER P 153 -19.89 20.55 57.97
N GLY P 154 -20.79 19.70 57.47
CA GLY P 154 -20.38 18.50 56.75
C GLY P 154 -20.06 17.35 57.69
N ASN P 155 -20.49 17.49 58.94
CA ASN P 155 -20.41 16.40 59.90
C ASN P 155 -21.71 15.61 59.88
N TYR P 156 -21.61 14.28 60.04
CA TYR P 156 -22.78 13.42 60.03
C TYR P 156 -22.73 12.39 61.18
N THR P 157 -23.89 12.03 61.71
CA THR P 157 -23.99 11.05 62.80
C THR P 157 -25.25 10.20 62.64
N GLY P 158 -25.22 9.00 63.22
CA GLY P 158 -26.35 8.06 63.17
C GLY P 158 -27.24 8.12 64.40
N TRP P 159 -28.52 7.85 64.22
CA TRP P 159 -29.51 8.08 65.28
C TRP P 159 -30.58 6.98 65.37
N LYS P 160 -31.11 6.79 66.57
CA LYS P 160 -32.30 5.96 66.78
C LYS P 160 -33.53 6.83 66.53
N ALA P 161 -33.47 8.05 67.03
CA ALA P 161 -34.49 9.06 66.81
C ALA P 161 -33.82 10.41 66.80
N ILE P 162 -34.34 11.33 65.98
CA ILE P 162 -33.77 12.68 65.88
C ILE P 162 -34.67 13.69 65.18
N SER P 163 -34.44 14.96 65.49
CA SER P 163 -35.14 16.09 64.91
C SER P 163 -34.16 17.16 64.42
N VAL P 164 -34.52 17.82 63.32
CA VAL P 164 -33.79 18.97 62.82
C VAL P 164 -34.76 20.12 62.57
N GLY P 165 -34.23 21.33 62.42
CA GLY P 165 -35.03 22.51 62.16
C GLY P 165 -35.33 23.30 63.42
N ALA P 166 -36.57 23.74 63.54
CA ALA P 166 -37.02 24.50 64.72
C ALA P 166 -37.31 23.57 65.90
N ASN P 167 -37.14 24.11 67.11
CA ASN P 167 -37.51 23.46 68.37
C ASN P 167 -36.91 22.08 68.56
N THR P 168 -35.63 21.91 68.24
CA THR P 168 -35.01 20.58 68.35
C THR P 168 -34.72 20.19 69.79
N SER P 169 -34.41 21.20 70.61
CA SER P 169 -34.16 21.00 72.04
C SER P 169 -35.40 20.44 72.73
N ALA P 170 -36.54 21.08 72.47
CA ALA P 170 -37.82 20.61 72.96
C ALA P 170 -38.18 19.22 72.41
N ALA P 171 -37.98 19.02 71.12
CA ALA P 171 -38.32 17.76 70.45
C ALA P 171 -37.44 16.60 70.89
N GLN P 172 -36.15 16.87 71.10
CA GLN P 172 -35.22 15.83 71.51
C GLN P 172 -35.55 15.29 72.90
N THR P 173 -35.93 16.20 73.80
CA THR P 173 -36.38 15.85 75.14
C THR P 173 -37.53 14.86 75.10
N LEU P 174 -38.52 15.14 74.26
CA LEU P 174 -39.73 14.32 74.15
C LEU P 174 -39.46 12.96 73.51
N LEU P 175 -38.58 12.92 72.51
CA LEU P 175 -38.24 11.66 71.85
C LEU P 175 -37.47 10.74 72.79
N GLN P 176 -36.45 11.31 73.44
CA GLN P 176 -35.66 10.60 74.44
C GLN P 176 -36.54 10.05 75.56
N MET P 177 -37.66 10.71 75.78
CA MET P 177 -38.57 10.35 76.86
C MET P 177 -39.43 9.12 76.52
N ASP P 178 -39.90 9.03 75.27
CA ASP P 178 -40.84 7.97 74.87
C ASP P 178 -40.25 6.90 73.96
N TYR P 179 -39.00 7.06 73.54
CA TYR P 179 -38.39 6.08 72.64
C TYR P 179 -37.96 4.85 73.40
N LYS P 180 -38.19 3.68 72.79
CA LYS P 180 -37.65 2.42 73.29
C LYS P 180 -37.12 1.57 72.12
N ASP P 181 -36.03 0.84 72.36
CA ASP P 181 -35.36 0.05 71.31
C ASP P 181 -36.23 -1.00 70.59
N ASP P 182 -37.21 -1.55 71.30
CA ASP P 182 -38.10 -2.58 70.75
C ASP P 182 -39.34 -2.00 70.05
N MET P 183 -39.27 -0.74 69.65
CA MET P 183 -40.40 -0.08 68.98
C MET P 183 -40.74 -0.69 67.64
N LYS P 184 -42.03 -0.64 67.31
CA LYS P 184 -42.55 -1.08 66.03
C LYS P 184 -42.91 0.21 65.26
N VAL P 185 -42.84 0.13 63.92
CA VAL P 185 -43.14 1.25 63.03
C VAL P 185 -44.39 2.03 63.42
N ASP P 186 -45.48 1.31 63.66
CA ASP P 186 -46.77 1.92 63.98
C ASP P 186 -46.69 2.80 65.23
N ASP P 187 -45.94 2.35 66.23
CA ASP P 187 -45.72 3.13 67.45
C ASP P 187 -44.88 4.36 67.14
N ALA P 188 -43.86 4.17 66.30
CA ALA P 188 -42.95 5.23 65.89
C ALA P 188 -43.67 6.33 65.12
N ILE P 189 -44.64 5.94 64.31
CA ILE P 189 -45.48 6.88 63.57
C ILE P 189 -46.22 7.79 64.55
N GLU P 190 -46.78 7.17 65.58
CA GLU P 190 -47.48 7.87 66.64
C GLU P 190 -46.55 8.83 67.38
N LEU P 191 -45.37 8.36 67.78
CA LEU P 191 -44.41 9.19 68.50
C LEU P 191 -44.03 10.43 67.67
N ALA P 192 -43.74 10.21 66.39
CA ALA P 192 -43.36 11.28 65.47
C ALA P 192 -44.42 12.37 65.45
N LEU P 193 -45.69 11.98 65.33
CA LEU P 193 -46.79 12.94 65.31
C LEU P 193 -47.02 13.63 66.65
N LYS P 194 -47.03 12.86 67.74
CA LYS P 194 -47.20 13.43 69.09
C LYS P 194 -46.16 14.52 69.35
N THR P 195 -44.90 14.22 69.04
CA THR P 195 -43.81 15.17 69.30
C THR P 195 -44.02 16.47 68.53
N LEU P 196 -44.34 16.36 67.23
CA LEU P 196 -44.57 17.55 66.42
C LEU P 196 -45.72 18.35 66.99
N SER P 197 -46.77 17.63 67.41
CA SER P 197 -47.99 18.22 67.98
C SER P 197 -47.77 19.07 69.24
N LYS P 198 -46.70 18.78 69.98
CA LYS P 198 -46.38 19.47 71.23
C LYS P 198 -45.31 20.54 71.06
N THR P 199 -44.44 20.35 70.08
CA THR P 199 -43.35 21.29 69.80
C THR P 199 -43.85 22.37 68.83
N THR P 200 -45.09 22.27 67.19
CA THR P 200 -45.72 23.28 66.35
C THR P 200 -45.60 24.64 67.01
N ASP P 201 -45.22 25.64 66.22
CA ASP P 201 -45.36 27.03 66.61
C ASP P 201 -46.77 27.51 66.25
N SER P 202 -47.54 26.64 65.57
CA SER P 202 -48.91 26.95 65.15
C SER P 202 -49.96 26.42 66.12
N SER P 203 -51.22 26.80 65.90
CA SER P 203 -52.32 26.52 66.84
C SER P 203 -52.51 25.01 67.04
N ALA P 204 -53.36 24.44 66.20
CA ALA P 204 -53.42 23.00 66.03
C ALA P 204 -52.86 22.72 64.63
N LEU P 205 -52.26 20.46 65.02
CA LEU P 205 -51.50 19.94 63.90
C LEU P 205 -52.50 19.38 62.88
N THR P 206 -52.71 20.12 61.79
CA THR P 206 -53.60 19.67 60.69
C THR P 206 -52.81 18.95 59.59
N TYR P 207 -53.54 18.27 58.70
CA TYR P 207 -52.92 17.40 57.68
C TYR P 207 -52.18 18.19 56.60
N ASP P 208 -52.68 19.38 56.28
CA ASP P 208 -52.15 20.19 55.19
C ASP P 208 -50.87 20.93 55.55
N ARG P 209 -50.33 20.61 56.72
CA ARG P 209 -49.13 21.24 57.24
C ARG P 209 -48.08 20.19 57.57
N LEU P 210 -48.27 18.99 57.03
CA LEU P 210 -47.36 17.88 57.27
C LEU P 210 -46.92 17.16 55.98
N GLU P 211 -45.77 16.51 56.08
CA GLU P 211 -45.34 15.54 55.09
C GLU P 211 -44.93 14.31 55.86
N PHE P 212 -45.24 13.13 55.32
CA PHE P 212 -44.98 11.89 56.03
C PHE P 212 -44.46 10.79 55.12
N ALA P 213 -43.44 10.09 55.58
CA ALA P 213 -42.87 8.97 54.82
C ALA P 213 -42.51 7.78 55.71
N THR P 214 -42.81 6.58 55.24
CA THR P 214 -42.33 5.37 55.89
C THR P 214 -41.49 4.52 54.96
N ILE P 215 -40.51 3.84 55.53
CA ILE P 215 -39.73 2.85 54.83
C ILE P 215 -39.88 1.55 55.58
N ARG P 216 -40.62 0.62 54.97
CA ARG P 216 -40.97 -0.65 55.60
C ARG P 216 -40.59 -1.85 54.75
N LYS P 217 -40.30 -2.96 55.42
CA LYS P 217 -40.07 -4.23 54.74
C LYS P 217 -41.41 -4.96 54.59
N GLY P 218 -42.29 -4.36 53.80
CA GLY P 218 -43.67 -4.83 53.62
C GLY P 218 -43.86 -6.24 53.06
N ALA P 219 -44.70 -7.74 55.93
CA ALA P 219 -44.12 -9.08 55.82
C ALA P 219 -44.51 -9.80 54.51
N ASN P 220 -45.21 -9.06 53.64
CA ASN P 220 -45.71 -9.61 52.37
C ASN P 220 -44.83 -9.28 51.15
N ASP P 221 -43.64 -9.90 51.10
CA ASP P 221 -42.74 -9.82 49.95
C ASP P 221 -41.46 -10.64 50.18
N GLY P 222 -40.76 -10.38 51.29
CA GLY P 222 -39.55 -11.11 51.64
C GLY P 222 -38.32 -10.70 50.83
N GLU P 223 -39.02 -7.66 50.19
CA GLU P 223 -38.26 -6.54 49.64
C GLU P 223 -38.66 -5.22 50.33
N VAL P 224 -37.72 -4.28 50.39
CA VAL P 224 -37.95 -2.99 51.02
C VAL P 224 -38.70 -2.03 50.11
N TYR P 225 -40.27 -1.06 50.91
CA TYR P 225 -41.16 -0.16 50.20
C TYR P 225 -41.02 1.25 50.78
N GLN P 226 -40.85 2.23 49.90
CA GLN P 226 -40.93 3.63 50.28
C GLN P 226 -42.32 4.14 50.06
N LYS P 227 -42.92 4.67 51.12
CA LYS P 227 -44.25 5.23 51.04
C LYS P 227 -44.14 6.70 51.38
N ILE P 228 -44.45 7.56 50.40
CA ILE P 228 -44.62 8.98 50.66
C ILE P 228 -46.12 9.25 50.73
N PHE P 229 -46.59 9.56 51.93
CA PHE P 229 -48.02 9.66 52.23
C PHE P 229 -48.71 10.77 51.47
N LYS P 230 -49.91 10.47 50.98
CA LYS P 230 -50.76 11.45 50.32
C LYS P 230 -51.48 12.31 51.39
N PRO P 231 -52.03 13.49 50.98
CA PRO P 231 -52.76 14.34 51.94
C PRO P 231 -53.86 13.59 52.69
N GLN P 232 -54.67 12.81 51.97
CA GLN P 232 -55.72 12.01 52.57
C GLN P 232 -55.15 10.97 53.54
N GLU P 233 -53.97 10.44 53.22
CA GLU P 233 -53.32 9.44 54.05
C GLU P 233 -52.77 10.00 55.36
N ILE P 234 -52.26 11.23 55.30
CA ILE P 234 -51.84 11.96 56.51
C ILE P 234 -53.07 12.29 57.35
N LYS P 235 -54.14 12.73 56.68
CA LYS P 235 -55.42 13.04 57.32
C LYS P 235 -55.94 11.85 58.13
N ASP P 236 -55.87 10.65 57.53
CA ASP P 236 -56.33 9.43 58.19
C ASP P 236 -55.48 9.06 59.41
N ILE P 237 -54.17 8.93 59.22
CA ILE P 237 -53.25 8.55 60.30
C ILE P 237 -53.33 9.54 61.48
N LEU P 238 -53.71 10.77 61.17
CA LEU P 238 -53.87 11.81 62.19
C LEU P 238 -55.08 11.52 63.07
N VAL P 239 -56.14 10.97 62.48
CA VAL P 239 -57.37 10.60 63.19
C VAL P 239 -57.16 9.42 64.15
N LYS P 240 -56.45 8.40 63.67
CA LYS P 240 -56.25 7.15 64.41
C LYS P 240 -55.48 7.36 65.71
N THR P 241 -54.42 8.16 65.64
CA THR P 241 -53.57 8.45 66.79
C THR P 241 -54.23 9.44 67.78
N GLY P 242 -55.44 9.90 67.43
CA GLY P 242 -56.24 10.73 68.34
C GLY P 242 -55.89 12.21 68.37
N ILE P 243 -55.59 12.77 67.20
CA ILE P 243 -55.36 14.21 67.05
C ILE P 243 -56.44 14.82 66.14
N THR P 244 -57.21 13.95 65.47
CA THR P 244 -58.27 14.33 64.52
C THR P 244 -57.85 15.48 63.58
N GLY Q 1 -9.98 29.78 40.70
CA GLY Q 1 -10.59 31.13 40.76
C GLY Q 1 -10.28 31.81 42.09
N TYR Q 2 -10.70 31.18 43.19
CA TYR Q 2 -10.53 31.78 44.51
C TYR Q 2 -9.15 31.44 45.07
N ASP Q 3 -8.33 32.47 45.27
CA ASP Q 3 -6.97 32.28 45.75
C ASP Q 3 -6.54 33.27 46.84
N ARG Q 4 -7.50 33.76 47.62
CA ARG Q 4 -7.21 34.72 48.68
C ARG Q 4 -6.30 34.09 49.72
N ALA Q 5 -5.23 34.82 50.07
CA ALA Q 5 -4.33 34.38 51.11
C ALA Q 5 -5.00 34.51 52.48
N LEU Q 6 -5.42 33.38 53.04
CA LEU Q 6 -6.12 33.35 54.32
C LEU Q 6 -5.19 33.13 55.52
N SER Q 7 -4.15 32.32 55.31
CA SER Q 7 -3.10 32.15 56.29
C SER Q 7 -1.97 33.11 55.97
N ILE Q 8 -1.88 34.19 56.75
CA ILE Q 8 -0.87 35.23 56.55
C ILE Q 8 -0.22 35.58 57.88
N PHE Q 9 0.91 36.26 57.82
CA PHE Q 9 1.60 36.71 59.03
C PHE Q 9 0.97 37.97 59.60
N SER Q 10 0.91 38.04 60.91
CA SER Q 10 0.57 39.26 61.61
C SER Q 10 1.88 39.86 62.12
N PRO Q 11 1.87 41.15 62.55
CA PRO Q 11 3.11 41.83 62.97
C PRO Q 11 3.93 41.16 64.08
N ASP Q 12 3.30 40.40 64.98
CA ASP Q 12 4.05 39.69 66.01
C ASP Q 12 4.59 38.33 65.53
N GLY Q 13 4.47 38.08 64.23
CA GLY Q 13 4.98 36.84 63.62
C GLY Q 13 4.09 35.61 63.75
N HIS Q 14 2.79 35.81 63.94
CA HIS Q 14 1.86 34.69 64.08
C HIS Q 14 0.99 34.50 62.85
N ILE Q 15 0.60 33.25 62.59
CA ILE Q 15 -0.39 32.95 61.58
C ILE Q 15 -1.69 32.65 62.30
N PHE Q 16 -2.57 33.64 62.34
CA PHE Q 16 -3.79 33.56 63.15
C PHE Q 16 -4.73 32.44 62.74
N GLN Q 17 -4.86 32.18 61.45
CA GLN Q 17 -5.71 31.10 60.98
C GLN Q 17 -5.24 29.70 61.42
N VAL Q 18 -3.93 29.52 61.53
CA VAL Q 18 -3.35 28.29 62.04
C VAL Q 18 -3.57 28.25 63.55
N GLU Q 19 -3.40 29.41 64.18
CA GLU Q 19 -3.55 29.55 65.61
C GLU Q 19 -4.98 29.24 66.05
N TYR Q 20 -5.95 29.71 65.27
CA TYR Q 20 -7.36 29.47 65.55
C TYR Q 20 -7.76 28.04 65.22
N ALA Q 21 -7.05 27.43 64.27
CA ALA Q 21 -7.23 26.02 63.96
C ALA Q 21 -6.93 25.14 65.18
N LEU Q 22 -5.95 25.56 65.98
CA LEU Q 22 -5.65 24.91 67.27
C LEU Q 22 -6.78 25.05 68.28
N GLU Q 23 -7.47 26.19 68.26
CA GLU Q 23 -8.59 26.43 69.16
C GLU Q 23 -9.73 25.47 68.89
N ALA Q 24 -9.89 25.08 67.63
CA ALA Q 24 -10.88 24.10 67.22
C ALA Q 24 -10.53 22.70 67.71
N VAL Q 25 -9.23 22.44 67.88
CA VAL Q 25 -8.74 21.17 68.44
C VAL Q 25 -9.04 21.12 69.94
N LYS Q 26 -8.68 22.20 70.65
CA LYS Q 26 -9.00 22.35 72.07
C LYS Q 26 -10.48 22.10 72.33
N ARG Q 27 -11.31 22.37 71.33
CA ARG Q 27 -12.75 22.18 71.44
C ARG Q 27 -13.20 20.76 71.15
N GLY Q 28 -12.38 19.99 70.44
CA GLY Q 28 -12.70 18.60 70.13
C GLY Q 28 -12.59 17.71 71.35
N THR Q 29 -13.34 16.60 71.33
CA THR Q 29 -13.26 15.58 72.39
C THR Q 29 -11.83 15.06 72.55
N CYS Q 30 -11.46 14.73 73.79
CA CYS Q 30 -10.11 14.31 74.13
C CYS Q 30 -9.72 13.00 73.46
N ALA Q 31 -8.46 12.91 73.06
CA ALA Q 31 -7.90 11.67 72.55
C ALA Q 31 -6.51 11.49 73.10
N VAL Q 32 -6.17 10.24 73.41
CA VAL Q 32 -4.91 9.90 74.05
C VAL Q 32 -4.32 8.64 73.41
N GLY Q 33 -2.99 8.57 73.41
CA GLY Q 33 -2.28 7.40 72.96
C GLY Q 33 -1.12 7.09 73.88
N VAL Q 34 -0.96 5.83 74.22
CA VAL Q 34 0.17 5.38 75.04
C VAL Q 34 0.80 4.16 74.39
N LYS Q 35 2.13 4.09 74.38
CA LYS Q 35 2.79 2.91 73.86
C LYS Q 35 3.33 1.99 74.95
N GLY Q 36 3.06 0.69 74.79
CA GLY Q 36 3.56 -0.35 75.68
C GLY Q 36 4.89 -0.87 75.20
N LYS Q 37 5.28 -2.04 75.69
CA LYS Q 37 6.53 -2.66 75.27
C LYS Q 37 6.31 -3.36 73.93
N ASN Q 38 5.10 -3.87 73.75
CA ASN Q 38 4.74 -4.64 72.57
C ASN Q 38 3.35 -4.28 72.03
N CYS Q 39 2.89 -3.07 72.35
CA CYS Q 39 1.62 -2.56 71.83
C CYS Q 39 1.54 -1.03 71.85
N VAL Q 40 0.47 -0.50 71.26
CA VAL Q 40 0.11 0.92 71.37
C VAL Q 40 -1.40 0.95 71.59
N VAL Q 41 -1.85 1.81 72.50
CA VAL Q 41 -3.27 1.89 72.81
C VAL Q 41 -3.81 3.28 72.51
N LEU Q 42 -4.97 3.34 71.88
CA LEU Q 42 -5.61 4.61 71.55
C LEU Q 42 -6.95 4.75 72.24
N GLY Q 43 -7.11 5.84 72.98
CA GLY Q 43 -8.34 6.12 73.71
C GLY Q 43 -8.96 7.45 73.34
N CYS Q 44 -10.29 7.46 73.22
CA CYS Q 44 -11.04 8.65 72.83
C CYS Q 44 -12.29 8.81 73.69
N GLU Q 45 -12.65 10.05 74.01
CA GLU Q 45 -13.89 10.31 74.74
C GLU Q 45 -15.05 10.60 73.81
N ARG Q 46 -16.27 10.30 74.28
CA ARG Q 46 -17.50 10.66 73.57
C ARG Q 46 -18.24 11.76 74.32
N ARG Q 47 -18.77 12.71 73.56
CA ARG Q 47 -19.50 13.84 74.12
C ARG Q 47 -20.90 13.38 74.57
N SER Q 48 -21.52 14.13 75.48
CA SER Q 48 -22.89 13.81 75.94
C SER Q 48 -23.85 15.01 75.91
N THR Q 49 -23.64 15.92 74.96
CA THR Q 49 -24.60 16.99 74.70
C THR Q 49 -25.92 16.36 74.23
N LEU Q 50 -25.83 15.44 73.27
CA LEU Q 50 -26.97 14.67 72.77
C LEU Q 50 -26.73 13.16 72.89
N LYS Q 51 -27.65 12.47 73.56
CA LYS Q 51 -27.57 11.01 73.69
C LYS Q 51 -28.90 10.34 73.35
N LEU Q 52 -28.89 9.65 72.22
CA LEU Q 52 -29.99 8.86 71.67
C LEU Q 52 -29.47 8.30 70.36
N GLN Q 53 -28.14 8.35 70.24
CA GLN Q 53 -27.40 7.93 69.06
C GLN Q 53 -27.50 6.44 68.77
N ASP Q 54 -27.26 6.07 67.52
CA ASP Q 54 -27.08 4.68 67.12
C ASP Q 54 -25.58 4.44 67.02
N THR Q 55 -25.04 3.66 67.96
CA THR Q 55 -23.59 3.41 68.00
C THR Q 55 -23.06 2.49 66.90
N ARG Q 56 -23.93 1.62 66.38
CA ARG Q 56 -23.55 0.68 65.31
C ARG Q 56 -22.99 1.40 64.09
N ILE Q 57 -23.68 2.45 63.67
CA ILE Q 57 -23.44 3.09 62.38
C ILE Q 57 -22.84 4.50 62.46
N THR Q 58 -22.74 5.04 63.67
CA THR Q 58 -22.07 6.33 63.87
C THR Q 58 -20.58 6.12 63.68
N PRO Q 59 -19.96 6.87 62.74
CA PRO Q 59 -18.51 6.76 62.52
C PRO Q 59 -17.77 6.88 63.85
N SER Q 60 -16.97 5.86 64.19
CA SER Q 60 -16.22 5.88 65.44
C SER Q 60 -14.94 6.74 65.29
N LYS Q 61 -14.24 6.93 66.40
CA LYS Q 61 -13.21 7.96 66.44
C LYS Q 61 -11.82 7.50 66.00
N VAL Q 62 -11.59 6.18 65.97
CA VAL Q 62 -10.32 5.62 65.52
C VAL Q 62 -10.48 5.02 64.13
N SER Q 63 -9.61 5.45 63.21
CA SER Q 63 -9.66 4.98 61.81
C SER Q 63 -8.44 4.17 61.43
N LYS Q 64 -8.68 3.04 60.76
CA LYS Q 64 -7.61 2.29 60.11
C LYS Q 64 -7.26 2.97 58.78
N ILE Q 65 -5.97 3.21 58.57
CA ILE Q 65 -5.48 3.79 57.33
C ILE Q 65 -5.00 2.66 56.42
N ASP Q 66 -4.23 1.76 57.00
CA ASP Q 66 -3.98 0.45 56.42
C ASP Q 66 -4.30 -0.55 57.52
N SER Q 67 -4.07 -1.84 57.28
CA SER Q 67 -4.41 -2.86 58.26
C SER Q 67 -3.44 -2.84 59.47
N HIS Q 68 -2.32 -2.13 59.34
CA HIS Q 68 -1.31 -2.06 60.40
C HIS Q 68 -1.21 -0.67 61.04
N VAL Q 69 -1.91 0.32 60.48
CA VAL Q 69 -1.83 1.69 61.00
C VAL Q 69 -3.22 2.26 61.26
N VAL Q 70 -3.33 3.00 62.35
CA VAL Q 70 -4.58 3.63 62.75
C VAL Q 70 -4.37 5.11 63.04
N LEU Q 71 -5.44 5.88 62.85
CA LEU Q 71 -5.42 7.32 63.10
C LEU Q 71 -6.61 7.73 63.94
N SER Q 72 -6.35 8.62 64.90
CA SER Q 72 -7.41 9.27 65.66
C SER Q 72 -7.10 10.75 65.73
N PHE Q 73 -8.08 11.54 66.14
CA PHE Q 73 -7.99 12.98 65.97
C PHE Q 73 -8.82 13.74 66.99
N SER Q 74 -8.44 14.99 67.21
CA SER Q 74 -9.30 15.94 67.90
C SER Q 74 -9.52 17.16 67.01
N GLY Q 75 -10.77 17.63 67.00
CA GLY Q 75 -11.10 18.84 66.28
C GLY Q 75 -12.35 18.68 65.43
N LEU Q 76 -12.35 19.37 64.29
CA LEU Q 76 -13.47 19.30 63.36
C LEU Q 76 -13.55 17.91 62.75
N ASN Q 77 -14.71 17.27 62.92
CA ASN Q 77 -14.88 15.92 62.41
C ASN Q 77 -14.80 15.87 60.90
N ALA Q 78 -15.47 16.81 60.25
CA ALA Q 78 -15.52 16.88 58.79
C ALA Q 78 -14.13 17.04 58.17
N ASP Q 79 -13.33 17.93 58.74
CA ASP Q 79 -11.95 18.13 58.28
C ASP Q 79 -11.15 16.82 58.34
N SER Q 80 -11.41 16.01 59.35
CA SER Q 80 -10.64 14.80 59.56
C SER Q 80 -10.91 13.72 58.50
N ARG Q 81 -12.13 13.68 57.96
CA ARG Q 81 -12.45 12.71 56.91
C ARG Q 81 -11.57 12.88 55.68
N ILE Q 82 -11.30 14.14 55.32
CA ILE Q 82 -10.45 14.47 54.17
C ILE Q 82 -9.03 13.99 54.39
N LEU Q 83 -8.49 14.21 55.59
CA LEU Q 83 -7.16 13.71 55.92
C LEU Q 83 -7.14 12.19 55.93
N ILE Q 84 -8.19 11.56 56.48
CA ILE Q 84 -8.30 10.10 56.53
C ILE Q 84 -8.27 9.52 55.10
N GLU Q 85 -9.08 10.09 54.21
CA GLU Q 85 -9.16 9.64 52.82
C GLU Q 85 -7.80 9.73 52.11
N LYS Q 86 -7.18 10.91 52.15
CA LYS Q 86 -5.87 11.11 51.52
C LYS Q 86 -4.80 10.18 52.09
N ALA Q 87 -4.88 9.89 53.37
CA ALA Q 87 -3.95 8.95 53.99
C ALA Q 87 -4.19 7.54 53.49
N ARG Q 88 -5.45 7.17 53.33
CA ARG Q 88 -5.81 5.83 52.86
C ARG Q 88 -5.38 5.60 51.42
N VAL Q 89 -5.56 6.64 50.58
CA VAL Q 89 -5.12 6.62 49.19
C VAL Q 89 -3.60 6.50 49.10
N GLU Q 90 -2.88 7.25 49.93
CA GLU Q 90 -1.42 7.22 49.93
C GLU Q 90 -0.87 5.86 50.38
N ALA Q 91 -1.64 5.19 51.24
CA ALA Q 91 -1.23 3.90 51.78
C ALA Q 91 -1.21 2.87 50.67
N GLN Q 92 -2.27 2.90 49.85
CA GLN Q 92 -2.40 1.99 48.72
C GLN Q 92 -1.39 2.28 47.61
N SER Q 93 -1.22 3.57 47.31
CA SER Q 93 -0.24 4.01 46.34
C SER Q 93 1.19 3.61 46.74
N HIS Q 94 1.50 3.68 48.04
CA HIS Q 94 2.82 3.30 48.54
C HIS Q 94 3.08 1.81 48.34
N ARG Q 95 2.07 0.99 48.62
CA ARG Q 95 2.17 -0.45 48.45
C ARG Q 95 2.38 -0.78 46.99
N LEU Q 96 1.63 -0.06 46.14
CA LEU Q 96 1.61 -0.29 44.71
C LEU Q 96 2.97 -0.01 44.05
N THR Q 97 3.67 1.04 44.49
CA THR Q 97 4.93 1.45 43.85
C THR Q 97 6.17 0.90 44.55
N LEU Q 98 6.17 0.91 45.88
CA LEU Q 98 7.31 0.45 46.66
C LEU Q 98 7.24 -1.04 47.01
N GLU Q 99 6.08 -1.66 46.77
CA GLU Q 99 5.84 -3.06 47.13
C GLU Q 99 6.08 -3.33 48.62
N ASP Q 100 5.71 -2.36 49.44
CA ASP Q 100 5.85 -2.43 50.89
C ASP Q 100 4.80 -1.52 51.51
N PRO Q 101 4.17 -1.95 52.63
CA PRO Q 101 3.28 -0.97 53.28
C PRO Q 101 4.06 0.19 53.89
N VAL Q 102 3.35 1.29 54.14
CA VAL Q 102 3.97 2.48 54.73
C VAL Q 102 4.52 2.19 56.12
N THR Q 103 5.66 2.81 56.44
CA THR Q 103 6.07 2.93 57.83
C THR Q 103 5.11 3.93 58.48
N VAL Q 104 5.00 3.87 59.80
CA VAL Q 104 4.14 4.80 60.53
C VAL Q 104 4.66 6.24 60.39
N GLU Q 105 5.98 6.41 60.45
CA GLU Q 105 6.63 7.71 60.26
C GLU Q 105 6.37 8.29 58.86
N TYR Q 106 6.41 7.45 57.83
CA TYR Q 106 6.13 7.91 56.47
C TYR Q 106 4.70 8.43 56.35
N LEU Q 107 3.76 7.66 56.88
CA LEU Q 107 2.35 8.03 56.81
C LEU Q 107 2.11 9.33 57.56
N THR Q 108 2.75 9.47 58.72
CA THR Q 108 2.69 10.68 59.52
C THR Q 108 3.25 11.88 58.76
N ARG Q 109 4.44 11.71 58.20
CA ARG Q 109 5.06 12.74 57.34
C ARG Q 109 4.12 13.15 56.19
N TYR Q 110 3.40 12.18 55.63
CA TYR Q 110 2.45 12.51 54.57
C TYR Q 110 1.30 13.39 55.06
N VAL Q 111 0.61 12.96 56.12
CA VAL Q 111 -0.55 13.68 56.64
C VAL Q 111 -0.15 15.09 57.09
N ALA Q 112 0.98 15.16 57.81
CA ALA Q 112 1.52 16.44 58.25
C ALA Q 112 1.82 17.37 57.08
N GLY Q 113 2.38 16.81 56.01
CA GLY Q 113 2.69 17.59 54.80
C GLY Q 113 1.44 18.21 54.20
N VAL Q 114 0.36 17.42 54.17
CA VAL Q 114 -0.93 17.89 53.67
C VAL Q 114 -1.45 19.06 54.52
N GLN Q 115 -1.34 18.92 55.83
CA GLN Q 115 -1.75 19.98 56.74
C GLN Q 115 -0.94 21.26 56.54
N GLN Q 116 0.37 21.12 56.43
CA GLN Q 116 1.25 22.25 56.19
C GLN Q 116 0.84 22.96 54.91
N ARG Q 117 0.59 22.19 53.86
CA ARG Q 117 0.24 22.76 52.57
C ARG Q 117 -0.99 23.67 52.65
N TYR Q 118 -1.96 23.30 53.48
CA TYR Q 118 -3.17 24.11 53.65
C TYR Q 118 -2.93 25.35 54.53
N THR Q 119 -1.69 25.52 54.99
CA THR Q 119 -1.32 26.74 55.69
C THR Q 119 -0.62 27.76 54.78
N GLN Q 120 -0.24 27.34 53.57
CA GLN Q 120 0.32 28.32 52.62
C GLN Q 120 -0.14 28.23 51.18
N SER Q 121 -1.44 27.96 51.00
CA SER Q 121 -2.05 27.95 49.69
C SER Q 121 -3.24 28.88 49.69
N GLY Q 122 -3.35 29.71 48.65
CA GLY Q 122 -4.48 30.61 48.48
C GLY Q 122 -5.80 29.89 48.43
N GLY Q 123 -6.84 30.52 48.96
CA GLY Q 123 -8.20 29.99 48.87
C GLY Q 123 -8.59 28.89 49.84
N VAL Q 124 -7.65 28.46 50.68
CA VAL Q 124 -7.97 27.40 51.67
C VAL Q 124 -7.66 27.80 53.11
N ARG Q 125 -8.44 27.28 54.04
CA ARG Q 125 -8.11 27.40 55.47
C ARG Q 125 -7.47 26.13 55.98
N PRO Q 126 -6.65 26.25 57.05
CA PRO Q 126 -5.96 25.08 57.61
C PRO Q 126 -6.96 24.09 58.22
N PHE Q 127 -6.52 22.84 58.39
CA PHE Q 127 -7.37 21.82 58.99
C PHE Q 127 -7.54 22.09 60.48
N GLY Q 128 -8.79 22.06 60.94
CA GLY Q 128 -9.10 22.17 62.36
C GLY Q 128 -8.97 20.82 63.02
N VAL Q 129 -7.79 20.21 62.88
CA VAL Q 129 -7.55 18.84 63.27
C VAL Q 129 -6.11 18.63 63.71
N SER Q 130 -5.94 17.94 64.83
CA SER Q 130 -4.65 17.44 65.23
C SER Q 130 -4.82 15.92 65.28
N THR Q 131 -3.78 15.16 64.92
CA THR Q 131 -3.95 13.70 64.84
C THR Q 131 -2.97 12.90 65.70
N LEU Q 132 -3.46 11.75 66.17
CA LEU Q 132 -2.60 10.69 66.71
C LEU Q 132 -2.59 9.52 65.73
N ILE Q 133 -1.39 9.12 65.33
CA ILE Q 133 -1.21 8.03 64.38
C ILE Q 133 -0.33 6.96 65.02
N ALA Q 134 -0.81 5.72 65.04
CA ALA Q 134 -0.12 4.62 65.72
C ALA Q 134 -0.19 3.30 64.98
N GLY Q 135 0.82 2.46 65.21
CA GLY Q 135 0.89 1.12 64.63
C GLY Q 135 2.30 0.58 64.60
N PHE Q 136 2.55 -0.38 63.72
CA PHE Q 136 3.85 -1.03 63.63
C PHE Q 136 4.32 -1.08 62.18
N ASP Q 137 5.58 -0.72 61.95
CA ASP Q 137 6.20 -0.86 60.63
C ASP Q 137 6.15 -2.31 60.17
N PRO Q 138 6.11 -2.55 58.84
CA PRO Q 138 6.06 -3.91 58.30
C PRO Q 138 7.20 -4.81 58.82
N ARG Q 139 6.85 -6.07 59.13
CA ARG Q 139 7.81 -7.12 59.54
C ARG Q 139 8.42 -6.89 60.92
N ASP Q 140 8.58 -4.64 61.80
CA ASP Q 140 9.02 -4.26 63.13
C ASP Q 140 8.00 -4.73 64.16
N ASP Q 141 8.47 -5.01 65.37
CA ASP Q 141 7.58 -5.46 66.46
C ASP Q 141 7.53 -4.41 67.57
N GLU Q 142 9.06 -2.92 67.81
CA GLU Q 142 9.06 -1.55 68.30
C GLU Q 142 7.74 -0.85 67.93
N PRO Q 143 6.92 -0.49 68.95
CA PRO Q 143 5.68 0.25 68.74
C PRO Q 143 5.93 1.70 68.31
N LYS Q 144 4.95 2.29 67.61
CA LYS Q 144 5.09 3.64 67.05
C LYS Q 144 3.89 4.50 67.34
N LEU Q 145 4.15 5.73 67.77
CA LEU Q 145 3.10 6.71 68.05
C LEU Q 145 3.56 8.11 67.68
N TYR Q 146 2.80 8.76 66.81
CA TYR Q 146 3.13 10.09 66.32
C TYR Q 146 1.94 11.03 66.45
N GLN Q 147 2.22 12.33 66.43
CA GLN Q 147 1.21 13.37 66.53
C GLN Q 147 1.44 14.45 65.49
N THR Q 148 0.36 14.88 64.84
CA THR Q 148 0.43 15.99 63.90
C THR Q 148 -0.52 17.10 64.34
N GLU Q 149 -0.22 18.32 63.90
CA GLU Q 149 -1.05 19.49 64.21
C GLU Q 149 -1.32 20.38 62.97
N PRO Q 150 -2.33 21.28 63.06
CA PRO Q 150 -2.70 22.15 61.96
C PRO Q 150 -1.54 22.84 61.23
N SER Q 151 -0.45 23.11 61.92
CA SER Q 151 0.70 23.77 61.29
C SER Q 151 1.49 22.82 60.37
N GLY Q 152 1.32 21.51 60.58
CA GLY Q 152 2.05 20.51 59.83
C GLY Q 152 3.28 19.99 60.54
N ILE Q 153 3.43 20.38 61.81
CA ILE Q 153 4.51 19.87 62.68
C ILE Q 153 4.12 18.48 63.17
N TYR Q 154 5.09 17.57 63.18
CA TYR Q 154 4.87 16.22 63.68
C TYR Q 154 6.04 15.71 64.51
N SER Q 155 5.76 14.78 65.42
CA SER Q 155 6.77 14.18 66.28
C SER Q 155 6.22 12.96 66.99
N SER Q 156 7.13 12.09 67.46
CA SER Q 156 6.72 10.86 68.14
C SER Q 156 6.69 11.03 69.66
N TRP Q 157 5.75 10.32 70.28
CA TRP Q 157 5.50 10.43 71.72
C TRP Q 157 5.48 9.05 72.37
N SER Q 158 6.10 8.95 73.54
CA SER Q 158 5.92 7.79 74.42
C SER Q 158 4.45 7.72 74.77
N ALA Q 159 3.90 8.86 75.17
CA ALA Q 159 2.47 9.00 75.35
C ALA Q 159 2.07 10.45 75.12
N GLN Q 160 0.88 10.65 74.57
CA GLN Q 160 0.42 11.98 74.22
C GLN Q 160 -1.09 12.02 74.15
N THR Q 161 -1.64 13.20 74.43
CA THR Q 161 -3.07 13.44 74.41
C THR Q 161 -3.34 14.76 73.71
N ILE Q 162 -4.51 14.88 73.09
CA ILE Q 162 -4.92 16.10 72.38
C ILE Q 162 -6.40 16.33 72.59
N GLY Q 163 -6.84 17.58 72.39
CA GLY Q 163 -8.25 17.93 72.57
C GLY Q 163 -8.53 18.65 73.87
N ARG Q 164 -9.82 18.74 74.23
CA ARG Q 164 -10.22 19.42 75.46
C ARG Q 164 -9.70 18.70 76.70
N ASN Q 165 -9.08 19.49 77.59
CA ASN Q 165 -8.52 18.99 78.86
C ASN Q 165 -7.31 18.09 78.70
N SER Q 166 -6.64 18.20 77.55
CA SER Q 166 -5.40 17.47 77.32
C SER Q 166 -4.30 17.95 78.26
N LYS Q 167 -4.42 19.19 78.75
CA LYS Q 167 -3.48 19.72 79.73
C LYS Q 167 -3.54 18.87 81.00
N THR Q 168 -4.75 18.63 81.49
CA THR Q 168 -5.01 17.76 82.63
C THR Q 168 -4.40 16.37 82.41
N VAL Q 169 -4.87 15.67 81.37
CA VAL Q 169 -4.44 14.30 81.09
C VAL Q 169 -2.94 14.20 80.73
N ARG Q 170 -2.37 15.26 80.17
CA ARG Q 170 -0.92 15.27 79.93
C ARG Q 170 -0.18 15.25 81.25
N GLU Q 171 -0.65 16.04 82.22
CA GLU Q 171 -0.10 16.04 83.58
C GLU Q 171 -0.10 14.65 84.19
N PHE Q 172 -1.25 13.98 84.15
CA PHE Q 172 -1.36 12.61 84.62
C PHE Q 172 -0.26 11.76 83.99
N LEU Q 173 -0.24 11.72 82.66
CA LEU Q 173 0.70 10.91 81.88
C LEU Q 173 2.17 11.23 82.16
N GLU Q 174 2.47 12.51 82.42
CA GLU Q 174 3.85 12.93 82.69
C GLU Q 174 4.41 12.40 84.00
N LYS Q 175 3.53 12.08 84.95
CA LYS Q 175 3.94 11.53 86.23
C LYS Q 175 3.36 10.12 86.49
N ASN Q 176 3.01 9.43 85.41
CA ASN Q 176 2.53 8.04 85.50
C ASN Q 176 3.17 7.13 84.45
N TYR Q 177 3.86 7.74 83.49
CA TYR Q 177 4.53 6.99 82.45
C TYR Q 177 6.04 7.00 82.69
N ASP Q 178 6.58 5.83 82.98
CA ASP Q 178 8.01 5.69 83.16
C ASP Q 178 8.62 5.12 81.89
N ARG Q 179 9.56 5.86 81.32
CA ARG Q 179 10.27 5.43 80.12
C ARG Q 179 11.17 4.22 80.38
N LYS Q 180 11.61 4.07 81.62
CA LYS Q 180 12.45 2.93 82.03
C LYS Q 180 11.68 1.60 81.99
N GLU Q 181 10.45 1.60 82.49
CA GLU Q 181 9.65 0.37 82.58
C GLU Q 181 8.16 0.62 82.40
N PRO Q 182 7.92 1.44 79.88
CA PRO Q 182 6.61 1.22 79.28
C PRO Q 182 5.84 0.10 79.97
N PRO Q 183 4.50 0.19 79.98
CA PRO Q 183 3.63 -0.89 80.45
C PRO Q 183 3.87 -2.19 79.68
N ALA Q 184 4.67 -3.08 80.25
CA ALA Q 184 5.13 -4.30 79.58
C ALA Q 184 4.02 -5.24 79.10
N THR Q 185 2.78 -4.98 79.52
CA THR Q 185 1.64 -5.81 79.14
C THR Q 185 0.60 -4.98 78.40
N VAL Q 186 -0.12 -5.64 77.49
CA VAL Q 186 -1.29 -5.08 76.84
C VAL Q 186 -2.27 -4.56 77.90
N GLU Q 187 -2.54 -5.39 78.91
CA GLU Q 187 -3.53 -5.10 79.94
C GLU Q 187 -3.23 -3.84 80.77
N GLU Q 188 -2.02 -3.75 81.30
CA GLU Q 188 -1.64 -2.60 82.12
C GLU Q 188 -1.47 -1.31 81.30
N CYS Q 189 -1.34 -1.47 79.98
CA CYS Q 189 -1.29 -0.35 79.06
C CYS Q 189 -2.68 0.19 78.78
N VAL Q 190 -3.65 -0.71 78.64
CA VAL Q 190 -5.06 -0.33 78.50
C VAL Q 190 -5.55 0.32 79.79
N LYS Q 191 -5.04 -0.15 80.93
CA LYS Q 191 -5.38 0.42 82.24
C LYS Q 191 -4.91 1.87 82.37
N LEU Q 192 -3.64 2.11 82.06
CA LEU Q 192 -3.06 3.46 82.13
C LEU Q 192 -3.80 4.44 81.22
N THR Q 193 -4.31 3.94 80.10
CA THR Q 193 -5.07 4.76 79.16
C THR Q 193 -6.42 5.16 79.75
N VAL Q 194 -7.14 4.19 80.31
CA VAL Q 194 -8.44 4.45 80.92
C VAL Q 194 -8.32 5.38 82.13
N ARG Q 195 -7.29 5.17 82.95
CA ARG Q 195 -7.02 6.01 84.10
C ARG Q 195 -6.90 7.48 83.70
N SER Q 196 -5.97 7.75 82.77
CA SER Q 196 -5.71 9.11 82.28
C SER Q 196 -6.95 9.77 81.67
N LEU Q 197 -7.82 8.96 81.07
CA LEU Q 197 -9.06 9.46 80.50
C LEU Q 197 -10.10 9.80 81.56
N LEU Q 198 -10.06 9.06 82.68
CA LEU Q 198 -11.05 9.24 83.74
C LEU Q 198 -10.86 10.53 84.55
N GLU Q 199 -9.66 11.09 84.50
CA GLU Q 199 -9.37 12.39 85.09
C GLU Q 199 -10.19 13.53 84.46
N VAL Q 200 -10.89 13.22 83.37
CA VAL Q 200 -11.52 14.25 82.52
C VAL Q 200 -12.99 13.94 82.18
N VAL Q 201 -13.29 12.67 81.93
CA VAL Q 201 -14.62 12.26 81.44
C VAL Q 201 -15.73 12.28 82.51
N GLN Q 202 -15.35 11.94 83.75
CA GLN Q 202 -16.27 11.91 84.93
C GLN Q 202 -17.47 10.98 84.69
N THR Q 203 -17.29 9.69 85.00
CA THR Q 203 -18.31 8.63 84.85
C THR Q 203 -18.80 8.44 83.40
N GLY Q 204 -16.50 6.59 82.57
CA GLY Q 204 -17.28 6.66 81.32
C GLY Q 204 -17.48 5.31 80.68
N ALA Q 205 -18.63 4.70 80.94
CA ALA Q 205 -18.98 3.40 80.36
C ALA Q 205 -19.22 3.51 78.85
N LYS Q 206 -20.14 4.41 78.46
CA LYS Q 206 -20.47 4.64 77.05
C LYS Q 206 -19.74 5.86 76.49
N ASN Q 207 -18.81 6.41 77.28
CA ASN Q 207 -18.10 7.63 76.93
C ASN Q 207 -16.62 7.40 76.63
N ILE Q 208 -16.20 6.14 76.72
CA ILE Q 208 -14.81 5.76 76.45
C ILE Q 208 -14.79 4.62 75.45
N GLU Q 209 -14.03 4.79 74.37
CA GLU Q 209 -13.72 3.66 73.49
C GLU Q 209 -12.21 3.46 73.42
N ILE Q 210 -11.80 2.21 73.25
CA ILE Q 210 -10.39 1.84 73.23
C ILE Q 210 -10.11 0.95 72.02
N THR Q 211 -9.00 1.23 71.34
CA THR Q 211 -8.49 0.36 70.30
C THR Q 211 -7.08 -0.08 70.65
N VAL Q 212 -6.82 -1.37 70.49
CA VAL Q 212 -5.51 -1.95 70.77
C VAL Q 212 -4.85 -2.37 69.45
N VAL Q 213 -3.63 -1.91 69.25
CA VAL Q 213 -2.84 -2.28 68.08
C VAL Q 213 -1.56 -3.00 68.49
N LYS Q 214 -1.42 -4.24 68.02
CA LYS Q 214 -0.23 -5.06 68.21
C LYS Q 214 0.40 -5.32 66.84
N PRO Q 215 1.66 -5.82 66.80
CA PRO Q 215 2.38 -6.03 65.54
C PRO Q 215 1.69 -6.97 64.56
N ASP Q 216 2.11 -6.90 63.29
CA ASP Q 216 1.55 -7.74 62.22
C ASP Q 216 0.05 -7.58 62.06
N SER Q 217 -0.39 -6.33 61.91
CA SER Q 217 -1.79 -6.00 61.62
C SER Q 217 -2.80 -6.56 62.62
N ASP Q 218 -2.43 -6.57 63.89
CA ASP Q 218 -3.30 -7.07 64.96
C ASP Q 218 -4.02 -5.91 65.66
N ILE Q 219 -5.15 -5.49 65.11
CA ILE Q 219 -5.91 -4.34 65.62
C ILE Q 219 -7.33 -4.72 66.03
N VAL Q 220 -7.67 -4.44 67.30
CA VAL Q 220 -8.97 -4.79 67.85
C VAL Q 220 -9.52 -3.67 68.75
N ALA Q 221 -10.78 -3.31 68.52
CA ALA Q 221 -11.51 -2.35 69.35
C ALA Q 221 -12.33 -3.06 70.42
N LEU Q 222 -12.20 -2.62 71.66
CA LEU Q 222 -12.90 -3.23 72.80
C LEU Q 222 -14.41 -2.93 72.79
N SER Q 223 -15.18 -3.75 73.52
CA SER Q 223 -16.60 -3.50 73.72
C SER Q 223 -16.82 -2.76 75.04
N SER Q 224 -18.07 -2.35 75.30
CA SER Q 224 -18.40 -1.58 76.50
C SER Q 224 -18.03 -2.32 77.78
N GLU Q 225 -18.37 -3.61 77.84
CA GLU Q 225 -18.13 -4.44 79.03
C GLU Q 225 -16.64 -4.63 79.31
N GLU Q 226 -15.88 -4.96 78.26
CA GLU Q 226 -14.43 -5.12 78.36
C GLU Q 226 -13.78 -3.85 78.88
N ILE Q 227 -14.36 -2.70 78.51
CA ILE Q 227 -13.93 -1.40 79.02
C ILE Q 227 -14.45 -1.20 80.45
N ASN Q 228 -15.74 -1.47 80.64
CA ASN Q 228 -16.39 -1.34 81.95
C ASN Q 228 -15.70 -2.10 83.07
N GLN Q 229 -15.07 -3.22 82.72
CA GLN Q 229 -14.27 -4.01 83.66
C GLN Q 229 -13.05 -3.25 84.13
N TYR Q 230 -12.43 -2.48 83.23
CA TYR Q 230 -11.31 -1.62 83.58
C TYR Q 230 -11.73 -0.44 84.47
N VAL Q 231 -12.94 0.06 84.25
CA VAL Q 231 -13.51 1.15 85.06
C VAL Q 231 -13.73 0.72 86.51
N THR Q 232 -14.25 -0.50 86.69
CA THR Q 232 -14.52 -1.08 88.00
C THR Q 232 -13.24 -1.28 88.81
N GLN Q 233 -12.21 -1.86 88.18
CA GLN Q 233 -10.95 -2.16 88.87
C GLN Q 233 -10.15 -0.91 89.28
N ILE Q 234 -10.34 0.18 88.54
CA ILE Q 234 -9.61 1.43 88.80
C ILE Q 234 -10.19 2.21 89.97
N GLU Q 235 -11.51 2.28 90.06
CA GLU Q 235 -12.20 3.01 91.12
C GLU Q 235 -12.00 2.37 92.51
N GLN Q 236 -11.73 1.07 92.52
CA GLN Q 236 -11.50 0.32 93.76
C GLN Q 236 -10.06 0.45 94.29
N GLU Q 237 -9.16 1.01 93.47
CA GLU Q 237 -7.78 1.30 93.89
C GLU Q 237 -7.75 2.54 94.79
N LYS Q 238 -8.65 3.48 94.51
CA LYS Q 238 -8.85 4.67 95.34
C LYS Q 238 -9.49 4.32 96.68
N GLN Q 239 -10.60 3.59 96.60
CA GLN Q 239 -11.45 3.26 97.75
C GLN Q 239 -10.80 2.34 98.78
N GLU Q 240 -9.83 1.53 98.33
CA GLU Q 240 -9.02 0.71 99.24
C GLU Q 240 -7.90 1.52 99.89
N GLN Q 241 -8.07 2.85 99.87
CA GLN Q 241 -7.13 3.79 100.50
C GLN Q 241 -7.87 5.00 101.10
N ASP R 1 -8.58 43.95 52.94
CA ASP R 1 -7.33 43.98 53.78
C ASP R 1 -6.19 44.67 53.01
N ARG R 2 -5.07 43.97 52.86
CA ARG R 2 -3.88 44.52 52.22
C ARG R 2 -3.16 43.38 51.49
N GLY R 3 -2.66 43.66 50.29
CA GLY R 3 -1.94 42.66 49.49
C GLY R 3 -0.76 42.04 50.22
N VAL R 4 -0.54 40.74 50.01
CA VAL R 4 0.55 40.03 50.68
C VAL R 4 1.94 40.45 50.23
N SER R 5 2.00 41.19 49.13
CA SER R 5 3.26 41.75 48.64
C SER R 5 3.14 43.28 48.56
N THR R 6 2.94 43.89 49.73
CA THR R 6 2.79 45.33 49.85
C THR R 6 4.03 45.89 50.51
N PHE R 7 4.45 47.08 50.07
CA PHE R 7 5.54 47.81 50.70
C PHE R 7 5.05 48.67 51.86
N SER R 8 5.85 48.74 52.92
CA SER R 8 5.66 49.69 54.00
C SER R 8 6.20 51.05 53.52
N PRO R 9 5.80 52.16 54.17
CA PRO R 9 6.37 53.45 53.80
C PRO R 9 7.90 53.51 53.93
N GLU R 10 8.49 52.60 54.70
CA GLU R 10 9.95 52.51 54.83
C GLU R 10 10.58 51.62 53.75
N GLY R 11 9.75 51.19 52.80
CA GLY R 11 10.20 50.39 51.65
C GLY R 11 10.62 48.98 51.99
N ARG R 12 9.85 48.33 52.86
CA ARG R 12 10.07 46.93 53.19
C ARG R 12 8.77 46.18 52.95
N LEU R 13 8.89 44.89 52.67
CA LEU R 13 7.71 44.08 52.43
C LEU R 13 7.13 43.54 53.73
N PHE R 14 5.97 44.05 54.09
CA PHE R 14 5.28 43.70 55.34
C PHE R 14 5.39 42.22 55.69
N GLN R 15 4.85 41.38 54.82
CA GLN R 15 4.81 39.94 55.05
C GLN R 15 6.18 39.31 55.25
N VAL R 16 7.21 39.85 54.60
CA VAL R 16 8.56 39.35 54.81
C VAL R 16 9.04 39.75 56.19
N GLU R 17 8.78 41.00 56.59
CA GLU R 17 9.21 41.50 57.89
C GLU R 17 8.57 40.70 59.03
N TYR R 18 7.26 40.46 58.90
CA TYR R 18 6.53 39.70 59.91
C TYR R 18 7.01 38.26 59.98
N SER R 19 7.56 37.78 58.87
CA SER R 19 8.10 36.44 58.77
C SER R 19 9.34 36.31 59.65
N LEU R 20 10.11 37.39 59.73
CA LEU R 20 11.33 37.45 60.55
C LEU R 20 11.03 37.35 62.05
N GLU R 21 9.88 37.88 62.45
CA GLU R 21 9.41 37.81 63.84
C GLU R 21 9.11 36.37 64.23
N ALA R 22 8.54 35.61 63.29
CA ALA R 22 8.30 34.19 63.47
C ALA R 22 9.62 33.43 63.64
N ILE R 23 10.67 33.87 62.93
CA ILE R 23 12.00 33.26 63.04
C ILE R 23 12.56 33.48 64.43
N LYS R 24 12.36 34.69 64.95
CA LYS R 24 12.86 35.07 66.28
C LYS R 24 12.32 34.14 67.38
N LEU R 25 11.11 33.61 67.18
CA LEU R 25 10.49 32.72 68.16
C LEU R 25 10.96 31.26 68.06
N GLY R 26 11.76 30.95 67.05
CA GLY R 26 12.21 29.58 66.84
C GLY R 26 13.36 29.16 67.73
N SER R 27 13.58 27.85 67.81
CA SER R 27 14.74 27.27 68.48
C SER R 27 16.03 27.74 67.84
N THR R 28 17.08 27.85 68.64
CA THR R 28 18.36 28.37 68.19
C THR R 28 19.09 27.40 67.27
N ALA R 29 19.82 27.94 66.31
CA ALA R 29 20.70 27.15 65.47
C ALA R 29 21.97 27.93 65.24
N ILE R 30 23.10 27.23 65.22
CA ILE R 30 24.42 27.85 65.09
C ILE R 30 25.26 27.10 64.07
N GLY R 31 26.04 27.83 63.29
CA GLY R 31 27.03 27.25 62.40
C GLY R 31 28.39 27.91 62.53
N ILE R 32 29.45 27.10 62.46
CA ILE R 32 30.83 27.63 62.40
C ILE R 32 31.51 27.06 61.16
N ALA R 33 32.23 27.92 60.42
CA ALA R 33 33.03 27.49 59.28
C ALA R 33 34.51 27.44 59.64
N THR R 34 35.15 26.30 59.40
CA THR R 34 36.60 26.15 59.64
C THR R 34 37.28 25.63 58.38
N LYS R 35 38.60 25.58 58.40
CA LYS R 35 39.37 25.00 57.30
C LYS R 35 39.41 23.47 57.37
N GLU R 36 38.90 22.92 58.49
CA GLU R 36 38.77 21.47 58.69
C GLU R 36 37.34 20.96 58.52
N GLY R 37 36.40 21.87 58.29
CA GLY R 37 34.99 21.52 58.15
C GLY R 37 34.03 22.57 58.68
N VAL R 38 32.73 22.28 58.59
CA VAL R 38 31.69 23.21 59.04
C VAL R 38 30.78 22.47 59.99
N VAL R 39 30.63 23.01 61.20
CA VAL R 39 29.78 22.39 62.22
C VAL R 39 28.44 23.10 62.27
N LEU R 40 27.40 22.30 62.48
CA LEU R 40 26.04 22.79 62.64
C LEU R 40 25.45 22.17 63.89
N GLY R 41 24.94 23.02 64.77
CA GLY R 41 24.31 22.56 66.01
C GLY R 41 22.98 23.24 66.24
N VAL R 42 22.05 22.52 66.85
CA VAL R 42 20.71 23.05 67.10
C VAL R 42 20.18 22.74 68.50
N GLU R 43 19.12 23.45 68.87
CA GLU R 43 18.44 23.25 70.14
C GLU R 43 17.15 22.49 69.88
N LYS R 44 17.09 21.23 70.32
CA LYS R 44 15.89 20.41 70.10
C LYS R 44 14.64 21.09 70.63
N ARG R 45 14.69 21.55 71.88
CA ARG R 45 13.56 22.18 72.58
C ARG R 45 12.22 21.41 72.49
N ALA R 46 12.20 20.22 73.10
CA ALA R 46 10.95 19.47 73.26
C ALA R 46 9.95 20.25 74.11
N THR R 47 8.67 20.15 73.78
CA THR R 47 7.64 20.87 74.55
C THR R 47 7.14 20.07 75.74
N SER R 48 7.70 18.88 75.94
CA SER R 48 7.27 17.98 77.02
C SER R 48 8.24 16.80 77.10
N PRO R 49 8.53 16.33 78.33
CA PRO R 49 9.43 15.18 78.46
C PRO R 49 8.88 13.89 77.82
N LEU R 50 7.58 13.85 77.52
CA LEU R 50 6.98 12.67 76.88
C LEU R 50 7.27 12.60 75.36
N LEU R 51 7.68 13.73 74.80
CA LEU R 51 8.11 13.81 73.42
C LEU R 51 9.46 13.10 73.26
N GLU R 52 9.54 12.22 72.27
CA GLU R 52 10.78 11.48 72.00
C GLU R 52 11.77 12.37 71.24
N SER R 53 12.76 12.89 71.97
CA SER R 53 13.63 13.96 71.49
C SER R 53 14.33 13.69 70.16
N ASP R 54 14.67 12.42 69.90
CA ASP R 54 15.41 12.08 68.67
C ASP R 54 14.55 12.11 67.41
N SER R 55 13.24 12.25 67.58
CA SER R 55 12.30 12.45 66.46
C SER R 55 12.19 13.93 66.04
N ILE R 56 12.96 14.81 66.70
CA ILE R 56 13.05 16.21 66.27
C ILE R 56 14.21 16.34 65.29
N GLU R 57 13.85 16.49 64.03
CA GLU R 57 14.83 16.55 62.94
C GLU R 57 14.97 17.98 62.46
N LYS R 58 15.96 18.68 63.02
CA LYS R 58 16.20 20.08 62.66
C LYS R 58 17.51 20.28 61.94
N ILE R 59 18.29 19.20 61.85
CA ILE R 59 19.45 19.16 60.96
C ILE R 59 19.19 18.06 59.93
N VAL R 60 19.17 18.44 58.65
CA VAL R 60 18.86 17.50 57.56
C VAL R 60 19.98 17.45 56.52
N GLU R 61 20.14 16.29 55.88
CA GLU R 61 21.03 16.17 54.73
C GLU R 61 20.35 16.66 53.44
N ILE R 62 21.11 17.40 52.63
CA ILE R 62 20.66 17.82 51.30
C ILE R 62 21.35 16.99 50.21
N ASP R 63 22.68 16.95 50.23
CA ASP R 63 23.46 15.99 49.46
C ASP R 63 24.69 15.60 50.29
N ARG R 64 25.51 14.65 49.82
CA ARG R 64 26.64 14.17 50.63
C ARG R 64 27.54 15.31 51.12
N HIS R 65 27.61 16.38 50.34
CA HIS R 65 28.51 17.51 50.63
C HIS R 65 27.75 18.75 51.13
N ILE R 66 26.45 18.62 51.35
CA ILE R 66 25.62 19.75 51.82
C ILE R 66 24.60 19.32 52.86
N GLY R 67 24.61 20.00 54.00
CA GLY R 67 23.58 19.82 55.03
C GLY R 67 22.99 21.16 55.42
N CYS R 68 21.89 21.14 56.17
CA CYS R 68 21.30 22.39 56.65
C CYS R 68 20.53 22.30 57.96
N ALA R 69 20.52 23.40 58.68
CA ALA R 69 19.76 23.54 59.93
C ALA R 69 18.75 24.67 59.78
N MET R 70 17.67 24.55 60.54
CA MET R 70 16.51 25.42 60.36
C MET R 70 16.11 26.05 61.68
N SER R 71 15.42 27.19 61.61
CA SER R 71 14.88 27.86 62.78
C SER R 71 13.63 28.67 62.46
N GLY R 72 12.56 28.44 63.21
CA GLY R 72 11.30 29.14 63.00
C GLY R 72 10.17 28.14 62.84
N LEU R 73 9.28 28.39 61.88
CA LEU R 73 8.21 27.44 61.57
C LEU R 73 8.81 26.30 60.77
N THR R 74 9.26 25.26 61.47
CA THR R 74 10.04 24.17 60.86
C THR R 74 9.25 23.35 59.83
N ALA R 75 7.92 23.38 59.94
CA ALA R 75 7.06 22.67 58.98
C ALA R 75 7.20 23.25 57.57
N ASP R 76 7.46 24.55 57.49
CA ASP R 76 7.68 25.26 56.23
C ASP R 76 8.98 24.84 55.53
N ALA R 77 9.91 24.25 56.28
CA ALA R 77 11.21 23.86 55.72
C ALA R 77 11.15 22.60 54.86
N ARG R 78 10.14 21.75 55.08
CA ARG R 78 10.05 20.45 54.38
C ARG R 78 10.12 20.57 52.87
N SER R 79 9.27 21.44 52.29
CA SER R 79 9.25 21.63 50.84
C SER R 79 10.47 22.42 50.34
N MET R 80 11.13 23.15 51.23
CA MET R 80 12.40 23.82 50.91
C MET R 80 13.53 22.79 50.82
N ILE R 81 13.53 21.84 51.76
CA ILE R 81 14.51 20.74 51.77
C ILE R 81 14.31 19.88 50.53
N GLU R 82 13.04 19.61 50.23
CA GLU R 82 12.64 18.79 49.09
C GLU R 82 13.13 19.42 47.79
N HIS R 83 12.91 20.72 47.64
CA HIS R 83 13.39 21.46 46.48
C HIS R 83 14.91 21.42 46.42
N ALA R 84 15.54 21.53 47.59
CA ALA R 84 16.99 21.54 47.72
C ALA R 84 17.64 20.22 47.32
N ARG R 85 17.03 19.11 47.72
CA ARG R 85 17.53 17.79 47.37
C ARG R 85 17.38 17.52 45.87
N THR R 86 16.22 17.86 45.33
CA THR R 86 15.94 17.77 43.91
C THR R 86 16.93 18.59 43.09
N ALA R 87 17.22 19.82 43.52
CA ALA R 87 18.14 20.70 42.79
C ALA R 87 19.55 20.12 42.72
N ALA R 88 19.99 19.53 43.82
CA ALA R 88 21.32 18.96 43.94
C ALA R 88 21.46 17.68 43.12
N VAL R 89 20.50 16.76 43.28
CA VAL R 89 20.47 15.50 42.54
C VAL R 89 20.32 15.75 41.03
N THR R 90 19.40 16.66 40.66
CA THR R 90 19.19 17.06 39.26
C THR R 90 20.47 17.60 38.62
N HIS R 91 21.20 18.43 39.35
CA HIS R 91 22.43 19.00 38.83
C HIS R 91 23.43 17.90 38.53
N ASN R 92 23.47 16.92 39.42
CA ASN R 92 24.39 15.81 39.23
C ASN R 92 24.02 14.97 38.02
N LEU R 93 22.71 14.81 37.81
CA LEU R 93 22.23 14.10 36.64
C LEU R 93 22.56 14.85 35.35
N TYR R 94 22.38 16.17 35.35
CA TYR R 94 22.63 17.00 34.16
C TYR R 94 24.11 17.24 33.87
N TYR R 95 24.95 17.20 34.90
CA TYR R 95 26.34 17.65 34.74
C TYR R 95 27.42 16.70 35.24
N ASP R 96 27.01 15.55 35.79
CA ASP R 96 27.96 14.54 36.26
C ASP R 96 28.98 15.14 37.24
N GLU R 97 28.48 15.92 38.20
CA GLU R 97 29.32 16.59 39.19
C GLU R 97 28.48 17.03 40.40
N ASP R 98 29.15 17.56 41.43
CA ASP R 98 28.47 18.13 42.58
C ASP R 98 28.04 19.57 42.31
N ILE R 99 26.83 19.91 42.75
CA ILE R 99 26.39 21.30 42.75
C ILE R 99 27.20 22.13 43.75
N ASN R 100 27.58 23.33 43.33
CA ASN R 100 28.21 24.29 44.21
C ASN R 100 27.25 24.75 45.28
N VAL R 101 27.76 24.86 46.51
CA VAL R 101 26.98 25.24 47.69
C VAL R 101 26.26 26.58 47.47
N GLU R 102 26.94 27.50 46.81
CA GLU R 102 26.41 28.83 46.51
C GLU R 102 25.22 28.72 45.55
N SER R 103 25.37 27.86 44.53
CA SER R 103 24.32 27.61 43.52
C SER R 103 23.09 26.98 44.15
N LEU R 104 23.31 26.02 45.05
CA LEU R 104 22.24 25.34 45.75
C LEU R 104 21.46 26.32 46.63
N THR R 105 22.17 27.21 47.29
CA THR R 105 21.55 28.18 48.18
C THR R 105 20.68 29.15 47.37
N GLN R 106 21.27 29.69 46.30
CA GLN R 106 20.58 30.57 45.35
C GLN R 106 19.30 29.95 44.82
N SER R 107 19.34 28.64 44.54
CA SER R 107 18.17 27.88 44.09
C SER R 107 17.05 27.89 45.13
N VAL R 108 17.42 27.62 46.39
CA VAL R 108 16.48 27.67 47.53
C VAL R 108 15.91 29.08 47.74
N CYS R 109 16.77 30.08 47.62
CA CYS R 109 16.34 31.46 47.77
C CYS R 109 15.45 31.92 46.63
N ASP R 110 15.55 31.26 45.47
CA ASP R 110 14.63 31.50 44.37
C ASP R 110 13.18 31.18 44.73
N LEU R 111 12.97 30.11 45.50
CA LEU R 111 11.63 29.76 46.02
C LEU R 111 11.04 30.84 46.90
N ALA R 112 11.88 31.44 47.74
CA ALA R 112 11.45 32.34 48.80
C ALA R 112 10.42 33.40 48.37
N LEU R 113 10.74 34.20 47.35
CA LEU R 113 9.82 35.29 46.92
C LEU R 113 8.69 34.85 46.00
N ARG R 114 8.60 33.54 45.72
CA ARG R 114 7.50 32.99 44.92
C ARG R 114 6.19 32.91 45.69
N PHE R 115 5.82 34.00 46.37
CA PHE R 115 4.52 34.11 47.01
C PHE R 115 3.75 35.29 46.44
N GLY R 116 2.42 35.25 46.58
CA GLY R 116 1.56 36.33 46.10
C GLY R 116 0.20 35.84 45.63
N GLU R 117 -0.72 36.77 45.40
CA GLU R 117 -2.06 36.47 44.90
C GLU R 117 -2.13 36.63 43.37
N GLY R 118 -1.01 36.34 42.71
CA GLY R 118 -0.87 36.52 41.25
C GLY R 118 -0.09 37.77 40.91
N ALA R 119 1.24 37.71 41.10
CA ALA R 119 2.13 38.84 40.81
C ALA R 119 2.62 38.83 39.35
N SER R 120 2.51 39.99 38.70
CA SER R 120 2.83 40.15 37.27
C SER R 120 4.34 40.05 36.96
N GLY R 121 4.81 38.83 36.66
CA GLY R 121 6.23 38.59 36.37
C GLY R 121 6.52 37.32 35.60
N GLU R 122 6.00 36.19 36.09
CA GLU R 122 6.26 34.88 35.51
C GLU R 122 4.99 34.02 35.30
N GLU R 123 4.98 32.13 37.44
CA GLU R 123 3.79 31.99 38.28
C GLU R 123 4.21 31.78 39.74
N ARG R 124 3.95 32.79 40.58
CA ARG R 124 4.17 32.66 42.02
C ARG R 124 2.91 32.16 42.74
N LEU R 125 2.79 30.83 42.84
CA LEU R 125 1.68 30.21 43.54
C LEU R 125 2.12 29.70 44.92
N MET R 126 1.93 30.57 45.92
CA MET R 126 2.22 30.32 47.32
C MET R 126 1.60 31.52 48.01
N SER R 127 0.85 31.30 49.09
CA SER R 127 0.03 32.36 49.66
C SER R 127 0.78 33.34 50.57
N ARG R 128 1.92 32.90 51.11
CA ARG R 128 2.69 33.68 52.09
C ARG R 128 4.16 33.29 52.01
N PRO R 129 5.06 34.14 52.57
CA PRO R 129 6.48 33.76 52.64
C PRO R 129 6.71 32.63 53.63
N PHE R 130 7.86 31.97 53.53
CA PHE R 130 8.24 30.94 54.48
C PHE R 130 8.45 31.57 55.84
N GLY R 131 8.17 30.80 56.90
CA GLY R 131 8.40 31.28 58.26
C GLY R 131 9.56 30.56 58.92
N VAL R 132 10.60 30.27 58.14
CA VAL R 132 11.76 29.55 58.64
C VAL R 132 13.03 30.07 57.97
N ALA R 133 14.09 30.23 58.76
CA ALA R 133 15.40 30.58 58.20
C ALA R 133 16.25 29.32 58.12
N LEU R 134 17.28 29.36 57.29
CA LEU R 134 18.09 28.17 57.04
C LEU R 134 19.57 28.48 57.08
N LEU R 135 20.30 27.64 57.79
CA LEU R 135 21.75 27.67 57.73
C LEU R 135 22.17 26.52 56.84
N ILE R 136 22.69 26.84 55.66
CA ILE R 136 23.12 25.84 54.71
C ILE R 136 24.64 25.80 54.71
N ALA R 137 25.17 24.60 54.96
CA ALA R 137 26.61 24.39 55.07
C ALA R 137 27.08 23.26 54.16
N GLY R 138 28.23 23.45 53.53
CA GLY R 138 28.81 22.40 52.72
C GLY R 138 30.18 22.69 52.17
N HIS R 139 30.62 21.84 51.25
CA HIS R 139 31.93 21.96 50.64
C HIS R 139 31.86 21.69 49.16
N ASP R 140 32.64 22.46 48.40
CA ASP R 140 32.90 22.17 46.99
C ASP R 140 34.34 22.54 46.64
N ALA R 141 34.84 22.00 45.52
CA ALA R 141 36.23 22.14 45.13
C ALA R 141 36.67 23.59 44.87
N ASP R 142 35.76 24.41 44.33
CA ASP R 142 36.09 25.78 43.96
C ASP R 142 36.27 26.72 45.16
N ASP R 143 35.24 26.80 46.02
CA ASP R 143 35.17 27.83 47.06
C ASP R 143 35.16 27.19 48.43
N GLY R 144 35.94 25.22 48.74
CA GLY R 144 36.15 24.98 50.16
C GLY R 144 34.89 25.09 50.99
N TYR R 145 35.07 25.05 52.31
CA TYR R 145 33.97 25.01 53.26
C TYR R 145 33.24 26.33 53.36
N GLN R 146 31.91 26.24 53.42
CA GLN R 146 31.05 27.42 53.33
C GLN R 146 29.84 27.30 54.22
N LEU R 147 29.39 28.45 54.74
CA LEU R 147 28.18 28.53 55.54
C LEU R 147 27.31 29.67 55.03
N PHE R 148 26.04 29.36 54.77
CA PHE R 148 25.11 30.37 54.27
C PHE R 148 23.91 30.55 55.19
N HIS R 149 23.37 31.75 55.22
CA HIS R 149 22.15 32.01 55.96
C HIS R 149 21.13 32.46 54.94
N ALA R 150 20.07 31.66 54.81
CA ALA R 150 19.09 31.87 53.76
C ALA R 150 17.76 32.26 54.36
N GLU R 151 17.33 33.49 54.06
CA GLU R 151 16.13 34.09 54.63
C GLU R 151 14.94 34.05 53.69
N PRO R 152 13.71 34.15 54.24
CA PRO R 152 12.48 34.14 53.43
C PRO R 152 12.31 35.41 52.57
N SER R 153 13.27 36.32 52.68
CA SER R 153 13.35 37.52 51.84
C SER R 153 13.91 37.16 50.46
N GLY R 154 14.58 36.01 50.39
CA GLY R 154 15.23 35.58 49.17
C GLY R 154 16.70 35.95 49.13
N THR R 155 17.15 36.76 50.10
CA THR R 155 18.57 37.09 50.17
C THR R 155 19.29 36.04 51.02
N PHE R 156 20.58 35.88 50.76
CA PHE R 156 21.41 34.91 51.46
C PHE R 156 22.80 35.48 51.68
N TYR R 157 23.30 35.31 52.90
CA TYR R 157 24.61 35.82 53.25
C TYR R 157 25.53 34.66 53.55
N ARG R 158 26.81 34.84 53.24
CA ARG R 158 27.81 33.87 53.64
C ARG R 158 28.44 34.33 54.97
N TYR R 159 28.65 33.39 55.88
CA TYR R 159 29.21 33.69 57.19
C TYR R 159 30.35 32.75 57.56
N ASN R 160 31.31 33.27 58.31
CA ASN R 160 32.30 32.43 58.99
C ASN R 160 31.61 31.72 60.15
N ALA R 161 30.75 32.46 60.84
CA ALA R 161 29.88 31.87 61.86
C ALA R 161 28.55 32.64 61.92
N LYS R 162 27.48 31.96 62.32
CA LYS R 162 26.16 32.58 62.37
C LYS R 162 25.21 31.82 63.28
N ALA R 163 24.39 32.59 64.00
CA ALA R 163 23.38 32.05 64.89
C ALA R 163 22.03 32.62 64.50
N ILE R 164 21.02 31.76 64.53
CA ILE R 164 19.66 32.15 64.18
C ILE R 164 18.70 31.56 65.20
N GLY R 165 17.58 32.24 65.42
CA GLY R 165 16.59 31.81 66.39
C GLY R 165 16.57 32.69 67.62
N SER R 166 15.86 32.23 68.65
CA SER R 166 15.56 33.04 69.84
C SER R 166 16.78 33.64 70.53
N GLY R 167 17.88 32.89 70.62
CA GLY R 167 19.07 33.39 71.29
C GLY R 167 20.12 33.97 70.37
N SER R 168 19.71 34.44 69.19
CA SER R 168 20.68 34.77 68.13
C SER R 168 21.58 35.97 68.41
N GLU R 169 21.01 37.07 68.92
CA GLU R 169 21.79 38.27 69.22
C GLU R 169 22.89 37.99 70.26
N GLY R 170 22.51 37.23 71.29
CA GLY R 170 23.44 36.81 72.33
C GLY R 170 24.50 35.88 71.79
N ALA R 171 24.05 34.85 71.08
CA ALA R 171 24.96 33.90 70.44
C ALA R 171 25.87 34.53 69.38
N GLN R 172 25.36 35.54 68.66
CA GLN R 172 26.12 36.20 67.61
C GLN R 172 27.28 37.01 68.16
N ALA R 173 27.03 37.77 69.24
CA ALA R 173 28.07 38.54 69.94
C ALA R 173 29.16 37.62 70.48
N GLU R 174 28.75 36.46 70.97
CA GLU R 174 29.67 35.43 71.46
C GLU R 174 30.51 34.86 70.32
N LEU R 175 29.86 34.60 69.18
CA LEU R 175 30.56 34.12 67.98
C LEU R 175 31.53 35.15 67.43
N LEU R 176 31.16 36.42 67.54
CA LEU R 176 31.98 37.54 67.06
C LEU R 176 33.37 37.51 67.72
N ASN R 177 33.38 37.21 69.01
CA ASN R 177 34.62 37.18 69.80
C ASN R 177 35.41 35.88 69.61
N GLU R 178 34.70 34.76 69.57
CA GLU R 178 35.33 33.45 69.60
C GLU R 178 35.90 32.98 68.25
N TRP R 179 35.28 33.40 67.14
CA TRP R 179 35.72 32.94 65.82
C TRP R 179 37.06 33.54 65.41
N HIS R 180 37.91 32.69 64.84
CA HIS R 180 39.14 33.12 64.16
C HIS R 180 39.47 32.15 63.02
N SER R 181 40.37 32.56 62.13
CA SER R 181 40.64 31.81 60.89
C SER R 181 41.54 30.57 61.05
N SER R 182 41.98 30.27 62.27
CA SER R 182 42.90 29.14 62.51
C SER R 182 42.32 28.16 63.51
N LEU R 183 39.84 28.28 63.48
CA LEU R 183 39.55 27.23 64.44
C LEU R 183 39.78 25.85 63.84
N THR R 184 40.04 24.87 64.69
CA THR R 184 40.00 23.47 64.27
C THR R 184 38.55 23.00 64.40
N LEU R 185 38.23 21.88 63.75
CA LEU R 185 36.89 21.32 63.82
C LEU R 185 36.50 21.00 65.26
N LYS R 186 37.44 20.42 66.02
CA LYS R 186 37.21 20.07 67.42
C LYS R 186 36.91 21.30 68.29
N GLU R 187 37.65 22.38 68.05
CA GLU R 187 37.40 23.66 68.70
C GLU R 187 36.00 24.18 68.34
N ALA R 188 35.67 24.09 67.04
CA ALA R 188 34.37 24.53 66.53
C ALA R 188 33.18 23.77 67.16
N GLU R 189 33.36 22.46 67.35
CA GLU R 189 32.34 21.60 67.97
C GLU R 189 32.04 22.05 69.40
N LEU R 190 33.12 22.27 70.15
CA LEU R 190 33.04 22.68 71.54
C LEU R 190 32.42 24.05 71.67
N LEU R 191 32.80 24.93 70.74
CA LEU R 191 32.33 26.31 70.71
C LEU R 191 30.81 26.43 70.48
N VAL R 192 30.28 25.62 69.56
CA VAL R 192 28.85 25.59 69.25
C VAL R 192 28.07 25.10 70.46
N LEU R 193 28.61 24.06 71.08
CA LEU R 193 28.00 23.41 72.23
C LEU R 193 27.95 24.37 73.42
N LYS R 194 29.03 25.13 73.59
CA LYS R 194 29.17 26.11 74.66
C LYS R 194 28.15 27.24 74.50
N ILE R 195 28.10 27.82 73.31
CA ILE R 195 27.25 28.97 73.06
C ILE R 195 25.77 28.58 73.11
N LEU R 196 25.45 27.36 72.67
CA LEU R 196 24.09 26.84 72.80
C LEU R 196 23.69 26.76 74.26
N LYS R 197 24.61 26.30 75.11
CA LYS R 197 24.40 26.17 76.55
C LYS R 197 24.04 27.51 77.20
N GLN R 198 24.74 28.58 76.81
CA GLN R 198 24.47 29.93 77.28
C GLN R 198 23.05 30.42 76.97
N VAL R 199 22.62 30.27 75.72
CA VAL R 199 21.33 30.84 75.28
C VAL R 199 20.12 29.92 75.55
N MET R 200 20.36 28.64 75.78
CA MET R 200 19.28 27.70 76.07
C MET R 200 18.56 27.94 77.41
N GLU R 201 17.23 27.92 77.36
CA GLU R 201 16.38 28.08 78.54
C GLU R 201 16.52 26.90 79.50
N GLU R 202 16.88 24.78 78.52
CA GLU R 202 17.23 23.79 79.52
C GLU R 202 18.73 23.74 79.73
N LYS R 203 19.15 22.91 80.68
CA LYS R 203 20.55 22.59 80.83
C LYS R 203 20.90 21.70 79.66
N LEU R 204 21.80 22.17 78.81
CA LEU R 204 22.22 21.45 77.62
C LEU R 204 22.71 20.04 77.94
N ASP R 205 22.16 19.07 77.23
CA ASP R 205 22.62 17.68 77.29
C ASP R 205 22.55 17.08 75.90
N GLU R 206 22.90 15.81 75.77
CA GLU R 206 22.93 15.13 74.47
C GLU R 206 21.53 14.82 73.93
N ASN R 207 20.50 15.12 74.72
CA ASN R 207 19.12 14.83 74.33
C ASN R 207 18.37 16.01 73.73
N ASN R 208 18.43 17.16 74.40
CA ASN R 208 17.65 18.34 74.00
C ASN R 208 18.38 19.23 73.01
N ALA R 209 20.32 18.76 72.70
CA ALA R 209 20.89 19.48 71.58
C ALA R 209 21.53 18.46 70.64
N GLN R 210 21.73 18.88 69.39
CA GLN R 210 22.26 17.99 68.39
C GLN R 210 23.37 18.68 67.62
N LEU R 211 24.44 17.94 67.39
CA LEU R 211 25.54 18.41 66.57
C LEU R 211 25.59 17.67 65.24
N SER R 212 26.32 18.27 64.29
CA SER R 212 26.56 17.68 62.98
C SER R 212 27.67 18.45 62.33
N CYS R 213 28.30 17.85 61.33
CA CYS R 213 29.32 18.54 60.55
C CYS R 213 29.33 18.07 59.10
N ILE R 214 30.08 18.78 58.28
CA ILE R 214 30.36 18.36 56.93
C ILE R 214 31.86 18.53 56.67
N THR R 215 32.50 17.44 56.27
CA THR R 215 33.91 17.42 55.90
C THR R 215 34.04 16.88 54.48
N LYS R 216 35.04 17.35 53.74
CA LYS R 216 35.29 16.86 52.38
C LYS R 216 35.39 15.34 52.33
N GLN R 217 36.12 14.77 53.28
CA GLN R 217 36.41 13.34 53.31
C GLN R 217 35.17 12.50 53.62
N ASP R 218 34.47 12.81 54.70
CA ASP R 218 33.39 11.94 55.20
C ASP R 218 31.98 12.46 54.89
N GLY R 219 31.90 13.65 54.31
CA GLY R 219 30.63 14.27 53.98
C GLY R 219 29.88 14.74 55.21
N PHE R 220 28.55 14.86 55.07
CA PHE R 220 27.70 15.33 56.13
C PHE R 220 27.26 14.18 57.01
N LYS R 221 27.52 14.30 58.31
CA LYS R 221 27.04 13.34 59.31
C LYS R 221 26.39 14.05 60.49
N ILE R 222 25.30 13.49 60.97
CA ILE R 222 24.69 13.92 62.21
C ILE R 222 25.33 13.09 63.33
N TYR R 223 25.86 13.77 64.35
CA TYR R 223 26.47 13.12 65.50
C TYR R 223 25.38 12.41 66.33
N ASP R 224 25.62 11.14 66.63
CA ASP R 224 24.74 10.38 67.51
C ASP R 224 24.93 10.87 68.95
N ASN R 225 23.97 10.52 69.82
CA ASN R 225 23.93 11.04 71.18
C ASN R 225 25.16 10.73 72.04
N GLU R 226 25.77 9.56 71.83
CA GLU R 226 26.97 9.15 72.57
C GLU R 226 28.15 10.08 72.30
N LYS R 227 28.38 10.40 71.03
CA LYS R 227 29.50 11.24 70.63
C LYS R 227 29.35 12.68 71.17
N THR R 228 28.13 13.18 71.15
CA THR R 228 27.84 14.55 71.61
C THR R 228 27.99 14.62 73.14
N ALA R 229 27.47 13.60 73.82
CA ALA R 229 27.62 13.46 75.27
C ALA R 229 29.08 13.62 75.72
N GLU R 230 30.00 12.98 75.01
CA GLU R 230 31.44 13.05 75.30
C GLU R 230 32.01 14.46 75.13
N LEU R 231 31.52 15.18 74.13
CA LEU R 231 31.99 16.52 73.83
C LEU R 231 31.50 17.54 74.85
N ILE R 232 30.36 17.24 75.48
CA ILE R 232 29.74 18.14 76.44
C ILE R 232 30.56 18.25 77.72
N LYS R 233 30.98 16.02 78.38
CA LYS R 233 32.06 15.79 79.32
C LYS R 233 33.25 16.73 79.06
N GLU R 234 33.73 16.77 77.82
CA GLU R 234 34.96 17.48 77.48
C GLU R 234 34.90 19.00 77.67
N LEU R 235 33.77 19.61 77.30
CA LEU R 235 33.60 21.06 77.43
C LEU R 235 33.42 21.47 78.90
N LYS R 236 32.69 20.65 79.67
CA LYS R 236 32.48 20.88 81.10
C LYS R 236 33.81 20.87 81.87
N GLU R 237 34.73 20.02 81.42
CA GLU R 237 36.04 19.86 82.06
C GLU R 237 37.04 20.94 81.65
N LYS R 238 37.00 21.38 80.40
CA LYS R 238 37.91 22.44 79.95
C LYS R 238 37.53 23.80 80.51
N GLU R 239 36.25 23.98 80.86
CA GLU R 239 35.82 25.23 81.48
C GLU R 239 36.09 25.26 82.98
N ALA R 240 35.86 24.13 83.65
CA ALA R 240 36.18 23.99 85.07
C ALA R 240 37.69 24.18 85.35
N ALA R 241 38.51 23.88 84.35
CA ALA R 241 39.97 24.00 84.46
C ALA R 241 40.44 25.45 84.58
N GLU R 242 39.62 26.37 84.08
CA GLU R 242 39.78 27.83 84.32
C GLU R 242 38.52 28.56 83.87
N PHE S 1 -5.95 61.06 54.46
CA PHE S 1 -5.13 61.12 53.20
C PHE S 1 -4.28 59.84 53.04
N ARG S 2 -2.95 60.00 52.94
CA ARG S 2 -1.97 58.96 52.54
C ARG S 2 -2.32 57.53 52.97
N ASN S 3 -2.75 57.42 54.24
CA ASN S 3 -3.26 56.19 54.84
C ASN S 3 -4.21 55.40 53.91
N ASN S 4 -5.11 56.11 53.24
CA ASN S 4 -6.17 55.48 52.44
C ASN S 4 -5.81 55.09 51.00
N TYR S 5 -4.70 55.59 50.47
CA TYR S 5 -4.38 55.43 49.05
C TYR S 5 -3.11 54.63 48.77
N ASP S 6 -2.47 54.14 49.82
CA ASP S 6 -1.20 53.42 49.67
C ASP S 6 -1.35 51.89 49.84
N GLY S 7 -2.58 51.40 49.66
CA GLY S 7 -2.88 49.97 49.82
C GLY S 7 -2.34 49.06 48.72
N ASP S 8 -2.35 49.56 47.49
CA ASP S 8 -1.87 48.80 46.33
C ASP S 8 -1.43 49.74 45.21
N THR S 9 -0.79 49.16 44.19
CA THR S 9 -0.24 49.95 43.08
C THR S 9 -1.31 50.42 42.12
N VAL S 10 -2.48 49.80 42.23
CA VAL S 10 -3.59 50.07 41.32
C VAL S 10 -4.38 51.33 41.70
N THR S 11 -3.98 52.00 42.79
CA THR S 11 -4.71 53.15 43.32
C THR S 11 -3.97 54.50 43.19
N PHE S 12 -4.63 55.48 42.57
CA PHE S 12 -4.11 56.85 42.52
C PHE S 12 -4.53 57.64 43.77
N SER S 13 -3.63 58.49 44.26
CA SER S 13 -3.99 59.45 45.33
C SER S 13 -4.72 60.63 44.71
N PRO S 14 -5.40 61.45 45.52
CA PRO S 14 -6.13 62.59 44.94
C PRO S 14 -5.26 63.64 44.25
N THR S 15 -3.96 63.61 44.49
CA THR S 15 -3.01 64.51 43.82
C THR S 15 -2.31 63.87 42.63
N GLY S 16 -2.64 62.60 42.35
CA GLY S 16 -2.12 61.86 41.19
C GLY S 16 -0.85 61.07 41.46
N ARG S 17 -0.64 60.72 42.72
CA ARG S 17 0.56 59.97 43.11
C ARG S 17 0.28 58.48 43.26
N LEU S 18 1.31 57.68 43.07
CA LEU S 18 1.25 56.24 43.28
C LEU S 18 2.19 55.88 44.43
N PHE S 19 1.61 55.73 45.61
CA PHE S 19 2.39 55.62 46.85
C PHE S 19 3.21 54.35 46.95
N GLN S 20 2.61 53.22 46.56
CA GLN S 20 3.36 51.96 46.50
C GLN S 20 4.65 52.09 45.69
N VAL S 21 4.56 52.78 44.55
CA VAL S 21 5.74 53.07 43.73
C VAL S 21 6.75 53.95 44.49
N GLU S 22 6.25 54.96 45.18
CA GLU S 22 7.11 55.82 46.00
C GLU S 22 7.77 55.03 47.12
N TYR S 23 7.01 54.11 47.74
CA TYR S 23 7.53 53.27 48.81
C TYR S 23 8.62 52.35 48.29
N ALA S 24 8.42 51.83 47.07
CA ALA S 24 9.42 50.99 46.41
C ALA S 24 10.70 51.78 46.19
N LEU S 25 10.56 53.03 45.76
CA LEU S 25 11.68 53.95 45.62
C LEU S 25 12.45 54.18 46.93
N GLU S 26 11.72 54.10 48.04
CA GLU S 26 12.32 54.26 49.37
C GLU S 26 13.30 53.13 49.67
N ALA S 27 12.98 51.92 49.21
CA ALA S 27 13.84 50.75 49.42
C ALA S 27 15.23 50.98 48.85
N ILE S 28 15.29 51.81 47.82
CA ILE S 28 16.53 52.12 47.10
C ILE S 28 17.44 52.99 47.94
N LYS S 29 16.88 54.08 48.49
CA LYS S 29 17.64 55.02 49.31
C LYS S 29 18.18 54.40 50.59
N GLN S 30 17.51 53.34 51.05
CA GLN S 30 17.99 52.55 52.17
C GLN S 30 19.16 51.65 51.74
N GLY S 31 19.33 51.47 50.43
CA GLY S 31 20.36 50.60 49.87
C GLY S 31 21.73 51.25 49.82
N SER S 32 22.78 50.43 49.81
CA SER S 32 24.16 50.91 49.74
C SER S 32 24.44 51.65 48.43
N VAL S 33 25.39 52.59 48.48
CA VAL S 33 25.65 53.49 47.36
C VAL S 33 26.38 52.82 46.19
N THR S 34 25.98 53.18 44.98
CA THR S 34 26.69 52.77 43.77
C THR S 34 26.77 53.89 42.74
N VAL S 35 27.84 53.86 41.94
CA VAL S 35 28.11 54.92 40.98
C VAL S 35 28.37 54.36 39.58
N GLY S 36 27.87 55.08 38.57
CA GLY S 36 28.20 54.80 37.17
C GLY S 36 28.65 56.07 36.46
N LEU S 37 29.60 55.89 35.54
CA LEU S 37 30.17 56.97 34.75
C LEU S 37 30.83 56.40 33.49
N ARG S 38 30.93 57.21 32.44
CA ARG S 38 31.48 56.76 31.16
C ARG S 38 32.24 57.85 30.40
N SER S 39 33.21 57.45 29.59
CA SER S 39 33.83 58.35 28.64
C SER S 39 33.22 58.09 27.25
N ASN S 40 34.05 58.08 26.21
CA ASN S 40 33.62 57.66 24.88
C ASN S 40 34.15 56.29 24.50
N THR S 41 35.02 55.73 25.33
CA THR S 41 35.65 54.44 25.04
C THR S 41 35.33 53.36 26.07
N HIS S 42 34.95 53.77 27.28
CA HIS S 42 34.59 52.85 28.36
C HIS S 42 33.44 53.36 29.23
N ALA S 43 32.81 52.44 29.94
CA ALA S 43 31.85 52.76 30.99
C ALA S 43 32.27 51.97 32.22
N VAL S 44 32.10 52.57 33.39
CA VAL S 44 32.53 51.95 34.65
C VAL S 44 31.40 51.94 35.68
N LEU S 45 31.32 50.84 36.44
CA LEU S 45 30.47 50.77 37.62
C LEU S 45 31.33 50.65 38.86
N VAL S 46 31.04 51.48 39.85
CA VAL S 46 31.68 51.41 41.15
C VAL S 46 30.58 51.22 42.17
N ALA S 47 30.73 50.18 42.99
CA ALA S 47 29.72 49.87 43.99
C ALA S 47 30.33 49.64 45.35
N LEU S 48 29.68 50.19 46.38
CA LEU S 48 30.06 49.93 47.75
C LEU S 48 29.23 48.76 48.27
N LYS S 49 29.90 47.65 48.56
CA LYS S 49 29.21 46.48 49.07
C LYS S 49 29.04 46.59 50.58
N ARG S 50 27.95 46.04 51.08
CA ARG S 50 27.57 46.17 52.48
C ARG S 50 27.47 44.80 53.14
N ASN S 51 28.02 44.68 54.36
CA ASN S 51 27.93 43.44 55.13
C ASN S 51 26.78 43.45 56.16
N ALA S 52 26.52 42.28 56.76
CA ALA S 52 25.63 42.20 57.91
C ALA S 52 26.44 42.27 59.22
N ASP S 53 27.39 41.35 59.38
CA ASP S 53 28.29 41.30 60.53
C ASP S 53 29.74 41.39 60.06
N GLU S 54 30.67 41.47 61.02
CA GLU S 54 32.09 41.29 60.72
C GLU S 54 32.39 39.83 60.39
N LEU S 55 31.40 38.96 60.58
CA LEU S 55 31.52 37.56 60.23
C LEU S 55 30.94 37.28 58.83
N SER S 56 30.06 38.18 58.37
CA SER S 56 29.34 37.97 57.12
C SER S 56 30.18 38.34 55.90
N SER S 57 29.73 37.85 54.75
CA SER S 57 30.24 38.34 53.48
C SER S 57 29.65 39.73 53.21
N TYR S 58 30.96 40.69 51.59
CA TYR S 58 30.10 41.85 51.36
C TYR S 58 29.25 41.57 50.13
N GLN S 59 27.93 41.58 50.32
CA GLN S 59 26.97 41.16 49.28
C GLN S 59 27.21 41.79 47.91
N LYS S 60 27.26 40.94 46.88
CA LYS S 60 27.57 41.38 45.51
C LYS S 60 26.51 42.31 44.94
N LYS S 61 26.97 43.34 44.24
CA LYS S 61 26.12 44.42 43.77
C LYS S 61 26.17 44.59 42.25
N ILE S 62 27.07 43.87 41.60
CA ILE S 62 27.22 43.99 40.15
C ILE S 62 26.99 42.65 39.44
N ILE S 63 26.09 42.67 38.46
CA ILE S 63 25.73 41.48 37.71
C ILE S 63 26.00 41.67 36.21
N LYS S 64 26.68 40.70 35.61
CA LYS S 64 26.93 40.66 34.17
C LYS S 64 25.68 40.16 33.42
N CYS S 65 25.35 40.83 32.31
CA CYS S 65 24.18 40.45 31.49
C CYS S 65 24.58 39.84 30.14
N ASP S 66 25.57 40.44 29.50
CA ASP S 66 26.16 39.89 28.29
C ASP S 66 27.63 40.28 28.29
N GLU S 67 28.35 39.96 27.22
CA GLU S 67 29.76 40.31 27.12
C GLU S 67 29.97 41.82 27.04
N HIS S 68 28.92 42.55 26.70
CA HIS S 68 28.98 43.98 26.46
C HIS S 68 28.04 44.79 27.34
N MET S 69 27.45 44.16 28.34
CA MET S 69 26.43 44.81 29.16
C MET S 69 26.35 44.22 30.56
N GLY S 70 26.07 45.08 31.52
CA GLY S 70 25.95 44.70 32.92
C GLY S 70 25.37 45.83 33.73
N LEU S 71 25.14 45.58 35.02
CA LEU S 71 24.45 46.55 35.86
C LEU S 71 24.87 46.48 37.33
N SER S 72 24.65 47.59 38.04
CA SER S 72 24.81 47.61 39.50
C SER S 72 23.47 47.85 40.16
N LEU S 73 23.29 47.30 41.35
CA LEU S 73 22.00 47.27 42.04
C LEU S 73 22.02 48.06 43.36
N ALA S 74 20.88 48.66 43.70
CA ALA S 74 20.68 49.28 45.02
C ALA S 74 19.23 49.13 45.47
N GLY S 75 19.03 48.36 46.54
CA GLY S 75 17.68 48.07 47.05
C GLY S 75 17.49 46.60 47.31
N LEU S 76 16.35 46.06 46.90
CA LEU S 76 16.07 44.63 47.05
C LEU S 76 16.86 43.79 46.05
N ALA S 77 17.83 43.01 46.55
CA ALA S 77 18.67 42.18 45.70
C ALA S 77 17.88 41.19 44.83
N PRO S 78 16.91 40.45 45.42
CA PRO S 78 16.14 39.50 44.61
C PRO S 78 15.48 40.12 43.36
N ASP S 79 15.02 41.37 43.48
CA ASP S 79 14.43 42.07 42.34
C ASP S 79 15.48 42.45 41.28
N ALA S 80 16.72 42.64 41.73
CA ALA S 80 17.84 42.81 40.81
C ALA S 80 18.13 41.51 40.06
N ARG S 81 18.02 40.39 40.76
CA ARG S 81 18.17 39.08 40.16
C ARG S 81 17.12 38.80 39.07
N VAL S 82 15.86 39.12 39.37
CA VAL S 82 14.74 38.92 38.43
C VAL S 82 14.92 39.75 37.15
N LEU S 83 15.28 41.01 37.32
CA LEU S 83 15.41 41.96 36.22
C LEU S 83 16.67 41.73 35.38
N SER S 84 17.79 41.42 36.03
CA SER S 84 19.04 41.14 35.33
C SER S 84 18.92 39.84 34.55
N ASN S 85 18.11 38.91 35.06
CA ASN S 85 17.88 37.63 34.39
C ASN S 85 17.03 37.81 33.14
N TYR S 86 16.06 38.71 33.22
CA TYR S 86 15.25 39.08 32.09
C TYR S 86 16.13 39.75 31.04
N LEU S 87 17.06 40.56 31.51
CA LEU S 87 17.98 41.24 30.63
C LEU S 87 18.94 40.26 29.94
N ARG S 88 19.42 39.27 30.69
CA ARG S 88 20.25 38.19 30.14
C ARG S 88 19.52 37.48 29.00
N GLN S 89 18.23 37.20 29.20
CA GLN S 89 17.37 36.60 28.18
C GLN S 89 17.22 37.44 26.93
N GLN S 90 16.95 38.74 27.11
CA GLN S 90 16.75 39.65 25.98
C GLN S 90 18.04 39.83 25.19
N CYS S 91 19.16 39.93 25.89
CA CYS S 91 20.47 39.99 25.25
C CYS S 91 20.73 38.73 24.46
N ASN S 92 20.27 37.62 25.02
CA ASN S 92 20.43 36.29 24.46
C ASN S 92 19.57 36.06 23.22
N TYR S 93 18.30 36.43 23.33
CA TYR S 93 17.35 36.34 22.23
C TYR S 93 17.86 37.15 21.04
N SER S 94 18.47 38.30 21.31
CA SER S 94 19.03 39.15 20.25
C SER S 94 20.15 38.45 19.48
N SER S 95 21.02 37.73 20.21
CA SER S 95 22.14 37.00 19.61
C SER S 95 21.70 35.79 18.80
N LEU S 96 20.72 35.05 19.34
CA LEU S 96 20.25 33.83 18.70
C LEU S 96 19.42 34.11 17.45
N VAL S 97 18.44 34.99 17.56
CA VAL S 97 17.53 35.22 16.46
C VAL S 97 18.12 36.13 15.37
N PHE S 98 18.87 37.15 15.78
CA PHE S 98 19.32 38.19 14.85
C PHE S 98 20.83 38.29 14.70
N ASN S 99 21.59 37.54 15.50
CA ASN S 99 23.06 37.61 15.48
C ASN S 99 23.52 39.03 15.79
N ARG S 100 22.79 39.68 16.69
CA ARG S 100 22.93 41.10 16.95
C ARG S 100 23.14 41.26 18.45
N LYS S 101 24.19 41.97 18.85
CA LYS S 101 24.31 42.37 20.25
C LYS S 101 23.24 43.42 20.53
N LEU S 102 22.56 43.27 21.66
CA LEU S 102 21.42 44.13 22.00
C LEU S 102 21.87 45.53 22.40
N ALA S 103 21.26 46.54 21.76
CA ALA S 103 21.59 47.93 22.05
C ALA S 103 21.23 48.29 23.51
N VAL S 104 22.16 48.94 24.22
CA VAL S 104 21.93 49.35 25.60
C VAL S 104 20.66 50.16 25.71
N GLU S 105 20.47 51.10 24.79
CA GLU S 105 19.24 51.89 24.74
C GLU S 105 17.99 51.02 24.72
N ARG S 106 18.02 49.96 23.91
CA ARG S 106 16.87 49.08 23.77
C ARG S 106 16.63 48.23 25.03
N ALA S 107 17.73 47.76 25.64
CA ALA S 107 17.68 47.09 26.94
C ALA S 107 16.97 47.98 27.96
N GLY S 108 17.30 49.28 27.92
CA GLY S 108 16.63 50.28 28.75
C GLY S 108 15.13 50.28 28.53
N HIS S 109 14.70 50.35 27.27
CA HIS S 109 13.27 50.35 26.93
C HIS S 109 12.54 49.09 27.43
N LEU S 110 13.22 47.94 27.40
CA LEU S 110 12.63 46.68 27.82
C LEU S 110 12.44 46.63 29.33
N LEU S 111 13.48 47.07 30.06
CA LEU S 111 13.40 47.19 31.52
C LEU S 111 12.28 48.11 31.97
N CYS S 112 12.16 49.25 31.31
CA CYS S 112 11.10 50.20 31.57
C CYS S 112 9.74 49.53 31.43
N ASP S 113 9.55 48.81 30.32
CA ASP S 113 8.24 48.22 30.01
C ASP S 113 7.88 47.07 30.95
N LYS S 114 8.87 46.29 31.38
CA LYS S 114 8.62 45.20 32.31
C LYS S 114 8.23 45.73 33.70
N ALA S 115 8.93 46.77 34.15
CA ALA S 115 8.63 47.41 35.43
C ALA S 115 7.26 48.07 35.43
N GLN S 116 6.87 48.64 34.30
CA GLN S 116 5.62 49.38 34.17
C GLN S 116 4.39 48.51 34.39
N LYS S 117 4.41 47.28 33.88
CA LYS S 117 3.28 46.36 34.01
C LYS S 117 2.93 46.16 35.49
N ASN S 118 3.97 46.04 36.30
CA ASN S 118 3.85 45.81 37.73
C ASN S 118 3.32 47.02 38.52
N THR S 119 3.13 48.15 37.84
CA THR S 119 2.60 49.36 38.47
C THR S 119 1.15 49.68 38.06
N GLN S 120 0.54 48.80 37.26
CA GLN S 120 -0.80 49.06 36.73
C GLN S 120 -1.82 47.95 37.04
N SER S 121 -1.34 46.83 37.58
CA SER S 121 -2.21 45.66 37.87
C SER S 121 -2.32 45.27 39.35
N TYR S 122 -3.48 44.74 39.71
CA TYR S 122 -3.78 44.23 41.04
C TYR S 122 -3.00 42.96 41.34
N GLY S 123 -2.69 42.74 42.62
CA GLY S 123 -2.00 41.52 43.04
C GLY S 123 -0.49 41.60 42.92
N GLY S 124 0.00 42.38 41.96
CA GLY S 124 1.44 42.59 41.76
C GLY S 124 2.00 43.75 42.57
N ARG S 125 3.33 43.81 42.64
CA ARG S 125 4.02 44.90 43.32
C ARG S 125 5.13 45.48 42.44
N PRO S 126 5.46 46.77 42.64
CA PRO S 126 6.59 47.32 41.92
C PRO S 126 7.87 46.63 42.31
N TYR S 127 8.90 46.79 41.49
CA TYR S 127 10.22 46.30 41.85
C TYR S 127 10.79 47.23 42.90
N GLY S 128 11.62 46.69 43.79
CA GLY S 128 12.17 47.48 44.89
C GLY S 128 13.66 47.65 44.74
N VAL S 129 14.09 48.01 43.54
CA VAL S 129 15.52 48.12 43.24
C VAL S 129 15.78 49.15 42.14
N GLY S 130 16.88 49.89 42.29
CA GLY S 130 17.36 50.79 41.26
C GLY S 130 18.56 50.15 40.57
N LEU S 131 18.72 50.40 39.28
CA LEU S 131 19.80 49.76 38.51
C LEU S 131 20.55 50.76 37.66
N LEU S 132 21.88 50.63 37.67
CA LEU S 132 22.73 51.41 36.78
C LEU S 132 23.31 50.46 35.74
N ILE S 133 22.92 50.68 34.49
CA ILE S 133 23.31 49.80 33.39
C ILE S 133 24.43 50.42 32.57
N ILE S 134 25.53 49.68 32.42
CA ILE S 134 26.59 50.09 31.51
C ILE S 134 26.75 49.11 30.36
N GLY S 135 27.26 49.60 29.23
CA GLY S 135 27.41 48.76 28.05
C GLY S 135 28.15 49.44 26.91
N TYR S 136 28.76 48.63 26.07
CA TYR S 136 29.40 49.11 24.85
C TYR S 136 28.77 48.42 23.65
N ASP S 137 28.18 49.22 22.76
CA ASP S 137 27.53 48.69 21.58
C ASP S 137 27.99 49.42 20.31
N LYS S 138 27.15 49.37 19.27
CA LYS S 138 27.48 49.94 17.97
C LYS S 138 27.45 51.47 17.92
N SER S 139 27.06 52.11 19.02
CA SER S 139 27.10 53.57 19.10
C SER S 139 27.97 54.06 20.26
N GLY S 140 28.79 53.17 20.81
CA GLY S 140 29.79 53.54 21.81
C GLY S 140 29.44 53.17 23.24
N ALA S 141 30.02 53.92 24.18
CA ALA S 141 29.82 53.66 25.61
C ALA S 141 28.50 54.26 26.08
N HIS S 142 27.87 53.60 27.04
CA HIS S 142 26.55 54.02 27.53
C HIS S 142 26.40 53.77 29.03
N LEU S 143 25.66 54.66 29.68
CA LEU S 143 25.20 54.45 31.06
C LEU S 143 23.73 54.84 31.20
N LEU S 144 22.97 53.95 31.82
CA LEU S 144 21.55 54.14 32.01
C LEU S 144 21.20 54.06 33.48
N GLU S 145 20.16 54.79 33.89
CA GLU S 145 19.62 54.69 35.24
C GLU S 145 18.19 54.16 35.19
N PHE S 146 17.95 53.06 35.90
CA PHE S 146 16.64 52.46 36.00
C PHE S 146 15.99 52.73 37.35
N GLN S 147 14.74 53.19 37.33
CA GLN S 147 13.94 53.38 38.53
C GLN S 147 12.67 52.52 38.43
N PRO S 148 12.27 51.87 39.54
CA PRO S 148 11.14 50.94 39.58
C PRO S 148 9.83 51.57 39.16
N SER S 149 9.81 52.89 39.04
CA SER S 149 8.67 53.61 38.48
C SER S 149 8.54 53.29 37.00
N GLY S 150 9.64 52.80 36.43
CA GLY S 150 9.73 52.51 34.99
C GLY S 150 10.49 53.58 34.23
N ASN S 151 10.99 54.59 34.93
CA ASN S 151 11.78 55.65 34.30
C ASN S 151 13.23 55.25 34.09
N VAL S 152 13.63 55.19 32.82
CA VAL S 152 14.99 54.86 32.42
C VAL S 152 15.61 56.06 31.72
N THR S 153 16.84 56.40 32.13
CA THR S 153 17.48 57.63 31.71
C THR S 153 18.95 57.41 31.37
N GLU S 154 19.37 57.93 30.22
CA GLU S 154 20.75 57.85 29.80
C GLU S 154 21.57 59.07 30.25
N LEU S 155 22.75 58.81 30.81
CA LEU S 155 23.54 59.83 31.48
C LEU S 155 25.03 59.58 31.23
N TYR S 156 25.85 60.62 31.43
CA TYR S 156 27.31 60.50 31.44
C TYR S 156 27.78 59.88 32.75
N GLY S 157 27.06 60.19 33.82
CA GLY S 157 27.36 59.66 35.16
C GLY S 157 26.17 59.78 36.08
N THR S 158 26.14 58.98 37.15
CA THR S 158 25.10 59.06 38.16
C THR S 158 25.38 58.16 39.37
N ALA S 159 24.54 58.29 40.39
CA ALA S 159 24.64 57.50 41.61
C ALA S 159 23.28 57.31 42.26
N ILE S 160 23.07 56.12 42.82
CA ILE S 160 21.86 55.81 43.55
C ILE S 160 22.22 55.11 44.86
N GLY S 161 21.33 55.22 45.85
CA GLY S 161 21.54 54.62 47.16
C GLY S 161 21.71 55.63 48.28
N ALA S 162 22.10 55.12 49.46
CA ALA S 162 22.32 55.94 50.64
C ALA S 162 23.41 56.99 50.39
N ARG S 163 23.05 58.26 50.65
CA ARG S 163 23.96 59.41 50.53
C ARG S 163 24.48 59.63 49.10
N SER S 164 23.68 59.21 48.12
CA SER S 164 24.11 59.22 46.72
C SER S 164 24.34 60.62 46.17
N GLN S 165 23.72 61.61 46.81
CA GLN S 165 23.78 63.00 46.37
C GLN S 165 25.21 63.57 46.40
N GLY S 166 26.06 63.04 47.28
CA GLY S 166 27.47 63.42 47.32
C GLY S 166 28.18 63.15 46.00
N ALA S 167 28.19 61.88 45.61
CA ALA S 167 28.82 61.44 44.37
C ALA S 167 28.22 62.08 43.13
N LYS S 168 26.90 62.26 43.13
CA LYS S 168 26.20 62.86 42.01
C LYS S 168 26.58 64.34 41.79
N THR S 169 26.78 65.07 42.88
CA THR S 169 27.25 66.46 42.83
C THR S 169 28.68 66.51 42.28
N TYR S 170 29.55 65.67 42.85
CA TYR S 170 30.93 65.54 42.38
C TYR S 170 30.99 65.26 40.87
N LEU S 171 30.18 64.30 40.43
CA LEU S 171 30.13 63.91 39.01
C LEU S 171 29.66 65.04 38.10
N GLU S 172 28.69 65.82 38.59
CA GLU S 172 28.16 66.95 37.85
C GLU S 172 29.25 68.00 37.67
N ARG S 173 30.07 68.14 38.71
CA ARG S 173 31.16 69.10 38.75
C ARG S 173 32.36 68.62 37.89
N THR S 174 32.66 67.31 37.97
CA THR S 174 33.78 66.70 37.23
C THR S 174 33.45 66.41 35.76
N LEU S 175 32.23 66.75 35.32
CA LEU S 175 31.72 66.33 33.99
C LEU S 175 32.71 66.49 32.85
N ASP S 176 33.23 67.69 32.68
CA ASP S 176 34.12 67.99 31.55
C ASP S 176 35.47 67.27 31.57
N THR S 177 35.85 66.73 32.74
CA THR S 177 37.09 65.96 32.86
C THR S 177 36.90 64.49 32.44
N PHE S 178 36.07 63.75 33.18
CA PHE S 178 35.97 62.29 33.01
C PHE S 178 35.45 61.85 31.64
N ILE S 179 34.57 62.66 31.05
CA ILE S 179 33.97 62.39 29.74
C ILE S 179 35.05 62.21 28.66
N LYS S 180 36.25 62.72 28.96
CA LYS S 180 37.41 62.63 28.07
C LYS S 180 38.45 61.61 28.53
N ILE S 181 38.18 60.91 29.64
CA ILE S 181 39.17 59.98 30.22
C ILE S 181 39.27 58.66 29.46
N ASP S 182 39.41 58.91 27.28
CA ASP S 182 39.37 57.94 26.23
C ASP S 182 40.71 57.21 26.15
N GLY S 183 40.65 55.88 26.08
CA GLY S 183 41.84 55.05 25.96
C GLY S 183 42.52 54.72 27.27
N ASN S 184 42.02 55.31 28.37
CA ASN S 184 42.62 55.08 29.68
C ASN S 184 41.61 54.54 30.69
N PRO S 185 41.53 53.20 30.81
CA PRO S 185 40.60 52.55 31.74
C PRO S 185 40.88 52.86 33.22
N ASP S 186 42.14 52.71 33.63
CA ASP S 186 42.52 52.90 35.04
C ASP S 186 42.13 54.27 35.58
N GLU S 187 42.27 55.31 34.75
CA GLU S 187 41.91 56.66 35.17
C GLU S 187 40.39 56.86 35.31
N LEU S 188 39.62 56.18 34.46
CA LEU S 188 38.15 56.28 34.52
C LEU S 188 37.65 55.68 35.82
N ILE S 189 38.21 54.54 36.20
CA ILE S 189 37.89 53.89 37.46
C ILE S 189 38.30 54.78 38.63
N LYS S 190 39.48 55.39 38.53
CA LYS S 190 39.97 56.33 39.55
C LYS S 190 38.98 57.47 39.77
N ALA S 191 38.46 58.01 38.67
CA ALA S 191 37.43 59.05 38.71
C ALA S 191 36.11 58.54 39.29
N GLY S 192 35.88 57.23 39.19
CA GLY S 192 34.70 56.61 39.80
C GLY S 192 34.89 56.39 41.28
N VAL S 193 36.05 55.86 41.65
CA VAL S 193 36.39 55.59 43.05
C VAL S 193 36.42 56.90 43.85
N GLU S 194 36.88 57.97 43.22
CA GLU S 194 36.87 59.31 43.82
C GLU S 194 35.45 59.88 43.91
N ALA S 195 34.56 59.42 43.03
CA ALA S 195 33.17 59.83 43.06
C ALA S 195 32.42 59.15 44.20
N ILE S 196 32.58 57.85 44.34
CA ILE S 196 31.85 57.07 45.35
C ILE S 196 32.21 57.48 46.79
N SER S 197 33.44 57.92 46.99
CA SER S 197 33.94 58.29 48.33
C SER S 197 33.37 59.60 48.85
N GLN S 198 32.77 60.37 47.95
CA GLN S 198 32.07 61.61 48.27
C GLN S 198 30.74 61.33 48.98
N SER S 199 30.42 60.06 49.18
CA SER S 199 29.20 59.61 49.83
C SER S 199 29.52 58.76 51.06
N LEU S 200 30.81 58.62 51.37
CA LEU S 200 31.25 57.88 52.54
C LEU S 200 30.98 58.66 53.83
N ARG S 201 30.93 57.93 54.95
CA ARG S 201 30.62 58.52 56.26
C ARG S 201 30.97 57.53 57.37
N ASP S 202 30.21 56.44 57.43
CA ASP S 202 30.46 55.32 58.33
C ASP S 202 31.92 54.85 58.20
N GLU S 203 32.28 54.41 56.99
CA GLU S 203 33.66 54.05 56.66
C GLU S 203 33.98 54.55 55.26
N SER S 204 36.74 54.13 55.50
CA SER S 204 37.19 54.14 54.12
C SER S 204 36.75 52.88 53.35
N LEU S 205 36.87 52.94 52.02
CA LEU S 205 36.57 51.81 51.16
C LEU S 205 37.74 50.83 51.12
N THR S 206 37.52 49.60 51.58
CA THR S 206 38.60 48.63 51.73
C THR S 206 38.59 47.54 50.66
N VAL S 207 39.44 46.53 50.84
CA VAL S 207 39.68 45.50 49.83
C VAL S 207 38.48 44.58 49.58
N ASP S 208 37.90 44.04 50.65
CA ASP S 208 36.74 43.14 50.55
C ASP S 208 35.42 43.92 50.62
N ASN S 209 35.55 45.20 50.95
CA ASN S 209 34.42 46.12 51.08
C ASN S 209 33.92 46.48 49.68
N LEU S 210 35.28 47.07 48.14
CA LEU S 210 35.02 47.78 46.91
C LEU S 210 34.66 46.78 45.81
N SER S 211 33.83 47.22 44.87
CA SER S 211 33.46 46.40 43.72
C SER S 211 33.45 47.26 42.45
N ILE S 212 34.22 46.82 41.45
CA ILE S 212 34.40 47.57 40.21
C ILE S 212 34.08 46.72 38.98
N ALA S 213 33.40 47.35 38.02
CA ALA S 213 33.09 46.73 36.74
C ALA S 213 33.42 47.68 35.61
N ILE S 214 33.92 47.13 34.52
CA ILE S 214 34.32 47.93 33.37
C ILE S 214 33.96 47.23 32.06
N VAL S 215 33.51 48.02 31.08
CA VAL S 215 33.20 47.54 29.74
C VAL S 215 33.71 48.60 28.75
N GLY S 216 34.03 48.20 27.53
CA GLY S 216 34.47 49.19 26.53
C GLY S 216 35.07 48.65 25.25
N LYS S 217 35.51 49.59 24.40
CA LYS S 217 35.96 49.32 23.03
C LYS S 217 36.46 47.90 22.76
N ASP S 218 37.59 47.53 23.35
CA ASP S 218 38.10 46.17 23.20
C ASP S 218 38.21 45.47 24.55
N THR S 219 37.25 45.76 25.43
CA THR S 219 37.24 45.19 26.78
C THR S 219 35.86 44.65 27.14
N PRO S 220 35.72 43.31 27.23
CA PRO S 220 34.46 42.71 27.63
C PRO S 220 34.10 43.06 29.07
N PHE S 221 32.81 43.06 29.38
CA PHE S 221 32.34 43.39 30.72
C PHE S 221 32.94 42.41 31.75
N THR S 222 33.70 42.96 32.69
CA THR S 222 34.37 42.16 33.73
C THR S 222 34.27 42.79 35.13
N ILE S 223 34.18 41.92 36.14
CA ILE S 223 34.01 42.32 37.53
C ILE S 223 35.33 42.19 38.29
N TYR S 224 35.67 43.21 39.06
CA TYR S 224 36.83 43.16 39.94
C TYR S 224 36.43 43.22 41.41
N ASP S 225 36.97 42.28 42.20
CA ASP S 225 36.71 42.19 43.64
C ASP S 225 37.97 41.77 44.40
N GLY S 226 38.14 42.31 45.60
CA GLY S 226 39.27 41.96 46.46
C GLY S 226 40.62 42.47 45.98
N GLU S 227 41.64 41.64 46.13
CA GLU S 227 43.01 41.91 45.67
C GLU S 227 43.05 42.63 44.32
N ALA S 228 42.07 42.33 43.47
CA ALA S 228 41.97 42.90 42.14
C ALA S 228 41.65 44.40 42.14
N VAL S 229 40.97 44.88 43.18
CA VAL S 229 40.68 46.31 43.31
C VAL S 229 41.64 47.02 44.25
N ALA S 230 42.57 46.26 44.83
CA ALA S 230 43.52 46.77 45.83
C ALA S 230 44.32 47.98 45.35
N LYS S 231 44.68 47.98 44.06
CA LYS S 231 45.46 49.07 43.48
C LYS S 231 44.67 50.37 43.24
N TYR S 232 43.39 50.38 43.63
CA TYR S 232 42.53 51.57 43.47
C TYR S 232 42.20 52.23 44.80
N ILE S 233 42.54 51.55 45.89
CA ILE S 233 42.40 52.07 47.24
C ILE S 233 43.61 52.95 47.58
N GLY T 1 -22.27 58.10 51.65
CA GLY T 1 -21.03 58.09 52.49
C GLY T 1 -19.80 58.50 51.71
N THR T 2 -18.68 57.81 51.95
CA THR T 2 -17.45 58.03 51.19
C THR T 2 -16.79 56.71 50.74
N GLY T 3 -15.59 56.81 50.19
CA GLY T 3 -14.82 55.66 49.71
C GLY T 3 -14.95 55.40 48.22
N TYR T 4 -15.79 56.20 47.55
CA TYR T 4 -16.05 56.06 46.11
C TYR T 4 -14.80 56.30 45.26
N ASP T 5 -13.80 56.94 45.84
CA ASP T 5 -12.60 57.32 45.11
C ASP T 5 -11.45 56.33 45.31
N LEU T 6 -11.72 55.25 46.04
CA LEU T 6 -10.68 54.25 46.35
C LEU T 6 -10.58 53.12 45.31
N SER T 7 -11.58 53.00 44.44
CA SER T 7 -11.66 51.90 43.48
C SER T 7 -11.92 52.43 42.06
N ASN T 8 -11.34 51.76 41.07
CA ASN T 8 -11.33 52.27 39.70
C ASN T 8 -12.68 52.35 38.98
N SER T 9 -13.44 51.27 38.89
CA SER T 9 -14.64 51.35 38.05
C SER T 9 -15.89 51.96 38.73
N VAL T 10 -15.70 52.67 39.84
CA VAL T 10 -16.81 53.05 40.71
C VAL T 10 -17.38 54.44 40.43
N PHE T 11 -18.68 54.51 40.20
CA PHE T 11 -19.40 55.76 40.06
C PHE T 11 -19.59 56.41 41.42
N SER T 12 -19.10 57.63 41.53
CA SER T 12 -19.47 58.49 42.65
C SER T 12 -20.93 58.92 42.50
N PRO T 13 -21.55 59.42 43.58
CA PRO T 13 -22.96 59.84 43.49
C PRO T 13 -23.27 60.88 42.40
N ASP T 14 -22.25 61.62 41.96
CA ASP T 14 -22.42 62.58 40.86
C ASP T 14 -22.01 62.04 39.50
N GLY T 15 -22.09 60.72 39.34
CA GLY T 15 -21.80 60.04 38.06
C GLY T 15 -20.37 60.09 37.57
N ARG T 16 -19.42 60.35 38.47
CA ARG T 16 -18.02 60.48 38.09
C ARG T 16 -17.19 59.27 38.50
N ASN T 17 -16.06 59.07 37.82
CA ASN T 17 -15.10 58.05 38.17
C ASN T 17 -13.85 58.74 38.69
N PHE T 18 -13.84 58.97 40.00
CA PHE T 18 -12.79 59.75 40.64
C PHE T 18 -11.37 59.25 40.37
N GLN T 19 -11.18 57.93 40.30
CA GLN T 19 -9.87 57.37 40.02
C GLN T 19 -9.27 57.86 38.70
N VAL T 20 -10.12 58.09 37.72
CA VAL T 20 -9.70 58.61 36.43
C VAL T 20 -9.29 60.07 36.58
N GLU T 21 -10.06 60.82 37.36
CA GLU T 21 -9.79 62.24 37.60
C GLU T 21 -8.50 62.47 38.37
N TYR T 22 -8.15 61.51 39.21
CA TYR T 22 -6.90 61.55 39.94
C TYR T 22 -5.73 61.29 38.99
N ALA T 23 -5.97 60.47 37.96
CA ALA T 23 -4.98 60.19 36.94
C ALA T 23 -4.67 61.46 36.17
N VAL T 24 -5.73 62.22 35.88
CA VAL T 24 -5.62 63.53 35.22
C VAL T 24 -4.70 64.47 36.02
N LYS T 25 -4.71 64.37 37.34
CA LYS T 25 -3.79 65.15 38.18
C LYS T 25 -2.33 64.79 37.91
N ALA T 26 -2.08 63.51 37.65
CA ALA T 26 -0.73 63.04 37.32
C ALA T 26 -0.27 63.59 35.96
N VAL T 27 -1.23 63.77 35.06
CA VAL T 27 -0.97 64.34 33.74
C VAL T 27 -0.58 65.81 33.88
N GLU T 28 -1.36 66.54 34.66
CA GLU T 28 -1.16 67.98 34.86
C GLU T 28 0.15 68.25 35.57
N ASN T 29 0.63 67.25 36.28
CA ASN T 29 1.90 67.30 36.98
C ASN T 29 3.07 67.12 36.02
N GLY T 30 2.76 66.79 34.77
CA GLY T 30 3.79 66.45 33.79
C GLY T 30 4.29 67.60 32.94
N THR T 31 5.40 67.34 32.26
CA THR T 31 5.97 68.20 31.23
C THR T 31 4.94 68.58 30.17
N THR T 32 5.13 69.72 29.51
CA THR T 32 4.17 70.11 28.48
C THR T 32 4.58 69.65 27.08
N SER T 33 3.57 69.31 26.29
CA SER T 33 3.76 68.76 24.97
C SER T 33 2.59 69.18 24.10
N ILE T 34 2.84 69.35 22.80
CA ILE T 34 1.82 69.91 21.90
C ILE T 34 1.72 69.27 20.52
N GLY T 35 0.60 69.53 19.85
CA GLY T 35 0.43 69.14 18.47
C GLY T 35 -0.15 70.30 17.68
N ILE T 36 0.42 70.55 16.49
CA ILE T 36 -0.11 71.54 15.55
C ILE T 36 -0.43 70.87 14.21
N LYS T 37 -1.70 70.89 13.85
CA LYS T 37 -2.12 70.48 12.51
C LYS T 37 -1.79 71.60 11.53
N CYS T 38 -1.43 71.22 10.30
CA CYS T 38 -1.12 72.19 9.24
C CYS T 38 -1.76 71.78 7.93
N ASN T 39 -1.46 72.53 6.87
CA ASN T 39 -2.17 72.37 5.58
C ASN T 39 -1.98 71.01 4.88
N ASP T 40 -0.96 70.26 5.26
CA ASP T 40 -0.74 68.92 4.72
C ASP T 40 -0.08 67.93 5.71
N GLY T 41 -0.23 68.20 7.01
CA GLY T 41 0.38 67.35 8.04
C GLY T 41 0.22 67.79 9.47
N VAL T 42 1.13 67.31 10.33
CA VAL T 42 1.09 67.56 11.76
C VAL T 42 2.50 67.73 12.31
N VAL T 43 2.63 68.55 13.35
CA VAL T 43 3.90 68.80 13.98
C VAL T 43 3.77 68.53 15.48
N PHE T 44 4.72 67.79 16.03
CA PHE T 44 4.71 67.44 17.44
C PHE T 44 5.91 68.04 18.13
N ALA T 45 5.72 68.43 19.39
CA ALA T 45 6.78 69.03 20.18
C ALA T 45 6.54 68.81 21.66
N VAL T 46 7.63 68.77 22.42
CA VAL T 46 7.60 68.47 23.85
C VAL T 46 8.77 69.16 24.58
N GLU T 47 8.58 69.42 25.87
CA GLU T 47 9.61 69.99 26.74
C GLU T 47 10.34 68.86 27.46
N LYS T 48 11.67 68.93 27.53
CA LYS T 48 12.44 67.92 28.23
C LYS T 48 13.28 68.55 29.32
N LEU T 49 12.83 68.46 30.56
CA LEU T 49 13.53 69.05 31.70
C LEU T 49 14.94 68.48 31.90
N ILE T 50 15.93 69.37 31.96
CA ILE T 50 17.30 68.97 32.25
C ILE T 50 17.44 68.86 33.76
N THR T 51 17.14 67.67 34.30
CA THR T 51 17.26 67.40 35.73
C THR T 51 18.70 67.63 36.20
N SER T 52 19.64 67.38 35.29
CA SER T 52 21.06 67.39 35.63
C SER T 52 21.86 67.55 34.35
N LYS T 53 23.04 68.15 34.47
CA LYS T 53 23.99 68.24 33.36
C LYS T 53 24.34 66.84 32.85
N LEU T 54 24.17 65.85 33.71
CA LEU T 54 24.59 64.47 33.43
C LEU T 54 23.73 63.74 32.40
N LEU T 55 22.48 64.16 32.22
CA LEU T 55 21.66 63.69 31.10
C LEU T 55 22.40 63.97 29.78
N VAL T 56 22.59 62.93 28.96
CA VAL T 56 23.21 63.14 27.66
C VAL T 56 22.20 63.86 26.75
N PRO T 57 22.59 65.03 26.22
CA PRO T 57 21.66 65.80 25.38
C PRO T 57 21.34 65.11 24.06
N GLN T 58 20.09 65.28 23.61
CA GLN T 58 19.53 64.65 22.40
C GLN T 58 19.36 63.12 22.50
N LYS T 59 19.42 62.57 23.71
CA LYS T 59 19.47 61.11 23.88
C LYS T 59 18.23 60.45 24.48
N ASN T 60 17.61 61.10 25.47
CA ASN T 60 16.45 60.51 26.12
C ASN T 60 15.17 60.89 25.37
N VAL T 61 15.07 60.39 24.14
CA VAL T 61 14.00 60.72 23.20
C VAL T 61 12.61 60.33 23.72
N LYS T 62 11.65 61.24 23.58
CA LYS T 62 10.31 61.06 24.15
C LYS T 62 9.21 60.89 23.11
N ILE T 63 9.38 61.48 21.93
CA ILE T 63 8.40 61.32 20.84
C ILE T 63 8.52 59.91 20.26
N GLN T 64 7.40 59.26 20.01
CA GLN T 64 7.42 57.89 19.49
C GLN T 64 6.66 57.75 18.19
N VAL T 65 7.25 57.00 17.26
CA VAL T 65 6.60 56.65 16.00
C VAL T 65 5.79 55.36 16.15
N VAL T 66 4.63 55.33 15.49
CA VAL T 66 3.82 54.14 15.37
C VAL T 66 3.70 53.85 13.89
N ASP T 67 3.98 52.59 13.51
CA ASP T 67 4.03 52.19 12.10
C ASP T 67 5.10 53.05 11.43
N ARG T 68 4.76 53.72 10.34
CA ARG T 68 5.71 54.62 9.70
C ARG T 68 5.18 56.05 9.53
N HIS T 69 3.87 56.22 9.69
CA HIS T 69 3.19 57.49 9.45
C HIS T 69 2.58 58.20 10.68
N ILE T 70 2.66 57.58 11.86
CA ILE T 70 2.02 58.14 13.05
C ILE T 70 3.04 58.58 14.11
N GLY T 71 2.86 59.79 14.62
CA GLY T 71 3.64 60.30 15.75
C GLY T 71 2.80 60.30 17.00
N CYS T 72 3.44 60.03 18.14
CA CYS T 72 2.79 60.07 19.46
C CYS T 72 3.69 60.73 20.48
N VAL T 73 3.13 61.72 21.17
CA VAL T 73 3.80 62.33 22.29
C VAL T 73 2.80 62.43 23.45
N TYR T 74 3.32 62.47 24.68
CA TYR T 74 2.46 62.45 25.86
C TYR T 74 3.04 63.19 27.09
N SER T 75 2.15 63.49 28.03
CA SER T 75 2.50 64.13 29.29
C SER T 75 1.96 63.29 30.41
N GLY T 76 2.76 63.13 31.45
CA GLY T 76 2.33 62.39 32.63
C GLY T 76 3.34 61.36 33.03
N LEU T 77 2.85 60.16 33.31
CA LEU T 77 3.71 59.03 33.66
C LEU T 77 4.27 58.42 32.37
N ILE T 78 5.55 58.66 32.11
CA ILE T 78 6.19 58.21 30.85
C ILE T 78 6.03 56.70 30.59
N PRO T 79 6.31 55.85 31.60
CA PRO T 79 6.06 54.41 31.43
C PRO T 79 4.66 54.09 30.92
N ASP T 80 3.64 54.76 31.47
CA ASP T 80 2.27 54.58 31.00
C ASP T 80 2.11 54.96 29.52
N GLY T 81 2.81 56.01 29.10
CA GLY T 81 2.82 56.46 27.71
C GLY T 81 3.41 55.40 26.80
N ARG T 82 4.58 54.89 27.17
CA ARG T 82 5.22 53.81 26.42
C ARG T 82 4.28 52.60 26.25
N HIS T 83 3.62 52.21 27.33
CA HIS T 83 2.69 51.09 27.33
C HIS T 83 1.60 51.30 26.28
N LEU T 84 1.17 52.55 26.15
CA LEU T 84 0.09 52.87 25.22
C LEU T 84 0.56 52.81 23.76
N VAL T 85 1.82 53.12 23.53
CA VAL T 85 2.37 53.13 22.18
C VAL T 85 2.63 51.69 21.75
N ASN T 86 3.12 50.87 22.67
CA ASN T 86 3.29 49.44 22.43
C ASN T 86 2.00 48.82 21.94
N ARG T 87 0.92 49.06 22.68
CA ARG T 87 -0.40 48.60 22.27
C ARG T 87 -0.80 49.20 20.91
N GLY T 88 -0.52 50.48 20.73
CA GLY T 88 -0.76 51.17 19.46
C GLY T 88 -0.03 50.55 18.27
N ARG T 89 1.22 50.14 18.50
CA ARG T 89 2.03 49.48 17.50
C ARG T 89 1.50 48.08 17.11
N GLU T 90 1.02 47.33 18.10
CA GLU T 90 0.41 46.02 17.86
C GLU T 90 -0.88 46.22 17.09
N GLU T 91 -1.60 47.25 17.50
CA GLU T 91 -2.90 47.57 16.94
C GLU T 91 -2.75 47.97 15.46
N ALA T 92 -1.64 48.63 15.11
CA ALA T 92 -1.35 49.01 13.73
C ALA T 92 -0.90 47.80 12.91
N ALA T 93 0.02 47.01 13.46
CA ALA T 93 0.49 45.78 12.82
C ALA T 93 -0.68 44.88 12.44
N SER T 94 -1.58 44.68 13.39
CA SER T 94 -2.75 43.83 13.20
C SER T 94 -3.66 44.35 12.06
N PHE T 95 -3.86 45.66 12.00
CA PHE T 95 -4.67 46.30 10.94
C PHE T 95 -4.04 46.15 9.55
N LYS T 96 -2.72 46.37 9.48
CA LYS T 96 -1.98 46.31 8.23
C LYS T 96 -1.91 44.87 7.68
N LYS T 97 -1.60 43.93 8.56
CA LYS T 97 -1.57 42.50 8.24
C LYS T 97 -2.87 42.04 7.57
N LEU T 98 -4.01 42.43 8.12
CA LEU T 98 -5.28 41.97 7.58
C LEU T 98 -5.77 42.75 6.36
N TYR T 99 -5.59 44.07 6.36
CA TYR T 99 -6.17 44.94 5.34
C TYR T 99 -5.16 45.52 4.35
N LYS T 100 -3.89 45.18 4.55
CA LYS T 100 -2.79 45.59 3.69
C LYS T 100 -2.42 47.08 3.83
N THR T 101 -3.42 47.96 3.68
CA THR T 101 -3.20 49.40 3.81
C THR T 101 -2.79 49.81 5.25
N PRO T 102 -1.84 50.76 5.38
CA PRO T 102 -1.50 51.30 6.71
C PRO T 102 -2.71 51.95 7.38
N ILE T 103 -2.77 51.83 8.72
CA ILE T 103 -3.96 52.25 9.48
C ILE T 103 -4.32 53.75 9.38
N PRO T 104 -5.56 54.06 8.94
CA PRO T 104 -6.03 55.46 8.95
C PRO T 104 -5.99 56.05 10.36
N ILE T 105 -5.63 57.32 10.46
CA ILE T 105 -5.47 58.00 11.74
C ILE T 105 -6.74 57.98 12.61
N PRO T 106 -7.93 58.26 12.03
CA PRO T 106 -9.12 58.10 12.87
C PRO T 106 -9.24 56.69 13.44
N ALA T 107 -9.08 55.68 12.59
CA ALA T 107 -9.10 54.28 12.99
C ALA T 107 -8.09 53.99 14.09
N PHE T 108 -6.89 54.53 13.96
CA PHE T 108 -5.90 54.37 15.01
C PHE T 108 -6.32 55.03 16.31
N ALA T 109 -6.94 56.19 16.21
CA ALA T 109 -7.34 56.92 17.41
C ALA T 109 -8.33 56.11 18.24
N ASP T 110 -9.27 55.43 17.58
CA ASP T 110 -10.26 54.64 18.30
C ASP T 110 -9.64 53.39 18.93
N ARG T 111 -8.65 52.80 18.28
CA ARG T 111 -7.97 51.66 18.88
C ARG T 111 -7.40 52.04 20.23
N LEU T 112 -6.72 53.18 20.30
CA LEU T 112 -6.20 53.69 21.57
C LEU T 112 -7.33 54.06 22.52
N GLY T 113 -8.39 54.67 21.97
CA GLY T 113 -9.56 55.09 22.73
C GLY T 113 -10.20 53.96 23.51
N GLN T 114 -10.53 52.88 22.80
CA GLN T 114 -11.13 51.69 23.40
C GLN T 114 -10.21 51.03 24.44
N TYR T 115 -8.91 51.03 24.18
CA TYR T 115 -7.98 50.38 25.08
C TYR T 115 -7.87 51.14 26.39
N VAL T 116 -7.73 52.46 26.28
CA VAL T 116 -7.70 53.33 27.44
C VAL T 116 -9.04 53.27 28.18
N GLN T 117 -10.14 53.26 27.43
CA GLN T 117 -11.48 53.16 28.01
C GLN T 117 -11.62 51.84 28.77
N ALA T 118 -11.00 50.79 28.25
CA ALA T 118 -11.04 49.49 28.90
C ALA T 118 -10.47 49.56 30.34
N HIS T 119 -9.45 50.39 30.53
CA HIS T 119 -8.83 50.53 31.85
C HIS T 119 -9.60 51.44 32.83
N THR T 120 -10.88 51.69 32.52
CA THR T 120 -11.76 52.44 33.41
C THR T 120 -13.00 51.61 33.73
N LEU T 121 -12.97 50.34 33.29
CA LEU T 121 -14.10 49.42 33.39
C LEU T 121 -14.05 48.43 34.56
N TYR T 122 -12.87 48.29 35.17
CA TYR T 122 -12.62 47.29 36.20
C TYR T 122 -11.79 47.88 37.34
N ASN T 123 -11.97 47.33 38.55
CA ASN T 123 -11.14 47.76 39.70
C ASN T 123 -9.81 47.04 39.82
N SER T 124 -9.56 46.10 38.91
CA SER T 124 -8.35 45.31 38.96
C SER T 124 -7.21 45.96 38.17
N VAL T 125 -7.54 46.99 37.39
CA VAL T 125 -6.52 47.78 36.72
C VAL T 125 -6.64 49.24 37.12
N ARG T 126 -5.57 49.98 36.91
CA ARG T 126 -5.50 51.41 37.16
C ARG T 126 -5.63 52.14 35.83
N PRO T 127 -6.25 53.35 35.81
CA PRO T 127 -6.31 54.14 34.57
C PRO T 127 -4.94 54.63 34.12
N PHE T 128 -4.86 55.11 32.89
CA PHE T 128 -3.59 55.61 32.36
C PHE T 128 -3.21 56.99 32.91
N GLY T 129 -1.97 57.13 33.33
CA GLY T 129 -1.46 58.40 33.84
C GLY T 129 -0.85 59.31 32.79
N VAL T 130 -1.44 59.35 31.59
CA VAL T 130 -0.96 60.21 30.51
C VAL T 130 -2.09 60.78 29.67
N SER T 131 -1.85 61.96 29.10
CA SER T 131 -2.66 62.45 27.99
C SER T 131 -1.74 62.40 26.78
N THR T 132 -2.27 61.90 25.67
CA THR T 132 -1.44 61.59 24.50
C THR T 132 -1.92 62.36 23.30
N ILE T 133 -1.00 63.12 22.71
CA ILE T 133 -1.25 63.82 21.46
C ILE T 133 -0.56 63.03 20.35
N PHE T 134 -1.31 62.74 19.30
CA PHE T 134 -0.82 61.91 18.22
C PHE T 134 -1.54 62.24 16.92
N GLY T 135 -0.96 61.79 15.80
CA GLY T 135 -1.58 61.96 14.50
C GLY T 135 -0.63 61.70 13.35
N GLY T 136 -1.13 61.94 12.14
CA GLY T 136 -0.33 61.75 10.94
C GLY T 136 -1.09 61.97 9.67
N VAL T 137 -0.57 61.39 8.59
CA VAL T 137 -1.15 61.55 7.26
C VAL T 137 -1.73 60.22 6.78
N ASP T 138 -2.88 60.29 6.11
CA ASP T 138 -3.44 59.13 5.44
C ASP T 138 -4.16 59.49 4.14
N LYS T 139 -4.81 58.49 3.55
CA LYS T 139 -5.56 58.61 2.30
C LYS T 139 -6.29 59.95 2.14
N ASN T 140 -6.99 60.40 3.18
CA ASN T 140 -7.64 61.72 3.10
C ASN T 140 -7.14 62.79 4.07
N GLY T 141 -5.82 62.95 4.14
CA GLY T 141 -5.21 64.14 4.74
C GLY T 141 -4.55 63.97 6.08
N ALA T 142 -4.40 65.10 6.78
CA ALA T 142 -3.75 65.12 8.08
C ALA T 142 -4.79 65.07 9.18
N HIS T 143 -4.44 64.47 10.31
CA HIS T 143 -5.31 64.41 11.46
C HIS T 143 -4.50 64.57 12.73
N LEU T 144 -5.00 65.40 13.64
CA LEU T 144 -4.42 65.56 14.97
C LEU T 144 -5.43 65.09 16.03
N TYR T 145 -4.93 64.47 17.09
CA TYR T 145 -5.78 63.91 18.15
C TYR T 145 -5.16 64.10 19.50
N MET T 146 -6.02 64.27 20.51
CA MET T 146 -5.60 64.22 21.89
C MET T 146 -6.51 63.26 22.65
N LEU T 147 -5.89 62.39 23.44
CA LEU T 147 -6.61 61.34 24.18
C LEU T 147 -6.36 61.46 25.68
N GLU T 148 -7.46 61.62 26.43
CA GLU T 148 -7.44 61.77 27.90
C GLU T 148 -7.47 60.41 28.64
N PRO T 149 -6.99 60.39 29.91
CA PRO T 149 -7.04 59.17 30.73
C PRO T 149 -8.39 58.44 30.80
N SER T 150 -9.47 59.14 30.47
CA SER T 150 -10.80 58.50 30.50
C SER T 150 -11.08 57.69 29.24
N GLY T 151 -10.24 57.90 28.22
CA GLY T 151 -10.47 57.29 26.92
C GLY T 151 -11.12 58.28 25.96
N SER T 152 -11.40 59.47 26.49
CA SER T 152 -11.93 60.55 25.67
C SER T 152 -10.88 61.10 24.71
N TYR T 153 -11.28 61.26 23.46
CA TYR T 153 -10.45 61.85 22.43
C TYR T 153 -11.31 62.60 21.42
N TRP T 154 -10.71 63.59 20.79
CA TRP T 154 -11.34 64.31 19.69
C TRP T 154 -10.28 64.69 18.66
N GLY T 155 -10.71 65.05 17.45
CA GLY T 155 -9.83 65.69 16.47
C GLY T 155 -9.58 67.14 16.88
N TYR T 156 -8.33 67.60 16.73
CA TYR T 156 -7.97 68.97 17.10
C TYR T 156 -7.28 69.72 15.95
N LYS T 157 -7.41 71.04 15.93
CA LYS T 157 -6.60 71.92 15.08
C LYS T 157 -5.23 72.14 15.73
N GLY T 158 -5.25 72.28 17.05
CA GLY T 158 -4.06 72.40 17.85
C GLY T 158 -4.37 71.81 19.21
N ALA T 159 -3.35 71.26 19.87
CA ALA T 159 -3.56 70.50 21.10
C ALA T 159 -2.43 70.72 22.09
N ALA T 160 -2.77 70.69 23.37
CA ALA T 160 -1.79 70.92 24.43
C ALA T 160 -2.15 70.19 25.72
N THR T 161 -1.11 69.77 26.44
CA THR T 161 -1.28 69.04 27.70
C THR T 161 -0.05 69.18 28.59
N GLY T 162 -0.26 69.10 29.91
CA GLY T 162 0.82 69.25 30.88
C GLY T 162 0.83 70.57 31.63
N LYS T 163 1.91 70.79 32.39
CA LYS T 163 2.08 71.95 33.27
C LYS T 163 1.71 73.30 32.61
N GLY T 164 2.10 73.48 31.36
CA GLY T 164 1.86 74.75 30.67
C GLY T 164 0.79 74.67 29.60
N ARG T 165 -0.23 73.87 29.83
CA ARG T 165 -1.25 73.64 28.82
C ARG T 165 -2.05 74.92 28.48
N GLN T 166 -2.31 75.74 29.49
CA GLN T 166 -3.06 77.00 29.31
C GLN T 166 -2.32 77.97 28.40
N SER T 167 -1.06 78.25 28.73
CA SER T 167 -0.20 79.11 27.92
C SER T 167 -0.21 78.63 26.48
N ALA T 168 0.11 77.36 26.31
CA ALA T 168 0.14 76.69 25.01
C ALA T 168 -1.21 76.80 24.30
N LYS T 169 -2.28 76.48 25.01
CA LYS T 169 -3.64 76.53 24.45
C LYS T 169 -4.02 77.93 24.01
N ALA T 170 -3.59 78.93 24.79
CA ALA T 170 -3.80 80.34 24.44
C ALA T 170 -3.12 80.65 23.11
N GLU T 171 -1.83 80.35 23.03
CA GLU T 171 -1.03 80.61 21.82
C GLU T 171 -1.61 79.92 20.59
N LEU T 172 -2.05 78.67 20.78
CA LEU T 172 -2.67 77.89 19.72
C LEU T 172 -3.93 78.57 19.18
N GLU T 173 -4.77 79.06 20.10
CA GLU T 173 -6.02 79.76 19.75
C GLU T 173 -5.78 80.98 18.84
N LYS T 174 -4.69 81.70 19.09
CA LYS T 174 -4.29 82.87 18.29
C LYS T 174 -4.06 82.51 16.82
N LEU T 175 -3.39 81.39 16.59
CA LEU T 175 -3.03 80.95 15.24
C LEU T 175 -4.25 80.50 14.43
N VAL T 176 -5.21 79.89 15.11
CA VAL T 176 -6.44 79.40 14.47
C VAL T 176 -7.26 80.59 13.93
N ASP T 177 -7.28 81.68 14.71
CA ASP T 177 -7.96 82.91 14.30
C ASP T 177 -7.21 83.62 13.17
N HIS T 178 -5.89 83.75 13.32
CA HIS T 178 -5.08 84.50 12.36
C HIS T 178 -4.74 83.74 11.08
N HIS T 179 -5.00 82.44 11.06
CA HIS T 179 -4.73 81.64 9.87
C HIS T 179 -5.90 80.72 9.50
N PRO T 180 -7.06 81.30 9.12
CA PRO T 180 -8.20 80.46 8.72
C PRO T 180 -7.97 79.76 7.37
N GLU T 181 -7.02 80.26 6.60
CA GLU T 181 -6.65 79.69 5.30
C GLU T 181 -5.79 78.42 5.41
N GLY T 182 -5.37 78.10 6.64
CA GLY T 182 -4.67 76.85 6.89
C GLY T 182 -3.16 77.03 7.00
N LEU T 183 -1.64 77.42 8.61
CA LEU T 183 -0.21 77.24 8.82
C LEU T 183 0.34 76.22 7.83
N SER T 184 1.64 76.32 7.52
CA SER T 184 2.32 75.32 6.70
C SER T 184 3.16 74.44 7.63
N ALA T 185 3.66 73.32 7.11
CA ALA T 185 4.51 72.42 7.90
C ALA T 185 5.75 73.15 8.42
N ARG T 186 6.45 73.85 7.51
CA ARG T 186 7.62 74.67 7.84
C ARG T 186 7.35 75.69 8.95
N GLU T 187 6.22 76.39 8.84
CA GLU T 187 5.83 77.41 9.83
C GLU T 187 5.42 76.81 11.16
N ALA T 188 4.66 75.71 11.10
CA ALA T 188 4.24 74.97 12.29
C ALA T 188 5.42 74.48 13.13
N VAL T 189 6.48 74.03 12.47
CA VAL T 189 7.71 73.62 13.15
C VAL T 189 8.28 74.78 13.98
N LYS T 190 8.39 75.95 13.36
CA LYS T 190 8.85 77.17 14.05
C LYS T 190 7.91 77.52 15.18
N GLN T 191 6.62 77.58 14.84
CA GLN T 191 5.57 77.96 15.77
C GLN T 191 5.55 77.04 16.97
N ALA T 192 5.67 75.74 16.72
CA ALA T 192 5.76 74.73 17.77
C ALA T 192 6.86 75.08 18.76
N ALA T 193 8.05 75.33 18.23
CA ALA T 193 9.21 75.71 19.05
C ALA T 193 8.89 76.91 19.93
N LYS T 194 8.17 77.88 19.38
CA LYS T 194 7.78 79.06 20.13
C LYS T 194 6.84 78.68 21.27
N ILE T 195 5.78 77.94 20.95
CA ILE T 195 4.76 77.56 21.92
C ILE T 195 5.35 76.89 23.16
N ILE T 196 6.37 76.07 22.97
CA ILE T 196 7.01 75.34 24.07
C ILE T 196 7.91 76.25 24.89
N TYR T 197 8.53 77.21 24.22
CA TYR T 197 9.34 78.23 24.90
C TYR T 197 8.47 79.12 25.79
N LEU T 198 7.31 79.52 25.28
CA LEU T 198 6.40 80.44 25.97
C LEU T 198 5.67 79.84 27.16
N ALA T 199 5.42 77.37 26.72
CA ALA T 199 4.79 76.92 27.94
C ALA T 199 5.79 76.68 29.06
N HIS T 200 7.07 76.97 28.79
CA HIS T 200 8.13 76.69 29.74
C HIS T 200 8.14 77.65 30.94
N GLU T 201 7.44 78.79 30.79
CA GLU T 201 7.32 79.79 31.85
C GLU T 201 6.61 79.26 33.12
N ASP T 202 5.75 78.27 32.94
CA ASP T 202 5.02 77.65 34.06
C ASP T 202 5.80 76.47 34.64
N ASN T 203 7.11 76.45 34.39
CA ASN T 203 8.01 75.38 34.84
C ASN T 203 9.46 75.87 34.85
N LYS T 204 9.61 77.19 34.75
CA LYS T 204 10.88 77.87 34.49
C LYS T 204 12.00 77.64 35.51
N GLU T 205 11.79 76.75 36.48
CA GLU T 205 12.78 76.49 37.52
C GLU T 205 13.88 75.51 37.09
N LYS T 206 13.51 74.42 36.43
CA LYS T 206 14.50 73.52 35.82
C LYS T 206 14.34 73.61 34.29
N ASP T 207 16.79 74.12 33.59
CA ASP T 207 16.81 74.36 32.15
C ASP T 207 16.06 73.24 31.40
N PHE T 208 15.79 73.43 30.10
CA PHE T 208 15.07 72.42 29.30
C PHE T 208 15.66 72.18 27.91
N GLU T 209 15.22 71.09 27.27
CA GLU T 209 15.61 70.73 25.91
C GLU T 209 14.37 70.62 25.03
N LEU T 210 14.48 71.10 23.79
CA LEU T 210 13.35 71.08 22.85
C LEU T 210 13.43 69.89 21.88
N GLU T 211 12.28 69.29 21.60
CA GLU T 211 12.20 68.12 20.73
C GLU T 211 10.98 68.22 19.81
N ILE T 212 11.24 68.26 18.51
CA ILE T 212 10.20 68.44 17.50
C ILE T 212 10.18 67.22 16.57
N SER T 213 8.98 66.86 16.13
CA SER T 213 8.84 65.92 15.03
C SER T 213 7.69 66.39 14.15
N TRP T 214 7.62 65.86 12.93
CA TRP T 214 6.57 66.23 12.00
C TRP T 214 6.25 65.14 11.00
N CYS T 215 5.05 65.24 10.42
CA CYS T 215 4.62 64.34 9.37
C CYS T 215 3.87 65.18 8.34
N SER T 216 4.47 65.33 7.16
CA SER T 216 3.95 66.23 6.13
C SER T 216 4.01 65.60 4.74
N LEU T 217 2.89 65.67 4.03
CA LEU T 217 2.77 65.09 2.68
C LEU T 217 3.85 65.58 1.71
N SER T 218 4.13 66.88 1.72
CA SER T 218 5.15 67.46 0.84
C SER T 218 6.55 67.39 1.44
N GLU T 219 6.66 67.63 2.74
CA GLU T 219 7.97 67.77 3.39
C GLU T 219 8.62 66.45 3.85
N THR T 220 7.82 65.41 4.09
CA THR T 220 8.37 64.14 4.60
C THR T 220 7.90 62.90 3.85
N ASN T 221 7.12 63.10 2.80
CA ASN T 221 6.61 61.99 1.97
C ASN T 221 5.83 60.95 2.75
N GLY T 222 4.40 62.38 4.23
CA GLY T 222 3.49 61.35 4.71
C GLY T 222 4.16 60.38 5.67
N LEU T 223 5.47 60.49 5.87
CA LEU T 223 6.15 59.67 6.85
C LEU T 223 6.51 60.49 8.07
N HIS T 224 6.44 59.88 9.24
CA HIS T 224 6.86 60.55 10.45
C HIS T 224 8.38 60.61 10.51
N LYS T 225 8.91 61.80 10.74
CA LYS T 225 10.35 61.99 10.94
C LYS T 225 10.62 63.01 12.04
N PHE T 226 11.77 62.88 12.69
CA PHE T 226 12.21 63.86 13.67
C PHE T 226 12.86 65.06 12.98
N VAL T 227 12.71 66.22 13.59
CA VAL T 227 13.36 67.44 13.15
C VAL T 227 14.76 67.49 13.76
N LYS T 228 15.79 67.51 12.91
CA LYS T 228 17.18 67.43 13.37
C LYS T 228 18.02 68.55 12.77
N GLY T 229 19.27 68.65 13.24
CA GLY T 229 20.29 69.54 12.67
C GLY T 229 19.91 70.98 12.37
N ASP T 230 19.92 71.32 11.07
CA ASP T 230 19.76 72.69 10.58
C ASP T 230 18.36 73.27 10.80
N LEU T 231 17.35 72.43 10.58
CA LEU T 231 15.95 72.84 10.69
C LEU T 231 15.51 72.93 12.15
N LEU T 232 16.17 72.17 13.01
CA LEU T 232 15.92 72.25 14.45
C LEU T 232 16.49 73.54 15.03
N GLN T 233 17.76 73.83 14.70
CA GLN T 233 18.43 75.05 15.17
C GLN T 233 17.68 76.31 14.76
N GLU T 234 17.26 76.34 13.49
CA GLU T 234 16.47 77.43 12.94
C GLU T 234 15.20 77.73 13.73
N ALA T 235 14.55 76.67 14.21
CA ALA T 235 13.32 76.78 14.99
C ALA T 235 13.58 77.25 16.43
N ILE T 236 14.68 76.79 17.03
CA ILE T 236 15.11 77.27 18.34
C ILE T 236 15.41 78.77 18.25
N ASP T 237 16.10 79.16 17.16
CA ASP T 237 16.44 80.55 16.91
C ASP T 237 15.21 81.42 16.76
N PHE T 238 14.26 80.97 15.93
CA PHE T 238 12.98 81.66 15.76
C PHE T 238 12.25 81.89 17.09
N ALA T 239 12.36 80.92 17.99
CA ALA T 239 11.73 81.01 19.30
C ALA T 239 12.51 81.92 20.25
N GLN T 240 13.81 81.66 20.39
CA GLN T 240 14.71 82.44 21.26
C GLN T 240 14.73 83.94 20.95
N LYS T 241 14.37 84.29 19.72
CA LYS T 241 14.32 85.69 19.28
C LYS T 241 13.04 86.38 19.76
N GLU T 242 11.92 85.64 19.75
CA GLU T 242 10.63 86.19 20.16
C GLU T 242 10.31 86.05 21.66
N ILE T 243 11.23 85.45 22.41
CA ILE T 243 11.20 85.48 23.88
C ILE T 243 11.78 86.83 24.36
N ASN T 244 12.41 87.57 23.44
CA ASN T 244 12.92 88.91 23.68
C ASN T 244 12.19 89.94 22.81
N ALA U 1 -20.46 46.27 54.94
CA ALA U 1 -21.73 47.04 55.00
C ALA U 1 -21.80 48.14 53.92
N GLY U 2 -21.00 49.21 54.09
CA GLY U 2 -21.05 50.40 53.23
C GLY U 2 -20.70 50.21 51.75
N TYR U 3 -20.27 48.99 51.41
CA TYR U 3 -19.83 48.67 50.06
C TYR U 3 -20.96 48.33 49.08
N ASP U 4 -22.21 48.34 49.55
CA ASP U 4 -23.36 48.10 48.70
C ASP U 4 -23.64 49.29 47.78
N ARG U 5 -22.70 50.24 47.77
CA ARG U 5 -22.81 51.41 46.92
C ARG U 5 -21.66 51.51 45.94
N HIS U 6 -20.75 50.54 46.01
CA HIS U 6 -19.57 50.50 45.16
C HIS U 6 -19.70 49.47 44.05
N ILE U 7 -20.36 48.35 44.36
CA ILE U 7 -20.60 47.31 43.37
C ILE U 7 -22.11 47.11 43.21
N THR U 8 -22.50 46.40 42.16
CA THR U 8 -23.91 46.22 41.85
C THR U 8 -24.56 45.09 42.66
N ILE U 9 -24.46 45.19 43.98
CA ILE U 9 -25.26 44.33 44.87
C ILE U 9 -26.42 45.15 45.43
N PHE U 10 -27.47 44.48 45.88
CA PHE U 10 -28.64 45.17 46.42
C PHE U 10 -28.36 45.94 47.71
N SER U 11 -29.04 47.09 47.86
CA SER U 11 -29.08 47.81 49.13
C SER U 11 -30.32 47.33 49.91
N PRO U 12 -30.35 47.53 51.25
CA PRO U 12 -31.49 47.04 52.03
C PRO U 12 -32.85 47.44 51.45
N GLU U 13 -32.89 48.55 50.73
CA GLU U 13 -34.12 49.02 50.08
C GLU U 13 -34.35 48.35 48.71
N GLY U 14 -33.45 47.42 48.37
CA GLY U 14 -33.56 46.67 47.11
C GLY U 14 -33.12 47.50 45.93
N ARG U 15 -32.07 48.30 46.12
CA ARG U 15 -31.64 49.23 45.09
C ARG U 15 -30.20 48.98 44.68
N LEU U 16 -29.88 49.48 43.49
CA LEU U 16 -28.54 49.33 42.96
C LEU U 16 -27.98 50.72 42.66
N TYR U 17 -27.31 51.31 43.65
CA TYR U 17 -26.80 52.68 43.53
C TYR U 17 -25.89 52.90 42.33
N GLN U 18 -25.04 51.91 42.02
CA GLN U 18 -24.12 52.03 40.90
C GLN U 18 -24.86 52.24 39.59
N VAL U 19 -26.01 51.58 39.45
CA VAL U 19 -26.86 51.77 38.28
C VAL U 19 -27.45 53.16 38.29
N GLU U 20 -27.87 53.62 39.47
CA GLU U 20 -28.47 54.94 39.62
C GLU U 20 -27.46 56.04 39.30
N TYR U 21 -26.22 55.88 39.77
CA TYR U 21 -25.20 56.86 39.47
C TYR U 21 -24.77 56.80 38.00
N ALA U 22 -24.87 55.61 37.39
CA ALA U 22 -24.64 55.50 35.94
C ALA U 22 -25.61 56.38 35.17
N PHE U 23 -26.89 56.38 35.59
CA PHE U 23 -27.90 57.28 35.02
C PHE U 23 -27.50 58.76 35.18
N LYS U 24 -26.83 59.08 36.28
CA LYS U 24 -26.37 60.43 36.54
C LYS U 24 -25.31 60.82 35.50
N ALA U 25 -24.44 59.87 35.17
CA ALA U 25 -23.36 60.11 34.21
C ALA U 25 -23.86 60.43 32.80
N THR U 26 -25.09 59.99 32.48
CA THR U 26 -25.63 60.18 31.13
C THR U 26 -25.87 61.64 30.76
N ASN U 27 -25.95 62.50 31.76
CA ASN U 27 -26.19 63.93 31.55
C ASN U 27 -24.94 64.79 31.64
N GLN U 28 -23.80 64.15 31.88
CA GLN U 28 -22.49 64.82 31.99
C GLN U 28 -22.12 65.73 30.79
N THR U 29 -22.59 65.40 29.60
CA THR U 29 -22.25 66.16 28.38
C THR U 29 -23.20 67.34 28.18
N ASN U 30 -24.27 67.37 28.97
CA ASN U 30 -25.21 68.49 28.97
C ASN U 30 -25.86 68.73 27.61
N ILE U 31 -26.17 67.63 26.92
CA ILE U 31 -26.78 67.67 25.59
C ILE U 31 -28.15 67.00 25.60
N ASN U 32 -29.10 67.57 24.89
CA ASN U 32 -30.39 66.93 24.69
C ASN U 32 -30.50 66.36 23.29
N SER U 33 -31.26 65.28 23.18
CA SER U 33 -31.55 64.65 21.90
C SER U 33 -33.00 64.23 21.86
N LEU U 34 -33.54 64.11 20.66
CA LEU U 34 -34.92 63.68 20.49
C LEU U 34 -35.09 62.92 19.19
N ALA U 35 -36.08 62.03 19.16
CA ALA U 35 -36.31 61.19 18.00
C ALA U 35 -37.78 61.14 17.66
N VAL U 36 -38.07 61.19 16.37
CA VAL U 36 -39.45 61.17 15.87
C VAL U 36 -39.59 60.26 14.67
N ARG U 37 -40.82 59.83 14.40
CA ARG U 37 -41.10 58.98 13.26
C ARG U 37 -41.88 59.72 12.19
N GLY U 38 -41.38 59.63 10.96
CA GLY U 38 -42.14 60.08 9.81
C GLY U 38 -43.04 58.97 9.29
N LYS U 39 -43.66 59.22 8.15
CA LYS U 39 -44.46 58.23 7.45
C LYS U 39 -43.59 57.03 7.05
N ASP U 40 -42.40 57.32 6.51
CA ASP U 40 -41.45 56.30 6.08
C ASP U 40 -40.00 56.72 6.37
N CYS U 41 -39.79 57.40 7.48
CA CYS U 41 -38.45 57.77 7.93
C CYS U 41 -38.42 57.88 9.46
N THR U 42 -37.23 58.02 10.01
CA THR U 42 -37.05 58.23 11.43
C THR U 42 -35.96 59.26 11.62
N VAL U 43 -36.26 60.32 12.37
CA VAL U 43 -35.33 61.42 12.52
C VAL U 43 -34.79 61.53 13.94
N VAL U 44 -33.48 61.75 14.05
CA VAL U 44 -32.85 62.03 15.34
C VAL U 44 -32.10 63.36 15.32
N ILE U 45 -32.42 64.20 16.29
CA ILE U 45 -31.78 65.50 16.43
C ILE U 45 -31.06 65.48 17.77
N SER U 46 -29.87 66.06 17.80
CA SER U 46 -29.10 66.15 19.02
C SER U 46 -28.34 67.48 19.03
N GLN U 47 -28.27 68.11 20.19
CA GLN U 47 -27.54 69.34 20.35
C GLN U 47 -26.08 69.06 20.08
N LYS U 48 -25.39 70.06 19.54
CA LYS U 48 -23.96 69.94 19.30
C LYS U 48 -23.27 71.11 19.94
N LYS U 49 -22.38 70.81 20.89
CA LYS U 49 -21.68 71.85 21.63
C LYS U 49 -20.18 71.73 21.49
N VAL U 50 -19.59 72.70 20.79
CA VAL U 50 -18.14 72.75 20.60
C VAL U 50 -17.60 73.98 21.33
N PRO U 51 -17.29 73.83 22.64
CA PRO U 51 -16.79 74.96 23.42
C PRO U 51 -15.40 75.39 22.93
N ASP U 52 -14.45 74.45 22.97
CA ASP U 52 -13.05 74.70 22.58
C ASP U 52 -12.91 75.06 21.10
N LYS U 53 -12.24 76.18 20.83
CA LYS U 53 -11.98 76.62 19.44
C LYS U 53 -10.93 75.75 18.77
N LEU U 54 -10.05 75.17 19.60
CA LEU U 54 -8.96 74.29 19.16
C LEU U 54 -9.41 72.95 18.60
N LEU U 55 -10.64 72.55 18.90
CA LEU U 55 -11.20 71.29 18.42
C LEU U 55 -11.43 71.34 16.92
N ASP U 56 -11.56 70.16 16.34
CA ASP U 56 -11.96 70.00 14.95
C ASP U 56 -13.42 69.56 14.97
N PRO U 57 -14.34 70.52 14.77
CA PRO U 57 -15.79 70.33 14.93
C PRO U 57 -16.36 69.12 14.20
N THR U 58 -15.68 68.68 13.13
CA THR U 58 -16.17 67.56 12.31
C THR U 58 -16.03 66.20 13.01
N THR U 59 -15.13 66.13 13.99
CA THR U 59 -14.92 64.91 14.78
C THR U 59 -15.70 64.88 16.09
N VAL U 60 -16.55 65.88 16.32
CA VAL U 60 -17.29 65.98 17.58
C VAL U 60 -18.72 65.58 17.32
N SER U 61 -18.99 64.29 17.52
CA SER U 61 -20.28 63.71 17.20
C SER U 61 -20.73 62.75 18.31
N TYR U 62 -22.05 62.62 18.48
CA TYR U 62 -22.61 61.64 19.40
C TYR U 62 -23.63 60.77 18.68
N ILE U 63 -23.62 60.84 17.35
CA ILE U 63 -24.41 59.95 16.52
C ILE U 63 -23.48 58.95 15.84
N PHE U 64 -23.99 57.74 15.62
CA PHE U 64 -23.20 56.63 15.10
C PHE U 64 -23.97 55.84 14.06
N CYS U 65 -23.29 55.52 12.97
CA CYS U 65 -23.85 54.64 11.94
C CYS U 65 -23.50 53.20 12.32
N ILE U 66 -24.47 52.48 12.87
CA ILE U 66 -24.22 51.13 13.37
C ILE U 66 -24.14 50.15 12.19
N SER U 67 -25.10 50.27 11.29
CA SER U 67 -25.13 49.47 10.08
C SER U 67 -25.64 50.32 8.91
N ARG U 68 -25.75 49.72 7.72
CA ARG U 68 -26.40 50.35 6.58
C ARG U 68 -27.79 50.91 6.95
N THR U 69 -28.46 50.26 7.90
CA THR U 69 -29.87 50.58 8.22
C THR U 69 -30.10 51.21 9.61
N ILE U 70 -29.18 50.96 10.54
CA ILE U 70 -29.38 51.35 11.93
C ILE U 70 -28.49 52.51 12.33
N GLY U 71 -29.10 53.55 12.89
CA GLY U 71 -28.37 54.63 13.53
C GLY U 71 -28.55 54.63 15.04
N MET U 72 -27.53 55.08 15.75
CA MET U 72 -27.58 55.19 17.20
C MET U 72 -27.06 56.55 17.66
N VAL U 73 -27.83 57.20 18.53
CA VAL U 73 -27.38 58.42 19.22
C VAL U 73 -27.17 58.12 20.70
N VAL U 74 -26.12 58.67 21.27
CA VAL U 74 -25.76 58.38 22.66
C VAL U 74 -25.88 59.62 23.52
N ASN U 75 -26.52 59.47 24.68
CA ASN U 75 -26.42 60.45 25.76
C ASN U 75 -25.51 59.92 26.85
N GLY U 76 -24.33 60.52 27.00
CA GLY U 76 -23.38 60.12 28.03
C GLY U 76 -21.98 60.38 27.52
N PRO U 77 -20.96 60.20 28.39
CA PRO U 77 -19.60 60.54 27.99
C PRO U 77 -19.14 59.76 26.74
N ILE U 78 -18.28 60.40 25.94
CA ILE U 78 -17.88 59.84 24.66
C ILE U 78 -17.13 58.50 24.76
N PRO U 79 -16.31 58.28 25.83
CA PRO U 79 -15.62 57.00 25.84
C PRO U 79 -16.56 55.80 25.98
N ASP U 80 -17.51 55.89 26.91
CA ASP U 80 -18.53 54.84 27.05
C ASP U 80 -19.43 54.77 25.81
N ALA U 81 -19.63 55.91 25.15
CA ALA U 81 -20.46 55.96 23.94
C ALA U 81 -19.83 55.16 22.82
N ARG U 82 -18.52 55.31 22.65
CA ARG U 82 -17.78 54.66 21.59
C ARG U 82 -17.64 53.15 21.84
N ASN U 83 -17.45 52.80 23.12
CA ASN U 83 -17.48 51.42 23.58
C ASN U 83 -18.78 50.74 23.17
N ALA U 84 -19.90 51.42 23.38
CA ALA U 84 -21.21 50.85 23.06
C ALA U 84 -21.37 50.73 21.56
N ALA U 85 -20.86 51.74 20.85
CA ALA U 85 -20.92 51.79 19.39
C ALA U 85 -20.16 50.63 18.75
N LEU U 86 -18.88 50.48 19.12
CA LEU U 86 -18.04 49.40 18.62
C LEU U 86 -18.74 48.04 18.77
N ARG U 87 -19.27 47.78 19.97
CA ARG U 87 -19.94 46.54 20.26
C ARG U 87 -21.15 46.32 19.39
N ALA U 88 -21.97 47.37 19.25
CA ALA U 88 -23.21 47.27 18.48
C ALA U 88 -22.95 47.04 16.99
N LYS U 89 -21.85 47.60 16.48
CA LYS U 89 -21.44 47.36 15.10
C LYS U 89 -21.01 45.90 14.93
N ALA U 90 -20.18 45.42 15.86
CA ALA U 90 -19.73 44.03 15.87
C ALA U 90 -20.91 43.05 15.97
N GLU U 91 -21.89 43.40 16.81
CA GLU U 91 -23.11 42.61 16.92
C GLU U 91 -23.93 42.63 15.62
N ALA U 92 -24.00 43.77 14.96
CA ALA U 92 -24.84 43.90 13.77
C ALA U 92 -24.24 43.16 12.61
N ALA U 93 -22.91 43.17 12.56
CA ALA U 93 -22.18 42.43 11.54
C ALA U 93 -22.38 40.92 11.78
N GLU U 94 -22.11 40.47 13.01
CA GLU U 94 -22.25 39.06 13.36
C GLU U 94 -23.63 38.49 13.07
N PHE U 95 -24.68 39.19 13.52
CA PHE U 95 -26.06 38.79 13.28
C PHE U 95 -26.29 38.53 11.79
N ARG U 96 -25.82 39.44 10.93
CA ARG U 96 -25.99 39.31 9.49
C ARG U 96 -25.32 38.05 8.97
N TYR U 97 -24.07 37.85 9.37
CA TYR U 97 -23.29 36.68 8.97
C TYR U 97 -23.97 35.35 9.33
N LYS U 98 -24.47 35.26 10.56
CA LYS U 98 -25.01 34.03 11.11
C LYS U 98 -26.45 33.73 10.71
N TYR U 99 -27.25 34.76 10.46
CA TYR U 99 -28.69 34.55 10.19
C TYR U 99 -29.16 34.98 8.81
N GLY U 100 -28.28 35.64 8.04
CA GLY U 100 -28.55 35.92 6.63
C GLY U 100 -29.51 37.07 6.32
N TYR U 101 -29.92 37.81 7.35
CA TYR U 101 -30.63 39.06 7.14
C TYR U 101 -30.14 40.15 8.08
N ASP U 102 -30.49 41.40 7.77
CA ASP U 102 -30.02 42.53 8.57
C ASP U 102 -30.66 42.52 9.96
N MET U 103 -29.85 42.75 11.00
CA MET U 103 -30.37 42.84 12.36
C MET U 103 -31.38 43.97 12.47
N PRO U 104 -32.59 43.64 12.96
CA PRO U 104 -33.61 44.62 13.24
C PRO U 104 -33.22 45.54 14.41
N CYS U 105 -33.70 46.78 14.34
CA CYS U 105 -33.48 47.81 15.34
C CYS U 105 -33.82 47.35 16.76
N ASP U 106 -35.03 46.81 16.93
CA ASP U 106 -35.48 46.33 18.23
C ASP U 106 -34.60 45.20 18.77
N VAL U 107 -34.15 44.32 17.87
CA VAL U 107 -33.37 43.15 18.27
C VAL U 107 -32.01 43.58 18.79
N LEU U 108 -31.34 44.47 18.06
CA LEU U 108 -30.06 45.04 18.50
C LEU U 108 -30.20 45.81 19.84
N ALA U 109 -31.31 46.53 19.99
CA ALA U 109 -31.62 47.19 21.25
C ALA U 109 -31.66 46.14 22.35
N LYS U 110 -32.49 45.10 22.16
CA LYS U 110 -32.62 44.01 23.14
C LYS U 110 -31.25 43.44 23.49
N ARG U 111 -30.45 43.14 22.48
CA ARG U 111 -29.13 42.59 22.68
C ARG U 111 -28.28 43.50 23.57
N MET U 112 -28.27 44.80 23.27
CA MET U 112 -27.51 45.76 24.07
C MET U 112 -28.08 45.92 25.48
N ALA U 113 -29.41 45.87 25.59
CA ALA U 113 -30.09 45.90 26.88
C ALA U 113 -29.68 44.70 27.75
N ASN U 114 -29.55 43.54 27.12
CA ASN U 114 -29.13 42.32 27.81
C ASN U 114 -27.68 42.42 28.28
N LEU U 115 -26.83 43.02 27.47
CA LEU U 115 -25.43 43.22 27.87
C LEU U 115 -25.34 44.13 29.09
N SER U 116 -26.13 45.20 29.09
CA SER U 116 -26.18 46.13 30.21
C SER U 116 -26.74 45.46 31.46
N GLN U 117 -27.79 44.65 31.28
CA GLN U 117 -28.32 43.85 32.38
C GLN U 117 -27.20 43.08 33.07
N ILE U 118 -26.26 42.54 32.31
CA ILE U 118 -25.18 41.73 32.90
C ILE U 118 -24.34 42.55 33.86
N TYR U 119 -24.04 43.80 33.52
CA TYR U 119 -23.16 44.64 34.33
C TYR U 119 -23.87 45.00 35.64
N THR U 120 -25.19 45.05 35.54
CA THR U 120 -26.13 45.17 36.65
C THR U 120 -26.05 44.00 37.66
N GLN U 121 -25.70 42.80 37.19
CA GLN U 121 -25.73 41.58 38.03
C GLN U 121 -24.34 41.08 38.44
N ARG U 122 -23.37 41.21 37.55
CA ARG U 122 -22.00 40.76 37.81
C ARG U 122 -21.17 41.91 38.37
N ALA U 123 -20.40 41.64 39.41
CA ALA U 123 -19.72 42.69 40.18
C ALA U 123 -18.47 43.29 39.52
N TYR U 124 -17.84 42.54 38.62
CA TYR U 124 -16.58 43.00 38.02
C TYR U 124 -16.78 43.98 36.85
N MET U 125 -17.98 43.99 36.28
CA MET U 125 -18.30 44.91 35.19
C MET U 125 -19.09 46.10 35.75
N ARG U 126 -18.61 47.31 35.47
CA ARG U 126 -19.36 48.53 35.81
C ARG U 126 -20.41 48.81 34.74
N PRO U 127 -21.53 49.45 35.12
CA PRO U 127 -22.46 49.88 34.07
C PRO U 127 -21.80 50.94 33.19
N LEU U 128 -22.26 51.06 31.95
CA LEU U 128 -21.81 52.16 31.10
C LEU U 128 -22.73 53.36 31.35
N GLY U 129 -22.13 54.54 31.43
CA GLY U 129 -22.89 55.73 31.77
C GLY U 129 -23.59 56.31 30.56
N VAL U 130 -24.44 55.53 29.91
CA VAL U 130 -25.02 55.93 28.64
C VAL U 130 -26.47 55.49 28.45
N ILE U 131 -27.20 56.29 27.68
CA ILE U 131 -28.50 55.91 27.16
C ILE U 131 -28.37 55.85 25.63
N LEU U 132 -28.88 54.78 25.03
CA LEU U 132 -28.70 54.53 23.62
C LEU U 132 -30.06 54.56 22.94
N THR U 133 -30.17 55.40 21.92
CA THR U 133 -31.42 55.50 21.16
C THR U 133 -31.12 54.93 19.78
N PHE U 134 -31.79 53.84 19.43
CA PHE U 134 -31.59 53.18 18.14
C PHE U 134 -32.73 53.50 17.19
N VAL U 135 -32.39 53.87 15.98
CA VAL U 135 -33.39 54.28 14.99
C VAL U 135 -33.16 53.65 13.62
N SER U 136 -34.28 53.37 12.94
CA SER U 136 -34.24 52.76 11.61
C SER U 136 -35.63 52.74 10.99
N VAL U 137 -35.68 52.37 9.71
CA VAL U 137 -36.93 51.97 9.08
C VAL U 137 -36.83 50.45 8.87
N ASP U 138 -37.31 49.71 9.87
CA ASP U 138 -37.23 48.26 9.88
C ASP U 138 -38.04 47.69 8.75
N GLU U 139 -37.51 46.64 8.12
CA GLU U 139 -38.15 46.08 6.93
C GLU U 139 -39.51 45.42 7.21
N GLU U 140 -39.76 45.09 8.46
CA GLU U 140 -41.03 44.45 8.82
C GLU U 140 -41.99 45.49 9.36
N LEU U 141 -41.06 46.62 10.84
CA LEU U 141 -42.05 47.30 11.66
C LEU U 141 -42.25 48.76 11.19
N GLY U 142 -41.53 49.12 10.12
CA GLY U 142 -41.53 50.50 9.64
C GLY U 142 -40.60 51.33 10.52
N PRO U 143 -40.80 52.66 10.52
CA PRO U 143 -39.95 53.54 11.33
C PRO U 143 -39.89 53.06 12.78
N SER U 144 -38.69 53.05 13.34
CA SER U 144 -38.48 52.48 14.67
C SER U 144 -37.55 53.32 15.55
N ILE U 145 -37.98 53.53 16.80
CA ILE U 145 -37.12 54.08 17.86
C ILE U 145 -37.09 53.11 19.04
N TYR U 146 -35.90 52.66 19.41
CA TYR U 146 -35.73 51.80 20.56
C TYR U 146 -34.60 52.33 21.44
N LYS U 147 -34.85 52.38 22.75
CA LYS U 147 -33.92 53.07 23.66
C LYS U 147 -33.56 52.22 24.87
N THR U 148 -32.26 52.12 25.12
CA THR U 148 -31.75 51.33 26.23
C THR U 148 -31.03 52.19 27.26
N ASP U 149 -31.02 51.77 28.51
CA ASP U 149 -30.38 52.54 29.58
C ASP U 149 -29.42 51.67 30.41
N PRO U 150 -28.76 52.24 31.44
CA PRO U 150 -27.82 51.44 32.22
C PRO U 150 -28.46 50.42 33.17
N ALA U 151 -29.78 50.34 33.20
CA ALA U 151 -30.45 49.33 34.03
C ALA U 151 -30.69 48.05 33.23
N GLY U 152 -30.48 48.12 31.92
CA GLY U 152 -30.80 47.02 31.03
C GLY U 152 -32.23 47.11 30.53
N TYR U 153 -32.89 48.22 30.83
CA TYR U 153 -34.25 48.45 30.38
C TYR U 153 -34.23 48.90 28.92
N TYR U 154 -35.28 48.55 28.19
CA TYR U 154 -35.43 49.00 26.81
C TYR U 154 -36.90 48.94 26.42
N VAL U 155 -37.28 49.78 25.47
CA VAL U 155 -38.65 49.82 24.98
C VAL U 155 -38.73 50.63 23.68
N GLY U 156 -39.78 50.38 22.91
CA GLY U 156 -40.05 51.12 21.70
C GLY U 156 -40.87 52.36 21.99
N TYR U 157 -40.69 53.36 21.13
CA TYR U 157 -41.30 54.68 21.32
C TYR U 157 -41.98 55.17 20.05
N LYS U 158 -43.01 56.00 20.21
CA LYS U 158 -43.62 56.75 19.11
C LYS U 158 -42.69 57.90 18.76
N ALA U 159 -42.18 58.53 19.83
CA ALA U 159 -41.16 59.55 19.78
C ALA U 159 -40.48 59.51 21.14
N THR U 160 -39.35 60.19 21.28
CA THR U 160 -38.65 60.23 22.56
C THR U 160 -37.61 61.35 22.65
N ALA U 161 -37.16 61.62 23.87
CA ALA U 161 -36.11 62.58 24.13
C ALA U 161 -35.25 62.11 25.29
N THR U 162 -34.04 62.62 25.38
CA THR U 162 -33.08 62.21 26.41
C THR U 162 -32.14 63.39 26.67
N GLY U 163 -31.77 63.57 27.93
CA GLY U 163 -30.84 64.64 28.32
C GLY U 163 -31.37 65.46 29.50
N PRO U 164 -30.63 66.51 29.88
CA PRO U 164 -30.99 67.31 31.05
C PRO U 164 -32.42 67.87 30.98
N LYS U 165 -32.85 68.29 29.78
CA LYS U 165 -34.19 68.87 29.63
C LYS U 165 -35.15 67.90 28.93
N GLN U 166 -34.93 66.61 29.18
CA GLN U 166 -35.74 65.52 28.63
C GLN U 166 -37.23 65.72 28.86
N GLN U 167 -37.58 66.08 30.10
CA GLN U 167 -38.97 66.20 30.52
C GLN U 167 -39.71 67.28 29.73
N GLU U 168 -39.06 68.42 29.53
CA GLU U 168 -39.62 69.52 28.75
C GLU U 168 -39.95 69.08 27.34
N ILE U 169 -38.96 68.47 26.68
CA ILE U 169 -39.12 67.97 25.31
C ILE U 169 -40.18 66.87 25.21
N THR U 170 -40.19 65.98 26.19
CA THR U 170 -41.17 64.88 26.24
C THR U 170 -42.60 65.41 26.22
N THR U 171 -42.95 66.26 27.18
CA THR U 171 -44.30 66.84 27.30
C THR U 171 -44.72 67.62 26.05
N ASN U 172 -43.83 68.50 25.57
CA ASN U 172 -43.99 69.13 24.27
C ASN U 172 -44.49 68.12 23.22
N LEU U 173 -43.73 67.05 23.01
CA LEU U 173 -44.10 66.03 22.03
C LEU U 173 -45.42 65.33 22.34
N GLU U 174 -45.60 64.91 23.59
CA GLU U 174 -46.88 64.36 24.07
C GLU U 174 -48.04 65.24 23.66
N ASN U 175 -47.86 66.55 23.84
CA ASN U 175 -48.92 67.52 23.56
C ASN U 175 -49.30 67.57 22.09
N HIS U 176 -48.29 67.50 21.22
CA HIS U 176 -48.51 67.40 19.77
C HIS U 176 -49.29 66.14 19.39
N PHE U 177 -48.99 65.02 20.04
CA PHE U 177 -49.62 63.73 19.68
C PHE U 177 -51.05 63.56 20.21
N LYS U 178 -51.37 64.19 21.34
CA LYS U 178 -52.76 64.27 21.81
C LYS U 178 -53.64 65.01 20.79
N LYS U 179 -53.08 66.08 20.22
CA LYS U 179 -53.77 66.94 19.25
C LYS U 179 -53.94 66.27 17.89
N SER U 180 -52.83 65.83 17.30
CA SER U 180 -52.80 65.19 15.97
C SER U 180 -53.51 63.84 15.95
N LYS U 181 -53.65 63.23 17.13
CA LYS U 181 -54.35 61.94 17.30
C LYS U 181 -53.71 60.76 16.54
N ILE U 182 -52.50 60.97 16.03
CA ILE U 182 -51.73 59.92 15.36
C ILE U 182 -50.36 59.76 16.01
N ASP U 183 -49.64 58.69 15.66
CA ASP U 183 -48.40 58.34 16.35
C ASP U 183 -47.12 58.62 15.55
N HIS U 184 -47.18 59.55 14.61
CA HIS U 184 -46.03 59.92 13.76
C HIS U 184 -46.20 61.30 13.12
N ILE U 185 -45.13 61.80 12.51
CA ILE U 185 -45.20 63.08 11.81
C ILE U 185 -45.50 62.87 10.33
N ASN U 186 -47.62 63.00 9.90
CA ASN U 186 -48.16 62.80 8.56
C ASN U 186 -47.40 63.62 7.52
N GLU U 187 -46.13 63.28 7.29
CA GLU U 187 -45.33 64.00 6.31
C GLU U 187 -44.54 63.05 5.40
N GLU U 188 -44.61 63.30 4.10
CA GLU U 188 -44.01 62.41 3.09
C GLU U 188 -42.52 62.66 2.89
N SER U 189 -42.14 63.93 2.86
CA SER U 189 -40.74 64.31 2.69
C SER U 189 -40.08 64.55 4.04
N TRP U 190 -38.38 63.18 4.42
CA TRP U 190 -37.73 63.29 5.72
C TRP U 190 -37.38 64.73 6.09
N GLU U 191 -37.22 65.59 5.08
CA GLU U 191 -36.84 67.01 5.26
C GLU U 191 -37.81 67.77 6.18
N LYS U 192 -39.11 67.59 5.97
CA LYS U 192 -40.12 68.24 6.80
C LYS U 192 -40.19 67.65 8.21
N VAL U 193 -39.87 66.36 8.33
CA VAL U 193 -39.82 65.67 9.62
C VAL U 193 -38.64 66.21 10.43
N VAL U 194 -37.48 66.35 9.78
CA VAL U 194 -36.33 67.01 10.39
C VAL U 194 -36.72 68.42 10.88
N GLU U 195 -37.46 69.13 10.03
CA GLU U 195 -37.88 70.50 10.33
C GLU U 195 -38.80 70.54 11.54
N PHE U 196 -39.76 69.62 11.58
CA PHE U 196 -40.65 69.47 12.74
C PHE U 196 -39.82 69.23 14.01
N ALA U 197 -38.90 68.27 13.94
CA ALA U 197 -38.05 67.89 15.07
C ALA U 197 -37.24 69.05 15.62
N ILE U 198 -36.63 69.82 14.73
CA ILE U 198 -35.88 71.02 15.14
C ILE U 198 -36.81 72.06 15.79
N THR U 199 -37.96 72.30 15.15
CA THR U 199 -38.95 73.26 15.63
C THR U 199 -39.39 72.99 17.06
N HIS U 200 -39.75 71.73 17.34
CA HIS U 200 -40.21 71.36 18.67
C HIS U 200 -39.08 71.28 19.68
N MET U 201 -37.86 71.08 19.17
CA MET U 201 -36.66 71.17 19.99
C MET U 201 -36.48 72.60 20.49
N ILE U 202 -36.63 73.56 19.58
CA ILE U 202 -36.58 75.00 19.90
C ILE U 202 -37.68 75.41 20.90
N ASP U 203 -38.93 75.04 20.63
CA ASP U 203 -40.07 75.38 21.50
C ASP U 203 -39.89 74.91 22.95
N ALA U 204 -39.37 73.70 23.12
CA ALA U 204 -39.25 73.11 24.44
C ALA U 204 -38.00 73.56 25.19
N LEU U 205 -36.94 73.91 24.46
CA LEU U 205 -35.70 74.35 25.09
C LEU U 205 -35.57 75.87 25.22
N GLY U 206 -36.45 76.61 24.52
CA GLY U 206 -36.39 78.07 24.46
C GLY U 206 -35.07 78.61 23.94
N THR U 207 -34.55 77.99 22.88
CA THR U 207 -33.26 78.35 22.30
C THR U 207 -33.31 78.32 20.79
N GLU U 208 -32.59 79.26 20.17
CA GLU U 208 -32.45 79.34 18.74
C GLU U 208 -31.16 78.62 18.32
N PHE U 209 -31.17 78.00 17.14
CA PHE U 209 -30.02 77.23 16.67
C PHE U 209 -29.45 77.76 15.36
N SER U 210 -28.12 77.79 15.29
CA SER U 210 -27.43 77.96 14.01
C SER U 210 -27.07 76.56 13.47
N LYS U 211 -26.49 76.53 12.26
CA LYS U 211 -26.13 75.28 11.60
C LYS U 211 -25.15 74.40 12.38
N ASN U 212 -24.43 75.01 13.34
CA ASN U 212 -23.41 74.31 14.11
C ASN U 212 -23.81 73.95 15.55
N ASP U 213 -25.08 74.16 15.88
CA ASP U 213 -25.59 73.89 17.22
C ASP U 213 -26.37 72.58 17.26
N LEU U 214 -26.53 71.95 16.10
CA LEU U 214 -27.26 70.71 16.00
C LEU U 214 -26.46 69.63 15.29
N GLU U 215 -27.07 68.46 15.21
CA GLU U 215 -26.49 67.27 14.64
C GLU U 215 -27.72 66.44 14.27
N VAL U 216 -27.82 66.01 13.01
CA VAL U 216 -29.02 65.31 12.56
C VAL U 216 -28.67 63.99 11.87
N GLY U 217 -29.44 62.96 12.22
CA GLY U 217 -29.38 61.66 11.58
C GLY U 217 -30.75 61.30 11.08
N VAL U 218 -30.81 60.72 9.88
CA VAL U 218 -32.07 60.32 9.29
C VAL U 218 -31.95 58.88 8.83
N ALA U 219 -33.00 58.10 9.08
CA ALA U 219 -33.07 56.72 8.65
C ALA U 219 -34.23 56.52 7.68
N THR U 220 -33.91 55.96 6.51
CA THR U 220 -34.89 55.63 5.47
C THR U 220 -34.84 54.14 5.15
N LYS U 221 -35.77 53.67 4.31
CA LYS U 221 -35.75 52.33 3.74
C LYS U 221 -34.37 52.01 3.15
N ASP U 222 -33.81 50.89 3.59
CA ASP U 222 -32.51 50.40 3.09
C ASP U 222 -31.42 51.47 3.16
N LYS U 223 -31.62 53.41 4.18
CA LYS U 223 -30.30 53.86 4.57
C LYS U 223 -30.41 54.70 5.84
N PHE U 224 -29.38 54.68 6.66
CA PHE U 224 -29.24 55.68 7.72
C PHE U 224 -28.08 56.60 7.38
N PHE U 225 -28.32 57.90 7.45
CA PHE U 225 -27.29 58.90 7.15
C PHE U 225 -27.37 60.10 8.11
N THR U 226 -26.27 60.85 8.18
CA THR U 226 -26.21 62.09 8.94
C THR U 226 -26.21 63.31 8.00
N LEU U 227 -26.85 64.40 8.43
CA LEU U 227 -26.88 65.65 7.66
C LEU U 227 -25.61 66.46 7.87
N SER U 228 -25.16 67.14 6.81
CA SER U 228 -24.01 68.05 6.93
C SER U 228 -24.46 69.40 7.49
N ALA U 229 -23.51 70.21 7.92
CA ALA U 229 -23.78 71.58 8.37
C ALA U 229 -24.66 72.32 7.36
N GLU U 230 -24.30 72.25 6.09
CA GLU U 230 -25.06 72.91 5.03
C GLU U 230 -26.44 72.32 4.82
N ASN U 231 -26.58 71.01 5.02
CA ASN U 231 -27.88 70.35 4.95
C ASN U 231 -28.82 70.91 6.03
N ILE U 232 -28.24 71.15 7.20
CA ILE U 232 -28.97 71.66 8.36
C ILE U 232 -29.35 73.12 8.16
N GLU U 233 -28.43 73.90 7.59
CA GLU U 233 -28.66 75.29 7.25
C GLU U 233 -29.88 75.45 6.33
N GLU U 234 -29.99 74.54 5.37
CA GLU U 234 -31.11 74.50 4.43
C GLU U 234 -32.42 74.29 5.21
N ARG U 235 -32.37 73.41 6.21
CA ARG U 235 -33.50 73.13 7.11
C ARG U 235 -33.88 74.33 7.98
N LEU U 236 -32.87 75.03 8.49
CA LEU U 236 -33.07 76.18 9.36
C LEU U 236 -33.64 77.38 8.62
N VAL U 237 -33.24 77.55 7.36
CA VAL U 237 -33.76 78.59 6.49
C VAL U 237 -35.27 78.40 6.26
N ALA U 238 -35.68 77.17 5.99
CA ALA U 238 -37.07 76.84 5.71
C ALA U 238 -38.03 77.11 6.87
N ILE U 239 -37.58 76.83 8.10
CA ILE U 239 -38.40 77.05 9.30
C ILE U 239 -38.62 78.54 9.57
N ALA U 240 -37.65 79.35 9.15
CA ALA U 240 -37.68 80.81 9.32
C ALA U 240 -38.72 81.47 8.42
N GLU U 241 -38.92 80.89 7.23
CA GLU U 241 -39.89 81.39 6.24
C GLU U 241 -41.27 80.76 6.50
N GLN U 242 -41.76 80.96 7.72
CA GLN U 242 -42.92 80.28 8.27
C GLN U 242 -43.30 81.01 9.56
N ASP U 243 -42.25 81.38 10.31
CA ASP U 243 -42.31 82.34 11.43
C ASP U 243 -41.89 83.74 10.92
N THR V 1 -32.98 7.19 -2.47
CA THR V 1 -33.81 8.39 -2.12
C THR V 1 -34.01 9.34 -3.28
N THR V 2 -35.25 9.80 -3.42
CA THR V 2 -35.57 10.88 -4.31
C THR V 2 -36.21 11.99 -3.49
N ILE V 3 -35.60 13.17 -3.48
CA ILE V 3 -36.25 14.37 -2.94
C ILE V 3 -36.26 15.48 -3.98
N VAL V 4 -37.39 16.19 -4.06
CA VAL V 4 -37.53 17.34 -4.96
C VAL V 4 -38.15 18.55 -4.28
N GLY V 5 -37.90 19.72 -4.87
CA GLY V 5 -38.55 20.97 -4.51
C GLY V 5 -38.95 21.67 -5.79
N VAL V 6 -40.10 22.33 -5.76
CA VAL V 6 -40.64 23.03 -6.94
C VAL V 6 -41.34 24.33 -6.51
N LYS V 7 -40.85 25.45 -7.01
CA LYS V 7 -41.50 26.76 -6.81
C LYS V 7 -42.73 26.89 -7.70
N PHE V 8 -43.80 27.47 -7.16
CA PHE V 8 -44.98 27.85 -7.98
C PHE V 8 -45.36 29.31 -7.75
N ASN V 9 -46.38 29.80 -8.45
CA ASN V 9 -46.71 31.24 -8.46
C ASN V 9 -46.77 31.90 -7.07
N ASN V 10 -47.38 31.22 -6.10
CA ASN V 10 -47.62 31.80 -4.78
C ASN V 10 -46.96 31.02 -3.62
N GLY V 11 -45.95 30.20 -3.95
CA GLY V 11 -45.25 29.43 -2.91
C GLY V 11 -44.27 28.39 -3.40
N VAL V 12 -44.08 27.36 -2.58
CA VAL V 12 -43.10 26.30 -2.85
C VAL V 12 -43.60 24.93 -2.35
N VAL V 13 -43.28 23.87 -3.12
CA VAL V 13 -43.64 22.50 -2.74
C VAL V 13 -42.41 21.58 -2.68
N ILE V 14 -42.39 20.70 -1.69
CA ILE V 14 -41.35 19.68 -1.61
C ILE V 14 -41.97 18.29 -1.50
N ALA V 15 -41.26 17.30 -2.02
CA ALA V 15 -41.73 15.91 -2.01
C ALA V 15 -40.58 14.92 -1.89
N ALA V 16 -40.88 13.74 -1.38
CA ALA V 16 -39.88 12.70 -1.18
C ALA V 16 -40.51 11.33 -1.31
N ASP V 17 -39.67 10.33 -1.60
CA ASP V 17 -40.09 8.94 -1.47
C ASP V 17 -39.94 8.51 -0.01
N THR V 18 -40.21 7.25 0.27
CA THR V 18 -40.23 6.78 1.66
C THR V 18 -39.39 5.52 1.91
N ARG V 19 -38.42 5.25 1.04
CA ARG V 19 -37.53 4.09 1.24
C ARG V 19 -36.24 4.43 1.99
N SER V 20 -35.91 3.61 2.98
CA SER V 20 -34.59 3.62 3.63
C SER V 20 -33.86 2.30 3.32
N THR V 21 -32.56 2.35 3.01
CA THR V 21 -31.83 1.12 2.69
C THR V 21 -30.48 0.97 3.39
N GLN V 22 -30.07 -0.28 3.61
CA GLN V 22 -28.73 -0.62 4.04
C GLN V 22 -28.21 -1.70 3.11
N GLY V 23 -27.19 -1.36 2.32
CA GLY V 23 -26.80 -2.22 1.21
C GLY V 23 -28.05 -2.47 0.37
N PRO V 24 -28.30 -3.74 0.01
CA PRO V 24 -29.45 -4.02 -0.85
C PRO V 24 -30.75 -4.27 -0.08
N ILE V 25 -30.71 -4.18 1.25
CA ILE V 25 -31.88 -4.44 2.07
C ILE V 25 -32.67 -3.17 2.41
N VAL V 26 -34.00 -3.26 2.29
CA VAL V 26 -34.89 -2.16 2.68
C VAL V 26 -35.10 -2.17 4.20
N ALA V 27 -34.47 -1.22 4.88
CA ALA V 27 -34.61 -1.05 6.33
C ALA V 27 -36.01 -0.54 6.75
N ASP V 28 -36.55 0.42 6.00
CA ASP V 28 -37.84 1.04 6.28
C ASP V 28 -38.62 1.30 5.00
N LYS V 29 -39.85 0.81 4.96
CA LYS V 29 -40.71 0.94 3.80
C LYS V 29 -41.53 2.24 3.82
N ASN V 30 -41.57 2.90 4.98
CA ASN V 30 -42.33 4.14 5.09
C ASN V 30 -41.71 5.16 6.02
N CYS V 31 -40.42 5.43 5.87
CA CYS V 31 -39.78 6.46 6.68
C CYS V 31 -40.19 7.85 6.18
N ALA V 32 -40.07 8.86 7.03
CA ALA V 32 -40.48 10.20 6.64
C ALA V 32 -39.27 11.10 6.39
N LYS V 33 -39.12 11.53 5.15
CA LYS V 33 -37.94 12.29 4.74
C LYS V 33 -38.19 13.80 4.69
N LEU V 34 -39.45 14.19 4.91
CA LEU V 34 -39.83 15.60 5.02
C LEU V 34 -39.80 16.03 6.47
N HIS V 35 -38.97 17.01 6.80
CA HIS V 35 -38.79 17.47 8.18
C HIS V 35 -39.24 18.92 8.36
N ARG V 36 -39.89 19.19 9.49
CA ARG V 36 -40.30 20.54 9.85
C ARG V 36 -39.22 21.29 10.63
N ILE V 37 -38.68 22.36 10.04
CA ILE V 37 -37.72 23.23 10.73
C ILE V 37 -38.49 24.19 11.64
N SER V 38 -39.54 24.79 11.09
CA SER V 38 -40.45 25.66 11.80
C SER V 38 -41.76 25.47 11.06
N PRO V 39 -42.88 26.01 11.58
CA PRO V 39 -44.18 25.68 10.98
C PRO V 39 -44.23 25.88 9.46
N LYS V 40 -43.58 26.93 8.96
CA LYS V 40 -43.65 27.26 7.55
C LYS V 40 -42.31 27.10 6.82
N ILE V 41 -41.35 26.45 7.45
CA ILE V 41 -40.08 26.08 6.81
C ILE V 41 -39.89 24.57 6.91
N TRP V 42 -40.04 23.90 5.78
CA TRP V 42 -39.88 22.45 5.75
C TRP V 42 -38.68 22.05 4.93
N CYS V 43 -38.13 20.88 5.24
CA CYS V 43 -36.86 20.44 4.70
C CYS V 43 -36.93 18.98 4.26
N ALA V 44 -36.52 18.71 3.03
CA ALA V 44 -36.44 17.34 2.53
C ALA V 44 -35.00 16.85 2.65
N GLY V 45 -34.84 15.65 3.20
CA GLY V 45 -33.50 15.15 3.52
C GLY V 45 -33.14 13.84 2.87
N ALA V 46 -31.89 13.76 2.42
CA ALA V 46 -31.32 12.57 1.81
C ALA V 46 -29.88 12.36 2.33
N GLY V 47 -29.42 11.11 2.30
CA GLY V 47 -28.07 10.77 2.74
C GLY V 47 -28.11 9.82 3.91
N THR V 48 -27.44 10.18 5.00
CA THR V 48 -27.42 9.40 6.23
C THR V 48 -28.62 9.77 7.09
N ALA V 49 -29.55 8.83 7.28
CA ALA V 49 -30.81 9.09 7.96
C ALA V 49 -30.68 9.81 9.30
N ALA V 50 -29.83 9.29 10.18
CA ALA V 50 -29.62 9.90 11.50
C ALA V 50 -29.15 11.34 11.37
N ASP V 51 -28.27 11.60 10.39
CA ASP V 51 -27.69 12.92 10.16
C ASP V 51 -28.69 13.97 9.70
N THR V 52 -29.53 13.64 8.72
CA THR V 52 -30.54 14.58 8.25
C THR V 52 -31.51 14.94 9.37
N GLU V 53 -31.96 13.93 10.12
CA GLU V 53 -32.87 14.15 11.23
C GLU V 53 -32.21 14.99 12.34
N ALA V 54 -30.98 14.64 12.72
CA ALA V 54 -30.29 15.36 13.79
C ALA V 54 -29.99 16.82 13.43
N VAL V 55 -29.44 17.05 12.24
CA VAL V 55 -29.08 18.39 11.79
C VAL V 55 -30.35 19.24 11.59
N THR V 56 -31.43 18.57 11.17
CA THR V 56 -32.72 19.20 10.97
C THR V 56 -33.35 19.60 12.30
N GLN V 57 -33.19 18.77 13.33
CA GLN V 57 -33.74 19.04 14.65
C GLN V 57 -32.95 20.12 15.36
N LEU V 58 -31.62 20.09 15.20
CA LEU V 58 -30.78 21.04 15.90
C LEU V 58 -31.10 22.45 15.41
N ILE V 59 -31.04 22.65 14.09
CA ILE V 59 -31.28 23.96 13.49
C ILE V 59 -32.72 24.40 13.74
N GLY V 60 -33.65 23.46 13.67
CA GLY V 60 -35.05 23.73 14.01
C GLY V 60 -35.21 24.29 15.42
N SER V 61 -34.55 23.65 16.38
CA SER V 61 -34.52 24.11 17.78
C SER V 61 -33.98 25.53 17.87
N ASN V 62 -32.77 25.74 17.34
CA ASN V 62 -32.13 27.06 17.39
C ASN V 62 -32.94 28.15 16.70
N ILE V 63 -33.73 27.77 15.71
CA ILE V 63 -34.57 28.71 14.99
C ILE V 63 -35.83 29.07 15.76
N GLU V 64 -36.30 28.16 16.59
CA GLU V 64 -37.39 28.47 17.48
C GLU V 64 -36.90 29.50 18.49
N LEU V 65 -35.76 29.20 19.13
CA LEU V 65 -35.16 30.10 20.11
C LEU V 65 -34.89 31.49 19.51
N HIS V 66 -34.47 31.52 18.25
CA HIS V 66 -34.19 32.77 17.56
C HIS V 66 -35.49 33.54 17.34
N SER V 67 -36.48 32.86 16.78
CA SER V 67 -37.81 33.43 16.58
C SER V 67 -38.36 34.05 17.87
N LEU V 68 -38.26 33.33 18.99
CA LEU V 68 -38.72 33.83 20.28
C LEU V 68 -37.95 35.07 20.70
N TYR V 69 -36.63 35.01 20.55
CA TYR V 69 -35.74 36.10 20.94
C TYR V 69 -36.00 37.38 20.15
N THR V 70 -36.42 37.25 18.89
CA THR V 70 -36.56 38.39 17.99
C THR V 70 -38.02 38.79 17.74
N SER V 71 -38.96 37.99 18.25
CA SER V 71 -40.40 38.22 18.06
C SER V 71 -40.77 38.30 16.57
N ARG V 72 -40.00 37.58 15.75
CA ARG V 72 -40.22 37.54 14.32
C ARG V 72 -40.39 36.11 13.81
N GLU V 73 -41.19 35.94 12.77
CA GLU V 73 -41.29 34.69 12.04
C GLU V 73 -39.91 34.32 11.50
N PRO V 74 -39.56 33.03 11.55
CA PRO V 74 -38.26 32.60 11.06
C PRO V 74 -38.18 32.73 9.55
N ARG V 75 -37.00 33.09 9.07
CA ARG V 75 -36.75 33.18 7.64
C ARG V 75 -35.97 31.97 7.13
N VAL V 76 -36.35 31.52 5.94
CA VAL V 76 -35.69 30.39 5.29
C VAL V 76 -34.19 30.63 5.17
N VAL V 77 -33.80 31.85 4.81
CA VAL V 77 -32.37 32.18 4.63
C VAL V 77 -31.55 32.01 5.90
N SER V 78 -32.24 31.94 7.05
CA SER V 78 -31.59 31.70 8.34
C SER V 78 -31.40 30.21 8.59
N ALA V 79 -32.45 29.44 8.33
CA ALA V 79 -32.32 27.99 8.33
C ALA V 79 -31.17 27.61 7.41
N LEU V 80 -31.14 28.25 6.24
CA LEU V 80 -30.10 28.00 5.25
C LEU V 80 -28.71 28.30 5.78
N GLN V 81 -28.52 29.49 6.32
CA GLN V 81 -27.21 29.90 6.80
C GLN V 81 -26.73 29.03 7.98
N MET V 82 -27.66 28.70 8.89
CA MET V 82 -27.33 27.90 10.05
C MET V 82 -26.96 26.46 9.68
N LEU V 83 -27.76 25.85 8.80
CA LEU V 83 -27.48 24.51 8.27
C LEU V 83 -26.14 24.43 7.53
N LYS V 84 -25.92 25.37 6.60
CA LYS V 84 -24.72 25.32 5.77
C LYS V 84 -23.44 25.53 6.57
N GLN V 85 -23.49 26.40 7.57
CA GLN V 85 -22.32 26.68 8.40
C GLN V 85 -22.02 25.51 9.34
N HIS V 86 -23.07 24.84 9.81
CA HIS V 86 -22.92 23.65 10.62
C HIS V 86 -22.27 22.52 9.81
N LEU V 87 -22.86 22.21 8.67
CA LEU V 87 -22.32 21.21 7.75
C LEU V 87 -20.90 21.50 7.27
N PHE V 88 -20.60 22.77 6.98
CA PHE V 88 -19.26 23.12 6.52
C PHE V 88 -18.20 22.83 7.57
N LYS V 89 -18.52 23.17 8.82
CA LYS V 89 -17.68 22.93 9.97
C LYS V 89 -17.31 21.45 10.04
N TYR V 90 -18.27 20.58 9.71
CA TYR V 90 -18.05 19.13 9.78
C TYR V 90 -17.42 18.51 8.54
N GLN V 91 -16.81 19.36 7.72
CA GLN V 91 -16.04 18.93 6.54
C GLN V 91 -16.61 17.66 5.94
N GLY V 92 -18.71 17.58 5.45
CA GLY V 92 -18.74 16.34 4.69
C GLY V 92 -19.10 15.16 5.54
N HIS V 93 -18.60 15.14 6.78
CA HIS V 93 -18.79 13.98 7.68
C HIS V 93 -20.21 13.79 8.19
N ILE V 94 -20.99 14.87 8.22
CA ILE V 94 -22.41 14.77 8.49
C ILE V 94 -23.11 14.66 7.15
N GLY V 95 -23.51 13.44 6.82
CA GLY V 95 -24.05 13.12 5.50
C GLY V 95 -25.48 13.58 5.30
N ALA V 96 -25.66 14.89 5.31
CA ALA V 96 -26.98 15.47 5.13
C ALA V 96 -27.04 16.18 3.78
N TYR V 97 -28.04 15.85 2.97
CA TYR V 97 -28.22 16.49 1.67
C TYR V 97 -29.66 16.97 1.65
N LEU V 98 -29.83 18.29 1.60
CA LEU V 98 -31.10 18.91 1.95
C LEU V 98 -31.69 19.83 0.89
N ILE V 99 -32.97 19.66 0.62
CA ILE V 99 -33.77 20.65 -0.07
C ILE V 99 -34.55 21.37 1.03
N VAL V 100 -34.19 22.62 1.31
CA VAL V 100 -34.89 23.42 2.29
C VAL V 100 -35.79 24.44 1.61
N ALA V 101 -37.05 24.49 2.03
CA ALA V 101 -38.04 25.40 1.45
C ALA V 101 -39.00 25.94 2.49
N GLY V 102 -39.59 27.10 2.19
CA GLY V 102 -40.59 27.70 3.06
C GLY V 102 -41.06 29.08 2.64
N VAL V 103 -42.06 29.58 3.35
CA VAL V 103 -42.53 30.96 3.19
C VAL V 103 -42.21 31.73 4.47
N ASP V 104 -41.87 33.01 4.32
CA ASP V 104 -41.61 33.89 5.45
C ASP V 104 -42.05 35.34 5.14
N PRO V 105 -42.00 36.26 6.13
CA PRO V 105 -42.43 37.65 5.96
C PRO V 105 -41.95 38.27 4.66
N THR V 106 -40.33 37.51 3.70
CA THR V 106 -39.78 38.19 2.56
C THR V 106 -40.28 37.50 1.29
N GLY V 107 -41.10 36.48 1.47
CA GLY V 107 -41.65 35.69 0.36
C GLY V 107 -41.50 34.18 0.50
N SER V 108 -41.49 33.49 -0.63
CA SER V 108 -41.33 32.04 -0.66
C SER V 108 -39.95 31.67 -1.23
N HIS V 109 -39.33 30.66 -0.63
CA HIS V 109 -37.92 30.35 -0.95
C HIS V 109 -37.66 28.87 -1.19
N LEU V 110 -36.66 28.59 -2.01
CA LEU V 110 -36.25 27.22 -2.34
C LEU V 110 -34.75 27.10 -2.51
N PHE V 111 -34.13 26.27 -1.67
CA PHE V 111 -32.67 26.09 -1.70
C PHE V 111 -32.27 24.63 -1.59
N SER V 112 -31.03 24.33 -2.01
CA SER V 112 -30.41 23.03 -1.74
C SER V 112 -29.08 23.15 -0.99
N ILE V 113 -28.81 22.19 -0.10
CA ILE V 113 -27.55 22.14 0.65
C ILE V 113 -26.90 20.77 0.52
N HIS V 114 -25.60 20.77 0.30
CA HIS V 114 -24.85 19.52 0.18
C HIS V 114 -24.05 19.29 1.45
N ALA V 115 -23.70 18.04 1.73
CA ALA V 115 -23.03 17.67 2.96
C ALA V 115 -21.82 18.52 3.34
N HIS V 116 -21.10 19.04 2.34
CA HIS V 116 -19.90 19.85 2.63
C HIS V 116 -20.24 21.32 2.95
N GLY V 117 -21.46 21.73 2.65
CA GLY V 117 -21.94 23.04 3.06
C GLY V 117 -22.15 24.06 1.96
N SER V 118 -22.22 23.61 0.71
CA SER V 118 -22.49 24.51 -0.40
C SER V 118 -23.99 24.58 -0.61
N THR V 119 -24.47 25.76 -0.97
CA THR V 119 -25.90 25.98 -1.19
C THR V 119 -26.20 26.40 -2.63
N ASP V 120 -27.42 26.12 -3.06
CA ASP V 120 -27.88 26.46 -4.39
C ASP V 120 -29.31 26.97 -4.34
N VAL V 121 -29.65 27.83 -5.30
CA VAL V 121 -30.99 28.36 -5.44
C VAL V 121 -31.51 27.99 -6.83
N GLY V 122 -32.78 27.59 -6.89
CA GLY V 122 -33.43 27.26 -8.16
C GLY V 122 -34.93 27.29 -8.06
N TYR V 123 -35.59 27.10 -9.19
CA TYR V 123 -37.05 27.03 -9.24
C TYR V 123 -37.51 25.60 -9.06
N TYR V 124 -36.62 24.68 -9.39
CA TYR V 124 -36.84 23.25 -9.23
C TYR V 124 -35.51 22.56 -8.90
N LEU V 125 -35.55 21.64 -7.95
CA LEU V 125 -34.34 20.94 -7.49
C LEU V 125 -34.61 19.47 -7.14
N SER V 126 -33.54 18.66 -7.15
CA SER V 126 -33.64 17.26 -6.71
C SER V 126 -32.32 16.73 -6.17
N LEU V 127 -32.40 15.85 -5.17
CA LEU V 127 -31.21 15.22 -4.61
C LEU V 127 -31.48 13.75 -4.30
N GLY V 128 -30.40 13.02 -3.99
CA GLY V 128 -30.47 11.60 -3.68
C GLY V 128 -30.14 10.73 -4.88
N SER V 129 -30.26 9.43 -4.71
CA SER V 129 -29.94 8.48 -5.78
C SER V 129 -30.94 8.53 -6.94
N GLY V 130 -32.17 8.96 -6.64
CA GLY V 130 -33.21 9.13 -7.67
C GLY V 130 -33.11 10.48 -8.35
N SER V 131 -32.11 11.25 -7.92
CA SER V 131 -31.88 12.61 -8.38
C SER V 131 -31.96 12.75 -9.91
N LEU V 132 -31.42 11.79 -10.65
CA LEU V 132 -31.35 11.90 -12.09
C LEU V 132 -32.66 11.54 -12.76
N ALA V 133 -33.35 10.50 -12.27
CA ALA V 133 -34.67 10.18 -12.77
C ALA V 133 -35.63 11.36 -12.57
N ALA V 134 -35.63 11.92 -11.36
CA ALA V 134 -36.40 13.11 -11.01
C ALA V 134 -36.07 14.31 -11.89
N MET V 135 -34.79 14.61 -12.01
CA MET V 135 -34.35 15.77 -12.78
C MET V 135 -34.76 15.67 -14.25
N ALA V 136 -34.75 14.45 -14.78
CA ALA V 136 -35.15 14.21 -16.16
C ALA V 136 -36.61 14.62 -16.39
N VAL V 137 -37.47 14.32 -15.41
CA VAL V 137 -38.88 14.71 -15.45
C VAL V 137 -39.04 16.22 -15.30
N LEU V 138 -38.26 16.82 -14.41
CA LEU V 138 -38.30 18.25 -14.14
C LEU V 138 -37.81 19.06 -15.34
N GLU V 139 -36.72 18.61 -15.96
CA GLU V 139 -36.18 19.29 -17.13
C GLU V 139 -37.11 19.19 -18.33
N SER V 140 -38.03 18.23 -18.30
CA SER V 140 -38.95 18.00 -19.39
C SER V 140 -40.29 18.71 -19.22
N HIS V 141 -40.71 18.89 -17.97
CA HIS V 141 -42.05 19.38 -17.71
C HIS V 141 -42.15 20.73 -17.01
N TRP V 142 -41.09 21.13 -16.31
CA TRP V 142 -41.12 22.40 -15.60
C TRP V 142 -41.36 23.53 -16.57
N LYS V 143 -42.09 24.54 -16.10
CA LYS V 143 -42.27 25.81 -16.80
C LYS V 143 -42.40 26.85 -15.71
N GLN V 144 -42.19 28.12 -16.05
CA GLN V 144 -42.42 29.17 -15.07
C GLN V 144 -43.92 29.47 -14.94
N ASP V 145 -44.30 30.05 -13.80
CA ASP V 145 -45.71 30.35 -13.51
C ASP V 145 -46.55 29.09 -13.49
N LEU V 146 -46.15 28.14 -12.64
CA LEU V 146 -46.95 26.95 -12.39
C LEU V 146 -48.00 27.29 -11.36
N THR V 147 -49.12 26.59 -11.39
CA THR V 147 -50.10 26.72 -10.32
C THR V 147 -49.71 25.80 -9.16
N LYS V 148 -50.40 25.95 -8.03
CA LYS V 148 -50.26 25.02 -6.92
C LYS V 148 -50.46 23.59 -7.40
N GLU V 149 -51.61 23.32 -8.03
CA GLU V 149 -51.98 21.97 -8.48
C GLU V 149 -51.03 21.40 -9.53
N GLU V 150 -50.47 22.27 -10.37
CA GLU V 150 -49.47 21.88 -11.37
C GLU V 150 -48.10 21.56 -10.74
N ALA V 151 -47.76 22.29 -9.67
CA ALA V 151 -46.51 22.04 -8.94
C ALA V 151 -46.55 20.73 -8.15
N ILE V 152 -47.69 20.44 -7.51
CA ILE V 152 -47.87 19.19 -6.77
C ILE V 152 -47.70 18.00 -7.71
N LYS V 153 -48.25 18.14 -8.92
CA LYS V 153 -48.22 17.07 -9.92
C LYS V 153 -46.80 16.87 -10.43
N LEU V 154 -46.13 17.96 -10.81
CA LEU V 154 -44.74 17.92 -11.25
C LEU V 154 -43.85 17.28 -10.19
N ALA V 155 -43.90 17.82 -8.96
CA ALA V 155 -43.13 17.27 -7.85
C ALA V 155 -43.43 15.80 -7.61
N SER V 156 -44.69 15.43 -7.70
CA SER V 156 -45.12 14.07 -7.44
C SER V 156 -44.63 13.12 -8.55
N ASP V 157 -44.71 13.58 -9.80
CA ASP V 157 -44.23 12.81 -10.95
C ASP V 157 -42.72 12.61 -10.87
N ALA V 158 -42.00 13.67 -10.47
CA ALA V 158 -40.56 13.60 -10.27
C ALA V 158 -40.16 12.53 -9.25
N ILE V 159 -40.86 12.47 -8.12
CA ILE V 159 -40.61 11.44 -7.10
C ILE V 159 -40.89 10.04 -7.66
N GLN V 160 -42.03 9.89 -8.34
CA GLN V 160 -42.37 8.63 -9.01
C GLN V 160 -41.28 8.15 -9.98
N ALA V 161 -40.71 9.07 -10.77
CA ALA V 161 -39.57 8.71 -11.61
C ALA V 161 -38.53 7.96 -10.78
N GLY V 162 -38.30 8.45 -9.55
CA GLY V 162 -37.34 7.83 -8.64
C GLY V 162 -37.81 6.49 -8.11
N ILE V 163 -39.03 6.45 -7.56
CA ILE V 163 -39.61 5.21 -7.04
C ILE V 163 -39.44 4.05 -8.03
N TRP V 164 -39.81 4.30 -9.29
CA TRP V 164 -39.83 3.25 -10.31
C TRP V 164 -38.45 2.89 -10.85
N ASN V 165 -37.66 3.92 -11.18
CA ASN V 165 -36.38 3.72 -11.89
C ASN V 165 -35.13 3.65 -11.02
N ASP V 166 -35.22 4.13 -9.79
CA ASP V 166 -34.09 4.06 -8.87
C ASP V 166 -34.31 2.98 -7.83
N LEU V 167 -33.32 2.09 -7.70
CA LEU V 167 -33.38 1.01 -6.72
C LEU V 167 -33.17 1.55 -5.31
N GLY V 168 -32.57 2.73 -5.22
CA GLY V 168 -32.40 3.43 -3.95
C GLY V 168 -33.69 4.05 -3.40
N SER V 169 -34.69 4.17 -4.26
CA SER V 169 -35.96 4.80 -3.89
C SER V 169 -37.09 3.81 -4.04
N GLY V 170 -38.15 4.01 -3.26
CA GLY V 170 -39.36 3.19 -3.38
C GLY V 170 -40.55 3.60 -2.54
N SER V 171 -41.53 2.71 -2.48
CA SER V 171 -42.77 2.87 -1.68
C SER V 171 -43.63 4.08 -2.03
N ASN V 172 -43.64 5.09 -1.15
CA ASN V 172 -44.65 6.15 -1.20
C ASN V 172 -44.16 7.53 -1.56
N VAL V 173 -45.09 8.43 -1.84
CA VAL V 173 -44.78 9.85 -2.08
C VAL V 173 -45.33 10.72 -0.95
N ASP V 174 -44.42 11.41 -0.24
CA ASP V 174 -44.77 12.40 0.76
C ASP V 174 -44.66 13.79 0.14
N VAL V 175 -45.63 14.66 0.41
CA VAL V 175 -45.61 16.03 -0.09
C VAL V 175 -45.77 17.06 1.06
N CYS V 176 -45.24 18.25 0.88
CA CYS V 176 -45.58 19.37 1.75
C CYS V 176 -45.70 20.66 0.93
N VAL V 177 -46.86 21.33 1.05
CA VAL V 177 -47.11 22.56 0.29
C VAL V 177 -47.03 23.78 1.18
N MET V 178 -46.19 24.74 0.78
CA MET V 178 -46.01 25.97 1.53
C MET V 178 -46.39 27.17 0.66
N GLU V 179 -47.49 27.83 1.00
CA GLU V 179 -48.05 28.94 0.23
C GLU V 179 -48.00 30.25 1.01
N ILE V 180 -47.74 31.34 0.29
CA ILE V 180 -47.58 32.67 0.88
C ILE V 180 -48.63 33.01 1.94
N GLY V 181 -49.90 32.75 1.66
CA GLY V 181 -50.95 33.29 2.53
C GLY V 181 -51.57 32.39 3.58
N LYS V 182 -51.14 31.13 3.64
CA LYS V 182 -51.86 30.12 4.42
C LYS V 182 -50.92 29.26 5.27
N ASP V 183 -51.48 28.28 5.97
CA ASP V 183 -50.69 27.32 6.75
C ASP V 183 -50.00 26.38 5.80
N ALA V 184 -48.80 25.93 6.16
CA ALA V 184 -48.15 24.86 5.42
C ALA V 184 -48.99 23.60 5.52
N GLU V 185 -49.18 22.88 4.42
CA GLU V 185 -49.88 21.60 4.50
C GLU V 185 -49.03 20.39 4.16
N TYR V 186 -48.82 19.56 5.18
CA TYR V 186 -48.02 18.36 5.06
C TYR V 186 -48.94 17.20 4.67
N LEU V 187 -48.76 16.74 3.44
CA LEU V 187 -49.64 15.73 2.83
C LEU V 187 -49.03 14.34 2.81
N ARG V 188 -48.59 13.55 4.80
CA ARG V 188 -48.05 12.21 4.87
C ARG V 188 -48.68 11.32 3.81
N ASN V 189 -47.84 10.54 3.11
CA ASN V 189 -48.29 9.54 2.14
C ASN V 189 -49.34 10.04 1.14
N TYR V 190 -49.03 11.16 0.49
CA TYR V 190 -49.88 11.73 -0.55
C TYR V 190 -50.23 10.73 -1.66
N LEU V 191 -49.25 9.90 -2.02
CA LEU V 191 -49.48 8.78 -2.93
C LEU V 191 -49.02 7.46 -2.30
N THR V 192 -49.79 6.41 -2.49
CA THR V 192 -49.38 5.09 -2.04
C THR V 192 -49.56 4.06 -3.18
N PRO V 193 -48.72 4.12 -4.22
CA PRO V 193 -48.86 3.29 -5.41
C PRO V 193 -48.11 1.94 -5.33
N ASN V 194 -47.70 1.55 -4.14
CA ASN V 194 -46.94 0.31 -3.94
C ASN V 194 -47.48 -0.59 -2.83
N VAL V 195 -48.80 -0.77 -2.80
CA VAL V 195 -49.45 -1.58 -1.78
C VAL V 195 -49.25 -3.07 -2.05
N ARG V 196 -48.75 -3.77 -1.03
CA ARG V 196 -48.50 -5.22 -1.08
C ARG V 196 -49.76 -5.98 -1.47
N GLU V 197 -49.67 -6.82 -2.50
CA GLU V 197 -50.80 -7.66 -2.91
C GLU V 197 -51.20 -8.63 -1.80
N GLU V 198 -52.44 -9.10 -1.83
CA GLU V 198 -52.92 -10.05 -0.83
C GLU V 198 -52.08 -11.33 -0.93
N LYS V 199 -51.56 -11.76 0.22
CA LYS V 199 -50.74 -12.96 0.29
C LYS V 199 -51.50 -14.20 -0.13
N GLN V 200 -50.76 -15.19 -0.64
CA GLN V 200 -51.38 -16.36 -1.25
C GLN V 200 -52.01 -17.29 -0.22
N LYS V 201 -51.57 -17.16 1.04
CA LYS V 201 -51.89 -18.09 2.11
C LYS V 201 -51.64 -17.41 3.45
N SER V 202 -52.37 -17.82 4.48
CA SER V 202 -52.11 -17.36 5.85
C SER V 202 -51.14 -18.29 6.55
N TYR V 203 -50.16 -17.72 7.26
CA TYR V 203 -49.11 -18.52 7.88
C TYR V 203 -49.25 -18.62 9.39
N LYS V 204 -50.45 -18.33 9.86
CA LYS V 204 -50.85 -18.50 11.25
C LYS V 204 -50.63 -19.96 11.66
N PHE V 205 -49.88 -20.16 12.74
CA PHE V 205 -49.52 -21.51 13.20
C PHE V 205 -50.56 -22.08 14.15
N PRO V 206 -50.81 -23.40 14.08
CA PRO V 206 -51.61 -24.02 15.14
C PRO V 206 -50.90 -23.87 16.48
N ARG V 207 -51.61 -23.43 17.51
CA ARG V 207 -51.00 -23.21 18.81
C ARG V 207 -50.43 -24.51 19.37
N GLY V 208 -49.26 -24.42 19.99
CA GLY V 208 -48.53 -25.58 20.47
C GLY V 208 -47.47 -26.04 19.48
N THR V 209 -47.43 -25.42 18.30
CA THR V 209 -46.39 -25.68 17.31
C THR V 209 -44.97 -25.50 17.86
N THR V 210 -44.78 -24.46 18.65
CA THR V 210 -43.47 -24.11 19.18
C THR V 210 -43.19 -24.80 20.49
N ALA V 211 -42.06 -25.50 20.54
CA ALA V 211 -41.63 -26.18 21.76
C ALA V 211 -41.16 -25.17 22.80
N VAL V 212 -41.68 -25.32 24.02
CA VAL V 212 -41.38 -24.43 25.13
C VAL V 212 -40.64 -25.20 26.22
N LEU V 213 -39.51 -24.67 26.68
CA LEU V 213 -38.74 -25.29 27.75
C LEU V 213 -39.24 -24.88 29.13
N LYS V 214 -39.52 -23.60 29.29
CA LYS V 214 -39.78 -23.00 30.59
C LYS V 214 -40.57 -21.70 30.44
N GLU V 215 -41.40 -21.42 31.43
CA GLU V 215 -42.30 -20.28 31.41
C GLU V 215 -42.31 -19.58 32.78
N SER V 216 -42.49 -18.25 32.77
CA SER V 216 -42.50 -17.45 34.00
C SER V 216 -43.17 -16.10 33.77
N ILE V 217 -43.79 -15.58 34.82
CA ILE V 217 -44.40 -14.24 34.79
C ILE V 217 -43.32 -13.20 35.12
N VAL V 218 -43.27 -12.13 34.33
CA VAL V 218 -42.30 -11.05 34.56
C VAL V 218 -42.96 -9.91 35.34
N ASN V 219 -42.32 -9.55 36.44
CA ASN V 219 -42.80 -8.50 37.34
C ASN V 219 -42.50 -7.10 36.78
N ILE V 220 -43.54 -6.42 36.32
CA ILE V 220 -43.43 -5.07 35.75
C ILE V 220 -43.40 -4.01 36.85
N CYS V 221 -44.36 -4.10 37.78
CA CYS V 221 -44.54 -3.14 38.87
C CYS V 221 -43.31 -3.01 39.78
N ASP V 222 -43.30 -1.95 40.58
CA ASP V 222 -42.21 -1.68 41.51
C ASP V 222 -42.63 -1.90 42.97
N SER W 1 -12.71 -7.86 13.26
CA SER W 1 -12.77 -6.70 12.31
C SER W 1 -14.10 -5.94 12.45
N ASP W 2 -15.20 -6.57 12.04
CA ASP W 2 -16.53 -5.95 12.14
C ASP W 2 -17.06 -6.17 13.56
N PRO W 3 -17.15 -5.09 14.37
CA PRO W 3 -17.51 -5.24 15.78
C PRO W 3 -18.92 -5.78 15.94
N SER W 4 -19.72 -5.64 14.89
CA SER W 4 -21.11 -6.12 14.89
C SER W 4 -21.22 -7.63 14.63
N SER W 5 -20.08 -8.29 14.40
CA SER W 5 -20.07 -9.71 14.08
C SER W 5 -19.23 -10.56 15.02
N ILE W 6 -18.51 -9.94 15.96
CA ILE W 6 -17.63 -10.67 16.90
C ILE W 6 -18.40 -11.64 17.82
N ASN W 7 -19.46 -11.14 18.45
CA ASN W 7 -20.18 -11.89 19.48
C ASN W 7 -21.37 -12.65 18.93
N GLY W 8 -21.92 -12.13 17.83
CA GLY W 8 -23.07 -12.73 17.19
C GLY W 8 -24.31 -12.58 18.02
N GLY W 9 -26.16 -13.08 17.38
CA GLY W 9 -27.10 -12.41 18.26
C GLY W 9 -28.17 -11.79 17.41
N ILE W 10 -29.42 -12.11 17.74
CA ILE W 10 -30.57 -11.51 17.08
C ILE W 10 -31.64 -11.07 18.07
N VAL W 11 -32.37 -10.04 17.68
CA VAL W 11 -33.56 -9.57 18.39
C VAL W 11 -34.64 -9.25 17.34
N VAL W 12 -35.88 -9.60 17.66
CA VAL W 12 -37.02 -9.26 16.79
C VAL W 12 -38.19 -8.84 17.67
N ALA W 13 -38.97 -7.88 17.18
CA ALA W 13 -40.18 -7.43 17.88
C ALA W 13 -41.36 -7.34 16.93
N MET W 14 -42.55 -7.66 17.41
CA MET W 14 -43.78 -7.59 16.62
C MET W 14 -44.93 -6.96 17.41
N THR W 15 -45.83 -6.29 16.69
CA THR W 15 -47.08 -5.79 17.25
C THR W 15 -48.22 -6.75 16.99
N GLY W 16 -49.11 -6.90 17.96
CA GLY W 16 -50.32 -7.72 17.82
C GLY W 16 -51.55 -6.97 18.29
N LYS W 17 -52.65 -7.70 18.48
CA LYS W 17 -53.88 -7.13 19.00
C LYS W 17 -53.72 -6.82 20.49
N ASP W 18 -53.72 -5.53 20.80
CA ASP W 18 -53.49 -5.02 22.17
C ASP W 18 -52.31 -5.67 22.90
N CYS W 19 -51.30 -6.08 22.14
CA CYS W 19 -50.07 -6.67 22.70
C CYS W 19 -48.86 -6.39 21.82
N VAL W 20 -47.68 -6.60 22.38
CA VAL W 20 -46.43 -6.64 21.63
C VAL W 20 -45.60 -7.84 22.08
N ALA W 21 -44.66 -8.25 21.22
CA ALA W 21 -43.72 -9.31 21.55
C ALA W 21 -42.30 -8.87 21.24
N ILE W 22 -41.37 -9.36 22.05
CA ILE W 22 -39.95 -9.16 21.76
C ILE W 22 -39.18 -10.44 22.13
N ALA W 23 -38.40 -10.93 21.18
CA ALA W 23 -37.69 -12.19 21.35
C ALA W 23 -36.21 -12.03 21.01
N CYS W 24 -35.37 -12.83 21.66
CA CYS W 24 -33.94 -12.84 21.38
C CYS W 24 -33.34 -14.24 21.52
N ASP W 25 -32.19 -14.48 20.90
CA ASP W 25 -31.41 -15.70 21.13
C ASP W 25 -30.55 -15.54 22.38
N LEU W 26 -29.80 -16.57 22.77
CA LEU W 26 -29.05 -16.51 24.02
C LEU W 26 -27.54 -16.65 23.85
N ARG W 27 -27.08 -16.74 22.60
CA ARG W 27 -25.67 -16.98 22.32
C ARG W 27 -24.79 -15.75 22.56
N LEU W 28 -23.62 -16.01 23.14
CA LEU W 28 -22.52 -15.07 23.17
C LEU W 28 -21.31 -15.86 22.74
N GLY W 29 -20.74 -15.48 21.61
CA GLY W 29 -19.60 -16.17 21.07
C GLY W 29 -18.44 -15.24 20.91
N SER W 30 -17.26 -15.83 20.72
CA SER W 30 -16.11 -15.09 20.26
C SER W 30 -15.70 -15.68 18.91
N GLN W 31 -16.31 -15.15 17.84
CA GLN W 31 -16.15 -15.68 16.48
C GLN W 31 -16.76 -17.09 16.41
N SER W 32 -15.96 -18.08 16.03
CA SER W 32 -16.46 -19.44 15.91
C SER W 32 -16.77 -20.06 17.27
N LEU W 33 -15.96 -19.74 18.28
CA LEU W 33 -16.14 -20.26 19.63
C LEU W 33 -17.41 -19.73 20.30
N GLY W 34 -18.37 -20.62 20.54
CA GLY W 34 -19.49 -20.30 21.43
C GLY W 34 -18.97 -20.23 22.86
N VAL W 35 -19.35 -19.18 23.60
CA VAL W 35 -18.82 -18.97 24.96
C VAL W 35 -19.90 -19.10 26.04
N SER W 36 -21.07 -18.53 25.77
CA SER W 36 -22.18 -18.60 26.72
C SER W 36 -23.51 -18.74 26.00
N ASN W 37 -24.38 -19.55 26.59
CA ASN W 37 -25.74 -19.73 26.08
C ASN W 37 -26.79 -19.17 27.03
N LYS W 38 -26.36 -18.20 27.86
CA LYS W 38 -27.26 -17.57 28.81
C LYS W 38 -27.22 -16.04 28.73
N PHE W 39 -26.68 -15.51 27.63
CA PHE W 39 -26.53 -14.06 27.44
C PHE W 39 -27.79 -13.47 26.85
N GLU W 40 -28.67 -13.03 27.73
CA GLU W 40 -29.94 -12.46 27.32
C GLU W 40 -29.74 -11.04 26.80
N LYS W 41 -30.55 -10.70 25.80
CA LYS W 41 -30.37 -9.46 25.07
C LYS W 41 -31.57 -8.52 25.25
N ILE W 42 -32.51 -8.92 26.11
CA ILE W 42 -33.70 -8.11 26.38
C ILE W 42 -33.66 -7.59 27.81
N PHE W 43 -33.82 -6.28 27.96
CA PHE W 43 -33.89 -5.65 29.27
C PHE W 43 -35.19 -4.89 29.41
N HIS W 44 -35.58 -4.60 30.64
CA HIS W 44 -36.73 -3.72 30.89
C HIS W 44 -36.51 -2.90 32.15
N TYR W 45 -37.08 -1.26 31.67
CA TYR W 45 -37.14 -0.13 32.57
C TYR W 45 -38.63 0.12 32.72
N GLY W 46 -39.16 -0.30 33.86
CA GLY W 46 -40.60 -0.26 34.09
C GLY W 46 -41.29 -1.21 33.14
N HIS W 47 -42.19 -0.68 32.32
CA HIS W 47 -42.93 -1.50 31.37
C HIS W 47 -42.37 -1.34 29.95
N VAL W 48 -41.18 -0.74 29.86
CA VAL W 48 -40.55 -0.50 28.58
C VAL W 48 -39.41 -1.50 28.38
N PHE W 49 -39.49 -2.23 27.27
CA PHE W 49 -38.52 -3.28 26.98
C PHE W 49 -37.52 -2.84 25.92
N LEU W 50 -36.26 -3.17 26.17
CA LEU W 50 -35.19 -2.91 25.23
C LEU W 50 -34.35 -4.16 24.94
N GLY W 51 -34.32 -4.55 23.66
CA GLY W 51 -33.38 -5.54 23.15
C GLY W 51 -32.19 -4.89 22.47
N ILE W 52 -30.99 -5.44 22.66
CA ILE W 52 -29.79 -4.88 22.04
C ILE W 52 -28.91 -5.96 21.43
N THR W 53 -28.72 -5.92 20.12
CA THR W 53 -27.73 -6.78 19.46
C THR W 53 -26.41 -6.05 19.23
N GLY W 54 -25.38 -6.77 18.80
CA GLY W 54 -24.11 -6.17 18.46
C GLY W 54 -22.99 -6.58 19.37
N LEU W 55 -22.05 -5.68 19.59
CA LEU W 55 -20.89 -5.94 20.42
C LEU W 55 -21.34 -6.04 21.88
N ALA W 56 -21.11 -7.20 22.49
CA ALA W 56 -21.71 -7.51 23.80
C ALA W 56 -21.33 -6.55 24.93
N THR W 57 -20.07 -6.10 24.93
CA THR W 57 -19.61 -5.07 25.89
C THR W 57 -20.42 -3.79 25.79
N ASP W 58 -20.92 -3.48 24.61
CA ASP W 58 -21.75 -2.27 24.42
C ASP W 58 -23.21 -2.54 24.75
N VAL W 59 -23.63 -3.80 24.60
CA VAL W 59 -24.96 -4.21 25.02
C VAL W 59 -25.07 -4.04 26.53
N THR W 60 -24.07 -4.53 27.26
CA THR W 60 -24.02 -4.41 28.69
C THR W 60 -23.91 -2.93 29.14
N THR W 61 -23.02 -2.19 28.48
CA THR W 61 -22.88 -0.77 28.76
C THR W 61 -24.19 -0.03 28.56
N LEU W 62 -24.84 -0.25 27.41
CA LEU W 62 -26.07 0.47 27.09
C LEU W 62 -27.20 0.19 28.08
N ASN W 63 -27.35 -1.07 28.46
CA ASN W 63 -28.32 -1.45 29.48
C ASN W 63 -28.08 -0.68 30.76
N GLU W 64 -26.84 -0.67 31.22
CA GLU W 64 -26.47 0.04 32.42
C GLU W 64 -26.78 1.53 32.28
N MET W 65 -26.50 2.10 31.10
CA MET W 65 -26.78 3.51 30.85
C MET W 65 -28.27 3.85 30.91
N PHE W 66 -29.10 3.03 30.27
CA PHE W 66 -30.54 3.30 30.24
C PHE W 66 -31.21 2.95 31.56
N ARG W 67 -30.60 2.07 32.35
CA ARG W 67 -31.08 1.88 33.70
C ARG W 67 -30.87 3.19 34.45
N TYR W 68 -29.62 3.64 34.48
CA TYR W 68 -29.20 4.93 35.04
C TYR W 68 -30.14 6.09 34.63
N LYS W 69 -30.36 6.27 33.34
CA LYS W 69 -31.15 7.40 32.85
C LYS W 69 -32.64 7.29 33.20
N THR W 70 -33.22 6.10 33.07
CA THR W 70 -34.64 5.89 33.40
C THR W 70 -34.91 5.93 34.91
N ASN W 71 -33.91 5.60 35.72
CA ASN W 71 -34.01 5.75 37.16
C ASN W 71 -34.13 7.23 37.52
N LEU W 72 -33.20 8.05 37.03
CA LEU W 72 -33.23 9.48 37.28
C LEU W 72 -34.50 10.11 36.73
N TYR W 73 -34.90 9.67 35.53
CA TYR W 73 -36.14 10.14 34.91
C TYR W 73 -37.33 9.95 35.85
N LYS W 74 -37.42 8.77 36.45
CA LYS W 74 -38.53 8.42 37.36
C LYS W 74 -38.55 9.35 38.59
N LEU W 75 -37.37 9.58 39.16
CA LEU W 75 -37.24 10.40 40.35
C LEU W 75 -37.69 11.85 40.11
N LYS W 76 -37.33 12.41 38.95
CA LYS W 76 -37.69 13.78 38.63
C LYS W 76 -39.11 13.89 38.13
N GLU W 77 -39.53 12.98 37.26
CA GLU W 77 -40.82 13.08 36.59
C GLU W 77 -41.95 12.53 37.44
N GLU W 78 -41.61 11.70 38.42
CA GLU W 78 -42.56 11.01 39.31
C GLU W 78 -43.57 10.13 38.56
N ARG W 79 -43.08 9.46 37.53
CA ARG W 79 -43.85 8.52 36.71
C ARG W 79 -42.88 7.76 35.83
N ALA W 80 -43.31 6.60 35.34
CA ALA W 80 -42.44 5.75 34.54
C ALA W 80 -42.31 6.27 33.11
N ILE W 81 -41.12 6.14 32.53
CA ILE W 81 -40.91 6.51 31.13
C ILE W 81 -41.80 5.66 30.21
N GLU W 82 -42.35 6.29 29.17
CA GLU W 82 -43.15 5.60 28.17
C GLU W 82 -42.31 5.23 26.94
N PRO W 83 -42.79 4.26 26.13
CA PRO W 83 -42.00 3.77 25.00
C PRO W 83 -41.60 4.85 23.99
N GLU W 84 -42.56 5.69 23.56
CA GLU W 84 -42.30 6.84 22.66
C GLU W 84 -41.15 7.72 23.16
N THR W 85 -41.21 8.05 24.44
CA THR W 85 -40.24 8.95 25.07
C THR W 85 -38.90 8.26 25.18
N PHE W 86 -38.92 7.00 25.62
CA PHE W 86 -37.71 6.22 25.77
C PHE W 86 -36.99 6.12 24.43
N THR W 87 -37.75 5.88 23.36
CA THR W 87 -37.23 5.82 22.00
C THR W 87 -36.40 7.06 21.68
N GLN W 88 -36.95 8.23 21.96
CA GLN W 88 -36.23 9.48 21.78
C GLN W 88 -34.96 9.55 22.61
N LEU W 89 -35.02 9.01 23.82
CA LEU W 89 -33.88 8.98 24.72
C LEU W 89 -32.77 8.08 24.16
N VAL W 90 -33.18 6.96 23.57
CA VAL W 90 -32.24 6.05 22.93
C VAL W 90 -31.58 6.75 21.75
N SER W 91 -32.40 7.35 20.88
CA SER W 91 -31.92 8.08 19.71
C SER W 91 -30.86 9.17 20.00
N SER W 92 -31.17 10.07 20.93
CA SER W 92 -30.28 11.17 21.23
C SER W 92 -29.05 10.67 21.97
N SER W 93 -29.21 9.60 22.75
CA SER W 93 -28.07 9.00 23.43
C SER W 93 -27.07 8.42 22.45
N LEU W 94 -27.57 7.78 21.41
CA LEU W 94 -26.71 7.16 20.40
C LEU W 94 -26.03 8.22 19.52
N TYR W 95 -26.81 9.20 19.05
CA TYR W 95 -26.27 10.29 18.24
C TYR W 95 -25.23 11.15 18.96
N GLU W 96 -25.32 11.20 20.28
CA GLU W 96 -24.34 11.90 21.09
C GLU W 96 -22.95 11.35 20.83
N ARG W 97 -22.90 10.08 20.40
CA ARG W 97 -21.65 9.39 20.12
C ARG W 97 -21.43 9.21 18.62
N ARG W 98 -21.98 10.13 17.84
CA ARG W 98 -21.94 10.11 16.37
C ARG W 98 -20.65 9.59 15.73
N PHE W 99 -19.49 10.04 16.24
CA PHE W 99 -18.22 9.73 15.60
C PHE W 99 -17.36 8.71 16.34
N GLY W 100 -17.93 8.11 17.37
CA GLY W 100 -17.31 6.98 18.07
C GLY W 100 -18.43 6.15 18.68
N PRO W 101 -19.30 5.58 17.81
CA PRO W 101 -20.58 5.01 18.25
C PRO W 101 -20.48 3.67 18.99
N TYR W 102 -21.54 3.33 19.71
CA TYR W 102 -21.72 2.00 20.27
C TYR W 102 -22.12 1.08 19.12
N PHE W 103 -21.46 -0.06 19.02
CA PHE W 103 -21.75 -0.98 17.93
C PHE W 103 -22.93 -1.90 18.29
N VAL W 104 -24.13 -1.35 18.14
CA VAL W 104 -25.34 -1.98 18.67
C VAL W 104 -26.53 -1.82 17.72
N GLY W 105 -27.53 -2.70 17.87
CA GLY W 105 -28.79 -2.58 17.14
C GLY W 105 -29.92 -2.65 18.15
N PRO W 106 -30.29 -1.51 18.76
CA PRO W 106 -31.33 -1.51 19.76
C PRO W 106 -32.74 -1.70 19.18
N VAL W 107 -33.64 -2.23 20.01
CA VAL W 107 -35.03 -2.46 19.64
C VAL W 107 -35.90 -2.16 20.86
N VAL W 108 -36.91 -1.31 20.67
CA VAL W 108 -37.78 -0.92 21.77
C VAL W 108 -39.16 -1.55 21.58
N ALA W 109 -39.69 -2.13 22.65
CA ALA W 109 -41.02 -2.73 22.66
C ALA W 109 -41.75 -2.40 23.96
N GLY W 110 -43.06 -2.15 23.87
CA GLY W 110 -43.89 -1.87 25.04
C GLY W 110 -45.27 -1.35 24.69
N ILE W 111 -46.16 -1.30 25.69
CA ILE W 111 -47.48 -0.69 25.53
C ILE W 111 -47.52 0.62 26.31
N ASN W 112 -47.92 1.69 25.62
CA ASN W 112 -48.12 2.98 26.27
C ASN W 112 -49.18 2.82 27.36
N SER W 113 -48.82 3.17 28.59
CA SER W 113 -49.70 2.94 29.74
C SER W 113 -50.95 3.82 29.74
N LYS W 114 -50.94 4.90 28.98
CA LYS W 114 -52.07 5.82 28.97
C LYS W 114 -52.99 5.61 27.77
N SER W 115 -52.42 5.66 26.57
CA SER W 115 -53.21 5.51 25.34
C SER W 115 -53.66 4.07 25.17
N GLY W 116 -52.60 2.37 25.98
CA GLY W 116 -53.05 1.09 25.44
C GLY W 116 -52.40 0.73 24.12
N LYS W 117 -51.98 1.74 23.36
CA LYS W 117 -51.40 1.54 22.02
C LYS W 117 -50.07 0.76 22.04
N PRO W 118 -49.96 -0.31 21.22
CA PRO W 118 -48.71 -1.07 21.11
C PRO W 118 -47.64 -0.29 20.34
N PHE W 119 -46.40 -0.38 20.81
CA PHE W 119 -45.30 0.38 20.24
C PHE W 119 -44.04 -0.43 20.12
N ILE W 120 -43.48 -0.46 18.91
CA ILE W 120 -42.16 -1.02 18.64
C ILE W 120 -41.34 -0.06 17.79
N ALA W 121 -40.03 -0.05 18.00
CA ALA W 121 -39.12 0.73 17.17
C ALA W 121 -37.76 0.08 17.08
N GLY W 122 -37.03 0.40 16.02
CA GLY W 122 -35.64 -0.04 15.87
C GLY W 122 -34.72 1.13 15.56
N PHE W 123 -33.42 0.94 15.79
CA PHE W 123 -32.43 1.99 15.58
C PHE W 123 -31.19 1.45 14.88
N ASP W 124 -30.52 2.31 14.11
CA ASP W 124 -29.16 1.99 13.69
C ASP W 124 -28.20 2.41 14.82
N LEU W 125 -26.89 2.17 14.64
CA LEU W 125 -25.92 2.40 15.72
C LEU W 125 -25.74 3.87 16.12
N ILE W 126 -26.24 4.79 15.29
CA ILE W 126 -26.10 6.23 15.57
C ILE W 126 -27.45 6.92 15.82
N GLY W 127 -28.47 6.13 16.12
CA GLY W 127 -29.71 6.64 16.66
C GLY W 127 -30.91 6.81 15.75
N CYS W 128 -30.78 6.52 14.46
CA CYS W 128 -31.92 6.65 13.55
C CYS W 128 -33.13 5.83 14.00
N ILE W 129 -34.28 6.48 14.17
CA ILE W 129 -35.50 5.80 14.59
C ILE W 129 -36.27 5.19 13.41
N ASP W 130 -36.57 3.90 13.51
CA ASP W 130 -37.50 3.23 12.59
C ASP W 130 -38.69 2.74 13.39
N GLU W 131 -39.82 3.44 13.24
CA GLU W 131 -41.03 3.13 14.00
C GLU W 131 -42.03 2.39 13.13
N ALA W 132 -42.05 1.06 13.26
CA ALA W 132 -42.89 0.21 12.43
C ALA W 132 -44.23 -0.06 13.09
N LYS W 133 -45.30 -0.03 12.29
CA LYS W 133 -46.64 -0.35 12.76
C LYS W 133 -46.69 -1.78 13.33
N ASP W 134 -45.25 -3.05 12.16
CA ASP W 134 -45.56 -4.47 12.14
C ASP W 134 -44.47 -5.23 12.88
N PHE W 135 -43.23 -5.10 12.41
CA PHE W 135 -42.09 -5.80 13.00
C PHE W 135 -40.78 -5.03 12.88
N ILE W 136 -39.87 -5.31 13.80
CA ILE W 136 -38.51 -4.77 13.77
C ILE W 136 -37.55 -5.92 13.97
N VAL W 137 -36.49 -5.96 13.16
CA VAL W 137 -35.49 -7.01 13.28
C VAL W 137 -34.12 -6.40 13.50
N SER W 138 -33.24 -7.16 14.14
CA SER W 138 -31.90 -6.70 14.42
C SER W 138 -31.00 -7.91 14.65
N GLY W 139 -29.73 -7.76 14.26
CA GLY W 139 -28.72 -8.80 14.50
C GLY W 139 -28.01 -9.35 13.27
N THR W 140 -27.19 -10.37 13.51
CA THR W 140 -26.38 -10.99 12.46
C THR W 140 -27.20 -11.88 11.53
N ALA W 141 -28.49 -12.07 11.84
CA ALA W 141 -29.38 -12.84 10.97
C ALA W 141 -30.55 -11.97 10.54
N SER W 142 -30.31 -10.67 10.48
CA SER W 142 -31.36 -9.73 10.13
C SER W 142 -31.93 -9.93 8.73
N ASP W 143 -31.12 -10.40 7.79
CA ASP W 143 -31.63 -10.77 6.47
C ASP W 143 -32.69 -11.86 6.59
N GLN W 144 -32.33 -12.92 7.32
CA GLN W 144 -33.21 -14.06 7.54
C GLN W 144 -34.47 -13.61 8.28
N LEU W 145 -34.26 -12.84 9.35
CA LEU W 145 -35.37 -12.28 10.11
C LEU W 145 -36.33 -11.48 9.23
N PHE W 146 -35.79 -10.66 8.34
CA PHE W 146 -36.63 -9.92 7.39
C PHE W 146 -37.48 -10.85 6.53
N GLY W 147 -36.85 -11.91 6.03
CA GLY W 147 -37.52 -12.88 5.16
C GLY W 147 -38.65 -13.58 5.88
N MET W 148 -38.35 -14.08 7.08
CA MET W 148 -39.33 -14.75 7.92
C MET W 148 -40.54 -13.86 8.20
N CYS W 149 -40.27 -12.66 8.73
CA CYS W 149 -41.31 -11.73 9.16
C CYS W 149 -42.24 -11.33 8.01
N GLU W 150 -41.65 -10.88 6.91
CA GLU W 150 -42.41 -10.42 5.77
C GLU W 150 -43.35 -11.51 5.23
N SER W 151 -43.02 -12.77 5.52
CA SER W 151 -43.85 -13.90 5.12
C SER W 151 -44.88 -14.30 6.18
N LEU W 152 -44.39 -14.59 7.37
CA LEU W 152 -45.22 -15.14 8.44
C LEU W 152 -46.18 -14.14 9.05
N TYR W 153 -45.76 -12.87 9.13
CA TYR W 153 -46.52 -11.85 9.85
C TYR W 153 -47.87 -11.51 9.24
N GLU W 154 -48.86 -11.30 10.11
CA GLU W 154 -50.13 -10.65 9.76
C GLU W 154 -50.57 -9.74 10.92
N PRO W 155 -51.39 -8.71 10.64
CA PRO W 155 -51.74 -7.77 11.70
C PRO W 155 -52.73 -8.38 12.68
N ASN W 156 -52.85 -7.76 13.86
CA ASN W 156 -53.89 -8.09 14.85
C ASN W 156 -53.93 -9.53 15.37
N LEU W 157 -52.76 -10.14 15.48
CA LEU W 157 -52.67 -11.47 16.07
C LEU W 157 -52.92 -11.39 17.57
N GLU W 158 -53.64 -12.37 18.09
CA GLU W 158 -53.89 -12.49 19.52
C GLU W 158 -52.58 -12.91 20.18
N PRO W 159 -52.36 -12.52 21.45
CA PRO W 159 -51.12 -12.81 22.16
C PRO W 159 -50.58 -14.23 21.94
N GLU W 160 -51.44 -15.24 22.11
CA GLU W 160 -51.04 -16.65 22.00
C GLU W 160 -50.67 -17.03 20.56
N ASP W 161 -51.30 -16.37 19.60
CA ASP W 161 -50.98 -16.56 18.19
C ASP W 161 -49.67 -15.83 17.86
N LEU W 162 -49.59 -14.55 18.24
CA LEU W 162 -48.37 -13.77 18.08
C LEU W 162 -47.15 -14.50 18.61
N PHE W 163 -47.31 -15.17 19.75
CA PHE W 163 -46.23 -15.97 20.32
C PHE W 163 -45.71 -17.00 19.34
N GLU W 164 -46.62 -17.69 18.64
CA GLU W 164 -46.22 -18.70 17.68
C GLU W 164 -45.41 -18.07 16.54
N THR W 165 -45.95 -16.99 15.97
CA THR W 165 -45.33 -16.31 14.83
C THR W 165 -43.95 -15.74 15.17
N ILE W 166 -43.87 -14.94 16.22
CA ILE W 166 -42.62 -14.36 16.69
C ILE W 166 -41.57 -15.48 16.90
N SER W 167 -42.00 -16.58 17.50
CA SER W 167 -41.10 -17.70 17.81
C SER W 167 -40.56 -18.39 16.56
N GLN W 168 -41.44 -18.66 15.60
CA GLN W 168 -41.04 -19.33 14.36
C GLN W 168 -40.15 -18.44 13.50
N ALA W 169 -40.45 -17.15 13.49
CA ALA W 169 -39.63 -16.17 12.81
C ALA W 169 -38.22 -16.24 13.35
N LEU W 170 -38.08 -16.09 14.67
CA LEU W 170 -36.78 -16.15 15.32
C LEU W 170 -36.06 -17.47 15.07
N LEU W 171 -36.67 -18.58 15.50
CA LEU W 171 -36.05 -19.91 15.43
C LEU W 171 -35.50 -20.26 14.06
N ASN W 172 -36.23 -19.93 13.01
CA ASN W 172 -35.82 -20.31 11.66
C ASN W 172 -34.77 -19.39 11.05
N ALA W 173 -34.71 -18.16 11.54
CA ALA W 173 -33.68 -17.23 11.13
C ALA W 173 -32.37 -17.60 11.83
N ALA W 174 -32.49 -18.00 13.09
CA ALA W 174 -31.34 -18.38 13.90
C ALA W 174 -30.61 -19.60 13.34
N ASP W 175 -31.38 -20.52 12.75
CA ASP W 175 -30.79 -21.75 12.24
C ASP W 175 -30.15 -21.58 10.87
N ARG W 176 -30.27 -20.38 10.29
CA ARG W 176 -29.56 -20.07 9.05
C ARG W 176 -28.38 -19.13 9.27
N ASP W 177 -28.06 -18.91 10.54
CA ASP W 177 -26.95 -18.04 10.94
C ASP W 177 -26.01 -18.80 11.88
N ALA W 178 -24.73 -18.83 11.53
CA ALA W 178 -23.72 -19.52 12.32
C ALA W 178 -23.45 -18.87 13.67
N LEU W 179 -23.77 -17.57 13.79
CA LEU W 179 -23.48 -16.80 15.01
C LEU W 179 -24.69 -16.56 15.92
N SER W 180 -25.86 -17.06 15.52
CA SER W 180 -27.07 -16.96 16.34
C SER W 180 -27.54 -18.33 16.82
N GLY W 181 -28.29 -18.33 17.91
CA GLY W 181 -28.91 -19.55 18.40
C GLY W 181 -28.57 -19.85 19.84
N TRP W 182 -28.30 -21.11 20.14
CA TRP W 182 -27.92 -21.53 21.48
C TRP W 182 -28.99 -21.19 22.53
N GLY W 183 -30.25 -21.31 22.14
CA GLY W 183 -31.35 -20.96 23.01
C GLY W 183 -32.04 -19.67 22.57
N ALA W 184 -33.25 -19.47 23.07
CA ALA W 184 -34.08 -18.33 22.71
C ALA W 184 -35.04 -18.03 23.85
N VAL W 185 -35.38 -16.75 23.99
CA VAL W 185 -36.40 -16.34 24.96
C VAL W 185 -37.38 -15.37 24.32
N VAL W 186 -38.66 -15.55 24.60
CA VAL W 186 -39.71 -14.70 24.03
C VAL W 186 -40.49 -13.98 25.13
N TYR W 187 -40.73 -12.69 24.92
CA TYR W 187 -41.56 -11.90 25.84
C TYR W 187 -42.89 -11.56 25.20
N ILE W 188 -43.98 -12.04 25.79
CA ILE W 188 -45.32 -11.61 25.41
C ILE W 188 -45.75 -10.52 26.39
N ILE W 189 -45.95 -9.32 25.86
CA ILE W 189 -46.27 -8.16 26.67
C ILE W 189 -47.68 -7.70 26.36
N LYS W 190 -48.54 -7.79 27.37
CA LYS W 190 -49.85 -7.13 27.34
C LYS W 190 -49.85 -6.00 28.35
N LYS W 191 -51.43 -4.43 28.41
CA LYS W 191 -51.49 -3.50 29.53
C LYS W 191 -51.02 -4.13 30.84
N ASP W 192 -51.59 -5.27 31.19
CA ASP W 192 -51.51 -5.80 32.56
C ASP W 192 -50.38 -6.81 32.86
N GLU W 193 -50.27 -7.87 32.06
CA GLU W 193 -49.30 -8.94 32.33
C GLU W 193 -48.26 -9.18 31.24
N VAL W 194 -47.13 -9.74 31.65
CA VAL W 194 -46.02 -10.08 30.76
C VAL W 194 -45.54 -11.51 31.03
N VAL W 195 -45.57 -12.35 29.99
CA VAL W 195 -45.04 -13.71 30.06
C VAL W 195 -43.72 -13.85 29.30
N LYS W 196 -42.75 -14.49 29.93
CA LYS W 196 -41.44 -14.75 29.36
C LYS W 196 -41.29 -16.27 29.19
N ARG W 197 -41.04 -16.69 27.96
CA ARG W 197 -40.91 -18.11 27.66
C ARG W 197 -39.54 -18.43 27.06
N TYR W 198 -38.95 -19.52 27.52
CA TYR W 198 -37.73 -20.05 26.91
C TYR W 198 -38.12 -21.13 25.89
N LEU W 199 -37.57 -21.02 24.68
CA LEU W 199 -37.88 -21.93 23.60
C LEU W 199 -36.91 -23.10 23.53
N LYS W 200 -37.35 -24.22 22.95
CA LYS W 200 -36.46 -25.36 22.68
C LYS W 200 -35.99 -25.29 21.23
N MET W 201 -34.67 -25.27 21.05
CA MET W 201 -34.07 -25.15 19.71
C MET W 201 -32.77 -25.94 19.60
N ARG W 202 -32.21 -25.96 18.39
CA ARG W 202 -30.95 -26.63 18.12
C ARG W 202 -29.84 -26.03 18.96
N GLN W 203 -28.96 -26.89 19.48
CA GLN W 203 -27.83 -26.42 20.25
C GLN W 203 -26.52 -26.53 19.49
N ASP W 204 -26.56 -26.33 18.18
CA ASP W 204 -25.36 -26.40 17.34
C ASP W 204 -25.00 -25.10 16.62
N MET X 1 -1.57 -17.47 22.33
CA MET X 1 -1.72 -17.34 23.80
C MET X 1 -1.79 -18.74 24.42
N ASP X 2 -1.02 -17.65 26.98
CA ASP X 2 -0.97 -18.27 28.28
C ASP X 2 -2.28 -18.96 28.59
N ILE X 3 -2.20 -20.06 29.33
CA ILE X 3 -3.40 -20.81 29.72
C ILE X 3 -3.99 -20.17 30.97
N ILE X 4 -5.24 -19.75 30.85
CA ILE X 4 -6.02 -19.27 31.99
C ILE X 4 -7.36 -20.03 32.00
N LEU X 5 -7.53 -20.85 33.04
CA LEU X 5 -8.70 -21.71 33.19
C LEU X 5 -9.35 -21.46 34.53
N GLY X 6 -10.66 -21.66 34.58
CA GLY X 6 -11.40 -21.56 35.82
C GLY X 6 -12.57 -22.53 35.81
N ILE X 7 -12.83 -23.13 36.96
CA ILE X 7 -14.00 -23.99 37.12
C ILE X 7 -14.66 -23.78 38.48
N ARG X 8 -15.98 -23.66 38.45
CA ARG X 8 -16.80 -23.49 39.66
C ARG X 8 -17.52 -24.79 40.03
N VAL X 9 -17.19 -25.32 41.20
CA VAL X 9 -17.83 -26.54 41.70
C VAL X 9 -18.88 -26.21 42.77
N GLN X 10 -19.25 -27.21 43.58
CA GLN X 10 -20.24 -27.05 44.67
C GLN X 10 -19.95 -25.88 45.63
N ASP X 11 -18.76 -25.90 46.22
CA ASP X 11 -18.42 -25.03 47.34
C ASP X 11 -17.21 -24.15 47.10
N SER X 12 -16.70 -24.14 45.86
CA SER X 12 -15.49 -23.38 45.55
C SER X 12 -15.34 -23.00 44.09
N VAL X 13 -14.35 -22.15 43.81
CA VAL X 13 -13.92 -21.85 42.46
C VAL X 13 -12.45 -22.18 42.38
N ILE X 14 -12.06 -22.83 41.30
CA ILE X 14 -10.65 -23.19 41.10
C ILE X 14 -10.12 -22.48 39.85
N LEU X 15 -8.92 -21.92 39.97
CA LEU X 15 -8.25 -21.28 38.84
C LEU X 15 -6.90 -21.93 38.55
N ALA X 16 -6.74 -22.38 37.32
CA ALA X 16 -5.45 -22.89 36.85
C ALA X 16 -4.86 -21.92 35.83
N SER X 17 -3.59 -21.59 36.02
CA SER X 17 -2.94 -20.57 35.19
C SER X 17 -1.53 -21.00 34.86
N SER X 18 -1.15 -20.90 33.59
CA SER X 18 0.13 -21.43 33.11
C SER X 18 1.32 -20.69 33.72
N LYS X 19 2.41 -21.42 33.92
CA LYS X 19 3.58 -20.90 34.63
C LYS X 19 4.63 -20.28 33.71
N ALA X 20 4.51 -20.51 32.41
CA ALA X 20 5.51 -20.01 31.47
C ALA X 20 5.43 -18.51 31.22
N VAL X 21 6.59 -17.88 31.12
CA VAL X 21 6.70 -16.55 30.53
C VAL X 21 7.73 -16.59 29.41
N THR X 22 7.27 -16.34 28.19
CA THR X 22 8.05 -16.48 26.96
C THR X 22 8.16 -15.17 26.21
N ARG X 23 9.39 -14.76 25.91
CA ARG X 23 9.61 -13.58 25.07
C ARG X 23 10.46 -13.91 23.86
N GLY X 24 9.78 -14.00 22.71
CA GLY X 24 10.40 -14.26 21.44
C GLY X 24 10.84 -15.69 21.31
N ILE X 25 12.14 -15.88 21.49
CA ILE X 25 12.78 -17.17 21.28
C ILE X 25 12.98 -17.96 22.60
N SER X 26 12.85 -17.28 23.74
CA SER X 26 13.21 -17.88 25.03
C SER X 26 12.08 -17.97 26.04
N VAL X 27 12.03 -19.10 26.73
CA VAL X 27 11.21 -19.24 27.94
C VAL X 27 12.03 -18.63 29.06
N LEU X 28 11.61 -17.47 29.54
CA LEU X 28 12.34 -16.72 30.56
C LEU X 28 12.06 -17.18 31.99
N LYS X 29 10.84 -17.66 32.22
CA LYS X 29 10.42 -18.12 33.53
C LYS X 29 9.45 -19.29 33.42
N ASP X 30 9.54 -20.22 34.38
CA ASP X 30 8.65 -21.39 34.42
C ASP X 30 7.91 -21.50 35.74
N SER X 31 7.87 -20.39 36.48
CA SER X 31 7.28 -20.35 37.83
C SER X 31 6.43 -19.09 38.06
N ASP X 32 5.87 -18.55 37.00
CA ASP X 32 5.15 -17.29 37.08
C ASP X 32 3.76 -17.51 37.65
N ASP X 33 3.37 -16.63 38.57
CA ASP X 33 2.06 -16.68 39.18
C ASP X 33 1.16 -15.62 38.55
N LYS X 34 0.30 -16.04 37.62
CA LYS X 34 -0.51 -15.12 36.81
C LYS X 34 -1.82 -14.78 37.50
N THR X 35 -1.69 -14.24 38.72
CA THR X 35 -2.82 -14.10 39.63
C THR X 35 -2.62 -12.96 40.65
N ARG X 36 -3.70 -12.30 41.04
CA ARG X 36 -3.68 -11.32 42.13
C ARG X 36 -4.87 -11.52 43.05
N GLN X 37 -4.60 -11.61 44.36
CA GLN X 37 -5.68 -11.59 45.36
C GLN X 37 -6.25 -10.17 45.48
N LEU X 38 -7.52 -10.05 45.14
CA LEU X 38 -8.21 -8.77 45.22
C LEU X 38 -8.74 -8.52 46.62
N SER X 39 -9.25 -9.57 47.27
CA SER X 39 -9.64 -9.54 48.67
C SER X 39 -9.59 -10.97 49.22
N PRO X 40 -9.67 -11.14 50.55
CA PRO X 40 -9.50 -12.50 51.10
C PRO X 40 -10.33 -13.61 50.45
N HIS X 41 -11.47 -13.25 49.84
CA HIS X 41 -12.39 -14.22 49.21
C HIS X 41 -12.56 -14.03 47.69
N THR X 42 -11.68 -13.25 47.07
CA THR X 42 -11.76 -12.96 45.64
C THR X 42 -10.39 -12.99 44.97
N LEU X 43 -10.29 -13.76 43.89
CA LEU X 43 -9.02 -13.94 43.16
C LEU X 43 -9.18 -13.63 41.67
N MET X 44 -8.16 -13.02 41.09
CA MET X 44 -8.20 -12.69 39.67
C MET X 44 -6.98 -13.24 38.93
N SER X 45 -7.25 -13.99 37.87
CA SER X 45 -6.20 -14.48 36.98
C SER X 45 -6.24 -13.70 35.67
N PHE X 46 -5.09 -13.58 35.02
CA PHE X 46 -4.99 -12.68 33.87
C PHE X 46 -4.00 -13.15 32.81
N ALA X 47 -4.32 -12.84 31.56
CA ALA X 47 -3.46 -13.12 30.41
C ALA X 47 -3.64 -12.03 29.35
N GLY X 48 -2.60 -11.79 28.57
CA GLY X 48 -2.65 -10.81 27.47
C GLY X 48 -1.30 -10.20 27.14
N GLU X 49 -1.33 -8.93 26.76
CA GLU X 49 -0.15 -8.18 26.33
C GLU X 49 0.88 -8.02 27.47
N ALA X 50 2.15 -8.17 27.11
CA ALA X 50 3.30 -8.18 28.02
C ALA X 50 3.28 -7.25 29.23
N GLY X 51 3.04 -5.96 29.04
CA GLY X 51 3.15 -5.04 30.20
C GLY X 51 1.83 -4.80 30.90
N ASP X 52 0.81 -4.55 30.08
CA ASP X 52 -0.55 -4.27 30.51
C ASP X 52 -1.08 -5.26 31.53
N THR X 53 -0.56 -6.49 31.47
CA THR X 53 -1.09 -7.61 32.22
C THR X 53 -0.99 -7.38 33.75
N VAL X 54 0.23 -7.27 34.26
CA VAL X 54 0.49 -7.03 35.69
C VAL X 54 0.10 -5.60 36.13
N GLN X 55 0.31 -4.62 35.26
CA GLN X 55 -0.11 -3.23 35.53
C GLN X 55 -1.61 -3.11 35.82
N PHE X 56 -2.43 -3.81 35.02
CA PHE X 56 -3.88 -3.77 35.21
C PHE X 56 -4.33 -4.53 36.46
N ALA X 57 -3.76 -5.71 36.65
CA ALA X 57 -4.03 -6.55 37.80
C ALA X 57 -3.73 -5.80 39.10
N GLU X 58 -2.52 -5.28 39.20
CA GLU X 58 -2.06 -4.57 40.39
C GLU X 58 -2.85 -3.29 40.63
N TYR X 59 -3.30 -2.67 39.54
CA TYR X 59 -4.17 -1.52 39.62
C TYR X 59 -5.55 -1.84 40.17
N ILE X 60 -6.15 -2.94 39.71
CA ILE X 60 -7.43 -3.41 40.27
C ILE X 60 -7.23 -3.79 41.73
N GLN X 61 -6.17 -4.54 42.02
CA GLN X 61 -5.84 -4.94 43.39
C GLN X 61 -5.82 -3.71 44.32
N ALA X 62 -5.05 -2.69 43.95
CA ALA X 62 -4.95 -1.45 44.71
C ALA X 62 -6.32 -0.86 45.01
N ASN X 63 -7.19 -0.80 44.01
CA ASN X 63 -8.53 -0.22 44.16
C ASN X 63 -9.47 -1.00 45.09
N ILE X 64 -9.41 -2.33 45.04
CA ILE X 64 -10.27 -3.14 45.89
C ILE X 64 -9.80 -3.05 47.35
N GLN X 65 -8.48 -3.06 47.53
CA GLN X 65 -7.88 -2.97 48.86
C GLN X 65 -8.25 -1.63 49.49
N LEU X 66 -8.17 -0.55 48.72
CA LEU X 66 -8.58 0.77 49.18
C LEU X 66 -10.03 0.76 49.65
N TYR X 67 -10.91 0.17 48.84
CA TYR X 67 -12.32 0.10 49.18
C TYR X 67 -12.51 -0.69 50.47
N SER X 68 -11.80 -1.80 50.61
CA SER X 68 -11.91 -2.64 51.80
C SER X 68 -11.62 -1.85 53.08
N ILE X 69 -10.57 -1.03 53.04
CA ILE X 69 -10.16 -0.24 54.19
C ILE X 69 -11.11 0.90 54.51
N ARG X 70 -11.61 1.57 53.47
CA ARG X 70 -12.51 2.69 53.66
C ARG X 70 -13.83 2.27 54.28
N GLU X 71 -14.32 1.10 53.87
CA GLU X 71 -15.64 0.62 54.27
C GLU X 71 -15.60 -0.44 55.37
N ASP X 72 -14.39 -0.89 55.72
CA ASP X 72 -14.21 -2.04 56.62
C ASP X 72 -15.17 -3.17 56.26
N TYR X 73 -15.08 -3.64 55.02
CA TYR X 73 -16.04 -4.56 54.44
C TYR X 73 -15.44 -5.14 53.15
N GLU X 74 -15.81 -6.38 52.82
CA GLU X 74 -15.37 -7.00 51.56
C GLU X 74 -16.51 -6.95 50.54
N LEU X 75 -16.23 -6.35 49.38
CA LEU X 75 -17.18 -6.32 48.27
C LEU X 75 -17.48 -7.73 47.78
N SER X 76 -18.71 -7.97 47.37
CA SER X 76 -19.09 -9.23 46.77
C SER X 76 -18.33 -9.49 45.46
N PRO X 77 -18.16 -10.79 45.08
CA PRO X 77 -17.55 -11.12 43.79
C PRO X 77 -18.24 -10.44 42.61
N GLN X 78 -19.57 -10.38 42.64
CA GLN X 78 -20.36 -9.72 41.62
C GLN X 78 -20.02 -8.23 41.52
N ALA X 79 -19.91 -7.57 42.67
CA ALA X 79 -19.61 -6.15 42.70
C ALA X 79 -18.21 -5.91 42.17
N VAL X 80 -17.25 -6.77 42.54
CA VAL X 80 -15.86 -6.64 42.09
C VAL X 80 -15.79 -6.82 40.58
N SER X 81 -16.51 -7.81 40.05
CA SER X 81 -16.46 -8.10 38.63
C SER X 81 -17.08 -6.98 37.78
N SER X 82 -18.13 -6.34 38.29
CA SER X 82 -18.74 -5.20 37.60
C SER X 82 -17.76 -4.03 37.57
N PHE X 83 -17.07 -3.81 38.69
CA PHE X 83 -16.05 -2.76 38.75
C PHE X 83 -14.98 -3.00 37.70
N VAL X 84 -14.49 -4.24 37.63
CA VAL X 84 -13.46 -4.63 36.67
C VAL X 84 -13.98 -4.44 35.25
N ARG X 85 -15.22 -4.87 35.01
CA ARG X 85 -15.80 -4.75 33.67
C ARG X 85 -15.80 -3.29 33.18
N GLN X 86 -16.36 -2.39 34.00
CA GLN X 86 -16.40 -0.97 33.69
C GLN X 86 -15.02 -0.42 33.43
N GLU X 87 -14.03 -0.86 34.19
CA GLU X 87 -12.66 -0.40 33.98
C GLU X 87 -12.19 -0.80 32.59
N LEU X 88 -12.45 -2.04 32.19
CA LEU X 88 -12.05 -2.52 30.87
C LEU X 88 -12.83 -1.85 29.75
N ALA X 89 -14.13 -1.65 29.95
CA ALA X 89 -14.98 -0.95 28.98
C ALA X 89 -14.58 0.53 28.77
N LYS X 90 -14.07 1.19 29.82
CA LYS X 90 -13.46 2.51 29.68
C LYS X 90 -12.24 2.39 28.78
N SER X 91 -11.42 1.40 29.09
CA SER X 91 -10.13 1.18 28.49
C SER X 91 -10.22 0.99 26.97
N ILE X 92 -11.24 0.27 26.52
CA ILE X 92 -11.34 -0.09 25.11
C ILE X 92 -11.46 1.12 24.17
N ARG X 93 -12.03 2.21 24.68
CA ARG X 93 -12.19 3.42 23.89
C ARG X 93 -11.19 4.53 24.22
N SER X 94 -10.17 4.22 25.03
CA SER X 94 -9.13 5.21 25.37
C SER X 94 -7.97 5.22 24.34
N ARG X 95 -7.01 6.13 24.53
CA ARG X 95 -5.88 6.30 23.60
C ARG X 95 -5.08 5.01 23.41
N ARG X 96 -4.75 4.33 24.51
CA ARG X 96 -4.11 3.02 24.44
C ARG X 96 -4.75 2.03 25.42
N PRO X 97 -5.69 1.18 24.92
CA PRO X 97 -6.40 0.20 25.75
C PRO X 97 -5.49 -0.80 26.48
N TYR X 98 -5.99 -1.30 27.62
CA TYR X 98 -5.40 -2.45 28.29
C TYR X 98 -5.78 -3.70 27.50
N GLN X 99 -4.77 -4.43 26.99
CA GLN X 99 -5.03 -5.69 26.29
C GLN X 99 -4.84 -6.87 27.25
N VAL X 100 -5.87 -7.11 28.07
CA VAL X 100 -5.80 -8.07 29.17
C VAL X 100 -7.14 -8.78 29.31
N ASN X 101 -7.09 -10.11 29.40
CA ASN X 101 -8.27 -10.89 29.69
C ASN X 101 -8.22 -11.40 31.12
N VAL X 102 -9.36 -11.46 31.79
CA VAL X 102 -9.35 -11.89 33.18
C VAL X 102 -10.37 -12.97 33.51
N LEU X 103 -10.01 -13.81 34.48
CA LEU X 103 -11.00 -14.61 35.19
C LEU X 103 -11.06 -14.11 36.62
N ILE X 104 -12.28 -13.92 37.12
CA ILE X 104 -12.47 -13.60 38.53
C ILE X 104 -13.21 -14.73 39.25
N GLY X 105 -12.52 -15.31 40.24
CA GLY X 105 -13.11 -16.35 41.09
C GLY X 105 -13.22 -15.88 42.53
N GLY X 106 -14.45 -15.79 43.03
CA GLY X 106 -14.68 -15.40 44.41
C GLY X 106 -15.71 -16.27 45.12
N TYR X 107 -15.60 -16.34 46.44
CA TYR X 107 -16.63 -16.96 47.27
C TYR X 107 -17.45 -15.87 47.96
N ASP X 108 -18.73 -15.81 47.62
CA ASP X 108 -19.66 -14.86 48.22
C ASP X 108 -20.13 -15.37 49.59
N LYS X 109 -19.54 -14.80 50.65
CA LYS X 109 -19.83 -15.21 52.03
C LYS X 109 -21.25 -14.87 52.47
N LYS X 110 -21.92 -14.01 51.72
CA LYS X 110 -23.29 -13.62 52.02
C LYS X 110 -24.30 -14.65 51.50
N LYS X 111 -24.17 -15.01 50.22
CA LYS X 111 -25.14 -15.88 49.55
C LYS X 111 -25.12 -17.32 50.08
N ASN X 112 -22.88 -17.77 50.58
CA ASN X 112 -22.33 -19.11 50.64
C ASN X 112 -22.37 -19.84 49.30
N LYS X 113 -22.08 -19.11 48.24
CA LYS X 113 -21.99 -19.68 46.88
C LYS X 113 -20.74 -19.21 46.13
N PRO X 114 -20.03 -20.14 45.48
CA PRO X 114 -18.87 -19.77 44.66
C PRO X 114 -19.29 -19.11 43.35
N GLU X 115 -18.45 -18.20 42.85
CA GLU X 115 -18.75 -17.47 41.61
C GLU X 115 -17.54 -17.31 40.69
N LEU X 116 -17.76 -17.55 39.41
CA LEU X 116 -16.73 -17.43 38.39
C LEU X 116 -17.16 -16.50 37.27
N TYR X 117 -16.38 -15.44 37.07
CA TYR X 117 -16.63 -14.44 36.02
C TYR X 117 -15.53 -14.43 34.97
N GLN X 118 -15.94 -14.47 33.71
CA GLN X 118 -15.03 -14.33 32.58
C GLN X 118 -15.21 -12.93 32.00
N ILE X 119 -14.11 -12.18 31.89
CA ILE X 119 -14.15 -10.86 31.28
C ILE X 119 -12.96 -10.65 30.34
N ASP X 120 -13.26 -10.33 29.08
CA ASP X 120 -12.20 -10.03 28.10
C ASP X 120 -11.84 -8.56 28.04
N TYR X 121 -10.76 -8.25 27.34
CA TYR X 121 -10.21 -6.89 27.26
C TYR X 121 -11.21 -5.84 26.76
N LEU X 122 -12.26 -6.27 26.07
CA LEU X 122 -13.29 -5.35 25.59
C LEU X 122 -14.28 -4.96 26.70
N GLY X 123 -14.18 -5.63 27.85
CA GLY X 123 -15.15 -5.48 28.92
C GLY X 123 -16.41 -6.31 28.70
N THR X 124 -16.26 -7.48 28.07
CA THR X 124 -17.35 -8.43 27.93
C THR X 124 -17.33 -9.38 29.11
N LYS X 125 -18.36 -9.32 29.92
CA LYS X 125 -18.47 -10.13 31.13
C LYS X 125 -19.55 -11.17 31.02
N VAL X 126 -19.24 -12.36 31.51
CA VAL X 126 -20.23 -13.39 31.62
C VAL X 126 -19.93 -14.27 32.86
N GLU X 127 -20.99 -14.71 33.54
CA GLU X 127 -20.85 -15.63 34.67
C GLU X 127 -21.02 -17.07 34.19
N LEU X 128 -20.07 -17.93 34.60
CA LEU X 128 -19.94 -19.28 34.04
C LEU X 128 -19.64 -20.35 35.06
N PRO X 129 -20.07 -21.61 34.79
CA PRO X 129 -19.63 -22.74 35.60
C PRO X 129 -18.16 -23.10 35.34
N TYR X 130 -17.69 -22.79 34.14
CA TYR X 130 -16.27 -22.93 33.78
C TYR X 130 -15.90 -21.99 32.63
N GLY X 131 -14.65 -21.56 32.61
CA GLY X 131 -14.19 -20.61 31.60
C GLY X 131 -12.72 -20.66 31.28
N ALA X 132 -12.36 -20.07 30.14
CA ALA X 132 -11.00 -20.02 29.63
C ALA X 132 -10.78 -18.80 28.72
N HIS X 133 -9.53 -18.36 28.62
CA HIS X 133 -9.19 -17.31 27.66
C HIS X 133 -8.22 -17.82 26.62
N GLY X 134 -8.31 -17.27 25.42
CA GLY X 134 -7.41 -17.61 24.33
C GLY X 134 -7.75 -18.93 23.67
N TYR X 135 -6.71 -19.71 23.38
CA TYR X 135 -6.86 -20.97 22.66
C TYR X 135 -7.28 -22.10 23.56
N SER X 136 -7.00 -21.95 24.86
CA SER X 136 -7.34 -22.92 25.89
C SER X 136 -8.74 -23.52 25.72
N GLY X 137 -9.73 -22.62 25.57
CA GLY X 137 -11.15 -23.01 25.46
C GLY X 137 -11.46 -23.89 24.27
N PHE X 138 -10.61 -23.81 23.25
CA PHE X 138 -10.76 -24.64 22.07
C PHE X 138 -10.54 -26.11 22.37
N TYR X 139 -9.69 -26.42 23.34
CA TYR X 139 -9.50 -27.81 23.76
C TYR X 139 -10.33 -28.17 24.98
N THR X 140 -10.49 -27.23 25.91
CA THR X 140 -11.07 -27.54 27.22
C THR X 140 -12.60 -27.51 27.28
N PHE X 141 -13.22 -26.57 26.57
CA PHE X 141 -14.68 -26.41 26.65
C PHE X 141 -15.49 -27.67 26.35
N SER X 142 -14.95 -28.57 25.52
CA SER X 142 -15.65 -29.82 25.19
C SER X 142 -15.43 -30.92 26.22
N LEU X 143 -14.22 -30.96 26.80
CA LEU X 143 -13.96 -31.80 27.96
C LEU X 143 -14.94 -31.48 29.08
N LEU X 144 -15.08 -30.18 29.35
CA LEU X 144 -15.89 -29.72 30.46
C LEU X 144 -17.38 -29.87 30.18
N ASP X 145 -17.78 -29.57 28.94
CA ASP X 145 -19.16 -29.80 28.50
C ASP X 145 -19.59 -31.24 28.79
N HIS X 146 -18.61 -32.13 28.79
CA HIS X 146 -18.84 -33.56 28.98
C HIS X 146 -18.81 -33.94 30.48
N HIS X 147 -17.68 -33.71 31.14
CA HIS X 147 -17.42 -34.24 32.48
C HIS X 147 -17.89 -33.36 33.63
N TYR X 148 -18.38 -32.17 33.35
CA TYR X 148 -18.72 -31.23 34.42
C TYR X 148 -20.09 -31.52 35.04
N ARG X 149 -20.14 -31.47 36.38
CA ARG X 149 -21.39 -31.55 37.13
C ARG X 149 -21.44 -30.40 38.17
N PRO X 150 -22.64 -29.82 38.40
CA PRO X 150 -22.73 -28.67 39.32
C PRO X 150 -22.42 -29.00 40.78
N ASP X 151 -22.63 -30.27 41.16
CA ASP X 151 -22.48 -30.70 42.55
C ASP X 151 -21.10 -31.29 42.87
N MET X 152 -20.15 -31.19 41.93
CA MET X 152 -18.82 -31.74 42.14
C MET X 152 -18.14 -31.19 43.39
N THR X 153 -17.36 -32.05 44.06
CA THR X 153 -16.55 -31.61 45.19
C THR X 153 -15.31 -30.88 44.67
N THR X 154 -14.58 -30.23 45.56
CA THR X 154 -13.32 -29.59 45.22
C THR X 154 -12.34 -30.63 44.65
N GLU X 155 -12.26 -31.78 45.30
CA GLU X 155 -11.42 -32.88 44.83
C GLU X 155 -11.85 -33.37 43.42
N GLU X 156 -13.15 -33.35 43.15
CA GLU X 156 -13.66 -33.72 41.84
C GLU X 156 -13.27 -32.69 40.76
N GLY X 157 -13.37 -31.41 41.11
CA GLY X 157 -12.97 -30.30 40.24
C GLY X 157 -11.50 -30.32 39.87
N LEU X 158 -10.65 -30.69 40.83
CA LEU X 158 -9.22 -30.83 40.58
C LEU X 158 -8.86 -31.99 39.63
N ASP X 159 -9.62 -33.08 39.68
CA ASP X 159 -9.39 -34.20 38.77
C ASP X 159 -9.80 -33.79 37.35
N LEU X 160 -10.87 -33.01 37.27
CA LEU X 160 -11.38 -32.49 36.02
C LEU X 160 -10.38 -31.52 35.38
N LEU X 161 -9.73 -30.68 36.19
CA LEU X 161 -8.67 -29.81 35.71
C LEU X 161 -7.47 -30.58 35.21
N LYS X 162 -7.04 -31.57 35.99
CA LYS X 162 -5.91 -32.41 35.64
C LYS X 162 -6.10 -32.96 34.22
N LEU X 163 -7.34 -33.33 33.92
CA LEU X 163 -7.71 -33.87 32.63
C LEU X 163 -7.52 -32.78 31.56
N CYS X 164 -8.06 -31.59 31.82
CA CYS X 164 -7.92 -30.42 30.95
C CYS X 164 -6.47 -30.08 30.64
N VAL X 165 -5.65 -30.02 31.68
CA VAL X 165 -4.23 -29.76 31.52
C VAL X 165 -3.57 -30.84 30.66
N GLN X 166 -3.93 -32.11 30.88
CA GLN X 166 -3.38 -33.22 30.09
C GLN X 166 -3.72 -33.09 28.61
N GLU X 167 -4.96 -32.69 28.32
CA GLU X 167 -5.36 -32.42 26.95
C GLU X 167 -4.55 -31.27 26.35
N LEU X 168 -4.38 -30.19 27.11
CA LEU X 168 -3.57 -29.07 26.67
C LEU X 168 -2.10 -29.47 26.46
N GLU X 169 -1.59 -30.35 27.30
CA GLU X 169 -0.20 -30.83 27.17
C GLU X 169 0.01 -31.82 26.03
N LYS X 170 -1.08 -32.36 25.50
CA LYS X 170 -1.03 -33.30 24.39
C LYS X 170 -1.16 -32.58 23.05
N ARG X 171 -2.15 -31.69 22.96
CA ARG X 171 -2.55 -31.09 21.67
C ARG X 171 -2.07 -29.67 21.38
N MET X 172 -1.67 -28.93 22.41
CA MET X 172 -1.17 -27.57 22.21
C MET X 172 0.30 -27.53 21.82
N PRO X 173 0.67 -26.55 20.97
CA PRO X 173 2.01 -26.51 20.37
C PRO X 173 3.07 -25.88 21.27
N MET X 174 2.63 -25.00 22.17
CA MET X 174 3.54 -24.30 23.09
C MET X 174 3.67 -25.06 24.40
N ASP X 175 4.90 -25.14 24.90
CA ASP X 175 5.16 -25.69 26.23
C ASP X 175 4.88 -24.58 27.25
N PHE X 176 3.76 -24.70 27.96
CA PHE X 176 3.37 -23.67 28.92
C PHE X 176 3.83 -23.96 30.35
N LYS X 177 4.68 -24.97 30.50
CA LYS X 177 5.41 -25.25 31.74
C LYS X 177 4.51 -25.51 32.97
N GLY X 178 3.43 -26.25 32.77
CA GLY X 178 2.50 -26.59 33.84
C GLY X 178 1.68 -25.39 34.31
N VAL X 179 0.77 -25.66 35.25
CA VAL X 179 -0.10 -24.62 35.80
C VAL X 179 0.07 -24.48 37.31
N ILE X 180 -0.18 -23.27 37.82
CA ILE X 180 -0.40 -23.07 39.24
C ILE X 180 -1.91 -23.11 39.46
N VAL X 181 -2.34 -23.82 40.50
CA VAL X 181 -3.76 -24.02 40.78
C VAL X 181 -4.09 -23.37 42.12
N LYS X 182 -5.22 -22.66 42.17
CA LYS X 182 -5.67 -22.02 43.42
C LYS X 182 -7.16 -22.22 43.67
N ILE X 183 -7.52 -22.41 44.93
CA ILE X 183 -8.90 -22.69 45.31
C ILE X 183 -9.43 -21.55 46.18
N VAL X 184 -10.61 -21.06 45.81
CA VAL X 184 -11.30 -20.00 46.53
C VAL X 184 -12.60 -20.57 47.10
N ASP X 185 -12.68 -20.66 48.43
CA ASP X 185 -13.90 -21.14 49.11
C ASP X 185 -14.22 -20.28 50.34
N LYS X 186 -15.09 -20.79 51.22
CA LYS X 186 -15.51 -20.07 52.43
C LYS X 186 -14.34 -19.66 53.33
N ASP X 187 -13.24 -20.39 53.26
CA ASP X 187 -12.10 -20.21 54.17
C ASP X 187 -10.97 -19.44 53.53
N GLY X 188 -11.65 -18.17 51.74
CA GLY X 188 -10.24 -17.80 51.55
C GLY X 188 -9.65 -18.48 50.34
N ILE X 189 -8.36 -18.23 50.15
CA ILE X 189 -7.66 -18.63 48.95
C ILE X 189 -6.42 -19.41 49.36
N ARG X 190 -6.28 -20.62 48.81
CA ARG X 190 -5.09 -21.42 49.05
C ARG X 190 -4.53 -21.97 47.74
N GLN X 191 -3.23 -22.23 47.73
CA GLN X 191 -2.55 -22.75 46.55
C GLN X 191 -2.24 -24.24 46.69
N VAL X 192 -2.75 -25.03 45.74
CA VAL X 192 -2.39 -26.45 45.64
C VAL X 192 -0.94 -26.57 45.23
N ASP X 193 -0.09 -27.00 46.16
CA ASP X 193 1.35 -27.11 45.89
C ASP X 193 1.71 -28.39 45.14
N ASP X 194 0.85 -29.41 45.23
CA ASP X 194 1.11 -30.72 44.61
C ASP X 194 0.24 -30.99 43.37
N PHE X 195 0.65 -30.41 42.24
CA PHE X 195 -0.02 -30.62 40.95
C PHE X 195 0.95 -31.19 39.89
N GLN X 196 2.25 -31.07 40.18
CA GLN X 196 3.33 -31.55 39.30
C GLN X 196 3.34 -33.08 39.12
N ALA X 197 2.83 -33.81 40.11
CA ALA X 197 2.69 -35.27 40.06
C ALA X 197 1.53 -35.78 40.94
N GLN X 198 0.36 -35.16 40.80
CA GLN X 198 -0.84 -35.50 41.58
C GLN X 198 -1.39 -36.90 41.25
N THR Y 1 24.43 -7.99 21.51
CA THR Y 1 24.49 -7.93 23.00
C THR Y 1 24.18 -9.24 23.68
N THR Y 2 24.97 -9.54 24.69
CA THR Y 2 24.65 -10.59 25.61
C THR Y 2 24.94 -10.07 27.01
N THR Y 3 23.94 -10.19 27.88
CA THR Y 3 24.07 -9.86 29.28
C THR Y 3 23.43 -10.98 30.06
N LEU Y 4 24.07 -11.34 31.19
CA LEU Y 4 23.46 -12.28 32.13
C LEU Y 4 23.59 -11.88 33.60
N ALA Y 5 22.72 -12.47 34.41
CA ALA Y 5 22.79 -12.36 35.85
C ALA Y 5 22.27 -13.65 36.42
N PHE Y 6 23.00 -14.21 37.38
CA PHE Y 6 22.48 -15.35 38.12
C PHE Y 6 22.72 -15.23 39.63
N ARG Y 7 21.81 -15.86 40.37
CA ARG Y 7 21.86 -15.90 41.83
C ARG Y 7 22.46 -17.24 42.24
N PHE Y 8 23.27 -17.23 43.30
CA PHE Y 8 23.92 -18.45 43.81
C PHE Y 8 24.31 -18.30 45.28
N GLN Y 9 24.80 -19.40 45.85
CA GLN Y 9 25.30 -19.46 47.24
C GLN Y 9 26.03 -18.19 47.69
N GLY Y 10 26.95 -17.70 46.86
CA GLY Y 10 27.79 -16.56 47.25
C GLY Y 10 27.36 -15.18 46.74
N GLY Y 11 26.07 -15.05 46.38
CA GLY Y 11 25.51 -13.76 45.93
C GLY Y 11 24.97 -13.72 44.50
N ILE Y 12 25.41 -12.72 43.73
CA ILE Y 12 25.01 -12.57 42.33
C ILE Y 12 26.23 -12.34 41.44
N ILE Y 13 26.32 -13.12 40.36
CA ILE Y 13 27.28 -12.86 39.29
C ILE Y 13 26.56 -12.13 38.13
N VAL Y 14 27.17 -11.04 37.67
CA VAL Y 14 26.67 -10.28 36.53
C VAL Y 14 27.78 -10.21 35.49
N ALA Y 15 27.44 -10.56 34.25
CA ALA Y 15 28.40 -10.51 33.14
C ALA Y 15 27.75 -10.03 31.84
N VAL Y 16 28.51 -9.20 31.12
CA VAL Y 16 28.03 -8.55 29.90
C VAL Y 16 29.13 -8.49 28.84
N ASP Y 17 28.73 -8.39 27.57
CA ASP Y 17 29.70 -8.12 26.51
C ASP Y 17 29.83 -6.62 26.35
N SER Y 18 30.50 -6.15 25.31
CA SER Y 18 30.74 -4.72 25.16
C SER Y 18 30.56 -4.15 23.75
N ARG Y 19 29.75 -4.82 22.91
CA ARG Y 19 29.60 -4.45 21.49
C ARG Y 19 28.37 -3.60 21.12
N ALA Y 20 28.61 -2.56 20.34
CA ALA Y 20 27.55 -1.76 19.74
C ALA Y 20 27.63 -1.88 18.22
N THR Y 21 26.48 -2.11 17.58
CA THR Y 21 26.40 -2.18 16.12
C THR Y 21 25.35 -1.23 15.53
N ALA Y 22 25.60 -0.76 14.31
CA ALA Y 22 24.60 -0.05 13.52
C ALA Y 22 24.45 -0.81 12.20
N GLY Y 23 23.43 -1.66 12.12
CA GLY Y 23 23.32 -2.62 11.01
C GLY Y 23 24.45 -3.63 11.10
N ASN Y 24 25.26 -3.71 10.06
CA ASN Y 24 26.44 -4.57 10.07
C ASN Y 24 27.71 -3.86 10.52
N TRP Y 25 27.59 -2.55 10.77
CA TRP Y 25 28.71 -1.74 11.22
C TRP Y 25 28.94 -1.92 12.71
N VAL Y 26 30.15 -2.35 13.07
CA VAL Y 26 30.56 -2.44 14.48
C VAL Y 26 30.88 -1.03 14.94
N ALA Y 27 29.96 -0.43 15.70
CA ALA Y 27 30.10 0.95 16.12
C ALA Y 27 31.09 1.09 17.25
N SER Y 28 31.13 0.09 18.14
CA SER Y 28 32.04 0.09 19.28
C SER Y 28 32.22 -1.32 19.82
N GLN Y 29 33.45 -1.59 20.28
CA GLN Y 29 33.78 -2.82 21.01
C GLN Y 29 34.04 -2.54 22.50
N THR Y 30 33.87 -1.29 22.93
CA THR Y 30 34.22 -0.88 24.29
C THR Y 30 33.06 -0.26 25.08
N VAL Y 31 31.83 -0.65 24.75
CA VAL Y 31 30.64 -0.14 25.45
C VAL Y 31 30.62 -0.66 26.88
N LYS Y 32 30.31 0.22 27.81
CA LYS Y 32 30.15 -0.17 29.21
C LYS Y 32 28.67 -0.44 29.44
N LYS Y 33 28.29 -1.72 29.48
CA LYS Y 33 26.89 -2.14 29.55
C LYS Y 33 26.40 -2.44 30.96
N VAL Y 34 27.29 -2.30 31.94
CA VAL Y 34 26.88 -2.39 33.34
C VAL Y 34 26.86 -0.99 33.93
N ILE Y 35 25.69 -0.56 34.40
CA ILE Y 35 25.56 0.73 35.07
C ILE Y 35 25.59 0.53 36.57
N GLU Y 36 26.55 1.18 37.23
CA GLU Y 36 26.66 1.16 38.70
C GLU Y 36 25.68 2.20 39.27
N ILE Y 37 24.52 1.72 39.73
CA ILE Y 37 23.45 2.59 40.27
C ILE Y 37 23.92 3.18 41.61
N ASN Y 38 24.46 2.30 42.45
CA ASN Y 38 25.14 2.67 43.70
C ASN Y 38 26.03 1.49 44.16
N PRO Y 39 26.88 1.70 45.19
CA PRO Y 39 27.69 0.61 45.76
C PRO Y 39 27.01 -0.77 45.92
N PHE Y 40 25.68 -0.81 45.97
CA PHE Y 40 24.94 -2.06 46.18
C PHE Y 40 23.95 -2.41 45.04
N LEU Y 41 23.90 -1.57 44.02
CA LEU Y 41 22.96 -1.74 42.88
C LEU Y 41 23.63 -1.69 41.52
N LEU Y 42 23.27 -2.65 40.68
CA LEU Y 42 23.77 -2.70 39.31
C LEU Y 42 22.62 -2.79 38.33
N GLY Y 43 22.81 -2.19 37.16
CA GLY Y 43 21.87 -2.34 36.05
C GLY Y 43 22.58 -2.77 34.79
N THR Y 44 21.94 -3.62 34.01
CA THR Y 44 22.51 -4.06 32.74
C THR Y 44 21.72 -3.45 31.58
N MET Y 45 22.42 -3.23 30.47
CA MET Y 45 21.83 -2.62 29.28
C MET Y 45 21.78 -3.58 28.09
N ALA Y 46 20.62 -3.65 27.44
CA ALA Y 46 20.48 -4.31 26.15
C ALA Y 46 19.38 -3.61 25.37
N GLY Y 47 19.57 -3.49 24.05
CA GLY Y 47 18.64 -2.80 23.19
C GLY Y 47 19.23 -1.50 22.71
N GLY Y 48 18.52 -0.40 22.96
CA GLY Y 48 18.96 0.92 22.51
C GLY Y 48 19.93 1.55 23.48
N ALA Y 49 21.15 1.81 23.00
CA ALA Y 49 22.21 2.35 23.83
C ALA Y 49 21.77 3.60 24.60
N ALA Y 50 21.14 4.54 23.90
CA ALA Y 50 20.67 5.78 24.53
C ALA Y 50 19.58 5.52 25.56
N ASP Y 51 18.54 4.79 25.15
CA ASP Y 51 17.41 4.49 26.04
C ASP Y 51 17.89 3.92 27.38
N CYS Y 52 18.76 2.93 27.31
CA CYS Y 52 19.26 2.25 28.49
C CYS Y 52 20.14 3.18 29.33
N GLN Y 53 21.12 3.79 28.67
CA GLN Y 53 22.08 4.65 29.35
C GLN Y 53 21.40 5.85 30.00
N PHE Y 54 20.41 6.43 29.31
CA PHE Y 54 19.71 7.59 29.83
C PHE Y 54 18.84 7.24 31.02
N TRP Y 55 17.93 6.29 30.84
CA TRP Y 55 16.97 5.97 31.87
C TRP Y 55 17.57 5.26 33.08
N GLU Y 56 18.67 4.54 32.87
CA GLU Y 56 19.33 3.87 33.99
C GLU Y 56 20.19 4.82 34.81
N THR Y 57 20.81 5.79 34.14
CA THR Y 57 21.43 6.90 34.86
C THR Y 57 20.37 7.67 35.65
N TRP Y 58 19.23 7.93 35.03
CA TRP Y 58 18.13 8.63 35.68
C TRP Y 58 17.64 7.83 36.88
N LEU Y 59 17.55 6.51 36.73
CA LEU Y 59 17.21 5.63 37.84
C LEU Y 59 18.13 5.87 39.04
N GLY Y 60 19.44 5.99 38.79
CA GLY Y 60 20.43 6.29 39.82
C GLY Y 60 20.08 7.52 40.65
N SER Y 61 19.62 8.57 39.97
CA SER Y 61 19.15 9.79 40.61
C SER Y 61 17.90 9.57 41.47
N GLN Y 62 16.93 8.80 40.97
CA GLN Y 62 15.72 8.51 41.72
C GLN Y 62 16.01 7.65 42.96
N CYS Y 63 17.03 6.79 42.86
CA CYS Y 63 17.47 5.95 43.97
C CYS Y 63 18.13 6.78 45.06
N ARG Y 64 19.02 7.68 44.67
CA ARG Y 64 19.66 8.62 45.60
C ARG Y 64 18.62 9.48 46.35
N LEU Y 65 17.58 9.91 45.63
CA LEU Y 65 16.53 10.74 46.18
C LEU Y 65 15.74 9.97 47.24
N HIS Y 66 15.53 8.68 47.00
CA HIS Y 66 14.85 7.80 47.96
C HIS Y 66 15.64 7.72 49.27
N GLU Y 67 16.96 7.59 49.16
CA GLU Y 67 17.84 7.48 50.33
C GLU Y 67 17.90 8.75 51.18
N LEU Y 68 17.84 9.91 50.53
CA LEU Y 68 17.78 11.16 51.26
C LEU Y 68 16.44 11.31 51.99
N ARG Y 69 15.37 10.93 51.31
CA ARG Y 69 14.01 11.14 51.79
C ARG Y 69 13.64 10.14 52.90
N GLU Y 70 14.11 8.90 52.76
CA GLU Y 70 13.66 7.81 53.63
C GLU Y 70 14.72 7.37 54.62
N LYS Y 71 15.91 7.95 54.51
CA LYS Y 71 17.04 7.61 55.38
C LYS Y 71 17.29 6.10 55.40
N GLU Y 72 17.23 5.49 54.22
CA GLU Y 72 17.35 4.05 54.06
C GLU Y 72 17.63 3.70 52.61
N ARG Y 73 18.53 2.74 52.39
CA ARG Y 73 18.88 2.25 51.05
C ARG Y 73 17.63 1.71 50.36
N ILE Y 74 17.47 2.02 49.07
CA ILE Y 74 16.33 1.58 48.29
C ILE Y 74 16.35 0.05 48.09
N SER Y 75 15.17 -0.56 48.12
CA SER Y 75 15.07 -1.99 47.84
C SER Y 75 15.19 -2.25 46.33
N VAL Y 76 15.72 -3.42 45.99
CA VAL Y 76 15.83 -3.85 44.59
C VAL Y 76 14.44 -3.89 43.94
N ALA Y 77 13.45 -4.36 44.68
CA ALA Y 77 12.05 -4.36 44.24
C ALA Y 77 11.56 -2.97 43.84
N ALA Y 78 11.82 -1.98 44.69
CA ALA Y 78 11.34 -0.62 44.48
C ALA Y 78 12.17 0.17 43.46
N ALA Y 79 13.47 -0.15 43.37
CA ALA Y 79 14.32 0.48 42.37
C ALA Y 79 13.90 -0.03 40.99
N SER Y 80 13.75 -1.35 40.88
CA SER Y 80 13.35 -1.97 39.63
C SER Y 80 11.97 -1.50 39.19
N LYS Y 81 11.07 -1.28 40.14
CA LYS Y 81 9.70 -0.87 39.81
C LYS Y 81 9.61 0.60 39.38
N ILE Y 82 10.61 1.41 39.76
CA ILE Y 82 10.67 2.78 39.28
C ILE Y 82 10.96 2.74 37.78
N LEU Y 83 12.00 2.00 37.39
CA LEU Y 83 12.37 1.90 35.99
C LEU Y 83 11.23 1.28 35.21
N SER Y 84 10.63 0.25 35.78
CA SER Y 84 9.51 -0.45 35.17
C SER Y 84 8.32 0.49 34.91
N ASN Y 85 7.94 1.28 35.92
CA ASN Y 85 6.78 2.18 35.81
C ASN Y 85 7.02 3.35 34.86
N LEU Y 86 8.24 3.87 34.88
CA LEU Y 86 8.62 4.93 33.96
C LEU Y 86 8.45 4.41 32.53
N VAL Y 87 9.17 3.31 32.25
CA VAL Y 87 9.15 2.66 30.95
C VAL Y 87 7.73 2.36 30.44
N TYR Y 88 6.83 2.01 31.35
CA TYR Y 88 5.43 1.74 31.01
C TYR Y 88 4.67 3.00 30.57
N GLN Y 89 5.04 4.17 31.09
CA GLN Y 89 4.42 5.43 30.67
C GLN Y 89 4.66 5.66 29.17
N TYR Y 90 5.75 5.08 28.66
CA TYR Y 90 6.22 5.33 27.30
C TYR Y 90 5.84 4.20 26.34
N LYS Y 91 5.12 3.18 26.84
CA LYS Y 91 4.71 2.06 26.02
C LYS Y 91 4.11 2.52 24.70
N GLY Y 92 4.68 2.03 23.60
CA GLY Y 92 4.22 2.33 22.25
C GLY Y 92 5.04 3.38 21.51
N ALA Y 93 5.71 4.26 22.27
CA ALA Y 93 6.48 5.37 21.68
C ALA Y 93 7.81 4.92 21.05
N GLY Y 94 8.21 3.68 21.28
CA GLY Y 94 9.36 3.12 20.60
C GLY Y 94 10.65 2.98 21.40
N LEU Y 95 10.56 3.07 22.73
CA LEU Y 95 11.69 2.74 23.60
C LEU Y 95 12.10 1.29 23.39
N SER Y 96 13.41 1.04 23.36
CA SER Y 96 13.91 -0.30 23.19
C SER Y 96 14.96 -0.62 24.24
N MET Y 97 14.54 -1.33 25.27
CA MET Y 97 15.46 -1.73 26.33
C MET Y 97 15.13 -3.09 26.96
N GLY Y 98 16.19 -3.88 27.14
CA GLY Y 98 16.12 -5.15 27.85
C GLY Y 98 17.10 -5.03 28.99
N THR Y 99 16.57 -5.11 30.21
CA THR Y 99 17.31 -4.62 31.36
C THR Y 99 17.21 -5.54 32.58
N MET Y 100 18.29 -5.57 33.35
CA MET Y 100 18.37 -6.35 34.56
C MET Y 100 18.77 -5.44 35.71
N ILE Y 101 18.00 -5.46 36.80
CA ILE Y 101 18.40 -4.73 38.01
C ILE Y 101 18.84 -5.68 39.12
N CYS Y 102 20.09 -5.54 39.54
CA CYS Y 102 20.70 -6.48 40.48
C CYS Y 102 21.24 -5.80 41.75
N GLY Y 103 20.80 -6.30 42.90
CA GLY Y 103 21.23 -5.78 44.19
C GLY Y 103 21.13 -6.77 45.32
N TYR Y 104 21.55 -6.35 46.51
CA TYR Y 104 21.58 -7.21 47.69
C TYR Y 104 21.26 -6.43 48.95
N THR Y 105 19.97 -6.27 49.25
CA THR Y 105 19.57 -5.69 50.54
C THR Y 105 19.47 -6.75 51.65
N ARG Y 106 19.62 -6.30 52.88
CA ARG Y 106 19.49 -7.14 54.06
C ARG Y 106 18.07 -7.69 54.20
N LYS Y 107 17.08 -6.86 53.92
CA LYS Y 107 15.66 -7.20 54.09
C LYS Y 107 15.30 -8.43 53.23
N GLU Y 108 16.10 -8.24 51.19
CA GLU Y 108 15.61 -9.23 50.25
C GLU Y 108 16.68 -10.29 49.99
N GLY Y 109 17.90 -10.02 50.44
CA GLY Y 109 19.07 -10.83 50.07
C GLY Y 109 19.42 -10.54 48.61
N PRO Y 110 20.20 -11.43 47.98
CA PRO Y 110 20.52 -11.20 46.57
C PRO Y 110 19.25 -11.30 45.72
N THR Y 111 19.01 -10.27 44.90
CA THR Y 111 17.78 -10.19 44.11
C THR Y 111 18.06 -9.67 42.70
N ILE Y 112 17.42 -10.29 41.72
CA ILE Y 112 17.51 -9.85 40.32
C ILE Y 112 16.11 -9.66 39.73
N TYR Y 113 15.89 -8.46 39.16
CA TYR Y 113 14.71 -8.20 38.33
C TYR Y 113 15.07 -7.99 36.87
N TYR Y 114 14.29 -8.62 36.00
CA TYR Y 114 14.34 -8.37 34.57
C TYR Y 114 13.29 -7.28 34.27
N VAL Y 115 13.72 -6.23 33.58
CA VAL Y 115 12.82 -5.13 33.21
C VAL Y 115 13.00 -4.75 31.75
N ASP Y 116 11.93 -4.83 30.95
CA ASP Y 116 12.01 -4.43 29.55
C ASP Y 116 11.02 -3.34 29.14
N SER Y 117 11.25 -2.73 27.98
CA SER Y 117 10.43 -1.63 27.48
C SER Y 117 9.02 -2.03 27.08
N ASP Y 118 8.69 -3.31 27.16
CA ASP Y 118 7.31 -3.74 26.99
C ASP Y 118 6.53 -3.51 28.28
N GLY Y 119 7.27 -3.34 29.37
CA GLY Y 119 6.66 -3.15 30.69
C GLY Y 119 6.73 -4.39 31.57
N THR Y 120 7.39 -5.43 31.07
CA THR Y 120 7.61 -6.65 31.80
C THR Y 120 8.58 -6.41 32.95
N ARG Y 121 8.19 -6.86 34.14
CA ARG Y 121 9.05 -6.86 35.33
C ARG Y 121 8.96 -8.22 36.01
N LEU Y 122 10.10 -8.92 36.09
CA LEU Y 122 10.16 -10.31 36.58
C LEU Y 122 11.28 -10.56 37.59
N LYS Y 123 10.89 -11.11 38.74
CA LYS Y 123 11.86 -11.61 39.70
C LYS Y 123 12.32 -13.01 39.27
N GLY Y 124 13.62 -13.28 39.39
CA GLY Y 124 14.15 -14.59 39.01
C GLY Y 124 15.59 -14.81 39.40
N ASP Y 125 16.01 -16.08 39.37
CA ASP Y 125 17.36 -16.47 39.77
C ASP Y 125 18.36 -16.35 38.63
N ILE Y 126 17.94 -16.70 37.42
CA ILE Y 126 18.79 -16.65 36.20
C ILE Y 126 18.11 -15.91 35.05
N PHE Y 127 18.81 -14.96 34.43
CA PHE Y 127 18.34 -14.31 33.21
C PHE Y 127 19.49 -14.08 32.24
N CYS Y 128 19.18 -14.20 30.95
CA CYS Y 128 20.05 -13.75 29.86
C CYS Y 128 19.25 -12.86 28.90
N VAL Y 129 19.81 -11.71 28.55
CA VAL Y 129 19.08 -10.72 27.79
C VAL Y 129 19.95 -10.24 26.65
N GLY Y 130 19.35 -10.11 25.47
CA GLY Y 130 20.04 -9.58 24.30
C GLY Y 130 20.01 -10.53 23.13
N SER Y 131 20.63 -10.11 22.03
CA SER Y 131 20.64 -10.90 20.80
C SER Y 131 21.36 -12.22 20.95
N GLY Y 132 22.32 -12.30 21.87
CA GLY Y 132 23.06 -13.53 22.12
C GLY Y 132 22.58 -14.34 23.31
N GLN Y 133 21.41 -14.00 23.85
CA GLN Y 133 20.92 -14.60 25.09
C GLN Y 133 20.83 -16.14 25.07
N THR Y 134 20.40 -16.68 23.94
CA THR Y 134 20.20 -18.13 23.81
C THR Y 134 21.53 -18.87 23.89
N PHE Y 135 22.57 -18.28 23.31
CA PHE Y 135 23.91 -18.88 23.37
C PHE Y 135 24.42 -18.95 24.80
N ALA Y 136 24.25 -17.86 25.55
CA ALA Y 136 24.59 -17.82 26.96
C ALA Y 136 23.80 -18.85 27.79
N TYR Y 137 22.48 -18.91 27.58
CA TYR Y 137 21.61 -19.87 28.26
C TYR Y 137 22.10 -21.30 28.12
N GLY Y 138 22.54 -21.64 26.90
CA GLY Y 138 23.07 -22.98 26.60
C GLY Y 138 24.19 -23.40 27.53
N VAL Y 139 25.21 -22.56 27.65
CA VAL Y 139 26.32 -22.81 28.56
C VAL Y 139 25.86 -22.73 30.02
N LEU Y 140 25.15 -21.66 30.35
CA LEU Y 140 24.78 -21.37 31.72
C LEU Y 140 23.89 -22.45 32.33
N ASP Y 141 22.85 -22.86 31.61
CA ASP Y 141 21.88 -23.83 32.12
C ASP Y 141 22.47 -25.21 32.43
N SER Y 142 23.51 -25.58 31.69
CA SER Y 142 24.12 -26.91 31.85
C SER Y 142 25.22 -27.00 32.92
N ASN Y 143 25.73 -25.85 33.37
CA ASN Y 143 26.80 -25.82 34.37
C ASN Y 143 26.38 -25.15 35.67
N TYR Y 144 25.12 -24.71 35.76
CA TYR Y 144 24.67 -24.03 36.95
C TYR Y 144 24.29 -24.99 38.07
N LYS Y 145 24.85 -24.74 39.25
CA LYS Y 145 24.45 -25.35 40.51
C LYS Y 145 24.29 -24.19 41.47
N TRP Y 146 23.40 -24.32 42.46
CA TRP Y 146 23.32 -23.31 43.51
C TRP Y 146 24.64 -23.23 44.27
N ASP Y 147 25.32 -24.37 44.39
CA ASP Y 147 26.50 -24.51 45.25
C ASP Y 147 27.86 -24.30 44.56
N LEU Y 148 27.88 -23.45 43.55
CA LEU Y 148 29.12 -23.03 42.90
C LEU Y 148 29.96 -22.16 43.82
N SER Y 149 31.29 -22.32 43.75
CA SER Y 149 32.21 -21.43 44.45
C SER Y 149 32.28 -20.07 43.74
N VAL Y 150 32.52 -19.02 44.51
CA VAL Y 150 32.61 -17.65 43.98
C VAL Y 150 33.51 -17.56 42.73
N GLU Y 151 34.65 -18.24 42.78
CA GLU Y 151 35.61 -18.30 41.66
C GLU Y 151 34.99 -19.02 40.44
N ASP Y 152 34.31 -20.14 40.70
CA ASP Y 152 33.68 -20.96 39.66
C ASP Y 152 32.46 -20.29 39.03
N ALA Y 153 31.76 -19.47 39.82
CA ALA Y 153 30.60 -18.74 39.34
C ALA Y 153 31.03 -17.59 38.43
N LEU Y 154 32.08 -16.88 38.85
CA LEU Y 154 32.69 -15.84 38.04
C LEU Y 154 33.15 -16.38 36.69
N TYR Y 155 33.63 -17.61 36.68
CA TYR Y 155 34.10 -18.22 35.44
C TYR Y 155 32.94 -18.62 34.53
N LEU Y 156 31.93 -19.28 35.08
CA LEU Y 156 30.78 -19.70 34.28
C LEU Y 156 30.12 -18.50 33.58
N GLY Y 157 29.87 -17.43 34.34
CA GLY Y 157 29.36 -16.18 33.77
C GLY Y 157 30.21 -15.69 32.62
N LYS Y 158 31.51 -15.55 32.88
CA LYS Y 158 32.51 -15.12 31.89
C LYS Y 158 32.52 -16.03 30.67
N ARG Y 159 32.44 -17.34 30.90
CA ARG Y 159 32.49 -18.33 29.84
C ARG Y 159 31.21 -18.26 28.99
N SER Y 160 30.10 -17.92 29.63
CA SER Y 160 28.81 -17.86 28.94
C SER Y 160 28.70 -16.67 27.99
N ILE Y 161 29.29 -15.53 28.38
CA ILE Y 161 29.38 -14.37 27.50
C ILE Y 161 30.28 -14.70 26.31
N LEU Y 162 31.39 -15.37 26.59
CA LEU Y 162 32.31 -15.79 25.54
C LEU Y 162 31.60 -16.69 24.52
N ALA Y 163 30.80 -17.64 25.02
CA ALA Y 163 30.01 -18.52 24.16
C ALA Y 163 29.14 -17.71 23.20
N ALA Y 164 28.56 -16.62 23.70
CA ALA Y 164 27.69 -15.78 22.89
C ALA Y 164 28.47 -14.80 22.01
N ALA Y 165 29.65 -14.38 22.48
CA ALA Y 165 30.47 -13.45 21.72
C ALA Y 165 30.92 -14.14 20.44
N HIS Y 166 31.21 -15.43 20.58
CA HIS Y 166 31.69 -16.26 19.47
C HIS Y 166 30.66 -16.49 18.39
N ARG Y 167 29.44 -16.85 18.79
CA ARG Y 167 28.40 -17.21 17.81
C ARG Y 167 27.51 -16.06 17.28
N ASP Y 168 27.18 -15.12 18.16
CA ASP Y 168 26.35 -13.97 17.80
C ASP Y 168 27.21 -12.86 17.19
N ALA Y 169 26.89 -12.50 15.95
CA ALA Y 169 27.57 -11.42 15.22
C ALA Y 169 27.41 -10.10 15.94
N TYR Y 170 26.32 -9.99 16.70
CA TYR Y 170 25.99 -8.76 17.39
C TYR Y 170 26.44 -8.73 18.85
N SER Y 171 27.27 -9.69 19.22
CA SER Y 171 27.93 -9.72 20.53
C SER Y 171 29.43 -9.88 20.35
N GLY Y 172 30.17 -9.29 21.28
CA GLY Y 172 31.64 -9.40 21.30
C GLY Y 172 32.33 -8.25 22.00
N GLY Y 173 33.63 -8.12 21.74
CA GLY Y 173 34.45 -7.05 22.31
C GLY Y 173 35.22 -7.56 23.50
N SER Y 174 34.57 -7.49 24.66
CA SER Y 174 35.17 -7.92 25.91
C SER Y 174 34.08 -8.32 26.87
N VAL Y 175 34.47 -9.00 27.94
CA VAL Y 175 33.55 -9.35 29.01
C VAL Y 175 33.82 -8.44 30.21
N ASN Y 176 32.73 -7.97 30.84
CA ASN Y 176 32.82 -7.23 32.08
C ASN Y 176 32.17 -8.04 33.18
N LEU Y 177 32.89 -8.22 34.28
CA LEU Y 177 32.47 -9.11 35.36
C LEU Y 177 32.22 -8.39 36.65
N TYR Y 178 31.15 -8.79 37.34
CA TYR Y 178 30.83 -8.25 38.65
C TYR Y 178 30.38 -9.34 39.59
N HIS Y 179 30.72 -9.17 40.86
CA HIS Y 179 30.22 -10.03 41.91
C HIS Y 179 29.47 -9.17 42.91
N VAL Y 180 28.25 -9.57 43.24
CA VAL Y 180 27.42 -8.81 44.17
C VAL Y 180 27.20 -9.54 45.50
N THR Y 181 27.74 -8.93 46.56
CA THR Y 181 27.54 -9.38 47.94
C THR Y 181 26.85 -8.26 48.71
N GLU Y 182 26.50 -8.51 49.97
CA GLU Y 182 25.86 -7.49 50.80
C GLU Y 182 26.82 -6.34 51.08
N ASP Y 183 28.12 -6.66 51.09
CA ASP Y 183 29.20 -5.69 51.27
C ASP Y 183 29.44 -4.81 50.04
N GLY Y 184 27.44 -4.89 48.54
CA GLY Y 184 28.02 -4.11 47.46
C GLY Y 184 28.62 -5.00 46.39
N TRP Y 185 28.85 -4.40 45.23
CA TRP Y 185 29.38 -5.15 44.11
C TRP Y 185 30.88 -4.99 44.09
N ILE Y 186 31.55 -5.95 43.47
CA ILE Y 186 32.99 -5.87 43.25
C ILE Y 186 33.23 -6.14 41.76
N TYR Y 187 33.93 -5.21 41.12
CA TYR Y 187 34.31 -5.36 39.72
C TYR Y 187 35.39 -6.41 39.59
N HIS Y 188 35.16 -7.40 38.73
CA HIS Y 188 36.15 -8.44 38.45
C HIS Y 188 36.73 -8.36 37.04
N GLY Y 189 36.86 -7.13 36.54
CA GLY Y 189 37.71 -6.85 35.38
C GLY Y 189 37.09 -6.86 33.99
N ASN Y 190 37.88 -6.34 33.05
CA ASN Y 190 37.53 -6.30 31.63
C ASN Y 190 38.38 -7.31 30.88
N HIS Y 191 37.73 -8.21 30.16
CA HIS Y 191 38.44 -9.30 29.50
C HIS Y 191 38.22 -9.31 28.00
N ASP Y 192 39.21 -8.81 27.25
CA ASP Y 192 39.17 -8.78 25.80
C ASP Y 192 38.97 -10.19 25.24
N VAL Y 193 37.95 -10.36 24.41
CA VAL Y 193 37.62 -11.66 23.80
C VAL Y 193 38.72 -12.15 22.84
N GLY Y 194 39.38 -11.21 22.17
CA GLY Y 194 40.50 -11.52 21.27
C GLY Y 194 41.68 -12.22 21.92
N GLU Y 195 41.73 -12.20 23.25
CA GLU Y 195 42.78 -12.88 24.01
C GLU Y 195 42.16 -13.97 24.87
N LEU Y 196 40.97 -13.69 25.39
CA LEU Y 196 40.24 -14.64 26.23
C LEU Y 196 39.86 -15.93 25.50
N PHE Y 197 39.48 -15.81 24.23
CA PHE Y 197 39.06 -16.96 23.43
C PHE Y 197 40.14 -18.02 23.34
N TRP Y 198 41.34 -17.58 22.96
CA TRP Y 198 42.48 -18.48 22.77
C TRP Y 198 42.91 -19.17 24.06
N LYS Y 199 42.95 -18.38 25.15
CA LYS Y 199 43.27 -18.91 26.48
C LYS Y 199 42.29 -20.01 26.87
N VAL Y 200 40.99 -19.70 26.81
CA VAL Y 200 39.95 -20.66 27.15
C VAL Y 200 40.04 -21.91 26.27
N LYS Y 201 40.27 -21.70 24.98
CA LYS Y 201 40.40 -22.82 24.04
C LYS Y 201 41.50 -23.76 24.49
N GLU Y 202 42.67 -23.19 24.77
CA GLU Y 202 43.85 -23.94 25.20
C GLU Y 202 43.65 -24.60 26.57
N GLU Y 203 43.20 -23.83 27.56
CA GLU Y 203 43.04 -24.31 28.93
C GLU Y 203 41.82 -25.20 29.15
N GLU Y 204 40.93 -25.28 28.18
CA GLU Y 204 39.68 -26.01 28.35
C GLU Y 204 39.50 -27.12 27.32
N GLY Y 205 40.23 -27.03 26.20
CA GLY Y 205 40.15 -28.00 25.12
C GLY Y 205 38.92 -27.82 24.25
N SER Y 206 38.06 -26.88 24.64
CA SER Y 206 36.83 -26.56 23.93
C SER Y 206 37.10 -25.72 22.67
N PHE Y 207 36.02 -25.23 22.04
CA PHE Y 207 36.08 -24.55 20.74
C PHE Y 207 36.95 -25.34 19.78
N ASN Y 208 36.75 -26.66 19.80
CA ASN Y 208 37.56 -27.60 19.07
C ASN Y 208 37.36 -27.43 17.56
N ASN Y 209 36.17 -26.97 17.19
CA ASN Y 209 35.88 -26.55 15.82
C ASN Y 209 36.91 -25.56 15.28
N VAL Y 210 37.00 -24.39 15.91
CA VAL Y 210 37.92 -23.33 15.52
C VAL Y 210 39.37 -23.82 15.42
N ILE Y 211 39.99 -23.60 14.26
CA ILE Y 211 41.40 -23.95 14.07
C ILE Y 211 42.31 -22.84 14.59
N GLY Y 212 43.30 -23.23 15.39
CA GLY Y 212 44.23 -22.26 15.98
C GLY Y 212 45.48 -22.89 16.60
N GLN Z 1 5.40 13.82 0.20
CA GLN Z 1 5.29 14.37 1.59
C GLN Z 1 6.54 15.21 1.95
N PHE Z 2 6.40 16.05 2.96
CA PHE Z 2 7.54 16.78 3.51
C PHE Z 2 8.44 15.88 4.35
N ASN Z 3 9.73 15.91 4.01
CA ASN Z 3 10.79 15.21 4.75
C ASN Z 3 11.62 16.25 5.51
N PRO Z 4 11.55 16.23 6.85
CA PRO Z 4 12.24 17.23 7.66
C PRO Z 4 13.76 17.04 7.72
N TYR Z 5 14.27 15.96 7.16
CA TYR Z 5 15.69 15.65 7.22
C TYR Z 5 16.38 15.69 5.87
N GLY Z 6 17.66 16.05 5.90
CA GLY Z 6 18.55 15.97 4.75
C GLY Z 6 19.91 15.45 5.21
N ASP Z 7 20.86 15.40 4.29
CA ASP Z 7 22.18 14.85 4.58
C ASP Z 7 23.20 15.72 3.85
N ASN Z 8 24.04 16.40 4.63
CA ASN Z 8 25.02 17.34 4.09
C ASN Z 8 26.41 16.74 3.98
N GLY Z 9 26.47 15.42 4.12
CA GLY Z 9 27.72 14.66 4.03
C GLY Z 9 28.75 15.12 5.04
N GLY Z 10 31.01 15.33 4.32
CA GLY Z 10 31.15 15.65 5.74
C GLY Z 10 31.57 14.45 6.57
N THR Z 11 32.74 14.56 7.18
CA THR Z 11 33.29 13.53 8.04
C THR Z 11 34.18 14.22 9.06
N ILE Z 12 34.10 13.78 10.30
CA ILE Z 12 34.91 14.37 11.37
C ILE Z 12 35.73 13.31 12.08
N LEU Z 13 36.72 13.77 12.85
CA LEU Z 13 37.71 12.88 13.44
C LEU Z 13 38.32 13.44 14.72
N GLY Z 14 38.22 12.67 15.81
CA GLY Z 14 38.84 13.05 17.07
C GLY Z 14 39.90 12.08 17.57
N ILE Z 15 41.08 12.60 17.91
CA ILE Z 15 42.14 11.82 18.55
C ILE Z 15 42.63 12.53 19.81
N ALA Z 16 42.70 11.76 20.90
CA ALA Z 16 43.18 12.26 22.18
C ALA Z 16 44.63 11.84 22.42
N GLY Z 17 45.49 12.82 22.63
CA GLY Z 17 46.88 12.56 23.02
C GLY Z 17 47.02 12.61 24.52
N GLU Z 18 48.25 12.56 25.01
CA GLU Z 18 48.51 12.58 26.46
C GLU Z 18 48.13 13.92 27.11
N ASP Z 19 48.44 15.03 26.45
CA ASP Z 19 48.19 16.35 27.03
C ASP Z 19 47.58 17.30 25.99
N PHE Z 20 46.88 16.71 25.02
CA PHE Z 20 46.23 17.44 23.93
C PHE Z 20 45.15 16.55 23.33
N ALA Z 21 44.30 17.15 22.49
CA ALA Z 21 43.31 16.42 21.71
C ALA Z 21 43.05 17.19 20.43
N VAL Z 22 42.66 16.48 19.37
CA VAL Z 22 42.30 17.11 18.11
C VAL Z 22 40.89 16.72 17.68
N LEU Z 23 40.17 17.68 17.10
CA LEU Z 23 38.92 17.41 16.41
C LEU Z 23 39.06 18.00 15.03
N ALA Z 24 39.05 17.14 14.02
CA ALA Z 24 39.20 17.56 12.63
C ALA Z 24 37.93 17.25 11.85
N GLY Z 25 37.73 17.98 10.76
CA GLY Z 25 36.64 17.71 9.85
C GLY Z 25 36.96 18.28 8.48
N ASP Z 26 36.42 17.68 7.44
CA ASP Z 26 36.52 18.29 6.11
C ASP Z 26 35.60 19.52 6.04
N THR Z 27 35.78 20.35 5.02
CA THR Z 27 35.06 21.61 4.93
C THR Z 27 33.99 21.61 3.84
N ARG Z 28 33.79 20.44 3.24
CA ARG Z 28 32.80 20.27 2.18
C ARG Z 28 31.36 20.06 2.69
N ASN Z 29 30.42 20.77 2.08
CA ASN Z 29 29.01 20.68 2.39
C ASN Z 29 28.23 20.33 1.12
N ILE Z 30 27.38 19.30 1.19
CA ILE Z 30 26.73 18.77 -0.02
C ILE Z 30 25.22 18.52 0.11
N THR Z 31 24.56 18.32 -1.02
CA THR Z 31 23.17 17.88 -1.09
C THR Z 31 23.08 17.02 -2.35
N ASP Z 32 22.90 15.72 -2.18
CA ASP Z 32 22.86 14.76 -3.28
C ASP Z 32 24.22 14.77 -4.01
N TYR Z 33 24.22 15.15 -5.29
CA TYR Z 33 25.45 15.15 -6.10
C TYR Z 33 26.04 16.55 -6.32
N SER Z 34 25.48 17.54 -5.64
CA SER Z 34 26.00 18.91 -5.71
C SER Z 34 26.83 19.29 -4.49
N ILE Z 35 27.78 20.19 -4.71
CA ILE Z 35 28.52 20.82 -3.63
C ILE Z 35 27.87 22.15 -3.30
N ASN Z 36 27.52 22.33 -2.03
CA ASN Z 36 26.93 23.58 -1.57
C ASN Z 36 27.99 24.61 -1.21
N SER Z 37 29.07 24.12 -0.59
CA SER Z 37 30.22 24.93 -0.23
C SER Z 37 31.48 24.06 -0.15
N ARG Z 38 32.62 24.63 -0.54
CA ARG Z 38 33.91 23.96 -0.42
C ARG Z 38 34.55 24.34 0.92
N TYR Z 39 34.05 25.41 1.52
CA TYR Z 39 34.53 25.83 2.83
C TYR Z 39 33.38 26.33 3.70
N GLU Z 40 32.76 25.38 4.41
CA GLU Z 40 31.77 25.67 5.44
C GLU Z 40 32.24 24.96 6.71
N PRO Z 41 32.87 25.72 7.63
CA PRO Z 41 33.41 25.12 8.85
C PRO Z 41 32.35 24.34 9.63
N LYS Z 42 32.79 23.28 10.29
CA LYS Z 42 31.91 22.26 10.86
C LYS Z 42 32.42 21.84 12.24
N VAL Z 43 33.57 22.38 12.63
CA VAL Z 43 34.15 22.15 13.95
C VAL Z 43 34.28 23.52 14.63
N PHE Z 44 33.73 23.64 15.83
CA PHE Z 44 33.66 24.95 16.50
C PHE Z 44 34.27 24.97 17.89
N ASP Z 45 34.95 26.07 18.21
CA ASP Z 45 35.40 26.36 19.57
C ASP Z 45 34.18 26.81 20.38
N CYS Z 46 33.91 26.13 21.49
CA CYS Z 46 32.71 26.39 22.27
C CYS Z 46 32.98 27.15 23.58
N GLY Z 47 34.23 27.53 23.80
CA GLY Z 47 34.63 28.12 25.06
C GLY Z 47 35.01 27.03 26.04
N ASP Z 48 35.60 27.44 27.17
CA ASP Z 48 36.07 26.53 28.22
C ASP Z 48 36.96 25.41 27.71
N ASN Z 49 37.68 25.70 26.62
CA ASN Z 49 38.63 24.76 26.04
C ASN Z 49 37.92 23.51 25.52
N ILE Z 50 36.72 23.71 24.96
CA ILE Z 50 35.91 22.63 24.38
C ILE Z 50 35.61 22.87 22.90
N VAL Z 51 35.97 21.89 22.08
CA VAL Z 51 35.64 21.92 20.66
C VAL Z 51 34.59 20.87 20.33
N MET Z 52 33.71 21.21 19.38
CA MET Z 52 32.52 20.41 19.11
C MET Z 52 32.20 20.34 17.63
N SER Z 53 31.70 19.17 17.21
CA SER Z 53 31.21 19.00 15.86
C SER Z 53 30.01 18.05 15.88
N ALA Z 54 28.97 18.44 15.16
CA ALA Z 54 27.75 17.64 15.07
C ALA Z 54 27.48 17.38 13.60
N ASN Z 55 27.99 16.25 13.11
CA ASN Z 55 28.02 15.94 11.69
C ASN Z 55 26.84 15.10 11.21
N GLY Z 56 26.20 15.57 10.16
CA GLY Z 56 25.10 14.83 9.54
C GLY Z 56 24.20 15.79 8.82
N PHE Z 57 23.01 15.98 9.36
CA PHE Z 57 22.08 16.98 8.85
C PHE Z 57 22.47 18.34 9.40
N ALA Z 58 22.99 19.21 8.53
CA ALA Z 58 23.60 20.48 8.95
C ALA Z 58 22.69 21.37 9.79
N ALA Z 59 21.42 21.45 9.43
CA ALA Z 59 20.46 22.24 10.18
C ALA Z 59 20.33 21.74 11.60
N ASP Z 60 20.33 20.42 11.78
CA ASP Z 60 20.32 19.83 13.10
C ASP Z 60 21.66 20.08 13.78
N GLY Z 61 22.74 19.94 13.03
CA GLY Z 61 24.09 20.16 13.55
C GLY Z 61 24.28 21.56 14.12
N ASP Z 62 23.86 22.55 13.35
CA ASP Z 62 23.93 23.96 13.73
C ASP Z 62 23.11 24.30 14.98
N ALA Z 63 21.89 23.75 15.08
CA ALA Z 63 21.06 24.00 16.24
C ALA Z 63 21.72 23.46 17.51
N LEU Z 64 22.27 22.25 17.42
CA LEU Z 64 22.85 21.61 18.59
C LEU Z 64 24.07 22.37 19.09
N VAL Z 65 24.99 22.69 18.19
CA VAL Z 65 26.19 23.47 18.53
C VAL Z 65 25.77 24.81 19.13
N LYS Z 66 24.86 25.49 18.46
CA LYS Z 66 24.28 26.75 18.93
C LYS Z 66 23.72 26.61 20.34
N ARG Z 67 22.97 25.53 20.58
CA ARG Z 67 22.29 25.31 21.85
C ARG Z 67 23.25 24.92 22.99
N PHE Z 68 24.33 24.21 22.65
CA PHE Z 68 25.36 23.88 23.64
C PHE Z 68 26.22 25.08 23.99
N LYS Z 69 26.51 25.93 23.00
CA LYS Z 69 27.23 27.19 23.27
C LYS Z 69 26.47 28.00 24.29
N ASN Z 70 25.15 28.07 24.08
CA ASN Z 70 24.27 28.80 24.99
C ASN Z 70 24.16 28.11 26.36
N SER Z 71 24.44 26.82 26.39
CA SER Z 71 24.46 26.09 27.64
C SER Z 71 25.67 26.46 28.47
N VAL Z 72 26.80 26.70 27.79
CA VAL Z 72 28.07 27.08 28.44
C VAL Z 72 27.96 28.50 29.00
N LYS Z 73 27.28 29.36 28.25
CA LYS Z 73 27.05 30.73 28.65
C LYS Z 73 26.28 30.76 29.97
N TRP Z 74 25.24 29.94 30.06
CA TRP Z 74 24.40 29.92 31.25
C TRP Z 74 25.05 29.21 32.42
N TYR Z 75 25.85 28.19 32.14
CA TYR Z 75 26.61 27.51 33.18
C TYR Z 75 27.46 28.54 33.93
N HIS Z 76 28.14 29.41 33.18
CA HIS Z 76 28.92 30.50 33.75
C HIS Z 76 28.04 31.43 34.61
N PHE Z 77 26.92 31.86 34.05
CA PHE Z 77 25.96 32.69 34.77
C PHE Z 77 25.45 32.04 36.05
N ASP Z 78 25.04 30.77 35.96
CA ASP Z 78 24.34 30.11 37.05
C ASP Z 78 25.25 29.52 38.12
N HIS Z 79 26.54 29.40 37.83
CA HIS Z 79 27.47 28.75 38.75
C HIS Z 79 28.78 29.52 38.89
N ASN Z 80 28.66 30.83 39.05
CA ASN Z 80 29.79 31.69 39.37
C ASN Z 80 31.02 31.41 38.50
N ASP Z 81 30.84 31.55 37.19
CA ASP Z 81 31.95 31.48 36.22
C ASP Z 81 32.77 30.18 36.21
N LYS Z 82 32.28 29.12 36.86
CA LYS Z 82 33.00 27.84 36.90
C LYS Z 82 33.30 27.30 35.50
N LYS Z 83 34.50 26.76 35.34
CA LYS Z 83 34.87 26.09 34.12
C LYS Z 83 34.04 24.82 33.95
N LEU Z 84 33.42 24.67 32.77
CA LEU Z 84 32.65 23.49 32.43
C LEU Z 84 33.60 22.38 31.99
N SER Z 85 33.82 21.42 32.88
CA SER Z 85 34.72 20.30 32.59
C SER Z 85 34.19 19.45 31.43
N ILE Z 86 35.10 18.84 30.69
CA ILE Z 86 34.73 18.03 29.52
C ILE Z 86 33.66 16.96 29.83
N ASN Z 87 33.81 16.24 30.95
CA ASN Z 87 32.83 15.24 31.37
C ASN Z 87 31.44 15.83 31.64
N SER Z 88 31.42 17.07 32.11
CA SER Z 88 30.18 17.77 32.41
C SER Z 88 29.48 18.23 31.14
N ALA Z 89 30.28 18.65 30.14
CA ALA Z 89 29.77 18.97 28.82
C ALA Z 89 29.14 17.74 28.16
N ALA Z 90 29.87 16.63 28.20
CA ALA Z 90 29.41 15.36 27.66
C ALA Z 90 28.01 15.03 28.17
N ARG Z 91 27.85 15.05 29.49
CA ARG Z 91 26.59 14.73 30.14
C ARG Z 91 25.49 15.72 29.77
N ASN Z 92 25.85 16.98 29.64
CA ASN Z 92 24.92 18.02 29.23
C ASN Z 92 24.41 17.75 27.81
N ILE Z 93 25.34 17.42 26.90
CA ILE Z 93 25.02 17.05 25.51
C ILE Z 93 24.04 15.89 25.44
N GLN Z 94 24.28 14.84 26.24
CA GLN Z 94 23.37 13.71 26.34
C GLN Z 94 21.93 14.19 26.49
N HIS Z 95 21.71 15.06 27.48
CA HIS Z 95 20.37 15.58 27.77
C HIS Z 95 19.79 16.42 26.63
N LEU Z 96 20.64 17.20 25.96
CA LEU Z 96 20.19 18.00 24.84
C LEU Z 96 19.66 17.09 23.74
N LEU Z 97 20.48 16.12 23.35
CA LEU Z 97 20.09 15.11 22.39
C LEU Z 97 18.86 14.32 22.84
N TYR Z 98 18.89 13.74 24.05
CA TYR Z 98 17.82 12.85 24.49
C TYR Z 98 16.50 13.58 24.65
N GLY Z 99 16.56 14.90 24.84
CA GLY Z 99 15.38 15.74 24.87
C GLY Z 99 14.61 15.69 23.55
N LYS Z 100 15.31 15.32 22.48
CA LYS Z 100 14.66 15.13 21.19
C LYS Z 100 14.64 13.65 20.77
N ARG Z 101 14.42 12.77 21.74
CA ARG Z 101 14.39 11.33 21.51
C ARG Z 101 13.41 10.90 20.41
N PHE Z 102 12.27 11.57 20.34
CA PHE Z 102 11.21 11.21 19.38
C PHE Z 102 11.09 12.19 18.22
N PHE Z 103 12.19 12.88 17.94
CA PHE Z 103 12.35 13.76 16.79
C PHE Z 103 13.82 14.16 16.84
N PRO Z 104 14.72 13.19 16.59
CA PRO Z 104 16.13 13.37 16.91
C PRO Z 104 16.83 14.41 16.06
N TYR Z 105 17.88 15.00 16.62
CA TYR Z 105 18.87 15.68 15.82
C TYR Z 105 19.56 14.59 15.03
N TYR Z 106 19.57 14.71 13.71
CA TYR Z 106 20.15 13.67 12.88
C TYR Z 106 21.63 13.99 12.65
N VAL Z 107 22.39 13.87 13.73
CA VAL Z 107 23.84 14.13 13.73
C VAL Z 107 24.61 13.10 14.58
N HIS Z 108 25.88 12.92 14.24
CA HIS Z 108 26.83 12.16 15.04
C HIS Z 108 27.73 13.23 15.61
N THR Z 109 27.72 13.39 16.92
CA THR Z 109 28.52 14.46 17.51
C THR Z 109 29.74 13.97 18.30
N ILE Z 110 30.86 14.67 18.09
CA ILE Z 110 32.11 14.46 18.83
C ILE Z 110 32.53 15.76 19.51
N ILE Z 111 32.96 15.66 20.76
CA ILE Z 111 33.61 16.77 21.46
C ILE Z 111 35.00 16.36 21.91
N ALA Z 112 35.93 17.32 21.94
CA ALA Z 112 37.30 17.05 22.37
C ALA Z 112 37.80 18.14 23.30
N GLY Z 113 38.80 17.80 24.12
CA GLY Z 113 39.43 18.74 25.03
C GLY Z 113 40.37 18.07 26.00
N LEU Z 114 40.40 18.56 27.24
CA LEU Z 114 41.23 17.98 28.28
C LEU Z 114 40.40 17.67 29.51
N ASP Z 115 40.60 16.49 30.10
CA ASP Z 115 39.93 16.16 31.37
C ASP Z 115 40.54 16.96 32.53
N GLU Z 116 40.02 16.75 33.73
CA GLU Z 116 40.45 17.54 34.87
C GLU Z 116 41.85 17.19 35.40
N ASP Z 117 42.53 16.26 34.74
CA ASP Z 117 43.94 15.96 35.02
C ASP Z 117 44.90 16.51 33.95
N GLY Z 118 44.40 17.45 33.14
CA GLY Z 118 45.20 18.08 32.09
C GLY Z 118 45.75 17.08 31.08
N LYS Z 119 44.49 15.06 30.99
CA LYS Z 119 44.89 14.34 29.79
C LYS Z 119 43.97 14.74 28.64
N GLY Z 120 44.32 14.28 27.42
CA GLY Z 120 43.46 14.48 26.25
C GLY Z 120 42.16 13.69 26.37
N ALA Z 121 41.09 14.27 25.85
CA ALA Z 121 39.76 13.67 25.99
C ALA Z 121 38.90 13.81 24.74
N VAL Z 122 38.31 12.70 24.34
CA VAL Z 122 37.40 12.63 23.20
C VAL Z 122 36.16 11.89 23.67
N TYR Z 123 35.01 12.50 23.42
CA TYR Z 123 33.73 11.86 23.68
C TYR Z 123 32.94 11.86 22.38
N SER Z 124 32.28 10.75 22.07
CA SER Z 124 31.39 10.73 20.91
C SER Z 124 29.95 10.36 21.27
N PHE Z 125 29.00 10.89 20.50
CA PHE Z 125 27.58 10.72 20.79
C PHE Z 125 26.79 10.07 19.67
N ASP Z 126 25.77 9.36 20.12
CA ASP Z 126 24.70 8.80 19.32
C ASP Z 126 23.83 9.94 18.82
N PRO Z 127 23.07 9.73 17.72
CA PRO Z 127 22.03 10.72 17.40
C PRO Z 127 21.05 10.98 18.56
N VAL Z 128 20.76 9.97 19.37
CA VAL Z 128 19.82 10.17 20.48
C VAL Z 128 20.44 10.29 21.87
N GLY Z 129 21.76 10.42 21.95
CA GLY Z 129 22.40 10.81 23.21
C GLY Z 129 23.24 9.82 23.99
N SER Z 130 23.37 8.60 23.48
CA SER Z 130 24.30 7.61 24.03
C SER Z 130 25.72 8.12 23.86
N TYR Z 131 26.55 8.01 24.89
CA TYR Z 131 27.94 8.50 24.78
C TYR Z 131 28.98 7.70 25.57
N GLU Z 132 30.23 7.79 25.11
CA GLU Z 132 31.34 7.07 25.70
C GLU Z 132 32.60 7.88 25.47
N ARG Z 133 33.55 7.79 26.41
CA ARG Z 133 34.85 8.42 26.23
C ARG Z 133 35.78 7.44 25.54
N GLU Z 134 36.55 7.96 24.57
CA GLU Z 134 37.39 7.13 23.73
C GLU Z 134 38.72 7.80 23.43
N GLN Z 135 39.67 7.00 22.96
CA GLN Z 135 40.97 7.50 22.57
C GLN Z 135 40.91 8.18 21.20
N CYS Z 136 40.04 7.67 20.33
CA CYS Z 136 39.81 8.26 19.02
C CYS Z 136 38.47 7.82 18.44
N ARG Z 137 37.94 8.63 17.53
CA ARG Z 137 36.66 8.36 16.89
C ARG Z 137 36.50 9.18 15.61
N ALA Z 138 36.18 8.49 14.52
CA ALA Z 138 35.76 9.14 13.28
C ALA Z 138 34.24 9.15 13.22
N GLY Z 139 33.67 10.18 12.62
CA GLY Z 139 32.22 10.29 12.52
C GLY Z 139 31.77 10.81 11.18
N GLY Z 140 30.58 10.41 10.76
CA GLY Z 140 29.99 10.88 9.52
C GLY Z 140 30.11 9.95 8.33
N ALA Z 141 30.04 10.54 7.14
CA ALA Z 141 29.96 9.81 5.88
C ALA Z 141 31.02 8.73 5.69
N ALA Z 142 32.29 9.07 5.96
CA ALA Z 142 33.39 8.16 5.69
C ALA Z 142 33.99 7.53 6.95
N ALA Z 143 33.24 7.58 8.05
CA ALA Z 143 33.67 6.95 9.31
C ALA Z 143 34.04 5.47 9.11
N SER Z 144 33.29 4.78 8.26
CA SER Z 144 33.51 3.35 8.01
C SER Z 144 34.81 3.10 7.27
N LEU Z 145 35.33 4.14 6.62
CA LEU Z 145 36.65 4.07 5.99
C LEU Z 145 37.79 4.40 6.96
N ILE Z 146 37.55 5.37 7.86
CA ILE Z 146 38.59 5.88 8.75
C ILE Z 146 38.77 5.06 10.03
N MET Z 147 37.68 4.72 10.72
CA MET Z 147 37.75 4.02 12.01
C MET Z 147 38.70 2.80 12.02
N PRO Z 148 38.61 1.93 10.99
CA PRO Z 148 39.49 0.77 10.99
C PRO Z 148 40.96 1.15 10.97
N PHE Z 149 41.29 2.20 10.23
CA PHE Z 149 42.64 2.73 10.14
C PHE Z 149 43.15 3.16 11.52
N LEU Z 150 42.32 3.93 12.22
CA LEU Z 150 42.63 4.42 13.55
C LEU Z 150 42.76 3.28 14.57
N ASP Z 151 41.94 2.24 14.43
CA ASP Z 151 42.04 1.09 15.31
C ASP Z 151 43.44 0.53 15.19
N ASN Z 152 43.91 0.46 13.95
CA ASN Z 152 45.21 -0.10 13.62
C ASN Z 152 46.37 0.80 14.03
N GLN Z 153 46.29 2.08 13.68
CA GLN Z 153 47.42 3.00 13.84
C GLN Z 153 47.43 3.79 15.16
N VAL Z 154 46.25 4.02 15.74
CA VAL Z 154 46.14 4.74 17.00
C VAL Z 154 46.15 3.78 18.20
N ASN Z 155 45.52 2.61 18.07
CA ASN Z 155 45.46 1.62 19.16
C ASN Z 155 46.21 0.30 18.90
N PHE Z 156 47.01 0.27 17.83
CA PHE Z 156 47.85 -0.87 17.43
C PHE Z 156 47.16 -2.24 17.46
N LYS Z 157 45.91 -2.27 16.99
CA LYS Z 157 45.13 -3.50 16.92
C LYS Z 157 45.67 -4.45 15.85
N ASN Z 158 45.63 -5.75 16.13
CA ASN Z 158 46.15 -6.80 15.23
C ASN Z 158 47.65 -6.70 14.95
N GLN Z 159 48.33 -5.81 15.68
CA GLN Z 159 49.78 -5.68 15.56
C GLN Z 159 50.47 -6.34 16.74
N TYR Z 160 51.50 -7.13 16.42
CA TYR Z 160 52.23 -7.88 17.44
C TYR Z 160 53.74 -7.60 17.36
N GLU Z 161 54.43 -7.98 18.43
CA GLU Z 161 55.89 -7.90 18.48
C GLU Z 161 56.51 -8.93 17.53
N PRO Z 162 57.30 -8.47 16.54
CA PRO Z 162 57.97 -9.36 15.62
C PRO Z 162 58.82 -10.38 16.39
N GLY Z 163 58.63 -11.66 16.07
CA GLY Z 163 59.40 -12.73 16.71
C GLY Z 163 58.71 -13.46 17.85
N THR Z 164 57.62 -12.88 18.38
CA THR Z 164 56.94 -13.48 19.54
C THR Z 164 55.91 -14.56 19.20
N ASN Z 165 55.92 -15.00 17.93
CA ASN Z 165 55.02 -16.06 17.45
C ASN Z 165 53.55 -15.62 17.41
N GLY Z 166 53.18 -13.01 17.85
CA GLY Z 166 51.74 -13.25 17.98
C GLY Z 166 51.29 -13.60 19.39
N LYS Z 167 52.24 -13.69 20.32
CA LYS Z 167 51.93 -13.88 21.75
C LYS Z 167 52.02 -12.57 22.53
N VAL Z 168 52.76 -11.61 21.99
CA VAL Z 168 52.92 -10.31 22.64
C VAL Z 168 52.47 -9.18 21.71
N LYS Z 169 51.40 -8.48 22.11
CA LYS Z 169 50.87 -7.36 21.36
C LYS Z 169 51.85 -6.20 21.39
N LYS Z 170 51.89 -5.44 20.30
CA LYS Z 170 52.63 -4.18 20.28
C LYS Z 170 52.06 -3.29 21.39
N PRO Z 171 52.92 -2.82 22.32
CA PRO Z 171 52.41 -2.10 23.50
C PRO Z 171 51.81 -0.74 23.14
N LEU Z 172 50.87 -0.30 23.98
CA LEU Z 172 50.09 0.90 23.73
C LEU Z 172 50.83 2.22 23.97
N LYS Z 173 51.91 2.46 23.22
CA LYS Z 173 52.62 3.74 23.30
C LYS Z 173 51.87 4.83 22.54
N TYR Z 174 52.71 7.41 24.44
CA TYR Z 174 51.60 7.61 23.49
C TYR Z 174 52.00 8.50 22.29
N LEU Z 175 51.03 8.81 21.42
CA LEU Z 175 51.30 9.56 20.20
C LEU Z 175 51.50 11.05 20.43
N SER Z 176 52.49 11.61 19.76
CA SER Z 176 52.74 13.04 19.81
C SER Z 176 51.80 13.77 18.86
N VAL Z 177 51.67 15.07 19.04
CA VAL Z 177 50.79 15.91 18.22
C VAL Z 177 51.21 15.91 16.73
N GLU Z 178 52.51 15.86 16.48
CA GLU Z 178 53.05 15.78 15.13
C GLU Z 178 52.64 14.46 14.46
N GLU Z 179 52.69 13.39 15.25
CA GLU Z 179 52.32 12.05 14.79
C GLU Z 179 50.82 11.97 14.52
N VAL Z 180 50.03 12.59 15.39
CA VAL Z 180 48.58 12.60 15.28
C VAL Z 180 48.11 13.35 14.03
N ILE Z 181 48.68 14.50 13.77
CA ILE Z 181 48.32 15.30 12.59
C ILE Z 181 48.62 14.56 11.28
N LYS Z 182 49.73 13.83 11.26
CA LYS Z 182 50.08 13.01 10.10
C LYS Z 182 48.97 12.00 9.82
N LEU Z 183 48.50 11.33 10.88
CA LEU Z 183 47.45 10.32 10.79
C LEU Z 183 46.11 10.92 10.38
N VAL Z 184 45.82 12.10 10.89
CA VAL Z 184 44.60 12.80 10.53
C VAL Z 184 44.61 13.13 9.04
N ARG Z 185 45.71 13.73 8.57
CA ARG Z 185 45.84 14.13 7.18
C ARG Z 185 45.78 12.95 6.21
N ASP Z 186 46.42 11.85 6.56
CA ASP Z 186 46.37 10.65 5.74
C ASP Z 186 44.97 10.07 5.76
N SER Z 187 44.35 10.03 6.94
CA SER Z 187 42.96 9.58 7.06
C SER Z 187 42.06 10.28 6.06
N PHE Z 188 42.18 11.60 5.99
CA PHE Z 188 41.30 12.37 5.14
C PHE Z 188 41.63 12.29 3.66
N THR Z 189 42.93 12.21 3.33
CA THR Z 189 43.32 12.06 1.92
C THR Z 189 42.87 10.71 1.38
N SER Z 190 42.90 9.70 2.25
CA SER Z 190 42.39 8.37 1.92
C SER Z 190 40.89 8.42 1.73
N ALA Z 191 40.20 9.03 2.68
CA ALA Z 191 38.75 9.16 2.63
C ALA Z 191 38.31 9.90 1.36
N THR Z 192 39.03 10.98 1.01
CA THR Z 192 38.73 11.80 -0.16
C THR Z 192 38.83 10.98 -1.44
N GLU Z 193 39.81 10.08 -1.48
CA GLU Z 193 40.03 9.20 -2.62
C GLU Z 193 38.82 8.32 -2.94
N ARG Z 194 38.08 7.92 -1.91
CA ARG Z 194 37.05 6.88 -2.07
C ARG Z 194 35.62 7.25 -1.70
N HIS Z 195 35.42 8.41 -1.09
CA HIS Z 195 34.07 8.84 -0.73
C HIS Z 195 33.76 10.15 -1.42
N ILE Z 196 32.65 10.18 -2.15
CA ILE Z 196 32.34 11.34 -2.99
C ILE Z 196 31.96 12.58 -2.18
N GLN Z 197 31.56 12.37 -0.93
CA GLN Z 197 31.16 13.47 -0.04
C GLN Z 197 32.32 14.01 0.80
N VAL Z 198 33.51 13.46 0.63
CA VAL Z 198 34.68 13.95 1.33
C VAL Z 198 35.65 14.62 0.36
N GLY Z 199 36.00 15.88 0.65
CA GLY Z 199 36.96 16.61 -0.15
C GLY Z 199 37.07 18.09 0.20
N ASP Z 200 37.66 18.83 -0.74
CA ASP Z 200 37.75 20.29 -0.69
C ASP Z 200 38.78 20.83 0.29
N GLY Z 201 38.64 20.51 1.56
CA GLY Z 201 39.53 21.06 2.58
C GLY Z 201 39.39 20.40 3.93
N LEU Z 202 40.44 20.51 4.73
CA LEU Z 202 40.50 19.89 6.05
C LEU Z 202 40.90 20.92 7.10
N GLU Z 203 40.01 21.12 8.06
CA GLU Z 203 40.27 22.04 9.16
C GLU Z 203 40.38 21.28 10.47
N ILE Z 204 41.51 21.47 11.16
CA ILE Z 204 41.82 20.77 12.41
C ILE Z 204 41.89 21.77 13.56
N LEU Z 205 41.25 21.42 14.67
CA LEU Z 205 41.35 22.21 15.88
C LEU Z 205 42.13 21.42 16.94
N ILE Z 206 43.16 22.05 17.49
CA ILE Z 206 44.02 21.39 18.49
C ILE Z 206 43.88 22.09 19.84
N VAL Z 207 43.59 21.31 20.87
CA VAL Z 207 43.30 21.83 22.21
C VAL Z 207 44.38 21.39 23.22
N THR Z 208 45.02 22.37 23.86
CA THR Z 208 46.05 22.12 24.88
C THR Z 208 45.80 22.99 26.11
N LYS Z 209 46.57 22.77 27.17
CA LYS Z 209 46.46 23.54 28.42
C LYS Z 209 46.77 25.01 28.19
N ASP Z 210 47.20 25.55 25.94
CA ASP Z 210 47.28 27.00 25.99
C ASP Z 210 46.06 27.58 25.28
N GLY Z 211 45.08 26.72 25.03
CA GLY Z 211 43.88 27.12 24.31
C GLY Z 211 43.69 26.34 23.02
N VAL Z 212 43.02 26.97 22.06
CA VAL Z 212 42.61 26.31 20.82
C VAL Z 212 43.35 26.89 19.61
N ARG Z 213 44.10 26.01 18.93
CA ARG Z 213 44.85 26.35 17.73
C ARG Z 213 44.17 25.76 16.47
N LYS Z 214 44.35 26.42 15.31
CA LYS Z 214 43.77 25.96 14.05
C LYS Z 214 44.76 25.76 12.90
N GLU Z 215 44.59 24.66 12.18
CA GLU Z 215 45.40 24.35 11.00
C GLU Z 215 44.48 23.96 9.84
N PHE Z 216 44.82 24.39 8.63
CA PHE Z 216 44.02 24.09 7.44
C PHE Z 216 44.84 23.54 6.28
N TYR Z 217 44.35 22.45 5.69
CA TYR Z 217 45.00 21.84 4.54
C TYR Z 217 44.03 21.64 3.40
N GLU Z 218 44.51 21.80 2.17
CA GLU Z 218 43.69 21.55 0.99
C GLU Z 218 43.48 20.06 0.79
N LEU Z 219 42.31 19.71 0.27
CA LEU Z 219 42.00 18.35 -0.17
C LEU Z 219 41.51 18.42 -1.61
N LYS Z 220 41.60 17.29 -2.32
CA LYS Z 220 41.15 17.19 -3.71
C LYS Z 220 39.71 17.65 -3.88
N ARG Z 221 39.49 18.47 -4.90
CA ARG Z 221 38.23 19.18 -5.08
C ARG Z 221 37.30 18.50 -6.08
N ASP Z 222 37.57 17.24 -6.39
CA ASP Z 222 36.79 16.51 -7.39
C ASP Z 222 35.63 15.69 -6.80
N THR AA 1 2.72 20.28 6.67
CA THR AA 1 3.13 19.61 5.39
C THR AA 1 2.20 20.06 4.28
N GLN AA 2 2.82 20.47 3.18
CA GLN AA 2 2.13 21.12 2.11
C GLN AA 2 2.79 20.73 0.80
N GLN AA 3 2.36 21.38 -0.27
CA GLN AA 3 2.96 21.23 -1.58
C GLN AA 3 3.00 22.57 -2.26
N PRO AA 4 4.15 22.91 -2.85
CA PRO AA 4 4.32 24.17 -3.56
C PRO AA 4 3.34 24.26 -4.73
N ILE AA 5 2.76 25.43 -4.94
CA ILE AA 5 1.79 25.59 -6.03
C ILE AA 5 2.30 26.55 -7.10
N VAL AA 6 2.26 27.85 -6.84
CA VAL AA 6 2.86 28.80 -7.77
C VAL AA 6 4.34 28.92 -7.39
N THR AA 7 5.24 28.65 -8.34
CA THR AA 7 6.67 28.59 -7.99
C THR AA 7 7.62 29.47 -8.80
N GLY AA 8 8.66 29.90 -8.11
CA GLY AA 8 9.76 30.61 -8.70
C GLY AA 8 10.94 29.67 -8.71
N THR AA 9 11.82 29.79 -10.43
CA THR AA 9 12.93 28.87 -10.46
C THR AA 9 14.16 29.49 -9.77
N SER AA 10 15.35 29.28 -10.35
CA SER AA 10 16.63 29.65 -9.75
C SER AA 10 16.79 31.10 -9.29
N VAL AA 11 17.61 31.24 -8.25
CA VAL AA 11 18.15 32.51 -7.83
C VAL AA 11 19.65 32.26 -7.84
N ILE AA 12 20.39 33.06 -8.61
CA ILE AA 12 21.84 32.88 -8.71
C ILE AA 12 22.56 34.12 -8.21
N SER AA 13 23.79 33.92 -7.73
CA SER AA 13 24.53 34.99 -7.05
C SER AA 13 26.02 34.68 -6.87
N MET AA 14 26.82 35.72 -6.70
CA MET AA 14 28.25 35.62 -6.42
C MET AA 14 28.80 36.91 -5.79
N LYS AA 15 30.00 36.83 -5.23
CA LYS AA 15 30.67 38.03 -4.73
C LYS AA 15 31.90 38.42 -5.55
N TYR AA 16 32.05 39.73 -5.79
CA TYR AA 16 33.24 40.29 -6.44
C TYR AA 16 34.03 41.14 -5.44
N ASP AA 17 35.02 41.89 -5.92
CA ASP AA 17 35.95 42.61 -5.02
C ASP AA 17 35.32 43.64 -4.07
N ASN AA 18 34.21 44.26 -4.48
CA ASN AA 18 33.61 45.34 -3.69
C ASN AA 18 32.19 45.09 -3.22
N GLY AA 19 31.62 43.93 -3.57
CA GLY AA 19 30.27 43.64 -3.15
C GLY AA 19 29.74 42.30 -3.61
N VAL AA 20 28.44 42.25 -3.89
CA VAL AA 20 27.78 41.03 -4.30
C VAL AA 20 26.77 41.33 -5.41
N ILE AA 21 26.51 40.34 -6.23
CA ILE AA 21 25.50 40.43 -7.29
C ILE AA 21 24.54 39.30 -7.05
N ILE AA 22 23.27 39.54 -7.34
CA ILE AA 22 22.24 38.51 -7.25
C ILE AA 22 21.22 38.77 -8.36
N ALA AA 23 20.69 37.68 -8.92
CA ALA AA 23 19.69 37.76 -9.99
C ALA AA 23 18.69 36.60 -9.93
N ALA AA 24 17.52 36.82 -10.51
CA ALA AA 24 16.42 35.86 -10.55
C ALA AA 24 15.43 36.32 -11.59
N ASP AA 25 14.87 35.38 -12.34
CA ASP AA 25 13.92 35.75 -13.39
C ASP AA 25 12.54 36.12 -12.84
N ASN AA 26 11.66 36.59 -13.69
CA ASN AA 26 10.41 37.19 -13.23
C ASN AA 26 9.21 36.26 -13.38
N LEU AA 27 9.45 34.96 -13.33
CA LEU AA 27 8.37 33.99 -13.57
C LEU AA 27 7.77 33.37 -12.30
N GLY AA 28 6.46 33.16 -12.35
CA GLY AA 28 5.75 32.37 -11.36
C GLY AA 28 5.03 31.24 -12.08
N SER AA 29 5.64 30.05 -12.06
CA SER AA 29 5.08 28.89 -12.76
C SER AA 29 4.00 28.22 -11.93
N TYR AA 30 3.11 27.52 -12.62
CA TYR AA 30 2.04 26.79 -11.99
C TYR AA 30 2.10 25.38 -12.58
N GLY AA 31 3.04 24.59 -12.06
CA GLY AA 31 3.34 23.30 -12.65
C GLY AA 31 4.10 23.52 -13.94
N SER AA 32 3.53 23.05 -15.04
CA SER AA 32 4.18 23.22 -16.35
C SER AA 32 3.65 24.45 -17.09
N LEU AA 33 2.57 25.02 -16.58
CA LEU AA 33 2.01 26.29 -17.06
C LEU AA 33 2.81 27.49 -16.55
N LEU AA 34 3.45 28.22 -17.47
CA LEU AA 34 4.23 29.40 -17.13
C LEU AA 34 3.27 30.58 -16.91
N ARG AA 35 2.68 30.61 -15.71
CA ARG AA 35 1.46 31.40 -15.45
C ARG AA 35 1.64 32.90 -15.30
N PHE AA 36 2.56 33.32 -14.43
CA PHE AA 36 2.69 34.74 -14.08
C PHE AA 36 4.03 35.31 -14.46
N ASN AA 37 4.02 36.43 -15.20
CA ASN AA 37 5.28 37.02 -15.68
C ASN AA 37 5.79 38.30 -15.03
N GLY AA 38 4.95 39.04 -14.30
CA GLY AA 38 5.42 40.28 -13.70
C GLY AA 38 5.89 40.13 -12.26
N VAL AA 39 6.63 39.06 -11.98
CA VAL AA 39 6.90 38.63 -10.60
C VAL AA 39 8.33 38.94 -10.14
N GLU AA 40 8.44 39.84 -9.16
CA GLU AA 40 9.73 40.20 -8.62
C GLU AA 40 10.13 39.26 -7.48
N ARG AA 41 11.27 38.60 -7.65
CA ARG AA 41 11.73 37.61 -6.68
C ARG AA 41 13.00 38.07 -5.99
N LEU AA 42 13.41 39.31 -6.26
CA LEU AA 42 14.47 39.94 -5.47
C LEU AA 42 13.82 40.96 -4.54
N ILE AA 43 14.14 40.86 -3.25
CA ILE AA 43 13.55 41.74 -2.24
C ILE AA 43 14.63 42.58 -1.56
N PRO AA 44 14.67 43.88 -1.90
CA PRO AA 44 15.60 44.78 -1.24
C PRO AA 44 15.10 45.11 0.16
N VAL AA 45 16.01 45.00 1.13
CA VAL AA 45 15.74 45.37 2.52
C VAL AA 45 16.79 46.41 2.95
N GLY AA 46 16.32 47.63 3.16
CA GLY AA 46 17.22 48.76 3.39
C GLY AA 46 17.89 49.10 2.07
N ASP AA 47 19.19 49.34 2.12
CA ASP AA 47 19.96 49.64 0.92
C ASP AA 47 21.34 48.98 1.00
N ASN AA 48 21.44 47.93 1.83
CA ASN AA 48 22.64 47.13 1.93
C ASN AA 48 22.38 45.61 1.82
N THR AA 49 21.15 45.25 1.48
CA THR AA 49 20.70 43.85 1.44
C THR AA 49 19.68 43.61 0.34
N VAL AA 50 19.87 42.52 -0.42
CA VAL AA 50 18.82 41.97 -1.27
C VAL AA 50 18.60 40.50 -0.92
N VAL AA 51 17.32 40.13 -0.83
CA VAL AA 51 16.91 38.78 -0.48
C VAL AA 51 16.25 38.20 -1.72
N GLY AA 52 16.89 37.20 -2.31
CA GLY AA 52 16.37 36.51 -3.49
C GLY AA 52 15.72 35.20 -3.09
N ILE AA 53 14.50 34.97 -3.56
CA ILE AA 53 13.69 33.86 -3.08
C ILE AA 53 13.19 32.98 -4.23
N SER AA 54 13.40 31.67 -4.10
CA SER AA 54 12.81 30.69 -5.00
C SER AA 54 11.90 29.74 -4.22
N GLY AA 55 11.06 29.01 -4.94
CA GLY AA 55 10.12 28.10 -4.31
C GLY AA 55 8.70 28.61 -4.36
N ASP AA 56 7.90 28.24 -3.37
CA ASP AA 56 6.50 28.60 -3.33
C ASP AA 56 6.34 30.12 -3.19
N ILE AA 57 5.51 30.70 -4.05
CA ILE AA 57 5.40 32.14 -4.16
C ILE AA 57 4.45 32.76 -3.15
N SER AA 58 3.44 32.01 -2.70
CA SER AA 58 2.61 32.49 -1.59
C SER AA 58 3.48 32.61 -0.35
N ASP AA 59 4.33 31.61 -0.12
CA ASP AA 59 5.29 31.67 0.99
C ASP AA 59 6.32 32.79 0.81
N MET AA 60 6.71 33.07 -0.43
CA MET AA 60 7.59 34.22 -0.73
C MET AA 60 6.96 35.54 -0.30
N GLN AA 61 5.73 35.78 -0.75
CA GLN AA 61 4.97 36.96 -0.41
C GLN AA 61 4.83 37.11 1.11
N HIS AA 62 4.72 35.98 1.82
CA HIS AA 62 4.69 35.99 3.28
C HIS AA 62 6.01 36.49 3.85
N ILE AA 63 7.12 36.00 3.31
CA ILE AA 63 8.44 36.42 3.75
C ILE AA 63 8.66 37.91 3.48
N GLU AA 64 8.04 38.41 2.41
CA GLU AA 64 8.08 39.83 2.06
C GLU AA 64 7.48 40.68 3.17
N ARG AA 65 6.33 40.23 3.67
CA ARG AA 65 5.62 40.92 4.72
C ARG AA 65 6.46 40.91 5.98
N LEU AA 66 7.03 39.76 6.30
CA LEU AA 66 7.91 39.64 7.46
C LEU AA 66 9.05 40.63 7.39
N LEU AA 67 9.61 40.79 6.19
CA LEU AA 67 10.77 41.64 5.99
C LEU AA 67 10.48 43.13 6.14
N LYS AA 68 9.32 43.57 5.66
CA LYS AA 68 8.89 44.96 5.84
C LYS AA 68 8.63 45.30 7.31
N ASP AA 69 7.98 44.38 8.03
CA ASP AA 69 7.80 44.52 9.48
C ASP AA 69 9.11 44.62 10.21
N LEU AA 70 10.06 43.76 9.85
CA LEU AA 70 11.38 43.82 10.44
C LEU AA 70 11.92 45.25 10.38
N VAL AA 71 11.73 45.90 9.24
CA VAL AA 71 12.18 47.28 9.02
C VAL AA 71 11.43 48.26 9.93
N THR AA 72 10.09 48.17 9.93
CA THR AA 72 9.21 48.94 10.80
C THR AA 72 9.60 48.80 12.28
N GLU AA 73 9.73 47.55 12.74
CA GLU AA 73 10.04 47.23 14.12
C GLU AA 73 11.39 47.83 14.56
N ASN AA 74 12.36 47.82 13.65
CA ASN AA 74 13.72 48.26 13.93
C ASN AA 74 13.81 49.78 14.04
N ALA AA 75 12.84 50.46 13.45
CA ALA AA 75 12.80 51.91 13.48
C ALA AA 75 12.25 52.40 14.81
N TYR AA 76 11.43 51.57 15.46
CA TYR AA 76 10.79 51.90 16.73
C TYR AA 76 11.78 52.22 17.84
N ASP AA 77 11.63 53.43 18.41
CA ASP AA 77 12.46 53.91 19.51
C ASP AA 77 13.94 53.69 19.20
N ASN AA 78 14.28 53.90 17.94
CA ASN AA 78 15.63 53.75 17.44
C ASN AA 78 16.02 55.05 16.76
N PRO AA 79 16.80 55.90 17.46
CA PRO AA 79 17.21 57.16 16.83
C PRO AA 79 18.29 56.93 15.76
N LEU AA 80 18.95 55.78 15.82
CA LEU AA 80 20.01 55.45 14.87
C LEU AA 80 19.54 54.43 13.81
N ALA AA 81 18.27 54.49 13.45
CA ALA AA 81 17.64 53.56 12.51
C ALA AA 81 18.22 53.59 11.10
N ASP AA 82 18.87 54.69 10.75
CA ASP AA 82 19.47 54.85 9.43
C ASP AA 82 20.98 55.09 9.57
N ALA AA 83 21.57 54.54 10.62
CA ALA AA 83 22.99 54.67 10.89
C ALA AA 83 23.57 53.39 11.51
N GLU AA 84 24.16 53.49 12.70
CA GLU AA 84 24.77 52.35 13.38
C GLU AA 84 23.79 51.24 13.73
N GLU AA 85 22.53 51.61 13.93
CA GLU AA 85 21.51 50.62 14.29
C GLU AA 85 20.59 50.35 13.11
N ALA AA 86 21.12 50.61 11.92
CA ALA AA 86 20.51 50.14 10.67
C ALA AA 86 21.05 48.73 10.39
N LEU AA 87 19.20 47.63 9.91
CA LEU AA 87 19.39 46.20 9.73
C LEU AA 87 20.61 45.89 8.88
N GLU AA 88 21.44 44.97 9.37
CA GLU AA 88 22.55 44.42 8.63
C GLU AA 88 22.06 43.22 7.81
N PRO AA 89 22.80 42.84 6.74
CA PRO AA 89 22.47 41.60 6.03
C PRO AA 89 22.55 40.38 6.93
N SER AA 90 23.52 40.34 7.85
CA SER AA 90 23.62 39.20 8.77
C SER AA 90 22.42 39.08 9.71
N TYR AA 91 21.87 40.22 10.15
CA TYR AA 91 20.68 40.19 11.01
C TYR AA 91 19.48 39.63 10.27
N ILE AA 92 19.27 40.11 9.04
CA ILE AA 92 18.17 39.65 8.19
C ILE AA 92 18.27 38.14 7.94
N PHE AA 93 19.47 37.66 7.65
CA PHE AA 93 19.69 36.24 7.43
C PHE AA 93 19.43 35.39 8.67
N GLU AA 94 20.00 35.78 9.80
CA GLU AA 94 19.86 35.00 11.02
C GLU AA 94 18.39 34.87 11.40
N TYR AA 95 17.66 35.97 11.22
CA TYR AA 95 16.21 36.01 11.46
C TYR AA 95 15.49 35.02 10.54
N LEU AA 96 15.73 35.12 9.24
CA LEU AA 96 15.12 34.19 8.30
C LEU AA 96 15.50 32.72 8.57
N ALA AA 97 16.80 32.46 8.77
CA ALA AA 97 17.27 31.12 9.10
C ALA AA 97 16.49 30.57 10.30
N THR AA 98 16.37 31.40 11.34
CA THR AA 98 15.63 31.07 12.55
C THR AA 98 14.20 30.63 12.20
N VAL AA 99 13.51 31.46 11.41
CA VAL AA 99 12.12 31.18 11.03
C VAL AA 99 12.02 29.91 10.19
N MET AA 100 12.95 29.75 9.26
CA MET AA 100 12.98 28.58 8.40
C MET AA 100 13.13 27.30 9.20
N TYR AA 101 14.10 27.26 10.12
CA TYR AA 101 14.34 26.07 10.93
C TYR AA 101 13.19 25.73 11.90
N GLN AA 102 12.52 26.77 12.40
CA GLN AA 102 11.40 26.58 13.33
C GLN AA 102 10.21 25.99 12.62
N ARG AA 103 9.89 26.52 11.43
CA ARG AA 103 8.80 26.02 10.62
C ARG AA 103 9.00 24.57 10.16
N ARG AA 104 10.23 24.19 9.82
CA ARG AA 104 10.51 22.80 9.46
C ARG AA 104 10.33 21.91 10.69
N SER AA 105 10.76 22.43 11.84
CA SER AA 105 10.68 21.69 13.09
C SER AA 105 9.25 21.48 13.57
N LYS AA 106 8.31 22.22 12.99
CA LYS AA 106 6.90 22.08 13.30
C LYS AA 106 6.16 21.36 12.18
N MET AA 107 6.96 20.76 11.28
CA MET AA 107 6.44 19.96 10.16
C MET AA 107 5.51 20.75 9.24
N ASN AA 108 5.75 22.05 9.17
CA ASN AA 108 5.00 22.94 8.28
C ASN AA 108 5.94 24.00 7.68
N PRO AA 109 6.71 23.62 6.66
CA PRO AA 109 7.77 24.49 6.12
C PRO AA 109 7.28 25.67 5.28
N LEU AA 110 8.14 26.68 5.15
CA LEU AA 110 8.03 27.68 4.10
C LEU AA 110 8.80 27.07 2.92
N TRP AA 111 8.09 26.79 1.83
CA TRP AA 111 8.66 25.99 0.74
C TRP AA 111 9.57 26.81 -0.17
N ASN AA 112 10.71 27.23 0.35
CA ASN AA 112 11.54 28.17 -0.34
C ASN AA 112 13.02 27.87 -0.23
N ALA AA 113 13.78 28.42 -1.17
CA ALA AA 113 15.23 28.51 -1.06
C ALA AA 113 15.63 29.98 -1.16
N ILE AA 114 16.26 30.49 -0.11
CA ILE AA 114 16.59 31.90 0.02
C ILE AA 114 18.11 32.11 -0.09
N ILE AA 115 18.49 33.15 -0.82
CA ILE AA 115 19.85 33.67 -0.73
C ILE AA 115 19.80 35.12 -0.25
N VAL AA 116 20.56 35.41 0.79
CA VAL AA 116 20.67 36.77 1.32
C VAL AA 116 21.99 37.34 0.83
N ALA AA 117 21.90 38.37 -0.01
CA ALA AA 117 23.07 39.04 -0.55
C ALA AA 117 23.16 40.44 0.03
N GLY AA 118 24.36 40.84 0.45
CA GLY AA 118 24.57 42.20 0.93
C GLY AA 118 25.96 42.59 1.36
N VAL AA 119 26.09 43.82 1.83
CA VAL AA 119 27.35 44.34 2.36
C VAL AA 119 27.17 44.74 3.82
N GLN AA 120 28.02 44.18 4.69
CA GLN AA 120 28.05 44.53 6.10
C GLN AA 120 28.56 45.97 6.29
N SER AA 121 28.29 46.55 7.46
CA SER AA 121 28.65 47.95 7.73
C SER AA 121 30.16 48.21 7.70
N ASN AA 122 30.95 47.22 8.13
CA ASN AA 122 32.42 47.36 8.17
C ASN AA 122 33.05 47.43 6.76
N GLY AA 123 31.78 46.92 4.93
CA GLY AA 123 32.54 46.59 3.73
C GLY AA 123 32.54 45.12 3.36
N ASP AA 124 32.57 44.23 4.37
CA ASP AA 124 32.55 42.78 4.15
C ASP AA 124 31.33 42.34 3.35
N GLN AA 125 31.56 41.56 2.30
CA GLN AA 125 30.47 40.99 1.51
C GLN AA 125 29.75 39.92 2.32
N PHE AA 126 28.42 39.91 2.24
CA PHE AA 126 27.63 38.86 2.86
C PHE AA 126 26.86 38.09 1.81
N LEU AA 127 27.00 36.76 1.85
CA LEU AA 127 26.29 35.89 0.96
C LEU AA 127 26.07 34.56 1.66
N ARG AA 128 24.81 34.24 1.95
CA ARG AA 128 24.49 33.01 2.67
C ARG AA 128 23.12 32.48 2.25
N TYR AA 129 23.00 31.15 2.24
CA TYR AA 129 21.81 30.46 1.75
C TYR AA 129 21.04 29.80 2.90
N VAL AA 130 19.72 29.77 2.79
CA VAL AA 130 18.86 29.01 3.71
C VAL AA 130 17.63 28.54 2.97
N ASN AA 131 17.19 27.32 3.27
CA ASN AA 131 16.03 26.71 2.62
C ASN AA 131 15.01 26.13 3.61
N LEU AA 132 14.00 25.46 3.06
CA LEU AA 132 12.88 24.88 3.81
C LEU AA 132 13.25 23.96 4.98
N LEU AA 133 14.44 23.35 4.93
CA LEU AA 133 14.91 22.46 6.01
C LEU AA 133 15.68 23.22 7.08
N GLY AA 134 15.95 24.51 6.80
CA GLY AA 134 16.74 25.34 7.69
C GLY AA 134 18.24 25.14 7.53
N VAL AA 135 18.63 24.41 6.48
CA VAL AA 135 20.03 24.23 6.13
C VAL AA 135 20.61 25.54 5.62
N THR AA 136 21.82 25.86 6.09
CA THR AA 136 22.50 27.09 5.70
C THR AA 136 23.92 26.81 5.27
N TYR AA 137 24.43 27.64 4.36
CA TYR AA 137 25.82 27.61 3.94
C TYR AA 137 26.22 28.85 3.16
N SER AA 138 27.53 29.11 3.16
CA SER AA 138 28.14 30.17 2.36
C SER AA 138 29.22 29.65 1.44
N SER AA 139 29.35 30.33 0.31
CA SER AA 139 30.32 30.02 -0.70
C SER AA 139 30.46 31.29 -1.51
N PRO AA 140 31.63 31.50 -2.17
CA PRO AA 140 31.79 32.65 -3.05
C PRO AA 140 30.71 32.75 -4.15
N THR AA 141 30.14 31.63 -4.55
CA THR AA 141 28.93 31.65 -5.40
C THR AA 141 27.85 30.79 -4.75
N LEU AA 142 26.59 31.18 -4.97
CA LEU AA 142 25.46 30.43 -4.46
C LEU AA 142 24.32 30.51 -5.45
N ALA AA 143 23.68 29.37 -5.69
CA ALA AA 143 22.53 29.33 -6.57
C ALA AA 143 21.56 28.27 -6.06
N THR AA 144 20.29 28.41 -6.42
CA THR AA 144 19.25 27.49 -5.97
C THR AA 144 18.67 26.77 -7.15
N GLY AA 145 18.05 25.61 -6.90
CA GLY AA 145 17.42 24.80 -7.94
C GLY AA 145 18.35 24.50 -9.10
N PHE AA 146 17.86 24.71 -10.32
CA PHE AA 146 18.66 24.51 -11.54
C PHE AA 146 19.95 25.30 -11.56
N GLY AA 147 19.89 26.52 -11.05
CA GLY AA 147 21.07 27.34 -10.87
C GLY AA 147 22.19 26.61 -10.17
N ALA AA 148 21.86 25.78 -9.18
CA ALA AA 148 22.90 25.07 -8.44
C ALA AA 148 23.68 24.18 -9.39
N HIS AA 149 22.98 23.64 -10.38
CA HIS AA 149 23.58 22.67 -11.27
C HIS AA 149 24.30 23.31 -12.45
N MET AA 150 23.76 24.39 -13.00
CA MET AA 150 24.35 25.02 -14.18
C MET AA 150 25.06 26.35 -13.93
N ALA AA 151 24.49 27.21 -13.08
CA ALA AA 151 25.12 28.49 -12.78
C ALA AA 151 26.41 28.29 -11.98
N ASN AA 152 26.34 27.56 -10.88
CA ASN AA 152 27.52 27.37 -10.04
C ASN AA 152 28.79 26.95 -10.79
N PRO AA 153 28.71 25.97 -11.72
CA PRO AA 153 29.95 25.64 -12.42
C PRO AA 153 30.51 26.81 -13.21
N LEU AA 154 29.63 27.58 -13.84
CA LEU AA 154 30.06 28.74 -14.62
C LEU AA 154 30.69 29.82 -13.74
N LEU AA 155 29.97 30.18 -12.67
CA LEU AA 155 30.41 31.25 -11.78
C LEU AA 155 31.69 30.88 -11.02
N ARG AA 156 31.87 29.60 -10.70
CA ARG AA 156 33.08 29.14 -10.03
C ARG AA 156 34.34 29.24 -10.90
N LYS AA 157 34.15 29.26 -12.23
CA LYS AA 157 35.27 29.45 -13.16
C LYS AA 157 35.83 30.86 -13.08
N VAL AA 158 35.06 31.77 -12.48
CA VAL AA 158 35.47 33.14 -12.22
C VAL AA 158 36.01 33.26 -10.79
N VAL AA 159 35.25 32.76 -9.81
CA VAL AA 159 35.70 32.70 -8.40
C VAL AA 159 35.66 31.27 -7.87
N ASP AA 160 36.82 30.63 -7.86
CA ASP AA 160 36.93 29.22 -7.49
C ASP AA 160 37.25 29.08 -6.00
N ARG AA 161 37.97 30.05 -5.44
CA ARG AA 161 38.25 30.10 -4.01
C ARG AA 161 38.23 31.54 -3.47
N GLU AA 162 38.51 31.69 -2.18
CA GLU AA 162 38.39 32.98 -1.47
C GLU AA 162 39.30 34.04 -2.09
N SER AA 163 40.54 33.66 -2.39
CA SER AA 163 41.53 34.58 -2.94
C SER AA 163 41.11 35.22 -4.26
N ASP AA 164 40.14 34.61 -4.94
CA ASP AA 164 39.65 35.11 -6.24
C ASP AA 164 38.73 36.32 -6.14
N ILE AA 165 38.18 36.54 -4.94
CA ILE AA 165 37.12 37.56 -4.71
C ILE AA 165 37.56 38.97 -5.08
N PRO AA 166 39.62 39.32 -4.29
CA PRO AA 166 39.86 40.70 -4.69
C PRO AA 166 40.12 40.85 -6.20
N LYS AA 167 40.24 39.73 -6.91
CA LYS AA 167 40.63 39.71 -8.33
C LYS AA 167 39.48 39.92 -9.30
N THR AA 168 38.25 39.95 -8.79
CA THR AA 168 37.06 39.98 -9.64
C THR AA 168 36.39 41.35 -9.58
N THR AA 169 36.10 41.93 -10.74
CA THR AA 169 35.47 43.24 -10.82
C THR AA 169 33.98 43.06 -11.12
N VAL AA 170 33.20 44.12 -10.86
CA VAL AA 170 31.77 44.14 -11.14
C VAL AA 170 31.47 43.85 -12.61
N GLN AA 171 32.39 44.20 -13.50
CA GLN AA 171 32.17 44.04 -14.95
C GLN AA 171 32.31 42.58 -15.30
N VAL AA 172 33.40 41.97 -14.83
CA VAL AA 172 33.61 40.53 -14.92
C VAL AA 172 32.47 39.75 -14.27
N ALA AA 173 32.15 40.09 -13.02
CA ALA AA 173 31.09 39.43 -12.25
C ALA AA 173 29.72 39.53 -12.92
N GLU AA 174 29.29 40.74 -13.28
CA GLU AA 174 27.99 40.91 -13.91
C GLU AA 174 27.90 40.15 -15.25
N GLU AA 175 29.01 40.08 -15.96
CA GLU AA 175 29.07 39.38 -17.24
C GLU AA 175 28.77 37.89 -17.03
N ALA AA 176 29.41 37.32 -16.02
CA ALA AA 176 29.22 35.92 -15.64
C ALA AA 176 27.77 35.62 -15.27
N ILE AA 177 27.15 36.49 -14.48
CA ILE AA 177 25.77 36.27 -14.06
C ILE AA 177 24.80 36.38 -15.24
N VAL AA 178 24.99 37.42 -16.07
CA VAL AA 178 24.15 37.62 -17.24
C VAL AA 178 24.23 36.41 -18.20
N ASN AA 179 25.43 35.88 -18.37
CA ASN AA 179 25.63 34.68 -19.17
C ASN AA 179 24.96 33.43 -18.53
N ALA AA 180 25.13 33.26 -17.21
CA ALA AA 180 24.47 32.17 -16.50
C ALA AA 180 22.94 32.24 -16.69
N MET AA 181 22.38 33.45 -16.64
CA MET AA 181 20.94 33.61 -16.88
C MET AA 181 20.53 33.16 -18.28
N ARG AA 182 21.44 33.32 -19.26
CA ARG AA 182 21.17 32.88 -20.63
C ARG AA 182 21.12 31.35 -20.67
N VAL AA 183 22.18 30.74 -20.17
CA VAL AA 183 22.27 29.28 -20.08
C VAL AA 183 21.02 28.70 -19.42
N LEU AA 184 20.62 29.26 -18.28
CA LEU AA 184 19.43 28.81 -17.58
C LEU AA 184 18.18 28.97 -18.43
N TYR AA 185 18.17 29.93 -19.34
CA TYR AA 185 17.02 30.08 -20.22
C TYR AA 185 17.06 29.05 -21.35
N TYR AA 186 18.25 28.59 -21.70
CA TYR AA 186 18.44 27.52 -22.67
C TYR AA 186 17.94 26.17 -22.18
N ARG AA 187 18.26 25.83 -20.93
CA ARG AA 187 18.07 24.45 -20.42
C ARG AA 187 17.02 24.24 -19.32
N ASP AA 188 16.63 25.28 -18.60
CA ASP AA 188 15.59 25.17 -17.59
C ASP AA 188 14.23 25.40 -18.21
N ALA AA 189 13.37 24.39 -18.16
CA ALA AA 189 12.02 24.46 -18.73
C ALA AA 189 11.03 25.27 -17.89
N ARG AA 190 11.45 25.77 -16.74
CA ARG AA 190 10.59 26.63 -15.93
C ARG AA 190 11.18 28.03 -15.81
N SER AA 191 11.96 28.44 -16.80
CA SER AA 191 12.65 29.73 -16.77
C SER AA 191 12.00 30.77 -17.67
N SER AA 192 12.37 32.02 -17.44
CA SER AA 192 11.84 33.16 -18.19
C SER AA 192 13.01 33.93 -18.79
N ARG AA 193 12.75 34.60 -19.91
CA ARG AA 193 13.75 35.43 -20.57
C ARG AA 193 13.95 36.75 -19.82
N ASN AA 194 12.86 37.26 -19.22
CA ASN AA 194 12.92 38.48 -18.41
C ASN AA 194 13.40 38.21 -16.98
N PHE AA 195 14.37 38.99 -16.51
CA PHE AA 195 14.87 38.82 -15.16
C PHE AA 195 15.26 40.13 -14.49
N SER AA 196 15.51 40.06 -13.18
CA SER AA 196 15.97 41.21 -12.42
C SER AA 196 17.36 40.93 -11.88
N LEU AA 197 18.18 41.96 -11.80
CA LEU AA 197 19.53 41.82 -11.26
C LEU AA 197 19.79 42.94 -10.27
N ALA AA 198 20.48 42.62 -9.18
CA ALA AA 198 20.82 43.61 -8.19
C ALA AA 198 22.28 43.52 -7.82
N ILE AA 199 22.91 44.69 -7.69
CA ILE AA 199 24.28 44.78 -7.23
C ILE AA 199 24.29 45.58 -5.94
N ILE AA 200 25.03 45.08 -4.96
CA ILE AA 200 25.19 45.78 -3.71
C ILE AA 200 26.68 46.00 -3.55
N ASP AA 201 27.09 47.24 -3.78
CA ASP AA 201 28.49 47.62 -3.76
C ASP AA 201 28.81 48.38 -2.47
N LYS AA 202 30.01 48.17 -1.92
CA LYS AA 202 30.42 48.89 -0.70
C LYS AA 202 30.69 50.39 -0.93
N ASN AA 203 30.85 50.80 -2.19
CA ASN AA 203 31.10 52.20 -2.56
C ASN AA 203 29.92 52.85 -3.29
N THR AA 204 29.43 52.20 -4.34
CA THR AA 204 28.40 52.78 -5.20
C THR AA 204 27.02 52.63 -4.54
N GLY AA 205 26.67 51.10 -2.79
CA GLY AA 205 25.29 50.83 -2.43
C GLY AA 205 24.57 49.93 -3.42
N LEU AA 206 23.25 50.05 -3.40
CA LEU AA 206 22.36 49.15 -4.11
C LEU AA 206 21.99 49.69 -5.47
N THR AA 207 22.34 48.96 -6.53
CA THR AA 207 21.76 49.19 -7.84
C THR AA 207 20.80 48.04 -8.14
N PHE AA 208 19.56 48.37 -8.47
CA PHE AA 208 18.53 47.38 -8.73
C PHE AA 208 18.09 47.52 -10.18
N LYS AA 209 18.43 46.54 -11.01
CA LYS AA 209 18.05 46.58 -12.42
C LYS AA 209 16.83 45.71 -12.72
N LYS AA 210 15.75 46.34 -13.19
CA LYS AA 210 14.53 45.65 -13.57
C LYS AA 210 14.45 45.46 -15.08
N ASN AA 211 13.60 44.52 -15.49
CA ASN AA 211 13.23 44.29 -16.89
C ASN AA 211 14.36 43.98 -17.85
N LEU AA 212 15.37 43.26 -17.36
CA LEU AA 212 16.41 42.73 -18.22
C LEU AA 212 15.87 41.61 -19.13
N GLN AA 213 16.63 41.32 -20.19
CA GLN AA 213 16.33 40.27 -21.14
C GLN AA 213 17.61 39.56 -21.55
N VAL AA 214 17.50 38.25 -21.71
CA VAL AA 214 18.58 37.43 -22.27
C VAL AA 214 18.77 37.84 -23.72
N GLU AA 215 19.96 38.31 -24.05
CA GLU AA 215 20.28 38.74 -25.41
C GLU AA 215 21.43 37.89 -25.96
N ASN AA 216 21.72 38.04 -27.27
CA ASN AA 216 22.83 37.33 -27.94
C ASN AA 216 22.74 35.81 -27.84
N MET AA 217 21.59 35.25 -28.20
CA MET AA 217 21.39 33.81 -28.16
C MET AA 217 21.86 33.14 -29.46
N LYS AA 218 22.34 31.90 -29.33
CA LYS AA 218 22.73 31.10 -30.49
C LYS AA 218 21.63 30.09 -30.82
N TRP AA 219 20.95 30.32 -31.94
CA TRP AA 219 19.90 29.41 -32.40
C TRP AA 219 20.09 29.01 -33.86
N ASP AA 220 20.95 29.74 -34.59
CA ASP AA 220 21.11 29.59 -36.04
C ASP AA 220 21.41 28.15 -36.52
N PHE AA 221 22.31 27.45 -35.82
CA PHE AA 221 22.66 26.06 -36.15
C PHE AA 221 21.45 25.10 -36.15
N ALA AA 222 20.39 25.47 -35.41
CA ALA AA 222 19.13 24.74 -35.41
C ALA AA 222 18.61 24.40 -36.80
N LYS AA 223 18.91 25.25 -37.79
CA LYS AA 223 18.44 25.06 -39.16
C LYS AA 223 19.11 23.85 -39.83
N ASP AA 224 20.35 23.57 -39.43
CA ASP AA 224 21.13 22.48 -40.00
C ASP AA 224 20.72 21.10 -39.46
N ILE AA 225 20.13 21.10 -38.26
CA ILE AA 225 19.67 19.87 -37.61
C ILE AA 225 18.34 19.45 -38.21
N LYS AA 226 18.29 18.23 -38.75
CA LYS AA 226 17.04 17.62 -39.19
C LYS AA 226 17.00 16.15 -38.79
N GLY AA 227 15.79 15.61 -38.65
CA GLY AA 227 15.58 14.22 -38.24
C GLY AA 227 16.18 13.86 -36.89
N TYR AA 228 16.33 12.57 -36.63
CA TYR AA 228 16.94 12.12 -35.38
C TYR AA 228 18.04 11.09 -35.59
N GLY AA 229 18.45 10.88 -36.84
CA GLY AA 229 19.59 9.99 -37.12
C GLY AA 229 19.94 9.81 -38.57
N THR AA 230 19.01 9.24 -39.34
CA THR AA 230 19.27 8.87 -40.72
C THR AA 230 18.60 9.80 -41.73
N GLN AA 231 17.60 10.54 -41.27
CA GLN AA 231 16.86 11.46 -42.14
C GLN AA 231 17.78 12.55 -42.71
N LYS AA 232 17.64 12.80 -44.01
CA LYS AA 232 18.51 13.76 -44.71
C LYS AA 232 17.88 15.12 -45.01
N ILE AA 233 16.56 15.15 -45.23
CA ILE AA 233 15.87 16.42 -45.50
C ILE AA 233 15.11 16.96 -44.29
N THR BA 1 -15.29 24.96 -14.83
CA THR BA 1 -15.52 26.42 -14.59
C THR BA 1 -14.64 27.30 -15.45
N SER BA 2 -15.21 28.40 -15.91
CA SER BA 2 -14.45 29.45 -16.57
C SER BA 2 -14.87 30.80 -16.03
N ILE BA 3 -13.95 31.46 -15.34
CA ILE BA 3 -14.21 32.80 -14.84
C ILE BA 3 -13.10 33.76 -15.26
N MET BA 4 -13.47 35.03 -15.44
CA MET BA 4 -12.49 36.07 -15.73
C MET BA 4 -12.95 37.45 -15.27
N ALA BA 5 -11.98 38.31 -15.00
CA ALA BA 5 -12.23 39.71 -14.75
C ALA BA 5 -11.29 40.55 -15.61
N VAL BA 6 -11.85 41.62 -16.20
CA VAL BA 6 -11.12 42.48 -17.14
C VAL BA 6 -11.30 43.97 -16.83
N THR BA 7 -10.19 44.65 -16.53
CA THR BA 7 -10.24 46.11 -16.34
C THR BA 7 -10.39 46.79 -17.71
N PHE BA 8 -11.24 47.82 -17.77
CA PHE BA 8 -11.33 48.65 -18.97
C PHE BA 8 -11.39 50.15 -18.65
N LYS BA 9 -11.57 50.98 -19.68
CA LYS BA 9 -11.61 52.44 -19.54
C LYS BA 9 -12.50 52.93 -18.39
N ASP BA 10 -13.74 52.44 -18.30
CA ASP BA 10 -14.69 52.92 -17.30
C ASP BA 10 -14.71 52.19 -15.96
N GLY BA 11 -14.02 51.05 -15.87
CA GLY BA 11 -14.00 50.25 -14.64
C GLY BA 11 -13.54 48.82 -14.82
N VAL BA 12 -14.44 47.87 -14.58
CA VAL BA 12 -14.10 46.44 -14.67
C VAL BA 12 -15.34 45.57 -14.93
N ILE BA 13 -15.16 44.48 -15.65
CA ILE BA 13 -16.24 43.49 -15.81
C ILE BA 13 -15.79 42.10 -15.36
N LEU BA 14 -16.68 41.43 -14.63
CA LEU BA 14 -16.50 40.04 -14.23
C LEU BA 14 -17.47 39.18 -15.02
N GLY BA 15 -17.01 37.99 -15.40
CA GLY BA 15 -17.83 37.04 -16.13
C GLY BA 15 -17.55 35.61 -15.70
N ALA BA 16 -18.54 34.74 -15.93
CA ALA BA 16 -18.46 33.33 -15.54
C ALA BA 16 -19.45 32.46 -16.31
N ASP BA 17 -19.12 31.18 -16.46
CA ASP BA 17 -20.12 30.20 -16.88
C ASP BA 17 -21.02 29.89 -15.68
N SER BA 18 -22.00 29.00 -15.84
CA SER BA 18 -22.97 28.75 -14.77
C SER BA 18 -23.11 27.27 -14.38
N ARG BA 19 -22.03 26.51 -14.57
CA ARG BA 19 -22.07 25.06 -14.39
C ARG BA 19 -21.35 24.61 -13.13
N THR BA 20 -22.03 23.82 -12.30
CA THR BA 20 -21.35 23.08 -11.23
C THR BA 20 -21.57 21.60 -11.46
N THR BA 21 -20.50 20.82 -11.28
CA THR BA 21 -20.52 19.39 -11.58
C THR BA 21 -20.13 18.51 -10.41
N THR BA 22 -20.75 17.32 -10.34
CA THR BA 22 -20.23 16.20 -9.56
C THR BA 22 -19.78 15.12 -10.56
N GLY BA 23 -18.49 15.13 -10.89
CA GLY BA 23 -17.97 14.27 -11.95
C GLY BA 23 -18.50 14.72 -13.31
N ALA BA 24 -19.32 13.87 -13.93
CA ALA BA 24 -19.88 14.21 -15.24
C ALA BA 24 -21.33 14.68 -15.15
N TYR BA 25 -21.89 14.67 -13.95
CA TYR BA 25 -23.25 15.16 -13.74
C TYR BA 25 -23.27 16.66 -13.47
N ILE BA 26 -24.15 17.40 -14.15
CA ILE BA 26 -24.32 18.83 -13.88
C ILE BA 26 -25.30 19.00 -12.72
N ALA BA 27 -24.76 19.26 -11.53
CA ALA BA 27 -25.60 19.46 -10.34
C ALA BA 27 -26.43 20.74 -10.43
N ASN BA 28 -25.83 21.80 -10.97
CA ASN BA 28 -26.52 23.06 -11.22
C ASN BA 28 -26.05 23.60 -12.57
N ARG BA 29 -27.00 23.87 -13.46
CA ARG BA 29 -26.70 24.47 -14.77
C ARG BA 29 -26.88 25.99 -14.85
N VAL BA 30 -27.40 26.59 -13.78
CA VAL BA 30 -27.64 28.04 -13.72
C VAL BA 30 -26.94 28.72 -12.53
N THR BA 31 -25.84 28.12 -12.07
CA THR BA 31 -25.08 28.65 -10.92
C THR BA 31 -24.69 30.14 -11.08
N ASP BA 32 -24.63 30.86 -9.97
CA ASP BA 32 -24.12 32.23 -10.03
C ASP BA 32 -22.76 32.32 -9.36
N LYS BA 33 -21.72 32.37 -10.19
CA LYS BA 33 -20.34 32.36 -9.70
C LYS BA 33 -19.81 33.77 -9.47
N LEU BA 34 -20.63 34.76 -9.79
CA LEU BA 34 -20.26 36.16 -9.54
C LEU BA 34 -20.90 36.61 -8.25
N THR BA 35 -20.07 36.87 -7.24
CA THR BA 35 -20.55 37.06 -5.88
C THR BA 35 -20.12 38.43 -5.32
N ARG BA 36 -21.10 39.15 -4.80
CA ARG BA 36 -20.92 40.45 -4.19
C ARG BA 36 -20.40 40.34 -2.75
N VAL BA 37 -19.23 40.89 -2.47
CA VAL BA 37 -18.75 40.98 -1.10
C VAL BA 37 -18.89 42.41 -0.56
N HIS BA 38 -19.12 43.35 -1.48
CA HIS BA 38 -19.40 44.75 -1.16
C HIS BA 38 -19.98 45.43 -2.40
N ASP BA 39 -20.61 46.59 -2.19
CA ASP BA 39 -21.31 47.33 -3.27
C ASP BA 39 -20.59 47.26 -4.61
N LYS BA 40 -19.32 47.61 -4.62
CA LYS BA 40 -18.55 47.57 -5.86
C LYS BA 40 -17.26 46.75 -5.74
N ILE BA 41 -17.28 45.77 -4.83
CA ILE BA 41 -16.29 44.71 -4.80
C ILE BA 41 -17.00 43.38 -5.02
N TRP BA 42 -16.68 42.72 -6.13
CA TRP BA 42 -17.22 41.40 -6.41
C TRP BA 42 -16.08 40.39 -6.60
N CYS BA 43 -16.44 39.12 -6.63
CA CYS BA 43 -15.44 38.09 -6.87
C CYS BA 43 -15.97 37.06 -7.85
N CYS BA 44 -15.05 36.35 -8.48
CA CYS BA 44 -15.39 35.15 -9.25
C CYS BA 44 -14.96 33.92 -8.45
N ARG BA 45 -15.81 32.90 -8.46
CA ARG BA 45 -15.54 31.70 -7.68
C ARG BA 45 -15.27 30.49 -8.57
N SER BA 46 -14.14 29.81 -8.29
CA SER BA 46 -13.82 28.50 -8.88
C SER BA 46 -13.23 27.57 -7.83
N GLY BA 47 -13.39 26.26 -8.06
CA GLY BA 47 -12.93 25.23 -7.15
C GLY BA 47 -14.11 24.66 -6.40
N SER BA 48 -13.89 24.35 -5.12
CA SER BA 48 -14.97 23.84 -4.27
C SER BA 48 -16.09 24.87 -4.05
N ALA BA 49 -17.32 24.49 -4.41
CA ALA BA 49 -18.49 25.32 -4.15
C ALA BA 49 -18.63 25.68 -2.68
N ALA BA 50 -18.44 24.68 -1.81
CA ALA BA 50 -18.52 24.92 -0.36
C ALA BA 50 -17.41 25.86 0.11
N ASP BA 51 -16.16 25.54 -0.22
CA ASP BA 51 -15.02 26.35 0.23
C ASP BA 51 -15.17 27.82 -0.15
N THR BA 52 -15.45 28.08 -1.43
CA THR BA 52 -15.53 29.46 -1.95
C THR BA 52 -16.73 30.25 -1.39
N GLN BA 53 -17.85 29.57 -1.13
CA GLN BA 53 -19.03 30.20 -0.51
C GLN BA 53 -18.69 30.58 0.93
N ALA BA 54 -18.16 29.63 1.70
CA ALA BA 54 -17.75 29.89 3.08
C ALA BA 54 -16.77 31.05 3.12
N ILE BA 55 -15.81 31.06 2.20
CA ILE BA 55 -14.82 32.12 2.11
C ILE BA 55 -15.46 33.48 1.80
N ALA BA 56 -16.32 33.52 0.78
CA ALA BA 56 -16.97 34.76 0.40
C ALA BA 56 -17.83 35.30 1.54
N ASP BA 57 -18.54 34.41 2.21
CA ASP BA 57 -19.38 34.77 3.36
C ASP BA 57 -18.56 35.42 4.47
N ILE BA 58 -17.42 34.84 4.80
CA ILE BA 58 -16.56 35.41 5.82
C ILE BA 58 -16.04 36.78 5.41
N VAL BA 59 -15.58 36.89 4.15
CA VAL BA 59 -15.04 38.14 3.62
C VAL BA 59 -16.10 39.24 3.65
N GLN BA 60 -17.30 38.90 3.16
CA GLN BA 60 -18.46 39.80 3.21
C GLN BA 60 -18.66 40.36 4.62
N TYR BA 61 -18.75 39.47 5.61
CA TYR BA 61 -18.86 39.87 7.01
C TYR BA 61 -17.70 40.82 7.42
N HIS BA 62 -16.48 40.45 7.08
CA HIS BA 62 -15.33 41.28 7.42
C HIS BA 62 -15.44 42.70 6.89
N LEU BA 63 -15.91 42.84 5.65
CA LEU BA 63 -15.95 44.15 5.00
C LEU BA 63 -17.14 44.97 5.47
N GLU BA 64 -18.21 44.32 5.86
CA GLU BA 64 -19.34 45.01 6.47
C GLU BA 64 -18.90 45.62 7.82
N LEU BA 65 -18.13 44.86 8.58
CA LEU BA 65 -17.54 45.35 9.83
C LEU BA 65 -16.51 46.46 9.58
N TYR BA 66 -15.74 46.32 8.51
CA TYR BA 66 -14.76 47.33 8.10
C TYR BA 66 -15.48 48.66 7.79
N THR BA 67 -16.55 48.55 7.01
CA THR BA 67 -17.34 49.69 6.61
C THR BA 67 -17.86 50.44 7.83
N SER BA 68 -18.59 49.75 8.69
CA SER BA 68 -19.11 50.32 9.95
C SER BA 68 -18.07 51.12 10.74
N GLN BA 69 -16.81 50.74 10.64
CA GLN BA 69 -15.77 51.38 11.44
C GLN BA 69 -14.89 52.38 10.70
N TYR BA 70 -14.53 52.07 9.46
CA TYR BA 70 -13.49 52.85 8.78
C TYR BA 70 -14.00 53.40 7.47
N GLY BA 71 -15.94 53.28 6.90
CA GLY BA 71 -15.99 53.74 5.52
C GLY BA 71 -15.48 52.70 4.54
N THR BA 72 -15.86 52.89 3.28
CA THR BA 72 -15.61 51.95 2.18
C THR BA 72 -14.16 51.44 2.11
N PRO BA 73 -13.98 50.10 2.02
CA PRO BA 73 -12.64 49.53 1.86
C PRO BA 73 -12.18 49.53 0.40
N SER BA 74 -10.88 49.54 0.19
CA SER BA 74 -10.31 49.44 -1.14
C SER BA 74 -10.41 48.00 -1.69
N THR BA 75 -10.33 47.87 -3.01
CA THR BA 75 -10.31 46.56 -3.65
C THR BA 75 -9.08 45.76 -3.20
N GLU BA 76 -7.94 46.44 -3.05
CA GLU BA 76 -6.73 45.81 -2.52
C GLU BA 76 -6.97 45.17 -1.16
N THR BA 77 -7.69 45.88 -0.28
CA THR BA 77 -8.05 45.42 1.06
C THR BA 77 -8.95 44.19 1.00
N ALA BA 78 -9.97 44.23 0.14
CA ALA BA 78 -10.82 43.06 -0.06
C ALA BA 78 -9.98 41.85 -0.51
N ALA BA 79 -9.01 42.08 -1.40
CA ALA BA 79 -8.13 41.03 -1.89
C ALA BA 79 -7.31 40.46 -0.74
N SER BA 80 -6.86 41.34 0.14
CA SER BA 80 -6.03 40.96 1.28
C SER BA 80 -6.78 40.06 2.26
N VAL BA 81 -8.05 40.37 2.52
CA VAL BA 81 -8.88 39.51 3.36
C VAL BA 81 -9.03 38.11 2.75
N PHE BA 82 -9.44 38.03 1.49
CA PHE BA 82 -9.51 36.76 0.76
C PHE BA 82 -8.21 35.99 0.87
N LYS BA 83 -7.10 36.68 0.63
CA LYS BA 83 -5.78 36.06 0.65
C LYS BA 83 -5.50 35.46 2.01
N GLU BA 84 -5.77 36.24 3.06
CA GLU BA 84 -5.49 35.81 4.41
C GLU BA 84 -6.16 34.47 4.65
N LEU BA 85 -7.46 34.42 4.39
CA LEU BA 85 -8.22 33.20 4.47
C LEU BA 85 -7.62 32.06 3.65
N CYS BA 86 -7.27 32.35 2.39
CA CYS BA 86 -6.80 31.34 1.44
C CYS BA 86 -5.41 30.82 1.73
N TYR BA 87 -4.51 31.71 2.13
CA TYR BA 87 -3.15 31.33 2.47
C TYR BA 87 -3.12 30.53 3.78
N GLU BA 88 -3.78 31.07 4.79
CA GLU BA 88 -3.65 30.55 6.14
C GLU BA 88 -4.35 29.21 6.29
N ASN BA 89 -5.34 28.95 5.43
CA ASN BA 89 -6.05 27.68 5.40
C ASN BA 89 -5.81 26.91 4.10
N LYS BA 90 -4.61 27.02 3.55
CA LYS BA 90 -4.30 26.40 2.25
C LYS BA 90 -4.40 24.87 2.24
N ASP BA 91 -4.05 24.23 3.37
CA ASP BA 91 -3.98 22.78 3.46
C ASP BA 91 -5.34 22.17 3.21
N ASN BA 92 -6.85 23.10 3.57
CA ASN BA 92 -8.16 22.49 3.64
C ASN BA 92 -9.07 23.15 2.63
N LEU BA 93 -8.48 24.02 1.81
CA LEU BA 93 -9.23 24.77 0.80
C LEU BA 93 -8.85 24.42 -0.64
N THR BA 94 -9.87 24.41 -1.49
CA THR BA 94 -9.73 24.27 -2.91
C THR BA 94 -10.53 25.44 -3.48
N ALA BA 95 -9.89 26.60 -3.53
CA ALA BA 95 -10.56 27.83 -3.90
C ALA BA 95 -9.69 28.69 -4.82
N GLY BA 96 -10.12 28.82 -6.08
CA GLY BA 96 -9.49 29.75 -7.01
C GLY BA 96 -10.41 30.94 -7.17
N ILE BA 97 -9.96 32.10 -6.69
CA ILE BA 97 -10.83 33.29 -6.65
C ILE BA 97 -10.23 34.50 -7.37
N ILE BA 98 -11.02 35.14 -8.22
CA ILE BA 98 -10.67 36.48 -8.72
C ILE BA 98 -11.47 37.55 -7.99
N VAL BA 99 -10.75 38.55 -7.48
CA VAL BA 99 -11.35 39.70 -6.83
C VAL BA 99 -11.32 40.89 -7.78
N ALA BA 100 -12.48 41.49 -8.01
CA ALA BA 100 -12.60 42.67 -8.89
C ALA BA 100 -13.46 43.76 -8.27
N GLY BA 101 -12.97 44.98 -8.30
CA GLY BA 101 -13.67 46.09 -7.68
C GLY BA 101 -13.46 47.44 -8.35
N TYR BA 102 -14.51 48.23 -8.35
CA TYR BA 102 -14.42 49.61 -8.85
C TYR BA 102 -14.32 50.60 -7.71
N ASP BA 103 -13.29 51.43 -7.80
CA ASP BA 103 -13.01 52.48 -6.85
C ASP BA 103 -12.98 53.79 -7.64
N ASP BA 104 -13.31 54.91 -6.98
CA ASP BA 104 -13.38 56.19 -7.68
C ASP BA 104 -12.00 56.84 -7.88
N LYS BA 105 -11.16 56.80 -6.85
CA LYS BA 105 -9.79 57.32 -6.89
C LYS BA 105 -8.93 56.47 -7.83
N ASN BA 106 -9.45 54.17 -7.77
CA ASN BA 106 -8.39 53.55 -8.54
C ASN BA 106 -8.94 53.01 -9.85
N LYS BA 107 -10.13 53.49 -10.21
CA LYS BA 107 -10.85 52.98 -11.37
C LYS BA 107 -11.12 51.48 -11.14
N GLY BA 108 -10.86 50.64 -12.14
CA GLY BA 108 -11.08 49.20 -12.00
C GLY BA 108 -9.80 48.49 -11.62
N GLU BA 109 -9.90 47.51 -10.73
CA GLU BA 109 -8.75 46.71 -10.35
C GLU BA 109 -9.09 45.22 -10.33
N VAL BA 110 -8.09 44.39 -10.61
CA VAL BA 110 -8.23 42.92 -10.62
C VAL BA 110 -7.11 42.22 -9.86
N TYR BA 111 -7.49 41.44 -8.85
CA TYR BA 111 -6.55 40.64 -8.08
C TYR BA 111 -6.92 39.18 -8.22
N THR BA 112 -5.96 38.38 -8.70
CA THR BA 112 -6.19 36.95 -8.79
C THR BA 112 -5.51 36.22 -7.64
N ILE BA 113 -6.28 35.32 -7.03
CA ILE BA 113 -5.80 34.46 -5.96
C ILE BA 113 -5.94 33.00 -6.38
N PRO BA 114 -4.81 32.39 -6.82
CA PRO BA 114 -4.77 30.99 -7.18
C PRO BA 114 -4.67 30.11 -5.95
N LEU BA 115 -4.69 28.80 -6.17
CA LEU BA 115 -4.68 27.77 -5.12
C LEU BA 115 -3.85 28.06 -3.87
N GLY BA 116 -2.54 28.23 -4.00
CA GLY BA 116 -1.73 28.38 -2.78
C GLY BA 116 -2.07 29.55 -1.86
N GLY BA 117 -2.81 30.53 -2.38
CA GLY BA 117 -3.15 31.73 -1.62
C GLY BA 117 -2.24 32.92 -1.87
N SER BA 118 -1.47 32.88 -2.96
CA SER BA 118 -0.70 34.04 -3.39
C SER BA 118 -1.61 35.08 -4.04
N VAL BA 119 -1.15 36.34 -4.10
CA VAL BA 119 -1.93 37.43 -4.69
C VAL BA 119 -1.23 38.02 -5.90
N HIS BA 120 -2.01 38.31 -6.94
CA HIS BA 120 -1.47 38.84 -8.18
C HIS BA 120 -2.41 39.88 -8.76
N LYS BA 121 -1.95 41.14 -8.80
CA LYS BA 121 -2.70 42.21 -9.40
C LYS BA 121 -2.44 42.23 -10.89
N LEU BA 122 -3.51 42.28 -11.68
CA LEU BA 122 -3.37 42.18 -13.12
C LEU BA 122 -4.39 43.04 -13.87
N PRO BA 123 -4.04 43.47 -15.11
CA PRO BA 123 -4.98 44.19 -15.98
C PRO BA 123 -6.25 43.38 -16.23
N TYR BA 124 -6.09 42.06 -16.37
CA TYR BA 124 -7.19 41.11 -16.46
C TYR BA 124 -6.65 39.75 -15.99
N ALA BA 125 -7.56 38.82 -15.68
CA ALA BA 125 -7.18 37.49 -15.21
C ALA BA 125 -8.22 36.48 -15.60
N ILE BA 126 -7.77 35.25 -15.83
CA ILE BA 126 -8.65 34.12 -16.15
C ILE BA 126 -8.38 32.96 -15.20
N ALA BA 127 -9.39 32.15 -14.95
CA ALA BA 127 -9.22 30.99 -14.06
C ALA BA 127 -10.33 29.96 -14.23
N GLY BA 128 -10.19 28.84 -13.51
CA GLY BA 128 -11.07 27.69 -13.63
C GLY BA 128 -10.57 26.72 -14.70
N SER BA 129 -11.02 25.48 -14.60
CA SER BA 129 -10.64 24.43 -15.55
C SER BA 129 -10.70 24.90 -17.01
N GLY BA 130 -11.73 25.66 -17.35
CA GLY BA 130 -11.91 26.17 -18.71
C GLY BA 130 -10.85 27.15 -19.18
N SER BA 131 -10.18 27.78 -18.24
CA SER BA 131 -9.26 28.86 -18.59
C SER BA 131 -8.08 28.43 -19.44
N THR BA 132 -7.66 27.16 -19.32
CA THR BA 132 -6.46 26.68 -20.00
C THR BA 132 -6.57 26.81 -21.51
N PHE BA 133 -7.80 26.65 -22.00
CA PHE BA 133 -8.08 26.63 -23.43
C PHE BA 133 -8.12 28.03 -24.06
N ILE BA 134 -8.19 29.06 -23.22
CA ILE BA 134 -8.27 30.43 -23.72
C ILE BA 134 -7.04 31.31 -23.38
N TYR BA 135 -5.96 30.67 -22.94
CA TYR BA 135 -4.73 31.39 -22.69
C TYR BA 135 -4.22 32.05 -23.96
N GLY BA 136 -4.13 31.28 -25.05
CA GLY BA 136 -3.71 31.83 -26.32
C GLY BA 136 -4.63 32.96 -26.77
N TYR BA 137 -5.93 32.66 -26.81
CA TYR BA 137 -6.90 33.62 -27.27
C TYR BA 137 -6.78 34.95 -26.51
N CYS BA 138 -6.86 34.88 -25.18
CA CYS BA 138 -6.90 36.06 -24.32
C CYS BA 138 -5.63 36.89 -24.38
N ASP BA 139 -4.47 36.23 -24.43
CA ASP BA 139 -3.22 36.97 -24.56
C ASP BA 139 -3.18 37.74 -25.88
N LYS BA 140 -3.76 37.17 -26.92
CA LYS BA 140 -3.72 37.79 -28.23
C LYS BA 140 -4.74 38.90 -28.41
N ASN BA 141 -5.90 38.79 -27.75
CA ASN BA 141 -6.97 39.75 -27.94
C ASN BA 141 -7.14 40.87 -26.91
N PHE BA 142 -6.42 40.80 -25.78
CA PHE BA 142 -6.54 41.84 -24.76
C PHE BA 142 -5.78 43.13 -25.07
N ARG BA 143 -6.47 44.25 -24.92
CA ARG BA 143 -5.86 45.57 -24.97
C ARG BA 143 -6.31 46.32 -23.72
N GLU BA 144 -5.44 47.17 -23.18
CA GLU BA 144 -5.86 48.10 -22.14
C GLU BA 144 -6.80 49.19 -22.67
N ASN BA 145 -7.63 49.74 -21.77
CA ASN BA 145 -8.54 50.85 -22.08
C ASN BA 145 -9.54 50.60 -23.19
N MET BA 146 -10.05 49.38 -23.26
CA MET BA 146 -11.15 49.06 -24.16
C MET BA 146 -12.43 49.77 -23.73
N SER BA 147 -13.44 49.77 -24.59
CA SER BA 147 -14.74 50.33 -24.25
C SER BA 147 -15.63 49.25 -23.63
N LYS BA 148 -16.73 49.66 -23.01
CA LYS BA 148 -17.67 48.72 -22.42
C LYS BA 148 -18.13 47.66 -23.44
N GLU BA 149 -18.44 48.10 -24.66
CA GLU BA 149 -18.92 47.22 -25.73
C GLU BA 149 -17.84 46.20 -26.12
N GLU BA 150 -16.60 46.68 -26.24
CA GLU BA 150 -15.46 45.86 -26.61
C GLU BA 150 -15.16 44.78 -25.56
N THR BA 151 -15.14 45.20 -24.30
CA THR BA 151 -14.82 44.31 -23.17
C THR BA 151 -15.88 43.22 -23.02
N VAL BA 152 -17.15 43.59 -23.05
CA VAL BA 152 -18.22 42.62 -23.03
C VAL BA 152 -18.00 41.57 -24.13
N ASP BA 153 -17.62 42.04 -25.32
CA ASP BA 153 -17.34 41.16 -26.47
C ASP BA 153 -16.12 40.27 -26.21
N PHE BA 154 -15.07 40.85 -25.64
CA PHE BA 154 -13.88 40.09 -25.29
C PHE BA 154 -14.21 38.98 -24.30
N ILE BA 155 -14.96 39.30 -23.24
CA ILE BA 155 -15.39 38.31 -22.27
C ILE BA 155 -16.34 37.28 -22.90
N LYS BA 156 -17.26 37.75 -23.73
CA LYS BA 156 -18.23 36.87 -24.39
C LYS BA 156 -17.55 35.85 -25.30
N HIS BA 157 -16.55 36.31 -26.07
CA HIS BA 157 -15.84 35.45 -27.01
C HIS BA 157 -14.93 34.47 -26.26
N SER BA 158 -14.18 34.99 -25.30
CA SER BA 158 -13.25 34.20 -24.49
C SER BA 158 -13.96 33.07 -23.75
N LEU BA 159 -15.05 33.40 -23.05
CA LEU BA 159 -15.71 32.39 -22.26
C LEU BA 159 -16.45 31.37 -23.11
N SER BA 160 -16.97 31.79 -24.26
CA SER BA 160 -17.71 30.85 -25.12
C SER BA 160 -16.77 29.77 -25.68
N GLN BA 161 -15.51 30.13 -25.88
CA GLN BA 161 -14.50 29.18 -26.31
C GLN BA 161 -14.18 28.23 -25.18
N ALA BA 162 -13.96 28.80 -23.99
CA ALA BA 162 -13.70 28.01 -22.79
C ALA BA 162 -14.83 27.01 -22.56
N ILE BA 163 -16.07 27.46 -22.69
CA ILE BA 163 -17.24 26.58 -22.58
C ILE BA 163 -17.23 25.45 -23.63
N LYS BA 164 -16.86 25.79 -24.87
CA LYS BA 164 -16.82 24.83 -25.96
C LYS BA 164 -15.87 23.64 -25.69
N TRP BA 165 -14.73 23.93 -25.08
CA TRP BA 165 -13.67 22.95 -24.91
C TRP BA 165 -13.62 22.29 -23.53
N ASP BA 166 -14.04 23.01 -22.49
CA ASP BA 166 -14.10 22.45 -21.13
C ASP BA 166 -15.46 21.86 -20.80
N GLY BA 167 -15.45 20.60 -20.40
CA GLY BA 167 -16.67 19.88 -20.01
C GLY BA 167 -17.21 20.37 -18.68
N SER BA 168 -16.32 20.90 -17.84
CA SER BA 168 -16.71 21.44 -16.54
C SER BA 168 -17.28 22.87 -16.64
N SER BA 169 -17.33 23.42 -17.85
CA SER BA 169 -17.93 24.73 -18.08
C SER BA 169 -19.13 24.59 -19.00
N GLY BA 170 -20.08 25.50 -18.87
CA GLY BA 170 -21.32 25.41 -19.63
C GLY BA 170 -22.41 26.30 -19.09
N GLY BA 171 -23.59 26.21 -19.72
CA GLY BA 171 -24.75 27.02 -19.33
C GLY BA 171 -24.78 28.41 -19.95
N VAL BA 172 -24.97 29.42 -19.11
CA VAL BA 172 -25.07 30.81 -19.55
C VAL BA 172 -23.81 31.56 -19.18
N ILE BA 173 -23.52 32.63 -19.91
CA ILE BA 173 -22.45 33.53 -19.52
C ILE BA 173 -23.10 34.62 -18.68
N ARG BA 174 -22.57 34.81 -17.47
CA ARG BA 174 -23.00 35.89 -16.62
C ARG BA 174 -21.91 36.91 -16.56
N MET BA 175 -22.29 38.19 -16.58
CA MET BA 175 -21.32 39.26 -16.41
C MET BA 175 -21.85 40.26 -15.39
N VAL BA 176 -20.92 40.93 -14.71
CA VAL BA 176 -21.26 41.99 -13.78
C VAL BA 176 -20.39 43.19 -14.11
N VAL BA 177 -21.03 44.30 -14.42
CA VAL BA 177 -20.33 45.51 -14.83
C VAL BA 177 -20.20 46.48 -13.67
N LEU BA 178 -18.96 46.89 -13.39
CA LEU BA 178 -18.63 47.70 -12.22
C LEU BA 178 -17.97 49.01 -12.64
N THR BA 179 -18.75 50.09 -12.64
CA THR BA 179 -18.26 51.41 -13.05
C THR BA 179 -18.79 52.48 -12.10
N ALA BA 180 -18.38 53.73 -12.31
CA ALA BA 180 -18.92 54.87 -11.57
C ALA BA 180 -20.45 54.96 -11.69
N ALA BA 181 -20.96 54.64 -12.88
CA ALA BA 181 -22.38 54.76 -13.22
C ALA BA 181 -23.30 54.21 -12.13
N GLY BA 182 -22.30 52.47 -10.86
CA GLY BA 182 -23.46 51.60 -10.81
C GLY BA 182 -23.06 50.17 -11.10
N VAL BA 183 -24.01 49.25 -10.93
CA VAL BA 183 -23.73 47.84 -11.10
C VAL BA 183 -24.73 47.25 -12.10
N GLU BA 184 -24.19 46.71 -13.20
CA GLU BA 184 -25.02 46.12 -14.24
C GLU BA 184 -24.84 44.60 -14.31
N ARG BA 185 -25.96 43.89 -14.44
CA ARG BA 185 -25.97 42.44 -14.58
C ARG BA 185 -26.29 42.04 -16.01
N LEU BA 186 -25.39 41.31 -16.64
CA LEU BA 186 -25.62 40.79 -17.99
C LEU BA 186 -25.71 39.28 -18.02
N ILE BA 187 -26.65 38.80 -18.83
CA ILE BA 187 -26.82 37.38 -19.10
C ILE BA 187 -26.66 37.15 -20.61
N PHE BA 188 -26.00 36.06 -20.99
CA PHE BA 188 -25.88 35.66 -22.39
C PHE BA 188 -26.12 34.16 -22.55
N TYR BA 189 -27.05 33.81 -23.43
CA TYR BA 189 -27.55 32.44 -23.55
C TYR BA 189 -26.84 31.61 -24.64
N PRO BA 190 -26.87 30.26 -24.53
CA PRO BA 190 -26.21 29.39 -25.50
C PRO BA 190 -26.45 29.76 -26.97
N ASP BA 191 -27.71 29.95 -27.35
CA ASP BA 191 -28.08 30.27 -28.74
C ASP BA 191 -27.38 31.50 -29.33
N GLU BA 192 -26.94 32.40 -28.46
CA GLU BA 192 -26.15 33.53 -28.91
C GLU BA 192 -24.65 33.20 -28.96
N TYR BA 193 -24.07 32.83 -27.82
CA TYR BA 193 -22.61 32.71 -27.70
C TYR BA 193 -21.98 31.46 -28.36
N GLU BA 194 -22.78 30.42 -28.60
CA GLU BA 194 -22.26 29.21 -29.21
C GLU BA 194 -21.88 29.40 -30.67
N GLN BA 195 -22.55 30.36 -31.33
CA GLN BA 195 -22.40 30.56 -32.76
C GLN BA 195 -21.43 31.68 -33.14
N LEU BA 196 -20.69 32.19 -32.15
CA LEU BA 196 -19.70 33.23 -32.39
C LEU BA 196 -18.55 32.69 -33.25
#